data_6QC8
#
_entry.id   6QC8
#
loop_
_entity.id
_entity.type
_entity.pdbx_description
1 polymer 'NADH dehydrogenase [ubiquinone] flavoprotein 1, mitochondrial'
2 polymer NDUFV2
3 polymer 'NADH:ubiquinone oxidoreductase core subunit S1'
4 polymer 'NADH:ubiquinone oxidoreductase core subunit S2'
5 polymer 'NADH:ubiquinone oxidoreductase core subunit S3'
6 polymer 'NADH:ubiquinone oxidoreductase core subunit S7'
7 polymer 'NADH dehydrogenase [ubiquinone] iron-sulfur protein 8, mitochondrial'
8 polymer 'NADH:ubiquinone oxidoreductase subunit V3'
9 polymer 'NADH dehydrogenase [ubiquinone] iron-sulfur protein 6, mitochondrial'
10 polymer 'NADH:ubiquinone oxidoreductase subunit S4'
11 polymer 'NADH:ubiquinone oxidoreductase subunit A9'
12 polymer 'NADH dehydrogenase [ubiquinone] 1 alpha subcomplex subunit 2'
13 polymer NDUFA5
14 polymer 'NADH:ubiquinone oxidoreductase subunit A6'
15 polymer NDUFA7
16 polymer 'NADH dehydrogenase [ubiquinone] 1 alpha subcomplex subunit 12'
17 polymer 'Acyl carrier protein'
18 polymer 'NADH-ubiquinone oxidoreductase chain 3'
19 polymer 'NADH-ubiquinone oxidoreductase chain 1'
20 polymer 'NADH-ubiquinone oxidoreductase chain 6'
21 polymer 'NADH-ubiquinone oxidoreductase chain 4L'
22 polymer 'NADH-ubiquinone oxidoreductase chain 5'
23 polymer 'NADH-ubiquinone oxidoreductase chain 4'
24 polymer 'NADH-ubiquinone oxidoreductase chain 2'
25 polymer 'NADH dehydrogenase [ubiquinone] 1 alpha subcomplex subunit 11'
26 polymer 'NADH:ubiquinone oxidoreductase subunit B5'
27 polymer 'NADH dehydrogenase [ubiquinone] 1 alpha subcomplex subunit 8'
28 polymer 'NADH:ubiquinone oxidoreductase subunit B10'
29 polymer 'NADH dehydrogenase [ubiquinone] 1 alpha subcomplex subunit 10, mitochondrial'
30 polymer 'NADH:ubiquinone oxidoreductase subunit S5'
31 polymer 'NADH:ubiquinone oxidoreductase subunit A3'
32 polymer 'NADH:ubiquinone oxidoreductase subunit B3'
33 polymer 'NADH dehydrogenase [ubiquinone] 1 subunit C2'
34 polymer 'NADH:ubiquinone oxidoreductase subunit B4'
35 polymer 'NADH dehydrogenase [ubiquinone] 1 alpha subcomplex subunit 13'
36 polymer 'NADH dehydrogenase [ubiquinone] 1 beta subcomplex subunit 6'
37 polymer 'NADH dehydrogenase [ubiquinone] 1 beta subcomplex subunit 7'
38 polymer 'NADH:ubiquinone oxidoreductase subunit B9'
39 polymer 'NADH:ubiquinone oxidoreductase subunit B2'
40 polymer 'NADH dehydrogenase [ubiquinone] 1 beta subcomplex subunit 8, mitochondrial'
41 polymer 'NADH dehydrogenase [ubiquinone] 1 beta subcomplex subunit 11, mitochondrial'
42 polymer 'NADH dehydrogenase [ubiquinone] 1 subunit C1, mitochondrial'
43 polymer 'NADH dehydrogenase (Ubiquinone) 1 beta subcomplex, 1, 7kDa'
44 polymer 'NADH dehydrogenase 1 alpha subcomplex'
45 non-polymer 'IRON/SULFUR CLUSTER'
46 non-polymer 'FLAVIN MONONUCLEOTIDE'
47 non-polymer 'FE2/S2 (INORGANIC) CLUSTER'
48 non-polymer 'ZINC ION'
49 non-polymer 'NADPH DIHYDRO-NICOTINAMIDE-ADENINE-DINUCLEOTIDE PHOSPHATE'
50 non-polymer 'S-[2-({N-[(2S)-2-hydroxy-3,3-dimethyl-4-(phosphonooxy)butanoyl]-beta-alanyl}amino)ethyl] tetradecanethioate'
51 non-polymer 1,2-Distearoyl-sn-glycerophosphoethanolamine
52 non-polymer CARDIOLIPIN
53 non-polymer 1,2-DIACYL-SN-GLYCERO-3-PHOSPHOCHOLINE
#
loop_
_entity_poly.entity_id
_entity_poly.type
_entity_poly.pdbx_seq_one_letter_code
_entity_poly.pdbx_strand_id
1 'polypeptide(L)'
;FSGDTTAPKKTSFGSLKDEDRIFTNLYGRHDWRLKGAQSRGDWYKTKEILLKGPDWILGEVKTSGLRGRGGAGFPTGLKW
SFMNKPSDGRPKYLVVNADEGEPGTCKDREIIRHDPHKLVEGCLVGGRAMGARAAYIYIRGEFYNEASNLQVAIREAYEA
GLIGKNACGSGYDFDVFVVRGAGAYICGEETALIESIEGKQGKPRLKPPFPADVGVFGCPTTVANVETVAVSPTICRRGG
AWFASFGRERNSGTKLFNISGHVNNPCTVEEEMSVPLKELIEKHAGGVTGGWDNLLAVIPGGSSTPLIPKSVCETVLMDF
DALIQAQTGLGTAAVIVMDRSTDIVKAIARLIEFYKHESCGQCTPCREGVDWMNKVMARFVRGDARPAEIDSLWEISKQI
EGHTICALGDGAAWPVQGLIRHFRPELEERMQRFAQQHQARQAAS
;
V1
2 'polypeptide(L)'
;GAGGALFVHRDTPKNNPETPFDFTPENYKRIEAIVKNYPEGHKAAAVLPVLDLAQRQNGWLPISAMNKVAEILQVPPMRV
YEVATFYTMYNRKPVGKYHIQVCTTTPCMLRNSDSILEAIQKKLGIKVGETTPDKLFTLIEVECLGACVNAPMVQINDNY
YEDLTPKDIEEIIDELKAGKIPKPGPRSGRFSCEPAGGLTSLTEPPKGPGFGVQAGL
;
V2
3 'polypeptide(L)'
;TATAASNLIEVFVDGQSVMVEPGTTVLQACEKVGMQIPRFCYHERLSVAGNCRMCLVEIEKAPKVVAACAMPVMKGWNIL
TNSEKTKKAREGVMEFLLANHPLDCPICDQGGECDLQDQSMMFGSDRSRFLEGKRAVEDKNIGPLVKTIMTRCIQCTRCI
RFASEIAGVDDLGTTGRGNDMQVGTYIEKMFMSELSGNIIDICPVGALTSKPYAFTARPWETRKTESIDVMDAVGSNIVV
STRTGEVMRILPRMHEDINEEWISDKTRFAYDGLKRQRLTEPMVRNEKGLLTHTTWEDALSRVAGMLQSCQGNDVAAIAG
GLVDAEALIALKDLLNRVDSDTLCTEEVFPTAGAGTDLRSNYLLNTTIAGVEEADVVLLVGTNPRFEAPLFNARIRKSWL
HNDLKVALIGSPVDLTYRYDHLGDSPKILQDIASGSHPFSQVLQEAKKPMVVLGSSALQRNDGAAILAAVSNIAQKIRTS
SGVTGDWKVMNILHRIASQVAALDLGYKPGVEAIRKNPPKMLFLLGADGGCVTRQDLPKDCFIVYQGHHGDVGAPIADVI
LPGAAYTEKSATYVNTEGRAQQTKVAVMPPGLAREDWKIIRALSEIAGMTLPYDTLDQVRNRLEEVSPNLVRYDDVEGAN
YFQQASELSKLVNQQLLADPLVPPQLTIKDFYMTDSISRASQTMAKCVKAVTEGAHAVEEPSIC
;
S1
4 'polypeptide(L)'
;ARQWQPDVEWAEQYGGAVMYPTKETAHWKPPPWNDVDPPKDTLVSNLTLNFGPQHPAAHGVLRLVMELSGEMVRKCDPHI
GLLHRGTEKLIEYKTYLQALPYFDRLDYVSMMCNEQAYSLAVEKLLNIQPPPRAQWIRVLFGEITRLLNHIMAVTTHALD
IGAMTPFFWMFEEREKMFEFYERVSGARMHAAYVRPGGVHQDLPLGLMDDIYEFSKNFSLRIDELEEMLTNNRIWRNRTV
DIGVVTAEDALNYGFSGVMLRGSGIQWDLRKTQPYDVYDQVEFDVPIGSRGDCYDRYLCRVEEMRQSIRIISQCLNKMPP
GEIKVDDAKVSPPKRAEMKTSMESLIHHFKLYTEGYQVPPGATYTAIEAPKGEFGVYLVSDGSSRPYRCKIKAPGFAHLA
GLDKMSKGHMLADVVAIIGTQDIVFGEVDR
;
S2
5 'polypeptide(L)'
;ESASADTRPTVRPRNDVAHKQLSAFGEYVAEILPKYVQQVQVSCFSELEICIHPDGVIPVLTFLRDHSNAQFKSLADLTA
VDIPTRQNRFEIVYNLLSLRFNSRIRVKTYTDELTPVESSVSVYKAANWYEREIWDMFGVFFANHPDLRRILTDYGFEGH
PFRKDFPLSGYVELRYDDEVKRVVAEPVELAQEFRKFDLNSPWEAFPAYRQPPESLKLEAGDKKPEAK
;
S3
6 'polypeptide(L)'
;PSSTQPAVSQARAVVPKPAALPSSRGEYVVAKLDDLINWARRSSLWPMTFGLACCAVEMMHMAAPRYDMDRFGVVFRASP
RQSDVMIVAGTLTNKMAPALRKVYDQMPEPRYVVSMGSCANGGGYYHYSYSVVRGCDRIVPVDIYVPGCPPTAEALLYGI
LQLQKKIKREKRLRIWYRR
;
S7
7 'polypeptide(L)'
;TYKYVNLREPSMDMKSVTDRAAQTLLWTELIRGLGMTLSYLFREPATINYPFEKGPLSPRFRGEHALRRYPSGEERCIAC
KLCEAVCPAQAITIEAEPRADGSRRTTRYDIDMTKCIYCGFCQEACPVDAIVEGPNFEFSTETHEELLYNKEKLLNNGDK
WEAEIAANIQADYLYR
;
S8
8 'polypeptide(L)' SAESGKNEKGLPPNPKKQSPPKKPASAAPTEPFDNTTYKNLQHHDYSTYTFLDLNLDLSKFRMPQPSSGRESPRH V3
9 'polypeptide(L)'
;GVRTSPTGEKVTHTGQVYDDEDYRRVRFVGRQKEVNENFAIDLIAEQPVSQVGSRVISCDGGGGALGHPRVYINLDKETK
TGTCGYCGLQFRQQHH
;
S6
10 'polypeptide(L)'
;AQDQTRDTQLITVDEKLDITTLTGVPEEHIKTRKARIFVPARNNMQSGVNNTKKWKMEFDTRERWENPLMGWASTADPLS
NLVLTFSTKEDAIAFAEKNGWSYDVEERKVPKPKSKSYGANFSWNKRTRVSTK
;
S4
11 'polypeptide(L)'
;LHHAVIPHGKGGRSSVSGIVATVFGATGFLGRYLVNHLGRMGSQVIVPYRCEPYDTMHLRPMGDLGQIIFMDWNGRDKDS
IRRAVEHSNVVINLVGREWETKNFDFEDVFVKIPQAIAQVSKEAGVEKFIHISHLNADIKSSSKYLRNKAVGEKEVRETF
PEATIIKPADIFGREDRFLNYFANIRWFGGVPLISLGKKTVKQPVYIVDVTKGIINAIKDPDARGKTFAFVGPNRYLLFD
LVQYVFAVAHRPFLPYPMPHFAYRWIGRLFEISPFEPWTTRDKVERIHTTDRTLPHLPGLEDLGVQATPLELKAIEVLRR
HRTYRWLSSEIEDVQPAK
;
A9
12 'polypeptide(L)'
;AAAAAIRGVRGKLGLREIRIHLCQRSPGSQGVRDFIEKRYVELKKANPDLPILIRECSDVQPKLWARYAFGQEKNVSLNN
FSADQVTRALENVLSSKA
;
A2
13 'polypeptide(L)'
;AGLLKKTTGLVGLAVCETPHERLKILYTKILDVLGHIPKNAAYRKYTEQITNEKLSIVKAEPDVKKLEEQLQGGQIEEVI
LQAENELSLARKMIQWKPWEPLVEEPPASQWKWPI
;
A5
14 'polypeptide(L)'
;AASGLRQAAVAASTSVKPIFSRDMNEAKRRVRELYRAWYREVPNTVHLFQLDISVKQGRDKVREMFKKNAHVTDPRVVDL
LVIKGKMELEETINVWKQRTHVMRFFHETEAPRPKDFLSKFYVGHDP
;
A6
15 'polypeptide(L)'
;ASATRLIQGLRNWASGRDLQAKLQLRYQEISKRTQPPPKLPVGPSHRLSNNYYCARDGRREAMPPSIVMSSQKVLVAGKP
AESSAVAASEKKAVSPAPPIKRWELSQDEPYL
;
A7
16 'polypeptide(L)'
;MELLQVLKRGLQQVSGHGGLRGYLRVLFRANDVRVGTLVGEDKYGNKYYEDNKQFFGRHRWVIYTTEMNGKNTFWDVDGS
MVPPEWHRWLHCMTDDPPTVKPPTARKFIWTNHKFNLSGTPQQYVPYSTTRKKIQEWVPPSTPYK
;
AL
17 'polypeptide(L)'
;SDAPPLTLEGIKDRVLYVLKLYDKIDPEKLSVNSHFMKDLGLDSLDQVEIIMAMEDEFGFEIPDIDAEKLMCPQEIVDYI
ADKKDVYE
;
AA,AB
18 'polypeptide(L)'
;MNLMITLLTNFTLATLLVTIAFWLPQLNVYSEKTSPYECGFDPMGSARLPFSMKFFLVAITFLLFDLEIALLLPLPWASQ
TTNLNTMLTMALLLIFLLAVSLAYEWTQKGLEWTE
;
D3
19 'polypeptide(L)'
;MFMINVLTLIIPILLAVAFLTLVERKVLGYMQFRKGPNVVGPYGLLQPIADAIKLFIKEPLRPATSSISMFILAPILALT
LALTMWIPLPMPYPLINMNLGVLFMLAMSSLAVYSILWSGWASNSKYALIGALRAVAQTISYEVTLAIILLSVLLMNGSF
TLSTLIITQEQVWLIFPAWPLAMMWFISTLAETNRAPFDLTEGESELVSGFNVEYAAGPFALFFMAEYANIIMMNIFTTT
LFLGAFHNPYMPELYTINFTIKSLLLSITFLWIRASYPRFRYDQLMHLLWKNFLPLTLALCMWHVSLPILLSSIPPQT
;
D1
20 'polypeptide(L)'
;MMTYIVFILSIIFVMGFVGFSSKPSPIYGGLGLIVSGGVGCGIVLNFGGSFLGLMVFLIYLGGMMVVFGYTTAMATEQYP
EVWVSNKVVLGTFITGLLMEFLMVYYVLKDKEVEIVFKFNGMGDWVIYDTGDSGFFSEEAMGIAALYSYGTWLVIVTGWS
LLIGVVVIMEITRGN
;
D6
21 'polypeptide(L)'
;MSLVYMNIMMAFTVSLTGLLMYRSHLMSSLLCLEGMMLSLFILATLMILNSHFTLASMMPIILLVFAACEAALGLSLLVM
VSNTYGTDYVQNLNLLQC
;
4L
22 'polypeptide(L)'
;MNLFSSLTLVTLILLTMPIAAINFNTHKFTNYPLYVKTTISCAFITSMIPTMMFIHTGQEMIISNWHWLTIQTLKLSLSF
KMDFFSMMFVPVALFVTWSIMEFSMWYMHSDPNINQFFKYLLLFLITMLILVTANNLFQLFIGWEGVGIMSFLLIGWWYG
RTDANTAALQAILYNRIGDIGFILAMAWFLINLNTWDLQQIFMLNPNDSNLPLMGLILAATGKSAQFGLHPWLPSAMEGP
TPVSALLHSSTMVVAGIFLLIRFYPLTENNKFGQSIMLCLGAMTTLFTAMCALTQNDIKKIIAFSTSSQLGLMMVTIGIN
QPHLAFLHICTHAFFKAMLFMCSGSIIHSLNDEQDIRKMGGLFKAMPFTTTALIIGSLALTGMPFLTGFYSKDLIIESAN
TSYTNAWALLMTLVATSFTAIYSTRIIFFALLGQPRFPTLININENNPFLINSIKRLLIGSLFAGFIISNNIPPMTIPQM
TMPHYLKMTALTVTILGFILALEISNTTHYLKFNYPSNTFKFSNLLGYYPTIMHRLTPYMNLTMSQKSASSLLDLIWLET
ILPKTISLAQMKMSTTITSQKGLIKLYFLSFLITILISTTLLNFHE
;
D5
23 'polypeptide(L)'
;MLKYIIPTMMLMPLTWLSKNSMIWINTTLHSLLISLTSLLLLNQFGDNSLNFSLTFFSDSLSTPLLILTMWLLPLMLMAS
QHHLSKENLARKKLFISMLILLQLFLIMTFTATELIFFYIMFEATLVPTLIIITRWGNQTERLNAGLYFLFYTLAGSLPL
LVALIYIQNTMGSLNFLILQYWVQPMPNSWSNTFMWLACMMAFMVKMPLYGLHLWLPKAHVEAPIAGSMVLAAILLKLGG
YGMMRITLLLNPITDFMAYPFIMLSLWGMIMTSSICLRQTDLKSLIAYSSVSHMALVIVAILIQTPWSYMGATALMIAHG
LTSSMLFCLANSNYERVHSRTMILARGLQTLLPLMAAWWLLASLTNLALPPSINLIGELFVVMSTFSWSNITIILMGLNM
VITALYSLYMLITTQRGKHTHHINNILPSFTRENALMSLHMLPLLLLSLNPKIILGPLY
;
D4
24 'polypeptide(L)'
;MNPIILIIILMTVMLGTIIVMISTHWLLIWIGFEMNMLAIIPIMMKKHNPRATEASTKYFLTQSTASMLLMMAIIINLMF
SGQWTVMKLFNPMASMLMTMALAMKLGMAPFHFWVPEVTQGIPLSSGLILLTWQKLAPMSVLYQILPSINLDLILTLSIL
SITIGGWGGLNQTQLRKIMAYSSIAHMGWMTAVLLYNPTMTLLNLIIYIIMTSTMFTLFMANSTTTTLSLSHTWNKAPIM
TILVLITLLSMGGLPPLSGFMPKWMIIQEMTKNDSIILPTLMAITALLNLYFYMRLTYSTALTMFPSTNNMKMKWQFPTT
KRMTLLPTMTVLSTMLLPLTPILSILE
;
D2
25 'polypeptide(L)'
;AKTLLHQYWDIPEGTECHRKTYAATSIGGASGLVVSAYSVALKTPTSFLEGVARTGRYTFTAAAIGAIFGLTSCISAQVR
EKPDDPLNYLIGGCAGGLTLGARTRSYGIGAAACAYMGLTAALVKMGQLEGWKVFAEPKV
;
AK
26 'polypeptide(L)'
;SGDHGKRLFIIKPSGFYDKRFLKLLRFYILLTGIPVVIGITLINVFIGEAELAEIPEGYVPEHWEYFKHPISRWIARTFF
DAPEKNYERTMAILQIESEKAELRLKELEVRRLMRAKGDGPWFQYPTIDKALIDHSPKATPDN
;
B5
27 'polypeptide(L)'
;PGIVELPSLEDLKVQEVKVSSSVLKAAAHHYGAQCDKPNKEFMLCRWEEKDPRRCLEEGKLVNQCALEFFRQIKRHCAEP
FTEYWTCIDYSGLQLFRRCRKEQAQFDKCVLDKLGWVRPDLGELSKVTKVKTDRPLPENPYHSRARPEPNPEVEGDLKPA
RHGSRLFFWTM
;
A8
28 'polypeptide(L)'
;PDSWDKDVYPEPPRRTPAPSPQTSLPNPITYLTKAFDLLVDRPVTLVREFIERQHAKNKYYYYHREFRRVPDITECHEKD
VLCMFEAEMQWKRDYKVDQEIVNIIQERLKACQQREGESHRQNCAKELQQFTQVVKAYQDRYHDLGAHYSARKCLAKQKQ
RMLAERKATKEAAAA
;
BJ
29 'polypeptide(L)'
;LQYGPLAYILGEKTTKKMTENSKLITVDGNICSGKSKLAKEVAEKLGLKHFPEAGIHYADSTTGDGKPLPVRFSGNCSLE
KFYDDPKSNDGNSYRLQAWLYASRLLQYADALEHLLSTGQGVVLERSIYSDFVFLEAMYRQGFIRKQCVDHYNQVKKVTV
CEYLPPHVVIYVDVPVSEVQSRIQKKGNPHEMKITSAYLQDIENVYKGTFLPEMSEKCEVLQYSAWEAEDAEKVVEDIQY
LKYDKGPWLDQDDRKLHNLRMLVQDKLEVLNYTSIPVFLPEVTIGAHQSDRVFQEFTELPGRKYRAGYNEDVGDKWIWLK
;
AJ
30 'polypeptide(L)'
;PFFDVQKKLGVDLDHWMTIQSAEQPHRIPARCHAFEKEWIECAHGIGSIRAEKECKIEFEDFRECLLRQKTMKRLNAIKR
QRDKLIKEGKYTPPPHHSGQEDLRP
;
S5
31 'polypeptide(L)'
;APRVAAFLKNVWAKEPVLVASFAIAGLAVILPTLSPYTKYSLMINRATPYNYPVPLRDDGNMPDVPSHPQDPQGPSLEWL
KRL
;
A3
32 'polypeptide(L)'
;AHGHGHEHGPSKMELPDYKQWKIEGTPLETVQEKLAARGLRDPWGRNEAWRYMGGFANNVSFVGALLKGFKWGFAAFVVA
VGAEYYLESQKKDKKHH
;
B3
33 'polypeptide(L)'
;MMTGRQARAPLQFLPDEARSLPPPKLTDPRLAYIGFLGYCSGLIDNAIRRRPVLSAGLHRQFLYITSFVFVGYYLLKRQD
YMYAVRDHDMFSYIKSHPEDFPEKDKKTYREVFEEFHPVR
;
C2
34 'polypeptide(L)'
;SFPKYEPSRLASLPTTLDPAEYDISSETRKAQAERLAIRSRLKREYQLQYNDPSRRGVVEDPALIRWTCARSANVYPNFR
PNTKTSLLGALFGIGPLIFWYYVFKTDRDRKEKLIQEGKLDRTFNISY
;
B4
35 'polypeptide(L)'
;AASKVKQDMPPVGGYGPIDYKRNLPRRGLSGYSMFAVGIGALLFGYWSMMRWNRERRRLQIEDFEARIALMPLLQAEKDR
RVLQMLRENLEEEATIMKDVPGWKVGESVFHTTRWVTPMMGELYGLRTGEEILSSTYGFIWYT
;
AM
36 'polypeptide(L)'
;SGYTPDEKLRLQQLRELRRRWLKDQELSPREPVLPPRRVSPVERFWNKFLQDGALWKNVIYKTYRHSIFAFTHVLIPVWI
IHYYLKYHVTTKPYTIVEKKPRIFPGDTILETGEVIPPMKEFPDQHH
;
B6
37 'polypeptide(L)'
;GAHLARRYLGDASVEPEPLRMPTFPPDYGFPERKEREMVATQQEMNDAQLVLQQRDYCAHYLIRFLKCKRDSFPNFLACK
HEQHDWDYCEHLDYVKRMKEFERERRLLQRKKRREQREADMAKGLGPGEVAPEVAL
;
B7
38 'polypeptide(L)'
;AFLPSAAYLTHQQKVLQLYKRALRHLESRCVHRDKYRYFACLLRARFDEHKNEKDMVKATQLLREAEKEFWHGQHPQPYI
FPESPGGTSYERYECYKVPEWCLDDWHPSEKAMYPDYFAKREQWKKLRRESWEREVKQLQEETPVGGPRTEALPPARKQG
DLPPLWWHIVTRPRERPM
;
B9
39 'polypeptide(L)' AGGGAHIEPRYRQFPQLTRSQVIQAEFFSATMWFWILWRFWHDSDAVLGHFPYPDPSQWTDEELGIPPDDED B2
40 'polypeptide(L)'
;ASHITKDMLPGPYPKTPEERAAAAKKYNMRVEDYEPYPDDGMGYGDYPKLPDRSQQERDPWYDWDHPDLRLNWGEPMHWD
LDMYIRNRVDTSPTPVNWNLMCKHLFGFVAFMLFMFWVGETYPTYQPVGPKQYPYNNLYLERGGDPNKEPEPVVHYEI
;
B8
41 'polypeptide(L)'
;ESSSSRAVIAPSTLAGKRPSEPTLRWQEDPEPEDENLYEKNPDSHGYDKDPAVDVWNMRVVFFFGFSIVLVLGSTFVAYL
PDYRMQEWARREAERLVKYREAHGLPLMESNCFDPSKIQLPEDED
;
BK
42 'polypeptide(L)' KFYIQEPPHGSPNWLKVGLTLGTSAFLWIYLIKQHNEDVLEYKRRNGLE C1
43 'polypeptide(L)' MNLLQVVRDHWIHVLVPVGFVFGYYLDRKNDEKLAAFRNKSLLYKRELKPNEEVTWK B1
44 'polypeptide(L)' MWFEVLPGIAVMGVCLFIPGMATARIHRFSNGGREKRVAHYSYQWYLMERDRRVSGVNRYYVSKGLENID A1
#
loop_
_chem_comp.id
_chem_comp.type
_chem_comp.name
_chem_comp.formula
3PE non-polymer 1,2-Distearoyl-sn-glycerophosphoethanolamine 'C41 H82 N O8 P'
CDL non-polymer CARDIOLIPIN 'C81 H156 O17 P2 -2'
FES non-polymer 'FE2/S2 (INORGANIC) CLUSTER' 'Fe2 S2'
FMN non-polymer 'FLAVIN MONONUCLEOTIDE' 'C17 H21 N4 O9 P'
NDP non-polymer 'NADPH DIHYDRO-NICOTINAMIDE-ADENINE-DINUCLEOTIDE PHOSPHATE' 'C21 H30 N7 O17 P3'
PC1 non-polymer 1,2-DIACYL-SN-GLYCERO-3-PHOSPHOCHOLINE 'C44 H88 N O8 P'
SF4 non-polymer 'IRON/SULFUR CLUSTER' 'Fe4 S4'
ZMP non-polymer 'S-[2-({N-[(2S)-2-hydroxy-3,3-dimethyl-4-(phosphonooxy)butanoyl]-beta-alanyl}amino)ethyl] tetradecanethioate' 'C25 H49 N2 O8 P S'
ZN non-polymer 'ZINC ION' 'Zn 2'
#
# COMPACT_ATOMS: atom_id res chain seq x y z
N LYS A 10 -67.60 -75.14 85.81
CA LYS A 10 -68.19 -74.48 84.66
C LYS A 10 -69.32 -75.29 84.06
N THR A 11 -69.72 -74.96 82.84
CA THR A 11 -70.82 -75.65 82.18
C THR A 11 -70.35 -76.24 80.85
N SER A 12 -71.07 -77.30 80.44
CA SER A 12 -70.90 -77.89 79.12
C SER A 12 -71.90 -77.28 78.14
N PHE A 13 -71.79 -75.96 78.01
CA PHE A 13 -72.49 -75.07 77.07
C PHE A 13 -73.98 -74.91 77.34
N GLY A 14 -74.56 -75.64 78.30
CA GLY A 14 -75.88 -75.35 78.80
C GLY A 14 -77.05 -75.61 77.88
N SER A 15 -78.26 -75.36 78.39
CA SER A 15 -79.52 -75.52 77.67
C SER A 15 -80.56 -74.63 78.36
N LEU A 16 -81.83 -74.83 78.02
CA LEU A 16 -82.87 -74.03 78.65
C LEU A 16 -83.18 -74.60 80.03
N LYS A 17 -83.45 -73.70 80.99
CA LYS A 17 -83.90 -74.10 82.32
C LYS A 17 -84.64 -72.93 82.93
N ASP A 18 -85.79 -73.22 83.54
CA ASP A 18 -86.67 -72.20 84.11
C ASP A 18 -86.20 -71.81 85.51
N GLU A 19 -86.59 -70.59 85.92
CA GLU A 19 -86.17 -69.75 87.04
C GLU A 19 -84.80 -69.11 86.73
N ASP A 20 -84.14 -69.52 85.64
CA ASP A 20 -83.06 -68.75 85.05
C ASP A 20 -83.59 -67.63 84.14
N ARG A 21 -84.91 -67.55 83.95
CA ARG A 21 -85.49 -66.45 83.22
C ARG A 21 -85.45 -65.19 84.07
N ILE A 22 -84.92 -64.11 83.49
CA ILE A 22 -84.80 -62.85 84.23
C ILE A 22 -86.16 -62.20 84.40
N PHE A 23 -86.78 -61.82 83.30
CA PHE A 23 -88.09 -61.21 83.34
C PHE A 23 -89.14 -62.22 82.87
N THR A 24 -90.22 -62.32 83.63
CA THR A 24 -91.34 -63.18 83.30
C THR A 24 -92.33 -62.39 82.46
N ASN A 25 -93.57 -62.88 82.35
CA ASN A 25 -94.67 -62.26 81.62
C ASN A 25 -94.30 -62.01 80.16
N LEU A 26 -94.01 -63.10 79.47
CA LEU A 26 -93.74 -63.01 78.04
C LEU A 26 -95.01 -62.72 77.28
N TYR A 27 -96.04 -63.54 77.48
CA TYR A 27 -97.30 -63.35 76.78
C TYR A 27 -98.41 -63.96 77.63
N GLY A 28 -99.52 -63.24 77.74
CA GLY A 28 -100.77 -63.78 78.26
C GLY A 28 -100.71 -64.29 79.68
N ARG A 29 -99.83 -63.74 80.50
CA ARG A 29 -99.64 -64.24 81.85
C ARG A 29 -100.69 -63.68 82.78
N HIS A 30 -100.46 -63.86 84.09
CA HIS A 30 -101.53 -63.91 85.08
C HIS A 30 -102.28 -62.58 85.20
N ASP A 31 -101.57 -61.45 85.13
CA ASP A 31 -102.21 -60.13 85.13
C ASP A 31 -101.22 -59.08 84.64
N TRP A 32 -101.72 -57.85 84.54
CA TRP A 32 -100.87 -56.67 84.37
C TRP A 32 -101.55 -55.46 84.98
N ARG A 33 -100.87 -54.85 85.93
CA ARG A 33 -101.28 -53.71 86.74
C ARG A 33 -100.07 -53.41 87.61
N LEU A 34 -100.13 -52.33 88.38
CA LEU A 34 -99.15 -52.15 89.45
C LEU A 34 -99.26 -53.27 90.47
N LYS A 35 -100.47 -53.78 90.72
CA LYS A 35 -100.65 -54.90 91.62
C LYS A 35 -100.05 -56.18 91.03
N GLY A 36 -100.19 -56.36 89.72
CA GLY A 36 -99.57 -57.51 89.07
C GLY A 36 -98.06 -57.44 89.07
N ALA A 37 -97.52 -56.22 88.91
CA ALA A 37 -96.08 -56.05 89.01
C ALA A 37 -95.59 -56.23 90.43
N GLN A 38 -96.41 -55.85 91.41
CA GLN A 38 -96.04 -56.01 92.81
C GLN A 38 -96.08 -57.49 93.21
N SER A 39 -96.95 -58.26 92.58
CA SER A 39 -96.98 -59.70 92.82
C SER A 39 -95.86 -60.43 92.11
N ARG A 40 -95.54 -60.03 90.87
CA ARG A 40 -94.47 -60.69 90.14
C ARG A 40 -93.10 -60.31 90.66
N GLY A 41 -92.97 -59.13 91.25
CA GLY A 41 -91.67 -58.73 91.78
C GLY A 41 -91.12 -57.41 91.28
N ASP A 42 -91.97 -56.49 90.85
CA ASP A 42 -91.57 -55.12 90.64
C ASP A 42 -91.97 -54.25 91.82
N TRP A 43 -91.24 -53.15 91.98
CA TRP A 43 -91.31 -52.24 93.13
C TRP A 43 -91.11 -52.98 94.45
N TYR A 44 -90.03 -53.75 94.52
CA TYR A 44 -89.70 -54.48 95.73
C TYR A 44 -88.39 -53.94 96.27
N LYS A 45 -88.50 -53.18 97.36
CA LYS A 45 -87.37 -52.72 98.18
C LYS A 45 -86.39 -51.85 97.39
N THR A 46 -86.88 -51.17 96.36
CA THR A 46 -86.00 -50.40 95.49
C THR A 46 -85.50 -49.13 96.17
N LYS A 47 -86.15 -48.71 97.26
CA LYS A 47 -85.61 -47.64 98.08
C LYS A 47 -84.30 -48.05 98.73
N GLU A 48 -84.20 -49.32 99.15
CA GLU A 48 -82.97 -49.83 99.73
C GLU A 48 -81.83 -49.81 98.73
N ILE A 49 -82.14 -50.08 97.47
CA ILE A 49 -81.11 -50.12 96.44
C ILE A 49 -80.72 -48.71 96.03
N LEU A 50 -81.70 -47.88 95.71
CA LEU A 50 -81.38 -46.55 95.20
C LEU A 50 -80.96 -45.57 96.28
N LEU A 51 -81.05 -45.95 97.56
CA LEU A 51 -80.55 -45.12 98.63
C LEU A 51 -79.18 -45.58 99.08
N LYS A 52 -78.34 -46.04 98.15
CA LYS A 52 -77.05 -46.60 98.49
C LYS A 52 -75.89 -45.94 97.79
N GLY A 53 -76.04 -45.58 96.51
CA GLY A 53 -74.99 -44.88 95.80
C GLY A 53 -74.86 -45.35 94.37
N PRO A 54 -74.69 -44.42 93.43
CA PRO A 54 -74.64 -44.80 92.00
C PRO A 54 -73.42 -45.62 91.64
N ASP A 55 -72.31 -45.42 92.34
CA ASP A 55 -71.12 -46.22 92.08
C ASP A 55 -71.29 -47.65 92.53
N TRP A 56 -72.21 -47.92 93.46
CA TRP A 56 -72.54 -49.29 93.79
C TRP A 56 -73.21 -50.00 92.64
N ILE A 57 -74.12 -49.32 91.93
CA ILE A 57 -74.77 -49.93 90.79
C ILE A 57 -73.78 -50.07 89.63
N LEU A 58 -72.87 -49.11 89.48
CA LEU A 58 -71.83 -49.24 88.46
C LEU A 58 -70.89 -50.41 88.74
N GLY A 59 -70.52 -50.61 90.00
CA GLY A 59 -69.75 -51.78 90.37
C GLY A 59 -70.52 -53.08 90.20
N GLU A 60 -71.83 -53.03 90.44
CA GLU A 60 -72.68 -54.20 90.23
C GLU A 60 -72.77 -54.57 88.75
N VAL A 61 -72.90 -53.57 87.88
CA VAL A 61 -73.01 -53.84 86.44
C VAL A 61 -71.68 -54.29 85.88
N LYS A 62 -70.58 -53.64 86.27
CA LYS A 62 -69.27 -54.11 85.83
C LYS A 62 -68.86 -55.43 86.48
N THR A 63 -69.52 -55.82 87.56
CA THR A 63 -69.40 -57.19 88.07
C THR A 63 -70.18 -58.15 87.18
N SER A 64 -71.34 -57.70 86.69
CA SER A 64 -72.26 -58.58 85.97
C SER A 64 -71.72 -58.97 84.60
N GLY A 65 -70.87 -58.15 84.01
CA GLY A 65 -70.39 -58.42 82.67
C GLY A 65 -71.49 -58.33 81.64
N LEU A 66 -72.37 -57.37 81.78
CA LEU A 66 -73.51 -57.23 80.88
C LEU A 66 -73.04 -56.79 79.51
N ARG A 67 -73.42 -57.54 78.50
CA ARG A 67 -73.13 -57.18 77.12
C ARG A 67 -74.25 -56.29 76.61
N GLY A 68 -73.89 -55.14 76.06
CA GLY A 68 -74.86 -54.17 75.60
C GLY A 68 -75.61 -54.71 74.40
N ARG A 69 -76.92 -54.88 74.55
CA ARG A 69 -77.77 -55.49 73.55
C ARG A 69 -78.00 -54.52 72.38
N GLY A 70 -78.83 -54.93 71.44
CA GLY A 70 -79.10 -54.07 70.31
C GLY A 70 -78.04 -54.09 69.23
N GLY A 71 -77.11 -55.04 69.26
CA GLY A 71 -76.25 -55.27 68.13
C GLY A 71 -75.16 -54.25 67.93
N ALA A 72 -74.86 -53.42 68.93
CA ALA A 72 -73.70 -52.56 68.82
C ALA A 72 -72.42 -53.28 69.24
N GLY A 73 -72.42 -53.84 70.45
CA GLY A 73 -71.32 -54.63 70.93
C GLY A 73 -70.56 -54.02 72.10
N PHE A 74 -70.75 -52.74 72.37
CA PHE A 74 -70.09 -52.12 73.51
C PHE A 74 -70.69 -52.66 74.80
N PRO A 75 -69.89 -52.86 75.83
CA PRO A 75 -70.44 -53.28 77.12
C PRO A 75 -71.16 -52.12 77.78
N THR A 76 -72.15 -52.48 78.60
CA THR A 76 -73.02 -51.46 79.19
C THR A 76 -72.29 -50.71 80.31
N GLY A 77 -71.54 -51.44 81.12
CA GLY A 77 -70.94 -50.84 82.30
C GLY A 77 -69.88 -49.82 81.96
N LEU A 78 -69.11 -50.06 80.90
CA LEU A 78 -68.12 -49.09 80.49
C LEU A 78 -68.75 -47.84 79.90
N LYS A 79 -69.84 -47.99 79.16
CA LYS A 79 -70.56 -46.83 78.64
C LYS A 79 -71.13 -45.98 79.78
N TRP A 80 -71.71 -46.63 80.77
CA TRP A 80 -72.23 -45.87 81.90
C TRP A 80 -71.10 -45.29 82.75
N SER A 81 -69.92 -45.90 82.73
CA SER A 81 -68.79 -45.29 83.40
C SER A 81 -68.28 -44.09 82.62
N PHE A 82 -68.44 -44.09 81.28
CA PHE A 82 -68.22 -42.85 80.52
C PHE A 82 -69.20 -41.78 80.95
N MET A 83 -70.41 -42.16 81.34
CA MET A 83 -71.37 -41.14 81.77
C MET A 83 -71.09 -40.55 83.15
N ASN A 84 -70.06 -40.97 83.88
CA ASN A 84 -69.89 -40.54 85.26
C ASN A 84 -68.95 -39.34 85.37
N LYS A 85 -69.06 -38.43 84.41
CA LYS A 85 -68.49 -37.10 84.57
C LYS A 85 -69.10 -36.41 85.79
N PRO A 86 -68.32 -35.64 86.56
CA PRO A 86 -68.87 -34.98 87.76
C PRO A 86 -69.93 -33.90 87.49
N SER A 87 -70.39 -33.28 88.58
CA SER A 87 -71.56 -32.40 88.54
C SER A 87 -71.18 -31.03 87.99
N ASP A 88 -71.69 -30.70 86.80
CA ASP A 88 -71.55 -29.38 86.21
C ASP A 88 -72.87 -28.62 86.33
N GLY A 89 -72.96 -27.49 85.63
CA GLY A 89 -74.15 -26.66 85.68
C GLY A 89 -75.16 -26.90 84.58
N ARG A 90 -75.37 -28.16 84.20
CA ARG A 90 -76.30 -28.56 83.16
C ARG A 90 -76.93 -29.90 83.55
N PRO A 91 -78.19 -30.13 83.20
CA PRO A 91 -78.86 -31.37 83.59
C PRO A 91 -78.42 -32.54 82.72
N LYS A 92 -78.87 -33.73 83.12
CA LYS A 92 -78.44 -34.98 82.51
C LYS A 92 -79.66 -35.85 82.25
N TYR A 93 -79.71 -36.48 81.09
CA TYR A 93 -80.91 -37.20 80.66
C TYR A 93 -80.61 -38.67 80.35
N LEU A 94 -81.64 -39.48 80.51
CA LEU A 94 -81.62 -40.88 80.10
C LEU A 94 -82.63 -41.09 79.00
N VAL A 95 -82.20 -41.66 77.88
CA VAL A 95 -83.04 -41.84 76.71
C VAL A 95 -83.18 -43.33 76.46
N VAL A 96 -84.38 -43.85 76.67
CA VAL A 96 -84.64 -45.27 76.50
C VAL A 96 -85.19 -45.48 75.10
N ASN A 97 -84.42 -46.15 74.26
CA ASN A 97 -84.79 -46.35 72.86
C ASN A 97 -85.56 -47.64 72.73
N ALA A 98 -86.82 -47.57 72.28
CA ALA A 98 -87.66 -48.75 72.15
C ALA A 98 -87.95 -49.09 70.69
N ASP A 99 -87.07 -48.73 69.79
CA ASP A 99 -87.37 -48.93 68.38
C ASP A 99 -87.12 -50.38 67.97
N GLU A 100 -87.88 -50.80 66.96
CA GLU A 100 -87.67 -52.06 66.27
C GLU A 100 -87.58 -51.73 64.78
N GLY A 101 -86.36 -51.52 64.30
CA GLY A 101 -86.12 -51.48 62.87
C GLY A 101 -85.98 -52.89 62.36
N GLU A 102 -84.87 -53.20 61.66
CA GLU A 102 -84.21 -54.49 61.42
C GLU A 102 -85.19 -55.62 61.19
N PRO A 103 -85.83 -55.68 60.02
CA PRO A 103 -87.04 -56.49 59.82
C PRO A 103 -86.92 -57.95 60.20
N GLY A 104 -87.62 -58.30 61.27
CA GLY A 104 -87.29 -59.44 62.08
C GLY A 104 -87.53 -59.11 63.54
N THR A 105 -87.30 -57.83 63.87
CA THR A 105 -86.74 -57.41 65.16
C THR A 105 -87.47 -57.95 66.38
N CYS A 106 -88.80 -57.70 66.47
CA CYS A 106 -89.77 -58.29 67.44
C CYS A 106 -89.28 -58.36 68.89
N LYS A 107 -88.38 -57.44 69.24
CA LYS A 107 -87.60 -57.56 70.45
C LYS A 107 -88.40 -57.18 71.67
N ASP A 108 -88.85 -55.93 71.71
CA ASP A 108 -89.44 -55.37 72.90
C ASP A 108 -90.83 -54.83 72.66
N ARG A 109 -91.42 -55.10 71.49
CA ARG A 109 -92.84 -54.88 71.30
C ARG A 109 -93.64 -55.67 72.32
N GLU A 110 -93.38 -56.96 72.39
CA GLU A 110 -94.06 -57.85 73.33
C GLU A 110 -93.69 -57.51 74.76
N ILE A 111 -92.43 -57.10 74.98
CA ILE A 111 -91.95 -56.75 76.31
C ILE A 111 -92.62 -55.48 76.83
N ILE A 112 -92.76 -54.46 75.98
CA ILE A 112 -93.34 -53.24 76.47
C ILE A 112 -94.86 -53.33 76.46
N ARG A 113 -95.42 -54.32 75.77
CA ARG A 113 -96.85 -54.55 75.93
C ARG A 113 -97.15 -55.40 77.17
N HIS A 114 -96.21 -56.23 77.61
CA HIS A 114 -96.52 -57.15 78.69
C HIS A 114 -95.87 -56.83 80.04
N ASP A 115 -94.89 -55.93 80.10
CA ASP A 115 -94.29 -55.53 81.38
C ASP A 115 -93.64 -54.16 81.29
N PRO A 116 -94.43 -53.09 81.41
CA PRO A 116 -93.82 -51.75 81.44
C PRO A 116 -93.29 -51.35 82.80
N HIS A 117 -93.77 -51.96 83.88
CA HIS A 117 -93.34 -51.54 85.21
C HIS A 117 -91.89 -51.93 85.47
N LYS A 118 -91.46 -53.03 84.89
CA LYS A 118 -90.05 -53.37 84.96
C LYS A 118 -89.21 -52.43 84.12
N LEU A 119 -89.79 -51.88 83.05
CA LEU A 119 -89.08 -50.85 82.30
C LEU A 119 -88.96 -49.57 83.11
N VAL A 120 -89.99 -49.24 83.90
CA VAL A 120 -89.92 -48.06 84.75
C VAL A 120 -88.90 -48.28 85.86
N GLU A 121 -88.85 -49.49 86.41
CA GLU A 121 -87.77 -49.91 87.31
C GLU A 121 -86.41 -49.69 86.67
N GLY A 122 -86.28 -50.09 85.41
CA GLY A 122 -84.99 -49.99 84.74
C GLY A 122 -84.56 -48.56 84.50
N CYS A 123 -85.48 -47.71 84.07
CA CYS A 123 -85.10 -46.33 83.81
C CYS A 123 -84.89 -45.56 85.11
N LEU A 124 -85.60 -45.92 86.18
CA LEU A 124 -85.38 -45.28 87.46
C LEU A 124 -84.02 -45.65 88.04
N VAL A 125 -83.66 -46.94 87.99
CA VAL A 125 -82.35 -47.37 88.47
C VAL A 125 -81.24 -46.80 87.58
N GLY A 126 -81.49 -46.74 86.27
CA GLY A 126 -80.48 -46.18 85.38
C GLY A 126 -80.28 -44.69 85.57
N GLY A 127 -81.36 -43.98 85.88
CA GLY A 127 -81.23 -42.56 86.16
C GLY A 127 -80.54 -42.29 87.48
N ARG A 128 -80.84 -43.10 88.50
CA ARG A 128 -80.15 -42.96 89.77
C ARG A 128 -78.68 -43.33 89.65
N ALA A 129 -78.36 -44.31 88.81
CA ALA A 129 -77.01 -44.80 88.67
C ALA A 129 -76.07 -43.83 87.97
N MET A 130 -76.59 -42.72 87.44
CA MET A 130 -75.71 -41.75 86.80
C MET A 130 -76.14 -40.31 87.09
N GLY A 131 -77.01 -40.08 88.06
CA GLY A 131 -77.40 -38.72 88.40
C GLY A 131 -78.25 -38.04 87.35
N ALA A 132 -79.04 -38.82 86.61
CA ALA A 132 -79.89 -38.24 85.58
C ALA A 132 -81.05 -37.48 86.21
N ARG A 133 -81.57 -36.53 85.45
CA ARG A 133 -82.62 -35.67 85.95
C ARG A 133 -83.99 -36.08 85.43
N ALA A 134 -84.05 -36.54 84.19
CA ALA A 134 -85.29 -37.06 83.63
C ALA A 134 -84.97 -38.06 82.53
N ALA A 135 -85.99 -38.79 82.11
CA ALA A 135 -85.84 -39.79 81.08
C ALA A 135 -86.87 -39.56 80.00
N TYR A 136 -86.43 -39.67 78.75
CA TYR A 136 -87.31 -39.69 77.60
C TYR A 136 -87.31 -41.09 77.02
N ILE A 137 -88.49 -41.66 76.87
CA ILE A 137 -88.65 -42.97 76.26
C ILE A 137 -89.12 -42.75 74.83
N TYR A 138 -88.26 -43.07 73.88
CA TYR A 138 -88.59 -42.89 72.47
C TYR A 138 -89.20 -44.18 72.00
N ILE A 139 -90.49 -44.20 71.88
CA ILE A 139 -91.16 -45.39 71.36
C ILE A 139 -91.31 -45.18 69.87
N ARG A 140 -91.40 -46.26 69.12
CA ARG A 140 -91.63 -46.14 67.69
C ARG A 140 -93.05 -45.69 67.43
N GLY A 141 -93.22 -44.79 66.47
CA GLY A 141 -94.52 -44.23 66.14
C GLY A 141 -95.50 -45.21 65.56
N GLU A 142 -95.05 -46.38 65.12
CA GLU A 142 -95.94 -47.40 64.60
C GLU A 142 -96.65 -48.18 65.71
N PHE A 143 -96.41 -47.87 66.97
CA PHE A 143 -96.82 -48.70 68.10
C PHE A 143 -97.81 -47.99 68.99
N TYR A 144 -98.83 -47.35 68.40
CA TYR A 144 -99.68 -46.41 69.13
C TYR A 144 -100.43 -47.06 70.28
N ASN A 145 -100.88 -48.30 70.09
CA ASN A 145 -101.59 -49.00 71.16
C ASN A 145 -100.69 -49.28 72.35
N GLU A 146 -99.46 -49.69 72.07
CA GLU A 146 -98.54 -49.99 73.17
C GLU A 146 -98.01 -48.71 73.81
N ALA A 147 -97.98 -47.60 73.06
CA ALA A 147 -97.69 -46.31 73.66
C ALA A 147 -98.79 -45.89 74.62
N SER A 148 -100.03 -46.23 74.28
CA SER A 148 -101.13 -45.97 75.21
C SER A 148 -101.03 -46.85 76.45
N ASN A 149 -100.64 -48.12 76.28
CA ASN A 149 -100.47 -49.01 77.44
C ASN A 149 -99.35 -48.54 78.35
N LEU A 150 -98.23 -48.11 77.76
CA LEU A 150 -97.13 -47.56 78.56
C LEU A 150 -97.53 -46.27 79.26
N GLN A 151 -98.37 -45.46 78.61
CA GLN A 151 -98.92 -44.28 79.27
C GLN A 151 -99.78 -44.64 80.47
N VAL A 152 -100.57 -45.71 80.36
CA VAL A 152 -101.37 -46.19 81.48
C VAL A 152 -100.46 -46.61 82.63
N ALA A 153 -99.37 -47.30 82.32
CA ALA A 153 -98.47 -47.77 83.38
C ALA A 153 -97.74 -46.62 84.06
N ILE A 154 -97.29 -45.63 83.29
CA ILE A 154 -96.62 -44.47 83.86
C ILE A 154 -97.60 -43.64 84.70
N ARG A 155 -98.86 -43.55 84.24
CA ARG A 155 -99.92 -42.92 85.01
C ARG A 155 -100.10 -43.58 86.37
N GLU A 156 -100.17 -44.90 86.40
CA GLU A 156 -100.35 -45.60 87.67
C GLU A 156 -99.12 -45.47 88.57
N ALA A 157 -97.93 -45.46 87.96
CA ALA A 157 -96.70 -45.30 88.74
C ALA A 157 -96.65 -43.95 89.41
N TYR A 158 -96.96 -42.88 88.66
CA TYR A 158 -97.09 -41.55 89.27
C TYR A 158 -98.23 -41.50 90.27
N GLU A 159 -99.31 -42.24 90.01
CA GLU A 159 -100.50 -42.15 90.83
C GLU A 159 -100.28 -42.82 92.18
N ALA A 160 -99.30 -43.72 92.26
CA ALA A 160 -98.86 -44.17 93.57
C ALA A 160 -97.99 -43.14 94.28
N GLY A 161 -97.77 -41.96 93.71
CA GLY A 161 -96.91 -40.95 94.31
C GLY A 161 -95.46 -41.37 94.38
N LEU A 162 -95.04 -42.23 93.45
CA LEU A 162 -93.89 -43.09 93.63
C LEU A 162 -92.64 -42.62 92.90
N ILE A 163 -92.79 -42.01 91.73
CA ILE A 163 -91.70 -41.34 91.06
C ILE A 163 -92.14 -39.91 90.73
N GLY A 164 -91.16 -39.05 90.50
CA GLY A 164 -91.42 -37.62 90.45
C GLY A 164 -90.78 -36.94 91.64
N LYS A 165 -91.48 -35.99 92.25
CA LYS A 165 -91.01 -35.44 93.52
C LYS A 165 -91.19 -36.48 94.62
N ASN A 166 -90.19 -36.59 95.47
CA ASN A 166 -90.09 -37.59 96.55
C ASN A 166 -90.20 -39.01 95.99
N ALA A 167 -89.30 -39.33 95.06
CA ALA A 167 -89.32 -40.63 94.42
C ALA A 167 -88.74 -41.67 95.36
N CYS A 168 -89.59 -42.59 95.82
CA CYS A 168 -89.25 -43.65 96.77
C CYS A 168 -88.63 -43.10 98.05
N GLY A 169 -89.31 -42.14 98.65
CA GLY A 169 -88.86 -41.59 99.93
C GLY A 169 -87.80 -40.52 99.87
N SER A 170 -86.73 -40.74 99.10
CA SER A 170 -85.67 -39.75 99.04
C SER A 170 -86.12 -38.54 98.21
N GLY A 171 -85.52 -37.41 98.51
CA GLY A 171 -85.83 -36.19 97.78
C GLY A 171 -85.10 -36.16 96.45
N TYR A 172 -85.59 -36.91 95.48
CA TYR A 172 -84.90 -37.13 94.23
C TYR A 172 -85.92 -37.01 93.11
N ASP A 173 -85.88 -35.89 92.38
CA ASP A 173 -86.84 -35.66 91.31
C ASP A 173 -86.48 -36.44 90.06
N PHE A 174 -87.45 -37.17 89.52
CA PHE A 174 -87.19 -38.01 88.35
C PHE A 174 -88.49 -38.21 87.60
N ASP A 175 -88.52 -37.76 86.36
CA ASP A 175 -89.68 -37.91 85.50
C ASP A 175 -89.38 -38.79 84.30
N VAL A 176 -90.45 -39.33 83.71
CA VAL A 176 -90.36 -40.06 82.46
C VAL A 176 -91.36 -39.50 81.47
N PHE A 177 -90.93 -39.30 80.24
CA PHE A 177 -91.78 -38.82 79.17
C PHE A 177 -91.81 -39.87 78.08
N VAL A 178 -92.88 -39.85 77.30
CA VAL A 178 -93.02 -40.73 76.15
C VAL A 178 -93.06 -39.87 74.91
N VAL A 179 -92.13 -40.09 73.99
CA VAL A 179 -92.14 -39.40 72.71
C VAL A 179 -92.31 -40.45 71.63
N ARG A 180 -93.32 -40.27 70.80
CA ARG A 180 -93.49 -41.15 69.66
C ARG A 180 -92.50 -40.80 68.58
N GLY A 181 -92.15 -41.79 67.79
CA GLY A 181 -91.53 -41.53 66.52
C GLY A 181 -92.56 -41.10 65.51
N ALA A 182 -92.10 -40.72 64.34
CA ALA A 182 -93.01 -40.37 63.26
C ALA A 182 -92.82 -41.31 62.08
N GLY A 183 -92.16 -42.42 62.27
CA GLY A 183 -91.98 -43.39 61.23
C GLY A 183 -90.65 -43.18 60.57
N ALA A 184 -89.68 -44.00 60.95
CA ALA A 184 -88.32 -43.90 60.43
C ALA A 184 -87.60 -45.18 60.81
N TYR A 185 -86.41 -45.33 60.26
CA TYR A 185 -85.54 -46.43 60.61
C TYR A 185 -84.36 -45.99 61.44
N ILE A 186 -83.72 -44.89 61.06
CA ILE A 186 -82.49 -44.46 61.71
C ILE A 186 -82.73 -43.73 63.01
N CYS A 187 -83.99 -43.54 63.41
CA CYS A 187 -84.25 -43.09 64.76
C CYS A 187 -83.88 -44.13 65.80
N GLY A 188 -83.79 -45.41 65.40
CA GLY A 188 -83.23 -46.41 66.28
C GLY A 188 -81.76 -46.17 66.58
N GLU A 189 -81.05 -45.54 65.66
CA GLU A 189 -79.63 -45.29 65.83
C GLU A 189 -79.39 -44.25 66.93
N GLU A 190 -78.13 -44.14 67.32
CA GLU A 190 -77.80 -43.60 68.64
C GLU A 190 -77.93 -42.09 68.69
N THR A 191 -77.63 -41.38 67.60
CA THR A 191 -77.55 -39.94 67.69
C THR A 191 -78.57 -39.22 66.82
N ALA A 192 -79.05 -39.85 65.74
CA ALA A 192 -80.18 -39.31 65.01
C ALA A 192 -81.41 -39.26 65.88
N LEU A 193 -81.52 -40.20 66.82
CA LEU A 193 -82.45 -40.11 67.93
C LEU A 193 -82.32 -38.79 68.67
N ILE A 194 -81.09 -38.41 69.00
CA ILE A 194 -80.87 -37.21 69.81
C ILE A 194 -81.27 -35.97 69.03
N GLU A 195 -81.01 -35.96 67.71
CA GLU A 195 -81.49 -34.80 66.96
C GLU A 195 -83.00 -34.84 66.71
N SER A 196 -83.60 -36.02 66.60
CA SER A 196 -85.03 -36.07 66.33
C SER A 196 -85.85 -35.75 67.57
N ILE A 197 -85.28 -35.99 68.76
CA ILE A 197 -85.94 -35.55 69.98
C ILE A 197 -85.91 -34.03 70.09
N GLU A 198 -84.90 -33.39 69.51
CA GLU A 198 -84.87 -31.93 69.46
C GLU A 198 -85.89 -31.33 68.53
N GLY A 199 -86.62 -32.13 67.76
CA GLY A 199 -87.55 -31.62 66.79
C GLY A 199 -86.99 -31.46 65.40
N LYS A 200 -85.68 -31.59 65.24
CA LYS A 200 -85.10 -31.51 63.92
C LYS A 200 -85.34 -32.80 63.17
N GLN A 201 -85.11 -32.76 61.86
CA GLN A 201 -85.27 -33.94 61.03
C GLN A 201 -84.18 -34.97 61.36
N GLY A 202 -84.57 -36.23 61.35
CA GLY A 202 -83.74 -37.30 61.88
C GLY A 202 -82.48 -37.56 61.08
N LYS A 203 -81.32 -37.18 61.63
CA LYS A 203 -80.03 -37.18 60.97
C LYS A 203 -78.97 -37.34 62.06
N PRO A 204 -78.00 -38.22 61.91
CA PRO A 204 -77.03 -38.45 62.98
C PRO A 204 -75.97 -37.37 63.03
N ARG A 205 -75.21 -37.38 64.12
CA ARG A 205 -74.10 -36.48 64.29
C ARG A 205 -72.79 -37.22 64.06
N LEU A 206 -71.71 -36.46 64.03
CA LEU A 206 -70.39 -37.08 63.92
C LEU A 206 -70.00 -37.65 65.27
N LYS A 207 -69.44 -38.85 65.25
CA LYS A 207 -69.11 -39.53 66.51
C LYS A 207 -67.99 -38.93 67.37
N PRO A 208 -66.87 -38.39 66.85
CA PRO A 208 -65.78 -37.93 67.76
C PRO A 208 -66.14 -36.78 68.69
N PRO A 209 -67.23 -36.03 68.47
CA PRO A 209 -67.91 -35.46 69.65
C PRO A 209 -68.89 -36.48 70.23
N PHE A 210 -68.52 -37.08 71.35
CA PHE A 210 -69.24 -38.22 71.88
C PHE A 210 -70.52 -37.78 72.58
N PRO A 211 -71.56 -38.64 72.59
CA PRO A 211 -72.83 -38.26 73.22
C PRO A 211 -72.76 -38.12 74.73
N ALA A 212 -71.72 -38.64 75.37
CA ALA A 212 -71.58 -38.52 76.81
C ALA A 212 -71.25 -37.09 77.24
N ASP A 213 -70.87 -36.22 76.33
CA ASP A 213 -70.67 -34.81 76.63
C ASP A 213 -71.69 -33.90 75.98
N VAL A 214 -72.01 -34.15 74.72
CA VAL A 214 -73.00 -33.33 74.01
C VAL A 214 -74.15 -34.24 73.61
N GLY A 215 -75.34 -33.91 74.10
CA GLY A 215 -76.52 -34.70 73.83
C GLY A 215 -77.70 -33.83 73.48
N VAL A 216 -78.79 -33.94 74.25
CA VAL A 216 -80.02 -33.20 73.97
C VAL A 216 -79.74 -31.73 74.16
N PHE A 217 -79.58 -31.03 73.03
CA PHE A 217 -79.12 -29.64 72.93
C PHE A 217 -77.78 -29.40 73.65
N GLY A 218 -76.95 -30.42 73.83
CA GLY A 218 -75.73 -30.23 74.57
C GLY A 218 -75.84 -30.44 76.07
N CYS A 219 -76.68 -31.35 76.50
CA CYS A 219 -76.63 -31.86 77.87
C CYS A 219 -76.06 -33.26 77.86
N PRO A 220 -75.23 -33.63 78.83
CA PRO A 220 -74.69 -34.98 78.83
C PRO A 220 -75.78 -35.99 79.17
N THR A 221 -76.26 -36.64 78.14
CA THR A 221 -77.28 -37.65 78.24
C THR A 221 -76.68 -38.98 77.82
N THR A 222 -77.48 -40.03 77.92
CA THR A 222 -77.08 -41.26 77.26
C THR A 222 -78.30 -42.02 76.76
N VAL A 223 -78.03 -43.01 75.91
CA VAL A 223 -79.04 -43.80 75.22
C VAL A 223 -78.86 -45.24 75.65
N ALA A 224 -79.96 -45.91 75.99
CA ALA A 224 -79.88 -47.32 76.32
C ALA A 224 -81.05 -48.06 75.70
N ASN A 225 -80.84 -49.34 75.41
CA ASN A 225 -81.83 -50.17 74.77
C ASN A 225 -82.65 -50.91 75.81
N VAL A 226 -83.88 -51.29 75.42
CA VAL A 226 -84.92 -51.71 76.36
C VAL A 226 -84.58 -53.03 77.04
N GLU A 227 -83.92 -53.95 76.33
CA GLU A 227 -83.45 -55.18 76.96
C GLU A 227 -82.45 -54.88 78.07
N THR A 228 -81.50 -53.98 77.81
CA THR A 228 -80.49 -53.62 78.81
C THR A 228 -81.13 -52.87 79.98
N VAL A 229 -82.07 -51.98 79.68
CA VAL A 229 -82.76 -51.21 80.71
C VAL A 229 -83.55 -52.15 81.62
N ALA A 230 -84.36 -53.02 81.03
CA ALA A 230 -85.22 -53.91 81.81
C ALA A 230 -84.42 -54.94 82.58
N VAL A 231 -83.28 -55.37 82.05
CA VAL A 231 -82.49 -56.33 82.79
C VAL A 231 -81.66 -55.64 83.86
N SER A 232 -81.49 -54.32 83.78
CA SER A 232 -80.62 -53.62 84.73
C SER A 232 -81.03 -53.64 86.22
N PRO A 233 -82.29 -53.41 86.64
CA PRO A 233 -82.54 -53.40 88.09
C PRO A 233 -82.59 -54.78 88.71
N THR A 234 -82.84 -55.82 87.92
CA THR A 234 -82.80 -57.18 88.46
C THR A 234 -81.37 -57.60 88.74
N ILE A 235 -80.39 -56.97 88.12
CA ILE A 235 -79.01 -57.16 88.53
C ILE A 235 -78.80 -56.61 89.93
N CYS A 236 -79.48 -55.51 90.24
CA CYS A 236 -79.38 -54.96 91.59
C CYS A 236 -80.11 -55.84 92.59
N ARG A 237 -81.40 -56.10 92.34
CA ARG A 237 -82.20 -56.81 93.33
C ARG A 237 -81.95 -58.30 93.36
N ARG A 238 -81.26 -58.85 92.38
CA ARG A 238 -81.04 -60.28 92.30
C ARG A 238 -79.55 -60.55 92.45
N GLY A 239 -79.16 -61.80 92.20
CA GLY A 239 -77.85 -62.28 92.62
C GLY A 239 -76.71 -61.62 91.87
N GLY A 240 -75.68 -61.24 92.63
CA GLY A 240 -74.48 -60.67 92.05
C GLY A 240 -73.74 -61.71 91.25
N ALA A 241 -73.67 -61.52 89.93
CA ALA A 241 -73.06 -62.40 88.93
C ALA A 241 -73.70 -63.78 88.86
N TRP A 242 -74.86 -63.99 89.49
CA TRP A 242 -75.68 -65.14 89.13
C TRP A 242 -76.18 -64.99 87.70
N PHE A 243 -76.51 -63.76 87.32
CA PHE A 243 -76.76 -63.42 85.92
C PHE A 243 -75.57 -63.73 85.03
N ALA A 244 -74.36 -63.54 85.56
CA ALA A 244 -73.15 -63.82 84.79
C ALA A 244 -72.80 -65.30 84.72
N SER A 245 -73.58 -66.17 85.35
CA SER A 245 -73.32 -67.60 85.40
C SER A 245 -73.91 -68.34 84.21
N PHE A 246 -74.15 -67.66 83.09
CA PHE A 246 -74.85 -68.21 81.94
C PHE A 246 -73.93 -68.10 80.73
N GLY A 247 -73.43 -69.23 80.24
CA GLY A 247 -72.61 -69.21 79.04
C GLY A 247 -71.22 -68.71 79.33
N ARG A 248 -70.77 -67.73 78.55
CA ARG A 248 -69.40 -67.27 78.65
C ARG A 248 -69.28 -66.08 79.59
N GLU A 249 -68.05 -65.59 79.73
CA GLU A 249 -67.71 -64.57 80.71
C GLU A 249 -67.43 -63.20 80.09
N ARG A 250 -66.90 -63.16 78.88
CA ARG A 250 -66.84 -61.91 78.14
C ARG A 250 -68.25 -61.42 77.81
N ASN A 251 -69.14 -62.35 77.47
CA ASN A 251 -70.52 -62.08 77.14
C ASN A 251 -71.43 -63.10 77.80
N SER A 252 -72.49 -62.61 78.45
CA SER A 252 -73.42 -63.49 79.14
C SER A 252 -74.79 -62.85 79.19
N GLY A 253 -75.78 -63.66 79.50
CA GLY A 253 -77.13 -63.18 79.73
C GLY A 253 -78.18 -64.04 79.07
N THR A 254 -79.41 -63.81 79.49
CA THR A 254 -80.57 -64.41 78.85
C THR A 254 -81.06 -63.46 77.78
N LYS A 255 -80.85 -63.83 76.53
CA LYS A 255 -81.20 -62.99 75.40
C LYS A 255 -82.43 -63.59 74.73
N LEU A 256 -83.12 -62.77 73.96
CA LEU A 256 -84.37 -63.15 73.29
C LEU A 256 -84.02 -63.75 71.94
N PHE A 257 -83.80 -65.06 71.92
CA PHE A 257 -83.50 -65.78 70.69
C PHE A 257 -84.83 -66.14 70.06
N ASN A 258 -85.17 -65.48 68.96
CA ASN A 258 -86.52 -65.69 68.48
C ASN A 258 -86.45 -65.97 66.99
N ILE A 259 -87.44 -66.68 66.49
CA ILE A 259 -87.44 -67.15 65.12
C ILE A 259 -88.68 -66.57 64.45
N SER A 260 -88.46 -65.73 63.44
CA SER A 260 -89.50 -65.44 62.46
C SER A 260 -89.05 -65.75 61.04
N GLY A 261 -89.64 -66.79 60.46
CA GLY A 261 -89.22 -67.22 59.14
C GLY A 261 -89.95 -68.48 58.72
N HIS A 262 -89.18 -69.48 58.27
CA HIS A 262 -89.73 -70.75 57.79
C HIS A 262 -89.55 -71.80 58.86
N VAL A 263 -90.46 -71.81 59.82
CA VAL A 263 -90.56 -72.83 60.86
C VAL A 263 -92.03 -73.14 61.07
N ASN A 264 -92.29 -74.00 62.06
CA ASN A 264 -93.62 -74.13 62.61
C ASN A 264 -93.68 -73.34 63.92
N ASN A 265 -94.74 -72.55 64.08
CA ASN A 265 -94.96 -71.60 65.19
C ASN A 265 -93.79 -70.66 65.40
N PRO A 266 -93.62 -69.65 64.55
CA PRO A 266 -92.54 -68.67 64.76
C PRO A 266 -92.79 -67.84 66.01
N CYS A 267 -91.78 -67.75 66.87
CA CYS A 267 -92.05 -67.33 68.23
C CYS A 267 -90.76 -66.82 68.89
N THR A 268 -90.80 -66.68 70.22
CA THR A 268 -89.72 -66.14 71.03
C THR A 268 -89.32 -67.11 72.12
N VAL A 269 -88.01 -67.24 72.40
CA VAL A 269 -87.61 -67.86 73.67
C VAL A 269 -86.57 -66.98 74.36
N GLU A 270 -86.58 -67.05 75.69
CA GLU A 270 -85.56 -66.42 76.53
C GLU A 270 -84.53 -67.49 76.85
N GLU A 271 -83.31 -67.36 76.35
CA GLU A 271 -82.35 -68.42 76.64
C GLU A 271 -81.00 -67.87 77.04
N GLU A 272 -80.14 -68.81 77.40
CA GLU A 272 -78.73 -68.56 77.68
C GLU A 272 -78.04 -68.06 76.41
N MET A 273 -76.92 -67.35 76.62
CA MET A 273 -76.19 -66.79 75.49
C MET A 273 -75.49 -67.88 74.69
N SER A 274 -74.89 -68.85 75.38
CA SER A 274 -74.23 -69.97 74.72
C SER A 274 -75.24 -71.09 74.52
N VAL A 275 -75.56 -71.39 73.27
CA VAL A 275 -76.54 -72.41 72.94
C VAL A 275 -76.32 -72.86 71.49
N PRO A 276 -76.43 -74.15 71.20
CA PRO A 276 -76.39 -74.60 69.80
C PRO A 276 -77.61 -74.10 69.04
N LEU A 277 -77.35 -73.38 67.95
CA LEU A 277 -78.41 -72.76 67.17
C LEU A 277 -79.28 -73.80 66.49
N LYS A 278 -78.72 -74.93 66.09
CA LYS A 278 -79.48 -75.99 65.45
C LYS A 278 -80.52 -76.57 66.41
N GLU A 279 -80.08 -76.87 67.63
CA GLU A 279 -81.00 -77.42 68.62
C GLU A 279 -81.98 -76.37 69.12
N LEU A 280 -81.58 -75.09 69.09
CA LEU A 280 -82.51 -73.99 69.34
C LEU A 280 -83.64 -73.98 68.32
N ILE A 281 -83.28 -73.98 67.03
CA ILE A 281 -84.27 -73.84 65.97
C ILE A 281 -85.19 -75.05 65.92
N GLU A 282 -84.63 -76.24 66.08
CA GLU A 282 -85.46 -77.44 65.98
C GLU A 282 -86.31 -77.64 67.23
N LYS A 283 -85.75 -77.38 68.42
CA LYS A 283 -86.36 -77.84 69.65
C LYS A 283 -87.08 -76.74 70.42
N HIS A 284 -87.29 -75.58 69.81
CA HIS A 284 -88.04 -74.52 70.48
C HIS A 284 -89.06 -73.82 69.62
N ALA A 285 -89.00 -73.93 68.29
CA ALA A 285 -90.05 -73.37 67.44
C ALA A 285 -90.42 -74.42 66.39
N GLY A 286 -91.32 -75.32 66.77
CA GLY A 286 -91.84 -76.35 65.88
C GLY A 286 -90.77 -77.24 65.30
N GLY A 287 -90.49 -77.00 64.02
CA GLY A 287 -89.37 -77.59 63.32
C GLY A 287 -89.26 -76.91 61.98
N VAL A 288 -88.12 -77.09 61.32
CA VAL A 288 -87.94 -76.50 60.01
C VAL A 288 -88.83 -77.24 59.02
N THR A 289 -89.62 -76.48 58.27
CA THR A 289 -90.70 -77.00 57.43
C THR A 289 -90.10 -77.86 56.31
N GLY A 290 -90.28 -79.17 56.43
CA GLY A 290 -89.61 -80.11 55.57
C GLY A 290 -88.41 -80.79 56.19
N GLY A 291 -88.21 -80.63 57.49
CA GLY A 291 -87.07 -81.23 58.15
C GLY A 291 -85.88 -80.31 58.15
N TRP A 292 -84.81 -80.80 58.76
CA TRP A 292 -83.57 -80.02 58.82
C TRP A 292 -82.86 -79.98 57.47
N ASP A 293 -82.96 -81.06 56.69
CA ASP A 293 -82.17 -81.19 55.47
C ASP A 293 -82.70 -80.33 54.36
N ASN A 294 -83.93 -79.84 54.48
CA ASN A 294 -84.56 -79.14 53.38
C ASN A 294 -84.11 -77.69 53.32
N LEU A 295 -83.66 -77.10 54.43
CA LEU A 295 -83.52 -75.65 54.48
C LEU A 295 -82.31 -75.18 53.69
N LEU A 296 -82.41 -73.94 53.18
CA LEU A 296 -81.29 -73.39 52.46
C LEU A 296 -80.25 -72.82 53.40
N ALA A 297 -80.60 -71.78 54.16
CA ALA A 297 -79.53 -71.07 54.86
C ALA A 297 -80.06 -70.47 56.16
N VAL A 298 -79.15 -69.84 56.90
CA VAL A 298 -79.42 -69.27 58.23
C VAL A 298 -78.89 -67.84 58.24
N ILE A 299 -79.71 -66.91 58.69
CA ILE A 299 -79.25 -65.58 59.07
C ILE A 299 -79.44 -65.43 60.58
N PRO A 300 -78.43 -65.09 61.32
CA PRO A 300 -78.65 -64.48 62.63
C PRO A 300 -78.71 -62.99 62.48
N GLY A 301 -78.82 -62.27 63.59
CA GLY A 301 -78.59 -60.85 63.57
C GLY A 301 -79.75 -59.94 63.21
N GLY A 302 -80.68 -60.44 62.42
CA GLY A 302 -81.71 -59.56 61.91
C GLY A 302 -81.46 -59.18 60.47
N SER A 303 -80.95 -57.98 60.24
CA SER A 303 -80.71 -57.51 58.89
C SER A 303 -79.35 -56.88 58.67
N SER A 304 -78.57 -56.64 59.72
CA SER A 304 -77.22 -56.10 59.60
C SER A 304 -76.18 -57.19 59.80
N THR A 305 -76.44 -58.38 59.26
CA THR A 305 -75.64 -59.53 59.54
C THR A 305 -75.60 -60.43 58.32
N PRO A 306 -74.42 -60.89 57.91
CA PRO A 306 -74.33 -61.78 56.75
C PRO A 306 -74.92 -63.15 57.03
N LEU A 307 -75.18 -63.88 55.96
CA LEU A 307 -75.88 -65.16 56.01
C LEU A 307 -74.91 -66.29 56.31
N ILE A 308 -75.47 -67.41 56.77
CA ILE A 308 -74.68 -68.58 57.13
C ILE A 308 -75.23 -69.77 56.36
N PRO A 309 -74.38 -70.58 55.73
CA PRO A 309 -74.84 -71.83 55.13
C PRO A 309 -75.02 -72.91 56.21
N LYS A 310 -75.48 -74.08 55.76
CA LYS A 310 -75.94 -75.14 56.65
C LYS A 310 -74.79 -75.82 57.37
N SER A 311 -73.73 -76.16 56.64
CA SER A 311 -72.62 -76.90 57.21
C SER A 311 -71.86 -76.06 58.25
N VAL A 312 -71.90 -74.74 58.11
CA VAL A 312 -71.31 -73.90 59.15
C VAL A 312 -72.24 -73.83 60.35
N CYS A 313 -73.54 -73.63 60.13
CA CYS A 313 -74.46 -73.37 61.23
C CYS A 313 -74.73 -74.60 62.07
N GLU A 314 -74.40 -75.79 61.56
CA GLU A 314 -74.51 -76.97 62.41
C GLU A 314 -73.41 -77.05 63.47
N THR A 315 -72.46 -76.12 63.50
CA THR A 315 -71.44 -76.06 64.52
C THR A 315 -71.47 -74.78 65.33
N VAL A 316 -72.42 -73.89 65.07
CA VAL A 316 -72.42 -72.54 65.63
C VAL A 316 -73.07 -72.54 67.01
N LEU A 317 -72.35 -72.00 67.99
CA LEU A 317 -72.92 -71.60 69.27
C LEU A 317 -73.20 -70.10 69.23
N MET A 318 -74.24 -69.69 69.96
CA MET A 318 -74.85 -68.37 69.73
C MET A 318 -74.19 -67.26 70.53
N ASP A 319 -72.87 -67.18 70.49
CA ASP A 319 -72.14 -66.16 71.22
C ASP A 319 -71.62 -65.10 70.27
N PHE A 320 -71.39 -63.91 70.83
CA PHE A 320 -70.85 -62.81 70.05
C PHE A 320 -69.46 -63.14 69.51
N ASP A 321 -68.62 -63.72 70.35
CA ASP A 321 -67.27 -64.06 69.90
C ASP A 321 -67.28 -65.21 68.92
N ALA A 322 -68.20 -66.16 69.08
CA ALA A 322 -68.32 -67.25 68.12
C ALA A 322 -68.82 -66.74 66.77
N LEU A 323 -69.73 -65.77 66.77
CA LEU A 323 -70.23 -65.25 65.51
C LEU A 323 -69.28 -64.27 64.86
N ILE A 324 -68.43 -63.58 65.64
CA ILE A 324 -67.36 -62.79 65.04
C ILE A 324 -66.28 -63.71 64.48
N GLN A 325 -66.07 -64.86 65.11
CA GLN A 325 -65.23 -65.89 64.50
C GLN A 325 -65.85 -66.44 63.22
N ALA A 326 -67.18 -66.53 63.17
CA ALA A 326 -67.89 -66.83 61.93
C ALA A 326 -68.15 -65.59 61.09
N GLN A 327 -67.61 -64.44 61.53
CA GLN A 327 -67.62 -63.16 60.81
C GLN A 327 -69.04 -62.64 60.60
N THR A 328 -69.82 -62.68 61.69
CA THR A 328 -71.16 -62.10 61.74
C THR A 328 -71.33 -61.39 63.07
N GLY A 329 -72.48 -60.75 63.23
CA GLY A 329 -72.82 -60.10 64.49
C GLY A 329 -73.99 -60.79 65.15
N LEU A 330 -74.78 -60.06 65.93
CA LEU A 330 -75.93 -60.68 66.59
C LEU A 330 -76.99 -59.63 66.84
N GLY A 331 -78.26 -60.06 66.75
CA GLY A 331 -79.41 -59.19 66.89
C GLY A 331 -80.63 -59.99 67.30
N THR A 332 -81.82 -59.48 67.00
CA THR A 332 -83.00 -60.00 67.66
C THR A 332 -84.01 -60.55 66.66
N ALA A 333 -84.51 -61.74 67.00
CA ALA A 333 -85.74 -62.38 66.53
C ALA A 333 -85.75 -62.84 65.08
N ALA A 334 -84.71 -62.57 64.35
CA ALA A 334 -84.59 -63.18 63.04
C ALA A 334 -83.48 -64.22 63.05
N VAL A 335 -83.30 -64.95 64.16
CA VAL A 335 -82.21 -65.92 64.06
C VAL A 335 -82.82 -67.17 63.40
N ILE A 336 -82.89 -67.13 62.07
CA ILE A 336 -83.80 -67.96 61.32
C ILE A 336 -83.13 -68.70 60.19
N VAL A 337 -83.86 -69.63 59.62
CA VAL A 337 -83.52 -70.24 58.37
C VAL A 337 -84.40 -69.61 57.30
N MET A 338 -83.94 -69.68 56.06
CA MET A 338 -84.82 -69.58 54.91
C MET A 338 -84.67 -70.85 54.10
N ASP A 339 -85.79 -71.30 53.56
CA ASP A 339 -85.89 -72.62 52.99
C ASP A 339 -85.34 -72.61 51.57
N ARG A 340 -85.26 -73.80 50.98
CA ARG A 340 -84.53 -73.99 49.73
C ARG A 340 -85.32 -73.47 48.54
N SER A 341 -86.63 -73.66 48.54
CA SER A 341 -87.43 -73.36 47.36
C SER A 341 -87.56 -71.87 47.11
N THR A 342 -87.31 -71.03 48.11
CA THR A 342 -87.35 -69.59 47.89
C THR A 342 -86.03 -69.10 47.33
N ASP A 343 -86.08 -67.93 46.71
CA ASP A 343 -84.92 -67.31 46.08
C ASP A 343 -84.26 -66.39 47.10
N ILE A 344 -83.08 -66.80 47.58
CA ILE A 344 -82.32 -65.97 48.49
C ILE A 344 -81.82 -64.72 47.79
N VAL A 345 -81.70 -64.78 46.45
CA VAL A 345 -81.39 -63.60 45.64
C VAL A 345 -82.48 -62.55 45.82
N LYS A 346 -83.74 -62.96 45.68
CA LYS A 346 -84.85 -62.02 45.84
C LYS A 346 -85.00 -61.57 47.28
N ALA A 347 -84.66 -62.44 48.25
CA ALA A 347 -84.73 -62.05 49.65
C ALA A 347 -83.75 -60.93 49.96
N ILE A 348 -82.49 -61.10 49.57
CA ILE A 348 -81.49 -60.08 49.85
C ILE A 348 -81.73 -58.83 49.01
N ALA A 349 -82.30 -59.00 47.81
CA ALA A 349 -82.63 -57.83 46.99
C ALA A 349 -83.75 -57.02 47.63
N ARG A 350 -84.69 -57.70 48.28
CA ARG A 350 -85.73 -56.99 49.00
C ARG A 350 -85.17 -56.30 50.24
N LEU A 351 -84.16 -56.91 50.87
CA LEU A 351 -83.49 -56.25 51.98
C LEU A 351 -82.78 -54.98 51.52
N ILE A 352 -82.18 -55.00 50.34
CA ILE A 352 -81.50 -53.81 49.85
C ILE A 352 -82.51 -52.76 49.39
N GLU A 353 -83.66 -53.17 48.84
CA GLU A 353 -84.73 -52.22 48.55
C GLU A 353 -85.25 -51.56 49.82
N PHE A 354 -85.32 -52.34 50.91
CA PHE A 354 -85.67 -51.81 52.22
C PHE A 354 -84.69 -50.73 52.66
N TYR A 355 -83.40 -51.00 52.49
CA TYR A 355 -82.40 -50.00 52.87
C TYR A 355 -82.46 -48.75 52.01
N LYS A 356 -82.81 -48.90 50.75
CA LYS A 356 -82.95 -47.74 49.89
C LYS A 356 -84.16 -46.91 50.29
N HIS A 357 -85.27 -47.56 50.64
CA HIS A 357 -86.43 -46.79 51.06
C HIS A 357 -86.23 -46.19 52.45
N GLU A 358 -85.34 -46.73 53.28
CA GLU A 358 -85.12 -46.18 54.61
C GLU A 358 -83.64 -45.96 54.87
N SER A 359 -83.20 -44.74 54.61
CA SER A 359 -81.87 -44.22 54.90
C SER A 359 -81.90 -42.72 54.76
N CYS A 360 -81.21 -42.01 55.64
CA CYS A 360 -81.13 -40.58 55.44
C CYS A 360 -80.01 -40.29 54.48
N GLY A 361 -79.75 -39.01 54.25
CA GLY A 361 -78.85 -38.67 53.17
C GLY A 361 -77.78 -37.68 53.54
N GLN A 362 -77.24 -37.77 54.75
CA GLN A 362 -76.06 -36.97 55.06
C GLN A 362 -74.88 -37.43 54.22
N CYS A 363 -74.52 -38.70 54.36
CA CYS A 363 -73.31 -39.22 53.74
C CYS A 363 -73.58 -39.41 52.26
N THR A 364 -72.70 -38.86 51.44
CA THR A 364 -72.69 -39.25 50.03
C THR A 364 -72.51 -40.76 49.79
N PRO A 365 -71.59 -41.50 50.47
CA PRO A 365 -71.37 -42.87 50.01
C PRO A 365 -72.48 -43.83 50.33
N CYS A 366 -73.26 -43.66 51.41
CA CYS A 366 -74.27 -44.67 51.68
C CYS A 366 -75.41 -44.53 50.70
N ARG A 367 -75.80 -43.29 50.44
CA ARG A 367 -76.81 -42.95 49.45
C ARG A 367 -76.47 -43.54 48.09
N GLU A 368 -75.29 -43.18 47.56
CA GLU A 368 -74.94 -43.66 46.23
C GLU A 368 -74.66 -45.15 46.21
N GLY A 369 -74.13 -45.71 47.30
CA GLY A 369 -73.79 -47.12 47.32
C GLY A 369 -75.00 -48.02 47.43
N VAL A 370 -75.98 -47.63 48.25
CA VAL A 370 -77.21 -48.40 48.29
C VAL A 370 -77.98 -48.24 46.99
N ASP A 371 -77.81 -47.10 46.31
CA ASP A 371 -78.38 -46.98 44.97
C ASP A 371 -77.77 -47.97 43.98
N TRP A 372 -76.43 -48.04 43.94
CA TRP A 372 -75.79 -48.99 43.03
C TRP A 372 -76.12 -50.41 43.40
N MET A 373 -76.08 -50.73 44.69
CA MET A 373 -76.33 -52.10 45.10
C MET A 373 -77.77 -52.51 44.80
N ASN A 374 -78.73 -51.59 44.92
CA ASN A 374 -80.08 -51.99 44.63
C ASN A 374 -80.30 -52.16 43.13
N LYS A 375 -79.75 -51.27 42.31
CA LYS A 375 -79.93 -51.47 40.87
C LYS A 375 -79.15 -52.68 40.36
N VAL A 376 -77.99 -52.95 40.93
CA VAL A 376 -77.19 -54.10 40.52
C VAL A 376 -77.86 -55.40 40.96
N MET A 377 -78.47 -55.42 42.16
CA MET A 377 -79.20 -56.61 42.56
C MET A 377 -80.47 -56.79 41.76
N ALA A 378 -81.07 -55.72 41.27
CA ALA A 378 -82.21 -55.87 40.37
C ALA A 378 -81.77 -56.49 39.05
N ARG A 379 -80.61 -56.08 38.55
CA ARG A 379 -80.02 -56.71 37.36
C ARG A 379 -79.69 -58.18 37.62
N PHE A 380 -79.27 -58.51 38.85
CA PHE A 380 -78.90 -59.90 39.14
C PHE A 380 -80.11 -60.78 39.35
N VAL A 381 -81.20 -60.22 39.89
CA VAL A 381 -82.47 -60.93 39.89
C VAL A 381 -82.92 -61.20 38.47
N ARG A 382 -82.75 -60.23 37.58
CA ARG A 382 -82.95 -60.55 36.16
C ARG A 382 -81.82 -61.41 35.63
N GLY A 383 -80.64 -61.32 36.23
CA GLY A 383 -79.50 -62.12 35.80
C GLY A 383 -78.80 -61.60 34.57
N ASP A 384 -78.60 -60.28 34.47
CA ASP A 384 -78.19 -59.69 33.21
C ASP A 384 -76.85 -58.96 33.34
N ALA A 385 -75.84 -59.62 33.88
CA ALA A 385 -74.50 -59.05 33.89
C ALA A 385 -73.49 -60.15 33.61
N ARG A 386 -72.23 -59.78 33.71
CA ARG A 386 -71.08 -60.65 33.59
C ARG A 386 -70.39 -60.77 34.96
N PRO A 387 -69.58 -61.81 35.20
CA PRO A 387 -69.00 -62.00 36.55
C PRO A 387 -68.06 -60.89 37.02
N ALA A 388 -67.52 -60.09 36.09
CA ALA A 388 -66.77 -58.90 36.48
C ALA A 388 -67.63 -57.94 37.29
N GLU A 389 -68.93 -57.87 36.96
CA GLU A 389 -69.84 -57.03 37.72
C GLU A 389 -70.01 -57.53 39.15
N ILE A 390 -70.03 -58.85 39.36
CA ILE A 390 -70.27 -59.34 40.71
C ILE A 390 -69.02 -59.18 41.56
N ASP A 391 -67.84 -59.25 40.95
CA ASP A 391 -66.66 -58.97 41.75
C ASP A 391 -66.50 -57.47 41.98
N SER A 392 -67.04 -56.65 41.07
CA SER A 392 -67.11 -55.22 41.33
C SER A 392 -68.08 -54.90 42.45
N LEU A 393 -69.12 -55.72 42.60
CA LEU A 393 -70.04 -55.55 43.71
C LEU A 393 -69.36 -55.90 45.03
N TRP A 394 -68.50 -56.92 45.00
CA TRP A 394 -67.61 -57.20 46.12
C TRP A 394 -66.71 -56.01 46.43
N GLU A 395 -66.21 -55.34 45.38
CA GLU A 395 -65.32 -54.19 45.57
C GLU A 395 -66.05 -53.01 46.21
N ILE A 396 -67.25 -52.68 45.72
CA ILE A 396 -67.96 -51.54 46.28
C ILE A 396 -68.39 -51.83 47.72
N SER A 397 -68.79 -53.07 48.01
CA SER A 397 -69.12 -53.36 49.39
C SER A 397 -67.89 -53.41 50.29
N LYS A 398 -66.70 -53.58 49.72
CA LYS A 398 -65.50 -53.28 50.48
C LYS A 398 -65.24 -51.78 50.60
N GLN A 399 -65.78 -50.97 49.67
CA GLN A 399 -65.52 -49.54 49.74
C GLN A 399 -66.41 -48.80 50.73
N ILE A 400 -67.61 -49.31 51.01
CA ILE A 400 -68.53 -48.50 51.81
C ILE A 400 -68.18 -48.56 53.29
N GLU A 401 -67.86 -49.74 53.80
CA GLU A 401 -67.80 -50.00 55.24
C GLU A 401 -66.68 -49.20 55.89
N GLY A 402 -67.05 -48.40 56.89
CA GLY A 402 -66.11 -47.52 57.55
C GLY A 402 -66.04 -46.12 56.99
N HIS A 403 -66.85 -45.80 55.98
CA HIS A 403 -66.82 -44.50 55.35
C HIS A 403 -68.12 -43.73 55.57
N THR A 404 -68.94 -44.17 56.49
CA THR A 404 -70.24 -43.58 56.70
C THR A 404 -70.28 -42.95 58.08
N ILE A 405 -71.26 -42.09 58.33
CA ILE A 405 -71.49 -41.63 59.70
C ILE A 405 -72.00 -42.77 60.54
N CYS A 406 -73.16 -43.32 60.18
CA CYS A 406 -73.78 -44.34 61.00
C CYS A 406 -73.35 -45.70 60.48
N ALA A 407 -73.97 -46.75 61.00
CA ALA A 407 -73.65 -48.10 60.59
C ALA A 407 -74.72 -48.71 59.72
N LEU A 408 -75.66 -47.93 59.20
CA LEU A 408 -76.57 -48.49 58.22
C LEU A 408 -75.86 -48.76 56.92
N GLY A 409 -74.81 -48.00 56.60
CA GLY A 409 -73.96 -48.34 55.49
C GLY A 409 -73.23 -49.65 55.72
N ASP A 410 -72.85 -49.92 56.97
CA ASP A 410 -72.20 -51.19 57.28
C ASP A 410 -73.18 -52.34 57.16
N GLY A 411 -74.39 -52.16 57.69
CA GLY A 411 -75.46 -53.14 57.60
C GLY A 411 -75.99 -53.33 56.20
N ALA A 412 -75.74 -52.39 55.31
CA ALA A 412 -76.01 -52.58 53.89
C ALA A 412 -74.87 -53.26 53.17
N ALA A 413 -73.65 -53.06 53.63
CA ALA A 413 -72.51 -53.62 52.94
C ALA A 413 -72.27 -55.08 53.32
N TRP A 414 -72.67 -55.48 54.52
CA TRP A 414 -72.40 -56.87 54.90
C TRP A 414 -73.21 -57.96 54.21
N PRO A 415 -74.53 -57.85 53.95
CA PRO A 415 -75.22 -58.99 53.34
C PRO A 415 -74.82 -59.23 51.90
N VAL A 416 -74.43 -58.18 51.18
CA VAL A 416 -73.85 -58.36 49.85
C VAL A 416 -72.56 -59.15 49.94
N GLN A 417 -71.72 -58.81 50.92
CA GLN A 417 -70.49 -59.56 51.18
C GLN A 417 -70.79 -61.02 51.50
N GLY A 418 -71.78 -61.28 52.36
CA GLY A 418 -72.09 -62.65 52.74
C GLY A 418 -72.65 -63.46 51.60
N LEU A 419 -73.50 -62.83 50.77
CA LEU A 419 -74.03 -63.50 49.60
C LEU A 419 -72.94 -63.86 48.61
N ILE A 420 -71.97 -62.97 48.41
CA ILE A 420 -70.88 -63.29 47.48
C ILE A 420 -69.90 -64.28 48.11
N ARG A 421 -69.78 -64.29 49.44
CA ARG A 421 -68.97 -65.30 50.11
C ARG A 421 -69.54 -66.69 49.92
N HIS A 422 -70.86 -66.85 50.03
CA HIS A 422 -71.41 -68.19 50.14
C HIS A 422 -72.18 -68.70 48.94
N PHE A 423 -72.90 -67.85 48.22
CA PHE A 423 -73.72 -68.36 47.13
C PHE A 423 -73.27 -67.85 45.77
N ARG A 424 -71.97 -67.91 45.54
CA ARG A 424 -71.38 -67.62 44.23
C ARG A 424 -71.94 -68.46 43.08
N PRO A 425 -71.94 -69.81 43.11
CA PRO A 425 -72.29 -70.55 41.88
C PRO A 425 -73.75 -70.47 41.52
N GLU A 426 -74.63 -70.23 42.49
CA GLU A 426 -76.04 -70.10 42.17
C GLU A 426 -76.31 -68.80 41.39
N LEU A 427 -75.61 -67.73 41.74
CA LEU A 427 -75.66 -66.51 40.94
C LEU A 427 -75.07 -66.72 39.56
N GLU A 428 -73.95 -67.47 39.48
CA GLU A 428 -73.36 -67.77 38.18
C GLU A 428 -74.34 -68.55 37.29
N GLU A 429 -75.06 -69.49 37.89
CA GLU A 429 -76.06 -70.25 37.15
C GLU A 429 -77.23 -69.38 36.74
N ARG A 430 -77.61 -68.42 37.58
CA ARG A 430 -78.67 -67.48 37.23
C ARG A 430 -78.32 -66.69 35.98
N MET A 431 -77.10 -66.16 35.96
CA MET A 431 -76.63 -65.39 34.82
C MET A 431 -76.49 -66.25 33.57
N GLN A 432 -76.10 -67.52 33.75
CA GLN A 432 -76.01 -68.44 32.63
C GLN A 432 -77.39 -68.79 32.07
N ARG A 433 -78.38 -68.96 32.96
CA ARG A 433 -79.76 -69.21 32.53
C ARG A 433 -80.30 -68.04 31.72
N PHE A 434 -80.02 -66.81 32.15
CA PHE A 434 -80.49 -65.68 31.35
C PHE A 434 -79.73 -65.55 30.04
N ALA A 435 -78.45 -65.93 30.02
CA ALA A 435 -77.72 -65.90 28.76
C ALA A 435 -78.28 -66.90 27.76
N GLN A 436 -78.68 -68.08 28.23
CA GLN A 436 -79.33 -69.03 27.34
C GLN A 436 -80.75 -68.61 26.99
N GLN A 437 -81.40 -67.83 27.86
CA GLN A 437 -82.70 -67.27 27.53
C GLN A 437 -82.60 -66.25 26.42
N HIS A 438 -81.55 -65.42 26.46
CA HIS A 438 -81.30 -64.46 25.40
C HIS A 438 -80.87 -65.16 24.12
N GLN A 439 -80.16 -66.27 24.25
CA GLN A 439 -79.61 -66.96 23.09
C GLN A 439 -80.16 -68.37 22.94
N ALA B 5 -91.68 -38.88 44.92
CA ALA B 5 -93.13 -38.98 45.08
C ALA B 5 -93.75 -37.63 45.44
N LEU B 6 -93.63 -36.66 44.53
CA LEU B 6 -94.28 -35.36 44.59
C LEU B 6 -93.85 -34.57 45.84
N PHE B 7 -92.59 -34.16 45.83
CA PHE B 7 -92.03 -33.37 46.92
C PHE B 7 -92.03 -31.87 46.63
N VAL B 8 -92.88 -31.42 45.72
CA VAL B 8 -93.01 -30.00 45.38
C VAL B 8 -94.48 -29.65 45.49
N HIS B 9 -94.77 -28.45 46.01
CA HIS B 9 -96.13 -28.12 46.44
C HIS B 9 -97.08 -27.90 45.26
N ARG B 10 -96.78 -26.89 44.42
CA ARG B 10 -97.49 -26.61 43.17
C ARG B 10 -98.97 -26.31 43.38
N ASP B 11 -99.29 -25.09 43.82
CA ASP B 11 -100.45 -24.70 44.63
C ASP B 11 -101.79 -25.40 44.35
N THR B 12 -102.42 -25.20 43.16
CA THR B 12 -103.55 -25.99 42.65
C THR B 12 -104.72 -26.11 43.64
N PRO B 13 -105.60 -25.11 43.73
CA PRO B 13 -106.49 -24.94 44.89
C PRO B 13 -107.41 -26.13 45.18
N LYS B 14 -107.89 -26.16 46.44
CA LYS B 14 -108.08 -27.27 47.41
C LYS B 14 -106.77 -27.49 48.16
N ASN B 15 -105.82 -26.58 47.98
CA ASN B 15 -104.57 -26.43 48.72
C ASN B 15 -104.35 -24.93 48.74
N ASN B 16 -103.09 -24.47 48.85
CA ASN B 16 -102.71 -23.07 48.62
C ASN B 16 -103.32 -22.11 49.63
N PRO B 17 -102.67 -21.90 50.78
CA PRO B 17 -103.21 -21.02 51.83
C PRO B 17 -103.51 -19.62 51.31
N GLU B 18 -104.66 -19.07 51.72
CA GLU B 18 -105.50 -19.62 52.78
C GLU B 18 -106.62 -20.55 52.35
N THR B 19 -106.42 -21.82 52.59
CA THR B 19 -107.45 -22.83 52.75
C THR B 19 -107.81 -22.91 54.22
N PRO B 20 -109.09 -22.79 54.58
CA PRO B 20 -109.44 -22.62 56.01
C PRO B 20 -109.16 -23.83 56.88
N PHE B 21 -108.14 -23.69 57.72
CA PHE B 21 -107.77 -24.68 58.71
C PHE B 21 -107.90 -24.06 60.09
N ASP B 22 -108.47 -24.81 61.03
CA ASP B 22 -108.69 -24.25 62.35
C ASP B 22 -108.80 -25.38 63.38
N PHE B 23 -108.24 -25.16 64.55
CA PHE B 23 -108.25 -26.13 65.62
C PHE B 23 -109.49 -25.97 66.50
N THR B 24 -109.44 -26.59 67.67
CA THR B 24 -110.32 -26.52 68.82
C THR B 24 -109.49 -26.09 70.02
N PRO B 25 -110.03 -25.26 70.92
CA PRO B 25 -109.25 -24.90 72.14
C PRO B 25 -108.92 -26.07 73.04
N GLU B 26 -109.64 -27.18 72.93
CA GLU B 26 -109.24 -28.41 73.60
C GLU B 26 -107.93 -28.95 73.02
N ASN B 27 -107.73 -28.78 71.72
CA ASN B 27 -106.42 -29.09 71.15
C ASN B 27 -105.38 -28.11 71.65
N TYR B 28 -105.76 -26.87 71.93
CA TYR B 28 -104.82 -25.94 72.56
C TYR B 28 -104.47 -26.39 73.97
N LYS B 29 -105.39 -27.08 74.64
CA LYS B 29 -105.07 -27.67 75.93
C LYS B 29 -104.07 -28.82 75.78
N ARG B 30 -104.23 -29.64 74.74
CA ARG B 30 -103.23 -30.67 74.41
C ARG B 30 -101.86 -30.06 74.13
N ILE B 31 -101.82 -28.97 73.36
CA ILE B 31 -100.54 -28.33 73.03
C ILE B 31 -99.92 -27.70 74.26
N GLU B 32 -100.75 -27.26 75.23
CA GLU B 32 -100.22 -26.83 76.51
C GLU B 32 -99.53 -27.97 77.24
N ALA B 33 -100.12 -29.17 77.19
CA ALA B 33 -99.43 -30.33 77.78
C ALA B 33 -98.11 -30.63 77.07
N ILE B 34 -98.13 -30.60 75.74
CA ILE B 34 -96.95 -30.99 74.97
C ILE B 34 -95.82 -29.99 75.13
N VAL B 35 -96.10 -28.69 74.94
CA VAL B 35 -95.17 -27.72 75.48
C VAL B 35 -95.67 -27.38 76.88
N LYS B 36 -95.58 -28.37 77.76
CA LYS B 36 -95.30 -28.24 79.18
C LYS B 36 -94.23 -29.28 79.46
N ASN B 37 -94.18 -30.32 78.62
CA ASN B 37 -93.17 -31.37 78.76
C ASN B 37 -91.75 -30.85 78.60
N TYR B 38 -91.48 -30.19 77.48
CA TYR B 38 -90.11 -29.88 77.09
C TYR B 38 -89.52 -28.76 77.95
N PRO B 39 -88.20 -28.69 78.09
CA PRO B 39 -87.59 -27.61 78.88
C PRO B 39 -87.75 -26.27 78.19
N GLU B 40 -87.80 -25.22 79.00
CA GLU B 40 -87.98 -23.88 78.46
C GLU B 40 -86.69 -23.39 77.85
N GLY B 41 -86.81 -22.76 76.69
CA GLY B 41 -85.68 -22.49 75.81
C GLY B 41 -85.73 -23.30 74.54
N HIS B 42 -86.54 -24.34 74.49
CA HIS B 42 -86.63 -25.23 73.34
C HIS B 42 -88.09 -25.51 73.01
N LYS B 43 -88.86 -24.41 72.92
CA LYS B 43 -90.24 -24.47 72.43
C LYS B 43 -90.29 -25.00 70.99
N ALA B 44 -89.23 -24.81 70.24
CA ALA B 44 -89.02 -25.30 68.89
C ALA B 44 -88.88 -26.82 68.80
N ALA B 45 -89.12 -27.63 69.83
CA ALA B 45 -88.89 -29.07 69.74
C ALA B 45 -90.17 -29.89 69.63
N ALA B 46 -91.34 -29.29 69.82
CA ALA B 46 -92.60 -30.02 69.85
C ALA B 46 -93.21 -30.20 68.47
N VAL B 47 -92.40 -30.02 67.42
CA VAL B 47 -92.88 -30.03 66.05
C VAL B 47 -93.46 -31.39 65.70
N LEU B 48 -92.80 -32.46 66.12
CA LEU B 48 -93.28 -33.80 65.76
C LEU B 48 -94.60 -34.17 66.45
N PRO B 49 -94.79 -34.03 67.78
CA PRO B 49 -96.10 -34.40 68.32
C PRO B 49 -97.20 -33.42 67.98
N VAL B 50 -96.91 -32.11 67.88
CA VAL B 50 -97.94 -31.17 67.48
C VAL B 50 -98.37 -31.42 66.03
N LEU B 51 -97.41 -31.79 65.18
CA LEU B 51 -97.74 -32.04 63.79
C LEU B 51 -98.50 -33.35 63.63
N ASP B 52 -98.19 -34.33 64.49
CA ASP B 52 -99.00 -35.55 64.51
C ASP B 52 -100.42 -35.27 64.99
N LEU B 53 -100.57 -34.36 65.96
CA LEU B 53 -101.91 -33.96 66.38
C LEU B 53 -102.66 -33.30 65.24
N ALA B 54 -101.96 -32.52 64.43
CA ALA B 54 -102.58 -31.92 63.26
C ALA B 54 -103.03 -32.99 62.28
N GLN B 55 -102.23 -34.06 62.14
CA GLN B 55 -102.63 -35.14 61.24
C GLN B 55 -103.84 -35.88 61.77
N ARG B 56 -103.93 -36.04 63.10
CA ARG B 56 -105.09 -36.74 63.62
C ARG B 56 -106.31 -35.85 63.73
N GLN B 57 -106.12 -34.54 63.69
CA GLN B 57 -107.25 -33.63 63.70
C GLN B 57 -107.75 -33.35 62.29
N ASN B 58 -106.89 -33.54 61.29
CA ASN B 58 -107.29 -33.48 59.89
C ASN B 58 -106.49 -34.54 59.16
N GLY B 59 -107.20 -35.58 58.66
CA GLY B 59 -106.59 -36.87 58.35
C GLY B 59 -105.43 -36.81 57.39
N TRP B 60 -105.46 -35.88 56.45
CA TRP B 60 -104.28 -35.49 55.70
C TRP B 60 -103.98 -34.04 56.07
N LEU B 61 -102.75 -33.75 56.20
CA LEU B 61 -102.47 -32.40 56.69
C LEU B 61 -102.36 -31.44 55.53
N PRO B 62 -102.99 -30.29 55.59
CA PRO B 62 -102.79 -29.27 54.57
C PRO B 62 -101.53 -28.48 54.85
N ILE B 63 -101.23 -27.55 53.96
CA ILE B 63 -100.13 -26.65 54.20
C ILE B 63 -100.55 -25.49 55.11
N SER B 64 -101.85 -25.19 55.18
CA SER B 64 -102.32 -24.19 56.12
C SER B 64 -102.14 -24.65 57.56
N ALA B 65 -102.27 -25.96 57.80
CA ALA B 65 -101.89 -26.52 59.08
C ALA B 65 -100.40 -26.36 59.35
N MET B 66 -99.59 -26.48 58.31
CA MET B 66 -98.14 -26.35 58.50
C MET B 66 -97.77 -24.91 58.82
N ASN B 67 -98.40 -23.94 58.15
CA ASN B 67 -98.18 -22.55 58.51
C ASN B 67 -98.75 -22.21 59.88
N LYS B 68 -99.84 -22.85 60.31
CA LYS B 68 -100.40 -22.52 61.61
C LYS B 68 -99.56 -23.10 62.75
N VAL B 69 -99.04 -24.31 62.56
CA VAL B 69 -98.09 -24.86 63.52
C VAL B 69 -96.81 -24.04 63.55
N ALA B 70 -96.39 -23.51 62.40
CA ALA B 70 -95.24 -22.62 62.37
C ALA B 70 -95.52 -21.30 63.08
N GLU B 71 -96.76 -20.81 63.01
CA GLU B 71 -97.12 -19.61 63.74
C GLU B 71 -97.13 -19.84 65.24
N ILE B 72 -97.62 -21.01 65.67
CA ILE B 72 -97.71 -21.30 67.09
C ILE B 72 -96.33 -21.52 67.68
N LEU B 73 -95.56 -22.42 67.09
CA LEU B 73 -94.26 -22.78 67.64
C LEU B 73 -93.14 -21.85 67.22
N GLN B 74 -93.47 -20.68 66.65
CA GLN B 74 -92.57 -19.53 66.37
C GLN B 74 -91.27 -19.93 65.65
N VAL B 75 -91.34 -20.97 64.83
CA VAL B 75 -90.23 -21.36 63.98
C VAL B 75 -90.52 -20.88 62.56
N PRO B 76 -89.51 -20.66 61.72
CA PRO B 76 -89.78 -20.41 60.31
C PRO B 76 -90.32 -21.68 59.66
N PRO B 77 -91.19 -21.54 58.66
CA PRO B 77 -91.96 -22.71 58.20
C PRO B 77 -91.14 -23.77 57.48
N MET B 78 -89.95 -23.43 56.97
CA MET B 78 -89.15 -24.37 56.20
C MET B 78 -88.71 -25.57 57.02
N ARG B 79 -88.46 -25.36 58.31
CA ARG B 79 -88.15 -26.49 59.19
C ARG B 79 -89.37 -27.38 59.38
N VAL B 80 -90.57 -26.78 59.41
CA VAL B 80 -91.79 -27.57 59.51
C VAL B 80 -92.01 -28.37 58.23
N TYR B 81 -91.65 -27.80 57.07
CA TYR B 81 -91.78 -28.56 55.82
C TYR B 81 -90.76 -29.69 55.76
N GLU B 82 -89.55 -29.47 56.31
CA GLU B 82 -88.55 -30.52 56.43
C GLU B 82 -89.07 -31.71 57.21
N VAL B 83 -89.62 -31.43 58.40
CA VAL B 83 -90.12 -32.51 59.25
C VAL B 83 -91.31 -33.19 58.61
N ALA B 84 -92.18 -32.42 57.94
CA ALA B 84 -93.37 -32.99 57.34
C ALA B 84 -93.09 -33.75 56.06
N THR B 85 -91.95 -33.54 55.42
CA THR B 85 -91.62 -34.36 54.26
C THR B 85 -90.63 -35.46 54.57
N PHE B 86 -89.97 -35.41 55.73
CA PHE B 86 -88.97 -36.43 56.00
C PHE B 86 -89.61 -37.75 56.39
N TYR B 87 -90.54 -37.73 57.34
CA TYR B 87 -91.05 -38.96 57.93
C TYR B 87 -92.11 -39.59 57.03
N THR B 88 -92.75 -40.64 57.53
CA THR B 88 -93.66 -41.45 56.73
C THR B 88 -95.12 -41.37 57.16
N MET B 89 -95.40 -41.02 58.41
CA MET B 89 -96.78 -40.89 58.86
C MET B 89 -97.51 -39.77 58.15
N TYR B 90 -96.82 -38.72 57.79
CA TYR B 90 -97.49 -37.49 57.39
C TYR B 90 -97.80 -37.56 55.90
N ASN B 91 -99.05 -37.81 55.60
CA ASN B 91 -99.52 -38.01 54.24
C ASN B 91 -100.07 -36.69 53.71
N ARG B 92 -99.25 -36.03 52.88
CA ARG B 92 -99.61 -34.74 52.32
C ARG B 92 -100.64 -34.88 51.21
N LYS B 93 -100.71 -36.03 50.57
CA LYS B 93 -101.80 -36.28 49.64
C LYS B 93 -103.09 -36.47 50.40
N PRO B 94 -104.22 -36.02 49.87
CA PRO B 94 -105.50 -36.28 50.54
C PRO B 94 -105.85 -37.75 50.50
N VAL B 95 -106.05 -38.35 51.67
CA VAL B 95 -106.32 -39.78 51.75
C VAL B 95 -107.71 -39.98 52.34
N GLY B 96 -108.13 -41.24 52.41
CA GLY B 96 -109.43 -41.58 52.94
C GLY B 96 -109.40 -41.85 54.43
N LYS B 97 -110.52 -42.37 54.92
CA LYS B 97 -110.66 -42.67 56.34
C LYS B 97 -109.74 -43.83 56.73
N TYR B 98 -109.94 -44.99 56.13
CA TYR B 98 -109.10 -46.14 56.42
C TYR B 98 -107.92 -46.16 55.47
N HIS B 99 -106.75 -46.52 56.00
CA HIS B 99 -105.49 -46.50 55.26
C HIS B 99 -104.85 -47.87 55.40
N ILE B 100 -104.99 -48.69 54.36
CA ILE B 100 -104.49 -50.06 54.41
C ILE B 100 -103.01 -50.06 54.09
N GLN B 101 -102.21 -50.70 54.93
CA GLN B 101 -100.79 -50.87 54.69
C GLN B 101 -100.50 -52.35 54.72
N VAL B 102 -100.18 -52.90 53.56
CA VAL B 102 -99.64 -54.26 53.52
C VAL B 102 -98.17 -54.16 53.89
N CYS B 103 -97.81 -54.65 55.05
CA CYS B 103 -96.42 -54.64 55.47
C CYS B 103 -95.70 -55.86 54.92
N THR B 104 -94.64 -55.57 54.15
CA THR B 104 -93.93 -56.57 53.36
C THR B 104 -92.48 -56.14 53.11
N THR B 105 -91.54 -56.60 53.96
CA THR B 105 -90.18 -56.66 53.42
C THR B 105 -89.51 -58.02 53.41
N THR B 106 -88.88 -58.42 54.53
CA THR B 106 -88.15 -59.68 54.40
C THR B 106 -88.89 -60.92 54.87
N PRO B 107 -89.45 -61.02 56.11
CA PRO B 107 -90.12 -62.29 56.46
C PRO B 107 -91.51 -62.35 55.87
N CYS B 108 -92.08 -61.17 55.65
CA CYS B 108 -93.44 -61.08 55.15
C CYS B 108 -93.52 -61.52 53.71
N MET B 109 -92.56 -61.12 52.89
CA MET B 109 -92.49 -61.62 51.53
C MET B 109 -92.11 -63.10 51.52
N LEU B 110 -91.28 -63.51 52.47
CA LEU B 110 -90.83 -64.89 52.57
C LEU B 110 -91.94 -65.83 53.01
N ARG B 111 -93.02 -65.31 53.58
CA ARG B 111 -94.19 -66.10 53.94
C ARG B 111 -95.41 -65.66 53.14
N ASN B 112 -95.21 -65.47 51.83
CA ASN B 112 -96.26 -65.28 50.82
C ASN B 112 -97.08 -64.01 51.06
N SER B 113 -96.40 -62.88 51.00
CA SER B 113 -97.10 -61.59 51.08
C SER B 113 -97.93 -61.32 49.84
N ASP B 114 -97.54 -61.87 48.70
CA ASP B 114 -98.18 -61.55 47.44
C ASP B 114 -99.60 -62.09 47.37
N SER B 115 -99.90 -63.12 48.16
CA SER B 115 -101.28 -63.56 48.33
C SER B 115 -102.16 -62.43 48.86
N ILE B 116 -101.63 -61.65 49.80
CA ILE B 116 -102.45 -60.64 50.44
C ILE B 116 -102.59 -59.41 49.54
N LEU B 117 -101.51 -59.04 48.84
CA LEU B 117 -101.60 -57.95 47.87
C LEU B 117 -102.57 -58.29 46.76
N GLU B 118 -102.53 -59.52 46.26
CA GLU B 118 -103.46 -59.89 45.21
C GLU B 118 -104.88 -60.01 45.72
N ALA B 119 -105.07 -60.42 46.98
CA ALA B 119 -106.41 -60.49 47.55
C ALA B 119 -107.03 -59.10 47.69
N ILE B 120 -106.29 -58.16 48.28
CA ILE B 120 -106.78 -56.79 48.41
C ILE B 120 -106.93 -56.14 47.05
N GLN B 121 -106.08 -56.51 46.09
CA GLN B 121 -106.17 -55.97 44.74
C GLN B 121 -107.47 -56.38 44.07
N LYS B 122 -107.68 -57.69 43.87
CA LYS B 122 -108.85 -58.09 43.11
C LYS B 122 -110.11 -58.17 43.94
N LYS B 123 -110.07 -57.79 45.22
CA LYS B 123 -111.33 -57.52 45.91
C LYS B 123 -111.66 -56.04 45.95
N LEU B 124 -110.69 -55.19 46.27
CA LEU B 124 -110.94 -53.76 46.31
C LEU B 124 -111.05 -53.18 44.91
N GLY B 125 -110.20 -53.61 43.99
CA GLY B 125 -110.32 -53.21 42.60
C GLY B 125 -109.18 -52.34 42.11
N ILE B 126 -108.72 -51.44 42.94
CA ILE B 126 -107.72 -50.46 42.53
C ILE B 126 -106.32 -50.98 42.81
N LYS B 127 -105.35 -50.34 42.17
CA LYS B 127 -103.99 -50.84 42.18
C LYS B 127 -103.22 -50.33 43.40
N VAL B 128 -102.02 -50.88 43.57
CA VAL B 128 -101.19 -50.54 44.72
C VAL B 128 -100.63 -49.13 44.56
N GLY B 129 -100.32 -48.51 45.69
CA GLY B 129 -99.90 -47.11 45.66
C GLY B 129 -101.03 -46.11 45.53
N GLU B 130 -101.91 -46.30 44.55
CA GLU B 130 -103.01 -45.37 44.31
C GLU B 130 -104.14 -45.65 45.29
N THR B 131 -105.31 -45.08 45.03
CA THR B 131 -106.44 -45.26 45.90
C THR B 131 -107.70 -45.58 45.09
N THR B 132 -108.74 -45.91 45.84
CA THR B 132 -110.07 -46.21 45.36
C THR B 132 -110.76 -44.95 44.82
N PRO B 133 -111.77 -45.10 43.93
CA PRO B 133 -112.54 -43.92 43.51
C PRO B 133 -113.67 -43.55 44.45
N ASP B 134 -113.37 -43.60 45.74
CA ASP B 134 -114.13 -43.03 46.84
C ASP B 134 -113.14 -42.85 47.99
N LYS B 135 -113.64 -42.72 49.20
CA LYS B 135 -112.74 -42.56 50.33
C LYS B 135 -112.43 -43.92 50.94
N LEU B 136 -111.75 -43.90 52.09
CA LEU B 136 -111.58 -44.94 53.08
C LEU B 136 -110.90 -46.22 52.58
N PHE B 137 -110.27 -46.23 51.40
CA PHE B 137 -109.48 -47.40 51.03
C PHE B 137 -108.21 -47.03 50.29
N THR B 138 -107.43 -46.10 50.85
CA THR B 138 -106.08 -45.85 50.34
C THR B 138 -105.18 -47.03 50.69
N LEU B 139 -104.77 -47.80 49.69
CA LEU B 139 -103.91 -48.95 49.87
C LEU B 139 -102.48 -48.64 49.46
N ILE B 140 -101.52 -48.88 50.36
CA ILE B 140 -100.13 -48.92 49.97
C ILE B 140 -99.44 -50.11 50.64
N GLU B 141 -98.35 -50.53 50.01
CA GLU B 141 -97.44 -51.49 50.61
C GLU B 141 -96.33 -50.72 51.31
N VAL B 142 -95.96 -51.17 52.50
CA VAL B 142 -95.05 -50.44 53.34
C VAL B 142 -93.94 -51.35 53.81
N GLU B 143 -92.94 -50.72 54.41
CA GLU B 143 -91.75 -51.37 54.93
C GLU B 143 -92.10 -52.04 56.24
N CYS B 144 -91.10 -52.53 56.96
CA CYS B 144 -91.35 -53.33 58.15
C CYS B 144 -91.99 -52.55 59.28
N LEU B 145 -93.02 -53.13 59.87
CA LEU B 145 -93.70 -52.52 60.99
C LEU B 145 -93.19 -53.01 62.33
N GLY B 146 -92.45 -54.10 62.33
CA GLY B 146 -91.85 -54.59 63.55
C GLY B 146 -92.31 -55.98 63.90
N ALA B 147 -93.62 -56.20 63.87
CA ALA B 147 -94.17 -57.48 64.32
C ALA B 147 -93.95 -58.48 63.20
N CYS B 148 -92.75 -59.07 63.20
CA CYS B 148 -92.38 -60.01 62.16
C CYS B 148 -92.64 -61.46 62.51
N VAL B 149 -92.89 -61.78 63.78
CA VAL B 149 -93.11 -63.18 64.19
C VAL B 149 -94.48 -63.68 63.75
N ASN B 150 -95.24 -62.85 63.09
CA ASN B 150 -96.53 -63.21 62.55
C ASN B 150 -96.47 -63.04 61.04
N ALA B 151 -97.64 -63.14 60.40
CA ALA B 151 -97.82 -63.17 58.95
C ALA B 151 -97.37 -61.89 58.25
N PRO B 152 -97.30 -61.88 56.92
CA PRO B 152 -97.31 -60.59 56.21
C PRO B 152 -98.52 -59.78 56.61
N MET B 153 -98.27 -58.60 57.17
CA MET B 153 -99.29 -58.14 58.10
C MET B 153 -100.01 -56.91 57.57
N VAL B 154 -101.13 -56.59 58.21
CA VAL B 154 -102.01 -55.55 57.71
C VAL B 154 -102.15 -54.48 58.78
N GLN B 155 -101.77 -53.25 58.44
CA GLN B 155 -102.01 -52.11 59.31
C GLN B 155 -103.19 -51.32 58.77
N ILE B 156 -104.22 -51.17 59.59
CA ILE B 156 -105.22 -50.16 59.29
C ILE B 156 -104.95 -49.13 60.38
N ASN B 157 -105.72 -48.04 60.40
CA ASN B 157 -105.45 -46.91 61.29
C ASN B 157 -105.35 -47.29 62.75
N ASP B 158 -104.12 -47.23 63.26
CA ASP B 158 -103.75 -47.57 64.63
C ASP B 158 -104.11 -49.00 65.00
N ASN B 159 -104.15 -49.92 64.04
CA ASN B 159 -104.50 -51.30 64.33
C ASN B 159 -103.68 -52.26 63.49
N TYR B 160 -103.27 -53.35 64.10
CA TYR B 160 -102.53 -54.41 63.45
C TYR B 160 -103.40 -55.62 63.22
N TYR B 161 -103.07 -56.39 62.18
CA TYR B 161 -103.76 -57.63 61.87
C TYR B 161 -102.72 -58.65 61.43
N GLU B 162 -102.69 -59.78 62.15
CA GLU B 162 -101.58 -60.71 62.17
C GLU B 162 -102.12 -62.13 62.00
N ASP B 163 -101.23 -63.03 61.56
CA ASP B 163 -101.50 -64.46 61.35
C ASP B 163 -102.70 -64.66 60.44
N LEU B 164 -102.49 -64.27 59.19
CA LEU B 164 -103.55 -63.99 58.26
C LEU B 164 -104.03 -65.24 57.54
N THR B 165 -105.08 -65.03 56.76
CA THR B 165 -105.64 -65.93 55.76
C THR B 165 -106.49 -65.09 54.84
N PRO B 166 -106.66 -65.47 53.57
CA PRO B 166 -107.51 -64.67 52.68
C PRO B 166 -108.96 -64.58 53.11
N LYS B 167 -109.51 -65.58 53.80
CA LYS B 167 -110.93 -65.51 54.13
C LYS B 167 -111.21 -64.52 55.26
N ASP B 168 -110.32 -64.43 56.25
CA ASP B 168 -110.52 -63.42 57.29
C ASP B 168 -110.15 -62.04 56.77
N ILE B 169 -109.30 -61.97 55.75
CA ILE B 169 -109.12 -60.73 54.99
C ILE B 169 -110.43 -60.31 54.34
N GLU B 170 -111.16 -61.26 53.74
CA GLU B 170 -112.46 -60.94 53.16
C GLU B 170 -113.46 -60.49 54.21
N GLU B 171 -113.37 -61.08 55.41
CA GLU B 171 -114.20 -60.62 56.53
C GLU B 171 -113.83 -59.19 56.93
N ILE B 172 -112.54 -58.87 56.96
CA ILE B 172 -112.09 -57.51 57.26
C ILE B 172 -112.59 -56.52 56.22
N ILE B 173 -112.55 -56.93 54.95
CA ILE B 173 -112.99 -56.07 53.85
C ILE B 173 -114.49 -55.77 53.95
N ASP B 174 -115.31 -56.81 54.12
CA ASP B 174 -116.76 -56.60 54.18
C ASP B 174 -117.17 -55.88 55.46
N GLU B 175 -116.48 -56.13 56.57
CA GLU B 175 -116.83 -55.48 57.83
C GLU B 175 -116.31 -54.06 57.91
N LEU B 176 -115.30 -53.71 57.11
CA LEU B 176 -114.94 -52.30 56.97
C LEU B 176 -115.84 -51.57 56.00
N LYS B 177 -116.36 -52.28 55.01
CA LYS B 177 -117.39 -51.67 54.15
C LYS B 177 -118.66 -51.38 54.94
N ALA B 178 -119.07 -52.29 55.80
CA ALA B 178 -120.26 -52.04 56.62
C ALA B 178 -119.95 -51.06 57.75
N GLY B 179 -118.93 -51.36 58.55
CA GLY B 179 -118.61 -50.49 59.67
C GLY B 179 -118.22 -51.20 60.96
N LYS B 180 -118.08 -52.53 60.90
CA LYS B 180 -117.65 -53.31 62.05
C LYS B 180 -116.12 -53.37 62.06
N ILE B 181 -115.50 -52.73 63.04
CA ILE B 181 -114.05 -52.77 63.20
C ILE B 181 -113.69 -53.99 64.05
N PRO B 182 -112.95 -54.94 63.51
CA PRO B 182 -112.68 -56.17 64.28
C PRO B 182 -111.61 -55.98 65.34
N LYS B 183 -111.20 -57.11 65.94
CA LYS B 183 -110.30 -57.06 67.09
C LYS B 183 -108.88 -56.65 66.65
N PRO B 184 -108.10 -56.06 67.57
CA PRO B 184 -106.71 -55.76 67.24
C PRO B 184 -105.82 -56.99 67.20
N GLY B 185 -106.26 -58.11 67.75
CA GLY B 185 -105.41 -59.26 67.90
C GLY B 185 -105.22 -60.01 66.59
N PRO B 186 -104.36 -61.03 66.64
CA PRO B 186 -104.08 -61.85 65.47
C PRO B 186 -105.24 -62.80 65.19
N ARG B 187 -105.07 -63.63 64.17
CA ARG B 187 -106.09 -64.59 63.78
C ARG B 187 -105.52 -66.01 63.85
N SER B 188 -106.39 -66.97 63.58
CA SER B 188 -106.08 -68.40 63.47
C SER B 188 -105.39 -68.93 64.73
N GLY B 189 -105.93 -68.58 65.88
CA GLY B 189 -105.36 -68.99 67.15
C GLY B 189 -104.10 -68.23 67.49
N ARG B 190 -103.54 -68.57 68.65
CA ARG B 190 -102.39 -67.93 69.30
C ARG B 190 -102.58 -66.40 69.37
N PHE B 191 -103.48 -66.03 70.28
CA PHE B 191 -103.92 -64.66 70.51
C PHE B 191 -102.85 -63.59 70.75
N SER B 192 -101.59 -63.97 70.91
CA SER B 192 -100.48 -63.01 70.98
C SER B 192 -99.27 -63.66 70.34
N CYS B 193 -98.08 -63.16 70.63
CA CYS B 193 -96.87 -63.86 70.20
C CYS B 193 -96.69 -65.13 71.02
N GLU B 194 -96.94 -66.28 70.41
CA GLU B 194 -96.91 -67.53 71.13
C GLU B 194 -96.13 -68.58 70.37
N PRO B 195 -95.40 -69.43 71.06
CA PRO B 195 -95.16 -70.76 70.52
C PRO B 195 -96.49 -71.48 70.57
N ALA B 196 -97.14 -71.68 69.42
CA ALA B 196 -98.56 -72.02 69.38
C ALA B 196 -98.82 -73.51 69.52
N GLY B 197 -97.92 -74.24 70.17
CA GLY B 197 -98.19 -75.62 70.52
C GLY B 197 -98.63 -75.72 71.97
N GLY B 198 -97.70 -76.12 72.83
CA GLY B 198 -98.04 -76.45 74.20
C GLY B 198 -97.15 -75.86 75.28
N LEU B 199 -96.72 -74.61 75.12
CA LEU B 199 -95.97 -73.85 76.13
C LEU B 199 -94.64 -74.53 76.46
N THR B 200 -93.73 -74.44 75.51
CA THR B 200 -92.32 -74.73 75.82
C THR B 200 -91.68 -73.61 76.63
N SER B 201 -92.35 -72.46 76.76
CA SER B 201 -91.92 -71.36 77.62
C SER B 201 -92.33 -71.63 79.07
N LEU B 202 -92.28 -70.60 79.90
CA LEU B 202 -92.43 -70.78 81.34
C LEU B 202 -93.83 -71.21 81.73
N THR B 203 -93.91 -72.12 82.71
CA THR B 203 -95.17 -72.72 83.13
C THR B 203 -95.54 -72.39 84.56
N GLU B 204 -94.59 -72.34 85.47
CA GLU B 204 -94.94 -72.11 86.86
C GLU B 204 -95.18 -70.63 87.12
N PRO B 205 -96.15 -70.29 87.96
CA PRO B 205 -96.36 -68.89 88.33
C PRO B 205 -95.25 -68.39 89.24
N PRO B 206 -94.60 -67.29 88.86
CA PRO B 206 -93.42 -66.85 89.61
C PRO B 206 -93.77 -66.27 90.96
N LYS B 207 -92.79 -66.35 91.88
CA LYS B 207 -93.03 -66.01 93.27
C LYS B 207 -92.89 -64.51 93.51
N GLY B 208 -91.69 -63.98 93.32
CA GLY B 208 -91.46 -62.55 93.46
C GLY B 208 -90.78 -62.17 94.77
N PRO B 209 -91.54 -61.58 95.69
CA PRO B 209 -90.97 -61.19 96.99
C PRO B 209 -90.89 -62.31 98.01
N GLY B 210 -91.09 -63.56 97.60
CA GLY B 210 -91.09 -64.67 98.53
C GLY B 210 -89.93 -65.63 98.38
N PHE B 211 -88.98 -65.33 97.49
CA PHE B 211 -87.78 -66.12 97.37
C PHE B 211 -86.55 -65.24 97.56
N GLY B 212 -85.37 -65.81 97.30
CA GLY B 212 -84.13 -65.15 97.60
C GLY B 212 -83.86 -63.96 96.70
N VAL B 213 -83.59 -62.81 97.30
CA VAL B 213 -83.06 -61.64 96.62
C VAL B 213 -81.74 -61.29 97.28
N GLN B 214 -80.98 -60.40 96.66
CA GLN B 214 -79.62 -60.12 97.11
C GLN B 214 -79.59 -58.73 97.73
N ALA B 215 -79.81 -58.68 99.06
CA ALA B 215 -79.62 -57.49 99.90
C ALA B 215 -80.47 -56.30 99.44
N GLY B 216 -81.72 -56.57 99.08
CA GLY B 216 -82.61 -55.52 98.62
C GLY B 216 -83.90 -56.02 98.01
N SER C 6 -48.45 -25.69 77.65
CA SER C 6 -49.11 -24.40 77.47
C SER C 6 -49.84 -24.32 76.15
N ASN C 7 -50.74 -25.29 75.94
CA ASN C 7 -51.67 -25.34 74.81
C ASN C 7 -50.93 -25.41 73.46
N LEU C 8 -49.98 -26.32 73.37
CA LEU C 8 -49.30 -26.62 72.12
C LEU C 8 -49.21 -28.13 71.99
N ILE C 9 -49.94 -28.69 71.05
CA ILE C 9 -50.14 -30.14 70.95
C ILE C 9 -49.33 -30.65 69.77
N GLU C 10 -48.80 -31.87 69.89
CA GLU C 10 -47.87 -32.42 68.91
C GLU C 10 -48.61 -33.24 67.86
N VAL C 11 -48.45 -32.87 66.59
CA VAL C 11 -48.81 -33.82 65.56
C VAL C 11 -47.62 -34.04 64.65
N PHE C 12 -47.62 -35.19 64.00
CA PHE C 12 -46.60 -35.60 63.05
C PHE C 12 -47.31 -35.74 61.71
N VAL C 13 -47.23 -34.71 60.88
CA VAL C 13 -47.66 -34.82 59.50
C VAL C 13 -46.52 -35.50 58.76
N ASP C 14 -46.70 -36.79 58.45
CA ASP C 14 -45.74 -37.64 57.73
C ASP C 14 -44.37 -37.70 58.42
N GLY C 15 -44.34 -37.51 59.73
CA GLY C 15 -43.11 -37.48 60.47
C GLY C 15 -42.64 -36.08 60.86
N GLN C 16 -43.08 -35.05 60.16
CA GLN C 16 -42.73 -33.70 60.55
C GLN C 16 -43.60 -33.27 61.72
N SER C 17 -42.97 -32.88 62.82
CA SER C 17 -43.71 -32.37 63.97
C SER C 17 -44.21 -30.97 63.71
N VAL C 18 -45.36 -30.64 64.29
CA VAL C 18 -45.79 -29.25 64.39
C VAL C 18 -46.69 -29.12 65.62
N MET C 19 -46.74 -27.89 66.14
CA MET C 19 -47.45 -27.53 67.35
C MET C 19 -48.79 -26.90 67.01
N VAL C 20 -49.84 -27.39 67.67
CA VAL C 20 -51.22 -27.12 67.29
C VAL C 20 -51.93 -26.45 68.46
N GLU C 21 -52.82 -25.51 68.14
CA GLU C 21 -53.76 -24.95 69.09
C GLU C 21 -54.67 -26.03 69.66
N PRO C 22 -55.14 -25.87 70.90
CA PRO C 22 -56.04 -26.87 71.48
C PRO C 22 -57.45 -26.73 70.92
N GLY C 23 -58.11 -27.86 70.73
CA GLY C 23 -59.48 -27.85 70.25
C GLY C 23 -59.65 -27.34 68.84
N THR C 24 -58.71 -27.68 67.96
CA THR C 24 -58.82 -27.36 66.55
C THR C 24 -58.81 -28.65 65.74
N THR C 25 -59.05 -28.54 64.45
CA THR C 25 -59.23 -29.71 63.61
C THR C 25 -57.91 -30.19 63.05
N VAL C 26 -57.96 -31.35 62.41
CA VAL C 26 -56.83 -31.86 61.67
C VAL C 26 -56.55 -30.99 60.45
N LEU C 27 -57.62 -30.52 59.82
CA LEU C 27 -57.51 -29.84 58.54
C LEU C 27 -56.80 -28.50 58.68
N GLN C 28 -57.02 -27.80 59.79
CA GLN C 28 -56.32 -26.54 60.03
C GLN C 28 -54.83 -26.78 60.24
N ALA C 29 -54.47 -27.92 60.85
CA ALA C 29 -53.05 -28.24 61.02
C ALA C 29 -52.41 -28.61 59.68
N CYS C 30 -53.14 -29.34 58.84
CA CYS C 30 -52.59 -29.69 57.54
C CYS C 30 -52.45 -28.46 56.63
N GLU C 31 -53.37 -27.50 56.73
CA GLU C 31 -53.16 -26.24 56.04
C GLU C 31 -52.06 -25.42 56.67
N LYS C 32 -51.78 -25.64 57.95
CA LYS C 32 -50.68 -24.92 58.59
C LYS C 32 -49.33 -25.41 58.09
N VAL C 33 -49.19 -26.72 57.87
CA VAL C 33 -47.88 -27.22 57.46
C VAL C 33 -47.64 -27.19 55.96
N GLY C 34 -48.68 -27.08 55.13
CA GLY C 34 -48.46 -27.02 53.71
C GLY C 34 -49.37 -27.87 52.86
N MET C 35 -49.92 -28.94 53.44
CA MET C 35 -50.83 -29.79 52.71
C MET C 35 -52.18 -29.12 52.50
N GLN C 36 -52.95 -29.67 51.58
CA GLN C 36 -54.40 -29.50 51.53
C GLN C 36 -55.04 -30.86 51.38
N ILE C 37 -56.00 -31.15 52.23
CA ILE C 37 -56.91 -32.28 52.01
C ILE C 37 -58.05 -31.79 51.12
N PRO C 38 -58.44 -32.54 50.08
CA PRO C 38 -59.57 -32.09 49.26
C PRO C 38 -60.88 -32.13 50.04
N ARG C 39 -61.66 -31.06 49.90
CA ARG C 39 -62.78 -30.84 50.78
C ARG C 39 -63.95 -30.21 50.04
N PHE C 40 -65.17 -30.64 50.37
CA PHE C 40 -66.35 -30.07 49.75
C PHE C 40 -67.27 -29.37 50.75
N CYS C 41 -67.80 -30.08 51.74
CA CYS C 41 -68.85 -29.46 52.53
C CYS C 41 -68.30 -28.51 53.57
N TYR C 42 -67.01 -28.57 53.85
CA TYR C 42 -66.39 -27.60 54.71
C TYR C 42 -66.23 -26.28 53.99
N HIS C 43 -66.34 -25.18 54.76
CA HIS C 43 -65.98 -23.87 54.25
C HIS C 43 -65.65 -22.98 55.44
N GLU C 44 -64.60 -22.17 55.29
CA GLU C 44 -64.03 -21.52 56.45
C GLU C 44 -64.85 -20.35 56.97
N ARG C 45 -65.86 -19.90 56.26
CA ARG C 45 -66.78 -18.94 56.83
C ARG C 45 -68.11 -19.55 57.19
N LEU C 46 -68.18 -20.88 57.21
CA LEU C 46 -69.42 -21.58 57.52
C LEU C 46 -69.17 -22.57 58.64
N SER C 47 -70.24 -22.94 59.33
CA SER C 47 -70.11 -23.89 60.41
C SER C 47 -69.88 -25.29 59.86
N VAL C 48 -69.16 -26.09 60.62
CA VAL C 48 -68.63 -27.35 60.10
C VAL C 48 -69.74 -28.38 60.04
N ALA C 49 -69.88 -29.04 58.90
CA ALA C 49 -70.73 -30.21 58.77
C ALA C 49 -69.89 -31.36 58.27
N GLY C 50 -70.39 -32.57 58.48
CA GLY C 50 -69.62 -33.72 58.08
C GLY C 50 -70.25 -34.43 56.90
N ASN C 51 -70.77 -33.66 55.95
CA ASN C 51 -71.60 -34.24 54.92
C ASN C 51 -70.79 -34.93 53.84
N CYS C 52 -69.78 -34.23 53.30
CA CYS C 52 -69.27 -34.59 51.98
C CYS C 52 -68.47 -35.87 51.99
N ARG C 53 -67.87 -36.20 53.13
CA ARG C 53 -67.03 -37.38 53.32
C ARG C 53 -65.90 -37.40 52.28
N MET C 54 -65.26 -36.25 52.12
CA MET C 54 -64.06 -36.19 51.31
C MET C 54 -62.84 -35.81 52.14
N CYS C 55 -63.04 -35.28 53.34
CA CYS C 55 -61.91 -34.88 54.16
C CYS C 55 -61.19 -36.04 54.83
N LEU C 56 -61.43 -37.27 54.39
CA LEU C 56 -60.90 -38.46 55.03
C LEU C 56 -59.38 -38.53 54.95
N VAL C 57 -58.78 -39.12 55.98
CA VAL C 57 -57.35 -39.34 56.05
C VAL C 57 -57.15 -40.45 57.07
N GLU C 58 -56.02 -41.12 57.01
CA GLU C 58 -55.74 -42.25 57.89
C GLU C 58 -54.90 -41.78 59.08
N ILE C 59 -55.35 -42.12 60.28
CA ILE C 59 -54.58 -41.94 61.50
C ILE C 59 -53.97 -43.29 61.86
N GLU C 60 -52.68 -43.29 62.18
CA GLU C 60 -51.94 -44.51 62.48
C GLU C 60 -52.45 -45.16 63.77
N LYS C 61 -52.22 -46.49 63.84
CA LYS C 61 -52.58 -47.35 64.97
C LYS C 61 -54.08 -47.30 65.27
N ALA C 62 -54.89 -47.29 64.22
CA ALA C 62 -56.34 -47.35 64.32
C ALA C 62 -56.89 -47.87 63.00
N PRO C 63 -57.85 -48.78 63.02
CA PRO C 63 -58.37 -49.34 61.77
C PRO C 63 -59.28 -48.37 61.01
N LYS C 64 -60.11 -47.64 61.73
CA LYS C 64 -61.13 -46.82 61.10
C LYS C 64 -60.52 -45.57 60.50
N VAL C 65 -60.88 -45.27 59.25
CA VAL C 65 -60.52 -44.01 58.63
C VAL C 65 -61.52 -42.97 59.10
N VAL C 66 -61.03 -41.90 59.72
CA VAL C 66 -61.90 -40.92 60.34
C VAL C 66 -61.94 -39.67 59.48
N ALA C 67 -62.98 -38.86 59.69
CA ALA C 67 -63.08 -37.59 59.00
C ALA C 67 -62.13 -36.59 59.63
N ALA C 68 -61.74 -35.60 58.84
CA ALA C 68 -60.80 -34.60 59.33
C ALA C 68 -61.29 -33.19 59.06
N CYS C 69 -62.58 -33.00 58.86
CA CYS C 69 -63.12 -31.67 58.95
C CYS C 69 -63.58 -31.35 60.35
N ALA C 70 -63.83 -32.37 61.17
CA ALA C 70 -64.40 -32.19 62.50
C ALA C 70 -63.81 -33.14 63.53
N MET C 71 -62.60 -33.63 63.31
CA MET C 71 -61.87 -34.34 64.35
C MET C 71 -61.05 -33.35 65.16
N PRO C 72 -61.35 -33.15 66.44
CA PRO C 72 -60.46 -32.32 67.26
C PRO C 72 -59.18 -33.06 67.56
N VAL C 73 -58.09 -32.31 67.57
CA VAL C 73 -56.74 -32.87 67.65
C VAL C 73 -56.47 -33.27 69.10
N MET C 74 -56.48 -34.57 69.36
CA MET C 74 -55.95 -35.09 70.61
C MET C 74 -54.43 -35.16 70.54
N LYS C 75 -53.82 -35.63 71.63
CA LYS C 75 -52.39 -35.50 71.81
C LYS C 75 -51.62 -36.50 70.95
N GLY C 76 -50.60 -36.01 70.27
CA GLY C 76 -49.61 -36.86 69.64
C GLY C 76 -50.13 -37.64 68.46
N TRP C 77 -50.44 -36.96 67.37
CA TRP C 77 -50.92 -37.70 66.21
C TRP C 77 -49.80 -38.01 65.24
N ASN C 78 -50.11 -38.88 64.28
CA ASN C 78 -49.27 -39.11 63.12
C ASN C 78 -50.20 -39.40 61.96
N ILE C 79 -50.25 -38.49 60.99
CA ILE C 79 -51.31 -38.43 59.99
C ILE C 79 -50.78 -38.93 58.66
N LEU C 80 -51.47 -39.90 58.07
CA LEU C 80 -51.06 -40.52 56.81
C LEU C 80 -51.84 -39.90 55.66
N THR C 81 -51.33 -38.81 55.12
CA THR C 81 -51.98 -38.21 53.96
C THR C 81 -51.55 -38.86 52.66
N ASN C 82 -50.59 -39.78 52.69
CA ASN C 82 -50.07 -40.41 51.49
C ASN C 82 -49.88 -41.90 51.69
N SER C 83 -50.80 -42.52 52.42
CA SER C 83 -50.78 -43.96 52.59
C SER C 83 -51.55 -44.61 51.45
N GLU C 84 -51.85 -45.89 51.58
CA GLU C 84 -52.57 -46.56 50.51
C GLU C 84 -54.06 -46.39 50.64
N LYS C 85 -54.63 -46.72 51.81
CA LYS C 85 -56.07 -46.70 51.94
C LYS C 85 -56.64 -45.29 52.00
N THR C 86 -55.80 -44.28 52.29
CA THR C 86 -56.23 -42.90 52.17
C THR C 86 -56.58 -42.57 50.73
N LYS C 87 -55.68 -42.86 49.81
CA LYS C 87 -55.96 -42.66 48.40
C LYS C 87 -57.04 -43.61 47.90
N LYS C 88 -57.16 -44.80 48.49
CA LYS C 88 -58.22 -45.70 48.06
C LYS C 88 -59.60 -45.20 48.49
N ALA C 89 -59.71 -44.61 49.68
CA ALA C 89 -60.97 -44.04 50.13
C ALA C 89 -61.32 -42.81 49.31
N ARG C 90 -60.33 -41.98 48.99
CA ARG C 90 -60.58 -40.82 48.13
C ARG C 90 -61.03 -41.23 46.74
N GLU C 91 -60.43 -42.30 46.19
CA GLU C 91 -60.87 -42.83 44.90
C GLU C 91 -62.30 -43.34 44.97
N GLY C 92 -62.65 -44.03 46.06
CA GLY C 92 -63.99 -44.55 46.19
C GLY C 92 -65.05 -43.47 46.28
N VAL C 93 -64.77 -42.43 47.06
CA VAL C 93 -65.77 -41.39 47.20
C VAL C 93 -65.85 -40.54 45.94
N MET C 94 -64.73 -40.34 45.24
CA MET C 94 -64.81 -39.65 43.95
C MET C 94 -65.54 -40.49 42.92
N GLU C 95 -65.53 -41.82 43.08
CA GLU C 95 -66.37 -42.63 42.23
C GLU C 95 -67.84 -42.48 42.61
N PHE C 96 -68.13 -42.28 43.90
CA PHE C 96 -69.53 -42.15 44.28
C PHE C 96 -70.12 -40.81 43.92
N LEU C 97 -69.35 -39.73 44.05
CA LEU C 97 -69.90 -38.41 43.76
C LEU C 97 -70.16 -38.17 42.29
N LEU C 98 -69.50 -38.91 41.41
CA LEU C 98 -69.73 -38.76 39.99
C LEU C 98 -70.71 -39.78 39.46
N ALA C 99 -71.28 -40.60 40.34
CA ALA C 99 -72.31 -41.52 39.92
C ALA C 99 -73.58 -40.79 39.52
N ASN C 100 -74.17 -40.07 40.46
CA ASN C 100 -75.37 -39.28 40.15
C ASN C 100 -75.00 -37.80 39.97
N HIS C 101 -74.26 -37.53 38.89
CA HIS C 101 -73.95 -36.18 38.46
C HIS C 101 -73.92 -36.27 36.94
N PRO C 102 -74.67 -35.43 36.25
CA PRO C 102 -75.01 -35.71 34.86
C PRO C 102 -74.00 -35.10 33.90
N LEU C 103 -74.23 -35.36 32.61
CA LEU C 103 -73.32 -34.99 31.54
C LEU C 103 -73.64 -33.59 31.04
N ASP C 104 -73.25 -32.61 31.83
CA ASP C 104 -73.58 -31.24 31.48
C ASP C 104 -72.35 -30.35 31.43
N CYS C 105 -71.17 -30.94 31.43
CA CYS C 105 -69.93 -30.18 31.46
C CYS C 105 -69.67 -29.29 30.23
N PRO C 106 -70.25 -29.55 29.06
CA PRO C 106 -70.36 -28.45 28.12
C PRO C 106 -71.26 -27.31 28.58
N ILE C 107 -72.54 -27.57 28.81
CA ILE C 107 -73.49 -26.46 28.97
C ILE C 107 -73.55 -25.96 30.39
N CYS C 108 -72.60 -26.37 31.22
CA CYS C 108 -72.52 -25.82 32.54
C CYS C 108 -71.97 -24.41 32.47
N ASP C 109 -72.09 -23.68 33.57
CA ASP C 109 -71.49 -22.36 33.66
C ASP C 109 -70.15 -22.39 34.36
N GLN C 110 -69.70 -23.56 34.77
CA GLN C 110 -68.53 -23.69 35.62
C GLN C 110 -67.55 -24.65 35.01
N GLY C 111 -67.20 -24.42 33.75
CA GLY C 111 -66.21 -25.23 33.08
C GLY C 111 -64.86 -25.29 33.77
N GLY C 112 -64.19 -24.17 33.90
CA GLY C 112 -62.90 -24.19 34.55
C GLY C 112 -62.97 -24.26 36.06
N GLU C 113 -64.12 -23.90 36.65
CA GLU C 113 -64.19 -23.63 38.07
C GLU C 113 -65.08 -24.61 38.82
N CYS C 114 -65.45 -25.72 38.20
CA CYS C 114 -66.11 -26.77 38.96
C CYS C 114 -65.11 -27.43 39.90
N ASP C 115 -65.54 -27.70 41.12
CA ASP C 115 -64.68 -28.45 42.01
C ASP C 115 -64.55 -29.89 41.61
N LEU C 116 -65.63 -30.48 41.09
CA LEU C 116 -65.63 -31.91 40.82
C LEU C 116 -64.65 -32.28 39.73
N GLN C 117 -64.46 -31.40 38.75
CA GLN C 117 -63.56 -31.73 37.66
C GLN C 117 -62.11 -31.75 38.13
N ASP C 118 -61.72 -30.73 38.91
CA ASP C 118 -60.35 -30.66 39.38
C ASP C 118 -60.04 -31.77 40.36
N GLN C 119 -60.94 -32.01 41.30
CA GLN C 119 -60.64 -33.07 42.25
C GLN C 119 -60.81 -34.45 41.65
N SER C 120 -61.60 -34.59 40.58
CA SER C 120 -61.70 -35.88 39.92
C SER C 120 -60.45 -36.21 39.14
N MET C 121 -59.84 -35.22 38.49
CA MET C 121 -58.54 -35.48 37.87
C MET C 121 -57.48 -35.74 38.90
N MET C 122 -57.34 -34.85 39.88
CA MET C 122 -56.17 -34.96 40.73
C MET C 122 -56.30 -35.98 41.83
N PHE C 123 -57.49 -36.54 42.05
CA PHE C 123 -57.65 -37.42 43.19
C PHE C 123 -58.43 -38.68 42.91
N GLY C 124 -59.15 -38.78 41.79
CA GLY C 124 -60.08 -39.86 41.57
C GLY C 124 -59.66 -40.79 40.45
N SER C 125 -60.58 -41.68 40.10
CA SER C 125 -60.31 -42.71 39.12
C SER C 125 -60.30 -42.14 37.71
N ASP C 126 -59.98 -42.99 36.74
CA ASP C 126 -60.00 -42.60 35.35
C ASP C 126 -61.21 -43.15 34.60
N ARG C 127 -61.61 -44.37 34.93
CA ARG C 127 -62.73 -45.03 34.26
C ARG C 127 -63.89 -45.09 35.24
N SER C 128 -65.09 -44.95 34.71
CA SER C 128 -66.29 -45.00 35.53
C SER C 128 -66.87 -46.41 35.52
N ARG C 129 -67.88 -46.59 36.36
CA ARG C 129 -68.64 -47.83 36.48
C ARG C 129 -70.10 -47.41 36.55
N PHE C 130 -70.97 -48.32 37.02
CA PHE C 130 -72.39 -48.03 37.25
C PHE C 130 -73.08 -47.66 35.93
N LEU C 131 -73.21 -48.70 35.11
CA LEU C 131 -73.61 -48.53 33.72
C LEU C 131 -75.02 -47.99 33.57
N GLU C 132 -75.91 -48.29 34.51
CA GLU C 132 -77.32 -47.93 34.41
C GLU C 132 -77.63 -46.78 35.37
N GLY C 133 -78.90 -46.42 35.45
CA GLY C 133 -79.41 -45.63 36.59
C GLY C 133 -79.37 -44.13 36.33
N LYS C 134 -78.67 -43.40 37.23
CA LYS C 134 -78.44 -41.96 37.16
C LYS C 134 -79.72 -41.12 37.18
N ARG C 135 -80.32 -40.99 38.38
CA ARG C 135 -81.51 -40.20 38.64
C ARG C 135 -81.47 -38.76 38.13
N ALA C 136 -82.63 -38.14 37.99
CA ALA C 136 -82.74 -36.75 37.58
C ALA C 136 -83.70 -36.00 38.49
N VAL C 137 -83.42 -34.72 38.70
CA VAL C 137 -84.17 -33.88 39.62
C VAL C 137 -84.73 -32.70 38.84
N GLU C 138 -86.00 -32.43 39.01
CA GLU C 138 -86.60 -31.27 38.36
C GLU C 138 -86.13 -30.00 39.04
N ASP C 139 -85.90 -28.95 38.24
CA ASP C 139 -85.33 -27.72 38.74
C ASP C 139 -86.39 -26.82 39.39
N LYS C 140 -85.90 -25.84 40.14
CA LYS C 140 -86.74 -24.82 40.77
C LYS C 140 -86.44 -23.46 40.17
N ASN C 141 -87.10 -22.45 40.72
CA ASN C 141 -86.98 -21.07 40.27
C ASN C 141 -86.89 -20.15 41.49
N ILE C 142 -85.66 -19.94 41.96
CA ILE C 142 -85.40 -19.14 43.14
C ILE C 142 -85.73 -17.68 42.87
N GLY C 143 -85.46 -17.21 41.67
CA GLY C 143 -85.74 -15.84 41.30
C GLY C 143 -85.16 -15.58 39.93
N PRO C 144 -85.23 -14.32 39.47
CA PRO C 144 -84.62 -13.98 38.18
C PRO C 144 -83.13 -13.79 38.25
N LEU C 145 -82.53 -13.79 39.42
CA LEU C 145 -81.10 -13.61 39.52
C LEU C 145 -80.35 -14.92 39.54
N VAL C 146 -80.98 -15.98 40.01
CA VAL C 146 -80.29 -17.22 40.31
C VAL C 146 -80.85 -18.28 39.38
N LYS C 147 -80.11 -18.60 38.32
CA LYS C 147 -80.45 -19.78 37.54
C LYS C 147 -80.13 -21.02 38.35
N THR C 148 -81.05 -21.98 38.32
CA THR C 148 -81.00 -23.11 39.22
C THR C 148 -81.23 -24.38 38.43
N ILE C 149 -80.22 -25.21 38.35
CA ILE C 149 -80.34 -26.54 37.77
C ILE C 149 -79.99 -27.51 38.89
N MET C 150 -81.01 -28.01 39.58
CA MET C 150 -80.74 -28.87 40.72
C MET C 150 -80.38 -30.28 40.35
N THR C 151 -80.25 -30.62 39.07
CA THR C 151 -79.74 -31.93 38.73
C THR C 151 -78.26 -32.03 39.04
N ARG C 152 -77.53 -30.94 38.85
CA ARG C 152 -76.11 -30.93 39.16
C ARG C 152 -75.81 -30.85 40.65
N CYS C 153 -76.82 -30.67 41.49
CA CYS C 153 -76.62 -30.51 42.92
C CYS C 153 -76.09 -31.79 43.55
N ILE C 154 -74.93 -31.70 44.20
CA ILE C 154 -74.28 -32.88 44.74
C ILE C 154 -74.75 -33.13 46.15
N GLN C 155 -75.79 -32.40 46.57
CA GLN C 155 -76.46 -32.55 47.86
C GLN C 155 -75.48 -32.33 48.99
N CYS C 156 -74.68 -31.28 48.85
CA CYS C 156 -73.55 -31.10 49.74
C CYS C 156 -73.92 -30.38 51.02
N THR C 157 -75.05 -29.68 51.01
CA THR C 157 -75.50 -28.80 52.09
C THR C 157 -74.40 -27.80 52.46
N ARG C 158 -74.12 -26.93 51.49
CA ARG C 158 -73.36 -25.72 51.78
C ARG C 158 -74.23 -24.48 51.71
N CYS C 159 -75.20 -24.44 50.80
CA CYS C 159 -76.02 -23.24 50.67
C CYS C 159 -77.01 -23.10 51.81
N ILE C 160 -77.44 -24.21 52.39
CA ILE C 160 -78.44 -24.19 53.46
C ILE C 160 -77.87 -23.60 54.73
N ARG C 161 -76.68 -24.07 55.12
CA ARG C 161 -76.02 -23.54 56.32
C ARG C 161 -75.71 -22.07 56.16
N PHE C 162 -75.35 -21.66 54.95
CA PHE C 162 -75.07 -20.27 54.67
C PHE C 162 -76.31 -19.41 54.82
N ALA C 163 -77.43 -19.85 54.24
CA ALA C 163 -78.68 -19.11 54.36
C ALA C 163 -79.11 -19.01 55.82
N SER C 164 -79.13 -20.14 56.52
CA SER C 164 -79.68 -20.19 57.87
C SER C 164 -78.76 -19.58 58.92
N GLU C 165 -77.50 -19.35 58.59
CA GLU C 165 -76.62 -18.76 59.59
C GLU C 165 -76.16 -17.35 59.29
N ILE C 166 -76.18 -16.91 58.03
CA ILE C 166 -75.80 -15.55 57.68
C ILE C 166 -76.96 -14.79 57.07
N ALA C 167 -77.71 -15.41 56.17
CA ALA C 167 -78.88 -14.74 55.65
C ALA C 167 -80.01 -14.80 56.65
N GLY C 168 -80.15 -15.92 57.36
CA GLY C 168 -81.19 -16.09 58.36
C GLY C 168 -82.59 -16.17 57.80
N VAL C 169 -82.74 -16.33 56.49
CA VAL C 169 -84.05 -16.25 55.88
C VAL C 169 -84.82 -17.55 56.12
N ASP C 170 -84.09 -18.66 56.22
CA ASP C 170 -84.63 -20.02 56.40
C ASP C 170 -85.60 -20.37 55.27
N ASP C 171 -85.05 -20.40 54.06
CA ASP C 171 -85.81 -20.78 52.88
C ASP C 171 -85.16 -21.89 52.10
N LEU C 172 -84.02 -22.40 52.53
CA LEU C 172 -83.35 -23.47 51.83
C LEU C 172 -83.19 -24.62 52.80
N GLY C 173 -83.87 -25.74 52.52
CA GLY C 173 -83.79 -26.90 53.36
C GLY C 173 -83.77 -28.15 52.51
N THR C 174 -83.37 -29.25 53.13
CA THR C 174 -83.42 -30.54 52.47
C THR C 174 -84.79 -31.14 52.66
N THR C 175 -85.30 -31.80 51.62
CA THR C 175 -86.56 -32.50 51.68
C THR C 175 -86.40 -33.85 51.02
N GLY C 176 -86.77 -34.91 51.71
CA GLY C 176 -86.81 -36.23 51.14
C GLY C 176 -85.84 -37.17 51.84
N ARG C 177 -85.69 -38.36 51.26
CA ARG C 177 -84.87 -39.40 51.85
C ARG C 177 -84.19 -40.20 50.75
N GLY C 178 -83.23 -41.01 51.17
CA GLY C 178 -82.58 -41.94 50.26
C GLY C 178 -81.80 -41.19 49.20
N ASN C 179 -81.94 -41.63 47.96
CA ASN C 179 -81.36 -40.89 46.86
C ASN C 179 -82.13 -39.62 46.58
N ASP C 180 -83.42 -39.63 46.87
CA ASP C 180 -84.27 -38.53 46.44
C ASP C 180 -84.31 -37.50 47.55
N MET C 181 -83.38 -36.56 47.47
CA MET C 181 -83.29 -35.45 48.41
C MET C 181 -83.19 -34.17 47.60
N GLN C 182 -84.29 -33.44 47.51
CA GLN C 182 -84.27 -32.16 46.82
C GLN C 182 -83.93 -31.07 47.81
N VAL C 183 -83.00 -30.22 47.44
CA VAL C 183 -82.56 -29.10 48.25
C VAL C 183 -83.21 -27.84 47.72
N GLY C 184 -83.87 -27.09 48.60
CA GLY C 184 -84.38 -25.80 48.18
C GLY C 184 -85.58 -25.33 48.97
N THR C 185 -86.62 -24.94 48.25
CA THR C 185 -87.85 -24.43 48.81
C THR C 185 -88.97 -25.40 48.47
N TYR C 186 -89.74 -25.79 49.47
CA TYR C 186 -90.86 -26.69 49.24
C TYR C 186 -92.06 -26.00 48.58
N ILE C 187 -92.18 -24.68 48.70
CA ILE C 187 -93.46 -24.01 48.47
C ILE C 187 -93.41 -23.04 47.30
N GLU C 188 -92.44 -23.17 46.40
CA GLU C 188 -92.27 -22.33 45.20
C GLU C 188 -92.15 -20.84 45.52
N LYS C 189 -91.66 -20.50 46.70
CA LYS C 189 -91.51 -19.10 47.06
C LYS C 189 -90.25 -18.54 46.43
N MET C 190 -90.38 -17.41 45.77
CA MET C 190 -89.23 -16.75 45.15
C MET C 190 -88.35 -16.19 46.26
N PHE C 191 -87.31 -16.93 46.60
CA PHE C 191 -86.33 -16.52 47.60
C PHE C 191 -85.56 -15.33 47.09
N MET C 192 -85.94 -14.14 47.56
CA MET C 192 -85.28 -12.90 47.22
C MET C 192 -84.96 -12.17 48.50
N SER C 193 -83.70 -11.81 48.68
CA SER C 193 -83.24 -11.11 49.86
C SER C 193 -81.94 -10.42 49.50
N GLU C 194 -81.34 -9.78 50.49
CA GLU C 194 -79.98 -9.32 50.28
C GLU C 194 -79.03 -10.48 50.47
N LEU C 195 -77.81 -10.30 49.97
CA LEU C 195 -76.77 -11.33 49.86
C LEU C 195 -77.23 -12.54 49.07
N SER C 196 -78.26 -12.42 48.23
CA SER C 196 -78.67 -13.54 47.39
C SER C 196 -77.66 -13.76 46.28
N GLY C 197 -76.92 -12.72 45.91
CA GLY C 197 -75.83 -12.89 44.98
C GLY C 197 -74.62 -13.59 45.57
N ASN C 198 -74.50 -13.63 46.89
CA ASN C 198 -73.37 -14.34 47.47
C ASN C 198 -73.59 -15.85 47.55
N ILE C 199 -74.64 -16.37 46.94
CA ILE C 199 -74.88 -17.81 46.97
C ILE C 199 -74.49 -18.49 45.66
N ILE C 200 -74.30 -17.73 44.58
CA ILE C 200 -73.75 -18.32 43.36
C ILE C 200 -72.27 -18.59 43.47
N ASP C 201 -71.60 -18.06 44.49
CA ASP C 201 -70.21 -18.38 44.73
C ASP C 201 -70.04 -19.38 45.86
N ILE C 202 -71.06 -19.54 46.70
CA ILE C 202 -71.06 -20.60 47.70
C ILE C 202 -71.14 -21.96 47.03
N CYS C 203 -72.06 -22.10 46.08
CA CYS C 203 -72.36 -23.42 45.52
C CYS C 203 -71.19 -23.94 44.72
N PRO C 204 -70.52 -25.00 45.17
CA PRO C 204 -69.24 -25.38 44.58
C PRO C 204 -69.37 -26.00 43.22
N VAL C 205 -70.56 -26.43 42.84
CA VAL C 205 -70.80 -26.99 41.53
C VAL C 205 -71.74 -26.04 40.81
N GLY C 206 -72.12 -26.38 39.58
CA GLY C 206 -72.95 -25.48 38.81
C GLY C 206 -74.43 -25.58 39.09
N ALA C 207 -74.79 -25.95 40.33
CA ALA C 207 -76.20 -26.07 40.66
C ALA C 207 -76.85 -24.72 40.82
N LEU C 208 -76.16 -23.77 41.45
CA LEU C 208 -76.67 -22.41 41.61
C LEU C 208 -75.75 -21.48 40.87
N THR C 209 -76.25 -20.84 39.82
CA THR C 209 -75.41 -20.04 38.95
C THR C 209 -76.06 -18.70 38.70
N SER C 210 -75.23 -17.75 38.28
CA SER C 210 -75.70 -16.41 37.96
C SER C 210 -76.58 -16.43 36.73
N LYS C 211 -77.75 -15.82 36.83
CA LYS C 211 -78.57 -15.69 35.64
C LYS C 211 -78.12 -14.59 34.68
N PRO C 212 -77.80 -13.35 35.08
CA PRO C 212 -77.40 -12.36 34.05
C PRO C 212 -76.03 -12.60 33.46
N TYR C 213 -75.22 -13.48 34.03
CA TYR C 213 -73.96 -13.87 33.42
C TYR C 213 -74.08 -15.12 32.56
N ALA C 214 -75.13 -15.91 32.79
CA ALA C 214 -75.20 -17.36 32.62
C ALA C 214 -74.42 -17.95 31.46
N PHE C 215 -74.66 -17.48 30.25
CA PHE C 215 -74.08 -18.13 29.09
C PHE C 215 -73.29 -17.14 28.25
N THR C 216 -72.40 -16.38 28.87
CA THR C 216 -71.64 -15.41 28.11
C THR C 216 -70.15 -15.68 28.05
N ALA C 217 -69.55 -16.31 29.06
CA ALA C 217 -68.13 -16.58 29.01
C ALA C 217 -67.80 -17.82 29.81
N ARG C 218 -66.51 -18.00 30.08
CA ARG C 218 -66.00 -19.22 30.59
C ARG C 218 -64.62 -18.87 31.12
N PRO C 219 -64.27 -19.33 32.32
CA PRO C 219 -63.35 -18.57 33.18
C PRO C 219 -61.92 -18.44 32.70
N TRP C 220 -61.42 -19.30 31.81
CA TRP C 220 -60.02 -19.14 31.43
C TRP C 220 -59.80 -18.00 30.45
N GLU C 221 -60.80 -17.68 29.60
CA GLU C 221 -60.64 -16.54 28.71
C GLU C 221 -60.68 -15.22 29.47
N THR C 222 -61.50 -15.14 30.51
CA THR C 222 -61.66 -13.91 31.26
C THR C 222 -60.41 -13.67 32.09
N ARG C 223 -59.67 -12.62 31.76
CA ARG C 223 -58.54 -12.32 32.62
C ARG C 223 -59.01 -11.54 33.82
N LYS C 224 -58.27 -11.69 34.91
CA LYS C 224 -58.66 -11.18 36.21
C LYS C 224 -58.00 -9.84 36.45
N THR C 225 -58.74 -8.92 37.07
CA THR C 225 -58.19 -7.60 37.34
C THR C 225 -58.60 -7.12 38.72
N GLU C 226 -57.61 -6.68 39.49
CA GLU C 226 -57.78 -6.12 40.83
C GLU C 226 -58.66 -4.87 40.77
N SER C 227 -59.50 -4.67 41.79
CA SER C 227 -60.34 -3.48 41.87
C SER C 227 -60.92 -3.31 43.26
N ILE C 228 -61.47 -2.12 43.49
CA ILE C 228 -62.13 -1.74 44.73
C ILE C 228 -63.55 -1.32 44.41
N ASP C 229 -64.50 -1.81 45.20
CA ASP C 229 -65.92 -1.57 45.04
C ASP C 229 -66.27 -0.10 45.22
N VAL C 230 -67.42 0.29 44.66
CA VAL C 230 -68.05 1.57 44.92
C VAL C 230 -69.43 1.32 45.48
N MET C 231 -70.20 2.39 45.68
CA MET C 231 -71.62 2.42 46.02
C MET C 231 -71.94 1.90 47.41
N ASP C 232 -70.96 1.37 48.13
CA ASP C 232 -71.10 1.01 49.53
C ASP C 232 -70.02 1.72 50.30
N ALA C 233 -70.26 1.90 51.59
CA ALA C 233 -69.29 2.62 52.41
C ALA C 233 -68.03 1.82 52.72
N VAL C 234 -68.02 0.52 52.43
CA VAL C 234 -66.89 -0.32 52.80
C VAL C 234 -65.99 -0.65 51.62
N GLY C 235 -66.55 -0.87 50.43
CA GLY C 235 -65.70 -1.22 49.32
C GLY C 235 -65.08 -2.59 49.39
N SER C 236 -65.87 -3.65 49.20
CA SER C 236 -65.36 -5.02 49.27
C SER C 236 -64.34 -5.25 48.17
N ASN C 237 -63.41 -6.18 48.39
CA ASN C 237 -62.29 -6.23 47.46
C ASN C 237 -62.80 -7.00 46.25
N ILE C 238 -62.66 -6.47 45.04
CA ILE C 238 -63.37 -7.06 43.89
C ILE C 238 -62.41 -7.38 42.75
N VAL C 239 -62.54 -8.57 42.20
CA VAL C 239 -61.84 -8.93 40.99
C VAL C 239 -62.83 -8.88 39.85
N VAL C 240 -62.56 -8.03 38.88
CA VAL C 240 -63.38 -7.98 37.70
C VAL C 240 -62.83 -8.99 36.69
N SER C 241 -63.69 -9.92 36.30
CA SER C 241 -63.40 -10.81 35.21
C SER C 241 -63.73 -10.07 33.93
N THR C 242 -62.70 -9.83 33.11
CA THR C 242 -62.82 -8.98 31.94
C THR C 242 -62.48 -9.75 30.67
N ARG C 243 -63.05 -9.28 29.56
CA ARG C 243 -62.81 -9.87 28.26
C ARG C 243 -63.22 -8.84 27.21
N THR C 244 -62.50 -8.91 26.07
CA THR C 244 -62.79 -8.23 24.78
C THR C 244 -62.58 -6.72 24.85
N GLY C 245 -61.58 -6.27 25.61
CA GLY C 245 -61.48 -4.85 25.89
C GLY C 245 -62.65 -4.31 26.68
N GLU C 246 -63.35 -5.18 27.38
CA GLU C 246 -64.65 -4.99 27.99
C GLU C 246 -64.64 -5.88 29.21
N VAL C 247 -65.81 -6.36 29.56
CA VAL C 247 -66.09 -6.83 30.90
C VAL C 247 -66.29 -8.32 30.69
N MET C 248 -66.55 -9.08 31.74
CA MET C 248 -67.62 -10.07 31.71
C MET C 248 -68.48 -9.95 32.96
N ARG C 249 -67.84 -9.94 34.14
CA ARG C 249 -68.56 -9.96 35.39
C ARG C 249 -67.61 -9.55 36.50
N ILE C 250 -68.12 -9.51 37.73
CA ILE C 250 -67.31 -9.21 38.90
C ILE C 250 -67.44 -10.36 39.88
N LEU C 251 -66.45 -10.46 40.76
CA LEU C 251 -66.40 -11.48 41.79
C LEU C 251 -65.82 -10.88 43.05
N PRO C 252 -66.30 -11.31 44.21
CA PRO C 252 -65.77 -10.77 45.45
C PRO C 252 -64.48 -11.46 45.83
N ARG C 253 -63.67 -10.75 46.60
CA ARG C 253 -62.46 -11.29 47.19
C ARG C 253 -62.11 -10.51 48.44
N MET C 254 -61.08 -11.07 49.08
CA MET C 254 -60.90 -11.10 50.51
C MET C 254 -59.89 -10.06 50.94
N HIS C 255 -60.38 -9.02 51.61
CA HIS C 255 -59.59 -8.36 52.61
C HIS C 255 -59.80 -9.12 53.91
N GLU C 256 -58.75 -9.18 54.73
CA GLU C 256 -58.78 -9.98 55.94
C GLU C 256 -59.81 -9.45 56.91
N ASP C 257 -59.78 -8.14 57.15
CA ASP C 257 -60.64 -7.52 58.15
C ASP C 257 -62.04 -7.29 57.61
N ILE C 258 -62.17 -6.47 56.59
CA ILE C 258 -63.48 -6.13 56.04
C ILE C 258 -63.81 -7.08 54.91
N ASN C 259 -65.10 -7.42 54.83
CA ASN C 259 -65.75 -7.98 53.65
C ASN C 259 -65.10 -9.32 53.24
N GLU C 260 -65.29 -10.31 54.11
CA GLU C 260 -64.55 -11.57 54.15
C GLU C 260 -64.53 -12.29 52.82
N GLU C 261 -65.70 -12.74 52.37
CA GLU C 261 -65.81 -13.21 51.00
C GLU C 261 -67.11 -12.77 50.36
N TRP C 262 -67.82 -11.82 50.93
CA TRP C 262 -69.16 -11.58 50.47
C TRP C 262 -69.19 -10.29 49.67
N ILE C 263 -70.38 -9.95 49.19
CA ILE C 263 -70.58 -8.73 48.42
C ILE C 263 -72.06 -8.41 48.48
N SER C 264 -72.40 -7.15 48.21
CA SER C 264 -73.79 -6.78 48.03
C SER C 264 -74.31 -7.32 46.70
N ASP C 265 -75.61 -7.61 46.68
CA ASP C 265 -76.20 -8.23 45.52
C ASP C 265 -76.31 -7.24 44.36
N LYS C 266 -76.73 -6.01 44.65
CA LYS C 266 -76.79 -4.96 43.64
C LYS C 266 -75.41 -4.60 43.13
N THR C 267 -74.43 -4.63 44.02
CA THR C 267 -73.04 -4.47 43.64
C THR C 267 -72.61 -5.54 42.65
N ARG C 268 -72.97 -6.80 42.93
CA ARG C 268 -72.67 -7.89 42.01
C ARG C 268 -73.38 -7.71 40.67
N PHE C 269 -74.59 -7.16 40.70
CA PHE C 269 -75.43 -7.09 39.51
C PHE C 269 -75.67 -5.66 39.05
N ALA C 270 -74.64 -4.82 39.11
CA ALA C 270 -74.74 -3.45 38.64
C ALA C 270 -74.05 -3.18 37.32
N TYR C 271 -73.25 -4.13 36.80
CA TYR C 271 -72.42 -3.84 35.64
C TYR C 271 -73.21 -3.72 34.34
N ASP C 272 -74.44 -4.23 34.32
CA ASP C 272 -75.33 -3.95 33.18
C ASP C 272 -75.57 -2.46 33.04
N GLY C 273 -75.81 -1.77 34.16
CA GLY C 273 -75.88 -0.34 34.14
C GLY C 273 -74.55 0.34 33.90
N LEU C 274 -73.45 -0.39 34.12
CA LEU C 274 -72.16 0.15 33.74
C LEU C 274 -72.01 0.18 32.23
N LYS C 275 -72.74 -0.65 31.50
CA LYS C 275 -72.62 -0.58 30.05
C LYS C 275 -73.99 -0.49 29.35
N ARG C 276 -74.90 0.37 29.81
CA ARG C 276 -76.21 0.41 29.15
C ARG C 276 -76.52 1.71 28.43
N GLN C 277 -76.49 2.87 29.08
CA GLN C 277 -76.92 4.11 28.40
C GLN C 277 -75.90 5.22 28.56
N ARG C 278 -74.64 4.92 28.29
CA ARG C 278 -73.57 5.85 28.66
C ARG C 278 -73.47 7.03 27.73
N LEU C 279 -72.73 8.04 28.19
CA LEU C 279 -72.33 9.19 27.41
C LEU C 279 -71.09 8.84 26.60
N THR C 280 -70.95 9.47 25.45
CA THR C 280 -69.78 9.18 24.62
C THR C 280 -68.94 10.40 24.28
N GLU C 281 -69.56 11.52 23.95
CA GLU C 281 -68.88 12.68 23.41
C GLU C 281 -69.24 13.92 24.19
N PRO C 282 -68.39 14.94 24.18
CA PRO C 282 -68.80 16.24 24.72
C PRO C 282 -69.94 16.83 23.90
N MET C 283 -70.98 17.24 24.60
CA MET C 283 -72.22 17.64 23.96
C MET C 283 -72.58 19.06 24.41
N VAL C 284 -72.83 19.92 23.44
CA VAL C 284 -73.15 21.32 23.68
C VAL C 284 -74.58 21.54 23.21
N ARG C 285 -75.31 22.40 23.92
CA ARG C 285 -76.60 22.85 23.43
C ARG C 285 -76.45 23.70 22.18
N ASN C 286 -77.52 23.76 21.40
CA ASN C 286 -77.49 24.31 20.06
C ASN C 286 -78.73 25.17 19.88
N GLU C 287 -78.55 26.25 19.08
CA GLU C 287 -79.43 27.41 19.07
C GLU C 287 -80.84 27.13 18.57
N LYS C 288 -81.06 25.98 17.94
CA LYS C 288 -82.43 25.49 17.83
C LYS C 288 -83.02 25.22 19.22
N GLY C 289 -82.18 24.73 20.13
CA GLY C 289 -82.64 24.36 21.45
C GLY C 289 -82.44 22.87 21.66
N LEU C 290 -81.39 22.32 21.09
CA LEU C 290 -81.19 20.87 21.12
C LEU C 290 -79.81 20.57 21.68
N LEU C 291 -79.53 19.32 22.01
CA LEU C 291 -78.24 18.91 22.54
C LEU C 291 -77.49 18.12 21.48
N THR C 292 -76.50 18.74 20.84
CA THR C 292 -75.71 18.06 19.84
C THR C 292 -74.33 17.75 20.41
N HIS C 293 -73.57 16.97 19.67
CA HIS C 293 -72.22 16.58 20.05
C HIS C 293 -71.20 17.43 19.30
N THR C 294 -69.98 17.43 19.81
CA THR C 294 -68.91 18.21 19.20
C THR C 294 -67.57 17.56 19.53
N THR C 295 -66.50 18.24 19.16
CA THR C 295 -65.15 17.84 19.52
C THR C 295 -64.71 18.67 20.73
N TRP C 296 -63.68 18.17 21.43
CA TRP C 296 -63.26 18.70 22.72
C TRP C 296 -62.73 20.13 22.64
N GLU C 297 -62.21 20.51 21.47
CA GLU C 297 -61.68 21.86 21.27
C GLU C 297 -62.78 22.91 21.48
N ASP C 298 -63.91 22.72 20.81
CA ASP C 298 -64.97 23.72 20.82
C ASP C 298 -65.63 23.83 22.20
N ALA C 299 -66.00 22.68 22.78
CA ALA C 299 -66.71 22.69 24.06
C ALA C 299 -65.82 23.19 25.18
N LEU C 300 -64.58 22.71 25.24
CA LEU C 300 -63.69 23.17 26.28
C LEU C 300 -63.28 24.62 26.08
N SER C 301 -63.24 25.10 24.83
CA SER C 301 -62.96 26.51 24.60
C SER C 301 -64.11 27.37 25.09
N ARG C 302 -65.35 26.90 24.89
CA ARG C 302 -66.51 27.64 25.35
C ARG C 302 -66.54 27.72 26.88
N VAL C 303 -66.27 26.59 27.53
CA VAL C 303 -66.25 26.56 29.00
C VAL C 303 -65.11 27.40 29.54
N ALA C 304 -63.96 27.39 28.86
CA ALA C 304 -62.82 28.16 29.35
C ALA C 304 -63.03 29.65 29.19
N GLY C 305 -63.66 30.06 28.08
CA GLY C 305 -63.97 31.47 27.91
C GLY C 305 -64.99 31.95 28.91
N MET C 306 -65.99 31.12 29.22
CA MET C 306 -66.95 31.50 30.24
C MET C 306 -66.34 31.53 31.62
N LEU C 307 -65.38 30.65 31.92
CA LEU C 307 -64.70 30.71 33.20
C LEU C 307 -63.79 31.92 33.29
N GLN C 308 -63.21 32.35 32.17
CA GLN C 308 -62.42 33.58 32.18
C GLN C 308 -63.30 34.79 32.43
N SER C 309 -64.46 34.86 31.78
CA SER C 309 -65.25 36.07 31.81
C SER C 309 -66.35 36.05 32.87
N CYS C 310 -66.32 35.11 33.82
CA CYS C 310 -67.30 35.10 34.91
C CYS C 310 -66.58 34.78 36.20
N GLN C 311 -66.60 35.72 37.14
CA GLN C 311 -65.83 35.61 38.37
C GLN C 311 -66.69 36.08 39.53
N GLY C 312 -66.05 36.24 40.69
CA GLY C 312 -66.76 36.49 41.93
C GLY C 312 -66.94 35.21 42.72
N ASN C 313 -67.80 35.30 43.73
CA ASN C 313 -68.14 34.14 44.54
C ASN C 313 -69.28 33.33 43.92
N ASP C 314 -69.55 33.52 42.64
CA ASP C 314 -70.70 32.90 41.99
C ASP C 314 -70.30 31.66 41.21
N VAL C 315 -69.40 30.84 41.75
CA VAL C 315 -69.02 29.60 41.09
C VAL C 315 -69.15 28.42 42.05
N ALA C 316 -69.97 27.45 41.65
CA ALA C 316 -70.41 26.34 42.49
C ALA C 316 -69.79 25.05 41.99
N ALA C 317 -69.34 24.22 42.92
CA ALA C 317 -68.63 23.00 42.55
C ALA C 317 -69.27 21.84 43.30
N ILE C 318 -70.33 21.28 42.76
CA ILE C 318 -71.05 20.19 43.41
C ILE C 318 -70.45 18.88 42.96
N ALA C 319 -70.02 18.05 43.90
CA ALA C 319 -69.49 16.74 43.58
C ALA C 319 -70.14 15.71 44.48
N GLY C 320 -70.83 14.75 43.89
CA GLY C 320 -71.51 13.73 44.69
C GLY C 320 -71.42 12.37 44.03
N GLY C 321 -71.84 11.38 44.79
CA GLY C 321 -71.93 10.02 44.26
C GLY C 321 -70.59 9.35 44.11
N LEU C 322 -70.16 9.11 42.88
CA LEU C 322 -68.95 8.35 42.62
C LEU C 322 -67.96 9.23 41.86
N VAL C 323 -67.18 10.01 42.60
CA VAL C 323 -66.10 10.78 42.03
C VAL C 323 -64.82 10.41 42.76
N ASP C 324 -63.70 10.77 42.15
CA ASP C 324 -62.39 10.33 42.61
C ASP C 324 -61.95 11.13 43.84
N ALA C 325 -60.74 10.86 44.29
CA ALA C 325 -60.01 11.83 45.07
C ALA C 325 -59.00 12.60 44.23
N GLU C 326 -58.56 11.99 43.14
CA GLU C 326 -57.73 12.69 42.17
C GLU C 326 -58.51 13.83 41.51
N ALA C 327 -59.73 13.54 41.07
CA ALA C 327 -60.57 14.56 40.44
C ALA C 327 -60.98 15.64 41.42
N LEU C 328 -61.14 15.29 42.69
CA LEU C 328 -61.46 16.33 43.66
C LEU C 328 -60.26 17.18 44.03
N ILE C 329 -59.05 16.62 44.06
CA ILE C 329 -57.88 17.46 44.22
C ILE C 329 -57.73 18.39 43.02
N ALA C 330 -57.99 17.88 41.81
CA ALA C 330 -57.90 18.70 40.62
C ALA C 330 -58.93 19.83 40.64
N LEU C 331 -60.14 19.52 41.09
CA LEU C 331 -61.18 20.54 41.16
C LEU C 331 -60.90 21.54 42.27
N LYS C 332 -60.40 21.08 43.42
CA LYS C 332 -60.09 21.99 44.52
C LYS C 332 -58.96 22.94 44.14
N ASP C 333 -57.92 22.42 43.49
CA ASP C 333 -56.82 23.25 43.07
C ASP C 333 -57.26 24.25 42.01
N LEU C 334 -58.05 23.81 41.03
CA LEU C 334 -58.45 24.73 39.97
C LEU C 334 -59.44 25.79 40.46
N LEU C 335 -60.44 25.40 41.25
CA LEU C 335 -61.39 26.42 41.61
C LEU C 335 -60.89 27.28 42.77
N ASN C 336 -59.97 26.78 43.58
CA ASN C 336 -59.17 27.66 44.43
C ASN C 336 -58.36 28.63 43.58
N ARG C 337 -57.87 28.16 42.43
CA ARG C 337 -57.01 28.97 41.58
C ARG C 337 -57.80 30.08 40.87
N VAL C 338 -59.09 29.87 40.59
CA VAL C 338 -59.76 30.87 39.76
C VAL C 338 -60.07 32.12 40.55
N ASP C 339 -61.06 32.08 41.45
CA ASP C 339 -61.12 33.11 42.49
C ASP C 339 -61.66 32.63 43.83
N SER C 340 -62.72 31.82 43.79
CA SER C 340 -63.60 31.68 44.94
C SER C 340 -64.05 30.24 45.04
N ASP C 341 -65.06 30.01 45.89
CA ASP C 341 -65.43 28.64 46.22
C ASP C 341 -66.84 28.56 46.79
N THR C 342 -67.69 27.76 46.15
CA THR C 342 -68.69 27.02 46.92
C THR C 342 -68.63 25.55 46.46
N LEU C 343 -67.44 25.00 46.66
CA LEU C 343 -67.18 23.56 46.56
C LEU C 343 -68.01 22.80 47.59
N CYS C 344 -68.95 21.99 47.11
CA CYS C 344 -69.91 21.33 47.97
C CYS C 344 -70.12 19.90 47.52
N THR C 345 -70.80 19.14 48.37
CA THR C 345 -71.21 17.77 48.09
C THR C 345 -72.70 17.71 47.80
N GLU C 346 -73.15 16.54 47.38
CA GLU C 346 -74.58 16.32 47.19
C GLU C 346 -75.32 16.30 48.51
N GLU C 347 -74.86 15.47 49.45
CA GLU C 347 -75.62 15.22 50.65
C GLU C 347 -75.27 16.21 51.76
N VAL C 348 -76.11 16.21 52.79
CA VAL C 348 -76.08 17.19 53.87
C VAL C 348 -75.40 16.55 55.07
N PHE C 349 -74.54 17.32 55.75
CA PHE C 349 -73.88 16.86 56.95
C PHE C 349 -73.69 18.05 57.89
N PRO C 350 -73.95 17.89 59.19
CA PRO C 350 -73.83 19.02 60.12
C PRO C 350 -72.39 19.36 60.44
N THR C 351 -72.09 20.66 60.41
CA THR C 351 -70.80 21.18 60.85
C THR C 351 -71.03 22.37 61.80
N ALA C 352 -71.26 22.05 63.03
CA ALA C 352 -71.33 23.07 64.07
C ALA C 352 -70.42 22.74 65.24
N GLY C 353 -70.32 21.48 65.62
CA GLY C 353 -69.32 21.05 66.57
C GLY C 353 -68.05 20.65 65.86
N ALA C 354 -67.47 21.61 65.11
CA ALA C 354 -66.24 21.45 64.33
C ALA C 354 -66.35 20.27 63.36
N GLY C 355 -67.28 20.39 62.42
CA GLY C 355 -67.62 19.25 61.59
C GLY C 355 -66.59 18.97 60.50
N THR C 356 -66.25 20.00 59.72
CA THR C 356 -65.34 19.83 58.58
C THR C 356 -63.94 19.45 59.04
N ASP C 357 -63.44 20.11 60.06
CA ASP C 357 -62.18 19.72 60.69
C ASP C 357 -62.47 18.62 61.71
N LEU C 358 -61.45 18.28 62.52
CA LEU C 358 -61.52 17.28 63.59
C LEU C 358 -61.96 15.92 63.04
N ARG C 359 -61.03 15.30 62.30
CA ARG C 359 -61.20 14.09 61.49
C ARG C 359 -62.07 13.01 62.09
N SER C 360 -62.03 12.85 63.41
CA SER C 360 -62.84 11.88 64.11
C SER C 360 -64.32 12.21 64.16
N ASN C 361 -64.79 13.26 63.50
CA ASN C 361 -66.21 13.59 63.58
C ASN C 361 -67.02 12.82 62.56
N TYR C 362 -66.48 12.64 61.35
CA TYR C 362 -67.28 12.28 60.18
C TYR C 362 -66.98 10.89 59.64
N LEU C 363 -66.29 10.05 60.39
CA LEU C 363 -65.99 8.72 59.87
C LEU C 363 -66.33 7.70 60.94
N LEU C 364 -65.99 6.45 60.66
CA LEU C 364 -66.29 5.31 61.54
C LEU C 364 -65.09 5.13 62.45
N ASN C 365 -65.17 5.69 63.67
CA ASN C 365 -64.03 5.75 64.57
C ASN C 365 -63.62 4.38 65.09
N THR C 366 -64.53 3.42 65.12
CA THR C 366 -64.15 2.08 65.51
C THR C 366 -63.52 1.36 64.33
N THR C 367 -63.23 0.08 64.52
CA THR C 367 -62.74 -0.74 63.42
C THR C 367 -63.79 -1.80 63.16
N ILE C 368 -64.07 -2.06 61.88
CA ILE C 368 -65.04 -3.09 61.50
C ILE C 368 -64.53 -4.46 61.92
N ALA C 369 -63.21 -4.66 61.92
CA ALA C 369 -62.64 -5.84 62.54
C ALA C 369 -62.80 -5.82 64.06
N GLY C 370 -62.91 -4.65 64.67
CA GLY C 370 -63.01 -4.55 66.11
C GLY C 370 -64.40 -4.64 66.68
N VAL C 371 -65.45 -4.61 65.85
CA VAL C 371 -66.81 -4.71 66.36
C VAL C 371 -67.16 -6.11 66.84
N GLU C 372 -66.28 -7.08 66.61
CA GLU C 372 -66.45 -8.40 67.16
C GLU C 372 -66.08 -8.47 68.63
N GLU C 373 -65.25 -7.54 69.11
CA GLU C 373 -64.85 -7.56 70.50
C GLU C 373 -65.94 -7.06 71.43
N ALA C 374 -66.79 -6.16 70.94
CA ALA C 374 -67.69 -5.40 71.79
C ALA C 374 -68.79 -6.26 72.36
N ASP C 375 -69.37 -5.77 73.46
CA ASP C 375 -70.55 -6.37 74.06
C ASP C 375 -71.83 -5.65 73.67
N VAL C 376 -71.90 -4.35 73.92
CA VAL C 376 -73.14 -3.61 73.81
C VAL C 376 -73.05 -2.64 72.64
N VAL C 377 -73.89 -2.87 71.64
CA VAL C 377 -73.97 -2.01 70.48
C VAL C 377 -75.42 -1.52 70.36
N LEU C 378 -75.59 -0.21 70.40
CA LEU C 378 -76.88 0.33 70.06
C LEU C 378 -76.74 1.10 68.74
N LEU C 379 -77.88 1.20 68.07
CA LEU C 379 -77.91 1.44 66.64
C LEU C 379 -78.94 2.54 66.41
N VAL C 380 -78.47 3.78 66.26
CA VAL C 380 -79.38 4.89 66.11
C VAL C 380 -79.57 5.19 64.63
N GLY C 381 -80.76 5.70 64.33
CA GLY C 381 -81.50 5.45 63.10
C GLY C 381 -80.76 5.24 61.81
N THR C 382 -81.04 4.08 61.24
CA THR C 382 -80.38 3.51 60.08
C THR C 382 -81.16 2.26 59.71
N ASN C 383 -80.69 1.55 58.69
CA ASN C 383 -81.25 0.26 58.33
C ASN C 383 -80.14 -0.58 57.72
N PRO C 384 -79.27 -1.16 58.57
CA PRO C 384 -78.00 -1.71 58.07
C PRO C 384 -78.13 -2.92 57.19
N ARG C 385 -79.31 -3.55 57.13
CA ARG C 385 -79.52 -4.58 56.13
C ARG C 385 -79.46 -4.00 54.73
N PHE C 386 -79.91 -2.77 54.53
CA PHE C 386 -79.89 -2.15 53.23
C PHE C 386 -78.84 -1.04 53.11
N GLU C 387 -78.05 -0.81 54.15
CA GLU C 387 -77.14 0.33 54.20
C GLU C 387 -75.76 -0.22 54.56
N ALA C 388 -74.93 -0.46 53.54
CA ALA C 388 -73.68 -1.21 53.60
C ALA C 388 -73.91 -2.56 54.24
N PRO C 389 -74.53 -3.51 53.53
CA PRO C 389 -75.06 -4.72 54.19
C PRO C 389 -74.01 -5.66 54.74
N LEU C 390 -72.77 -5.55 54.27
CA LEU C 390 -71.73 -6.43 54.76
C LEU C 390 -71.37 -6.11 56.20
N PHE C 391 -71.55 -4.85 56.60
CA PHE C 391 -71.43 -4.48 58.00
C PHE C 391 -72.48 -5.19 58.84
N ASN C 392 -73.70 -5.30 58.34
CA ASN C 392 -74.73 -5.98 59.10
C ASN C 392 -74.48 -7.47 59.15
N ALA C 393 -73.91 -8.02 58.08
CA ALA C 393 -73.50 -9.43 58.11
C ALA C 393 -72.41 -9.66 59.14
N ARG C 394 -71.52 -8.69 59.30
CA ARG C 394 -70.52 -8.74 60.36
C ARG C 394 -71.18 -8.69 61.74
N ILE C 395 -72.23 -7.88 61.88
CA ILE C 395 -72.96 -7.79 63.15
C ILE C 395 -73.61 -9.12 63.49
N ARG C 396 -74.26 -9.74 62.51
CA ARG C 396 -74.86 -11.05 62.76
C ARG C 396 -73.81 -12.11 63.01
N LYS C 397 -72.62 -11.97 62.40
CA LYS C 397 -71.54 -12.92 62.66
C LYS C 397 -71.04 -12.80 64.10
N SER C 398 -70.93 -11.58 64.60
CA SER C 398 -70.61 -11.39 66.01
C SER C 398 -71.70 -11.98 66.89
N TRP C 399 -72.96 -11.62 66.62
CA TRP C 399 -74.10 -12.09 67.40
C TRP C 399 -74.25 -13.60 67.35
N LEU C 400 -73.73 -14.24 66.32
CA LEU C 400 -73.83 -15.69 66.20
C LEU C 400 -72.71 -16.37 66.95
N HIS C 401 -71.47 -15.88 66.84
CA HIS C 401 -70.38 -16.55 67.55
C HIS C 401 -70.34 -16.19 69.02
N ASN C 402 -70.13 -14.91 69.35
CA ASN C 402 -70.26 -14.49 70.73
C ASN C 402 -71.60 -13.78 70.91
N ASP C 403 -71.81 -13.14 72.04
CA ASP C 403 -73.13 -12.61 72.36
C ASP C 403 -73.06 -11.09 72.45
N LEU C 404 -73.71 -10.43 71.50
CA LEU C 404 -73.84 -8.98 71.53
C LEU C 404 -75.04 -8.60 72.38
N LYS C 405 -75.29 -7.30 72.46
CA LYS C 405 -76.57 -6.78 72.92
C LYS C 405 -76.88 -5.62 71.99
N VAL C 406 -77.82 -5.84 71.08
CA VAL C 406 -78.05 -4.96 69.94
C VAL C 406 -79.40 -4.29 70.12
N ALA C 407 -79.38 -2.97 70.25
CA ALA C 407 -80.62 -2.24 70.31
C ALA C 407 -80.78 -1.32 69.13
N LEU C 408 -82.03 -0.99 68.82
CA LEU C 408 -82.37 -0.19 67.67
C LEU C 408 -83.18 1.02 68.11
N ILE C 409 -82.80 2.19 67.65
CA ILE C 409 -83.48 3.43 67.99
C ILE C 409 -83.85 4.15 66.71
N GLY C 410 -85.16 4.39 66.54
CA GLY C 410 -85.64 5.22 65.45
C GLY C 410 -86.90 4.77 64.73
N SER C 411 -87.11 3.46 64.55
CA SER C 411 -88.28 2.89 63.88
C SER C 411 -88.25 1.37 63.98
N PRO C 412 -89.40 0.70 63.89
CA PRO C 412 -89.38 -0.77 63.74
C PRO C 412 -89.09 -1.17 62.30
N VAL C 413 -87.89 -1.70 62.08
CA VAL C 413 -87.52 -2.20 60.76
C VAL C 413 -87.22 -3.68 60.86
N ASP C 414 -86.85 -4.28 59.73
CA ASP C 414 -86.71 -5.73 59.65
C ASP C 414 -85.23 -6.09 59.57
N LEU C 415 -84.62 -6.28 60.73
CA LEU C 415 -83.36 -6.98 60.82
C LEU C 415 -83.63 -8.41 61.23
N THR C 416 -82.73 -9.31 60.85
CA THR C 416 -82.98 -10.73 60.93
C THR C 416 -82.29 -11.40 62.12
N TYR C 417 -82.03 -10.66 63.19
CA TYR C 417 -81.22 -11.25 64.25
C TYR C 417 -81.65 -10.81 65.64
N ARG C 418 -82.92 -10.45 65.80
CA ARG C 418 -83.59 -10.23 67.08
C ARG C 418 -82.90 -9.13 67.90
N TYR C 419 -83.08 -7.92 67.39
CA TYR C 419 -82.69 -6.72 68.11
C TYR C 419 -83.67 -6.45 69.25
N ASP C 420 -83.39 -5.39 70.00
CA ASP C 420 -84.38 -4.87 70.94
C ASP C 420 -84.69 -3.42 70.58
N HIS C 421 -85.96 -3.17 70.27
CA HIS C 421 -86.39 -1.85 69.85
C HIS C 421 -86.57 -0.96 71.06
N LEU C 422 -86.15 0.30 70.94
CA LEU C 422 -86.40 1.25 72.02
C LEU C 422 -87.51 2.25 71.67
N GLY C 423 -87.37 3.01 70.60
CA GLY C 423 -88.39 4.00 70.29
C GLY C 423 -87.94 4.95 69.20
N ASP C 424 -88.79 5.95 68.97
CA ASP C 424 -88.65 6.92 67.89
C ASP C 424 -88.87 8.37 68.36
N SER C 425 -87.81 8.99 68.92
CA SER C 425 -87.71 10.41 69.22
C SER C 425 -86.31 10.72 69.74
N PRO C 426 -85.82 11.96 69.57
CA PRO C 426 -84.55 12.33 70.21
C PRO C 426 -84.64 12.47 71.71
N LYS C 427 -85.84 12.65 72.26
CA LYS C 427 -86.00 12.68 73.71
C LYS C 427 -85.67 11.34 74.33
N ILE C 428 -85.84 10.26 73.59
CA ILE C 428 -85.40 8.94 74.05
C ILE C 428 -83.88 8.92 74.18
N LEU C 429 -83.17 9.56 73.25
CA LEU C 429 -81.73 9.65 73.37
C LEU C 429 -81.32 10.52 74.55
N GLN C 430 -82.06 11.60 74.79
CA GLN C 430 -81.79 12.45 75.96
C GLN C 430 -82.02 11.69 77.25
N ASP C 431 -83.03 10.84 77.30
CA ASP C 431 -83.31 10.12 78.53
C ASP C 431 -82.42 8.89 78.70
N ILE C 432 -81.87 8.36 77.62
CA ILE C 432 -80.77 7.40 77.74
C ILE C 432 -79.53 8.09 78.31
N ALA C 433 -79.29 9.34 77.91
CA ALA C 433 -78.21 10.11 78.52
C ALA C 433 -78.48 10.42 79.99
N SER C 434 -79.75 10.53 80.37
CA SER C 434 -80.08 10.77 81.77
C SER C 434 -80.00 9.48 82.60
N GLY C 435 -80.30 8.34 82.01
CA GLY C 435 -80.31 7.11 82.77
C GLY C 435 -81.71 6.72 83.22
N SER C 436 -82.65 6.72 82.27
CA SER C 436 -84.04 6.39 82.54
C SER C 436 -84.36 4.92 82.25
N HIS C 437 -84.18 4.51 81.01
CA HIS C 437 -84.52 3.17 80.60
C HIS C 437 -83.49 2.18 81.13
N PRO C 438 -83.88 0.91 81.32
CA PRO C 438 -82.90 -0.08 81.80
C PRO C 438 -81.82 -0.39 80.80
N PHE C 439 -82.00 -0.05 79.53
CA PHE C 439 -80.93 -0.27 78.59
C PHE C 439 -79.77 0.68 78.82
N SER C 440 -80.07 1.92 79.23
CA SER C 440 -79.01 2.82 79.66
C SER C 440 -78.30 2.29 80.89
N GLN C 441 -79.06 1.66 81.80
CA GLN C 441 -78.46 1.02 82.97
C GLN C 441 -77.53 -0.11 82.57
N VAL C 442 -77.90 -0.85 81.52
CA VAL C 442 -77.03 -1.89 80.97
C VAL C 442 -75.75 -1.29 80.41
N LEU C 443 -75.84 -0.13 79.76
CA LEU C 443 -74.64 0.54 79.28
C LEU C 443 -73.74 0.99 80.43
N GLN C 444 -74.31 1.72 81.40
CA GLN C 444 -73.48 2.27 82.47
C GLN C 444 -73.00 1.21 83.45
N GLU C 445 -73.55 -0.02 83.38
CA GLU C 445 -73.03 -1.12 84.16
C GLU C 445 -72.56 -2.27 83.27
N ALA C 446 -72.19 -1.97 82.03
CA ALA C 446 -71.64 -2.93 81.10
C ALA C 446 -70.20 -2.55 80.79
N LYS C 447 -69.59 -3.27 79.85
CA LYS C 447 -68.16 -3.17 79.59
C LYS C 447 -67.81 -2.40 78.33
N LYS C 448 -68.40 -2.76 77.18
CA LYS C 448 -67.91 -2.28 75.89
C LYS C 448 -68.98 -1.54 75.10
N PRO C 449 -68.97 -0.22 75.11
CA PRO C 449 -69.96 0.56 74.37
C PRO C 449 -69.59 0.99 72.95
N MET C 450 -70.49 0.63 72.03
CA MET C 450 -70.46 1.13 70.66
C MET C 450 -71.83 1.66 70.30
N VAL C 451 -71.85 2.85 69.69
CA VAL C 451 -73.06 3.47 69.18
C VAL C 451 -72.84 3.78 67.71
N VAL C 452 -73.63 3.15 66.85
CA VAL C 452 -73.50 3.30 65.40
C VAL C 452 -74.56 4.28 64.92
N LEU C 453 -74.12 5.37 64.33
CA LEU C 453 -74.99 6.43 63.85
C LEU C 453 -75.22 6.29 62.35
N GLY C 454 -76.49 6.21 61.96
CA GLY C 454 -76.81 6.16 60.55
C GLY C 454 -76.92 7.54 59.91
N SER C 455 -76.48 7.63 58.65
CA SER C 455 -76.38 8.92 58.00
C SER C 455 -77.69 9.37 57.37
N SER C 456 -78.59 8.44 57.02
CA SER C 456 -79.85 8.84 56.41
C SER C 456 -80.77 9.51 57.42
N ALA C 457 -80.68 9.15 58.70
CA ALA C 457 -81.38 9.88 59.73
C ALA C 457 -80.67 11.17 60.09
N LEU C 458 -79.40 11.31 59.73
CA LEU C 458 -78.65 12.53 59.98
C LEU C 458 -78.99 13.62 58.96
N GLN C 459 -79.64 13.27 57.85
CA GLN C 459 -79.93 14.22 56.80
C GLN C 459 -81.01 15.23 57.15
N ARG C 460 -81.79 14.97 58.19
CA ARG C 460 -82.94 15.82 58.50
C ARG C 460 -82.49 17.11 59.17
N ASN C 461 -83.46 17.92 59.62
CA ASN C 461 -83.22 19.26 60.12
C ASN C 461 -82.88 19.28 61.60
N ASP C 462 -82.40 18.17 62.16
CA ASP C 462 -82.03 18.07 63.56
C ASP C 462 -80.61 17.58 63.75
N GLY C 463 -79.74 17.76 62.74
CA GLY C 463 -78.51 17.00 62.65
C GLY C 463 -77.50 17.36 63.73
N ALA C 464 -77.35 18.64 64.03
CA ALA C 464 -76.47 19.06 65.10
C ALA C 464 -76.98 18.61 66.46
N ALA C 465 -78.30 18.57 66.64
CA ALA C 465 -78.87 18.12 67.90
C ALA C 465 -78.68 16.62 68.09
N ILE C 466 -78.88 15.85 67.02
CA ILE C 466 -78.64 14.40 67.06
C ILE C 466 -77.18 14.13 67.35
N LEU C 467 -76.28 14.87 66.69
CA LEU C 467 -74.85 14.70 66.92
C LEU C 467 -74.47 15.08 68.34
N ALA C 468 -75.12 16.10 68.89
CA ALA C 468 -74.86 16.51 70.27
C ALA C 468 -75.32 15.46 71.26
N ALA C 469 -76.47 14.84 71.00
CA ALA C 469 -76.99 13.81 71.90
C ALA C 469 -76.11 12.58 71.90
N VAL C 470 -75.68 12.14 70.71
CA VAL C 470 -74.85 10.94 70.64
C VAL C 470 -73.45 11.25 71.17
N SER C 471 -72.99 12.50 71.03
CA SER C 471 -71.74 12.90 71.66
C SER C 471 -71.84 12.91 73.16
N ASN C 472 -73.01 13.29 73.71
CA ASN C 472 -73.21 13.23 75.16
C ASN C 472 -73.15 11.79 75.65
N ILE C 473 -73.76 10.87 74.89
CA ILE C 473 -73.68 9.45 75.20
C ILE C 473 -72.24 8.97 75.24
N ALA C 474 -71.49 9.21 74.15
CA ALA C 474 -70.13 8.71 74.04
C ALA C 474 -69.21 9.37 75.06
N GLN C 475 -69.42 10.67 75.31
CA GLN C 475 -68.67 11.41 76.33
C GLN C 475 -68.84 10.79 77.71
N LYS C 476 -70.08 10.67 78.17
CA LYS C 476 -70.33 10.21 79.53
C LYS C 476 -69.89 8.77 79.72
N ILE C 477 -70.15 7.91 78.74
CA ILE C 477 -69.84 6.50 78.93
C ILE C 477 -68.37 6.21 78.66
N ARG C 478 -67.67 7.08 77.91
CA ARG C 478 -66.24 6.92 77.77
C ARG C 478 -65.51 7.43 79.00
N THR C 479 -65.93 8.56 79.55
CA THR C 479 -65.26 9.11 80.72
C THR C 479 -65.51 8.28 81.97
N SER C 480 -66.73 7.77 82.14
CA SER C 480 -66.97 6.85 83.25
C SER C 480 -66.75 5.42 82.77
N SER C 481 -67.04 4.47 83.67
CA SER C 481 -67.03 3.01 83.47
C SER C 481 -65.65 2.42 83.20
N GLY C 482 -64.59 3.24 83.10
CA GLY C 482 -63.23 2.76 82.89
C GLY C 482 -63.03 2.06 81.56
N VAL C 483 -63.56 2.60 80.47
CA VAL C 483 -63.53 1.94 79.18
C VAL C 483 -63.00 2.90 78.10
N THR C 484 -61.77 2.65 77.64
CA THR C 484 -60.87 1.68 78.26
C THR C 484 -59.64 2.30 79.01
N GLY C 485 -58.80 3.21 78.49
CA GLY C 485 -58.73 3.71 77.11
C GLY C 485 -57.65 2.94 76.39
N ASP C 486 -57.66 2.89 75.06
CA ASP C 486 -58.64 3.59 74.23
C ASP C 486 -59.34 2.66 73.24
N TRP C 487 -60.39 2.01 73.71
CA TRP C 487 -61.40 1.43 72.83
C TRP C 487 -62.61 2.36 72.89
N LYS C 488 -63.31 2.53 71.78
CA LYS C 488 -64.24 3.65 71.70
C LYS C 488 -65.67 3.25 71.37
N VAL C 489 -66.59 4.04 71.92
CA VAL C 489 -68.02 3.93 71.67
C VAL C 489 -68.37 4.30 70.24
N MET C 490 -67.99 5.51 69.83
CA MET C 490 -68.65 6.20 68.73
C MET C 490 -68.22 5.68 67.38
N ASN C 491 -69.19 5.46 66.47
CA ASN C 491 -68.88 5.32 65.05
C ASN C 491 -70.11 5.62 64.22
N ILE C 492 -69.88 6.19 63.03
CA ILE C 492 -70.97 6.48 62.11
C ILE C 492 -70.74 5.69 60.83
N LEU C 493 -71.78 5.62 60.00
CA LEU C 493 -71.68 5.02 58.69
C LEU C 493 -72.08 6.04 57.62
N HIS C 494 -72.07 5.59 56.36
CA HIS C 494 -72.45 6.42 55.23
C HIS C 494 -73.16 5.57 54.19
N ARG C 495 -73.50 6.20 53.07
CA ARG C 495 -73.91 5.47 51.88
C ARG C 495 -73.16 5.88 50.63
N ILE C 496 -72.24 6.83 50.74
CA ILE C 496 -71.45 7.33 49.61
C ILE C 496 -70.00 7.43 50.05
N ALA C 497 -69.10 6.81 49.28
CA ALA C 497 -67.69 6.84 49.63
C ALA C 497 -67.05 8.19 49.32
N SER C 498 -67.44 8.79 48.20
CA SER C 498 -66.85 10.07 47.83
C SER C 498 -67.25 11.21 48.75
N GLN C 499 -68.34 11.06 49.51
CA GLN C 499 -68.62 12.05 50.55
C GLN C 499 -67.58 12.00 51.66
N VAL C 500 -67.16 10.79 52.04
CA VAL C 500 -66.11 10.65 53.03
C VAL C 500 -64.79 11.20 52.51
N ALA C 501 -64.49 10.92 51.24
CA ALA C 501 -63.26 11.45 50.65
C ALA C 501 -63.29 12.97 50.53
N ALA C 502 -64.46 13.53 50.25
CA ALA C 502 -64.59 14.98 50.16
C ALA C 502 -64.46 15.64 51.52
N LEU C 503 -64.90 14.96 52.57
CA LEU C 503 -64.69 15.53 53.89
C LEU C 503 -63.25 15.35 54.38
N ASP C 504 -62.54 14.32 53.89
CA ASP C 504 -61.11 14.25 54.19
C ASP C 504 -60.32 15.27 53.40
N LEU C 505 -60.75 15.61 52.18
CA LEU C 505 -60.10 16.69 51.46
C LEU C 505 -60.61 18.06 51.88
N GLY C 506 -61.61 18.12 52.74
CA GLY C 506 -62.10 19.40 53.19
C GLY C 506 -62.95 20.12 52.19
N TYR C 507 -64.15 19.61 51.91
CA TYR C 507 -65.14 20.39 51.19
C TYR C 507 -66.21 20.85 52.14
N LYS C 508 -66.99 21.81 51.69
CA LYS C 508 -68.16 22.24 52.45
C LYS C 508 -69.24 21.18 52.33
N PRO C 509 -69.69 20.58 53.43
CA PRO C 509 -70.81 19.65 53.34
C PRO C 509 -72.11 20.38 53.08
N GLY C 510 -73.08 19.66 52.51
CA GLY C 510 -74.41 20.21 52.31
C GLY C 510 -74.51 21.20 51.19
N VAL C 511 -75.69 21.78 50.99
CA VAL C 511 -75.91 22.78 49.95
C VAL C 511 -76.26 24.14 50.55
N GLU C 512 -75.97 24.35 51.83
CA GLU C 512 -76.35 25.59 52.49
C GLU C 512 -75.62 26.80 51.92
N ALA C 513 -74.34 26.61 51.54
CA ALA C 513 -73.59 27.71 50.95
C ALA C 513 -74.13 28.07 49.58
N ILE C 514 -74.63 27.09 48.84
CA ILE C 514 -75.24 27.39 47.54
C ILE C 514 -76.59 28.05 47.76
N ARG C 515 -77.25 27.74 48.88
CA ARG C 515 -78.46 28.48 49.23
C ARG C 515 -78.13 29.91 49.65
N LYS C 516 -76.92 30.16 50.14
CA LYS C 516 -76.52 31.52 50.44
C LYS C 516 -76.21 32.29 49.17
N ASN C 517 -75.20 31.85 48.42
CA ASN C 517 -74.73 32.59 47.26
C ASN C 517 -75.25 31.96 45.99
N PRO C 518 -76.07 32.65 45.19
CA PRO C 518 -76.49 32.10 43.91
C PRO C 518 -75.36 32.17 42.90
N PRO C 519 -75.00 31.04 42.29
CA PRO C 519 -73.86 31.01 41.36
C PRO C 519 -74.28 31.21 39.91
N LYS C 520 -73.30 31.58 39.09
CA LYS C 520 -73.52 31.72 37.66
C LYS C 520 -72.83 30.64 36.83
N MET C 521 -72.00 29.81 37.43
CA MET C 521 -71.38 28.69 36.75
C MET C 521 -71.22 27.54 37.73
N LEU C 522 -71.77 26.38 37.39
CA LEU C 522 -71.73 25.28 38.36
C LEU C 522 -71.25 24.00 37.69
N PHE C 523 -70.37 23.31 38.40
CA PHE C 523 -69.78 22.05 37.96
C PHE C 523 -70.49 20.93 38.68
N LEU C 524 -71.30 20.19 37.96
CA LEU C 524 -72.01 19.05 38.53
C LEU C 524 -71.24 17.78 38.22
N LEU C 525 -70.62 17.22 39.26
CA LEU C 525 -69.86 15.97 39.16
C LEU C 525 -70.72 14.88 39.76
N GLY C 526 -71.58 14.30 38.92
CA GLY C 526 -72.40 13.19 39.33
C GLY C 526 -73.49 13.58 40.31
N ALA C 527 -74.22 14.66 40.02
CA ALA C 527 -75.37 15.01 40.83
C ALA C 527 -76.47 13.99 40.59
N ASP C 528 -76.82 13.23 41.62
CA ASP C 528 -77.66 12.06 41.42
C ASP C 528 -79.13 12.41 41.33
N GLY C 529 -79.71 12.92 42.42
CA GLY C 529 -81.15 13.06 42.46
C GLY C 529 -81.64 14.39 42.97
N GLY C 530 -82.50 14.35 44.00
CA GLY C 530 -83.12 15.54 44.53
C GLY C 530 -82.29 16.29 45.56
N CYS C 531 -81.11 16.76 45.16
CA CYS C 531 -80.33 17.68 45.97
C CYS C 531 -80.45 19.10 45.45
N VAL C 532 -80.07 19.33 44.19
CA VAL C 532 -80.13 20.65 43.59
C VAL C 532 -80.90 20.57 42.29
N THR C 533 -81.43 21.72 41.87
CA THR C 533 -82.13 21.87 40.61
C THR C 533 -81.69 23.19 39.97
N ARG C 534 -82.13 23.38 38.73
CA ARG C 534 -82.10 24.72 38.14
C ARG C 534 -83.10 25.66 38.78
N GLN C 535 -84.14 25.09 39.40
CA GLN C 535 -85.33 25.85 39.78
C GLN C 535 -85.03 26.89 40.85
N ASP C 536 -84.08 26.62 41.72
CA ASP C 536 -83.74 27.55 42.79
C ASP C 536 -82.51 28.37 42.45
N LEU C 537 -82.34 28.69 41.17
CA LEU C 537 -81.11 29.27 40.67
C LEU C 537 -81.51 30.12 39.47
N PRO C 538 -80.80 31.23 39.21
CA PRO C 538 -81.15 32.05 38.04
C PRO C 538 -80.94 31.29 36.75
N LYS C 539 -81.84 31.52 35.78
CA LYS C 539 -82.01 30.64 34.62
C LYS C 539 -80.80 30.59 33.72
N ASP C 540 -79.91 31.58 33.79
CA ASP C 540 -78.60 31.51 33.15
C ASP C 540 -77.68 30.70 34.07
N CYS C 541 -77.90 29.39 34.05
CA CYS C 541 -77.28 28.52 35.05
C CYS C 541 -75.84 28.20 34.67
N PHE C 542 -75.64 27.79 33.41
CA PHE C 542 -74.37 27.30 32.87
C PHE C 542 -73.85 26.14 33.71
N ILE C 543 -74.56 25.03 33.56
CA ILE C 543 -74.14 23.79 34.20
C ILE C 543 -73.14 23.10 33.28
N VAL C 544 -72.04 22.67 33.89
CA VAL C 544 -71.07 21.81 33.24
C VAL C 544 -71.21 20.48 33.94
N TYR C 545 -71.88 19.55 33.30
CA TYR C 545 -72.20 18.26 33.90
C TYR C 545 -71.18 17.26 33.40
N GLN C 546 -70.34 16.80 34.30
CA GLN C 546 -69.30 15.84 33.96
C GLN C 546 -69.72 14.49 34.50
N GLY C 547 -70.00 13.55 33.61
CA GLY C 547 -70.51 12.29 34.12
C GLY C 547 -70.64 11.15 33.16
N HIS C 548 -71.56 10.24 33.46
CA HIS C 548 -71.71 9.00 32.73
C HIS C 548 -73.10 8.44 32.96
N HIS C 549 -73.79 8.14 31.86
CA HIS C 549 -75.19 7.66 31.79
C HIS C 549 -76.12 8.40 32.74
N GLY C 550 -76.26 9.69 32.48
CA GLY C 550 -77.07 10.53 33.34
C GLY C 550 -78.56 10.28 33.13
N ASP C 551 -79.31 10.50 34.21
CA ASP C 551 -80.77 10.42 34.17
C ASP C 551 -81.39 11.69 34.75
N VAL C 552 -80.68 12.32 35.69
CA VAL C 552 -80.93 13.70 36.09
C VAL C 552 -79.59 14.40 36.13
N GLY C 553 -79.46 15.49 35.36
CA GLY C 553 -78.18 16.12 35.13
C GLY C 553 -77.89 16.09 33.64
N ALA C 554 -78.22 14.97 33.02
CA ALA C 554 -78.29 14.89 31.57
C ALA C 554 -79.57 15.53 31.00
N PRO C 555 -80.74 15.51 31.65
CA PRO C 555 -81.81 16.42 31.20
C PRO C 555 -81.66 17.86 31.65
N ILE C 556 -80.65 18.16 32.48
CA ILE C 556 -80.38 19.53 32.90
C ILE C 556 -79.35 20.18 31.97
N ALA C 557 -79.03 19.50 30.86
CA ALA C 557 -77.77 19.65 30.15
C ALA C 557 -77.55 21.04 29.57
N ASP C 558 -76.38 21.60 29.86
CA ASP C 558 -75.87 22.75 29.12
C ASP C 558 -74.55 22.45 28.45
N VAL C 559 -73.55 21.97 29.19
CA VAL C 559 -72.34 21.41 28.58
C VAL C 559 -72.06 20.07 29.22
N ILE C 560 -72.16 19.00 28.44
CA ILE C 560 -71.92 17.64 28.93
C ILE C 560 -70.49 17.24 28.60
N LEU C 561 -69.76 16.82 29.62
CA LEU C 561 -68.45 16.21 29.42
C LEU C 561 -68.52 14.76 29.86
N PRO C 562 -68.29 13.81 28.97
CA PRO C 562 -68.53 12.40 29.31
C PRO C 562 -67.45 11.80 30.19
N GLY C 563 -67.61 11.93 31.50
CA GLY C 563 -66.67 11.35 32.43
C GLY C 563 -66.68 9.83 32.43
N ALA C 564 -65.64 9.27 33.02
CA ALA C 564 -65.41 7.83 33.02
C ALA C 564 -66.27 7.15 34.08
N ALA C 565 -65.95 5.89 34.39
CA ALA C 565 -66.72 5.09 35.33
C ALA C 565 -65.84 4.55 36.45
N TYR C 566 -66.35 3.61 37.25
CA TYR C 566 -65.60 3.13 38.39
C TYR C 566 -64.70 1.94 38.06
N THR C 567 -64.66 1.50 36.81
CA THR C 567 -63.76 0.43 36.41
C THR C 567 -62.79 0.89 35.34
N GLU C 568 -62.52 2.18 35.28
CA GLU C 568 -61.90 2.74 34.10
C GLU C 568 -60.71 3.65 34.36
N LYS C 569 -60.32 3.83 35.62
CA LYS C 569 -59.31 4.83 35.92
C LYS C 569 -58.63 4.52 37.23
N SER C 570 -57.37 4.91 37.34
CA SER C 570 -56.55 4.64 38.51
C SER C 570 -56.94 5.62 39.61
N ALA C 571 -58.06 5.32 40.25
CA ALA C 571 -58.64 6.24 41.22
C ALA C 571 -58.40 5.74 42.64
N THR C 572 -58.31 6.69 43.56
CA THR C 572 -58.10 6.40 44.98
C THR C 572 -59.39 6.68 45.73
N TYR C 573 -59.90 5.67 46.42
CA TYR C 573 -61.14 5.80 47.16
C TYR C 573 -60.93 5.57 48.64
N VAL C 574 -61.89 6.05 49.43
CA VAL C 574 -61.84 6.01 50.88
C VAL C 574 -63.04 5.25 51.37
N ASN C 575 -62.82 4.24 52.20
CA ASN C 575 -63.94 3.52 52.80
C ASN C 575 -64.45 4.26 54.02
N THR C 576 -65.26 3.58 54.83
CA THR C 576 -65.88 4.25 55.96
C THR C 576 -64.91 4.50 57.11
N GLU C 577 -63.81 3.79 57.19
CA GLU C 577 -62.89 3.97 58.31
C GLU C 577 -61.56 4.56 57.87
N GLY C 578 -61.50 5.12 56.68
CA GLY C 578 -60.35 5.89 56.26
C GLY C 578 -59.21 5.09 55.68
N ARG C 579 -59.48 3.95 55.06
CA ARG C 579 -58.45 3.16 54.42
C ARG C 579 -58.40 3.52 52.96
N ALA C 580 -57.27 4.05 52.51
CA ALA C 580 -57.12 4.44 51.12
C ALA C 580 -56.96 3.20 50.26
N GLN C 581 -57.89 2.98 49.33
CA GLN C 581 -57.88 1.80 48.49
C GLN C 581 -57.93 2.21 47.04
N GLN C 582 -56.80 2.08 46.35
CA GLN C 582 -56.71 2.48 44.97
C GLN C 582 -57.47 1.51 44.06
N THR C 583 -58.06 2.05 43.01
CA THR C 583 -58.62 1.23 41.95
C THR C 583 -57.58 0.97 40.87
N LYS C 584 -57.88 0.02 39.99
CA LYS C 584 -56.97 -0.32 38.90
C LYS C 584 -57.72 -0.32 37.59
N VAL C 585 -56.97 -0.10 36.52
CA VAL C 585 -57.54 0.04 35.18
C VAL C 585 -57.91 -1.34 34.65
N ALA C 586 -59.17 -1.51 34.28
CA ALA C 586 -59.65 -2.76 33.71
C ALA C 586 -60.18 -2.60 32.30
N VAL C 587 -60.98 -1.57 32.06
CA VAL C 587 -61.59 -1.31 30.75
C VAL C 587 -61.30 0.13 30.36
N MET C 588 -60.78 0.33 29.17
CA MET C 588 -60.69 1.69 28.69
C MET C 588 -62.04 2.19 28.22
N PRO C 589 -62.38 3.46 28.50
CA PRO C 589 -63.78 3.86 28.53
C PRO C 589 -64.36 3.98 27.13
N PRO C 590 -65.65 3.69 26.97
CA PRO C 590 -66.26 3.77 25.64
C PRO C 590 -66.50 5.22 25.25
N GLY C 591 -66.61 5.43 23.95
CA GLY C 591 -66.76 6.79 23.48
C GLY C 591 -65.41 7.48 23.56
N LEU C 592 -65.45 8.82 23.62
CA LEU C 592 -64.21 9.56 23.73
C LEU C 592 -63.71 9.50 25.17
N ALA C 593 -64.43 10.16 26.08
CA ALA C 593 -64.49 9.87 27.52
C ALA C 593 -63.11 9.77 28.17
N ARG C 594 -62.43 10.90 28.21
CA ARG C 594 -61.11 10.93 28.84
C ARG C 594 -61.25 10.81 30.36
N GLU C 595 -60.10 10.76 31.02
CA GLU C 595 -60.06 10.69 32.48
C GLU C 595 -60.49 12.02 33.08
N ASP C 596 -61.06 11.96 34.28
CA ASP C 596 -61.73 13.13 34.85
C ASP C 596 -60.75 14.22 35.25
N TRP C 597 -59.71 13.87 36.00
CA TRP C 597 -58.69 14.85 36.35
C TRP C 597 -57.93 15.29 35.12
N LYS C 598 -57.81 14.41 34.12
CA LYS C 598 -57.21 14.77 32.85
C LYS C 598 -58.07 15.79 32.11
N ILE C 599 -59.41 15.62 32.16
CA ILE C 599 -60.34 16.61 31.64
C ILE C 599 -60.15 17.95 32.35
N ILE C 600 -60.04 17.93 33.67
CA ILE C 600 -59.97 19.17 34.42
C ILE C 600 -58.65 19.88 34.18
N ARG C 601 -57.56 19.11 34.03
CA ARG C 601 -56.29 19.79 33.77
C ARG C 601 -56.19 20.28 32.34
N ALA C 602 -56.87 19.61 31.39
CA ALA C 602 -56.93 20.16 30.04
C ALA C 602 -57.79 21.41 30.00
N LEU C 603 -58.84 21.45 30.83
CA LEU C 603 -59.66 22.64 30.95
C LEU C 603 -58.86 23.77 31.55
N SER C 604 -57.98 23.45 32.49
CA SER C 604 -57.10 24.46 33.06
C SER C 604 -56.07 24.93 32.06
N GLU C 605 -55.66 24.05 31.15
CA GLU C 605 -54.75 24.48 30.09
C GLU C 605 -55.43 25.45 29.12
N ILE C 606 -56.65 25.13 28.71
CA ILE C 606 -57.34 25.98 27.73
C ILE C 606 -57.80 27.28 28.39
N ALA C 607 -58.07 27.25 29.69
CA ALA C 607 -58.36 28.48 30.40
C ALA C 607 -57.08 29.31 30.57
N GLY C 608 -57.26 30.54 31.05
CA GLY C 608 -56.16 31.46 31.19
C GLY C 608 -55.37 31.32 32.47
N MET C 609 -54.95 30.09 32.76
CA MET C 609 -54.16 29.72 33.92
C MET C 609 -53.57 28.34 33.64
N THR C 610 -53.08 27.68 34.68
CA THR C 610 -52.57 26.33 34.54
C THR C 610 -52.64 25.62 35.88
N LEU C 611 -52.23 24.36 35.88
CA LEU C 611 -52.06 23.59 37.10
C LEU C 611 -50.66 23.00 37.11
N PRO C 612 -49.89 23.17 38.18
CA PRO C 612 -48.47 22.78 38.18
C PRO C 612 -48.23 21.29 38.45
N TYR C 613 -48.95 20.44 37.72
CA TYR C 613 -48.81 19.00 37.80
C TYR C 613 -49.47 18.40 36.57
N ASP C 614 -48.86 17.35 36.02
CA ASP C 614 -49.36 16.76 34.79
C ASP C 614 -49.67 15.28 34.90
N THR C 615 -48.79 14.51 35.52
CA THR C 615 -48.94 13.06 35.58
C THR C 615 -49.62 12.67 36.89
N LEU C 616 -50.08 11.41 36.91
CA LEU C 616 -50.82 10.92 38.07
C LEU C 616 -49.91 10.77 39.28
N ASP C 617 -48.61 10.58 39.07
CA ASP C 617 -47.66 10.60 40.16
C ASP C 617 -47.59 11.99 40.79
N GLN C 618 -47.62 13.04 39.97
CA GLN C 618 -47.67 14.38 40.52
C GLN C 618 -49.02 14.67 41.17
N VAL C 619 -50.10 14.04 40.68
CA VAL C 619 -51.40 14.18 41.32
C VAL C 619 -51.36 13.58 42.71
N ARG C 620 -50.76 12.41 42.86
CA ARG C 620 -50.67 11.80 44.19
C ARG C 620 -49.68 12.52 45.08
N ASN C 621 -48.67 13.18 44.50
CA ASN C 621 -47.80 14.03 45.31
C ASN C 621 -48.56 15.20 45.90
N ARG C 622 -49.41 15.85 45.09
CA ARG C 622 -50.26 16.91 45.64
C ARG C 622 -51.31 16.35 46.60
N LEU C 623 -51.74 15.11 46.37
CA LEU C 623 -52.66 14.46 47.30
C LEU C 623 -51.99 14.23 48.65
N GLU C 624 -50.68 13.96 48.64
CA GLU C 624 -49.95 13.91 49.89
C GLU C 624 -49.77 15.30 50.48
N GLU C 625 -49.65 16.32 49.62
CA GLU C 625 -49.58 17.72 50.06
C GLU C 625 -50.91 18.26 50.57
N VAL C 626 -51.99 17.50 50.48
CA VAL C 626 -53.25 17.83 51.12
C VAL C 626 -53.53 16.92 52.32
N SER C 627 -53.37 15.61 52.14
CA SER C 627 -53.71 14.65 53.17
C SER C 627 -52.65 13.56 53.28
N PRO C 628 -52.37 13.08 54.47
CA PRO C 628 -51.26 12.12 54.62
C PRO C 628 -51.72 10.68 54.55
N ASN C 629 -53.02 10.45 54.75
CA ASN C 629 -53.55 9.10 54.83
C ASN C 629 -53.94 8.51 53.48
N LEU C 630 -53.90 9.30 52.42
CA LEU C 630 -54.35 8.83 51.12
C LEU C 630 -53.21 8.39 50.24
N VAL C 631 -52.07 8.05 50.83
CA VAL C 631 -50.98 7.48 50.05
C VAL C 631 -50.61 6.12 50.61
N ARG C 632 -50.79 5.93 51.92
CA ARG C 632 -50.52 4.65 52.54
C ARG C 632 -51.68 3.74 52.19
N TYR C 633 -51.57 3.11 51.03
CA TYR C 633 -52.67 2.34 50.47
C TYR C 633 -52.90 1.06 51.26
N ASP C 634 -54.19 0.67 51.33
CA ASP C 634 -54.69 -0.55 51.94
C ASP C 634 -54.43 -0.63 53.45
N ASP C 635 -54.02 0.46 54.07
CA ASP C 635 -53.68 0.48 55.48
C ASP C 635 -54.40 1.65 56.15
N VAL C 636 -54.63 1.51 57.45
CA VAL C 636 -55.57 2.38 58.15
C VAL C 636 -54.98 2.77 59.51
N GLU C 637 -55.27 3.99 59.93
CA GLU C 637 -54.96 4.44 61.27
C GLU C 637 -55.99 5.51 61.63
N GLY C 638 -56.73 5.29 62.71
CA GLY C 638 -57.85 6.13 63.06
C GLY C 638 -57.44 7.46 63.67
N ALA C 639 -58.45 8.15 64.18
CA ALA C 639 -58.28 9.44 64.85
C ALA C 639 -58.58 9.27 66.34
N ASN C 640 -58.61 10.38 67.05
CA ASN C 640 -58.75 10.41 68.51
C ASN C 640 -59.53 11.66 68.89
N TYR C 641 -59.36 12.10 70.14
CA TYR C 641 -59.73 13.43 70.62
C TYR C 641 -61.24 13.60 70.69
N PHE C 642 -61.91 12.60 71.27
CA PHE C 642 -63.29 12.77 71.69
C PHE C 642 -63.42 13.86 72.75
N GLN C 643 -62.37 14.05 73.55
CA GLN C 643 -62.36 15.10 74.57
C GLN C 643 -62.45 16.49 73.94
N GLN C 644 -61.56 16.76 72.98
CA GLN C 644 -61.60 18.04 72.29
C GLN C 644 -62.83 18.17 71.41
N ALA C 645 -63.28 17.07 70.81
CA ALA C 645 -64.51 17.11 70.02
C ALA C 645 -65.73 17.40 70.89
N SER C 646 -65.72 16.91 72.12
CA SER C 646 -66.83 17.11 73.04
C SER C 646 -66.83 18.53 73.58
N GLU C 647 -65.67 19.08 73.90
CA GLU C 647 -65.69 20.46 74.38
C GLU C 647 -65.81 21.46 73.23
N LEU C 648 -65.58 21.04 71.99
CA LEU C 648 -65.98 21.85 70.85
C LEU C 648 -67.45 21.70 70.51
N SER C 649 -68.08 20.63 70.98
CA SER C 649 -69.50 20.41 70.70
C SER C 649 -70.43 21.22 71.60
N LYS C 650 -69.90 22.08 72.46
CA LYS C 650 -70.70 22.81 73.44
C LYS C 650 -70.83 24.29 73.08
N LEU C 651 -71.05 24.57 71.80
CA LEU C 651 -71.28 25.92 71.32
C LEU C 651 -72.75 26.14 70.95
N VAL C 652 -73.28 25.30 70.08
CA VAL C 652 -74.62 25.47 69.51
C VAL C 652 -75.52 24.37 70.03
N ASN C 653 -76.62 24.74 70.66
CA ASN C 653 -77.68 23.82 71.04
C ASN C 653 -78.95 24.25 70.33
N GLN C 654 -79.68 23.29 69.78
CA GLN C 654 -80.79 23.53 68.88
C GLN C 654 -82.07 22.90 69.44
N GLN C 655 -83.17 23.08 68.72
CA GLN C 655 -84.38 22.36 69.09
C GLN C 655 -84.34 20.93 68.58
N LEU C 656 -85.11 20.08 69.26
CA LEU C 656 -85.15 18.65 68.99
C LEU C 656 -86.59 18.30 68.67
N LEU C 657 -86.87 18.05 67.40
CA LEU C 657 -88.24 17.86 66.93
C LEU C 657 -88.82 16.54 67.42
N ALA C 658 -90.14 16.47 67.46
CA ALA C 658 -90.85 15.27 67.83
C ALA C 658 -91.15 14.37 66.65
N ASP C 659 -90.39 14.51 65.57
CA ASP C 659 -90.58 13.65 64.42
C ASP C 659 -90.04 12.26 64.71
N PRO C 660 -90.81 11.20 64.50
CA PRO C 660 -90.23 9.86 64.48
C PRO C 660 -89.33 9.69 63.27
N LEU C 661 -88.04 9.55 63.54
CA LEU C 661 -87.03 9.59 62.48
C LEU C 661 -87.01 8.27 61.71
N VAL C 662 -87.31 8.33 60.41
CA VAL C 662 -87.45 7.15 59.59
C VAL C 662 -86.38 7.18 58.51
N PRO C 663 -85.64 6.09 58.29
CA PRO C 663 -84.78 6.01 57.13
C PRO C 663 -85.60 5.80 55.86
N PRO C 664 -85.22 6.43 54.75
CA PRO C 664 -85.92 6.16 53.50
C PRO C 664 -85.68 4.76 52.97
N GLN C 665 -84.54 4.15 53.31
CA GLN C 665 -84.31 2.73 53.06
C GLN C 665 -85.32 1.92 53.86
N LEU C 666 -86.22 1.23 53.18
CA LEU C 666 -87.21 0.45 53.89
C LEU C 666 -87.25 -1.00 53.46
N THR C 667 -87.07 -1.29 52.18
CA THR C 667 -87.28 -2.64 51.70
C THR C 667 -86.42 -2.92 50.48
N ILE C 668 -86.73 -4.03 49.81
CA ILE C 668 -85.88 -4.58 48.75
C ILE C 668 -85.89 -3.66 47.53
N LYS C 669 -87.07 -3.15 47.16
CA LYS C 669 -87.16 -2.27 46.01
C LYS C 669 -86.44 -0.94 46.25
N ASP C 670 -86.46 -0.47 47.49
CA ASP C 670 -85.78 0.78 47.80
C ASP C 670 -84.28 0.57 47.96
N PHE C 671 -83.85 -0.66 48.20
CA PHE C 671 -82.42 -0.95 48.06
C PHE C 671 -82.03 -0.93 46.59
N TYR C 672 -82.82 -1.61 45.76
CA TYR C 672 -82.38 -1.88 44.39
C TYR C 672 -82.40 -0.65 43.52
N MET C 673 -83.33 0.28 43.74
CA MET C 673 -83.40 1.40 42.81
C MET C 673 -82.47 2.56 43.13
N THR C 674 -82.24 2.86 44.41
CA THR C 674 -81.67 4.16 44.77
C THR C 674 -80.15 4.13 44.58
N ASP C 675 -79.76 4.19 43.30
CA ASP C 675 -78.42 4.49 42.84
C ASP C 675 -78.47 4.89 41.37
N SER C 676 -77.37 5.50 40.92
CA SER C 676 -77.27 5.95 39.53
C SER C 676 -77.05 4.77 38.59
N ILE C 677 -76.09 3.90 38.91
CA ILE C 677 -75.74 2.84 38.00
C ILE C 677 -76.81 1.76 38.01
N SER C 678 -77.40 1.50 39.18
CA SER C 678 -78.53 0.58 39.24
C SER C 678 -79.77 1.21 38.61
N ARG C 679 -79.86 2.53 38.64
CA ARG C 679 -80.92 3.22 37.93
C ARG C 679 -80.76 3.06 36.43
N ALA C 680 -79.54 2.87 35.94
CA ALA C 680 -79.34 2.79 34.50
C ALA C 680 -79.64 1.40 33.93
N SER C 681 -79.60 0.33 34.72
CA SER C 681 -79.56 -1.03 34.18
C SER C 681 -80.93 -1.52 33.74
N GLN C 682 -81.04 -2.83 33.52
CA GLN C 682 -82.31 -3.52 33.34
C GLN C 682 -82.53 -4.66 34.31
N THR C 683 -81.47 -5.33 34.77
CA THR C 683 -81.60 -6.49 35.63
C THR C 683 -82.19 -6.10 36.98
N MET C 684 -81.86 -4.90 37.44
CA MET C 684 -82.49 -4.37 38.64
C MET C 684 -83.98 -4.16 38.44
N ALA C 685 -84.39 -3.72 37.25
CA ALA C 685 -85.82 -3.53 36.98
C ALA C 685 -86.55 -4.86 36.94
N LYS C 686 -85.89 -5.90 36.40
CA LYS C 686 -86.50 -7.23 36.35
C LYS C 686 -86.68 -7.81 37.75
N CYS C 687 -85.66 -7.70 38.61
CA CYS C 687 -85.85 -8.21 39.96
C CYS C 687 -86.73 -7.31 40.82
N VAL C 688 -86.87 -6.03 40.49
CA VAL C 688 -87.84 -5.18 41.17
C VAL C 688 -89.26 -5.62 40.87
N LYS C 689 -89.57 -5.86 39.59
CA LYS C 689 -90.91 -6.36 39.29
C LYS C 689 -91.11 -7.79 39.78
N ALA C 690 -90.03 -8.55 39.98
CA ALA C 690 -90.17 -9.85 40.62
C ALA C 690 -90.51 -9.73 42.10
N VAL C 691 -89.91 -8.76 42.79
CA VAL C 691 -90.22 -8.56 44.21
C VAL C 691 -91.65 -8.07 44.38
N THR C 692 -92.08 -7.16 43.50
CA THR C 692 -93.46 -6.68 43.59
C THR C 692 -94.46 -7.77 43.17
N GLU C 693 -94.08 -8.64 42.25
CA GLU C 693 -94.97 -9.72 41.81
C GLU C 693 -94.48 -11.07 42.34
N ALA D 1 49.09 12.40 7.60
CA ALA D 1 49.89 11.80 6.53
C ALA D 1 50.22 12.85 5.48
N ARG D 2 49.73 14.07 5.72
CA ARG D 2 50.13 15.31 5.05
C ARG D 2 49.63 15.39 3.60
N GLN D 3 49.12 14.29 3.07
CA GLN D 3 48.53 14.27 1.74
C GLN D 3 47.03 14.49 1.88
N TRP D 4 46.51 15.44 1.12
CA TRP D 4 45.10 15.78 1.21
C TRP D 4 44.24 14.65 0.67
N GLN D 5 43.12 14.42 1.32
CA GLN D 5 42.19 13.43 0.86
C GLN D 5 40.82 14.05 0.65
N PRO D 6 40.04 13.54 -0.29
CA PRO D 6 38.63 13.93 -0.38
C PRO D 6 37.88 13.42 0.83
N ASP D 7 36.86 14.18 1.23
CA ASP D 7 36.23 14.02 2.53
C ASP D 7 34.79 13.55 2.36
N VAL D 8 34.06 13.54 3.48
CA VAL D 8 32.67 13.09 3.46
C VAL D 8 31.81 14.04 2.65
N GLU D 9 32.05 15.35 2.77
CA GLU D 9 31.25 16.28 1.97
C GLU D 9 31.63 16.25 0.50
N TRP D 10 32.90 15.95 0.19
CA TRP D 10 33.30 15.73 -1.21
C TRP D 10 32.58 14.54 -1.80
N ALA D 11 32.59 13.42 -1.09
CA ALA D 11 31.93 12.23 -1.61
C ALA D 11 30.41 12.31 -1.52
N GLU D 12 29.86 13.26 -0.78
CA GLU D 12 28.44 13.57 -0.92
C GLU D 12 28.18 14.38 -2.18
N GLN D 13 29.07 15.32 -2.50
CA GLN D 13 28.91 16.11 -3.72
C GLN D 13 29.09 15.26 -4.96
N TYR D 14 29.91 14.22 -4.89
CA TYR D 14 29.91 13.17 -5.92
C TYR D 14 28.94 12.06 -5.57
N GLY D 15 27.73 12.45 -5.20
CA GLY D 15 26.70 11.52 -4.78
C GLY D 15 25.36 12.21 -4.86
N GLY D 16 24.32 11.43 -4.75
CA GLY D 16 22.96 11.88 -5.02
C GLY D 16 22.45 11.30 -6.32
N ALA D 17 21.24 11.71 -6.67
CA ALA D 17 20.62 11.13 -7.85
C ALA D 17 21.18 11.69 -9.13
N VAL D 18 21.42 12.99 -9.18
CA VAL D 18 22.07 13.61 -10.34
C VAL D 18 23.31 14.34 -9.86
N MET D 19 24.02 14.95 -10.78
CA MET D 19 25.18 15.74 -10.39
C MET D 19 24.84 17.20 -10.14
N TYR D 20 24.11 17.83 -11.07
CA TYR D 20 23.93 19.27 -11.04
C TYR D 20 22.54 19.64 -10.56
N PRO D 21 22.41 20.25 -9.39
CA PRO D 21 21.08 20.61 -8.89
C PRO D 21 20.52 21.81 -9.61
N THR D 22 19.24 21.70 -9.98
CA THR D 22 18.49 22.78 -10.61
C THR D 22 17.33 23.17 -9.70
N LYS D 23 16.41 23.97 -10.26
CA LYS D 23 15.15 24.27 -9.59
C LYS D 23 14.20 23.09 -9.59
N GLU D 24 14.52 22.01 -10.32
CA GLU D 24 13.63 20.89 -10.52
C GLU D 24 14.18 19.58 -9.97
N THR D 25 15.40 19.61 -9.41
CA THR D 25 16.12 18.40 -9.00
C THR D 25 15.59 17.78 -7.72
N ALA D 26 14.59 18.38 -7.07
CA ALA D 26 14.14 17.88 -5.78
C ALA D 26 13.36 16.58 -5.87
N HIS D 27 12.98 16.14 -7.08
CA HIS D 27 12.13 14.98 -7.22
C HIS D 27 12.89 13.71 -7.52
N TRP D 28 14.09 13.79 -8.08
CA TRP D 28 14.92 12.60 -8.22
C TRP D 28 15.46 12.19 -6.87
N LYS D 29 14.78 11.28 -6.22
CA LYS D 29 15.32 10.64 -5.04
C LYS D 29 16.37 9.61 -5.48
N PRO D 30 17.38 9.35 -4.66
CA PRO D 30 18.37 8.34 -5.04
C PRO D 30 17.75 6.97 -5.01
N PRO D 31 18.19 6.05 -5.86
CA PRO D 31 17.47 4.80 -6.03
C PRO D 31 17.70 3.88 -4.84
N PRO D 32 16.70 3.06 -4.49
CA PRO D 32 16.93 2.05 -3.46
C PRO D 32 17.91 1.01 -3.96
N TRP D 33 18.74 0.54 -3.04
CA TRP D 33 19.95 -0.18 -3.40
C TRP D 33 19.67 -1.62 -3.79
N ASN D 34 18.55 -2.17 -3.36
CA ASN D 34 18.10 -3.47 -3.82
C ASN D 34 17.34 -3.39 -5.14
N ASP D 35 17.10 -2.17 -5.63
CA ASP D 35 16.30 -1.90 -6.83
C ASP D 35 14.89 -2.46 -6.71
N VAL D 36 14.31 -2.34 -5.51
CA VAL D 36 12.94 -2.76 -5.25
C VAL D 36 12.23 -1.61 -4.55
N ASP D 37 11.06 -1.23 -5.07
CA ASP D 37 10.22 -0.25 -4.41
C ASP D 37 9.55 -0.88 -3.18
N PRO D 38 9.15 -0.08 -2.20
CA PRO D 38 8.41 -0.61 -1.04
C PRO D 38 6.97 -0.94 -1.40
N PRO D 39 6.71 -2.19 -1.79
CA PRO D 39 5.61 -2.49 -2.71
C PRO D 39 4.24 -2.33 -2.07
N LYS D 40 3.23 -2.36 -2.94
CA LYS D 40 1.83 -2.26 -2.54
C LYS D 40 1.08 -3.47 -3.06
N ASP D 41 0.37 -4.16 -2.17
CA ASP D 41 -0.61 -5.16 -2.58
C ASP D 41 -1.98 -4.50 -2.66
N THR D 42 -2.24 -3.85 -3.79
CA THR D 42 -3.44 -3.02 -3.97
C THR D 42 -4.64 -3.95 -4.13
N LEU D 43 -5.13 -4.40 -2.97
CA LEU D 43 -6.27 -5.31 -2.89
C LEU D 43 -6.88 -5.06 -1.50
N VAL D 44 -8.00 -4.34 -1.49
CA VAL D 44 -8.64 -3.95 -0.23
C VAL D 44 -9.14 -5.18 0.51
N SER D 45 -9.92 -6.00 -0.16
CA SER D 45 -10.26 -7.33 0.29
C SER D 45 -10.21 -8.26 -0.92
N ASN D 46 -10.41 -9.55 -0.67
CA ASN D 46 -10.51 -10.52 -1.76
C ASN D 46 -11.90 -10.45 -2.36
N LEU D 47 -12.25 -11.42 -3.20
CA LEU D 47 -13.58 -11.41 -3.79
C LEU D 47 -14.57 -11.82 -2.72
N THR D 48 -15.32 -10.85 -2.20
CA THR D 48 -16.30 -11.10 -1.14
C THR D 48 -17.65 -11.30 -1.81
N LEU D 49 -17.89 -12.53 -2.22
CA LEU D 49 -19.14 -12.88 -2.87
C LEU D 49 -20.24 -12.96 -1.84
N ASN D 50 -21.16 -11.99 -1.90
CA ASN D 50 -22.43 -12.05 -1.18
C ASN D 50 -23.38 -12.90 -2.02
N PHE D 51 -23.20 -14.21 -1.94
CA PHE D 51 -24.08 -15.13 -2.63
C PHE D 51 -25.47 -15.06 -2.03
N GLY D 52 -26.43 -14.61 -2.84
CA GLY D 52 -27.72 -14.16 -2.37
C GLY D 52 -28.68 -15.26 -1.98
N PRO D 53 -29.74 -14.86 -1.25
CA PRO D 53 -30.70 -15.84 -0.73
C PRO D 53 -31.79 -16.24 -1.71
N GLN D 54 -31.61 -16.01 -3.00
CA GLN D 54 -32.72 -16.22 -3.93
C GLN D 54 -33.00 -17.70 -4.18
N HIS D 55 -31.99 -18.48 -4.62
CA HIS D 55 -32.35 -19.66 -5.41
C HIS D 55 -31.17 -20.64 -5.54
N PRO D 56 -31.24 -21.69 -6.37
CA PRO D 56 -31.19 -23.07 -5.85
C PRO D 56 -29.98 -23.47 -5.03
N ALA D 57 -28.83 -22.80 -5.16
CA ALA D 57 -27.64 -23.31 -4.49
C ALA D 57 -27.66 -23.07 -2.99
N ALA D 58 -28.62 -22.30 -2.47
CA ALA D 58 -28.90 -22.36 -1.05
C ALA D 58 -29.74 -23.58 -0.70
N HIS D 59 -30.59 -24.03 -1.63
CA HIS D 59 -31.69 -24.98 -1.39
C HIS D 59 -32.54 -24.49 -0.20
N GLY D 60 -33.23 -23.40 -0.47
CA GLY D 60 -33.83 -22.60 0.58
C GLY D 60 -33.15 -21.24 0.63
N VAL D 61 -32.78 -20.84 1.84
CA VAL D 61 -32.12 -19.57 2.06
C VAL D 61 -30.94 -19.77 2.98
N LEU D 62 -29.75 -19.40 2.51
CA LEU D 62 -28.60 -19.12 3.33
C LEU D 62 -27.88 -17.96 2.66
N ARG D 63 -27.59 -16.92 3.41
CA ARG D 63 -26.96 -15.75 2.81
C ARG D 63 -25.48 -16.03 2.92
N LEU D 64 -24.88 -16.50 1.83
CA LEU D 64 -23.51 -16.96 1.94
C LEU D 64 -22.63 -15.75 1.72
N VAL D 65 -21.62 -15.58 2.56
CA VAL D 65 -20.61 -14.56 2.32
C VAL D 65 -19.29 -15.29 2.24
N MET D 66 -18.86 -15.59 1.03
CA MET D 66 -17.60 -16.29 0.83
C MET D 66 -16.54 -15.30 0.38
N GLU D 67 -15.50 -15.15 1.17
CA GLU D 67 -14.38 -14.29 0.84
C GLU D 67 -13.30 -15.17 0.24
N LEU D 68 -12.94 -14.90 -1.00
CA LEU D 68 -12.19 -15.88 -1.75
C LEU D 68 -11.07 -15.26 -2.57
N SER D 69 -9.88 -15.88 -2.49
CA SER D 69 -9.00 -15.86 -3.64
C SER D 69 -9.55 -16.81 -4.69
N GLY D 70 -9.34 -16.45 -5.96
CA GLY D 70 -10.13 -16.84 -7.10
C GLY D 70 -10.21 -18.31 -7.49
N GLU D 71 -11.45 -18.77 -7.77
CA GLU D 71 -11.81 -20.18 -7.99
C GLU D 71 -11.31 -21.07 -6.86
N MET D 72 -11.33 -20.48 -5.68
CA MET D 72 -10.78 -21.04 -4.46
C MET D 72 -11.54 -20.31 -3.35
N VAL D 73 -10.90 -20.09 -2.23
CA VAL D 73 -11.52 -19.49 -1.05
C VAL D 73 -10.50 -18.60 -0.35
N ARG D 74 -10.96 -17.96 0.72
CA ARG D 74 -10.09 -17.70 1.87
C ARG D 74 -10.83 -18.17 3.10
N LYS D 75 -12.06 -17.67 3.28
CA LYS D 75 -12.95 -18.02 4.38
C LYS D 75 -14.38 -17.84 3.90
N CYS D 76 -15.35 -18.19 4.76
CA CYS D 76 -16.75 -17.96 4.44
C CYS D 76 -17.57 -17.97 5.73
N ASP D 77 -18.67 -17.23 5.70
CA ASP D 77 -19.64 -17.22 6.79
C ASP D 77 -21.00 -17.56 6.20
N PRO D 78 -21.65 -18.61 6.65
CA PRO D 78 -23.05 -18.78 6.32
C PRO D 78 -23.91 -17.90 7.20
N HIS D 79 -24.38 -16.75 6.72
CA HIS D 79 -25.31 -15.97 7.51
C HIS D 79 -26.66 -16.66 7.42
N ILE D 80 -27.09 -17.22 8.55
CA ILE D 80 -28.30 -18.00 8.64
C ILE D 80 -29.14 -17.40 9.77
N GLY D 81 -30.41 -17.76 9.80
CA GLY D 81 -31.35 -17.12 10.67
C GLY D 81 -32.36 -16.29 9.94
N LEU D 82 -32.31 -16.26 8.61
CA LEU D 82 -33.34 -15.59 7.82
C LEU D 82 -34.67 -16.32 7.97
N LEU D 83 -34.61 -17.62 8.23
CA LEU D 83 -35.80 -18.41 8.51
C LEU D 83 -36.05 -18.50 10.01
N HIS D 84 -36.03 -17.37 10.73
CA HIS D 84 -36.30 -17.43 12.17
C HIS D 84 -37.77 -17.19 12.45
N ARG D 85 -38.32 -17.99 13.34
CA ARG D 85 -39.75 -18.06 13.52
C ARG D 85 -40.20 -18.00 14.96
N GLY D 86 -39.29 -17.98 15.93
CA GLY D 86 -39.69 -17.85 17.31
C GLY D 86 -40.22 -19.09 17.95
N THR D 87 -39.62 -20.24 17.67
CA THR D 87 -40.18 -21.52 18.06
C THR D 87 -40.17 -21.73 19.56
N GLU D 88 -39.02 -21.50 20.19
CA GLU D 88 -38.90 -21.73 21.63
C GLU D 88 -39.74 -20.74 22.42
N LYS D 89 -39.86 -19.51 21.93
CA LYS D 89 -40.70 -18.51 22.58
C LYS D 89 -42.17 -18.89 22.52
N LEU D 90 -42.62 -19.33 21.34
CA LEU D 90 -44.00 -19.73 21.19
C LEU D 90 -44.34 -20.96 22.02
N ILE D 91 -43.41 -21.91 22.12
CA ILE D 91 -43.71 -23.07 22.96
C ILE D 91 -43.71 -22.68 24.43
N GLU D 92 -42.87 -21.70 24.81
CA GLU D 92 -42.92 -21.16 26.17
C GLU D 92 -44.26 -20.53 26.48
N TYR D 93 -44.94 -19.96 25.50
CA TYR D 93 -46.25 -19.39 25.81
C TYR D 93 -47.41 -20.32 25.47
N LYS D 94 -47.15 -21.62 25.29
CA LYS D 94 -48.22 -22.57 25.04
C LYS D 94 -48.08 -23.76 25.97
N THR D 95 -49.02 -24.69 25.85
CA THR D 95 -49.02 -25.90 26.67
C THR D 95 -48.27 -26.99 25.93
N TYR D 96 -48.39 -28.24 26.40
CA TYR D 96 -47.69 -29.34 25.76
C TYR D 96 -48.39 -29.77 24.47
N LEU D 97 -49.64 -30.19 24.63
CA LEU D 97 -50.45 -30.70 23.53
C LEU D 97 -50.70 -29.63 22.47
N GLN D 98 -50.85 -28.37 22.88
CA GLN D 98 -51.05 -27.31 21.90
C GLN D 98 -49.79 -27.02 21.11
N ALA D 99 -48.63 -27.09 21.75
CA ALA D 99 -47.40 -26.74 21.06
C ALA D 99 -46.71 -27.95 20.45
N LEU D 100 -47.38 -29.09 20.40
CA LEU D 100 -46.90 -30.21 19.61
C LEU D 100 -46.58 -29.94 18.13
N PRO D 101 -47.37 -29.19 17.34
CA PRO D 101 -46.99 -29.02 15.92
C PRO D 101 -45.71 -28.23 15.68
N TYR D 102 -45.24 -27.44 16.65
CA TYR D 102 -43.92 -26.84 16.51
C TYR D 102 -42.85 -27.90 16.46
N PHE D 103 -43.00 -28.94 17.29
CA PHE D 103 -42.10 -30.06 17.16
C PHE D 103 -42.43 -30.93 15.96
N ASP D 104 -43.59 -30.76 15.35
CA ASP D 104 -43.80 -31.44 14.09
C ASP D 104 -42.99 -30.78 12.98
N ARG D 105 -42.86 -29.46 13.03
CA ARG D 105 -42.37 -28.74 11.86
C ARG D 105 -41.11 -27.91 12.08
N LEU D 106 -40.43 -28.03 13.22
CA LEU D 106 -39.14 -27.35 13.32
C LEU D 106 -38.11 -28.04 12.44
N ASP D 107 -38.17 -29.35 12.32
CA ASP D 107 -37.70 -30.02 11.11
C ASP D 107 -38.95 -30.25 10.28
N TYR D 108 -38.92 -29.77 9.05
CA TYR D 108 -40.11 -29.83 8.23
C TYR D 108 -40.11 -30.97 7.24
N VAL D 109 -39.20 -31.92 7.38
CA VAL D 109 -39.19 -33.08 6.51
C VAL D 109 -39.48 -34.35 7.28
N SER D 110 -38.72 -34.60 8.33
CA SER D 110 -38.97 -35.74 9.20
C SER D 110 -40.22 -35.46 10.01
N MET D 111 -41.36 -35.86 9.45
CA MET D 111 -42.66 -35.48 9.98
C MET D 111 -43.12 -36.35 11.13
N MET D 112 -42.38 -37.40 11.48
CA MET D 112 -42.82 -38.34 12.50
C MET D 112 -41.73 -38.56 13.52
N CYS D 113 -40.48 -38.40 13.08
CA CYS D 113 -39.36 -38.66 13.96
C CYS D 113 -39.28 -37.60 15.05
N ASN D 114 -39.48 -36.34 14.72
CA ASN D 114 -39.38 -35.31 15.73
C ASN D 114 -40.58 -35.31 16.65
N GLU D 115 -41.74 -35.70 16.13
CA GLU D 115 -42.88 -36.01 16.98
C GLU D 115 -42.57 -37.13 17.95
N GLN D 116 -41.91 -38.18 17.46
CA GLN D 116 -41.46 -39.28 18.32
C GLN D 116 -40.49 -38.80 19.37
N ALA D 117 -39.63 -37.85 19.01
CA ALA D 117 -38.64 -37.32 19.95
C ALA D 117 -39.30 -36.53 21.05
N TYR D 118 -40.25 -35.68 20.69
CA TYR D 118 -40.96 -34.90 21.69
C TYR D 118 -41.83 -35.78 22.57
N SER D 119 -42.48 -36.78 21.98
CA SER D 119 -43.31 -37.68 22.77
C SER D 119 -42.47 -38.55 23.68
N LEU D 120 -41.27 -38.91 23.26
CA LEU D 120 -40.40 -39.66 24.16
C LEU D 120 -39.83 -38.79 25.25
N ALA D 121 -39.64 -37.49 25.01
CA ALA D 121 -39.24 -36.61 26.11
C ALA D 121 -40.34 -36.48 27.14
N VAL D 122 -41.58 -36.35 26.69
CA VAL D 122 -42.70 -36.24 27.64
C VAL D 122 -42.92 -37.56 28.38
N GLU D 123 -42.81 -38.69 27.68
CA GLU D 123 -42.93 -39.99 28.35
C GLU D 123 -41.78 -40.28 29.29
N LYS D 124 -40.57 -39.85 28.94
CA LYS D 124 -39.41 -40.05 29.80
C LYS D 124 -39.51 -39.21 31.05
N LEU D 125 -40.13 -38.04 30.95
CA LEU D 125 -40.32 -37.28 32.17
C LEU D 125 -41.50 -37.81 32.97
N LEU D 126 -42.52 -38.34 32.29
CA LEU D 126 -43.82 -38.54 32.90
C LEU D 126 -43.98 -39.90 33.56
N ASN D 127 -42.99 -40.79 33.41
CA ASN D 127 -43.01 -42.17 33.93
C ASN D 127 -44.22 -42.95 33.42
N ILE D 128 -44.33 -43.04 32.10
CA ILE D 128 -45.32 -43.90 31.46
C ILE D 128 -44.66 -44.68 30.34
N GLN D 129 -44.65 -46.00 30.46
CA GLN D 129 -44.35 -46.84 29.32
C GLN D 129 -45.52 -46.81 28.36
N PRO D 130 -45.28 -46.57 27.07
CA PRO D 130 -46.35 -46.71 26.09
C PRO D 130 -46.66 -48.17 25.81
N PRO D 131 -47.88 -48.48 25.37
CA PRO D 131 -48.28 -49.88 25.13
C PRO D 131 -47.54 -50.48 23.94
N PRO D 132 -47.53 -51.81 23.76
CA PRO D 132 -46.64 -52.40 22.74
C PRO D 132 -46.98 -52.08 21.29
N ARG D 133 -48.26 -52.15 20.91
CA ARG D 133 -48.62 -51.91 19.51
C ARG D 133 -48.36 -50.47 19.09
N ALA D 134 -48.49 -49.53 20.02
CA ALA D 134 -48.12 -48.16 19.72
C ALA D 134 -46.63 -48.02 19.48
N GLN D 135 -45.82 -48.76 20.24
CA GLN D 135 -44.38 -48.76 20.02
C GLN D 135 -44.02 -49.31 18.65
N TRP D 136 -44.71 -50.38 18.23
CA TRP D 136 -44.40 -50.95 16.92
C TRP D 136 -44.85 -50.04 15.78
N ILE D 137 -45.99 -49.38 15.91
CA ILE D 137 -46.43 -48.45 14.87
C ILE D 137 -45.49 -47.24 14.80
N ARG D 138 -45.02 -46.79 15.96
CA ARG D 138 -44.07 -45.69 16.01
C ARG D 138 -42.74 -46.07 15.37
N VAL D 139 -42.30 -47.32 15.55
CA VAL D 139 -41.07 -47.79 14.93
C VAL D 139 -41.22 -47.92 13.42
N LEU D 140 -42.37 -48.46 12.97
CA LEU D 140 -42.65 -48.58 11.54
C LEU D 140 -42.64 -47.23 10.84
N PHE D 141 -43.29 -46.24 11.44
CA PHE D 141 -43.28 -44.94 10.80
C PHE D 141 -41.98 -44.17 11.02
N GLY D 142 -41.20 -44.53 12.05
CA GLY D 142 -39.84 -44.02 12.12
C GLY D 142 -39.00 -44.50 10.96
N GLU D 143 -39.16 -45.76 10.57
CA GLU D 143 -38.38 -46.29 9.45
C GLU D 143 -38.86 -45.73 8.12
N ILE D 144 -40.18 -45.59 7.95
CA ILE D 144 -40.71 -44.95 6.75
C ILE D 144 -40.25 -43.50 6.64
N THR D 145 -40.22 -42.78 7.76
CA THR D 145 -39.78 -41.40 7.75
C THR D 145 -38.30 -41.29 7.45
N ARG D 146 -37.52 -42.24 7.96
CA ARG D 146 -36.09 -42.29 7.63
C ARG D 146 -35.88 -42.53 6.15
N LEU D 147 -36.70 -43.40 5.57
CA LEU D 147 -36.61 -43.69 4.14
C LEU D 147 -36.91 -42.46 3.31
N LEU D 148 -37.99 -41.75 3.67
CA LEU D 148 -38.37 -40.52 2.99
C LEU D 148 -37.30 -39.44 3.11
N ASN D 149 -36.70 -39.32 4.28
CA ASN D 149 -35.76 -38.23 4.49
C ASN D 149 -34.42 -38.49 3.78
N HIS D 150 -33.96 -39.74 3.78
CA HIS D 150 -32.74 -40.04 3.04
C HIS D 150 -32.94 -39.96 1.54
N ILE D 151 -34.12 -40.36 1.04
CA ILE D 151 -34.32 -40.26 -0.39
C ILE D 151 -34.47 -38.81 -0.82
N MET D 152 -35.01 -37.94 0.05
CA MET D 152 -34.99 -36.51 -0.26
C MET D 152 -33.58 -35.97 -0.25
N ALA D 153 -32.74 -36.43 0.67
CA ALA D 153 -31.37 -35.92 0.77
C ALA D 153 -30.56 -36.26 -0.48
N VAL D 154 -30.66 -37.50 -0.94
CA VAL D 154 -29.98 -37.92 -2.17
C VAL D 154 -30.51 -37.15 -3.38
N THR D 155 -31.84 -37.01 -3.47
CA THR D 155 -32.38 -36.35 -4.65
C THR D 155 -32.13 -34.85 -4.67
N THR D 156 -32.08 -34.19 -3.51
CA THR D 156 -31.77 -32.78 -3.55
C THR D 156 -30.29 -32.55 -3.75
N HIS D 157 -29.43 -33.49 -3.34
CA HIS D 157 -28.03 -33.44 -3.72
C HIS D 157 -27.88 -33.52 -5.23
N ALA D 158 -28.66 -34.42 -5.85
CA ALA D 158 -28.59 -34.59 -7.29
C ALA D 158 -29.09 -33.35 -8.03
N LEU D 159 -30.22 -32.79 -7.60
CA LEU D 159 -30.74 -31.61 -8.29
C LEU D 159 -29.88 -30.38 -8.02
N ASP D 160 -29.20 -30.34 -6.87
CA ASP D 160 -28.27 -29.25 -6.63
C ASP D 160 -27.03 -29.38 -7.50
N ILE D 161 -26.63 -30.62 -7.83
CA ILE D 161 -25.40 -30.79 -8.60
C ILE D 161 -25.66 -30.88 -10.10
N GLY D 162 -26.92 -30.95 -10.52
CA GLY D 162 -27.26 -31.18 -11.91
C GLY D 162 -28.42 -32.14 -11.95
N ALA D 163 -28.25 -33.27 -12.65
CA ALA D 163 -28.88 -34.58 -12.39
C ALA D 163 -30.39 -34.49 -12.22
N MET D 164 -31.07 -34.16 -13.32
CA MET D 164 -32.47 -33.81 -13.27
C MET D 164 -33.35 -35.00 -12.90
N THR D 165 -33.35 -36.05 -13.71
CA THR D 165 -34.40 -37.07 -13.59
C THR D 165 -34.45 -38.05 -12.40
N PRO D 166 -33.36 -38.46 -11.71
CA PRO D 166 -33.55 -39.46 -10.65
C PRO D 166 -34.30 -38.92 -9.45
N PHE D 167 -34.11 -37.61 -9.19
CA PHE D 167 -35.02 -36.80 -8.42
C PHE D 167 -36.49 -37.10 -8.69
N PHE D 168 -36.86 -37.18 -9.96
CA PHE D 168 -38.27 -37.33 -10.29
C PHE D 168 -38.77 -38.76 -10.12
N TRP D 169 -37.93 -39.75 -10.43
CA TRP D 169 -38.32 -41.14 -10.18
C TRP D 169 -38.59 -41.35 -8.68
N MET D 170 -37.68 -40.86 -7.87
CA MET D 170 -37.84 -41.07 -6.44
C MET D 170 -38.87 -40.12 -5.83
N PHE D 171 -39.17 -38.99 -6.45
CA PHE D 171 -40.32 -38.23 -5.96
C PHE D 171 -41.65 -38.86 -6.32
N GLU D 172 -41.75 -39.65 -7.40
CA GLU D 172 -42.99 -40.38 -7.58
C GLU D 172 -43.16 -41.42 -6.48
N GLU D 173 -42.05 -42.07 -6.10
CA GLU D 173 -42.10 -42.97 -4.94
C GLU D 173 -42.48 -42.24 -3.65
N ARG D 174 -41.94 -41.04 -3.47
CA ARG D 174 -42.26 -40.25 -2.27
C ARG D 174 -43.71 -39.78 -2.29
N GLU D 175 -44.29 -39.59 -3.48
CA GLU D 175 -45.72 -39.29 -3.57
C GLU D 175 -46.56 -40.47 -3.10
N LYS D 176 -46.13 -41.68 -3.41
CA LYS D 176 -46.81 -42.86 -2.85
C LYS D 176 -46.75 -42.86 -1.32
N MET D 177 -45.61 -42.48 -0.77
CA MET D 177 -45.51 -42.52 0.69
C MET D 177 -46.29 -41.39 1.34
N PHE D 178 -46.41 -40.24 0.66
CA PHE D 178 -47.34 -39.20 1.11
C PHE D 178 -48.77 -39.68 1.10
N GLU D 179 -49.13 -40.51 0.11
CA GLU D 179 -50.47 -41.11 0.12
C GLU D 179 -50.68 -42.02 1.32
N PHE D 180 -49.63 -42.75 1.73
CA PHE D 180 -49.78 -43.60 2.92
C PHE D 180 -49.96 -42.78 4.18
N TYR D 181 -49.18 -41.70 4.33
CA TYR D 181 -49.40 -40.78 5.45
C TYR D 181 -50.79 -40.18 5.43
N GLU D 182 -51.32 -39.91 4.24
CA GLU D 182 -52.67 -39.35 4.17
C GLU D 182 -53.72 -40.36 4.59
N ARG D 183 -53.57 -41.63 4.20
CA ARG D 183 -54.53 -42.63 4.63
C ARG D 183 -54.43 -42.87 6.13
N VAL D 184 -53.25 -42.66 6.72
CA VAL D 184 -53.11 -42.82 8.17
C VAL D 184 -53.76 -41.67 8.91
N SER D 185 -53.35 -40.44 8.61
CA SER D 185 -53.84 -39.28 9.34
C SER D 185 -54.84 -38.47 8.53
N GLY D 186 -54.43 -38.01 7.36
CA GLY D 186 -55.22 -37.08 6.61
C GLY D 186 -54.37 -35.96 6.04
N ALA D 187 -53.33 -35.55 6.77
CA ALA D 187 -52.47 -34.50 6.29
C ALA D 187 -51.56 -35.00 5.19
N ARG D 188 -51.23 -34.09 4.27
CA ARG D 188 -50.23 -34.38 3.27
C ARG D 188 -48.88 -34.64 3.91
N MET D 189 -48.35 -33.65 4.61
CA MET D 189 -47.01 -33.72 5.17
C MET D 189 -46.99 -33.60 6.68
N HIS D 190 -47.62 -32.58 7.22
CA HIS D 190 -47.46 -32.26 8.64
C HIS D 190 -48.54 -32.93 9.48
N ALA D 191 -48.59 -34.26 9.32
CA ALA D 191 -49.40 -35.09 10.19
C ALA D 191 -48.83 -35.01 11.58
N ALA D 192 -49.61 -34.47 12.52
CA ALA D 192 -49.16 -34.42 13.90
C ALA D 192 -49.03 -35.83 14.45
N TYR D 193 -50.16 -36.47 14.69
CA TYR D 193 -50.38 -37.91 14.77
C TYR D 193 -49.65 -38.67 15.87
N VAL D 194 -48.62 -38.11 16.49
CA VAL D 194 -47.91 -38.82 17.55
C VAL D 194 -48.08 -37.97 18.79
N ARG D 195 -49.12 -38.23 19.53
CA ARG D 195 -49.32 -37.57 20.79
C ARG D 195 -48.35 -38.16 21.80
N PRO D 196 -48.08 -37.45 22.89
CA PRO D 196 -47.43 -38.10 24.03
C PRO D 196 -48.31 -39.19 24.60
N GLY D 197 -47.67 -40.24 25.09
CA GLY D 197 -48.40 -41.35 25.65
C GLY D 197 -48.99 -42.23 24.57
N GLY D 198 -48.15 -42.77 23.71
CA GLY D 198 -48.62 -43.65 22.66
C GLY D 198 -49.16 -42.88 21.47
N VAL D 199 -49.43 -43.63 20.42
CA VAL D 199 -49.91 -43.06 19.15
C VAL D 199 -51.42 -42.97 19.19
N HIS D 200 -51.97 -41.84 18.73
CA HIS D 200 -53.40 -41.59 18.71
C HIS D 200 -54.02 -41.94 17.35
N GLN D 201 -55.25 -42.46 17.39
CA GLN D 201 -56.10 -42.72 16.22
C GLN D 201 -55.41 -43.69 15.25
N ASP D 202 -55.36 -44.95 15.69
CA ASP D 202 -54.57 -45.96 15.02
C ASP D 202 -55.05 -46.24 13.60
N LEU D 203 -54.26 -47.02 12.89
CA LEU D 203 -54.36 -47.11 11.46
C LEU D 203 -55.62 -47.86 11.04
N PRO D 204 -56.25 -47.44 9.94
CA PRO D 204 -57.48 -48.10 9.50
C PRO D 204 -57.19 -49.42 8.81
N LEU D 205 -58.25 -50.19 8.66
CA LEU D 205 -58.14 -51.56 8.21
C LEU D 205 -57.80 -51.59 6.72
N GLY D 206 -56.64 -52.17 6.38
CA GLY D 206 -56.29 -52.27 4.97
C GLY D 206 -55.04 -51.52 4.54
N LEU D 207 -54.02 -51.49 5.37
CA LEU D 207 -52.85 -50.66 5.11
C LEU D 207 -51.54 -51.42 5.01
N MET D 208 -51.41 -52.50 5.79
CA MET D 208 -50.14 -53.24 5.86
C MET D 208 -49.80 -53.91 4.55
N ASP D 209 -50.83 -54.39 3.83
CA ASP D 209 -50.62 -54.99 2.52
C ASP D 209 -50.08 -53.96 1.53
N ASP D 210 -50.54 -52.72 1.65
CA ASP D 210 -50.03 -51.65 0.81
C ASP D 210 -48.58 -51.35 1.11
N ILE D 211 -48.20 -51.36 2.39
CA ILE D 211 -46.79 -51.14 2.71
C ILE D 211 -45.92 -52.31 2.21
N TYR D 212 -46.47 -53.52 2.23
CA TYR D 212 -45.76 -54.69 1.71
C TYR D 212 -45.51 -54.56 0.19
N GLU D 213 -46.56 -54.16 -0.55
CA GLU D 213 -46.42 -53.93 -1.99
C GLU D 213 -45.41 -52.83 -2.29
N PHE D 214 -45.44 -51.76 -1.49
CA PHE D 214 -44.47 -50.70 -1.68
C PHE D 214 -43.06 -51.17 -1.38
N SER D 215 -42.89 -52.08 -0.42
CA SER D 215 -41.56 -52.59 -0.10
C SER D 215 -40.96 -53.33 -1.28
N LYS D 216 -41.77 -54.16 -1.95
CA LYS D 216 -41.24 -54.90 -3.10
C LYS D 216 -40.88 -53.96 -4.26
N ASN D 217 -41.82 -53.07 -4.61
CA ASN D 217 -41.59 -52.10 -5.69
C ASN D 217 -40.40 -51.20 -5.39
N PHE D 218 -40.23 -50.83 -4.13
CA PHE D 218 -39.22 -49.84 -3.80
C PHE D 218 -37.84 -50.45 -3.73
N SER D 219 -37.72 -51.72 -3.34
CA SER D 219 -36.42 -52.38 -3.44
C SER D 219 -35.96 -52.43 -4.88
N LEU D 220 -36.90 -52.72 -5.81
CA LEU D 220 -36.49 -52.72 -7.22
C LEU D 220 -36.10 -51.31 -7.71
N ARG D 221 -36.86 -50.29 -7.30
CA ARG D 221 -36.56 -48.92 -7.76
C ARG D 221 -35.27 -48.37 -7.19
N ILE D 222 -34.94 -48.72 -5.94
CA ILE D 222 -33.69 -48.20 -5.41
C ILE D 222 -32.50 -48.96 -6.00
N ASP D 223 -32.68 -50.24 -6.37
CA ASP D 223 -31.60 -50.90 -7.07
C ASP D 223 -31.41 -50.34 -8.48
N GLU D 224 -32.49 -49.86 -9.11
CA GLU D 224 -32.30 -49.16 -10.37
C GLU D 224 -31.70 -47.77 -10.18
N LEU D 225 -31.86 -47.16 -9.00
CA LEU D 225 -31.12 -45.93 -8.75
C LEU D 225 -29.62 -46.21 -8.57
N GLU D 226 -29.28 -47.33 -7.93
CA GLU D 226 -27.87 -47.72 -7.88
C GLU D 226 -27.32 -48.03 -9.28
N GLU D 227 -28.17 -48.59 -10.14
CA GLU D 227 -27.82 -48.79 -11.54
C GLU D 227 -27.52 -47.46 -12.23
N MET D 228 -28.32 -46.44 -11.92
CA MET D 228 -28.16 -45.15 -12.58
C MET D 228 -26.93 -44.41 -12.09
N LEU D 229 -26.88 -44.11 -10.81
CA LEU D 229 -26.04 -43.02 -10.32
C LEU D 229 -24.71 -43.48 -9.73
N THR D 230 -24.68 -44.62 -9.03
CA THR D 230 -23.52 -45.00 -8.24
C THR D 230 -22.33 -45.35 -9.10
N ASN D 231 -22.57 -46.02 -10.23
CA ASN D 231 -21.51 -46.47 -11.11
C ASN D 231 -21.21 -45.46 -12.21
N ASN D 232 -21.38 -44.17 -11.92
CA ASN D 232 -21.15 -43.11 -12.88
C ASN D 232 -19.72 -42.63 -12.83
N ARG D 233 -19.18 -42.27 -14.00
CA ARG D 233 -17.83 -41.74 -14.07
C ARG D 233 -17.75 -40.36 -13.44
N ILE D 234 -18.48 -39.40 -14.00
CA ILE D 234 -18.18 -38.04 -13.63
C ILE D 234 -18.88 -37.64 -12.34
N TRP D 235 -19.88 -38.39 -11.89
CA TRP D 235 -20.47 -38.09 -10.60
C TRP D 235 -19.53 -38.51 -9.48
N ARG D 236 -18.89 -39.67 -9.65
CA ARG D 236 -17.81 -40.06 -8.76
C ARG D 236 -16.67 -39.06 -8.80
N ASN D 237 -16.27 -38.63 -10.00
CA ASN D 237 -15.24 -37.60 -10.12
C ASN D 237 -15.69 -36.29 -9.49
N ARG D 238 -16.99 -36.06 -9.45
CA ARG D 238 -17.54 -34.83 -8.90
C ARG D 238 -17.47 -34.83 -7.38
N THR D 239 -17.73 -35.97 -6.74
CA THR D 239 -17.59 -36.01 -5.27
C THR D 239 -16.72 -37.19 -4.84
N VAL D 240 -15.40 -37.02 -4.91
CA VAL D 240 -14.44 -37.87 -4.21
C VAL D 240 -13.46 -36.99 -3.45
N ASP D 241 -12.94 -35.98 -4.14
CA ASP D 241 -11.80 -35.22 -3.62
C ASP D 241 -12.12 -34.38 -2.39
N ILE D 242 -13.39 -34.09 -2.12
CA ILE D 242 -13.74 -33.06 -1.15
C ILE D 242 -14.34 -33.67 0.10
N GLY D 243 -14.38 -32.86 1.15
CA GLY D 243 -15.05 -33.21 2.38
C GLY D 243 -14.30 -34.17 3.28
N VAL D 244 -13.02 -33.90 3.54
CA VAL D 244 -12.28 -34.70 4.49
C VAL D 244 -12.76 -34.38 5.90
N VAL D 245 -12.87 -35.41 6.74
CA VAL D 245 -13.33 -35.26 8.11
C VAL D 245 -12.43 -36.14 8.97
N THR D 246 -11.58 -35.51 9.76
CA THR D 246 -10.78 -36.21 10.75
C THR D 246 -11.64 -36.54 11.95
N ALA D 247 -11.38 -37.70 12.58
CA ALA D 247 -12.16 -38.14 13.74
C ALA D 247 -12.05 -37.16 14.91
N GLU D 248 -10.89 -36.50 15.06
CA GLU D 248 -10.75 -35.41 16.01
C GLU D 248 -11.75 -34.31 15.71
N ASP D 249 -11.87 -33.94 14.44
CA ASP D 249 -12.80 -32.89 14.05
C ASP D 249 -14.23 -33.36 14.18
N ALA D 250 -14.48 -34.63 13.87
CA ALA D 250 -15.84 -35.16 13.94
C ALA D 250 -16.33 -35.25 15.38
N LEU D 251 -15.42 -35.36 16.34
CA LEU D 251 -15.85 -35.43 17.71
C LEU D 251 -15.75 -34.11 18.46
N ASN D 252 -14.95 -33.16 17.97
CA ASN D 252 -14.92 -31.88 18.66
C ASN D 252 -15.90 -30.88 18.08
N TYR D 253 -16.10 -30.90 16.76
CA TYR D 253 -16.99 -29.95 16.13
C TYR D 253 -18.46 -30.33 16.25
N GLY D 254 -18.78 -31.36 17.04
CA GLY D 254 -20.17 -31.65 17.36
C GLY D 254 -20.96 -32.30 16.26
N PHE D 255 -20.32 -32.99 15.34
CA PHE D 255 -21.02 -33.67 14.25
C PHE D 255 -21.89 -34.78 14.79
N SER D 256 -22.94 -35.10 14.03
CA SER D 256 -23.98 -36.01 14.50
C SER D 256 -24.50 -36.87 13.37
N GLY D 257 -24.67 -38.14 13.65
CA GLY D 257 -25.31 -39.02 12.69
C GLY D 257 -24.44 -39.41 11.51
N VAL D 258 -24.89 -39.05 10.31
CA VAL D 258 -24.42 -39.66 9.08
C VAL D 258 -22.97 -39.30 8.81
N MET D 259 -22.52 -38.14 9.31
CA MET D 259 -21.10 -37.81 9.24
C MET D 259 -20.26 -38.76 10.08
N LEU D 260 -20.74 -39.10 11.28
CA LEU D 260 -20.00 -39.98 12.18
C LEU D 260 -19.98 -41.41 11.66
N ARG D 261 -21.07 -41.85 11.04
CA ARG D 261 -21.08 -43.14 10.37
C ARG D 261 -20.11 -43.14 9.21
N GLY D 262 -20.21 -42.13 8.35
CA GLY D 262 -19.41 -42.09 7.14
C GLY D 262 -17.97 -41.75 7.33
N SER D 263 -17.55 -41.36 8.52
CA SER D 263 -16.16 -41.02 8.74
C SER D 263 -15.68 -41.70 10.02
N GLY D 264 -15.28 -42.96 9.89
CA GLY D 264 -14.61 -43.57 11.02
C GLY D 264 -15.48 -44.29 12.03
N ILE D 265 -15.88 -43.56 13.09
CA ILE D 265 -16.26 -44.15 14.37
C ILE D 265 -17.54 -44.95 14.26
N GLN D 266 -17.56 -46.10 14.93
CA GLN D 266 -18.75 -46.93 15.02
C GLN D 266 -19.68 -46.35 16.07
N TRP D 267 -20.86 -45.91 15.65
CA TRP D 267 -21.73 -45.18 16.56
C TRP D 267 -23.15 -45.16 16.02
N ASP D 268 -24.10 -45.56 16.86
CA ASP D 268 -25.52 -45.49 16.54
C ASP D 268 -26.29 -45.48 17.84
N LEU D 269 -27.23 -44.53 17.95
CA LEU D 269 -28.13 -44.51 19.09
C LEU D 269 -29.02 -45.73 19.12
N ARG D 270 -29.42 -46.21 17.96
CA ARG D 270 -30.33 -47.35 17.86
C ARG D 270 -29.67 -48.62 18.41
N LYS D 271 -28.37 -48.79 18.18
CA LYS D 271 -27.69 -49.94 18.71
C LYS D 271 -27.24 -49.73 20.15
N THR D 272 -26.74 -48.55 20.47
CA THR D 272 -26.16 -48.32 21.79
C THR D 272 -27.22 -48.12 22.86
N GLN D 273 -28.08 -47.11 22.69
CA GLN D 273 -29.11 -46.78 23.67
C GLN D 273 -30.47 -46.96 23.01
N PRO D 274 -31.02 -48.15 23.01
CA PRO D 274 -32.33 -48.35 22.38
C PRO D 274 -33.42 -47.72 23.21
N TYR D 275 -33.97 -46.62 22.72
CA TYR D 275 -35.06 -45.96 23.42
C TYR D 275 -36.40 -46.64 23.23
N ASP D 276 -36.47 -47.66 22.38
CA ASP D 276 -37.66 -48.46 22.16
C ASP D 276 -37.23 -49.80 21.56
N VAL D 277 -38.13 -50.44 20.83
CA VAL D 277 -38.08 -51.85 20.51
C VAL D 277 -37.16 -52.14 19.31
N TYR D 278 -36.32 -51.17 18.96
CA TYR D 278 -35.25 -51.36 17.96
C TYR D 278 -34.34 -52.55 18.24
N ASP D 279 -34.20 -52.95 19.49
CA ASP D 279 -33.38 -54.10 19.88
C ASP D 279 -33.98 -55.44 19.50
N GLN D 280 -35.05 -55.55 18.71
CA GLN D 280 -35.63 -56.84 18.37
C GLN D 280 -35.71 -57.07 16.86
N VAL D 281 -34.89 -56.37 16.08
CA VAL D 281 -34.87 -56.53 14.63
C VAL D 281 -33.43 -56.66 14.16
N GLU D 282 -33.27 -57.27 12.98
CA GLU D 282 -31.95 -57.50 12.41
C GLU D 282 -31.65 -56.43 11.37
N PHE D 283 -30.65 -55.61 11.65
CA PHE D 283 -30.13 -54.65 10.70
C PHE D 283 -28.67 -54.38 11.06
N ASP D 284 -28.01 -53.63 10.19
CA ASP D 284 -26.60 -53.30 10.41
C ASP D 284 -26.27 -51.99 9.73
N VAL D 285 -25.88 -51.02 10.55
CA VAL D 285 -25.63 -49.65 10.09
C VAL D 285 -24.37 -49.61 9.26
N PRO D 286 -24.31 -48.88 8.15
CA PRO D 286 -23.07 -48.78 7.39
C PRO D 286 -22.08 -47.84 8.04
N ILE D 287 -20.80 -48.14 7.82
CA ILE D 287 -19.70 -47.37 8.37
C ILE D 287 -18.91 -46.84 7.18
N GLY D 288 -18.34 -45.66 7.34
CA GLY D 288 -17.51 -45.12 6.31
C GLY D 288 -16.14 -45.73 6.22
N SER D 289 -15.41 -45.32 5.19
CA SER D 289 -14.06 -45.78 4.95
C SER D 289 -13.04 -44.67 4.97
N ARG D 290 -13.27 -43.58 4.23
CA ARG D 290 -12.32 -42.48 4.15
C ARG D 290 -12.89 -41.12 4.50
N GLY D 291 -14.17 -41.02 4.82
CA GLY D 291 -14.75 -39.72 5.06
C GLY D 291 -14.90 -38.94 3.78
N ASP D 292 -15.76 -39.42 2.91
CA ASP D 292 -15.88 -38.92 1.56
C ASP D 292 -17.35 -38.85 1.18
N CYS D 293 -17.68 -37.90 0.31
CA CYS D 293 -19.06 -37.71 -0.07
C CYS D 293 -19.57 -38.84 -0.95
N TYR D 294 -18.69 -39.49 -1.70
CA TYR D 294 -19.10 -40.72 -2.37
C TYR D 294 -19.34 -41.83 -1.35
N ASP D 295 -18.45 -41.93 -0.37
CA ASP D 295 -18.63 -42.85 0.74
C ASP D 295 -19.87 -42.51 1.56
N ARG D 296 -20.14 -41.22 1.76
CA ARG D 296 -21.30 -40.82 2.54
C ARG D 296 -22.59 -41.05 1.78
N TYR D 297 -22.55 -40.89 0.46
CA TYR D 297 -23.67 -41.27 -0.40
C TYR D 297 -23.95 -42.76 -0.29
N LEU D 298 -22.91 -43.58 -0.29
CA LEU D 298 -23.10 -45.01 -0.12
C LEU D 298 -23.66 -45.34 1.25
N CYS D 299 -23.26 -44.56 2.26
CA CYS D 299 -23.82 -44.72 3.60
C CYS D 299 -25.31 -44.44 3.63
N ARG D 300 -25.74 -43.37 2.95
CA ARG D 300 -27.17 -43.04 2.94
C ARG D 300 -27.98 -44.08 2.18
N VAL D 301 -27.46 -44.58 1.07
CA VAL D 301 -28.20 -45.59 0.29
C VAL D 301 -28.32 -46.90 1.08
N GLU D 302 -27.25 -47.30 1.77
CA GLU D 302 -27.41 -48.52 2.55
C GLU D 302 -28.23 -48.33 3.81
N GLU D 303 -28.33 -47.12 4.35
CA GLU D 303 -29.29 -46.94 5.43
C GLU D 303 -30.72 -47.00 4.93
N MET D 304 -30.97 -46.56 3.68
CA MET D 304 -32.28 -46.79 3.08
C MET D 304 -32.60 -48.28 2.98
N ARG D 305 -31.62 -49.05 2.52
CA ARG D 305 -31.80 -50.49 2.40
C ARG D 305 -32.04 -51.17 3.75
N GLN D 306 -31.32 -50.73 4.78
CA GLN D 306 -31.56 -51.32 6.10
C GLN D 306 -32.89 -50.86 6.68
N SER D 307 -33.36 -49.68 6.30
CA SER D 307 -34.70 -49.28 6.73
C SER D 307 -35.77 -50.15 6.08
N ILE D 308 -35.52 -50.58 4.84
CA ILE D 308 -36.41 -51.55 4.19
C ILE D 308 -36.45 -52.85 4.97
N ARG D 309 -35.29 -53.33 5.41
CA ARG D 309 -35.27 -54.57 6.20
C ARG D 309 -35.99 -54.43 7.54
N ILE D 310 -35.84 -53.27 8.20
CA ILE D 310 -36.51 -53.08 9.48
C ILE D 310 -38.03 -53.04 9.28
N ILE D 311 -38.49 -52.44 8.17
CA ILE D 311 -39.92 -52.44 7.87
C ILE D 311 -40.45 -53.86 7.64
N SER D 312 -39.66 -54.68 6.93
CA SER D 312 -40.07 -56.05 6.64
C SER D 312 -40.20 -56.89 7.91
N GLN D 313 -39.18 -56.82 8.77
CA GLN D 313 -39.24 -57.59 10.00
C GLN D 313 -40.29 -57.05 10.96
N CYS D 314 -40.51 -55.74 10.98
CA CYS D 314 -41.53 -55.15 11.84
C CYS D 314 -42.93 -55.59 11.43
N LEU D 315 -43.18 -55.68 10.12
CA LEU D 315 -44.48 -56.16 9.68
C LEU D 315 -44.64 -57.64 9.97
N ASN D 316 -43.58 -58.43 9.80
CA ASN D 316 -43.71 -59.84 10.10
C ASN D 316 -43.66 -60.15 11.59
N LYS D 317 -43.45 -59.15 12.46
CA LYS D 317 -43.51 -59.32 13.90
C LYS D 317 -44.39 -58.26 14.54
N MET D 318 -45.57 -58.03 13.97
CA MET D 318 -46.47 -56.98 14.45
C MET D 318 -47.51 -57.56 15.40
N PRO D 319 -47.56 -57.13 16.66
CA PRO D 319 -48.57 -57.66 17.57
C PRO D 319 -49.79 -56.75 17.63
N PRO D 320 -50.99 -57.32 17.64
CA PRO D 320 -52.21 -56.49 17.74
C PRO D 320 -52.66 -56.27 19.18
N GLY D 321 -51.93 -55.41 19.91
CA GLY D 321 -52.32 -55.12 21.27
C GLY D 321 -53.43 -54.11 21.53
N GLU D 322 -53.17 -52.82 21.30
CA GLU D 322 -53.94 -51.73 21.88
C GLU D 322 -53.35 -50.43 21.34
N ILE D 323 -54.10 -49.34 21.46
CA ILE D 323 -53.72 -48.10 20.79
C ILE D 323 -52.92 -47.16 21.68
N LYS D 324 -53.50 -46.80 22.81
CA LYS D 324 -52.99 -45.75 23.68
C LYS D 324 -52.76 -46.32 25.07
N VAL D 325 -52.44 -45.44 26.01
CA VAL D 325 -52.05 -45.89 27.34
C VAL D 325 -53.29 -46.31 28.13
N ASP D 326 -53.06 -46.96 29.27
CA ASP D 326 -54.13 -47.30 30.20
C ASP D 326 -54.25 -46.22 31.28
N ASP D 327 -54.49 -45.00 30.82
CA ASP D 327 -54.49 -43.84 31.69
C ASP D 327 -55.29 -42.75 31.00
N ALA D 328 -56.44 -42.41 31.57
CA ALA D 328 -57.24 -41.31 31.06
C ALA D 328 -56.86 -39.99 31.72
N LYS D 329 -55.65 -39.88 32.24
CA LYS D 329 -55.14 -38.61 32.72
C LYS D 329 -54.03 -38.08 31.82
N VAL D 330 -53.65 -38.83 30.80
CA VAL D 330 -52.69 -38.36 29.81
C VAL D 330 -53.29 -38.49 28.42
N SER D 331 -53.64 -39.70 28.03
CA SER D 331 -54.31 -39.84 26.75
C SER D 331 -55.80 -39.55 26.92
N PRO D 332 -56.44 -38.96 25.91
CA PRO D 332 -57.87 -38.68 26.04
C PRO D 332 -58.68 -39.95 25.94
N PRO D 333 -59.82 -40.02 26.60
CA PRO D 333 -60.72 -41.17 26.40
C PRO D 333 -61.32 -41.10 25.02
N LYS D 334 -61.62 -42.27 24.45
CA LYS D 334 -62.15 -42.28 23.11
C LYS D 334 -63.65 -41.98 23.14
N ARG D 335 -64.27 -42.05 21.96
CA ARG D 335 -65.59 -41.48 21.77
C ARG D 335 -66.69 -42.26 22.47
N ALA D 336 -66.59 -43.59 22.50
CA ALA D 336 -67.68 -44.39 23.05
C ALA D 336 -67.86 -44.13 24.53
N GLU D 337 -66.77 -44.24 25.28
CA GLU D 337 -66.82 -44.00 26.72
C GLU D 337 -66.98 -42.52 27.02
N MET D 338 -66.52 -41.67 26.09
CA MET D 338 -66.75 -40.23 26.17
C MET D 338 -68.23 -39.91 26.16
N LYS D 339 -68.95 -40.41 25.17
CA LYS D 339 -70.36 -40.09 25.08
C LYS D 339 -71.18 -40.84 26.11
N THR D 340 -70.71 -41.98 26.60
CA THR D 340 -71.44 -42.68 27.65
C THR D 340 -70.46 -43.01 28.78
N SER D 341 -70.16 -42.01 29.60
CA SER D 341 -69.53 -42.17 30.90
C SER D 341 -69.89 -40.92 31.70
N MET D 342 -69.16 -40.67 32.78
CA MET D 342 -69.13 -39.31 33.32
C MET D 342 -67.69 -38.83 33.45
N GLU D 343 -66.85 -39.70 33.99
CA GLU D 343 -65.48 -39.34 34.27
C GLU D 343 -64.69 -39.18 32.98
N SER D 344 -65.11 -39.88 31.93
CA SER D 344 -64.45 -39.71 30.64
C SER D 344 -64.75 -38.34 30.06
N LEU D 345 -65.97 -37.85 30.24
CA LEU D 345 -66.25 -36.51 29.76
C LEU D 345 -65.52 -35.46 30.59
N ILE D 346 -65.38 -35.72 31.89
CA ILE D 346 -64.62 -34.81 32.75
C ILE D 346 -63.16 -34.76 32.32
N HIS D 347 -62.58 -35.92 32.08
CA HIS D 347 -61.16 -35.96 31.73
C HIS D 347 -60.92 -35.45 30.33
N HIS D 348 -61.87 -35.67 29.42
CA HIS D 348 -61.81 -35.05 28.10
C HIS D 348 -61.81 -33.54 28.21
N PHE D 349 -62.74 -32.99 28.97
CA PHE D 349 -62.90 -31.55 29.06
C PHE D 349 -61.70 -30.89 29.71
N LYS D 350 -61.28 -31.39 30.87
CA LYS D 350 -60.14 -30.76 31.49
C LYS D 350 -58.83 -31.09 30.80
N LEU D 351 -58.75 -32.21 30.09
CA LEU D 351 -57.53 -32.54 29.41
C LEU D 351 -57.32 -31.65 28.21
N TYR D 352 -58.39 -31.28 27.52
CA TYR D 352 -58.19 -30.37 26.42
C TYR D 352 -58.17 -28.91 26.83
N THR D 353 -58.83 -28.52 27.91
CA THR D 353 -58.71 -27.12 28.32
C THR D 353 -57.41 -26.87 29.06
N GLU D 354 -57.24 -27.53 30.21
CA GLU D 354 -56.14 -27.20 31.10
C GLU D 354 -54.82 -27.73 30.58
N GLY D 355 -54.83 -28.91 30.00
CA GLY D 355 -53.59 -29.59 29.72
C GLY D 355 -53.24 -30.45 30.91
N TYR D 356 -52.67 -31.61 30.65
CA TYR D 356 -52.24 -32.48 31.73
C TYR D 356 -51.02 -31.87 32.42
N GLN D 357 -50.96 -32.04 33.73
CA GLN D 357 -49.83 -31.50 34.46
C GLN D 357 -48.62 -32.41 34.30
N VAL D 358 -47.45 -31.80 34.39
CA VAL D 358 -46.18 -32.48 34.16
C VAL D 358 -45.31 -32.16 35.36
N PRO D 359 -44.67 -33.15 36.00
CA PRO D 359 -43.98 -32.87 37.25
C PRO D 359 -42.72 -32.07 37.01
N PRO D 360 -42.28 -31.27 37.98
CA PRO D 360 -41.16 -30.36 37.74
C PRO D 360 -39.86 -31.12 37.62
N GLY D 361 -39.02 -30.65 36.71
CA GLY D 361 -37.76 -31.31 36.44
C GLY D 361 -37.22 -30.89 35.10
N ALA D 362 -35.94 -31.16 34.91
CA ALA D 362 -35.25 -30.83 33.68
C ALA D 362 -34.79 -32.13 33.04
N THR D 363 -35.19 -32.35 31.80
CA THR D 363 -34.78 -33.56 31.11
C THR D 363 -34.19 -33.23 29.75
N TYR D 364 -33.49 -34.21 29.22
CA TYR D 364 -32.91 -34.14 27.90
C TYR D 364 -32.99 -35.53 27.30
N THR D 365 -33.28 -35.59 26.01
CA THR D 365 -33.21 -36.86 25.31
C THR D 365 -32.85 -36.58 23.87
N ALA D 366 -32.60 -37.65 23.14
CA ALA D 366 -32.21 -37.52 21.75
C ALA D 366 -32.59 -38.78 21.02
N ILE D 367 -33.08 -38.62 19.80
CA ILE D 367 -33.34 -39.74 18.93
C ILE D 367 -32.37 -39.68 17.76
N GLU D 368 -32.38 -40.73 16.96
CA GLU D 368 -31.57 -40.79 15.76
C GLU D 368 -32.47 -40.37 14.62
N ALA D 369 -32.60 -39.06 14.43
CA ALA D 369 -33.25 -38.53 13.26
C ALA D 369 -32.33 -38.78 12.05
N PRO D 370 -32.89 -38.80 10.83
CA PRO D 370 -32.06 -39.07 9.65
C PRO D 370 -30.94 -38.07 9.40
N LYS D 371 -31.06 -36.85 9.92
CA LYS D 371 -29.90 -35.97 9.97
C LYS D 371 -28.88 -36.49 10.96
N GLY D 372 -29.31 -36.67 12.21
CA GLY D 372 -28.40 -37.12 13.24
C GLY D 372 -29.00 -37.13 14.63
N GLU D 373 -28.18 -36.76 15.61
CA GLU D 373 -28.57 -36.86 17.01
C GLU D 373 -29.53 -35.72 17.30
N PHE D 374 -30.80 -35.93 17.02
CA PHE D 374 -31.78 -34.88 17.26
C PHE D 374 -32.07 -34.84 18.75
N GLY D 375 -31.65 -33.78 19.41
CA GLY D 375 -31.81 -33.65 20.86
C GLY D 375 -32.95 -32.70 21.16
N VAL D 376 -33.67 -32.97 22.23
CA VAL D 376 -34.63 -32.02 22.77
C VAL D 376 -34.45 -31.97 24.28
N TYR D 377 -34.43 -30.76 24.81
CA TYR D 377 -34.10 -30.48 26.19
C TYR D 377 -35.28 -29.75 26.79
N LEU D 378 -36.05 -30.44 27.62
CA LEU D 378 -37.22 -29.86 28.27
C LEU D 378 -36.89 -29.35 29.65
N VAL D 379 -37.57 -28.27 30.02
CA VAL D 379 -37.47 -27.64 31.32
C VAL D 379 -38.89 -27.45 31.76
N SER D 380 -39.30 -28.15 32.82
CA SER D 380 -40.70 -28.21 33.23
C SER D 380 -40.85 -27.69 34.63
N ASP D 381 -41.40 -26.49 34.76
CA ASP D 381 -42.00 -26.07 36.02
C ASP D 381 -43.22 -26.95 36.27
N GLY D 382 -43.49 -27.21 37.55
CA GLY D 382 -44.62 -28.06 37.87
C GLY D 382 -45.91 -27.34 37.55
N SER D 383 -46.47 -27.69 36.42
CA SER D 383 -47.53 -26.94 35.78
C SER D 383 -48.01 -27.75 34.59
N SER D 384 -48.85 -27.15 33.76
CA SER D 384 -49.22 -27.73 32.48
C SER D 384 -48.58 -27.01 31.31
N ARG D 385 -47.67 -26.08 31.56
CA ARG D 385 -46.93 -25.49 30.46
C ARG D 385 -45.46 -25.76 30.64
N PRO D 386 -44.76 -26.17 29.59
CA PRO D 386 -43.31 -26.37 29.72
C PRO D 386 -42.61 -25.03 29.84
N TYR D 387 -41.65 -24.97 30.75
CA TYR D 387 -41.06 -23.70 31.10
C TYR D 387 -40.07 -23.23 30.03
N ARG D 388 -39.23 -24.14 29.55
CA ARG D 388 -38.31 -23.77 28.48
C ARG D 388 -37.87 -25.01 27.74
N CYS D 389 -38.01 -25.00 26.43
CA CYS D 389 -37.56 -26.12 25.61
C CYS D 389 -36.45 -25.63 24.68
N LYS D 390 -35.55 -26.54 24.33
CA LYS D 390 -34.48 -26.19 23.40
C LYS D 390 -34.17 -27.45 22.60
N ILE D 391 -33.58 -27.25 21.42
CA ILE D 391 -33.40 -28.33 20.45
C ILE D 391 -31.94 -28.40 20.04
N LYS D 392 -31.33 -29.56 20.18
CA LYS D 392 -30.03 -29.81 19.59
C LYS D 392 -30.27 -30.25 18.14
N ALA D 393 -29.81 -29.42 17.21
CA ALA D 393 -30.03 -29.61 15.80
C ALA D 393 -28.76 -30.13 15.14
N PRO D 394 -28.81 -31.34 14.59
CA PRO D 394 -27.66 -31.86 13.83
C PRO D 394 -27.35 -31.01 12.62
N GLY D 395 -28.37 -30.40 12.00
CA GLY D 395 -28.11 -29.47 10.91
C GLY D 395 -27.34 -28.25 11.35
N PHE D 396 -27.64 -27.73 12.55
CA PHE D 396 -26.92 -26.57 13.05
C PHE D 396 -25.48 -26.91 13.37
N ALA D 397 -25.27 -28.03 14.06
CA ALA D 397 -23.90 -28.42 14.38
C ALA D 397 -23.11 -28.81 13.14
N HIS D 398 -23.79 -29.29 12.09
CA HIS D 398 -23.10 -29.54 10.84
C HIS D 398 -22.78 -28.26 10.09
N LEU D 399 -23.65 -27.25 10.18
CA LEU D 399 -23.35 -25.99 9.52
C LEU D 399 -22.23 -25.26 10.24
N ALA D 400 -22.01 -25.55 11.52
CA ALA D 400 -20.87 -25.00 12.24
C ALA D 400 -19.53 -25.49 11.70
N GLY D 401 -19.49 -26.61 10.99
CA GLY D 401 -18.23 -27.13 10.49
C GLY D 401 -18.00 -26.87 9.02
N LEU D 402 -18.65 -25.82 8.51
CA LEU D 402 -18.64 -25.54 7.08
C LEU D 402 -17.26 -25.12 6.63
N ASP D 403 -16.56 -24.35 7.47
CA ASP D 403 -15.21 -23.89 7.15
C ASP D 403 -14.24 -25.04 7.11
N LYS D 404 -14.31 -25.94 8.09
CA LYS D 404 -13.40 -27.07 8.12
C LYS D 404 -13.71 -28.10 7.07
N MET D 405 -14.93 -28.13 6.55
CA MET D 405 -15.15 -29.01 5.41
C MET D 405 -14.68 -28.36 4.11
N SER D 406 -14.82 -27.04 3.98
CA SER D 406 -14.47 -26.44 2.70
C SER D 406 -13.38 -25.40 2.85
N LYS D 407 -12.32 -25.71 3.59
CA LYS D 407 -11.24 -24.76 3.80
C LYS D 407 -10.35 -24.60 2.58
N GLY D 408 -10.19 -25.65 1.77
CA GLY D 408 -9.25 -25.56 0.68
C GLY D 408 -9.82 -25.87 -0.68
N HIS D 409 -11.04 -25.40 -0.98
CA HIS D 409 -11.72 -25.84 -2.19
C HIS D 409 -12.34 -24.63 -2.89
N MET D 410 -13.21 -24.91 -3.86
CA MET D 410 -13.80 -23.90 -4.72
C MET D 410 -15.33 -23.88 -4.54
N LEU D 411 -16.00 -23.07 -5.36
CA LEU D 411 -17.39 -22.75 -5.08
C LEU D 411 -18.35 -23.89 -5.42
N ALA D 412 -18.06 -24.63 -6.49
CA ALA D 412 -18.88 -25.79 -6.82
C ALA D 412 -18.69 -26.89 -5.79
N ASP D 413 -17.50 -26.95 -5.19
CA ASP D 413 -17.30 -27.81 -4.03
C ASP D 413 -18.16 -27.36 -2.86
N VAL D 414 -18.38 -26.05 -2.71
CA VAL D 414 -19.24 -25.57 -1.62
C VAL D 414 -20.69 -25.97 -1.89
N VAL D 415 -21.12 -25.93 -3.15
CA VAL D 415 -22.44 -26.44 -3.51
C VAL D 415 -22.57 -27.92 -3.18
N ALA D 416 -21.51 -28.69 -3.45
CA ALA D 416 -21.55 -30.11 -3.09
C ALA D 416 -21.51 -30.33 -1.58
N ILE D 417 -20.85 -29.43 -0.83
CA ILE D 417 -20.80 -29.58 0.63
C ILE D 417 -22.16 -29.28 1.25
N ILE D 418 -22.86 -28.27 0.72
CA ILE D 418 -24.22 -28.02 1.19
C ILE D 418 -25.16 -29.14 0.76
N GLY D 419 -24.96 -29.69 -0.44
CA GLY D 419 -25.82 -30.77 -0.89
C GLY D 419 -25.61 -32.09 -0.16
N THR D 420 -24.38 -32.37 0.25
CA THR D 420 -24.04 -33.67 0.81
C THR D 420 -24.47 -33.82 2.25
N GLN D 421 -24.98 -32.76 2.87
CA GLN D 421 -25.49 -32.78 4.22
C GLN D 421 -26.92 -32.31 4.19
N ASP D 422 -27.84 -33.13 4.68
CA ASP D 422 -29.26 -32.87 4.51
C ASP D 422 -29.67 -31.68 5.35
N ILE D 423 -29.72 -30.54 4.72
CA ILE D 423 -30.12 -29.30 5.37
C ILE D 423 -31.60 -29.10 5.12
N VAL D 424 -32.26 -28.48 6.08
CA VAL D 424 -33.61 -27.99 5.86
C VAL D 424 -33.62 -26.51 6.19
N PHE D 425 -32.73 -26.09 7.09
CA PHE D 425 -32.60 -24.75 7.67
C PHE D 425 -33.84 -24.26 8.39
N GLY D 426 -34.86 -25.09 8.56
CA GLY D 426 -35.90 -24.76 9.48
C GLY D 426 -35.44 -25.23 10.83
N GLU D 427 -34.54 -26.22 10.81
CA GLU D 427 -34.01 -26.81 12.04
C GLU D 427 -32.68 -26.18 12.46
N VAL D 428 -31.88 -25.72 11.50
CA VAL D 428 -30.71 -24.91 11.81
C VAL D 428 -31.13 -23.64 12.53
N ASP D 429 -32.28 -23.11 12.16
CA ASP D 429 -32.95 -22.15 13.02
C ASP D 429 -33.67 -22.87 14.16
N ARG D 430 -33.70 -22.24 15.32
CA ARG D 430 -34.46 -22.73 16.46
C ARG D 430 -34.75 -21.60 17.43
N THR E 7 -48.46 -50.64 38.32
CA THR E 7 -47.04 -50.88 38.54
C THR E 7 -46.39 -51.53 37.34
N ARG E 8 -46.79 -52.76 37.04
CA ARG E 8 -46.16 -53.48 35.94
C ARG E 8 -46.65 -53.03 34.55
N PRO E 9 -47.95 -52.86 34.26
CA PRO E 9 -48.28 -52.26 32.97
C PRO E 9 -48.27 -50.75 33.04
N THR E 10 -47.92 -50.14 31.89
CA THR E 10 -48.04 -48.71 31.60
C THR E 10 -47.33 -47.82 32.61
N VAL E 11 -46.32 -48.33 33.31
CA VAL E 11 -45.46 -47.52 34.15
C VAL E 11 -44.04 -47.78 33.71
N ARG E 12 -43.37 -46.76 33.19
CA ARG E 12 -42.02 -46.82 32.67
C ARG E 12 -41.05 -47.23 33.76
N PRO E 13 -40.48 -48.43 33.67
CA PRO E 13 -39.69 -48.96 34.79
C PRO E 13 -38.29 -48.36 34.82
N ARG E 14 -37.83 -48.07 36.01
CA ARG E 14 -36.48 -47.54 36.18
C ARG E 14 -35.51 -48.70 36.42
N ASN E 15 -34.25 -48.46 36.07
CA ASN E 15 -33.18 -49.41 36.30
C ASN E 15 -32.22 -48.83 37.33
N ASP E 16 -32.12 -49.48 38.48
CA ASP E 16 -31.29 -48.95 39.55
C ASP E 16 -29.81 -49.17 39.31
N VAL E 17 -29.42 -49.93 38.28
CA VAL E 17 -28.02 -50.17 38.01
C VAL E 17 -27.34 -48.87 37.56
N ALA E 18 -27.94 -48.19 36.59
CA ALA E 18 -27.44 -46.90 36.15
C ALA E 18 -27.53 -45.85 37.25
N HIS E 19 -28.55 -45.95 38.10
CA HIS E 19 -28.69 -45.05 39.23
C HIS E 19 -27.53 -45.20 40.21
N LYS E 20 -27.18 -46.44 40.55
CA LYS E 20 -26.08 -46.68 41.49
C LYS E 20 -24.73 -46.34 40.88
N GLN E 21 -24.53 -46.66 39.59
CA GLN E 21 -23.25 -46.37 38.96
C GLN E 21 -23.05 -44.87 38.79
N LEU E 22 -24.10 -44.13 38.43
CA LEU E 22 -23.94 -42.70 38.33
C LEU E 22 -23.85 -42.05 39.70
N SER E 23 -24.41 -42.67 40.73
CA SER E 23 -24.20 -42.15 42.09
C SER E 23 -22.75 -42.28 42.51
N ALA E 24 -22.15 -43.43 42.21
CA ALA E 24 -20.74 -43.64 42.55
C ALA E 24 -19.84 -42.72 41.72
N PHE E 25 -20.18 -42.53 40.44
CA PHE E 25 -19.40 -41.64 39.58
C PHE E 25 -19.52 -40.19 40.04
N GLY E 26 -20.69 -39.81 40.53
CA GLY E 26 -20.87 -38.45 41.00
C GLY E 26 -20.10 -38.15 42.26
N GLU E 27 -20.13 -39.08 43.24
CA GLU E 27 -19.32 -38.90 44.44
C GLU E 27 -17.83 -38.92 44.10
N TYR E 28 -17.45 -39.70 43.08
CA TYR E 28 -16.07 -39.68 42.60
C TYR E 28 -15.65 -38.32 42.06
N VAL E 29 -16.52 -37.69 41.26
CA VAL E 29 -16.20 -36.37 40.71
C VAL E 29 -16.13 -35.33 41.82
N ALA E 30 -17.05 -35.41 42.79
CA ALA E 30 -17.01 -34.48 43.90
C ALA E 30 -15.82 -34.72 44.82
N GLU E 31 -15.27 -35.94 44.83
CA GLU E 31 -14.01 -36.14 45.54
C GLU E 31 -12.87 -35.48 44.81
N ILE E 32 -12.80 -35.63 43.49
CA ILE E 32 -11.57 -35.25 42.79
C ILE E 32 -11.52 -33.83 42.27
N LEU E 33 -12.63 -33.09 42.28
CA LEU E 33 -12.59 -31.64 42.02
C LEU E 33 -13.34 -30.86 43.08
N PRO E 34 -12.77 -30.71 44.27
CA PRO E 34 -13.52 -30.07 45.36
C PRO E 34 -13.58 -28.57 45.25
N LYS E 35 -12.92 -27.97 44.27
CA LYS E 35 -12.85 -26.53 44.20
C LYS E 35 -14.13 -25.90 43.67
N TYR E 36 -14.95 -26.66 42.92
CA TYR E 36 -16.05 -26.04 42.22
C TYR E 36 -17.40 -26.73 42.36
N VAL E 37 -17.50 -27.83 43.10
CA VAL E 37 -18.69 -28.66 43.09
C VAL E 37 -19.62 -28.27 44.24
N GLN E 38 -20.90 -28.11 43.91
CA GLN E 38 -22.01 -27.69 44.75
C GLN E 38 -23.09 -28.77 44.75
N GLN E 39 -23.62 -29.15 43.60
CA GLN E 39 -24.63 -30.19 43.67
C GLN E 39 -24.32 -31.28 42.68
N VAL E 40 -24.49 -32.55 43.07
CA VAL E 40 -24.42 -33.64 42.12
C VAL E 40 -25.72 -34.40 42.26
N GLN E 41 -26.66 -34.17 41.36
CA GLN E 41 -27.98 -34.75 41.54
C GLN E 41 -28.32 -35.70 40.41
N VAL E 42 -29.03 -36.76 40.77
CA VAL E 42 -29.41 -37.82 39.86
C VAL E 42 -30.92 -37.93 39.85
N SER E 43 -31.51 -37.83 38.66
CA SER E 43 -32.96 -37.95 38.50
C SER E 43 -33.36 -39.41 38.46
N CYS E 44 -34.67 -39.65 38.34
CA CYS E 44 -35.18 -41.01 38.36
C CYS E 44 -34.91 -41.73 37.05
N PHE E 45 -34.78 -41.00 35.96
CA PHE E 45 -34.46 -41.58 34.66
C PHE E 45 -32.96 -41.69 34.42
N SER E 46 -32.14 -41.49 35.46
CA SER E 46 -30.72 -41.84 35.51
C SER E 46 -29.89 -41.09 34.46
N GLU E 47 -29.79 -39.79 34.66
CA GLU E 47 -28.86 -38.93 33.94
C GLU E 47 -28.19 -38.01 34.93
N LEU E 48 -26.91 -37.72 34.74
CA LEU E 48 -26.18 -37.04 35.80
C LEU E 48 -26.31 -35.54 35.63
N GLU E 49 -26.46 -34.82 36.74
CA GLU E 49 -26.55 -33.36 36.69
C GLU E 49 -25.57 -32.79 37.68
N ILE E 50 -24.58 -32.04 37.18
CA ILE E 50 -23.52 -31.50 38.03
C ILE E 50 -23.65 -29.98 38.02
N CYS E 51 -23.93 -29.40 39.18
CA CYS E 51 -24.25 -27.99 39.31
C CYS E 51 -23.05 -27.26 39.89
N ILE E 52 -22.55 -26.28 39.11
CA ILE E 52 -21.19 -25.75 39.17
C ILE E 52 -21.18 -24.22 39.16
N HIS E 53 -20.30 -23.67 40.00
CA HIS E 53 -19.89 -22.28 40.01
C HIS E 53 -19.24 -21.88 38.68
N PRO E 54 -19.45 -20.65 38.20
CA PRO E 54 -18.88 -20.28 36.91
C PRO E 54 -17.45 -19.76 36.96
N ASP E 55 -16.58 -20.37 37.77
CA ASP E 55 -15.18 -20.04 37.69
C ASP E 55 -14.33 -21.28 37.50
N GLY E 56 -14.95 -22.38 37.15
CA GLY E 56 -14.22 -23.59 36.86
C GLY E 56 -14.69 -24.26 35.60
N VAL E 57 -15.24 -23.48 34.67
CA VAL E 57 -15.74 -24.04 33.42
C VAL E 57 -14.61 -24.64 32.61
N ILE E 58 -13.55 -23.85 32.41
CA ILE E 58 -12.37 -24.37 31.70
C ILE E 58 -11.71 -25.55 32.44
N PRO E 59 -11.49 -25.52 33.77
CA PRO E 59 -10.95 -26.74 34.40
C PRO E 59 -11.85 -27.96 34.34
N VAL E 60 -13.16 -27.80 34.53
CA VAL E 60 -14.03 -28.97 34.55
C VAL E 60 -14.15 -29.56 33.15
N LEU E 61 -14.21 -28.72 32.12
CA LEU E 61 -14.31 -29.30 30.79
C LEU E 61 -12.99 -29.87 30.30
N THR E 62 -11.86 -29.23 30.63
CA THR E 62 -10.58 -29.84 30.32
C THR E 62 -10.35 -31.11 31.11
N PHE E 63 -11.00 -31.27 32.25
CA PHE E 63 -10.90 -32.55 32.93
C PHE E 63 -11.79 -33.60 32.29
N LEU E 64 -13.06 -33.26 32.08
CA LEU E 64 -14.07 -34.19 31.61
C LEU E 64 -13.94 -34.51 30.12
N ARG E 65 -13.02 -33.90 29.40
CA ARG E 65 -12.78 -34.34 28.03
C ARG E 65 -11.84 -35.53 27.97
N ASP E 66 -11.16 -35.84 29.06
CA ASP E 66 -10.03 -36.77 29.09
C ASP E 66 -10.14 -37.62 30.33
N HIS E 67 -9.00 -38.08 30.86
CA HIS E 67 -8.77 -38.69 32.17
C HIS E 67 -9.09 -40.19 32.21
N SER E 68 -9.67 -40.75 31.15
CA SER E 68 -9.81 -42.20 30.89
C SER E 68 -10.64 -42.94 31.92
N ASN E 69 -11.34 -42.24 32.79
CA ASN E 69 -12.44 -42.83 33.53
C ASN E 69 -13.77 -42.37 32.95
N ALA E 70 -13.75 -41.32 32.12
CA ALA E 70 -14.93 -40.83 31.42
C ALA E 70 -14.46 -39.98 30.27
N GLN E 71 -14.62 -40.45 29.02
CA GLN E 71 -14.09 -39.72 27.88
C GLN E 71 -14.85 -38.43 27.60
N PHE E 72 -16.13 -38.52 27.23
CA PHE E 72 -17.01 -37.38 26.95
C PHE E 72 -16.42 -36.39 25.95
N LYS E 73 -16.28 -36.85 24.71
CA LYS E 73 -15.83 -35.94 23.67
C LYS E 73 -16.95 -35.02 23.21
N SER E 74 -18.19 -35.50 23.20
CA SER E 74 -19.24 -34.85 22.44
C SER E 74 -19.93 -33.74 23.22
N LEU E 75 -20.08 -32.59 22.58
CA LEU E 75 -20.80 -31.46 23.15
C LEU E 75 -22.20 -31.40 22.56
N ALA E 76 -23.15 -30.90 23.35
CA ALA E 76 -24.45 -30.47 22.89
C ALA E 76 -24.95 -29.41 23.88
N ASP E 77 -26.26 -29.15 23.79
CA ASP E 77 -26.99 -27.94 24.19
C ASP E 77 -26.47 -27.16 25.38
N LEU E 78 -26.43 -25.84 25.24
CA LEU E 78 -25.72 -24.91 26.08
C LEU E 78 -26.63 -23.94 26.80
N THR E 79 -27.94 -24.00 26.55
CA THR E 79 -28.91 -22.94 26.88
C THR E 79 -28.87 -22.46 28.32
N ALA E 80 -28.93 -21.16 28.48
CA ALA E 80 -28.71 -20.47 29.74
C ALA E 80 -30.03 -20.11 30.39
N VAL E 81 -30.85 -21.14 30.61
CA VAL E 81 -32.29 -21.10 30.88
C VAL E 81 -32.65 -20.08 31.95
N ASP E 82 -33.40 -19.05 31.56
CA ASP E 82 -33.53 -17.84 32.37
C ASP E 82 -34.49 -18.08 33.53
N ILE E 83 -33.94 -18.21 34.72
CA ILE E 83 -34.79 -18.32 35.89
C ILE E 83 -34.66 -17.03 36.68
N PRO E 84 -35.70 -16.24 36.77
CA PRO E 84 -35.68 -15.08 37.67
C PRO E 84 -35.88 -15.48 39.12
N THR E 85 -36.06 -14.47 39.98
CA THR E 85 -36.11 -14.59 41.44
C THR E 85 -34.80 -15.20 41.94
N ARG E 86 -33.71 -14.81 41.31
CA ARG E 86 -32.39 -15.24 41.72
C ARG E 86 -31.47 -14.05 41.55
N GLN E 87 -30.38 -14.05 42.32
CA GLN E 87 -29.37 -13.03 42.09
C GLN E 87 -28.66 -13.28 40.76
N ASN E 88 -28.56 -14.53 40.36
CA ASN E 88 -28.00 -14.91 39.07
C ASN E 88 -29.12 -15.47 38.23
N ARG E 89 -29.51 -14.75 37.19
CA ARG E 89 -30.68 -15.15 36.42
C ARG E 89 -30.40 -16.38 35.56
N PHE E 90 -29.33 -16.34 34.78
CA PHE E 90 -29.26 -17.26 33.65
C PHE E 90 -28.49 -18.52 34.02
N GLU E 91 -28.78 -19.61 33.32
CA GLU E 91 -28.05 -20.85 33.55
C GLU E 91 -27.47 -21.39 32.25
N ILE E 92 -26.15 -21.47 32.21
CA ILE E 92 -25.47 -22.14 31.11
C ILE E 92 -25.62 -23.63 31.36
N VAL E 93 -26.14 -24.34 30.38
CA VAL E 93 -26.28 -25.79 30.47
C VAL E 93 -25.47 -26.38 29.34
N TYR E 94 -24.28 -26.88 29.68
CA TYR E 94 -23.53 -27.76 28.81
C TYR E 94 -24.13 -29.13 28.87
N ASN E 95 -24.15 -29.84 27.75
CA ASN E 95 -24.77 -31.15 27.78
C ASN E 95 -23.86 -32.14 27.06
N LEU E 96 -23.13 -32.93 27.83
CA LEU E 96 -22.00 -33.69 27.33
C LEU E 96 -22.36 -35.16 27.18
N LEU E 97 -21.79 -35.76 26.14
CA LEU E 97 -22.05 -37.14 25.74
C LEU E 97 -20.75 -37.88 25.48
N SER E 98 -20.66 -39.10 26.01
CA SER E 98 -19.54 -40.00 25.76
C SER E 98 -19.65 -40.64 24.39
N LEU E 99 -18.55 -41.27 23.98
CA LEU E 99 -18.54 -42.11 22.80
C LEU E 99 -18.18 -43.55 23.10
N ARG E 100 -17.53 -43.80 24.23
CA ARG E 100 -17.20 -45.14 24.66
C ARG E 100 -18.16 -45.69 25.70
N PHE E 101 -18.86 -44.82 26.43
CA PHE E 101 -19.51 -45.23 27.67
C PHE E 101 -21.02 -45.14 27.67
N ASN E 102 -21.64 -44.40 26.74
CA ASN E 102 -23.10 -44.24 26.62
C ASN E 102 -23.72 -43.68 27.90
N SER E 103 -23.33 -42.45 28.22
CA SER E 103 -23.87 -41.77 29.39
C SER E 103 -24.00 -40.28 29.09
N ARG E 104 -24.95 -39.64 29.74
CA ARG E 104 -25.21 -38.23 29.51
C ARG E 104 -25.12 -37.42 30.79
N ILE E 105 -24.29 -36.39 30.75
CA ILE E 105 -24.11 -35.54 31.91
C ILE E 105 -24.49 -34.13 31.52
N ARG E 106 -25.06 -33.40 32.47
CA ARG E 106 -25.50 -32.03 32.28
C ARG E 106 -24.73 -31.17 33.24
N VAL E 107 -23.80 -30.37 32.72
CA VAL E 107 -23.11 -29.41 33.55
C VAL E 107 -23.96 -28.15 33.57
N LYS E 108 -24.64 -27.92 34.67
CA LYS E 108 -25.41 -26.70 34.86
C LYS E 108 -24.53 -25.75 35.66
N THR E 109 -23.99 -24.75 34.99
CA THR E 109 -23.29 -23.72 35.71
C THR E 109 -24.12 -22.45 35.72
N TYR E 110 -24.04 -21.71 36.80
CA TYR E 110 -24.92 -20.54 36.86
C TYR E 110 -24.21 -19.28 36.40
N THR E 111 -24.98 -18.22 36.10
CA THR E 111 -24.43 -16.89 35.83
C THR E 111 -25.51 -15.83 35.92
N ASP E 112 -25.07 -14.57 35.87
CA ASP E 112 -25.98 -13.43 35.83
C ASP E 112 -26.00 -12.82 34.43
N GLU E 113 -26.60 -11.63 34.32
CA GLU E 113 -26.71 -10.91 33.06
C GLU E 113 -25.39 -10.29 32.60
N LEU E 114 -24.41 -10.12 33.47
CA LEU E 114 -23.26 -9.28 33.13
C LEU E 114 -21.90 -9.97 33.27
N THR E 115 -21.71 -10.80 34.28
CA THR E 115 -20.38 -11.36 34.50
C THR E 115 -20.11 -12.48 33.50
N PRO E 116 -18.97 -12.48 32.82
CA PRO E 116 -18.74 -13.46 31.76
C PRO E 116 -18.40 -14.84 32.28
N VAL E 117 -18.86 -15.85 31.54
CA VAL E 117 -18.33 -17.20 31.76
C VAL E 117 -17.07 -17.33 30.91
N GLU E 118 -16.32 -18.41 31.10
CA GLU E 118 -14.98 -18.50 30.56
C GLU E 118 -14.89 -18.95 29.10
N SER E 119 -16.01 -19.02 28.36
CA SER E 119 -16.00 -19.19 26.89
C SER E 119 -15.32 -20.45 26.38
N SER E 120 -15.95 -21.60 26.54
CA SER E 120 -15.41 -22.92 26.29
C SER E 120 -14.91 -23.24 24.88
N VAL E 121 -14.92 -22.28 23.95
CA VAL E 121 -14.60 -22.56 22.55
C VAL E 121 -13.14 -22.97 22.36
N SER E 122 -12.27 -22.71 23.34
CA SER E 122 -10.89 -23.15 23.22
C SER E 122 -10.73 -24.65 23.37
N VAL E 123 -11.69 -25.34 23.98
CA VAL E 123 -11.52 -26.76 24.27
C VAL E 123 -12.58 -27.62 23.61
N TYR E 124 -13.75 -27.04 23.32
CA TYR E 124 -14.79 -27.69 22.50
C TYR E 124 -15.03 -26.83 21.28
N LYS E 125 -14.64 -27.33 20.11
CA LYS E 125 -14.77 -26.56 18.89
C LYS E 125 -16.22 -26.40 18.44
N ALA E 126 -17.13 -27.23 18.93
CA ALA E 126 -18.54 -27.09 18.58
C ALA E 126 -19.19 -25.89 19.23
N ALA E 127 -18.57 -25.34 20.26
CA ALA E 127 -19.18 -24.32 21.08
C ALA E 127 -19.26 -22.95 20.43
N ASN E 128 -18.75 -22.80 19.21
CA ASN E 128 -18.59 -21.46 18.64
C ASN E 128 -19.93 -20.84 18.28
N TRP E 129 -20.71 -21.53 17.45
CA TRP E 129 -21.99 -20.95 17.10
C TRP E 129 -23.03 -21.11 18.18
N TYR E 130 -22.90 -22.12 19.05
CA TYR E 130 -23.73 -22.19 20.26
C TYR E 130 -23.50 -20.96 21.13
N GLU E 131 -22.25 -20.56 21.30
CA GLU E 131 -21.93 -19.37 22.08
C GLU E 131 -22.43 -18.10 21.41
N ARG E 132 -22.29 -18.02 20.08
CA ARG E 132 -22.80 -16.84 19.37
C ARG E 132 -24.32 -16.75 19.48
N GLU E 133 -24.99 -17.89 19.46
CA GLU E 133 -26.44 -17.93 19.63
C GLU E 133 -26.84 -17.48 21.02
N ILE E 134 -26.13 -17.94 22.06
CA ILE E 134 -26.49 -17.53 23.41
C ILE E 134 -26.22 -16.05 23.64
N TRP E 135 -25.18 -15.50 23.01
CA TRP E 135 -24.99 -14.06 23.07
C TRP E 135 -26.10 -13.31 22.35
N ASP E 136 -26.53 -13.80 21.18
CA ASP E 136 -27.50 -13.03 20.41
C ASP E 136 -28.91 -13.17 20.99
N MET E 137 -29.18 -14.21 21.76
CA MET E 137 -30.53 -14.36 22.29
C MET E 137 -30.66 -13.99 23.74
N PHE E 138 -29.61 -14.13 24.54
CA PHE E 138 -29.70 -13.87 25.96
C PHE E 138 -28.90 -12.65 26.40
N GLY E 139 -27.60 -12.63 26.12
CA GLY E 139 -26.80 -11.50 26.51
C GLY E 139 -25.68 -11.85 27.46
N VAL E 140 -25.39 -13.13 27.59
CA VAL E 140 -24.27 -13.60 28.40
C VAL E 140 -23.01 -13.38 27.58
N PHE E 141 -22.25 -12.34 27.92
CA PHE E 141 -21.00 -12.05 27.23
C PHE E 141 -19.97 -13.14 27.51
N PHE E 142 -19.10 -13.39 26.53
CA PHE E 142 -18.09 -14.44 26.60
C PHE E 142 -16.71 -13.83 26.43
N ALA E 143 -16.00 -13.65 27.54
CA ALA E 143 -14.69 -13.07 27.48
C ALA E 143 -13.68 -14.06 26.92
N ASN E 144 -12.61 -13.52 26.31
CA ASN E 144 -11.58 -14.27 25.61
C ASN E 144 -12.14 -15.17 24.54
N HIS E 145 -13.15 -14.68 23.85
CA HIS E 145 -13.75 -15.37 22.74
C HIS E 145 -13.47 -14.61 21.45
N PRO E 146 -13.14 -15.31 20.37
CA PRO E 146 -12.79 -14.62 19.12
C PRO E 146 -13.91 -13.85 18.43
N ASP E 147 -15.07 -14.45 18.23
CA ASP E 147 -16.06 -13.91 17.30
C ASP E 147 -17.43 -13.83 17.95
N LEU E 148 -17.87 -12.63 18.28
CA LEU E 148 -19.23 -12.39 18.75
C LEU E 148 -19.96 -11.50 17.75
N ARG E 149 -20.87 -12.09 17.00
CA ARG E 149 -21.70 -11.33 16.08
C ARG E 149 -23.15 -11.70 16.32
N ARG E 150 -24.05 -11.29 15.45
CA ARG E 150 -25.46 -11.62 15.59
C ARG E 150 -25.86 -12.65 14.55
N ILE E 151 -26.34 -13.80 15.02
CA ILE E 151 -26.93 -14.83 14.19
C ILE E 151 -28.25 -15.24 14.85
N LEU E 152 -29.29 -15.40 14.03
CA LEU E 152 -30.73 -15.65 14.23
C LEU E 152 -31.56 -14.40 14.46
N THR E 153 -30.98 -13.21 14.47
CA THR E 153 -31.78 -12.00 14.59
C THR E 153 -31.40 -11.03 13.48
N ASP E 154 -32.21 -9.98 13.34
CA ASP E 154 -31.93 -8.98 12.32
C ASP E 154 -30.76 -8.11 12.75
N TYR E 155 -30.14 -7.47 11.76
CA TYR E 155 -28.96 -6.68 12.03
C TYR E 155 -29.30 -5.36 12.71
N GLY E 156 -30.52 -4.86 12.49
CA GLY E 156 -30.93 -3.63 13.11
C GLY E 156 -31.76 -3.90 14.35
N PHE E 157 -31.54 -5.05 14.95
CA PHE E 157 -32.40 -5.52 16.03
C PHE E 157 -31.61 -5.62 17.33
N GLU E 158 -32.29 -5.32 18.43
CA GLU E 158 -31.69 -5.41 19.75
C GLU E 158 -32.79 -5.74 20.75
N GLY E 159 -32.39 -6.36 21.86
CA GLY E 159 -33.34 -6.64 22.91
C GLY E 159 -33.16 -7.97 23.58
N HIS E 160 -32.43 -8.88 22.94
CA HIS E 160 -32.12 -10.24 23.37
C HIS E 160 -33.42 -10.98 23.59
N PRO E 161 -34.12 -11.38 22.53
CA PRO E 161 -35.56 -11.62 22.61
C PRO E 161 -35.97 -12.83 23.43
N PHE E 162 -35.09 -13.80 23.68
CA PHE E 162 -35.50 -14.97 24.44
C PHE E 162 -35.40 -14.79 25.94
N ARG E 163 -35.29 -13.55 26.44
CA ARG E 163 -35.51 -13.32 27.85
C ARG E 163 -36.99 -13.51 28.19
N LYS E 164 -37.31 -13.48 29.48
CA LYS E 164 -38.69 -13.27 29.85
C LYS E 164 -39.09 -11.81 29.82
N ASP E 165 -38.13 -10.90 29.84
CA ASP E 165 -38.44 -9.48 29.85
C ASP E 165 -38.70 -8.93 28.46
N PHE E 166 -38.55 -9.73 27.42
CA PHE E 166 -38.93 -9.33 26.09
C PHE E 166 -40.28 -9.94 25.79
N PRO E 167 -41.32 -9.15 25.56
CA PRO E 167 -42.67 -9.70 25.38
C PRO E 167 -42.78 -10.45 24.06
N LEU E 168 -43.92 -11.15 23.92
CA LEU E 168 -44.06 -12.10 22.81
C LEU E 168 -44.12 -11.39 21.47
N SER E 169 -44.85 -10.30 21.38
CA SER E 169 -44.76 -9.54 20.16
C SER E 169 -43.48 -8.71 20.16
N GLY E 170 -43.19 -8.13 19.02
CA GLY E 170 -42.02 -7.31 18.87
C GLY E 170 -42.34 -5.84 19.05
N TYR E 171 -41.29 -5.08 19.35
CA TYR E 171 -41.45 -3.64 19.38
C TYR E 171 -41.41 -3.06 17.97
N VAL E 172 -40.63 -3.65 17.10
CA VAL E 172 -40.59 -3.23 15.70
C VAL E 172 -41.46 -4.20 14.90
N GLU E 173 -41.97 -3.71 13.78
CA GLU E 173 -42.69 -4.54 12.85
C GLU E 173 -42.56 -3.90 11.48
N LEU E 174 -42.30 -4.71 10.47
CA LEU E 174 -42.01 -4.16 9.15
C LEU E 174 -43.27 -3.99 8.32
N ARG E 175 -43.26 -2.97 7.47
CA ARG E 175 -44.22 -2.89 6.39
C ARG E 175 -43.57 -2.13 5.26
N TYR E 176 -44.04 -2.34 4.04
CA TYR E 176 -43.54 -1.58 2.92
C TYR E 176 -44.32 -0.29 2.80
N ASP E 177 -43.62 0.79 2.48
CA ASP E 177 -44.31 2.02 2.10
C ASP E 177 -43.63 2.67 0.90
N ASP E 178 -44.47 3.29 0.07
CA ASP E 178 -44.06 3.86 -1.19
C ASP E 178 -43.64 5.31 -1.07
N GLU E 179 -43.83 5.91 0.12
CA GLU E 179 -43.39 7.28 0.34
C GLU E 179 -41.88 7.39 0.26
N VAL E 180 -41.19 6.37 0.75
CA VAL E 180 -39.75 6.27 0.66
C VAL E 180 -39.32 5.04 -0.11
N LYS E 181 -40.27 4.33 -0.73
CA LYS E 181 -40.05 3.19 -1.63
C LYS E 181 -39.30 2.05 -0.96
N ARG E 182 -39.49 1.86 0.35
CA ARG E 182 -38.70 0.84 1.04
C ARG E 182 -39.52 0.26 2.18
N VAL E 183 -38.92 -0.70 2.88
CA VAL E 183 -39.58 -1.41 3.95
C VAL E 183 -39.14 -0.79 5.25
N VAL E 184 -40.08 -0.20 5.99
CA VAL E 184 -39.76 0.58 7.17
C VAL E 184 -40.38 -0.08 8.40
N ALA E 185 -39.82 0.29 9.55
CA ALA E 185 -40.17 -0.32 10.82
C ALA E 185 -41.08 0.60 11.61
N GLU E 186 -42.17 0.05 12.12
CA GLU E 186 -43.17 0.79 12.87
C GLU E 186 -43.48 0.03 14.15
N PRO E 187 -43.93 0.73 15.20
CA PRO E 187 -44.36 0.04 16.41
C PRO E 187 -45.62 -0.77 16.16
N VAL E 188 -45.79 -1.81 17.00
CA VAL E 188 -46.69 -2.91 16.66
C VAL E 188 -48.15 -2.48 16.78
N GLU E 189 -48.93 -2.88 15.79
CA GLU E 189 -50.37 -2.60 15.74
C GLU E 189 -51.00 -3.91 15.29
N LEU E 190 -51.33 -4.77 16.24
CA LEU E 190 -51.82 -6.11 15.94
C LEU E 190 -53.22 -6.07 15.36
N ALA E 191 -53.64 -7.21 14.83
CA ALA E 191 -55.01 -7.40 14.40
C ALA E 191 -55.84 -8.16 15.42
N GLN E 192 -55.21 -8.91 16.32
CA GLN E 192 -55.93 -9.65 17.33
C GLN E 192 -55.06 -9.71 18.57
N GLU E 193 -55.71 -9.94 19.73
CA GLU E 193 -55.13 -9.66 21.03
C GLU E 193 -54.08 -10.66 21.48
N PHE E 194 -54.10 -11.89 20.95
CA PHE E 194 -53.48 -13.07 21.57
C PHE E 194 -53.96 -13.20 23.00
N ARG E 195 -55.22 -13.58 23.11
CA ARG E 195 -55.87 -13.77 24.40
C ARG E 195 -55.19 -14.87 25.20
N LYS E 196 -54.49 -14.50 26.26
CA LYS E 196 -53.77 -15.48 27.08
C LYS E 196 -54.66 -15.99 28.20
N PHE E 197 -54.76 -17.30 28.30
CA PHE E 197 -55.73 -17.95 29.16
C PHE E 197 -55.05 -18.33 30.45
N ASP E 198 -55.64 -17.96 31.58
CA ASP E 198 -55.13 -18.43 32.87
C ASP E 198 -55.45 -19.91 33.03
N LEU E 199 -54.42 -20.72 33.23
CA LEU E 199 -54.58 -22.16 33.38
C LEU E 199 -53.78 -22.73 34.53
N ASN E 200 -53.22 -21.89 35.40
CA ASN E 200 -52.56 -22.39 36.60
C ASN E 200 -53.64 -22.80 37.59
N SER E 201 -54.13 -24.00 37.41
CA SER E 201 -55.23 -24.45 38.24
C SER E 201 -54.71 -24.89 39.60
N PRO E 202 -55.46 -24.62 40.66
CA PRO E 202 -55.04 -25.06 42.00
C PRO E 202 -55.22 -26.55 42.24
N TRP E 203 -55.07 -26.91 43.51
CA TRP E 203 -55.19 -28.23 44.13
C TRP E 203 -53.97 -29.13 43.99
N GLU E 204 -52.79 -28.58 43.68
CA GLU E 204 -51.49 -29.21 43.97
C GLU E 204 -51.34 -30.59 43.33
N ALA E 205 -51.22 -30.58 42.00
CA ALA E 205 -51.19 -31.81 41.23
C ALA E 205 -50.01 -32.75 41.53
N PHE E 206 -49.03 -32.33 42.32
CA PHE E 206 -47.95 -33.24 42.71
C PHE E 206 -47.62 -33.08 44.18
N PRO E 207 -47.64 -34.16 44.95
CA PRO E 207 -47.46 -34.04 46.39
C PRO E 207 -46.01 -34.12 46.83
N ALA E 208 -45.15 -34.76 46.04
CA ALA E 208 -43.80 -34.98 46.50
C ALA E 208 -42.90 -33.76 46.35
N TYR E 209 -43.39 -32.72 45.70
CA TYR E 209 -42.58 -31.56 45.39
C TYR E 209 -43.05 -30.32 46.14
N ARG E 210 -43.57 -30.52 47.34
CA ARG E 210 -44.05 -29.42 48.15
C ARG E 210 -42.88 -28.72 48.81
N GLN E 211 -42.64 -27.48 48.41
CA GLN E 211 -41.60 -26.69 49.02
C GLN E 211 -41.96 -26.35 50.46
N PRO E 212 -40.98 -26.13 51.33
CA PRO E 212 -41.27 -25.76 52.70
C PRO E 212 -41.84 -24.35 52.78
N PRO E 213 -43.01 -24.19 53.38
CA PRO E 213 -43.61 -22.86 53.53
C PRO E 213 -43.07 -22.13 54.74
N GLU E 214 -43.64 -20.97 55.03
CA GLU E 214 -43.28 -20.22 56.23
C GLU E 214 -44.47 -20.12 57.19
N SER F 24 -67.91 -0.65 -35.20
CA SER F 24 -68.08 -1.72 -34.21
C SER F 24 -67.09 -2.83 -34.46
N ARG F 25 -66.70 -3.00 -35.73
CA ARG F 25 -65.75 -4.05 -36.04
C ARG F 25 -64.34 -3.71 -35.60
N GLY F 26 -64.05 -2.42 -35.38
CA GLY F 26 -62.85 -2.06 -34.63
C GLY F 26 -62.84 -2.68 -33.25
N GLU F 27 -63.98 -2.59 -32.55
CA GLU F 27 -64.11 -3.26 -31.25
C GLU F 27 -64.04 -4.77 -31.37
N TYR F 28 -64.54 -5.32 -32.49
CA TYR F 28 -64.46 -6.76 -32.75
C TYR F 28 -63.02 -7.23 -32.87
N VAL F 29 -62.24 -6.55 -33.72
CA VAL F 29 -60.85 -6.93 -33.94
C VAL F 29 -60.02 -6.69 -32.68
N VAL F 30 -60.29 -5.60 -31.95
CA VAL F 30 -59.59 -5.33 -30.70
C VAL F 30 -59.91 -6.39 -29.65
N ALA F 31 -61.16 -6.85 -29.60
CA ALA F 31 -61.54 -7.90 -28.66
C ALA F 31 -60.84 -9.21 -28.99
N LYS F 32 -60.75 -9.56 -30.28
CA LYS F 32 -60.04 -10.77 -30.69
C LYS F 32 -58.55 -10.67 -30.36
N LEU F 33 -57.96 -9.49 -30.57
CA LEU F 33 -56.54 -9.31 -30.30
C LEU F 33 -56.25 -9.37 -28.81
N ASP F 34 -57.11 -8.78 -27.98
CA ASP F 34 -56.92 -8.79 -26.55
C ASP F 34 -57.10 -10.18 -25.99
N ASP F 35 -58.09 -10.93 -26.50
CA ASP F 35 -58.26 -12.29 -26.02
C ASP F 35 -57.11 -13.18 -26.46
N LEU F 36 -56.53 -12.91 -27.64
CA LEU F 36 -55.35 -13.65 -28.06
C LEU F 36 -54.14 -13.38 -27.17
N ILE F 37 -53.88 -12.12 -26.85
CA ILE F 37 -52.69 -11.84 -26.04
C ILE F 37 -52.89 -12.29 -24.60
N ASN F 38 -54.13 -12.25 -24.10
CA ASN F 38 -54.38 -12.78 -22.77
C ASN F 38 -54.27 -14.30 -22.76
N TRP F 39 -54.68 -14.96 -23.84
CA TRP F 39 -54.45 -16.39 -23.96
C TRP F 39 -52.98 -16.73 -24.01
N ALA F 40 -52.20 -15.87 -24.67
CA ALA F 40 -50.76 -16.04 -24.70
C ALA F 40 -50.16 -15.93 -23.31
N ARG F 41 -50.65 -15.01 -22.50
CA ARG F 41 -50.19 -14.95 -21.12
C ARG F 41 -50.69 -16.12 -20.29
N ARG F 42 -51.89 -16.62 -20.58
CA ARG F 42 -52.43 -17.78 -19.87
C ARG F 42 -51.67 -19.05 -20.21
N SER F 43 -50.97 -19.07 -21.34
CA SER F 43 -50.40 -20.31 -21.83
C SER F 43 -49.18 -20.71 -21.03
N SER F 44 -48.13 -19.88 -21.03
CA SER F 44 -46.86 -20.33 -20.48
C SER F 44 -46.79 -20.16 -18.97
N LEU F 45 -46.83 -18.90 -18.50
CA LEU F 45 -46.74 -18.55 -17.08
C LEU F 45 -45.48 -19.12 -16.43
N TRP F 46 -44.33 -18.60 -16.84
CA TRP F 46 -43.02 -18.95 -16.28
C TRP F 46 -42.88 -18.48 -14.83
N PRO F 47 -42.87 -19.35 -13.83
CA PRO F 47 -42.72 -18.88 -12.45
C PRO F 47 -41.27 -18.91 -11.99
N MET F 48 -41.02 -18.22 -10.89
CA MET F 48 -39.86 -18.51 -10.08
C MET F 48 -40.30 -19.28 -8.85
N THR F 49 -39.36 -19.96 -8.22
CA THR F 49 -39.64 -20.77 -7.04
C THR F 49 -38.90 -20.11 -5.89
N PHE F 50 -39.57 -19.18 -5.22
CA PHE F 50 -38.90 -18.45 -4.15
C PHE F 50 -38.79 -19.32 -2.90
N GLY F 51 -39.92 -19.71 -2.30
CA GLY F 51 -40.03 -20.96 -1.56
C GLY F 51 -39.16 -21.19 -0.34
N LEU F 52 -39.44 -20.57 0.79
CA LEU F 52 -38.51 -20.66 1.91
C LEU F 52 -38.65 -21.97 2.66
N ALA F 53 -39.77 -22.17 3.34
CA ALA F 53 -39.98 -23.31 4.22
C ALA F 53 -40.73 -24.42 3.46
N CYS F 54 -41.32 -25.36 4.21
CA CYS F 54 -41.93 -26.60 3.69
C CYS F 54 -42.99 -26.45 2.58
N CYS F 55 -43.57 -25.28 2.39
CA CYS F 55 -44.33 -25.04 1.16
C CYS F 55 -43.46 -25.12 -0.09
N ALA F 56 -42.14 -24.90 0.02
CA ALA F 56 -41.28 -25.18 -1.13
C ALA F 56 -41.20 -26.66 -1.42
N VAL F 57 -41.25 -27.50 -0.38
CA VAL F 57 -41.27 -28.94 -0.62
C VAL F 57 -42.59 -29.33 -1.27
N GLU F 58 -43.66 -28.64 -0.93
CA GLU F 58 -44.90 -28.93 -1.63
C GLU F 58 -44.92 -28.36 -3.06
N MET F 59 -44.15 -27.29 -3.33
CA MET F 59 -43.96 -26.87 -4.72
C MET F 59 -43.18 -27.90 -5.51
N MET F 60 -42.11 -28.42 -4.93
CA MET F 60 -41.33 -29.44 -5.62
C MET F 60 -42.11 -30.74 -5.75
N HIS F 61 -43.15 -30.95 -4.93
CA HIS F 61 -44.07 -32.04 -5.15
C HIS F 61 -45.25 -31.70 -6.03
N MET F 62 -45.47 -30.43 -6.37
CA MET F 62 -46.37 -30.22 -7.50
C MET F 62 -45.58 -30.17 -8.80
N ALA F 63 -44.26 -30.23 -8.71
CA ALA F 63 -43.41 -30.57 -9.84
C ALA F 63 -43.19 -32.07 -9.95
N ALA F 64 -44.03 -32.87 -9.31
CA ALA F 64 -43.88 -34.31 -9.28
C ALA F 64 -44.22 -34.91 -10.63
N PRO F 65 -43.91 -36.18 -10.84
CA PRO F 65 -44.50 -36.88 -11.99
C PRO F 65 -46.00 -36.98 -11.96
N ARG F 66 -46.63 -36.98 -10.80
CA ARG F 66 -48.08 -37.16 -10.78
C ARG F 66 -48.80 -35.89 -11.21
N TYR F 67 -48.67 -34.82 -10.44
CA TYR F 67 -49.20 -33.53 -10.83
C TYR F 67 -48.11 -32.82 -11.65
N ASP F 68 -48.35 -32.65 -12.93
CA ASP F 68 -47.32 -32.05 -13.78
C ASP F 68 -47.34 -30.53 -13.65
N MET F 69 -46.45 -29.89 -14.41
CA MET F 69 -46.56 -28.46 -14.64
C MET F 69 -46.50 -28.22 -16.13
N ASP F 70 -45.82 -29.12 -16.84
CA ASP F 70 -45.58 -28.92 -18.26
C ASP F 70 -46.83 -29.05 -19.10
N ARG F 71 -47.88 -29.68 -18.57
CA ARG F 71 -49.18 -29.67 -19.23
C ARG F 71 -49.74 -28.26 -19.32
N PHE F 72 -49.35 -27.39 -18.39
CA PHE F 72 -49.83 -26.02 -18.35
C PHE F 72 -48.76 -25.03 -18.76
N GLY F 73 -47.69 -25.50 -19.39
CA GLY F 73 -46.60 -24.62 -19.78
C GLY F 73 -45.73 -24.10 -18.66
N VAL F 74 -46.05 -24.45 -17.41
CA VAL F 74 -45.32 -23.93 -16.26
C VAL F 74 -43.97 -24.59 -16.19
N VAL F 75 -42.91 -23.78 -16.28
CA VAL F 75 -41.54 -24.25 -16.24
C VAL F 75 -40.82 -23.44 -15.18
N PHE F 76 -40.33 -24.11 -14.14
CA PHE F 76 -39.61 -23.41 -13.08
C PHE F 76 -38.30 -22.85 -13.64
N ARG F 77 -38.11 -21.54 -13.49
CA ARG F 77 -36.98 -20.89 -14.12
C ARG F 77 -36.30 -19.97 -13.12
N ALA F 78 -35.00 -20.18 -12.94
CA ALA F 78 -34.27 -19.57 -11.84
C ALA F 78 -34.09 -18.08 -11.99
N SER F 79 -34.20 -17.56 -13.20
CA SER F 79 -34.01 -16.14 -13.40
C SER F 79 -35.17 -15.36 -12.82
N PRO F 80 -34.92 -14.37 -11.97
CA PRO F 80 -35.97 -13.43 -11.59
C PRO F 80 -36.36 -12.48 -12.69
N ARG F 81 -35.60 -12.43 -13.78
CA ARG F 81 -35.85 -11.46 -14.83
C ARG F 81 -36.92 -11.94 -15.81
N GLN F 82 -37.04 -13.25 -16.00
CA GLN F 82 -38.02 -13.80 -16.92
C GLN F 82 -39.12 -14.56 -16.20
N SER F 83 -39.42 -14.16 -14.98
CA SER F 83 -40.51 -14.75 -14.23
C SER F 83 -41.83 -14.07 -14.59
N ASP F 84 -42.85 -14.86 -14.88
CA ASP F 84 -44.18 -14.28 -15.06
C ASP F 84 -44.87 -14.08 -13.72
N VAL F 85 -45.12 -15.18 -13.02
CA VAL F 85 -45.72 -15.14 -11.70
C VAL F 85 -44.63 -15.43 -10.69
N MET F 86 -44.94 -15.20 -9.44
CA MET F 86 -44.01 -15.42 -8.35
C MET F 86 -44.76 -16.09 -7.21
N ILE F 87 -44.34 -17.28 -6.84
CA ILE F 87 -44.97 -17.99 -5.73
C ILE F 87 -44.17 -17.66 -4.48
N VAL F 88 -44.79 -16.91 -3.60
CA VAL F 88 -44.22 -16.63 -2.29
C VAL F 88 -44.73 -17.69 -1.34
N ALA F 89 -43.81 -18.43 -0.76
CA ALA F 89 -44.15 -19.57 0.07
C ALA F 89 -43.12 -19.69 1.18
N GLY F 90 -43.49 -20.35 2.26
CA GLY F 90 -42.64 -20.35 3.42
C GLY F 90 -42.93 -19.17 4.32
N THR F 91 -42.20 -19.10 5.42
CA THR F 91 -42.46 -18.10 6.44
C THR F 91 -41.66 -16.84 6.11
N LEU F 92 -42.36 -15.79 5.73
CA LEU F 92 -41.73 -14.54 5.38
C LEU F 92 -41.33 -13.77 6.62
N THR F 93 -40.04 -13.50 6.79
CA THR F 93 -39.51 -12.89 8.00
C THR F 93 -38.92 -11.53 7.73
N ASN F 94 -38.61 -10.81 8.82
CA ASN F 94 -38.02 -9.48 8.71
C ASN F 94 -36.64 -9.55 8.09
N LYS F 95 -35.87 -10.58 8.44
CA LYS F 95 -34.55 -10.77 7.87
C LYS F 95 -34.63 -11.22 6.41
N MET F 96 -35.81 -11.62 5.93
CA MET F 96 -36.03 -11.99 4.54
C MET F 96 -36.53 -10.85 3.68
N ALA F 97 -37.30 -9.93 4.28
CA ALA F 97 -38.13 -8.99 3.53
C ALA F 97 -37.43 -8.08 2.51
N PRO F 98 -36.28 -7.42 2.79
CA PRO F 98 -35.70 -6.57 1.75
C PRO F 98 -35.19 -7.35 0.56
N ALA F 99 -34.70 -8.56 0.80
CA ALA F 99 -34.32 -9.44 -0.30
C ALA F 99 -35.53 -9.84 -1.11
N LEU F 100 -36.69 -10.01 -0.48
CA LEU F 100 -37.90 -10.35 -1.22
C LEU F 100 -38.32 -9.22 -2.17
N ARG F 101 -38.45 -8.00 -1.65
CA ARG F 101 -38.92 -6.97 -2.59
C ARG F 101 -37.82 -6.56 -3.57
N LYS F 102 -36.55 -6.72 -3.21
CA LYS F 102 -35.49 -6.49 -4.19
C LYS F 102 -35.51 -7.56 -5.27
N VAL F 103 -35.99 -8.77 -4.96
CA VAL F 103 -36.30 -9.70 -6.04
C VAL F 103 -37.49 -9.22 -6.84
N TYR F 104 -38.49 -8.67 -6.15
CA TYR F 104 -39.75 -8.32 -6.79
C TYR F 104 -39.62 -7.20 -7.81
N ASP F 105 -38.73 -6.23 -7.57
CA ASP F 105 -38.65 -5.08 -8.48
C ASP F 105 -38.05 -5.46 -9.81
N GLN F 106 -37.02 -6.31 -9.82
CA GLN F 106 -36.36 -6.68 -11.06
C GLN F 106 -37.19 -7.75 -11.77
N MET F 107 -38.31 -7.28 -12.33
CA MET F 107 -39.36 -8.12 -12.88
C MET F 107 -40.26 -7.21 -13.70
N PRO F 108 -40.74 -7.65 -14.87
CA PRO F 108 -41.41 -6.73 -15.79
C PRO F 108 -42.80 -6.31 -15.31
N GLU F 109 -43.37 -5.32 -16.01
CA GLU F 109 -44.61 -4.67 -15.58
C GLU F 109 -45.84 -5.58 -15.57
N PRO F 110 -45.99 -6.59 -16.45
CA PRO F 110 -46.97 -7.64 -16.12
C PRO F 110 -46.37 -8.69 -15.20
N ARG F 111 -46.87 -8.73 -13.97
CA ARG F 111 -46.35 -9.67 -12.98
C ARG F 111 -47.46 -10.02 -12.01
N TYR F 112 -47.44 -11.25 -11.52
CA TYR F 112 -48.55 -11.75 -10.70
C TYR F 112 -47.98 -12.57 -9.56
N VAL F 113 -48.72 -12.65 -8.46
CA VAL F 113 -48.21 -13.21 -7.21
C VAL F 113 -49.18 -14.23 -6.65
N VAL F 114 -48.69 -15.43 -6.41
CA VAL F 114 -49.44 -16.47 -5.72
C VAL F 114 -48.82 -16.61 -4.33
N SER F 115 -49.59 -16.27 -3.31
CA SER F 115 -49.17 -16.52 -1.94
C SER F 115 -49.64 -17.91 -1.55
N MET F 116 -48.69 -18.81 -1.40
CA MET F 116 -48.96 -20.22 -1.14
C MET F 116 -48.74 -20.52 0.33
N GLY F 117 -49.79 -20.98 0.99
CA GLY F 117 -49.53 -21.55 2.30
C GLY F 117 -49.89 -20.62 3.43
N SER F 118 -50.22 -21.24 4.56
CA SER F 118 -50.80 -20.52 5.68
C SER F 118 -49.81 -19.57 6.34
N CYS F 119 -48.51 -19.85 6.26
CA CYS F 119 -47.52 -18.90 6.77
C CYS F 119 -47.52 -17.62 5.95
N ALA F 120 -47.52 -17.75 4.65
CA ALA F 120 -47.29 -16.61 3.79
C ALA F 120 -48.55 -15.81 3.51
N ASN F 121 -49.74 -16.41 3.62
CA ASN F 121 -50.92 -15.66 3.20
C ASN F 121 -51.67 -15.05 4.38
N GLY F 122 -50.98 -14.51 5.36
CA GLY F 122 -51.68 -14.08 6.56
C GLY F 122 -51.03 -14.50 7.86
N GLY F 123 -49.73 -14.77 7.83
CA GLY F 123 -48.97 -14.98 9.05
C GLY F 123 -49.04 -16.40 9.51
N GLY F 124 -50.21 -16.84 9.91
CA GLY F 124 -50.46 -18.24 10.19
C GLY F 124 -50.07 -18.62 11.60
N TYR F 125 -49.23 -19.63 11.73
CA TYR F 125 -48.99 -20.23 13.02
C TYR F 125 -47.95 -19.44 13.79
N TYR F 126 -47.02 -18.82 13.07
CA TYR F 126 -46.07 -17.92 13.70
C TYR F 126 -46.59 -16.49 13.61
N HIS F 127 -47.84 -16.28 14.00
CA HIS F 127 -48.40 -14.95 13.81
C HIS F 127 -48.00 -14.03 14.93
N TYR F 128 -47.94 -14.54 16.14
CA TYR F 128 -47.58 -13.74 17.30
C TYR F 128 -46.12 -13.97 17.66
N SER F 129 -45.25 -13.41 16.84
CA SER F 129 -43.83 -13.48 17.16
C SER F 129 -43.14 -12.27 16.60
N TYR F 130 -42.03 -11.89 17.24
CA TYR F 130 -41.09 -11.01 16.62
C TYR F 130 -40.49 -11.69 15.39
N SER F 131 -40.02 -10.86 14.46
CA SER F 131 -39.25 -11.27 13.28
C SER F 131 -40.00 -12.24 12.37
N VAL F 132 -41.33 -12.19 12.36
CA VAL F 132 -42.14 -12.86 11.34
C VAL F 132 -43.18 -11.87 10.84
N VAL F 133 -43.14 -11.59 9.54
CA VAL F 133 -44.06 -10.62 8.95
C VAL F 133 -45.46 -11.24 8.89
N ARG F 134 -46.43 -10.52 9.45
CA ARG F 134 -47.81 -11.02 9.53
C ARG F 134 -48.43 -10.94 8.14
N GLY F 135 -48.15 -11.96 7.34
CA GLY F 135 -48.67 -12.02 6.00
C GLY F 135 -47.89 -11.17 5.03
N CYS F 136 -47.84 -11.56 3.77
CA CYS F 136 -47.05 -10.83 2.80
C CYS F 136 -47.83 -9.70 2.13
N ASP F 137 -48.98 -9.30 2.68
CA ASP F 137 -49.63 -8.07 2.24
C ASP F 137 -48.82 -6.85 2.61
N ARG F 138 -48.10 -6.92 3.72
CA ARG F 138 -47.21 -5.86 4.17
C ARG F 138 -46.01 -5.66 3.26
N ILE F 139 -45.74 -6.59 2.34
CA ILE F 139 -44.56 -6.53 1.51
C ILE F 139 -44.95 -6.39 0.05
N VAL F 140 -45.76 -7.31 -0.45
CA VAL F 140 -46.05 -7.38 -1.88
C VAL F 140 -47.56 -7.41 -2.07
N PRO F 141 -48.04 -6.99 -3.25
CA PRO F 141 -49.43 -7.23 -3.58
C PRO F 141 -49.67 -8.69 -3.87
N VAL F 142 -50.86 -9.16 -3.52
CA VAL F 142 -51.19 -10.57 -3.60
C VAL F 142 -52.35 -10.74 -4.55
N ASP F 143 -52.13 -11.53 -5.60
CA ASP F 143 -53.21 -11.83 -6.52
C ASP F 143 -54.00 -13.05 -6.07
N ILE F 144 -53.33 -14.15 -5.78
CA ILE F 144 -54.02 -15.39 -5.40
C ILE F 144 -53.55 -15.81 -4.02
N TYR F 145 -54.42 -15.71 -3.03
CA TYR F 145 -54.22 -16.42 -1.78
C TYR F 145 -54.64 -17.86 -1.96
N VAL F 146 -53.83 -18.81 -1.49
CA VAL F 146 -54.28 -20.18 -1.33
C VAL F 146 -53.95 -20.66 0.08
N PRO F 147 -54.93 -21.08 0.87
CA PRO F 147 -54.65 -21.56 2.21
C PRO F 147 -54.49 -23.07 2.24
N GLY F 148 -53.94 -23.54 3.36
CA GLY F 148 -53.53 -24.92 3.52
C GLY F 148 -52.23 -24.94 4.29
N CYS F 149 -51.82 -26.09 4.83
CA CYS F 149 -50.53 -26.21 5.50
C CYS F 149 -50.02 -27.64 5.41
N PRO F 150 -49.31 -27.97 4.33
CA PRO F 150 -49.23 -27.28 3.05
C PRO F 150 -50.52 -27.46 2.30
N PRO F 151 -50.89 -26.47 1.50
CA PRO F 151 -51.97 -26.66 0.53
C PRO F 151 -51.57 -27.81 -0.38
N THR F 152 -52.52 -28.72 -0.62
CA THR F 152 -52.21 -29.90 -1.41
C THR F 152 -51.91 -29.49 -2.84
N ALA F 153 -51.00 -30.24 -3.48
CA ALA F 153 -50.55 -29.93 -4.84
C ALA F 153 -51.74 -29.91 -5.81
N GLU F 154 -52.71 -30.78 -5.56
CA GLU F 154 -53.99 -30.75 -6.25
C GLU F 154 -54.69 -29.41 -6.05
N ALA F 155 -54.76 -28.95 -4.81
CA ALA F 155 -55.38 -27.67 -4.50
C ALA F 155 -54.60 -26.50 -5.08
N LEU F 156 -53.27 -26.59 -5.03
CA LEU F 156 -52.44 -25.53 -5.58
C LEU F 156 -52.58 -25.43 -7.09
N LEU F 157 -52.72 -26.57 -7.75
CA LEU F 157 -52.92 -26.56 -9.18
C LEU F 157 -54.27 -25.98 -9.54
N TYR F 158 -55.28 -26.23 -8.71
CA TYR F 158 -56.56 -25.56 -8.88
C TYR F 158 -56.44 -24.05 -8.67
N GLY F 159 -55.60 -23.64 -7.73
CA GLY F 159 -55.35 -22.21 -7.55
C GLY F 159 -54.68 -21.58 -8.75
N ILE F 160 -53.79 -22.32 -9.42
CA ILE F 160 -53.18 -21.80 -10.62
C ILE F 160 -54.18 -21.74 -11.77
N LEU F 161 -55.15 -22.67 -11.81
CA LEU F 161 -56.20 -22.52 -12.81
C LEU F 161 -57.07 -21.29 -12.56
N GLN F 162 -57.36 -20.98 -11.30
CA GLN F 162 -58.15 -19.77 -11.08
C GLN F 162 -57.31 -18.51 -11.31
N LEU F 163 -55.99 -18.62 -11.16
CA LEU F 163 -55.09 -17.57 -11.63
C LEU F 163 -55.24 -17.36 -13.13
N GLN F 164 -55.26 -18.45 -13.89
CA GLN F 164 -55.40 -18.35 -15.34
C GLN F 164 -56.74 -17.77 -15.74
N LYS F 165 -57.77 -18.04 -14.95
CA LYS F 165 -59.05 -17.45 -15.28
C LYS F 165 -59.10 -15.96 -14.91
N LYS F 166 -58.34 -15.55 -13.90
CA LYS F 166 -58.16 -14.12 -13.68
C LYS F 166 -57.40 -13.48 -14.84
N ILE F 167 -56.44 -14.20 -15.42
CA ILE F 167 -55.75 -13.68 -16.60
C ILE F 167 -56.69 -13.61 -17.79
N LYS F 168 -57.65 -14.54 -17.86
CA LYS F 168 -58.69 -14.47 -18.88
C LYS F 168 -59.56 -13.23 -18.72
N ARG F 169 -59.79 -12.80 -17.47
CA ARG F 169 -60.55 -11.56 -17.24
C ARG F 169 -59.59 -10.39 -17.03
N GLU F 170 -59.15 -9.77 -18.11
CA GLU F 170 -58.31 -8.59 -17.90
C GLU F 170 -58.80 -7.35 -18.64
N LYS F 171 -59.25 -7.48 -19.89
CA LYS F 171 -59.65 -6.42 -20.83
C LYS F 171 -58.80 -5.15 -20.82
N ARG F 172 -57.48 -5.32 -20.71
CA ARG F 172 -56.55 -4.20 -20.75
C ARG F 172 -56.65 -3.43 -22.06
N LEU F 173 -56.76 -4.14 -23.18
CA LEU F 173 -56.77 -3.46 -24.47
C LEU F 173 -58.13 -2.80 -24.74
N ARG F 174 -59.21 -3.38 -24.22
CA ARG F 174 -60.52 -2.73 -24.34
C ARG F 174 -60.55 -1.43 -23.56
N ILE F 175 -60.00 -1.43 -22.35
CA ILE F 175 -59.94 -0.19 -21.58
C ILE F 175 -58.95 0.78 -22.23
N TRP F 176 -57.92 0.27 -22.92
CA TRP F 176 -57.01 1.15 -23.62
C TRP F 176 -57.67 1.80 -24.82
N TYR F 177 -58.54 1.08 -25.52
CA TYR F 177 -59.18 1.69 -26.68
C TYR F 177 -60.25 2.68 -26.25
N ARG F 178 -61.00 2.38 -25.20
CA ARG F 178 -61.98 3.36 -24.78
C ARG F 178 -61.39 4.42 -23.85
N ARG F 179 -60.09 4.34 -23.56
CA ARG F 179 -59.38 5.45 -22.93
C ARG F 179 -59.24 6.54 -23.97
N THR G 1 -23.75 -54.69 14.99
CA THR G 1 -23.49 -55.20 13.65
C THR G 1 -23.21 -54.06 12.69
N TYR G 2 -22.07 -54.10 12.01
CA TYR G 2 -21.67 -53.01 11.15
C TYR G 2 -21.21 -53.57 9.82
N LYS G 3 -21.60 -52.88 8.74
CA LYS G 3 -21.40 -53.37 7.38
C LYS G 3 -20.84 -52.21 6.58
N TYR G 4 -19.52 -52.05 6.60
CA TYR G 4 -18.96 -50.85 6.01
C TYR G 4 -18.84 -50.97 4.49
N VAL G 5 -18.71 -49.82 3.84
CA VAL G 5 -18.66 -49.73 2.39
C VAL G 5 -17.31 -49.18 1.97
N ASN G 6 -17.02 -49.32 0.67
CA ASN G 6 -15.77 -48.90 0.03
C ASN G 6 -14.55 -49.49 0.71
N LEU G 7 -14.49 -50.82 0.71
CA LEU G 7 -13.23 -51.48 1.00
C LEU G 7 -13.08 -52.62 -0.01
N ARG G 8 -12.54 -52.28 -1.17
CA ARG G 8 -12.00 -53.21 -2.14
C ARG G 8 -10.58 -52.78 -2.47
N GLU G 9 -9.91 -53.54 -3.32
CA GLU G 9 -8.65 -53.08 -3.90
C GLU G 9 -8.66 -53.33 -5.39
N PRO G 10 -7.97 -52.50 -6.16
CA PRO G 10 -7.82 -52.79 -7.59
C PRO G 10 -6.95 -54.01 -7.83
N SER G 11 -7.55 -55.09 -8.35
CA SER G 11 -6.80 -56.29 -8.65
C SER G 11 -5.88 -56.05 -9.83
N MET G 12 -4.60 -56.31 -9.64
CA MET G 12 -3.58 -56.03 -10.65
C MET G 12 -3.49 -57.09 -11.73
N ASP G 13 -4.48 -57.98 -11.82
CA ASP G 13 -4.58 -58.93 -12.92
C ASP G 13 -4.83 -58.18 -14.22
N MET G 14 -4.46 -58.83 -15.33
CA MET G 14 -4.62 -58.20 -16.64
C MET G 14 -6.09 -58.02 -17.00
N LYS G 15 -6.94 -58.95 -16.58
CA LYS G 15 -8.36 -58.88 -16.90
C LYS G 15 -9.03 -57.69 -16.23
N SER G 16 -8.75 -57.47 -14.94
CA SER G 16 -9.38 -56.38 -14.21
C SER G 16 -8.91 -55.03 -14.70
N VAL G 17 -7.61 -54.90 -14.99
CA VAL G 17 -7.11 -53.60 -15.41
C VAL G 17 -7.51 -53.31 -16.85
N THR G 18 -7.69 -54.33 -17.70
CA THR G 18 -8.17 -54.02 -19.04
C THR G 18 -9.68 -53.78 -19.03
N ASP G 19 -10.40 -54.32 -18.04
CA ASP G 19 -11.81 -53.96 -17.92
C ASP G 19 -11.97 -52.52 -17.45
N ARG G 20 -11.16 -52.09 -16.49
CA ARG G 20 -11.21 -50.70 -16.07
C ARG G 20 -10.71 -49.76 -17.15
N ALA G 21 -9.77 -50.21 -17.98
CA ALA G 21 -9.29 -49.39 -19.08
C ALA G 21 -10.35 -49.27 -20.17
N ALA G 22 -11.11 -50.34 -20.42
CA ALA G 22 -12.21 -50.26 -21.36
C ALA G 22 -13.32 -49.36 -20.84
N GLN G 23 -13.58 -49.44 -19.53
CA GLN G 23 -14.49 -48.51 -18.86
C GLN G 23 -14.07 -47.06 -19.06
N THR G 24 -12.77 -46.79 -18.98
CA THR G 24 -12.30 -45.42 -19.14
C THR G 24 -12.39 -44.98 -20.60
N LEU G 25 -11.70 -45.68 -21.49
CA LEU G 25 -11.51 -45.24 -22.86
C LEU G 25 -12.66 -45.56 -23.78
N LEU G 26 -13.73 -46.20 -23.30
CA LEU G 26 -14.79 -46.65 -24.20
C LEU G 26 -16.19 -46.25 -23.77
N TRP G 27 -16.32 -45.44 -22.71
CA TRP G 27 -17.57 -44.78 -22.32
C TRP G 27 -18.71 -45.76 -22.04
N THR G 28 -18.38 -46.94 -21.50
CA THR G 28 -19.34 -48.04 -21.41
C THR G 28 -20.41 -47.76 -20.36
N GLU G 29 -20.00 -47.30 -19.18
CA GLU G 29 -20.95 -47.07 -18.11
C GLU G 29 -21.84 -45.87 -18.36
N LEU G 30 -21.37 -44.92 -19.17
CA LEU G 30 -22.23 -43.82 -19.56
C LEU G 30 -23.34 -44.31 -20.49
N ILE G 31 -23.00 -45.24 -21.39
CA ILE G 31 -24.00 -45.90 -22.22
C ILE G 31 -24.97 -46.72 -21.37
N ARG G 32 -24.47 -47.31 -20.28
CA ARG G 32 -25.34 -48.02 -19.34
C ARG G 32 -26.35 -47.08 -18.69
N GLY G 33 -25.91 -45.88 -18.30
CA GLY G 33 -26.83 -44.90 -17.76
C GLY G 33 -27.89 -44.47 -18.76
N LEU G 34 -27.47 -44.28 -20.02
CA LEU G 34 -28.45 -43.96 -21.06
C LEU G 34 -29.43 -45.11 -21.27
N GLY G 35 -28.97 -46.34 -21.13
CA GLY G 35 -29.87 -47.48 -21.26
C GLY G 35 -30.92 -47.52 -20.18
N MET G 36 -30.52 -47.17 -18.95
CA MET G 36 -31.49 -47.14 -17.85
C MET G 36 -32.53 -46.04 -18.06
N THR G 37 -32.09 -44.87 -18.53
CA THR G 37 -33.03 -43.79 -18.72
C THR G 37 -33.99 -44.05 -19.88
N LEU G 38 -33.53 -44.70 -20.95
CA LEU G 38 -34.48 -45.05 -22.02
C LEU G 38 -35.40 -46.18 -21.59
N SER G 39 -34.93 -47.04 -20.68
CA SER G 39 -35.81 -48.07 -20.13
C SER G 39 -36.94 -47.47 -19.34
N TYR G 40 -36.71 -46.31 -18.72
CA TYR G 40 -37.86 -45.57 -18.18
C TYR G 40 -38.57 -44.70 -19.20
N LEU G 41 -37.95 -44.44 -20.35
CA LEU G 41 -38.69 -43.73 -21.41
C LEU G 41 -39.86 -44.54 -21.90
N PHE G 42 -39.63 -45.80 -22.28
CA PHE G 42 -40.72 -46.53 -22.94
C PHE G 42 -41.80 -47.05 -21.99
N ARG G 43 -41.87 -46.56 -20.76
CA ARG G 43 -42.98 -46.85 -19.86
C ARG G 43 -44.15 -45.93 -20.17
N GLU G 44 -45.17 -45.99 -19.32
CA GLU G 44 -46.31 -45.10 -19.40
C GLU G 44 -46.32 -44.21 -18.17
N PRO G 45 -46.29 -42.90 -18.33
CA PRO G 45 -46.09 -42.02 -17.17
C PRO G 45 -47.34 -41.92 -16.32
N ALA G 46 -47.14 -41.88 -15.01
CA ALA G 46 -48.24 -41.82 -14.06
C ALA G 46 -48.54 -40.35 -13.75
N THR G 47 -49.14 -39.70 -14.72
CA THR G 47 -49.73 -38.39 -14.51
C THR G 47 -51.24 -38.56 -14.50
N ILE G 48 -51.94 -37.54 -14.02
CA ILE G 48 -53.39 -37.52 -14.10
C ILE G 48 -53.78 -36.21 -14.76
N ASN G 49 -54.69 -36.29 -15.73
CA ASN G 49 -55.21 -35.09 -16.36
C ASN G 49 -56.09 -34.39 -15.34
N TYR G 50 -55.60 -33.26 -14.79
CA TYR G 50 -56.06 -32.82 -13.48
C TYR G 50 -57.54 -32.45 -13.39
N PRO G 51 -58.08 -31.46 -14.12
CA PRO G 51 -59.41 -30.96 -13.77
C PRO G 51 -60.52 -31.93 -14.11
N PHE G 52 -60.18 -33.04 -14.75
CA PHE G 52 -61.08 -34.13 -15.05
C PHE G 52 -60.86 -35.31 -14.11
N GLU G 53 -59.63 -35.56 -13.72
CA GLU G 53 -59.27 -36.65 -12.83
C GLU G 53 -58.71 -36.04 -11.55
N LYS G 54 -59.53 -35.94 -10.51
CA LYS G 54 -58.94 -35.49 -9.26
C LYS G 54 -58.18 -36.64 -8.61
N GLY G 55 -57.28 -36.28 -7.70
CA GLY G 55 -56.41 -37.23 -7.09
C GLY G 55 -57.10 -38.12 -6.07
N PRO G 56 -56.41 -39.14 -5.60
CA PRO G 56 -56.95 -39.98 -4.53
C PRO G 56 -56.77 -39.31 -3.17
N LEU G 57 -57.48 -39.84 -2.19
CA LEU G 57 -57.50 -39.28 -0.85
C LEU G 57 -57.71 -40.38 0.17
N SER G 58 -58.10 -39.97 1.35
CA SER G 58 -58.49 -40.78 2.50
C SER G 58 -59.84 -40.30 2.95
N PRO G 59 -60.59 -41.11 3.69
CA PRO G 59 -61.83 -40.58 4.27
C PRO G 59 -61.62 -39.73 5.50
N ARG G 60 -60.37 -39.41 5.85
CA ARG G 60 -60.09 -38.60 7.02
C ARG G 60 -59.31 -37.35 6.66
N PHE G 61 -59.69 -36.68 5.57
CA PHE G 61 -59.01 -35.48 5.15
C PHE G 61 -59.45 -34.29 5.99
N ARG G 62 -58.65 -33.23 6.00
CA ARG G 62 -58.96 -31.98 6.71
C ARG G 62 -59.01 -30.81 5.73
N GLY G 63 -60.21 -30.35 5.41
CA GLY G 63 -60.48 -29.29 4.46
C GLY G 63 -61.19 -28.02 4.90
N GLU G 64 -62.52 -28.06 4.68
CA GLU G 64 -63.37 -26.90 4.45
C GLU G 64 -63.82 -26.16 5.71
N HIS G 65 -63.79 -26.79 6.89
CA HIS G 65 -64.35 -26.27 8.15
C HIS G 65 -65.85 -26.01 8.04
N ALA G 66 -66.61 -27.09 7.94
CA ALA G 66 -68.05 -26.93 7.96
C ALA G 66 -68.60 -27.09 9.37
N LEU G 67 -69.88 -26.74 9.52
CA LEU G 67 -70.64 -27.05 10.72
C LEU G 67 -71.76 -28.00 10.36
N ARG G 68 -72.30 -28.66 11.37
CA ARG G 68 -73.38 -29.61 11.16
C ARG G 68 -74.64 -29.11 11.87
N ARG G 69 -75.69 -29.91 11.80
CA ARG G 69 -76.92 -29.63 12.53
C ARG G 69 -77.65 -30.94 12.74
N TYR G 70 -78.58 -30.93 13.69
CA TYR G 70 -79.32 -32.13 14.08
C TYR G 70 -80.25 -32.57 12.95
N PRO G 71 -80.59 -33.86 12.89
CA PRO G 71 -81.52 -34.35 11.86
C PRO G 71 -82.89 -33.72 11.98
N SER G 72 -83.28 -33.00 10.92
CA SER G 72 -84.48 -32.17 10.87
C SER G 72 -84.52 -31.18 12.04
N GLY G 73 -83.36 -30.60 12.33
CA GLY G 73 -83.29 -29.76 13.51
C GLY G 73 -82.38 -28.57 13.37
N GLU G 74 -82.11 -27.93 14.49
CA GLU G 74 -81.30 -26.74 14.56
C GLU G 74 -79.83 -27.11 14.72
N GLU G 75 -79.02 -26.11 15.04
CA GLU G 75 -77.58 -26.21 15.05
C GLU G 75 -77.09 -27.17 16.12
N ARG G 76 -75.90 -27.70 15.90
CA ARG G 76 -75.35 -28.71 16.79
C ARG G 76 -74.38 -28.13 17.79
N CYS G 77 -73.87 -26.92 17.55
CA CYS G 77 -72.95 -26.32 18.50
C CYS G 77 -73.68 -25.84 19.75
N ILE G 78 -72.87 -25.58 20.77
CA ILE G 78 -73.36 -25.14 22.07
C ILE G 78 -72.66 -23.88 22.52
N ALA G 79 -71.55 -23.52 21.87
CA ALA G 79 -70.55 -22.56 22.32
C ALA G 79 -70.00 -22.98 23.67
N CYS G 80 -69.31 -24.11 23.65
CA CYS G 80 -68.66 -24.63 24.83
C CYS G 80 -67.20 -24.21 24.89
N LYS G 81 -66.70 -23.51 23.87
CA LYS G 81 -65.42 -22.81 23.83
C LYS G 81 -64.20 -23.73 23.94
N LEU G 82 -64.41 -25.05 23.87
CA LEU G 82 -63.30 -26.00 23.84
C LEU G 82 -62.44 -25.80 22.60
N CYS G 83 -63.06 -25.51 21.46
CA CYS G 83 -62.28 -25.37 20.25
C CYS G 83 -61.45 -24.10 20.25
N GLU G 84 -61.95 -23.03 20.87
CA GLU G 84 -61.08 -21.87 21.05
C GLU G 84 -59.99 -22.15 22.05
N ALA G 85 -60.27 -22.97 23.06
CA ALA G 85 -59.21 -23.30 24.00
C ALA G 85 -58.15 -24.21 23.40
N VAL G 86 -58.49 -25.02 22.40
CA VAL G 86 -57.52 -25.95 21.84
C VAL G 86 -57.01 -25.54 20.48
N CYS G 87 -57.43 -24.42 19.94
CA CYS G 87 -56.93 -24.04 18.63
C CYS G 87 -55.50 -23.54 18.73
N PRO G 88 -54.51 -24.24 18.18
CA PRO G 88 -53.12 -23.96 18.53
C PRO G 88 -52.57 -22.71 17.90
N ALA G 89 -53.32 -22.03 17.05
CA ALA G 89 -52.99 -20.68 16.67
C ALA G 89 -54.03 -19.69 17.13
N GLN G 90 -55.06 -20.16 17.85
CA GLN G 90 -56.14 -19.36 18.40
C GLN G 90 -56.90 -18.62 17.31
N ALA G 91 -57.13 -19.31 16.21
CA ALA G 91 -57.92 -18.73 15.14
C ALA G 91 -59.41 -18.75 15.46
N ILE G 92 -59.83 -19.65 16.35
CA ILE G 92 -61.23 -19.70 16.74
C ILE G 92 -61.56 -18.51 17.61
N THR G 93 -62.71 -17.89 17.35
CA THR G 93 -63.21 -16.83 18.21
C THR G 93 -64.70 -17.01 18.42
N ILE G 94 -65.13 -17.17 19.66
CA ILE G 94 -66.52 -17.48 19.97
C ILE G 94 -67.05 -16.43 20.94
N GLU G 95 -68.11 -15.75 20.53
CA GLU G 95 -68.89 -14.91 21.43
C GLU G 95 -70.30 -15.47 21.50
N ALA G 96 -70.77 -15.73 22.71
CA ALA G 96 -71.97 -16.53 22.90
C ALA G 96 -73.05 -15.74 23.63
N GLU G 97 -74.28 -15.86 23.14
CA GLU G 97 -75.45 -15.43 23.90
C GLU G 97 -76.54 -16.46 23.73
N PRO G 98 -77.42 -16.58 24.72
CA PRO G 98 -78.66 -17.31 24.54
C PRO G 98 -79.73 -16.45 23.89
N ARG G 99 -80.56 -17.10 23.10
CA ARG G 99 -81.62 -16.48 22.32
C ARG G 99 -82.92 -16.49 23.13
N ALA G 100 -84.06 -16.28 22.47
CA ALA G 100 -85.35 -16.15 23.14
C ALA G 100 -85.88 -17.44 23.74
N ASP G 101 -85.29 -18.59 23.45
CA ASP G 101 -85.75 -19.82 24.06
C ASP G 101 -85.21 -19.95 25.48
N GLY G 102 -83.89 -20.04 25.60
CA GLY G 102 -83.29 -20.35 26.88
C GLY G 102 -82.13 -21.30 26.70
N SER G 103 -82.17 -22.08 25.63
CA SER G 103 -81.05 -22.95 25.30
C SER G 103 -79.85 -22.10 24.90
N ARG G 104 -78.66 -22.55 25.29
CA ARG G 104 -77.49 -21.72 25.06
C ARG G 104 -77.04 -21.88 23.62
N ARG G 105 -76.62 -20.75 23.06
CA ARG G 105 -76.17 -20.61 21.69
C ARG G 105 -75.14 -19.51 21.69
N THR G 106 -74.99 -18.86 20.56
CA THR G 106 -73.78 -18.16 20.18
C THR G 106 -74.14 -16.71 19.93
N THR G 107 -73.21 -15.96 19.45
CA THR G 107 -73.45 -14.86 18.54
C THR G 107 -72.50 -14.88 17.37
N ARG G 108 -71.24 -15.21 17.61
CA ARG G 108 -70.19 -15.02 16.61
C ARG G 108 -69.22 -16.17 16.72
N TYR G 109 -68.90 -16.78 15.58
CA TYR G 109 -68.04 -17.95 15.54
C TYR G 109 -67.12 -17.79 14.35
N ASP G 110 -65.84 -17.56 14.61
CA ASP G 110 -64.90 -17.13 13.59
C ASP G 110 -63.73 -18.08 13.51
N ILE G 111 -63.35 -18.43 12.29
CA ILE G 111 -62.10 -19.12 12.01
C ILE G 111 -61.27 -18.21 11.12
N ASP G 112 -60.03 -17.98 11.48
CA ASP G 112 -59.09 -17.41 10.53
C ASP G 112 -58.55 -18.55 9.68
N MET G 113 -58.87 -18.53 8.39
CA MET G 113 -58.33 -19.54 7.51
C MET G 113 -56.86 -19.31 7.22
N THR G 114 -56.37 -18.11 7.46
CA THR G 114 -54.94 -17.88 7.44
C THR G 114 -54.26 -18.63 8.58
N LYS G 115 -54.70 -18.37 9.81
CA LYS G 115 -54.08 -18.96 10.98
C LYS G 115 -54.49 -20.41 11.22
N CYS G 116 -55.47 -20.93 10.50
CA CYS G 116 -55.81 -22.33 10.68
C CYS G 116 -54.71 -23.18 10.09
N ILE G 117 -54.14 -24.07 10.89
CA ILE G 117 -53.04 -24.90 10.48
C ILE G 117 -53.47 -26.35 10.26
N TYR G 118 -54.76 -26.63 10.39
CA TYR G 118 -55.42 -27.85 9.98
C TYR G 118 -54.88 -29.05 10.76
N CYS G 119 -55.00 -28.96 12.07
CA CYS G 119 -54.55 -30.06 12.91
C CYS G 119 -55.59 -31.17 12.89
N GLY G 120 -56.82 -30.80 13.21
CA GLY G 120 -57.81 -31.74 13.66
C GLY G 120 -57.98 -31.76 15.16
N PHE G 121 -57.34 -30.83 15.89
CA PHE G 121 -57.61 -30.76 17.32
C PHE G 121 -59.04 -30.31 17.59
N CYS G 122 -59.58 -29.43 16.77
CA CYS G 122 -60.98 -29.13 16.96
C CYS G 122 -61.89 -30.19 16.38
N GLN G 123 -61.34 -31.15 15.63
CA GLN G 123 -62.12 -32.31 15.24
C GLN G 123 -62.18 -33.32 16.37
N GLU G 124 -61.06 -33.52 17.07
CA GLU G 124 -61.02 -34.44 18.20
C GLU G 124 -61.67 -33.85 19.43
N ALA G 125 -61.72 -32.53 19.55
CA ALA G 125 -62.07 -31.89 20.80
C ALA G 125 -63.54 -31.64 20.96
N CYS G 126 -64.24 -31.38 19.86
CA CYS G 126 -65.64 -30.99 19.92
C CYS G 126 -66.50 -32.13 20.42
N PRO G 127 -67.19 -31.98 21.55
CA PRO G 127 -67.91 -33.11 22.12
C PRO G 127 -69.14 -33.50 21.35
N VAL G 128 -69.81 -32.55 20.71
CA VAL G 128 -71.02 -32.88 19.95
C VAL G 128 -70.67 -33.10 18.49
N ASP G 129 -69.37 -33.07 18.17
CA ASP G 129 -68.86 -33.13 16.80
C ASP G 129 -69.50 -32.06 15.92
N ALA G 130 -69.57 -30.84 16.46
CA ALA G 130 -70.27 -29.77 15.76
C ALA G 130 -69.43 -29.22 14.61
N ILE G 131 -68.16 -28.95 14.86
CA ILE G 131 -67.27 -28.54 13.78
C ILE G 131 -66.57 -29.77 13.24
N VAL G 132 -66.54 -29.88 11.93
CA VAL G 132 -65.91 -30.99 11.23
C VAL G 132 -64.98 -30.38 10.23
N GLU G 133 -63.75 -30.89 10.17
CA GLU G 133 -62.90 -30.55 9.06
C GLU G 133 -63.52 -31.07 7.78
N GLY G 134 -63.83 -30.16 6.87
CA GLY G 134 -64.57 -30.49 5.68
C GLY G 134 -63.78 -31.37 4.73
N PRO G 135 -64.43 -31.82 3.70
CA PRO G 135 -63.80 -32.81 2.83
C PRO G 135 -62.97 -32.26 1.69
N ASN G 136 -63.32 -31.10 1.13
CA ASN G 136 -62.69 -30.67 -0.10
C ASN G 136 -61.77 -29.49 0.15
N PHE G 137 -60.85 -29.31 -0.78
CA PHE G 137 -59.71 -28.43 -0.62
C PHE G 137 -59.62 -27.58 -1.87
N GLU G 138 -60.49 -26.60 -1.98
CA GLU G 138 -60.51 -25.71 -3.14
C GLU G 138 -60.98 -24.36 -2.62
N PHE G 139 -60.01 -23.51 -2.28
CA PHE G 139 -60.31 -22.24 -1.64
C PHE G 139 -59.97 -21.05 -2.53
N SER G 140 -58.72 -20.97 -3.02
CA SER G 140 -58.28 -20.24 -4.23
C SER G 140 -58.88 -18.85 -4.34
N THR G 141 -58.56 -18.03 -3.36
CA THR G 141 -59.33 -16.84 -3.05
C THR G 141 -58.58 -15.61 -3.51
N GLU G 142 -59.31 -14.64 -4.07
CA GLU G 142 -58.65 -13.43 -4.58
C GLU G 142 -58.18 -12.52 -3.45
N THR G 143 -59.07 -12.12 -2.56
CA THR G 143 -58.72 -11.09 -1.61
C THR G 143 -58.45 -11.69 -0.24
N HIS G 144 -57.98 -10.83 0.67
CA HIS G 144 -57.78 -11.22 2.05
C HIS G 144 -59.02 -11.01 2.88
N GLU G 145 -60.04 -10.34 2.35
CA GLU G 145 -61.26 -10.15 3.10
C GLU G 145 -62.05 -11.44 3.22
N GLU G 146 -62.05 -12.27 2.18
CA GLU G 146 -62.92 -13.44 2.15
C GLU G 146 -62.44 -14.53 3.11
N LEU G 147 -61.16 -14.59 3.39
CA LEU G 147 -60.62 -15.72 4.13
C LEU G 147 -60.85 -15.65 5.63
N LEU G 148 -61.80 -14.85 6.10
CA LEU G 148 -62.12 -14.76 7.52
C LEU G 148 -63.57 -15.23 7.66
N TYR G 149 -63.75 -16.52 7.88
CA TYR G 149 -65.07 -17.11 7.85
C TYR G 149 -65.91 -16.69 9.06
N ASN G 150 -67.20 -16.46 8.82
CA ASN G 150 -68.16 -16.20 9.87
C ASN G 150 -68.96 -17.46 10.17
N LYS G 151 -69.76 -17.35 11.23
CA LYS G 151 -70.67 -18.44 11.59
C LYS G 151 -71.72 -18.67 10.52
N GLU G 152 -72.22 -17.59 9.90
CA GLU G 152 -73.22 -17.79 8.86
C GLU G 152 -72.58 -18.33 7.59
N LYS G 153 -71.31 -18.01 7.37
CA LYS G 153 -70.55 -18.66 6.32
C LYS G 153 -70.39 -20.14 6.60
N LEU G 154 -70.11 -20.51 7.85
CA LEU G 154 -69.91 -21.93 8.12
C LEU G 154 -71.24 -22.68 8.11
N LEU G 155 -72.34 -22.04 8.49
CA LEU G 155 -73.63 -22.69 8.37
C LEU G 155 -74.03 -22.86 6.92
N ASN G 156 -73.83 -21.85 6.08
CA ASN G 156 -74.14 -22.03 4.66
C ASN G 156 -73.12 -22.91 3.95
N ASN G 157 -71.97 -23.14 4.56
CA ASN G 157 -70.99 -24.08 4.03
C ASN G 157 -71.28 -25.49 4.52
N GLY G 158 -72.00 -25.63 5.61
CA GLY G 158 -72.46 -26.94 6.04
C GLY G 158 -73.79 -27.29 5.43
N ASP G 159 -74.54 -26.27 5.02
CA ASP G 159 -75.77 -26.49 4.27
C ASP G 159 -75.50 -26.76 2.81
N LYS G 160 -74.30 -26.45 2.35
CA LYS G 160 -73.98 -26.71 0.95
C LYS G 160 -73.80 -28.20 0.71
N TRP G 161 -73.27 -28.91 1.69
CA TRP G 161 -73.35 -30.36 1.67
C TRP G 161 -73.28 -30.88 3.10
N GLU G 162 -74.06 -31.90 3.37
CA GLU G 162 -73.82 -32.72 4.54
C GLU G 162 -73.67 -34.19 4.18
N ALA G 163 -74.22 -34.62 3.03
CA ALA G 163 -74.25 -36.02 2.65
C ALA G 163 -72.84 -36.60 2.53
N GLU G 164 -71.92 -35.78 2.00
CA GLU G 164 -70.50 -36.08 2.06
C GLU G 164 -70.02 -36.24 3.50
N ILE G 165 -70.32 -35.25 4.35
CA ILE G 165 -69.79 -35.22 5.70
C ILE G 165 -70.38 -36.36 6.52
N ALA G 166 -71.67 -36.62 6.35
CA ALA G 166 -72.32 -37.69 7.10
C ALA G 166 -71.80 -39.05 6.66
N ALA G 167 -71.56 -39.22 5.36
CA ALA G 167 -71.01 -40.49 4.89
C ALA G 167 -69.59 -40.70 5.41
N ASN G 168 -68.78 -39.65 5.46
CA ASN G 168 -67.40 -39.82 5.95
C ASN G 168 -67.37 -40.06 7.45
N ILE G 169 -68.24 -39.39 8.21
CA ILE G 169 -68.27 -39.61 9.65
C ILE G 169 -68.76 -41.02 9.96
N GLN G 170 -69.80 -41.48 9.25
CA GLN G 170 -70.25 -42.86 9.46
C GLN G 170 -69.24 -43.88 8.96
N ALA G 171 -68.36 -43.49 8.04
CA ALA G 171 -67.24 -44.35 7.71
C ALA G 171 -66.23 -44.39 8.85
N ASP G 172 -65.97 -43.25 9.50
CA ASP G 172 -64.84 -43.15 10.41
C ASP G 172 -65.22 -42.47 11.72
N TYR G 173 -66.29 -42.93 12.35
CA TYR G 173 -66.50 -42.55 13.74
C TYR G 173 -66.02 -43.60 14.71
N LEU G 174 -65.61 -44.76 14.22
CA LEU G 174 -65.21 -45.85 15.09
C LEU G 174 -63.75 -45.77 15.49
N TYR G 175 -62.92 -45.13 14.68
CA TYR G 175 -61.51 -45.01 15.05
C TYR G 175 -61.31 -43.86 16.03
N ARG G 176 -61.56 -42.65 15.58
CA ARG G 176 -61.46 -41.49 16.46
C ARG G 176 -62.77 -41.30 17.17
N ASN H 35 -102.46 -70.78 83.56
CA ASN H 35 -103.62 -69.90 83.57
C ASN H 35 -103.65 -69.15 82.25
N THR H 36 -104.37 -69.71 81.29
CA THR H 36 -104.20 -69.39 79.88
C THR H 36 -105.26 -68.44 79.34
N THR H 37 -105.69 -67.47 80.13
CA THR H 37 -106.65 -66.47 79.65
C THR H 37 -105.90 -65.17 79.39
N TYR H 38 -106.10 -64.60 78.21
CA TYR H 38 -105.39 -63.40 77.78
C TYR H 38 -105.86 -62.19 78.57
N LYS H 39 -104.97 -61.59 79.35
CA LYS H 39 -105.33 -60.60 80.35
C LYS H 39 -105.20 -59.16 79.88
N ASN H 40 -104.55 -58.92 78.74
CA ASN H 40 -104.69 -57.65 78.03
C ASN H 40 -105.90 -57.69 77.10
N LEU H 41 -105.89 -56.82 76.09
CA LEU H 41 -107.02 -56.34 75.29
C LEU H 41 -107.92 -55.45 76.14
N GLN H 42 -107.32 -54.85 77.18
CA GLN H 42 -107.81 -53.61 77.74
C GLN H 42 -107.46 -52.42 76.85
N HIS H 43 -106.63 -52.62 75.83
CA HIS H 43 -106.34 -51.65 74.80
C HIS H 43 -107.31 -51.74 73.65
N HIS H 44 -108.38 -52.52 73.81
CA HIS H 44 -109.37 -52.70 72.75
C HIS H 44 -110.17 -51.43 72.50
N ASP H 45 -110.31 -50.58 73.53
CA ASP H 45 -111.21 -49.44 73.49
C ASP H 45 -110.49 -48.11 73.33
N TYR H 46 -109.22 -48.11 72.98
CA TYR H 46 -108.47 -46.87 72.88
C TYR H 46 -108.79 -46.18 71.56
N SER H 47 -109.16 -44.91 71.66
CA SER H 47 -109.53 -44.14 70.49
C SER H 47 -108.31 -43.42 69.92
N THR H 48 -108.55 -42.47 69.02
CA THR H 48 -107.48 -41.77 68.34
C THR H 48 -106.77 -40.75 69.21
N TYR H 49 -107.39 -40.34 70.31
CA TYR H 49 -106.91 -39.21 71.09
C TYR H 49 -106.57 -39.57 72.53
N THR H 50 -106.63 -40.85 72.89
CA THR H 50 -106.45 -41.20 74.29
C THR H 50 -105.01 -41.04 74.74
N PHE H 51 -104.06 -41.11 73.81
CA PHE H 51 -102.66 -40.85 74.14
C PHE H 51 -102.46 -39.41 74.59
N LEU H 52 -102.93 -38.46 73.79
CA LEU H 52 -102.74 -37.06 74.13
C LEU H 52 -103.64 -36.64 75.29
N ASP H 53 -104.82 -37.24 75.42
CA ASP H 53 -105.65 -36.94 76.59
C ASP H 53 -105.02 -37.50 77.86
N LEU H 54 -104.34 -38.64 77.76
CA LEU H 54 -103.73 -39.23 78.93
C LEU H 54 -102.51 -38.43 79.36
N ASN H 55 -101.71 -37.99 78.38
CA ASN H 55 -100.57 -37.13 78.71
C ASN H 55 -101.04 -35.78 79.23
N LEU H 56 -102.19 -35.30 78.75
CA LEU H 56 -102.76 -34.07 79.23
C LEU H 56 -103.24 -34.17 80.67
N ASP H 57 -103.88 -35.28 81.01
CA ASP H 57 -104.24 -35.52 82.39
C ASP H 57 -103.03 -35.78 83.26
N LEU H 58 -101.90 -36.15 82.66
CA LEU H 58 -100.66 -36.41 83.39
C LEU H 58 -99.68 -35.26 83.28
N SER H 59 -100.16 -34.02 83.35
CA SER H 59 -99.26 -32.88 83.25
C SER H 59 -98.83 -32.34 84.61
N LYS H 60 -99.72 -32.38 85.59
CA LYS H 60 -99.43 -31.83 86.91
C LYS H 60 -98.52 -32.79 87.68
N PHE H 61 -98.22 -32.43 88.94
CA PHE H 61 -97.18 -32.98 89.81
C PHE H 61 -95.86 -33.29 89.10
N ARG H 62 -95.43 -32.38 88.24
CA ARG H 62 -94.21 -32.55 87.44
C ARG H 62 -93.17 -31.54 87.89
N MET H 63 -91.94 -32.02 88.13
CA MET H 63 -90.86 -31.14 88.53
C MET H 63 -90.51 -30.19 87.39
N PRO H 64 -90.15 -28.93 87.68
CA PRO H 64 -90.60 -27.80 86.84
C PRO H 64 -90.02 -27.68 85.44
N GLN H 65 -89.17 -28.62 84.96
CA GLN H 65 -88.62 -28.62 83.60
C GLN H 65 -87.92 -27.31 83.23
N PRO H 66 -86.67 -27.12 83.65
CA PRO H 66 -86.13 -25.76 83.83
C PRO H 66 -85.90 -25.01 82.54
N SER H 67 -85.78 -23.69 82.68
CA SER H 67 -85.36 -22.81 81.61
C SER H 67 -83.84 -22.84 81.50
N SER H 68 -83.33 -22.30 80.39
CA SER H 68 -81.88 -22.23 80.19
C SER H 68 -81.57 -21.08 79.24
N GLY H 69 -81.00 -20.01 79.79
CA GLY H 69 -80.63 -18.84 79.02
C GLY H 69 -81.81 -18.13 78.40
N ARG H 70 -81.72 -17.92 77.09
CA ARG H 70 -82.81 -17.31 76.35
C ARG H 70 -83.96 -18.31 76.20
N GLU H 71 -85.11 -17.78 75.80
CA GLU H 71 -86.32 -18.57 75.66
C GLU H 71 -86.36 -19.38 74.38
N SER H 72 -85.35 -19.25 73.54
CA SER H 72 -85.27 -19.83 72.21
C SER H 72 -83.88 -19.51 71.65
N PRO H 73 -83.44 -20.20 70.59
CA PRO H 73 -82.19 -19.76 69.95
C PRO H 73 -82.31 -18.39 69.29
N ARG H 74 -83.49 -17.99 68.88
CA ARG H 74 -83.75 -16.61 68.46
C ARG H 74 -84.79 -16.04 69.42
N HIS H 75 -84.37 -15.12 70.28
CA HIS H 75 -85.23 -14.76 71.42
C HIS H 75 -86.28 -13.71 71.07
N GLY I 1 -87.51 -15.49 7.46
CA GLY I 1 -88.11 -14.38 8.15
C GLY I 1 -87.22 -13.15 8.20
N VAL I 2 -86.95 -12.55 7.04
CA VAL I 2 -86.19 -11.32 6.98
C VAL I 2 -87.12 -10.17 7.32
N ARG I 3 -86.52 -9.05 7.73
CA ARG I 3 -87.27 -7.90 8.19
C ARG I 3 -87.11 -6.76 7.19
N THR I 4 -88.23 -6.10 6.87
CA THR I 4 -88.25 -5.02 5.90
C THR I 4 -87.59 -3.81 6.54
N SER I 5 -86.26 -3.79 6.48
CA SER I 5 -85.49 -2.68 7.00
C SER I 5 -85.58 -1.50 6.04
N PRO I 6 -85.48 -0.27 6.57
CA PRO I 6 -85.37 0.89 5.67
C PRO I 6 -84.12 0.87 4.82
N THR I 7 -83.05 0.26 5.32
CA THR I 7 -81.87 0.02 4.49
C THR I 7 -82.18 -0.96 3.37
N GLY I 8 -83.01 -1.96 3.65
CA GLY I 8 -83.29 -3.01 2.71
C GLY I 8 -82.37 -4.20 2.82
N GLU I 9 -81.36 -4.17 3.69
CA GLU I 9 -80.44 -5.28 3.85
C GLU I 9 -81.10 -6.41 4.62
N LYS I 10 -80.68 -7.64 4.30
CA LYS I 10 -81.22 -8.81 4.96
C LYS I 10 -80.76 -8.86 6.41
N VAL I 11 -81.68 -9.12 7.31
CA VAL I 11 -81.33 -9.31 8.71
C VAL I 11 -80.80 -10.72 8.88
N THR I 12 -80.22 -11.01 10.01
CA THR I 12 -79.68 -12.33 10.29
C THR I 12 -80.59 -13.04 11.29
N HIS I 13 -80.14 -14.20 11.77
CA HIS I 13 -80.83 -14.84 12.88
C HIS I 13 -80.56 -14.12 14.20
N THR I 14 -79.53 -13.27 14.24
CA THR I 14 -79.24 -12.42 15.39
C THR I 14 -79.46 -10.97 14.97
N GLY I 15 -80.05 -10.17 15.85
CA GLY I 15 -80.46 -8.82 15.49
C GLY I 15 -79.30 -7.86 15.34
N GLN I 16 -78.53 -8.00 14.26
CA GLN I 16 -77.31 -7.22 14.07
C GLN I 16 -77.36 -6.31 12.85
N VAL I 17 -78.52 -6.16 12.22
CA VAL I 17 -78.62 -5.44 10.96
C VAL I 17 -78.36 -3.96 11.18
N TYR I 18 -77.92 -3.27 10.13
CA TYR I 18 -77.29 -1.97 10.26
C TYR I 18 -78.31 -0.83 10.35
N ASP I 19 -77.78 0.39 10.47
CA ASP I 19 -78.53 1.63 10.49
C ASP I 19 -78.26 2.41 9.21
N ASP I 20 -78.74 3.64 9.15
CA ASP I 20 -78.41 4.55 8.05
C ASP I 20 -77.14 5.34 8.29
N GLU I 21 -76.50 5.17 9.44
CA GLU I 21 -75.28 5.87 9.76
C GLU I 21 -74.09 4.93 9.81
N ASP I 22 -74.18 3.81 9.08
CA ASP I 22 -73.15 2.78 9.09
C ASP I 22 -72.46 2.74 7.73
N TYR I 23 -71.13 2.88 7.75
CA TYR I 23 -70.34 2.73 6.54
C TYR I 23 -70.01 1.28 6.23
N ARG I 24 -70.44 0.34 7.06
CA ARG I 24 -70.27 -1.04 6.67
C ARG I 24 -71.29 -1.43 5.60
N ARG I 25 -72.37 -0.65 5.48
CA ARG I 25 -73.20 -0.71 4.28
C ARG I 25 -72.38 -0.40 3.03
N VAL I 26 -71.56 0.66 3.08
CA VAL I 26 -70.82 1.01 1.88
C VAL I 26 -69.59 0.14 1.71
N ARG I 27 -69.26 -0.70 2.69
CA ARG I 27 -68.36 -1.78 2.31
C ARG I 27 -69.09 -3.03 1.84
N PHE I 28 -70.41 -3.10 1.95
CA PHE I 28 -71.16 -4.15 1.25
C PHE I 28 -71.55 -3.76 -0.18
N VAL I 29 -70.84 -2.82 -0.79
CA VAL I 29 -71.21 -2.36 -2.13
C VAL I 29 -70.86 -3.41 -3.17
N GLY I 30 -71.86 -3.87 -3.92
CA GLY I 30 -71.65 -4.78 -5.02
C GLY I 30 -71.34 -6.20 -4.64
N ARG I 31 -71.27 -6.51 -3.35
CA ARG I 31 -70.90 -7.84 -2.87
C ARG I 31 -72.07 -8.34 -2.03
N GLN I 32 -72.77 -9.35 -2.54
CA GLN I 32 -74.05 -9.75 -1.95
C GLN I 32 -73.84 -10.44 -0.61
N LYS I 33 -74.53 -9.95 0.41
CA LYS I 33 -74.35 -10.40 1.77
C LYS I 33 -74.90 -11.80 1.94
N GLU I 34 -74.02 -12.78 2.13
CA GLU I 34 -74.47 -14.14 2.36
C GLU I 34 -74.96 -14.27 3.80
N VAL I 35 -76.27 -14.39 3.95
CA VAL I 35 -76.90 -14.63 5.23
C VAL I 35 -77.41 -16.06 5.21
N ASN I 36 -77.57 -16.64 6.40
CA ASN I 36 -78.22 -17.94 6.51
C ASN I 36 -79.66 -17.82 6.06
N GLU I 37 -80.09 -18.75 5.22
CA GLU I 37 -81.46 -18.73 4.74
C GLU I 37 -82.38 -19.64 5.54
N ASN I 38 -81.84 -20.66 6.18
CA ASN I 38 -82.62 -21.56 7.02
C ASN I 38 -82.23 -21.27 8.47
N PHE I 39 -83.15 -20.70 9.22
CA PHE I 39 -82.86 -20.20 10.57
C PHE I 39 -82.72 -21.36 11.55
N ALA I 40 -82.59 -21.01 12.83
CA ALA I 40 -82.51 -21.99 13.90
C ALA I 40 -83.64 -21.89 14.92
N ILE I 41 -84.34 -20.76 14.99
CA ILE I 41 -85.38 -20.59 15.99
C ILE I 41 -86.64 -21.35 15.59
N ASP I 42 -87.09 -21.16 14.36
CA ASP I 42 -88.39 -21.68 13.93
C ASP I 42 -88.38 -23.18 13.65
N LEU I 43 -87.24 -23.85 13.74
CA LEU I 43 -87.17 -25.27 13.44
C LEU I 43 -87.50 -26.14 14.63
N ILE I 44 -88.11 -25.58 15.67
CA ILE I 44 -88.61 -26.36 16.80
C ILE I 44 -90.10 -26.61 16.66
N ALA I 45 -90.85 -25.60 16.21
CA ALA I 45 -92.27 -25.79 15.92
C ALA I 45 -92.49 -26.70 14.73
N GLU I 46 -91.50 -26.85 13.85
CA GLU I 46 -91.58 -27.85 12.80
C GLU I 46 -91.53 -29.26 13.35
N GLN I 47 -90.95 -29.47 14.55
CA GLN I 47 -90.81 -30.80 15.10
C GLN I 47 -91.91 -31.06 16.12
N PRO I 48 -92.59 -32.20 16.03
CA PRO I 48 -93.70 -32.47 16.94
C PRO I 48 -93.23 -32.74 18.36
N VAL I 49 -94.12 -32.50 19.30
CA VAL I 49 -93.84 -32.70 20.71
C VAL I 49 -93.97 -34.19 21.00
N SER I 50 -92.85 -34.85 21.28
CA SER I 50 -92.86 -36.28 21.53
C SER I 50 -93.49 -36.59 22.88
N GLN I 51 -94.13 -37.77 22.96
CA GLN I 51 -94.86 -38.18 24.14
C GLN I 51 -94.33 -39.53 24.57
N VAL I 52 -93.56 -39.55 25.67
CA VAL I 52 -93.00 -40.78 26.20
C VAL I 52 -93.56 -40.98 27.60
N GLY I 53 -94.23 -42.11 27.81
CA GLY I 53 -95.09 -42.30 28.97
C GLY I 53 -94.37 -42.42 30.29
N SER I 54 -93.07 -42.66 30.31
CA SER I 54 -92.37 -42.89 31.56
C SER I 54 -92.10 -41.56 32.27
N ARG I 55 -91.45 -41.64 33.43
CA ARG I 55 -91.23 -40.48 34.29
C ARG I 55 -89.93 -39.75 33.95
N VAL I 56 -88.80 -40.44 34.03
CA VAL I 56 -87.48 -39.87 33.82
C VAL I 56 -86.87 -40.60 32.64
N ILE I 57 -86.69 -39.90 31.52
CA ILE I 57 -86.31 -40.63 30.31
C ILE I 57 -84.94 -40.21 29.83
N SER I 58 -84.46 -40.89 28.79
CA SER I 58 -83.09 -40.80 28.32
C SER I 58 -83.05 -40.29 26.89
N CYS I 59 -82.18 -39.33 26.63
CA CYS I 59 -82.03 -38.77 25.29
C CYS I 59 -80.61 -38.96 24.83
N ASP I 60 -80.47 -39.41 23.58
CA ASP I 60 -79.18 -39.63 22.95
C ASP I 60 -78.97 -38.75 21.73
N GLY I 61 -79.90 -38.75 20.78
CA GLY I 61 -79.77 -37.87 19.64
C GLY I 61 -79.62 -38.53 18.29
N GLY I 62 -80.26 -39.67 18.10
CA GLY I 62 -80.26 -40.30 16.80
C GLY I 62 -79.00 -41.09 16.50
N GLY I 63 -78.80 -42.17 17.23
CA GLY I 63 -77.73 -43.10 16.96
C GLY I 63 -76.64 -43.02 18.01
N GLY I 64 -75.97 -44.15 18.23
CA GLY I 64 -74.86 -44.19 19.14
C GLY I 64 -73.63 -43.52 18.55
N ALA I 65 -72.92 -42.76 19.39
CA ALA I 65 -71.66 -42.08 19.08
C ALA I 65 -71.77 -41.09 17.92
N LEU I 66 -72.98 -40.67 17.56
CA LEU I 66 -73.19 -39.61 16.56
C LEU I 66 -74.26 -38.72 17.18
N GLY I 67 -73.82 -37.68 17.88
CA GLY I 67 -74.77 -36.82 18.54
C GLY I 67 -74.28 -36.35 19.89
N HIS I 68 -75.18 -36.12 20.80
CA HIS I 68 -74.82 -35.57 22.07
C HIS I 68 -74.82 -36.66 23.13
N PRO I 69 -74.07 -36.51 24.23
CA PRO I 69 -73.97 -37.60 25.19
C PRO I 69 -75.29 -37.80 25.93
N ARG I 70 -75.40 -38.95 26.60
CA ARG I 70 -76.65 -39.37 27.23
C ARG I 70 -77.09 -38.35 28.25
N VAL I 71 -78.31 -37.88 28.12
CA VAL I 71 -78.82 -36.90 29.07
C VAL I 71 -80.16 -37.40 29.60
N TYR I 72 -80.26 -37.50 30.91
CA TYR I 72 -81.41 -38.14 31.54
C TYR I 72 -82.28 -37.01 32.07
N ILE I 73 -83.36 -36.73 31.37
CA ILE I 73 -84.19 -35.58 31.69
C ILE I 73 -85.40 -36.04 32.49
N ASN I 74 -85.94 -35.10 33.26
CA ASN I 74 -87.07 -35.33 34.14
C ASN I 74 -88.31 -34.64 33.59
N LEU I 75 -89.47 -35.20 33.91
CA LEU I 75 -90.73 -34.72 33.36
C LEU I 75 -91.74 -34.43 34.47
N ASP I 76 -91.26 -33.91 35.59
CA ASP I 76 -92.14 -33.81 36.75
C ASP I 76 -93.02 -32.57 36.74
N LYS I 77 -92.75 -31.58 35.88
CA LYS I 77 -93.61 -30.41 35.82
C LYS I 77 -94.91 -30.77 35.13
N GLU I 78 -96.03 -30.42 35.77
CA GLU I 78 -97.32 -30.84 35.28
C GLU I 78 -97.74 -30.08 34.03
N THR I 79 -97.29 -28.83 33.89
CA THR I 79 -97.69 -28.01 32.76
C THR I 79 -96.56 -27.62 31.82
N LYS I 80 -95.31 -27.66 32.28
CA LYS I 80 -94.17 -27.34 31.43
C LYS I 80 -93.60 -28.63 30.87
N THR I 81 -93.37 -28.63 29.56
CA THR I 81 -92.76 -29.79 28.92
C THR I 81 -91.29 -29.89 29.30
N GLY I 82 -90.75 -31.09 29.22
CA GLY I 82 -89.32 -31.27 29.39
C GLY I 82 -88.56 -30.70 28.22
N THR I 83 -87.28 -30.43 28.43
CA THR I 83 -86.42 -29.94 27.36
C THR I 83 -84.99 -30.39 27.64
N CYS I 84 -84.47 -31.24 26.77
CA CYS I 84 -83.04 -31.48 26.72
C CYS I 84 -82.30 -30.22 26.34
N GLY I 85 -81.23 -29.90 27.07
CA GLY I 85 -80.45 -28.73 26.73
C GLY I 85 -79.68 -28.90 25.44
N TYR I 86 -79.21 -30.11 25.16
CA TYR I 86 -78.46 -30.36 23.94
C TYR I 86 -79.35 -30.36 22.71
N CYS I 87 -80.39 -31.20 22.72
CA CYS I 87 -81.29 -31.37 21.59
C CYS I 87 -82.05 -30.09 21.29
N GLY I 88 -82.92 -29.70 22.20
CA GLY I 88 -83.85 -28.63 21.98
C GLY I 88 -85.26 -29.07 21.75
N LEU I 89 -85.50 -30.37 21.62
CA LEU I 89 -86.84 -30.89 21.38
C LEU I 89 -87.46 -31.40 22.68
N GLN I 90 -88.78 -31.28 22.76
CA GLN I 90 -89.48 -31.46 24.03
C GLN I 90 -89.93 -32.90 24.23
N PHE I 91 -90.51 -33.15 25.41
CA PHE I 91 -91.01 -34.45 25.81
C PHE I 91 -92.21 -34.23 26.72
N ARG I 92 -93.18 -35.14 26.65
CA ARG I 92 -94.31 -35.14 27.57
C ARG I 92 -94.56 -36.55 28.05
N GLN I 93 -95.24 -36.66 29.19
CA GLN I 93 -95.53 -37.97 29.75
C GLN I 93 -97.00 -38.35 29.50
N GLN I 94 -97.22 -39.66 29.44
CA GLN I 94 -98.54 -40.24 29.17
C GLN I 94 -98.94 -41.06 30.37
N HIS I 95 -99.94 -40.59 31.11
CA HIS I 95 -100.41 -41.24 32.33
C HIS I 95 -101.07 -42.59 32.01
N THR J 8 -9.94 -12.35 39.38
CA THR J 8 -8.56 -12.01 39.65
C THR J 8 -8.59 -10.81 40.61
N GLN J 9 -9.52 -10.90 41.57
CA GLN J 9 -9.71 -9.93 42.66
C GLN J 9 -9.99 -8.52 42.11
N LEU J 10 -11.15 -8.43 41.48
CA LEU J 10 -11.49 -7.29 40.65
C LEU J 10 -12.26 -6.23 41.44
N ILE J 11 -12.91 -5.32 40.69
CA ILE J 11 -13.23 -3.96 41.09
C ILE J 11 -14.28 -3.87 42.19
N THR J 12 -15.10 -4.90 42.33
CA THR J 12 -16.50 -4.87 42.76
C THR J 12 -16.93 -3.81 43.77
N VAL J 13 -17.98 -3.06 43.42
CA VAL J 13 -18.46 -1.96 44.23
C VAL J 13 -19.99 -2.05 44.28
N ASP J 14 -20.56 -1.57 45.40
CA ASP J 14 -21.98 -1.74 45.69
C ASP J 14 -22.75 -0.53 45.17
N GLU J 15 -23.32 -0.66 43.98
CA GLU J 15 -24.08 0.41 43.34
C GLU J 15 -25.35 -0.17 42.74
N LYS J 16 -26.08 0.65 42.00
CA LYS J 16 -27.34 0.24 41.41
C LYS J 16 -27.09 -0.47 40.08
N LEU J 17 -28.17 -0.96 39.46
CA LEU J 17 -28.08 -1.67 38.19
C LEU J 17 -29.02 -1.04 37.18
N ASP J 18 -28.54 -0.92 35.95
CA ASP J 18 -29.17 -0.09 34.92
C ASP J 18 -29.26 -0.83 33.60
N ILE J 19 -29.83 -2.03 33.63
CA ILE J 19 -29.97 -2.89 32.45
C ILE J 19 -30.91 -2.29 31.40
N THR J 20 -31.69 -1.30 31.79
CA THR J 20 -32.70 -0.70 30.93
C THR J 20 -32.14 -0.01 29.70
N THR J 21 -30.86 0.33 29.70
CA THR J 21 -30.22 0.84 28.51
C THR J 21 -29.71 -0.28 27.61
N LEU J 22 -29.73 -1.52 28.08
CA LEU J 22 -29.29 -2.68 27.33
C LEU J 22 -30.45 -3.48 26.76
N THR J 23 -31.57 -3.55 27.48
CA THR J 23 -32.66 -4.43 27.07
C THR J 23 -33.44 -3.93 25.86
N GLY J 24 -33.16 -2.74 25.35
CA GLY J 24 -33.64 -2.30 24.07
C GLY J 24 -35.04 -1.72 24.04
N VAL J 25 -35.85 -1.97 25.07
CA VAL J 25 -37.22 -1.47 25.10
C VAL J 25 -37.20 0.06 25.23
N PRO J 26 -38.00 0.79 24.46
CA PRO J 26 -37.86 2.24 24.41
C PRO J 26 -38.28 2.96 25.68
N GLU J 27 -37.86 4.23 25.73
CA GLU J 27 -38.03 5.10 26.90
C GLU J 27 -39.50 5.33 27.22
N GLU J 28 -40.35 5.26 26.18
CA GLU J 28 -41.79 5.42 26.37
C GLU J 28 -42.34 4.36 27.30
N HIS J 29 -41.95 3.12 27.07
CA HIS J 29 -42.38 2.04 27.94
C HIS J 29 -41.54 1.95 29.20
N ILE J 30 -40.41 2.64 29.25
CA ILE J 30 -39.70 2.73 30.51
C ILE J 30 -40.40 3.68 31.47
N LYS J 31 -40.80 4.85 31.00
CA LYS J 31 -41.33 5.86 31.90
C LYS J 31 -42.84 5.84 32.01
N THR J 32 -43.54 5.27 31.04
CA THR J 32 -44.96 5.55 30.90
C THR J 32 -45.83 4.55 31.64
N ARG J 33 -45.41 3.29 31.71
CA ARG J 33 -46.21 2.32 32.43
C ARG J 33 -45.69 2.12 33.85
N LYS J 34 -46.51 1.44 34.64
CA LYS J 34 -46.28 1.26 36.07
C LYS J 34 -46.51 -0.20 36.41
N ALA J 35 -45.48 -0.85 36.92
CA ALA J 35 -45.60 -2.25 37.30
C ALA J 35 -46.48 -2.40 38.53
N ARG J 36 -47.09 -3.57 38.67
CA ARG J 36 -47.91 -3.87 39.84
C ARG J 36 -47.54 -5.27 40.29
N ILE J 37 -47.03 -5.38 41.52
CA ILE J 37 -46.54 -6.65 42.05
C ILE J 37 -47.45 -7.08 43.17
N PHE J 38 -48.00 -8.29 43.08
CA PHE J 38 -48.93 -8.73 44.11
C PHE J 38 -48.96 -10.25 44.17
N VAL J 39 -49.41 -10.75 45.32
CA VAL J 39 -49.81 -12.14 45.44
C VAL J 39 -51.19 -12.27 44.83
N PRO J 40 -51.40 -13.15 43.86
CA PRO J 40 -52.71 -13.23 43.23
C PRO J 40 -53.71 -13.91 44.15
N ALA J 41 -54.86 -13.26 44.32
CA ALA J 41 -55.88 -13.81 45.21
C ALA J 41 -56.51 -15.03 44.56
N ARG J 42 -57.17 -15.83 45.39
CA ARG J 42 -57.79 -17.06 44.91
C ARG J 42 -59.00 -16.73 44.05
N ASN J 43 -59.12 -17.43 42.93
CA ASN J 43 -60.36 -17.41 42.17
C ASN J 43 -61.43 -18.03 43.05
N ASN J 44 -62.38 -17.20 43.49
CA ASN J 44 -63.12 -17.48 44.72
C ASN J 44 -64.09 -18.65 44.58
N MET J 45 -64.43 -19.05 43.36
CA MET J 45 -65.38 -20.15 43.21
C MET J 45 -64.75 -21.47 43.59
N GLN J 46 -63.58 -21.76 43.05
CA GLN J 46 -62.79 -22.86 43.58
C GLN J 46 -62.19 -22.44 44.91
N SER J 47 -61.67 -23.44 45.65
CA SER J 47 -61.05 -23.18 46.95
C SER J 47 -59.77 -24.00 47.09
N GLY J 48 -58.67 -23.45 46.59
CA GLY J 48 -57.37 -24.08 46.76
C GLY J 48 -56.29 -23.06 46.52
N VAL J 49 -55.16 -23.22 47.21
CA VAL J 49 -54.18 -22.15 47.21
C VAL J 49 -52.89 -22.55 46.51
N ASN J 50 -52.97 -23.41 45.50
CA ASN J 50 -51.79 -23.60 44.66
C ASN J 50 -51.61 -22.42 43.71
N ASN J 51 -52.70 -21.73 43.35
CA ASN J 51 -52.58 -20.52 42.55
C ASN J 51 -52.08 -19.35 43.37
N THR J 52 -52.03 -19.48 44.69
CA THR J 52 -51.36 -18.59 45.61
C THR J 52 -49.88 -18.97 45.64
N LYS J 53 -49.13 -18.53 46.65
CA LYS J 53 -47.75 -18.94 46.93
C LYS J 53 -46.78 -18.50 45.85
N LYS J 54 -47.09 -17.47 45.09
CA LYS J 54 -46.15 -16.85 44.18
C LYS J 54 -46.17 -15.34 44.39
N TRP J 55 -45.50 -14.62 43.50
CA TRP J 55 -45.56 -13.16 43.48
C TRP J 55 -45.62 -12.76 42.02
N LYS J 56 -46.81 -12.49 41.52
CA LYS J 56 -46.94 -12.18 40.11
C LYS J 56 -46.76 -10.69 39.89
N MET J 57 -46.01 -10.36 38.85
CA MET J 57 -45.86 -9.00 38.37
C MET J 57 -46.67 -8.83 37.09
N GLU J 58 -47.50 -7.80 37.07
CA GLU J 58 -48.33 -7.46 35.92
C GLU J 58 -48.09 -6.02 35.53
N PHE J 59 -48.55 -5.66 34.33
CA PHE J 59 -48.55 -4.27 33.89
C PHE J 59 -49.96 -3.76 33.73
N ASP J 60 -50.12 -2.47 34.04
CA ASP J 60 -51.41 -1.82 33.90
C ASP J 60 -51.81 -1.73 32.43
N THR J 61 -53.06 -2.06 32.15
CA THR J 61 -53.51 -2.18 30.77
C THR J 61 -53.72 -0.81 30.14
N ARG J 62 -53.87 -0.81 28.83
CA ARG J 62 -54.09 0.40 28.05
C ARG J 62 -55.17 0.11 27.02
N GLU J 63 -55.26 0.96 26.01
CA GLU J 63 -56.42 0.99 25.13
C GLU J 63 -56.58 -0.28 24.32
N ARG J 64 -57.83 -0.71 24.18
CA ARG J 64 -58.20 -1.93 23.46
C ARG J 64 -59.42 -1.57 22.62
N TRP J 65 -59.19 -1.12 21.40
CA TRP J 65 -60.30 -0.73 20.55
C TRP J 65 -60.88 -1.93 19.83
N GLU J 66 -61.94 -1.69 19.08
CA GLU J 66 -62.57 -2.73 18.29
C GLU J 66 -62.02 -2.72 16.88
N ASN J 67 -61.57 -3.87 16.42
CA ASN J 67 -61.28 -4.05 15.00
C ASN J 67 -62.61 -3.96 14.25
N PRO J 68 -62.78 -3.02 13.33
CA PRO J 68 -64.09 -2.85 12.68
C PRO J 68 -64.43 -3.96 11.73
N LEU J 69 -63.47 -4.78 11.33
CA LEU J 69 -63.77 -5.80 10.35
C LEU J 69 -64.31 -7.08 10.99
N MET J 70 -63.91 -7.37 12.21
CA MET J 70 -64.35 -8.61 12.85
C MET J 70 -64.92 -8.43 14.24
N GLY J 71 -64.80 -7.25 14.85
CA GLY J 71 -65.14 -7.12 16.24
C GLY J 71 -64.10 -7.69 17.19
N TRP J 72 -62.86 -7.80 16.73
CA TRP J 72 -61.78 -8.28 17.58
C TRP J 72 -61.24 -7.13 18.42
N ALA J 73 -60.25 -7.44 19.25
CA ALA J 73 -59.66 -6.46 20.15
C ALA J 73 -58.21 -6.24 19.73
N SER J 74 -58.01 -5.31 18.82
CA SER J 74 -56.65 -4.95 18.43
C SER J 74 -56.10 -3.95 19.43
N THR J 75 -54.89 -4.23 19.92
CA THR J 75 -54.28 -3.38 20.93
C THR J 75 -52.87 -2.99 20.53
N ALA J 76 -52.52 -1.75 20.79
CA ALA J 76 -51.16 -1.25 20.58
C ALA J 76 -50.36 -1.30 21.87
N ASP J 77 -50.36 -2.47 22.50
CA ASP J 77 -49.81 -2.66 23.83
C ASP J 77 -48.94 -3.91 23.83
N PRO J 78 -47.64 -3.76 23.60
CA PRO J 78 -46.78 -4.95 23.58
C PRO J 78 -46.57 -5.55 24.95
N LEU J 79 -46.53 -4.74 26.01
CA LEU J 79 -46.21 -5.25 27.33
C LEU J 79 -47.43 -5.66 28.14
N SER J 80 -48.64 -5.52 27.61
CA SER J 80 -49.83 -5.74 28.41
C SER J 80 -50.17 -7.21 28.60
N ASN J 81 -49.34 -8.13 28.13
CA ASN J 81 -49.56 -9.55 28.30
C ASN J 81 -48.31 -10.24 28.79
N LEU J 82 -47.55 -9.56 29.65
CA LEU J 82 -46.49 -10.19 30.42
C LEU J 82 -46.91 -10.31 31.87
N VAL J 83 -46.61 -11.47 32.46
CA VAL J 83 -46.86 -11.68 33.88
C VAL J 83 -45.80 -12.63 34.43
N LEU J 84 -45.04 -12.16 35.41
CA LEU J 84 -43.94 -12.93 35.95
C LEU J 84 -44.29 -13.51 37.30
N THR J 85 -43.73 -14.68 37.59
CA THR J 85 -43.95 -15.38 38.84
C THR J 85 -42.66 -15.39 39.63
N PHE J 86 -42.69 -14.82 40.83
CA PHE J 86 -41.56 -14.76 41.72
C PHE J 86 -41.85 -15.53 43.00
N SER J 87 -40.87 -15.53 43.90
CA SER J 87 -40.94 -16.27 45.15
C SER J 87 -40.91 -15.38 46.38
N THR J 88 -40.49 -14.13 46.27
CA THR J 88 -40.53 -13.24 47.42
C THR J 88 -40.68 -11.80 46.95
N LYS J 89 -41.01 -10.96 47.90
CA LYS J 89 -41.27 -9.56 47.61
C LYS J 89 -39.98 -8.77 47.41
N GLU J 90 -38.92 -9.18 48.10
CA GLU J 90 -37.66 -8.45 48.00
C GLU J 90 -36.99 -8.65 46.65
N ASP J 91 -37.08 -9.87 46.11
CA ASP J 91 -36.58 -10.09 44.75
C ASP J 91 -37.42 -9.37 43.73
N ALA J 92 -38.72 -9.21 44.00
CA ALA J 92 -39.58 -8.44 43.12
C ALA J 92 -39.17 -6.98 43.08
N ILE J 93 -38.93 -6.38 44.26
CA ILE J 93 -38.49 -4.99 44.35
C ILE J 93 -37.12 -4.82 43.71
N ALA J 94 -36.22 -5.78 43.94
CA ALA J 94 -34.88 -5.70 43.38
C ALA J 94 -34.89 -5.81 41.87
N PHE J 95 -35.74 -6.68 41.32
CA PHE J 95 -35.85 -6.77 39.87
C PHE J 95 -36.52 -5.55 39.27
N ALA J 96 -37.50 -4.96 39.96
CA ALA J 96 -38.18 -3.81 39.41
C ALA J 96 -37.27 -2.60 39.37
N GLU J 97 -36.41 -2.43 40.39
CA GLU J 97 -35.43 -1.36 40.29
C GLU J 97 -34.30 -1.69 39.33
N LYS J 98 -33.97 -2.98 39.17
CA LYS J 98 -32.87 -3.35 38.29
C LYS J 98 -33.24 -3.15 36.83
N ASN J 99 -34.44 -3.56 36.44
CA ASN J 99 -34.86 -3.46 35.05
C ASN J 99 -35.58 -2.13 34.77
N GLY J 100 -35.54 -1.18 35.71
CA GLY J 100 -35.76 0.20 35.33
C GLY J 100 -37.10 0.85 35.60
N TRP J 101 -38.21 0.15 35.39
CA TRP J 101 -39.50 0.81 35.51
C TRP J 101 -39.97 0.90 36.96
N SER J 102 -41.03 1.68 37.15
CA SER J 102 -41.68 1.87 38.44
C SER J 102 -42.59 0.69 38.77
N TYR J 103 -43.10 0.69 40.01
CA TYR J 103 -43.82 -0.47 40.52
C TYR J 103 -44.62 -0.07 41.75
N ASP J 104 -45.68 -0.83 42.01
CA ASP J 104 -46.50 -0.72 43.20
C ASP J 104 -46.46 -2.05 43.92
N VAL J 105 -46.56 -2.02 45.25
CA VAL J 105 -46.50 -3.21 46.07
C VAL J 105 -47.85 -3.36 46.78
N GLU J 106 -48.72 -4.21 46.25
CA GLU J 106 -49.96 -4.58 46.93
C GLU J 106 -49.61 -5.73 47.86
N GLU J 107 -49.68 -5.48 49.16
CA GLU J 107 -49.11 -6.42 50.12
C GLU J 107 -49.99 -7.66 50.28
N ARG J 108 -49.36 -8.74 50.74
CA ARG J 108 -50.03 -10.02 50.83
C ARG J 108 -51.01 -10.02 51.99
N LYS J 109 -52.18 -10.62 51.77
CA LYS J 109 -53.22 -10.74 52.79
C LYS J 109 -53.63 -12.21 52.90
N VAL J 110 -53.01 -12.92 53.83
CA VAL J 110 -53.23 -14.35 54.02
C VAL J 110 -54.55 -14.58 54.73
N PRO J 111 -55.18 -15.75 54.61
CA PRO J 111 -56.39 -16.00 55.39
C PRO J 111 -56.06 -16.16 56.87
N LYS J 112 -56.88 -15.55 57.70
CA LYS J 112 -56.72 -15.60 59.14
C LYS J 112 -57.14 -16.96 59.67
N PRO J 113 -56.37 -17.54 60.59
CA PRO J 113 -56.81 -18.80 61.20
C PRO J 113 -57.97 -18.56 62.16
N LYS J 114 -58.90 -19.51 62.16
CA LYS J 114 -60.02 -19.46 63.11
C LYS J 114 -60.15 -20.77 63.87
N SER J 115 -61.22 -20.90 64.65
CA SER J 115 -61.40 -22.07 65.53
C SER J 115 -62.84 -22.51 65.45
N LYS J 116 -63.06 -23.70 64.90
CA LYS J 116 -64.40 -24.24 64.75
C LYS J 116 -64.44 -25.66 65.29
N SER J 117 -65.58 -26.02 65.89
CA SER J 117 -65.80 -27.39 66.31
C SER J 117 -67.30 -27.69 66.33
N TYR J 118 -67.60 -28.94 66.02
CA TYR J 118 -68.98 -29.40 65.94
C TYR J 118 -69.64 -29.41 67.31
N GLY J 119 -68.86 -29.71 68.35
CA GLY J 119 -69.34 -29.57 69.71
C GLY J 119 -69.67 -28.14 70.07
N ALA J 120 -68.96 -27.18 69.48
CA ALA J 120 -69.38 -25.80 69.64
C ALA J 120 -70.62 -25.51 68.81
N ASN J 121 -70.83 -26.25 67.72
CA ASN J 121 -72.04 -26.04 66.93
C ASN J 121 -73.27 -26.55 67.64
N PHE J 122 -73.11 -27.41 68.65
CA PHE J 122 -74.30 -27.92 69.35
C PHE J 122 -74.38 -27.52 70.83
N SER J 123 -74.20 -26.23 71.11
CA SER J 123 -74.16 -25.73 72.48
C SER J 123 -75.56 -25.69 73.10
N TRP J 124 -75.61 -25.23 74.35
CA TRP J 124 -76.78 -25.31 75.20
C TRP J 124 -77.53 -23.99 75.35
N ASN J 125 -76.87 -22.96 75.87
CA ASN J 125 -77.44 -21.64 75.97
C ASN J 125 -76.87 -20.68 74.94
N LYS J 126 -75.70 -20.98 74.39
CA LYS J 126 -75.07 -20.11 73.42
C LYS J 126 -75.78 -20.20 72.08
N ARG J 127 -75.85 -19.08 71.39
CA ARG J 127 -76.70 -18.98 70.21
C ARG J 127 -76.05 -19.52 68.96
N THR J 128 -74.80 -19.98 69.02
CA THR J 128 -74.16 -20.56 67.84
C THR J 128 -74.78 -21.93 67.58
N ARG J 129 -75.79 -21.97 66.72
CA ARG J 129 -76.57 -23.16 66.52
C ARG J 129 -77.01 -23.24 65.08
N VAL J 130 -76.78 -24.39 64.45
CA VAL J 130 -77.04 -24.50 63.01
C VAL J 130 -78.54 -24.63 62.74
N SER J 131 -79.30 -25.19 63.68
CA SER J 131 -80.77 -25.27 63.68
C SER J 131 -81.34 -25.99 62.46
N THR J 132 -80.53 -26.75 61.72
CA THR J 132 -81.04 -27.45 60.54
C THR J 132 -80.49 -28.85 60.33
N LYS J 133 -79.50 -29.30 61.07
CA LYS J 133 -78.86 -30.56 60.76
C LYS J 133 -78.48 -31.29 62.04
N LEU K 1 -71.40 11.67 17.39
CA LEU K 1 -71.97 10.95 16.26
C LEU K 1 -71.83 9.44 16.45
N HIS K 2 -72.11 8.70 15.38
CA HIS K 2 -72.31 7.27 15.46
C HIS K 2 -71.01 6.54 15.79
N HIS K 3 -71.13 5.36 16.41
CA HIS K 3 -69.95 4.61 16.79
C HIS K 3 -69.28 3.99 15.56
N ALA K 4 -68.10 3.44 15.79
CA ALA K 4 -67.09 3.06 14.79
C ALA K 4 -66.66 4.23 13.90
N VAL K 5 -66.97 5.46 14.29
CA VAL K 5 -66.46 6.65 13.62
C VAL K 5 -65.53 7.43 14.54
N ILE K 6 -65.67 7.28 15.85
CA ILE K 6 -64.82 7.91 16.85
C ILE K 6 -63.39 7.40 16.73
N PRO K 7 -62.37 8.20 17.02
CA PRO K 7 -61.00 7.74 16.85
C PRO K 7 -60.62 6.75 17.94
N HIS K 8 -59.50 6.07 17.70
CA HIS K 8 -59.05 5.02 18.61
C HIS K 8 -57.53 5.03 18.72
N GLY K 9 -57.04 5.66 19.79
CA GLY K 9 -55.67 5.52 20.25
C GLY K 9 -54.63 6.08 19.32
N LYS K 10 -53.71 5.21 18.92
CA LYS K 10 -52.59 5.59 18.07
C LYS K 10 -53.05 5.60 16.62
N GLY K 11 -52.12 5.67 15.68
CA GLY K 11 -52.47 5.81 14.27
C GLY K 11 -51.85 4.72 13.42
N GLY K 12 -52.59 4.31 12.41
CA GLY K 12 -52.03 3.45 11.37
C GLY K 12 -52.10 1.98 11.70
N ARG K 13 -52.26 1.17 10.65
CA ARG K 13 -52.28 -0.29 10.68
C ARG K 13 -53.39 -0.81 11.59
N SER K 14 -54.61 -0.56 11.13
CA SER K 14 -55.87 -0.90 11.80
C SER K 14 -56.04 -0.17 13.12
N SER K 15 -55.33 0.93 13.30
CA SER K 15 -55.68 1.94 14.29
C SER K 15 -56.67 2.88 13.59
N VAL K 16 -57.94 2.76 13.95
CA VAL K 16 -59.01 3.40 13.21
C VAL K 16 -59.03 4.89 13.54
N SER K 17 -58.96 5.72 12.52
CA SER K 17 -59.16 7.14 12.66
C SER K 17 -60.57 7.51 12.23
N GLY K 18 -60.88 8.79 12.32
CA GLY K 18 -62.24 9.26 12.20
C GLY K 18 -62.81 9.24 10.80
N ILE K 19 -61.99 9.59 9.83
CA ILE K 19 -62.50 9.89 8.49
C ILE K 19 -62.86 8.61 7.76
N VAL K 20 -63.83 8.71 6.86
CA VAL K 20 -64.11 7.72 5.84
C VAL K 20 -63.98 8.48 4.53
N ALA K 21 -62.95 8.15 3.75
CA ALA K 21 -62.48 9.03 2.70
C ALA K 21 -62.78 8.42 1.35
N THR K 22 -63.50 9.14 0.50
CA THR K 22 -63.71 8.74 -0.88
C THR K 22 -62.81 9.59 -1.76
N VAL K 23 -61.88 8.94 -2.44
CA VAL K 23 -60.86 9.64 -3.21
C VAL K 23 -61.10 9.35 -4.68
N PHE K 24 -61.25 10.41 -5.48
CA PHE K 24 -61.36 10.13 -6.90
C PHE K 24 -59.99 9.91 -7.53
N GLY K 25 -60.01 9.27 -8.69
CA GLY K 25 -58.80 9.06 -9.46
C GLY K 25 -57.85 8.07 -8.86
N ALA K 26 -56.74 8.59 -8.32
CA ALA K 26 -55.77 7.91 -7.46
C ALA K 26 -54.96 6.81 -8.13
N THR K 27 -55.27 6.47 -9.39
CA THR K 27 -54.43 5.55 -10.11
C THR K 27 -53.16 6.24 -10.58
N GLY K 28 -53.19 7.56 -10.68
CA GLY K 28 -52.02 8.32 -11.03
C GLY K 28 -51.12 8.58 -9.84
N PHE K 29 -50.73 9.83 -9.66
CA PHE K 29 -49.61 10.18 -8.80
C PHE K 29 -50.05 10.69 -7.43
N LEU K 30 -50.78 11.80 -7.43
CA LEU K 30 -51.03 12.52 -6.19
C LEU K 30 -52.05 11.78 -5.35
N GLY K 31 -53.02 11.15 -6.01
CA GLY K 31 -53.93 10.27 -5.31
C GLY K 31 -53.25 9.07 -4.72
N ARG K 32 -52.17 8.59 -5.34
CA ARG K 32 -51.46 7.45 -4.79
C ARG K 32 -50.72 7.83 -3.52
N TYR K 33 -50.04 8.99 -3.52
CA TYR K 33 -49.41 9.41 -2.26
C TYR K 33 -50.44 9.77 -1.21
N LEU K 34 -51.62 10.20 -1.62
CA LEU K 34 -52.64 10.51 -0.64
C LEU K 34 -53.23 9.25 -0.02
N VAL K 35 -53.43 8.21 -0.81
CA VAL K 35 -53.86 6.92 -0.29
C VAL K 35 -52.81 6.35 0.65
N ASN K 36 -51.53 6.54 0.32
CA ASN K 36 -50.46 6.06 1.21
C ASN K 36 -50.47 6.82 2.54
N HIS K 37 -50.66 8.14 2.52
CA HIS K 37 -50.71 8.85 3.78
C HIS K 37 -51.98 8.58 4.56
N LEU K 38 -53.08 8.22 3.89
CA LEU K 38 -54.25 7.81 4.65
C LEU K 38 -54.08 6.44 5.27
N GLY K 39 -53.38 5.53 4.58
CA GLY K 39 -53.08 4.24 5.18
C GLY K 39 -52.09 4.35 6.31
N ARG K 40 -51.19 5.33 6.24
CA ARG K 40 -50.34 5.63 7.39
C ARG K 40 -51.17 6.22 8.52
N MET K 41 -52.19 7.01 8.19
CA MET K 41 -53.12 7.46 9.21
C MET K 41 -54.03 6.32 9.65
N GLY K 42 -54.41 5.46 8.71
CA GLY K 42 -55.15 4.27 9.05
C GLY K 42 -56.66 4.40 8.99
N SER K 43 -57.22 4.81 7.86
CA SER K 43 -58.65 5.00 7.71
C SER K 43 -59.17 4.19 6.54
N GLN K 44 -60.49 4.18 6.39
CA GLN K 44 -61.14 3.42 5.32
C GLN K 44 -61.31 4.30 4.09
N VAL K 45 -60.76 3.83 2.98
CA VAL K 45 -60.61 4.61 1.76
C VAL K 45 -61.36 3.92 0.64
N ILE K 46 -62.36 4.60 0.09
CA ILE K 46 -63.11 4.13 -1.06
C ILE K 46 -62.50 4.74 -2.30
N VAL K 47 -61.98 3.90 -3.18
CA VAL K 47 -61.42 4.39 -4.43
C VAL K 47 -62.18 3.76 -5.59
N PRO K 48 -62.74 4.57 -6.48
CA PRO K 48 -63.30 4.03 -7.72
C PRO K 48 -62.27 4.10 -8.83
N TYR K 49 -62.20 3.02 -9.59
CA TYR K 49 -61.32 2.92 -10.74
C TYR K 49 -62.14 2.56 -11.96
N ARG K 50 -61.94 3.29 -13.05
CA ARG K 50 -62.49 2.87 -14.33
C ARG K 50 -61.52 1.96 -15.07
N CYS K 51 -60.28 1.93 -14.62
CA CYS K 51 -59.18 1.33 -15.34
C CYS K 51 -59.10 -0.16 -15.05
N GLU K 52 -57.97 -0.74 -15.40
CA GLU K 52 -57.67 -2.12 -15.11
C GLU K 52 -57.52 -2.32 -13.61
N PRO K 53 -57.95 -3.48 -13.08
CA PRO K 53 -57.67 -3.80 -11.67
C PRO K 53 -56.20 -4.03 -11.37
N TYR K 54 -55.34 -4.17 -12.37
CA TYR K 54 -53.95 -4.49 -12.11
C TYR K 54 -53.15 -3.28 -11.64
N ASP K 55 -53.48 -2.09 -12.12
CA ASP K 55 -52.78 -0.90 -11.65
C ASP K 55 -53.12 -0.62 -10.20
N THR K 56 -54.39 -0.73 -9.84
CA THR K 56 -54.74 -0.59 -8.44
C THR K 56 -54.34 -1.83 -7.63
N MET K 57 -54.02 -2.94 -8.30
CA MET K 57 -53.38 -4.04 -7.59
C MET K 57 -51.96 -3.66 -7.18
N HIS K 58 -51.23 -2.96 -8.03
CA HIS K 58 -49.88 -2.62 -7.60
C HIS K 58 -49.87 -1.45 -6.62
N LEU K 59 -50.88 -0.58 -6.66
CA LEU K 59 -50.95 0.45 -5.63
C LEU K 59 -51.92 0.08 -4.50
N ARG K 60 -52.30 -1.20 -4.42
CA ARG K 60 -53.24 -1.75 -3.44
C ARG K 60 -52.75 -1.96 -2.00
N PRO K 61 -51.68 -2.70 -1.70
CA PRO K 61 -51.52 -3.24 -0.34
C PRO K 61 -51.07 -2.22 0.70
N MET K 62 -51.09 -0.93 0.37
CA MET K 62 -50.74 0.09 1.33
C MET K 62 -51.81 0.25 2.40
N GLY K 63 -53.05 -0.09 2.07
CA GLY K 63 -54.06 -0.19 3.10
C GLY K 63 -53.89 -1.44 3.94
N ASP K 64 -54.46 -1.41 5.14
CA ASP K 64 -54.37 -2.57 6.02
C ASP K 64 -55.56 -3.48 5.71
N LEU K 65 -55.86 -4.44 6.60
CA LEU K 65 -56.72 -5.57 6.37
C LEU K 65 -58.15 -5.13 6.10
N GLY K 66 -58.57 -5.21 4.84
CA GLY K 66 -59.89 -4.77 4.43
C GLY K 66 -60.13 -3.29 4.57
N GLN K 67 -59.09 -2.48 4.59
CA GLN K 67 -59.27 -1.05 4.80
C GLN K 67 -59.69 -0.35 3.52
N ILE K 68 -58.86 -0.40 2.48
CA ILE K 68 -59.26 0.22 1.23
C ILE K 68 -60.31 -0.66 0.55
N ILE K 69 -61.08 -0.04 -0.32
CA ILE K 69 -62.13 -0.76 -1.02
C ILE K 69 -62.22 -0.20 -2.44
N PHE K 70 -62.63 -1.07 -3.36
CA PHE K 70 -62.64 -0.76 -4.78
C PHE K 70 -64.07 -0.70 -5.29
N MET K 71 -64.30 0.20 -6.25
CA MET K 71 -65.49 0.07 -7.07
C MET K 71 -65.22 0.63 -8.46
N ASP K 72 -66.23 0.61 -9.32
CA ASP K 72 -66.10 1.02 -10.71
C ASP K 72 -66.96 2.25 -10.95
N TRP K 73 -66.53 3.10 -11.88
CA TRP K 73 -67.21 4.35 -12.13
C TRP K 73 -66.87 4.83 -13.54
N ASN K 74 -67.57 5.86 -13.98
CA ASN K 74 -67.34 6.43 -15.30
C ASN K 74 -67.63 7.93 -15.25
N GLY K 75 -67.41 8.59 -16.37
CA GLY K 75 -67.71 10.00 -16.49
C GLY K 75 -68.91 10.26 -17.38
N ARG K 76 -69.93 9.44 -17.24
CA ARG K 76 -71.17 9.59 -18.01
C ARG K 76 -72.40 9.64 -17.13
N ASP K 77 -72.47 8.82 -16.09
CA ASP K 77 -73.69 8.60 -15.34
C ASP K 77 -73.55 9.11 -13.91
N LYS K 78 -74.62 8.94 -13.14
CA LYS K 78 -74.65 9.35 -11.75
C LYS K 78 -74.83 8.18 -10.80
N ASP K 79 -75.18 6.99 -11.30
CA ASP K 79 -75.54 5.89 -10.42
C ASP K 79 -74.31 5.32 -9.72
N SER K 80 -73.21 5.17 -10.46
CA SER K 80 -71.98 4.69 -9.82
C SER K 80 -71.37 5.74 -8.91
N ILE K 81 -71.55 7.02 -9.22
CA ILE K 81 -71.02 8.06 -8.35
C ILE K 81 -71.82 8.12 -7.06
N ARG K 82 -73.15 7.98 -7.15
CA ARG K 82 -73.98 7.88 -5.96
C ARG K 82 -73.66 6.63 -5.16
N ARG K 83 -73.32 5.53 -5.85
CA ARG K 83 -72.88 4.33 -5.16
C ARG K 83 -71.55 4.56 -4.46
N ALA K 84 -70.71 5.44 -5.01
CA ALA K 84 -69.46 5.79 -4.34
C ALA K 84 -69.70 6.67 -3.12
N VAL K 85 -70.74 7.51 -3.15
CA VAL K 85 -70.98 8.39 -2.00
C VAL K 85 -72.23 7.97 -1.25
N GLU K 86 -72.54 6.66 -1.26
CA GLU K 86 -73.56 6.12 -0.36
C GLU K 86 -73.26 6.45 1.09
N HIS K 87 -72.06 6.13 1.55
CA HIS K 87 -71.65 6.47 2.91
C HIS K 87 -70.20 6.94 2.84
N SER K 88 -69.99 8.24 2.99
CA SER K 88 -68.65 8.80 2.90
C SER K 88 -68.58 10.02 3.81
N ASN K 89 -67.58 10.07 4.68
CA ASN K 89 -67.46 11.25 5.52
C ASN K 89 -66.88 12.41 4.72
N VAL K 90 -65.69 12.24 4.15
CA VAL K 90 -65.07 13.28 3.34
C VAL K 90 -64.79 12.73 1.95
N VAL K 91 -64.67 13.64 1.00
CA VAL K 91 -64.50 13.24 -0.39
C VAL K 91 -63.64 14.27 -1.10
N ILE K 92 -62.73 13.78 -1.95
CA ILE K 92 -61.81 14.66 -2.65
C ILE K 92 -61.88 14.43 -4.15
N ASN K 93 -61.89 15.54 -4.87
CA ASN K 93 -61.82 15.59 -6.31
C ASN K 93 -60.37 15.82 -6.69
N LEU K 94 -59.74 14.75 -7.19
CA LEU K 94 -58.40 14.71 -7.76
C LEU K 94 -58.53 14.02 -9.11
N VAL K 95 -58.88 14.78 -10.14
CA VAL K 95 -59.13 14.24 -11.46
C VAL K 95 -58.34 15.08 -12.46
N GLY K 96 -58.09 14.51 -13.62
CA GLY K 96 -57.43 15.25 -14.68
C GLY K 96 -56.51 14.46 -15.57
N ARG K 97 -56.45 14.86 -16.83
CA ARG K 97 -55.49 14.32 -17.78
C ARG K 97 -54.81 15.47 -18.51
N GLU K 98 -53.50 15.40 -18.64
CA GLU K 98 -52.73 16.50 -19.20
C GLU K 98 -52.62 16.44 -20.71
N TRP K 99 -53.37 15.57 -21.38
CA TRP K 99 -53.38 15.57 -22.84
C TRP K 99 -54.72 15.05 -23.32
N GLU K 100 -55.26 15.70 -24.35
CA GLU K 100 -56.60 15.38 -24.83
C GLU K 100 -56.62 14.03 -25.54
N THR K 101 -57.69 13.28 -25.32
CA THR K 101 -57.88 11.98 -25.93
C THR K 101 -59.00 12.05 -26.94
N LYS K 102 -59.40 10.89 -27.44
CA LYS K 102 -60.54 10.81 -28.35
C LYS K 102 -61.84 11.09 -27.62
N ASN K 103 -62.12 10.35 -26.56
CA ASN K 103 -63.41 10.43 -25.92
C ASN K 103 -63.56 11.65 -25.02
N PHE K 104 -62.45 12.28 -24.64
CA PHE K 104 -62.48 13.41 -23.72
C PHE K 104 -61.39 14.40 -24.09
N ASP K 105 -61.76 15.66 -24.23
CA ASP K 105 -60.79 16.72 -24.39
C ASP K 105 -60.43 17.29 -23.01
N PHE K 106 -59.75 18.45 -23.01
CA PHE K 106 -59.63 19.22 -21.79
C PHE K 106 -60.98 19.75 -21.37
N GLU K 107 -61.83 20.05 -22.35
CA GLU K 107 -63.23 20.24 -22.10
C GLU K 107 -63.85 18.94 -21.62
N ASP K 108 -64.82 19.07 -20.72
CA ASP K 108 -65.78 18.09 -20.23
C ASP K 108 -65.19 17.08 -19.26
N VAL K 109 -63.88 17.00 -19.08
CA VAL K 109 -63.40 16.43 -17.83
C VAL K 109 -63.53 17.44 -16.71
N PHE K 110 -62.97 18.64 -16.90
CA PHE K 110 -63.01 19.71 -15.93
C PHE K 110 -64.38 20.35 -15.85
N VAL K 111 -65.22 20.12 -16.85
CA VAL K 111 -66.57 20.65 -16.89
C VAL K 111 -67.54 19.57 -16.43
N LYS K 112 -67.49 18.41 -17.09
CA LYS K 112 -68.51 17.39 -16.87
C LYS K 112 -68.32 16.65 -15.57
N ILE K 113 -67.09 16.41 -15.14
CA ILE K 113 -66.87 15.63 -13.92
C ILE K 113 -67.23 16.38 -12.64
N PRO K 114 -66.74 17.61 -12.34
CA PRO K 114 -67.05 18.17 -11.02
C PRO K 114 -68.48 18.62 -10.85
N GLN K 115 -69.22 18.87 -11.93
CA GLN K 115 -70.65 19.18 -11.81
C GLN K 115 -71.41 18.04 -11.17
N ALA K 116 -71.28 16.85 -11.73
CA ALA K 116 -72.05 15.71 -11.26
C ALA K 116 -71.65 15.31 -9.85
N ILE K 117 -70.35 15.32 -9.57
CA ILE K 117 -69.93 14.83 -8.26
C ILE K 117 -70.18 15.88 -7.19
N ALA K 118 -70.10 17.17 -7.52
CA ALA K 118 -70.44 18.20 -6.55
C ALA K 118 -71.94 18.22 -6.27
N GLN K 119 -72.75 17.98 -7.32
CA GLN K 119 -74.18 17.86 -7.16
C GLN K 119 -74.54 16.71 -6.24
N VAL K 120 -74.03 15.51 -6.53
CA VAL K 120 -74.41 14.35 -5.73
C VAL K 120 -73.72 14.36 -4.37
N SER K 121 -72.66 15.13 -4.20
CA SER K 121 -72.03 15.23 -2.89
C SER K 121 -72.82 16.16 -1.99
N LYS K 122 -73.30 17.29 -2.54
CA LYS K 122 -74.12 18.18 -1.74
C LYS K 122 -75.47 17.53 -1.44
N GLU K 123 -75.97 16.69 -2.36
CA GLU K 123 -77.22 16.00 -2.11
C GLU K 123 -77.04 14.88 -1.09
N ALA K 124 -76.11 13.96 -1.32
CA ALA K 124 -76.01 12.72 -0.57
C ALA K 124 -75.32 12.87 0.79
N GLY K 125 -75.10 14.09 1.26
CA GLY K 125 -74.69 14.31 2.64
C GLY K 125 -73.27 13.92 2.97
N VAL K 126 -72.30 14.64 2.41
CA VAL K 126 -70.92 14.52 2.81
C VAL K 126 -70.47 15.83 3.42
N GLU K 127 -69.27 15.82 3.98
CA GLU K 127 -68.72 16.97 4.66
C GLU K 127 -67.30 17.17 4.17
N LYS K 128 -66.85 18.42 4.19
CA LYS K 128 -65.44 18.80 4.00
C LYS K 128 -64.89 18.34 2.65
N PHE K 129 -65.65 18.60 1.59
CA PHE K 129 -65.21 18.24 0.25
C PHE K 129 -64.03 19.07 -0.18
N ILE K 130 -63.01 18.43 -0.73
CA ILE K 130 -61.76 19.09 -1.09
C ILE K 130 -61.52 18.91 -2.57
N HIS K 131 -61.30 20.02 -3.29
CA HIS K 131 -61.08 19.99 -4.73
C HIS K 131 -59.70 20.54 -5.04
N ILE K 132 -58.88 19.76 -5.76
CA ILE K 132 -57.60 20.32 -6.21
C ILE K 132 -57.82 21.12 -7.49
N SER K 133 -56.86 22.01 -7.76
CA SER K 133 -56.77 22.71 -9.03
C SER K 133 -55.31 23.07 -9.24
N HIS K 134 -55.01 23.63 -10.40
CA HIS K 134 -53.65 24.10 -10.63
C HIS K 134 -53.51 25.51 -10.10
N LEU K 135 -52.29 25.89 -9.76
CA LEU K 135 -52.01 27.28 -9.44
C LEU K 135 -52.15 28.12 -10.71
N ASN K 136 -52.52 29.39 -10.50
CA ASN K 136 -52.76 30.46 -11.49
C ASN K 136 -53.43 29.99 -12.79
N ALA K 137 -54.47 29.18 -12.64
CA ALA K 137 -55.32 28.78 -13.76
C ALA K 137 -56.42 29.82 -13.89
N ASP K 138 -56.30 30.68 -14.89
CA ASP K 138 -57.19 31.83 -15.02
C ASP K 138 -57.93 31.77 -16.36
N ILE K 139 -58.71 32.83 -16.63
CA ILE K 139 -59.34 32.99 -17.93
C ILE K 139 -58.34 33.44 -18.99
N LYS K 140 -57.13 33.80 -18.57
CA LYS K 140 -56.11 34.33 -19.45
C LYS K 140 -55.58 33.26 -20.41
N SER K 141 -54.66 33.68 -21.26
CA SER K 141 -54.45 33.05 -22.55
C SER K 141 -53.53 31.84 -22.47
N SER K 142 -53.26 31.28 -23.65
CA SER K 142 -52.22 30.31 -23.99
C SER K 142 -52.41 28.94 -23.36
N SER K 143 -53.56 28.65 -22.75
CA SER K 143 -53.78 27.34 -22.15
C SER K 143 -55.28 27.07 -22.10
N LYS K 144 -55.75 26.24 -23.03
CA LYS K 144 -57.10 25.67 -22.92
C LYS K 144 -57.24 24.87 -21.63
N TYR K 145 -56.16 24.21 -21.22
CA TYR K 145 -56.09 23.49 -19.95
C TYR K 145 -56.38 24.40 -18.77
N LEU K 146 -55.67 25.53 -18.69
CA LEU K 146 -55.82 26.38 -17.52
C LEU K 146 -57.12 27.16 -17.55
N ARG K 147 -57.63 27.54 -18.73
CA ARG K 147 -58.93 28.19 -18.73
C ARG K 147 -60.04 27.20 -18.41
N ASN K 148 -59.87 25.92 -18.75
CA ASN K 148 -60.87 24.95 -18.34
C ASN K 148 -60.83 24.69 -16.85
N LYS K 149 -59.63 24.72 -16.24
CA LYS K 149 -59.59 24.64 -14.79
C LYS K 149 -60.19 25.86 -14.13
N ALA K 150 -60.09 27.03 -14.77
CA ALA K 150 -60.79 28.21 -14.24
C ALA K 150 -62.31 28.04 -14.32
N VAL K 151 -62.80 27.41 -15.39
CA VAL K 151 -64.23 27.12 -15.51
C VAL K 151 -64.68 26.16 -14.40
N GLY K 152 -63.87 25.12 -14.15
CA GLY K 152 -64.20 24.19 -13.08
C GLY K 152 -64.15 24.82 -11.71
N GLU K 153 -63.21 25.74 -11.49
CA GLU K 153 -63.16 26.49 -10.24
C GLU K 153 -64.39 27.36 -10.06
N LYS K 154 -64.87 27.95 -11.17
CA LYS K 154 -66.11 28.74 -11.09
C LYS K 154 -67.29 27.88 -10.66
N GLU K 155 -67.42 26.69 -11.24
CA GLU K 155 -68.54 25.81 -10.88
C GLU K 155 -68.43 25.31 -9.45
N VAL K 156 -67.24 24.88 -9.04
CA VAL K 156 -67.07 24.35 -7.69
C VAL K 156 -67.13 25.47 -6.65
N ARG K 157 -66.86 26.71 -7.04
CA ARG K 157 -67.10 27.81 -6.12
C ARG K 157 -68.59 28.11 -6.01
N GLU K 158 -69.30 28.06 -7.15
CA GLU K 158 -70.70 28.46 -7.15
C GLU K 158 -71.58 27.44 -6.45
N THR K 159 -71.63 26.23 -6.98
CA THR K 159 -72.38 25.20 -6.26
C THR K 159 -71.49 24.61 -5.19
N PHE K 160 -72.12 24.00 -4.17
CA PHE K 160 -71.48 23.47 -2.96
C PHE K 160 -70.62 24.52 -2.29
N PRO K 161 -71.22 25.45 -1.52
CA PRO K 161 -70.44 26.57 -0.97
C PRO K 161 -69.36 26.16 0.00
N GLU K 162 -69.57 25.11 0.79
CA GLU K 162 -68.71 24.81 1.93
C GLU K 162 -67.57 23.87 1.56
N ALA K 163 -66.81 24.22 0.53
CA ALA K 163 -65.74 23.34 0.06
C ALA K 163 -64.39 23.79 0.64
N THR K 164 -63.34 23.13 0.16
CA THR K 164 -61.99 23.68 0.24
C THR K 164 -61.41 23.58 -1.16
N ILE K 165 -61.40 24.70 -1.85
CA ILE K 165 -60.70 24.81 -3.12
C ILE K 165 -59.23 24.98 -2.81
N ILE K 166 -58.40 24.14 -3.41
CA ILE K 166 -56.98 24.15 -3.10
C ILE K 166 -56.21 24.09 -4.41
N LYS K 167 -55.00 24.64 -4.40
CA LYS K 167 -54.17 24.53 -5.58
C LYS K 167 -52.70 24.51 -5.21
N PRO K 168 -51.95 23.51 -5.67
CA PRO K 168 -50.49 23.57 -5.56
C PRO K 168 -49.90 24.14 -6.84
N ALA K 169 -48.62 24.43 -6.78
CA ALA K 169 -47.85 24.74 -7.96
C ALA K 169 -47.36 23.43 -8.58
N ASP K 170 -46.41 23.51 -9.49
CA ASP K 170 -45.88 22.31 -10.13
C ASP K 170 -45.08 21.49 -9.14
N ILE K 171 -45.51 20.24 -8.93
CA ILE K 171 -44.99 19.39 -7.87
C ILE K 171 -44.08 18.33 -8.45
N PHE K 172 -43.09 17.94 -7.65
CA PHE K 172 -42.03 17.04 -8.10
C PHE K 172 -41.87 15.88 -7.13
N GLY K 173 -41.58 14.69 -7.68
CA GLY K 173 -41.42 13.51 -6.85
C GLY K 173 -40.85 12.32 -7.59
N ARG K 174 -41.21 11.11 -7.14
CA ARG K 174 -40.62 9.91 -7.71
C ARG K 174 -41.22 9.58 -9.09
N GLU K 175 -42.52 9.82 -9.27
CA GLU K 175 -43.12 9.65 -10.58
C GLU K 175 -43.64 10.98 -11.10
N ASP K 176 -42.81 12.02 -11.02
CA ASP K 176 -43.21 13.31 -11.53
C ASP K 176 -43.31 13.28 -13.05
N ARG K 177 -44.18 14.14 -13.58
CA ARG K 177 -44.33 14.29 -15.02
C ARG K 177 -43.28 15.23 -15.58
N PHE K 178 -43.25 16.47 -15.10
CA PHE K 178 -42.45 17.47 -15.82
C PHE K 178 -40.98 17.35 -15.50
N LEU K 179 -40.60 16.89 -14.32
CA LEU K 179 -39.18 16.73 -14.02
C LEU K 179 -38.59 15.56 -14.79
N ASN K 180 -39.36 14.49 -14.96
CA ASN K 180 -38.93 13.43 -15.86
C ASN K 180 -38.90 13.91 -17.30
N TYR K 181 -39.83 14.81 -17.67
CA TYR K 181 -39.78 15.42 -18.99
C TYR K 181 -38.53 16.28 -19.16
N PHE K 182 -38.06 16.91 -18.08
CA PHE K 182 -36.80 17.63 -18.11
C PHE K 182 -35.63 16.68 -18.28
N ALA K 183 -35.67 15.54 -17.58
CA ALA K 183 -34.59 14.56 -17.74
C ALA K 183 -34.69 13.85 -19.07
N ASN K 184 -35.91 13.61 -19.56
CA ASN K 184 -36.10 12.95 -20.84
C ASN K 184 -36.53 14.00 -21.86
N ILE K 185 -35.53 14.68 -22.42
CA ILE K 185 -35.72 15.56 -23.56
C ILE K 185 -34.58 15.30 -24.53
N ARG K 186 -34.91 15.30 -25.83
CA ARG K 186 -33.95 15.23 -26.94
C ARG K 186 -33.09 13.98 -26.93
N SER K 195 -34.90 22.42 -26.60
CA SER K 195 -34.07 22.78 -25.47
C SER K 195 -33.57 24.22 -25.57
N LEU K 196 -34.23 25.13 -24.86
CA LEU K 196 -33.86 26.54 -24.85
C LEU K 196 -34.41 27.17 -23.58
N GLY K 197 -33.92 28.38 -23.27
CA GLY K 197 -34.30 29.02 -22.02
C GLY K 197 -34.59 30.50 -22.11
N LYS K 198 -35.54 30.96 -21.30
CA LYS K 198 -35.93 32.37 -21.22
C LYS K 198 -35.84 32.80 -19.76
N LYS K 199 -36.43 33.95 -19.42
CA LYS K 199 -36.62 34.32 -18.04
C LYS K 199 -38.08 34.06 -17.65
N THR K 200 -38.27 33.21 -16.64
CA THR K 200 -39.60 32.77 -16.22
C THR K 200 -39.50 32.32 -14.77
N VAL K 201 -40.25 32.97 -13.89
CA VAL K 201 -40.22 32.59 -12.49
C VAL K 201 -41.11 31.37 -12.27
N LYS K 202 -40.73 30.57 -11.29
CA LYS K 202 -41.37 29.29 -11.06
C LYS K 202 -41.03 28.83 -9.65
N GLN K 203 -42.05 28.42 -8.89
CA GLN K 203 -41.80 27.82 -7.59
C GLN K 203 -42.30 26.38 -7.60
N PRO K 204 -41.43 25.43 -7.42
CA PRO K 204 -41.90 24.06 -7.24
C PRO K 204 -41.96 23.70 -5.76
N VAL K 205 -42.85 22.79 -5.40
CA VAL K 205 -43.00 22.33 -4.03
C VAL K 205 -43.06 20.80 -4.04
N TYR K 206 -42.31 20.18 -3.12
CA TYR K 206 -42.23 18.74 -3.04
C TYR K 206 -43.58 18.15 -2.63
N ILE K 207 -43.80 16.91 -3.02
CA ILE K 207 -45.16 16.38 -3.03
C ILE K 207 -45.65 16.05 -1.62
N VAL K 208 -44.74 15.70 -0.70
CA VAL K 208 -45.24 15.29 0.60
C VAL K 208 -45.62 16.48 1.46
N ASP K 209 -45.07 17.68 1.20
CA ASP K 209 -45.57 18.87 1.88
C ASP K 209 -47.01 19.16 1.47
N VAL K 210 -47.30 19.00 0.19
CA VAL K 210 -48.65 19.19 -0.32
C VAL K 210 -49.59 18.17 0.29
N THR K 211 -49.19 16.90 0.36
CA THR K 211 -50.14 15.93 0.87
C THR K 211 -50.26 15.95 2.39
N LYS K 212 -49.22 16.41 3.12
CA LYS K 212 -49.39 16.69 4.55
C LYS K 212 -50.35 17.83 4.78
N GLY K 213 -50.27 18.87 3.95
CA GLY K 213 -51.24 19.95 4.03
C GLY K 213 -52.65 19.49 3.72
N ILE K 214 -52.79 18.60 2.72
CA ILE K 214 -54.11 18.10 2.36
C ILE K 214 -54.70 17.26 3.47
N ILE K 215 -53.91 16.38 4.09
CA ILE K 215 -54.50 15.54 5.13
C ILE K 215 -54.74 16.35 6.41
N ASN K 216 -53.93 17.38 6.66
CA ASN K 216 -54.21 18.27 7.78
C ASN K 216 -55.50 19.05 7.55
N ALA K 217 -55.75 19.47 6.31
CA ALA K 217 -57.02 20.12 6.02
C ALA K 217 -58.17 19.12 6.05
N ILE K 218 -57.91 17.86 5.73
CA ILE K 218 -59.01 16.91 5.66
C ILE K 218 -59.39 16.42 7.04
N LYS K 219 -58.49 16.52 8.02
CA LYS K 219 -58.88 16.20 9.38
C LYS K 219 -59.19 17.44 10.20
N ASP K 220 -58.83 18.63 9.73
CA ASP K 220 -59.08 19.85 10.47
C ASP K 220 -60.37 20.50 10.01
N PRO K 221 -61.33 20.68 10.92
CA PRO K 221 -62.46 21.57 10.66
C PRO K 221 -62.08 23.03 10.82
N ASP K 222 -63.10 23.91 10.86
CA ASP K 222 -63.08 25.35 11.14
C ASP K 222 -61.97 26.13 10.44
N ALA K 223 -61.61 25.69 9.24
CA ALA K 223 -60.78 26.45 8.33
C ALA K 223 -61.27 26.25 6.89
N ARG K 224 -62.58 26.06 6.74
CA ARG K 224 -63.19 25.59 5.52
C ARG K 224 -63.89 26.72 4.79
N GLY K 225 -63.99 26.59 3.46
CA GLY K 225 -64.37 27.68 2.61
C GLY K 225 -63.20 28.53 2.14
N LYS K 226 -62.15 28.61 2.95
CA LYS K 226 -60.95 29.31 2.56
C LYS K 226 -60.20 28.50 1.51
N THR K 227 -60.08 29.06 0.32
CA THR K 227 -59.24 28.45 -0.69
C THR K 227 -57.76 28.65 -0.38
N PHE K 228 -56.94 27.71 -0.84
CA PHE K 228 -55.51 27.70 -0.54
C PHE K 228 -54.69 27.61 -1.82
N ALA K 229 -53.46 28.10 -1.75
CA ALA K 229 -52.48 27.96 -2.82
C ALA K 229 -51.11 27.71 -2.21
N PHE K 230 -50.33 26.85 -2.86
CA PHE K 230 -49.10 26.36 -2.25
C PHE K 230 -47.86 27.04 -2.81
N VAL K 231 -46.85 27.13 -1.95
CA VAL K 231 -45.72 28.03 -2.09
C VAL K 231 -44.45 27.20 -2.13
N GLY K 232 -43.67 27.36 -3.18
CA GLY K 232 -42.32 26.87 -3.20
C GLY K 232 -41.42 27.79 -2.40
N PRO K 233 -40.56 27.22 -1.56
CA PRO K 233 -39.73 28.05 -0.66
C PRO K 233 -38.57 28.74 -1.36
N ASN K 234 -38.25 28.40 -2.60
CA ASN K 234 -37.17 29.07 -3.32
C ASN K 234 -37.71 30.07 -4.35
N ARG K 235 -38.53 29.59 -5.30
CA ARG K 235 -39.16 30.38 -6.36
C ARG K 235 -38.11 31.09 -7.21
N TYR K 236 -37.39 30.28 -7.99
CA TYR K 236 -36.30 30.84 -8.76
C TYR K 236 -36.37 30.47 -10.24
N LEU K 237 -35.32 30.82 -10.99
CA LEU K 237 -35.38 30.86 -12.45
C LEU K 237 -35.53 29.47 -13.06
N LEU K 238 -36.31 29.42 -14.14
CA LEU K 238 -36.50 28.20 -14.92
C LEU K 238 -35.18 27.68 -15.48
N PHE K 239 -34.38 28.57 -16.07
CA PHE K 239 -33.18 28.10 -16.74
C PHE K 239 -32.09 27.68 -15.76
N ASP K 240 -32.03 28.34 -14.61
CA ASP K 240 -31.18 27.86 -13.53
C ASP K 240 -31.64 26.48 -13.05
N LEU K 241 -32.96 26.24 -13.06
CA LEU K 241 -33.48 24.95 -12.63
C LEU K 241 -33.11 23.86 -13.62
N VAL K 242 -33.16 24.15 -14.92
CA VAL K 242 -32.76 23.16 -15.92
C VAL K 242 -31.26 22.90 -15.82
N GLN K 243 -30.47 23.94 -15.56
CA GLN K 243 -29.04 23.77 -15.31
C GLN K 243 -28.80 22.87 -14.10
N TYR K 244 -29.55 23.08 -13.02
CA TYR K 244 -29.33 22.30 -11.80
C TYR K 244 -29.76 20.86 -12.00
N VAL K 245 -30.82 20.63 -12.78
CA VAL K 245 -31.28 19.27 -13.06
C VAL K 245 -30.27 18.52 -13.92
N PHE K 246 -29.77 19.18 -14.98
CA PHE K 246 -28.71 18.56 -15.76
C PHE K 246 -27.41 18.39 -14.99
N ALA K 247 -27.16 19.27 -14.01
CA ALA K 247 -25.95 19.14 -13.20
C ALA K 247 -26.04 17.95 -12.26
N VAL K 248 -27.18 17.77 -11.60
CA VAL K 248 -27.34 16.63 -10.71
C VAL K 248 -27.55 15.35 -11.49
N ALA K 249 -27.96 15.43 -12.76
CA ALA K 249 -28.13 14.27 -13.60
C ALA K 249 -26.98 14.07 -14.57
N HIS K 250 -25.86 14.77 -14.36
CA HIS K 250 -24.53 14.40 -14.84
C HIS K 250 -24.36 14.58 -16.35
N ARG K 251 -25.41 15.05 -17.04
CA ARG K 251 -25.32 15.13 -18.49
C ARG K 251 -25.25 16.59 -18.94
N PRO K 252 -24.52 16.89 -20.03
CA PRO K 252 -24.43 18.28 -20.52
C PRO K 252 -25.57 18.67 -21.46
N ARG K 281 -47.38 19.61 -26.14
CA ARG K 281 -47.00 20.97 -26.50
C ARG K 281 -47.79 21.99 -25.68
N ASP K 282 -48.99 21.59 -25.27
CA ASP K 282 -49.67 22.35 -24.24
C ASP K 282 -48.87 22.31 -22.94
N LYS K 283 -48.24 21.17 -22.64
CA LYS K 283 -47.33 21.08 -21.51
C LYS K 283 -46.15 22.03 -21.65
N VAL K 284 -45.61 22.17 -22.86
CA VAL K 284 -44.41 23.00 -22.98
C VAL K 284 -44.78 24.48 -22.89
N GLU K 285 -46.00 24.84 -23.32
CA GLU K 285 -46.45 26.21 -23.09
C GLU K 285 -46.72 26.46 -21.61
N ARG K 286 -47.29 25.48 -20.92
CA ARG K 286 -47.55 25.62 -19.48
C ARG K 286 -46.26 25.79 -18.69
N ILE K 287 -45.22 25.05 -19.06
CA ILE K 287 -44.01 25.17 -18.27
C ILE K 287 -43.25 26.44 -18.65
N HIS K 288 -43.32 26.88 -19.90
CA HIS K 288 -42.59 28.08 -20.25
C HIS K 288 -43.26 29.36 -19.78
N THR K 289 -44.59 29.38 -19.59
CA THR K 289 -45.26 30.69 -19.59
C THR K 289 -45.08 31.47 -18.28
N THR K 290 -45.72 31.03 -17.19
CA THR K 290 -45.75 31.82 -15.96
C THR K 290 -46.05 30.91 -14.78
N ASP K 291 -45.43 31.25 -13.65
CA ASP K 291 -45.75 30.67 -12.34
C ASP K 291 -45.45 31.76 -11.31
N ARG K 292 -46.49 32.39 -10.79
CA ARG K 292 -46.31 33.53 -9.92
C ARG K 292 -46.93 33.27 -8.55
N THR K 293 -46.62 34.15 -7.61
CA THR K 293 -47.22 34.14 -6.29
C THR K 293 -48.51 34.94 -6.28
N LEU K 294 -49.40 34.57 -5.35
CA LEU K 294 -50.67 35.24 -5.17
C LEU K 294 -50.87 35.51 -3.68
N PRO K 295 -50.65 36.74 -3.23
CA PRO K 295 -50.73 37.04 -1.79
C PRO K 295 -52.15 37.20 -1.24
N HIS K 296 -53.17 36.87 -2.03
CA HIS K 296 -54.54 37.11 -1.61
C HIS K 296 -54.98 36.09 -0.58
N LEU K 297 -54.51 34.86 -0.72
CA LEU K 297 -55.05 33.64 -0.15
C LEU K 297 -53.96 32.85 0.59
N PRO K 298 -54.30 32.17 1.67
CA PRO K 298 -53.28 31.57 2.53
C PRO K 298 -52.67 30.31 1.95
N GLY K 299 -51.54 29.93 2.55
CA GLY K 299 -50.71 28.85 2.04
C GLY K 299 -50.27 27.81 3.06
N LEU K 300 -48.97 27.50 3.09
CA LEU K 300 -48.47 26.41 3.94
C LEU K 300 -48.51 26.79 5.41
N GLU K 301 -47.78 27.83 5.79
CA GLU K 301 -47.54 28.14 7.19
C GLU K 301 -48.78 28.69 7.88
N ASP K 302 -49.79 29.07 7.11
CA ASP K 302 -51.10 29.39 7.63
C ASP K 302 -51.89 28.14 7.98
N LEU K 303 -51.39 26.97 7.59
CA LEU K 303 -51.91 25.68 8.00
C LEU K 303 -50.97 24.93 8.92
N GLY K 304 -49.67 25.20 8.86
CA GLY K 304 -48.74 24.66 9.82
C GLY K 304 -48.03 23.39 9.42
N VAL K 305 -47.40 23.39 8.26
CA VAL K 305 -46.56 22.28 7.82
C VAL K 305 -45.31 22.83 7.15
N GLN K 306 -44.17 22.24 7.50
CA GLN K 306 -42.88 22.74 7.05
C GLN K 306 -42.67 22.46 5.58
N ALA K 307 -42.23 23.48 4.83
CA ALA K 307 -41.93 23.31 3.42
C ALA K 307 -40.56 22.70 3.24
N THR K 308 -40.41 21.89 2.19
CA THR K 308 -39.09 21.34 1.91
C THR K 308 -38.61 21.81 0.54
N PRO K 309 -37.34 22.22 0.42
CA PRO K 309 -36.88 22.81 -0.83
C PRO K 309 -36.68 21.79 -1.95
N LEU K 310 -36.33 22.29 -3.13
CA LEU K 310 -36.12 21.43 -4.29
C LEU K 310 -34.80 20.69 -4.23
N GLU K 311 -33.74 21.32 -3.71
CA GLU K 311 -32.38 20.84 -3.92
C GLU K 311 -32.11 19.56 -3.13
N LEU K 312 -32.54 19.53 -1.87
CA LEU K 312 -32.35 18.37 -1.00
C LEU K 312 -33.06 17.14 -1.59
N LYS K 313 -34.35 17.29 -1.86
CA LYS K 313 -35.14 16.21 -2.43
C LYS K 313 -34.70 15.87 -3.84
N ALA K 314 -34.09 16.81 -4.56
CA ALA K 314 -33.67 16.54 -5.92
C ALA K 314 -32.42 15.69 -5.95
N ILE K 315 -31.51 15.93 -5.00
CA ILE K 315 -30.41 14.97 -4.77
C ILE K 315 -30.98 13.63 -4.34
N GLU K 316 -32.06 13.65 -3.55
CA GLU K 316 -32.68 12.39 -3.12
C GLU K 316 -33.30 11.61 -4.28
N VAL K 317 -33.93 12.30 -5.22
CA VAL K 317 -34.81 11.63 -6.18
C VAL K 317 -34.19 11.49 -7.56
N LEU K 318 -33.17 12.28 -7.90
CA LEU K 318 -32.55 12.14 -9.21
C LEU K 318 -31.57 10.97 -9.18
N ARG K 319 -32.14 9.80 -9.33
CA ARG K 319 -31.44 8.62 -9.78
C ARG K 319 -31.55 8.57 -11.30
N ARG K 320 -31.36 7.38 -11.88
CA ARG K 320 -31.59 7.06 -13.30
C ARG K 320 -30.82 7.97 -14.26
N HIS K 321 -29.64 8.41 -13.84
CA HIS K 321 -28.69 8.98 -14.78
C HIS K 321 -27.79 7.85 -15.28
N ARG K 322 -26.69 8.20 -15.95
CA ARG K 322 -25.80 7.21 -16.55
C ARG K 322 -25.12 6.36 -15.48
N THR K 323 -25.15 5.04 -15.69
CA THR K 323 -24.62 4.01 -14.79
C THR K 323 -25.19 4.10 -13.38
N LEU L 13 -55.30 40.12 51.14
CA LEU L 13 -56.44 39.36 51.64
C LEU L 13 -55.95 38.41 52.73
N GLY L 14 -56.87 37.88 53.52
CA GLY L 14 -56.55 37.09 54.69
C GLY L 14 -56.37 35.61 54.40
N LEU L 15 -56.49 34.82 55.45
CA LEU L 15 -56.35 33.38 55.35
C LEU L 15 -57.61 32.76 54.77
N ARG L 16 -57.45 31.56 54.21
CA ARG L 16 -58.59 30.76 53.79
C ARG L 16 -58.69 29.47 54.59
N GLU L 17 -57.66 28.61 54.58
CA GLU L 17 -57.63 27.44 55.45
C GLU L 17 -56.22 27.14 55.93
N ILE L 18 -56.16 26.37 57.01
CA ILE L 18 -54.91 25.97 57.66
C ILE L 18 -55.00 24.49 58.00
N ARG L 19 -53.96 23.74 57.65
CA ARG L 19 -53.92 22.30 57.86
C ARG L 19 -52.71 21.93 58.70
N ILE L 20 -52.90 20.93 59.56
CA ILE L 20 -51.85 20.45 60.44
C ILE L 20 -51.60 18.99 60.09
N HIS L 21 -50.32 18.60 60.00
CA HIS L 21 -49.95 17.23 59.70
C HIS L 21 -49.00 16.74 60.77
N LEU L 22 -49.42 15.69 61.48
CA LEU L 22 -48.70 15.18 62.63
C LEU L 22 -48.48 13.68 62.54
N CYS L 23 -47.95 13.09 63.60
CA CYS L 23 -47.69 11.67 63.65
C CYS L 23 -47.83 11.22 65.10
N GLN L 24 -47.28 10.06 65.42
CA GLN L 24 -47.51 9.47 66.73
C GLN L 24 -46.28 9.45 67.63
N ARG L 25 -45.19 8.84 67.20
CA ARG L 25 -44.01 8.69 68.05
C ARG L 25 -42.92 9.63 67.57
N SER L 26 -43.00 10.89 68.01
CA SER L 26 -42.00 11.89 67.69
C SER L 26 -42.04 12.95 68.77
N PRO L 27 -40.89 13.50 69.15
CA PRO L 27 -40.90 14.60 70.13
C PRO L 27 -41.50 15.88 69.59
N GLY L 28 -41.30 16.17 68.30
CA GLY L 28 -42.03 17.27 67.69
C GLY L 28 -43.52 17.02 67.66
N SER L 29 -43.91 15.80 67.32
CA SER L 29 -45.33 15.45 67.42
C SER L 29 -45.80 15.44 68.86
N GLN L 30 -44.91 15.16 69.82
CA GLN L 30 -45.28 15.25 71.21
C GLN L 30 -45.55 16.70 71.61
N GLY L 31 -44.75 17.63 71.10
CA GLY L 31 -45.02 19.03 71.33
C GLY L 31 -46.31 19.50 70.70
N VAL L 32 -46.61 19.03 69.50
CA VAL L 32 -47.85 19.51 68.89
C VAL L 32 -49.06 18.76 69.46
N ARG L 33 -48.89 17.55 70.00
CA ARG L 33 -49.97 16.94 70.78
C ARG L 33 -50.22 17.71 72.07
N ASP L 34 -49.16 18.25 72.68
CA ASP L 34 -49.34 19.10 73.86
C ASP L 34 -50.09 20.36 73.48
N PHE L 35 -49.76 20.93 72.32
CA PHE L 35 -50.50 22.07 71.78
C PHE L 35 -51.95 21.74 71.50
N ILE L 36 -52.22 20.55 70.96
CA ILE L 36 -53.58 20.23 70.55
C ILE L 36 -54.42 19.81 71.75
N GLU L 37 -53.79 19.42 72.84
CA GLU L 37 -54.52 19.05 74.05
C GLU L 37 -54.46 20.12 75.11
N LYS L 38 -53.85 21.28 74.83
CA LYS L 38 -53.95 22.42 75.73
C LYS L 38 -54.66 23.61 75.12
N ARG L 39 -54.24 24.10 73.96
CA ARG L 39 -54.64 25.41 73.49
C ARG L 39 -55.23 25.36 72.08
N TYR L 40 -56.18 24.47 71.86
CA TYR L 40 -56.87 24.45 70.57
C TYR L 40 -58.28 25.00 70.61
N VAL L 41 -59.01 24.85 71.74
CA VAL L 41 -60.40 25.25 71.79
C VAL L 41 -60.53 26.77 71.74
N GLU L 42 -59.53 27.50 72.24
CA GLU L 42 -59.41 28.92 71.97
C GLU L 42 -59.29 29.20 70.49
N LEU L 43 -58.47 28.41 69.80
CA LEU L 43 -58.14 28.66 68.41
C LEU L 43 -59.33 28.38 67.52
N LYS L 44 -60.06 27.30 67.80
CA LYS L 44 -61.24 26.99 67.01
C LYS L 44 -62.38 27.95 67.33
N LYS L 45 -62.58 28.24 68.61
CA LYS L 45 -63.68 29.11 69.03
C LYS L 45 -63.48 30.55 68.57
N ALA L 46 -62.21 30.97 68.43
CA ALA L 46 -61.92 32.37 68.13
C ALA L 46 -62.28 32.73 66.71
N ASN L 47 -62.14 31.80 65.76
CA ASN L 47 -62.40 32.07 64.35
C ASN L 47 -63.25 30.95 63.79
N PRO L 48 -64.55 31.15 63.61
CA PRO L 48 -65.41 30.08 63.08
C PRO L 48 -65.26 29.85 61.60
N ASP L 49 -64.70 30.81 60.86
CA ASP L 49 -64.65 30.74 59.41
C ASP L 49 -63.40 30.07 58.88
N LEU L 50 -62.53 29.56 59.77
CA LEU L 50 -61.27 28.91 59.40
C LEU L 50 -61.36 27.44 59.79
N PRO L 51 -61.79 26.57 58.90
CA PRO L 51 -61.76 25.14 59.22
C PRO L 51 -60.35 24.60 59.19
N ILE L 52 -59.62 24.83 60.28
CA ILE L 52 -58.25 24.37 60.41
C ILE L 52 -58.27 22.86 60.67
N LEU L 53 -57.96 22.07 59.64
CA LEU L 53 -58.13 20.64 59.74
C LEU L 53 -56.80 19.97 60.07
N ILE L 54 -56.87 18.93 60.89
CA ILE L 54 -55.72 18.32 61.54
C ILE L 54 -55.71 16.86 61.17
N ARG L 55 -54.55 16.35 60.73
CA ARG L 55 -54.43 14.95 60.34
C ARG L 55 -53.19 14.35 60.98
N GLU L 56 -53.23 13.04 61.19
CA GLU L 56 -52.13 12.26 61.77
C GLU L 56 -52.07 10.93 61.05
N CYS L 57 -50.89 10.49 60.61
CA CYS L 57 -50.93 9.21 59.93
C CYS L 57 -50.17 8.07 60.59
N SER L 58 -48.85 8.03 60.45
CA SER L 58 -48.05 7.11 61.25
C SER L 58 -46.72 7.72 61.64
N ASP L 59 -46.09 8.36 60.65
CA ASP L 59 -44.76 8.93 60.80
C ASP L 59 -44.57 9.90 59.64
N VAL L 60 -44.52 11.19 59.93
CA VAL L 60 -44.36 12.22 58.91
C VAL L 60 -43.85 13.45 59.64
N GLN L 61 -43.25 14.36 58.88
CA GLN L 61 -42.73 15.58 59.47
C GLN L 61 -43.88 16.49 59.88
N PRO L 62 -43.80 17.11 61.06
CA PRO L 62 -44.94 17.87 61.59
C PRO L 62 -45.15 19.18 60.85
N LYS L 63 -45.88 19.11 59.76
CA LYS L 63 -46.01 20.26 58.88
C LYS L 63 -47.22 21.09 59.27
N LEU L 64 -47.11 22.40 59.02
CA LEU L 64 -48.22 23.32 59.18
C LEU L 64 -48.35 24.10 57.89
N TRP L 65 -49.51 24.02 57.26
CA TRP L 65 -49.73 24.55 55.92
C TRP L 65 -50.81 25.61 55.92
N ALA L 66 -50.52 26.71 55.25
CA ALA L 66 -51.46 27.81 55.08
C ALA L 66 -51.81 27.91 53.62
N ARG L 67 -53.10 27.79 53.32
CA ARG L 67 -53.63 27.88 51.96
C ARG L 67 -54.53 29.10 51.90
N TYR L 68 -54.14 30.08 51.07
CA TYR L 68 -54.86 31.34 50.99
C TYR L 68 -54.47 32.10 49.75
N ALA L 69 -55.36 33.01 49.34
CA ALA L 69 -55.14 34.08 48.36
C ALA L 69 -54.77 33.52 46.97
N PHE L 70 -55.78 32.89 46.37
CA PHE L 70 -55.76 32.42 44.97
C PHE L 70 -54.71 31.33 44.74
N GLY L 71 -54.39 30.55 45.77
CA GLY L 71 -53.48 29.44 45.57
C GLY L 71 -52.08 29.65 46.10
N GLN L 72 -51.97 30.29 47.26
CA GLN L 72 -50.69 30.49 47.94
C GLN L 72 -50.65 29.59 49.16
N GLU L 73 -49.73 28.64 49.16
CA GLU L 73 -49.55 27.72 50.28
C GLU L 73 -48.15 27.88 50.82
N LYS L 74 -48.05 28.14 52.11
CA LYS L 74 -46.78 28.31 52.78
C LYS L 74 -46.66 27.32 53.93
N ASN L 75 -45.45 26.83 54.13
CA ASN L 75 -45.14 25.80 55.11
C ASN L 75 -44.39 26.43 56.28
N VAL L 76 -44.67 25.94 57.48
CA VAL L 76 -43.71 26.01 58.57
C VAL L 76 -43.60 24.63 59.19
N SER L 77 -42.37 24.28 59.55
CA SER L 77 -42.14 23.01 60.23
C SER L 77 -42.37 23.19 61.72
N LEU L 78 -42.63 22.07 62.39
CA LEU L 78 -42.83 22.09 63.82
C LEU L 78 -41.95 21.07 64.53
N ASN L 79 -40.87 20.65 63.87
CA ASN L 79 -40.03 19.59 64.39
C ASN L 79 -39.30 20.07 65.63
N ASN L 80 -39.35 19.24 66.69
CA ASN L 80 -38.94 19.43 68.08
C ASN L 80 -39.15 20.85 68.63
N PHE L 81 -40.33 21.41 68.38
CA PHE L 81 -40.66 22.74 68.88
C PHE L 81 -41.52 22.66 70.15
N SER L 82 -41.47 23.73 70.93
CA SER L 82 -42.28 23.85 72.13
C SER L 82 -43.72 24.15 71.76
N ALA L 83 -44.61 23.95 72.74
CA ALA L 83 -46.03 24.26 72.52
C ALA L 83 -46.25 25.76 72.36
N ASP L 84 -45.55 26.56 73.18
CA ASP L 84 -45.58 28.00 73.00
C ASP L 84 -44.94 28.41 71.69
N GLN L 85 -43.96 27.63 71.22
CA GLN L 85 -43.37 27.91 69.92
C GLN L 85 -44.36 27.63 68.80
N VAL L 86 -45.17 26.59 68.96
CA VAL L 86 -46.22 26.29 68.00
C VAL L 86 -47.29 27.39 68.00
N THR L 87 -47.68 27.88 69.17
CA THR L 87 -48.71 28.92 69.24
C THR L 87 -48.18 30.24 68.72
N ARG L 88 -46.91 30.54 68.97
CA ARG L 88 -46.29 31.75 68.45
C ARG L 88 -46.19 31.68 66.93
N ALA L 89 -45.89 30.50 66.38
CA ALA L 89 -45.87 30.36 64.93
C ALA L 89 -47.28 30.44 64.34
N LEU L 90 -48.28 30.00 65.10
CA LEU L 90 -49.66 30.16 64.67
C LEU L 90 -50.04 31.62 64.62
N GLU L 91 -49.59 32.38 65.62
CA GLU L 91 -49.82 33.82 65.62
C GLU L 91 -49.06 34.50 64.49
N ASN L 92 -47.89 33.96 64.16
CA ASN L 92 -47.09 34.48 63.07
C ASN L 92 -47.80 34.29 61.73
N VAL L 93 -48.47 33.16 61.56
CA VAL L 93 -49.27 32.96 60.35
C VAL L 93 -50.52 33.84 60.39
N LEU L 94 -51.32 33.68 61.43
CA LEU L 94 -52.53 34.48 61.61
C LEU L 94 -52.19 35.89 62.10
N LYS M 5 -0.72 -54.31 11.39
CA LYS M 5 -2.02 -54.02 10.80
C LYS M 5 -1.89 -53.40 9.44
N LYS M 6 -3.03 -52.96 8.90
CA LYS M 6 -3.05 -52.27 7.63
C LYS M 6 -4.31 -51.43 7.57
N THR M 7 -4.15 -50.11 7.62
CA THR M 7 -5.18 -49.11 7.31
C THR M 7 -6.41 -49.26 8.22
N THR M 8 -6.20 -48.84 9.47
CA THR M 8 -7.23 -48.87 10.51
C THR M 8 -8.50 -48.12 10.13
N GLY M 9 -9.56 -48.40 10.90
CA GLY M 9 -10.91 -48.00 10.54
C GLY M 9 -11.17 -46.51 10.57
N LEU M 10 -10.36 -45.76 11.31
CA LEU M 10 -10.61 -44.33 11.42
C LEU M 10 -10.01 -43.59 10.23
N VAL M 11 -10.16 -42.27 10.21
CA VAL M 11 -9.82 -41.47 9.03
C VAL M 11 -8.53 -40.68 9.25
N GLY M 12 -8.53 -39.77 10.22
CA GLY M 12 -7.35 -38.98 10.48
C GLY M 12 -6.47 -39.61 11.53
N LEU M 13 -6.20 -40.90 11.36
CA LEU M 13 -5.48 -41.68 12.37
C LEU M 13 -4.64 -42.70 11.60
N ALA M 14 -3.40 -42.31 11.30
CA ALA M 14 -2.51 -43.16 10.52
C ALA M 14 -1.89 -44.20 11.43
N VAL M 15 -1.64 -45.39 10.88
CA VAL M 15 -1.31 -46.57 11.68
C VAL M 15 0.03 -46.41 12.40
N CYS M 16 0.16 -47.14 13.51
CA CYS M 16 1.36 -47.08 14.33
C CYS M 16 2.24 -48.28 14.03
N GLU M 17 3.55 -48.05 14.06
CA GLU M 17 4.52 -49.10 13.84
C GLU M 17 5.15 -49.62 15.13
N THR M 18 5.10 -48.85 16.21
CA THR M 18 5.62 -49.27 17.51
C THR M 18 4.55 -49.01 18.56
N PRO M 19 3.65 -49.96 18.79
CA PRO M 19 2.62 -49.76 19.82
C PRO M 19 3.18 -49.78 21.24
N HIS M 20 3.90 -50.87 21.51
CA HIS M 20 4.22 -51.27 22.88
C HIS M 20 5.14 -50.28 23.56
N GLU M 21 6.36 -50.12 23.03
CA GLU M 21 7.38 -49.36 23.72
C GLU M 21 7.07 -47.87 23.74
N ARG M 22 6.41 -47.37 22.70
CA ARG M 22 5.90 -45.99 22.71
C ARG M 22 4.89 -45.79 23.83
N LEU M 23 3.97 -46.74 23.98
CA LEU M 23 2.99 -46.62 25.05
C LEU M 23 3.62 -46.80 26.44
N LYS M 24 4.69 -47.61 26.52
CA LYS M 24 5.38 -47.82 27.79
C LYS M 24 6.08 -46.55 28.25
N ILE M 25 6.79 -45.88 27.34
CA ILE M 25 7.45 -44.65 27.74
C ILE M 25 6.45 -43.53 27.97
N LEU M 26 5.29 -43.59 27.27
CA LEU M 26 4.17 -42.72 27.60
C LEU M 26 3.72 -42.87 29.04
N TYR M 27 3.51 -44.11 29.48
CA TYR M 27 2.98 -44.29 30.82
C TYR M 27 4.01 -44.01 31.90
N THR M 28 5.29 -44.20 31.60
CA THR M 28 6.31 -43.74 32.54
C THR M 28 6.32 -42.22 32.64
N LYS M 29 6.08 -41.52 31.52
CA LYS M 29 5.98 -40.06 31.61
C LYS M 29 4.75 -39.62 32.39
N ILE M 30 3.65 -40.37 32.27
CA ILE M 30 2.44 -40.07 33.04
C ILE M 30 2.71 -40.20 34.53
N LEU M 31 3.33 -41.32 34.94
CA LEU M 31 3.66 -41.49 36.35
C LEU M 31 4.66 -40.46 36.85
N ASP M 32 5.58 -40.02 35.99
CA ASP M 32 6.56 -39.01 36.38
C ASP M 32 5.90 -37.67 36.68
N VAL M 33 5.12 -37.17 35.72
CA VAL M 33 4.45 -35.89 35.88
C VAL M 33 3.41 -35.95 37.00
N LEU M 34 2.78 -37.12 37.20
CA LEU M 34 1.91 -37.32 38.35
C LEU M 34 2.70 -37.32 39.65
N GLY M 35 3.94 -37.82 39.64
CA GLY M 35 4.80 -37.76 40.80
C GLY M 35 5.15 -36.35 41.21
N HIS M 36 5.12 -35.41 40.26
CA HIS M 36 5.24 -34.01 40.68
C HIS M 36 4.02 -33.49 41.45
N ILE M 37 2.84 -34.07 41.24
CA ILE M 37 1.57 -33.58 41.81
C ILE M 37 1.50 -33.96 43.29
N PRO M 38 0.99 -33.08 44.16
CA PRO M 38 0.94 -33.38 45.60
C PRO M 38 0.11 -34.60 45.97
N LYS M 39 0.23 -34.98 47.24
CA LYS M 39 -0.06 -36.31 47.75
C LYS M 39 -1.49 -36.49 48.23
N ASN M 40 -1.96 -35.60 49.13
CA ASN M 40 -3.22 -35.83 49.80
C ASN M 40 -4.44 -35.63 48.91
N ALA M 41 -4.27 -35.06 47.71
CA ALA M 41 -5.37 -34.94 46.77
C ALA M 41 -5.78 -36.33 46.30
N ALA M 42 -7.09 -36.50 46.09
CA ALA M 42 -7.60 -37.78 45.61
C ALA M 42 -7.15 -38.04 44.18
N TYR M 43 -6.92 -36.96 43.43
CA TYR M 43 -6.61 -37.07 42.01
C TYR M 43 -5.33 -37.84 41.75
N ARG M 44 -4.31 -37.61 42.58
CA ARG M 44 -3.08 -38.38 42.48
C ARG M 44 -3.33 -39.86 42.69
N LYS M 45 -4.15 -40.20 43.69
CA LYS M 45 -4.40 -41.59 44.03
C LYS M 45 -5.17 -42.32 42.93
N TYR M 46 -6.23 -41.69 42.40
CA TYR M 46 -7.02 -42.38 41.38
C TYR M 46 -6.29 -42.46 40.05
N THR M 47 -5.56 -41.40 39.67
CA THR M 47 -4.73 -41.47 38.48
C THR M 47 -3.63 -42.51 38.63
N GLU M 48 -3.03 -42.61 39.82
CA GLU M 48 -2.00 -43.61 40.08
C GLU M 48 -2.55 -45.02 39.93
N GLN M 49 -3.74 -45.26 40.49
CA GLN M 49 -4.33 -46.59 40.42
C GLN M 49 -4.65 -47.00 39.00
N ILE M 50 -5.35 -46.12 38.26
CA ILE M 50 -5.75 -46.51 36.91
C ILE M 50 -4.56 -46.56 35.97
N THR M 51 -3.52 -45.73 36.20
CA THR M 51 -2.40 -45.73 35.28
C THR M 51 -1.48 -46.90 35.53
N ASN M 52 -1.26 -47.26 36.80
CA ASN M 52 -0.46 -48.44 37.08
C ASN M 52 -1.16 -49.72 36.68
N GLU M 53 -2.50 -49.78 36.81
CA GLU M 53 -3.16 -51.01 36.35
C GLU M 53 -3.20 -51.08 34.84
N LYS M 54 -3.32 -49.96 34.14
CA LYS M 54 -3.27 -49.99 32.69
C LYS M 54 -1.87 -50.36 32.19
N LEU M 55 -0.83 -49.85 32.87
CA LEU M 55 0.53 -50.23 32.52
C LEU M 55 0.81 -51.69 32.83
N SER M 56 0.25 -52.23 33.92
CA SER M 56 0.46 -53.63 34.22
C SER M 56 -0.35 -54.53 33.29
N ILE M 57 -1.44 -54.00 32.71
CA ILE M 57 -2.07 -54.68 31.58
C ILE M 57 -1.09 -54.78 30.43
N VAL M 58 -0.39 -53.69 30.14
CA VAL M 58 0.44 -53.70 28.92
C VAL M 58 1.74 -54.48 29.12
N LYS M 59 2.40 -54.31 30.26
CA LYS M 59 3.68 -54.95 30.54
C LYS M 59 3.59 -56.46 30.62
N ALA M 60 2.41 -57.00 30.90
CA ALA M 60 2.23 -58.44 30.97
C ALA M 60 1.89 -59.06 29.62
N GLU M 61 1.72 -58.26 28.56
CA GLU M 61 1.39 -58.85 27.28
C GLU M 61 2.19 -58.26 26.13
N PRO M 62 2.90 -59.08 25.36
CA PRO M 62 3.55 -58.62 24.13
C PRO M 62 2.64 -58.71 22.91
N ASP M 63 1.33 -58.80 23.10
CA ASP M 63 0.44 -59.08 21.99
C ASP M 63 -0.13 -57.80 21.39
N VAL M 64 -1.05 -57.98 20.43
CA VAL M 64 -1.81 -56.88 19.86
C VAL M 64 -3.30 -57.23 19.97
N LYS M 65 -3.65 -58.40 19.44
CA LYS M 65 -5.05 -58.84 19.51
C LYS M 65 -5.47 -59.13 20.93
N LYS M 66 -4.61 -59.80 21.71
CA LYS M 66 -4.93 -60.04 23.11
C LYS M 66 -4.84 -58.73 23.91
N LEU M 67 -4.05 -57.77 23.44
CA LEU M 67 -4.06 -56.45 24.04
C LEU M 67 -5.41 -55.77 23.84
N GLU M 68 -6.00 -55.92 22.65
CA GLU M 68 -7.31 -55.34 22.41
C GLU M 68 -8.41 -56.11 23.14
N GLU M 69 -8.22 -57.41 23.33
CA GLU M 69 -9.17 -58.17 24.12
C GLU M 69 -9.13 -57.77 25.59
N GLN M 70 -7.93 -57.57 26.11
CA GLN M 70 -7.77 -57.28 27.53
C GLN M 70 -7.97 -55.80 27.84
N LEU M 71 -7.48 -54.92 26.99
CA LEU M 71 -7.56 -53.49 27.23
C LEU M 71 -8.46 -52.86 26.18
N GLN M 72 -9.23 -51.86 26.58
CA GLN M 72 -10.19 -51.23 25.69
C GLN M 72 -9.49 -50.19 24.83
N GLY M 73 -10.27 -49.33 24.17
CA GLY M 73 -9.74 -48.32 23.29
C GLY M 73 -9.49 -48.85 21.89
N GLY M 74 -10.54 -49.39 21.27
CA GLY M 74 -10.37 -50.06 19.99
C GLY M 74 -10.16 -49.06 18.86
N GLN M 75 -9.18 -49.32 17.99
CA GLN M 75 -8.36 -50.52 18.09
C GLN M 75 -7.03 -50.35 18.82
N ILE M 76 -6.13 -49.50 18.31
CA ILE M 76 -4.82 -49.44 18.93
C ILE M 76 -4.36 -48.03 19.29
N GLU M 77 -4.39 -47.09 18.34
CA GLU M 77 -3.80 -45.78 18.60
C GLU M 77 -4.73 -44.90 19.43
N GLU M 78 -5.99 -45.28 19.60
CA GLU M 78 -6.89 -44.45 20.38
C GLU M 78 -6.48 -44.40 21.85
N VAL M 79 -5.90 -45.49 22.34
CA VAL M 79 -5.30 -45.49 23.66
C VAL M 79 -4.14 -44.52 23.73
N ILE M 80 -3.35 -44.45 22.65
CA ILE M 80 -2.21 -43.54 22.59
C ILE M 80 -2.67 -42.09 22.58
N LEU M 81 -3.72 -41.79 21.80
CA LEU M 81 -4.21 -40.43 21.66
C LEU M 81 -4.85 -39.95 22.95
N GLN M 82 -5.64 -40.82 23.58
CA GLN M 82 -6.21 -40.49 24.87
C GLN M 82 -5.14 -40.39 25.95
N ALA M 83 -4.05 -41.15 25.81
CA ALA M 83 -2.93 -41.01 26.72
C ALA M 83 -2.25 -39.66 26.57
N GLU M 84 -2.07 -39.20 25.33
CA GLU M 84 -1.50 -37.88 25.13
C GLU M 84 -2.42 -36.79 25.65
N ASN M 85 -3.73 -36.99 25.53
CA ASN M 85 -4.66 -36.00 26.06
C ASN M 85 -4.66 -35.98 27.59
N GLU M 86 -4.50 -37.14 28.22
CA GLU M 86 -4.44 -37.13 29.68
C GLU M 86 -3.12 -36.54 30.16
N LEU M 87 -2.05 -36.73 29.39
CA LEU M 87 -0.82 -36.02 29.65
C LEU M 87 -1.02 -34.51 29.52
N SER M 88 -1.82 -34.09 28.55
CA SER M 88 -2.08 -32.67 28.36
C SER M 88 -2.84 -32.07 29.53
N LEU M 89 -3.88 -32.77 30.02
CA LEU M 89 -4.56 -32.23 31.19
C LEU M 89 -3.70 -32.30 32.45
N ALA M 90 -2.79 -33.27 32.54
CA ALA M 90 -1.89 -33.30 33.68
C ALA M 90 -0.97 -32.09 33.68
N ARG M 91 -0.40 -31.78 32.52
CA ARG M 91 0.43 -30.58 32.37
C ARG M 91 -0.37 -29.31 32.63
N LYS M 92 -1.66 -29.31 32.31
CA LYS M 92 -2.48 -28.18 32.72
C LYS M 92 -2.70 -28.17 34.22
N MET M 93 -2.86 -29.34 34.83
CA MET M 93 -3.25 -29.43 36.23
C MET M 93 -2.08 -29.39 37.20
N ILE M 94 -0.84 -29.23 36.71
CA ILE M 94 0.16 -28.64 37.60
C ILE M 94 -0.28 -27.25 38.03
N GLN M 95 -0.84 -26.49 37.11
CA GLN M 95 -1.49 -25.24 37.44
C GLN M 95 -2.89 -25.54 37.99
N TRP M 96 -3.64 -24.47 38.24
CA TRP M 96 -5.09 -24.44 38.48
C TRP M 96 -5.53 -25.04 39.79
N LYS M 97 -4.61 -25.72 40.51
CA LYS M 97 -4.66 -26.29 41.86
C LYS M 97 -6.05 -26.76 42.30
N PRO M 98 -6.66 -27.74 41.64
CA PRO M 98 -8.09 -28.00 41.87
C PRO M 98 -8.41 -28.64 43.20
N TRP M 99 -7.43 -29.17 43.91
CA TRP M 99 -7.71 -29.83 45.18
C TRP M 99 -7.90 -28.87 46.33
N GLU M 100 -7.59 -27.59 46.14
CA GLU M 100 -7.85 -26.60 47.17
C GLU M 100 -9.36 -26.49 47.39
N PRO M 101 -9.79 -26.15 48.61
CA PRO M 101 -11.23 -26.08 48.91
C PRO M 101 -11.95 -24.97 48.16
N LEU M 102 -13.27 -24.89 48.35
CA LEU M 102 -14.16 -24.27 47.37
C LEU M 102 -13.91 -22.78 47.21
N VAL M 103 -14.11 -22.31 45.98
CA VAL M 103 -14.38 -20.90 45.72
C VAL M 103 -15.83 -20.72 46.13
N GLU M 104 -16.26 -19.47 46.29
CA GLU M 104 -17.32 -19.09 47.21
C GLU M 104 -18.66 -19.74 46.89
N GLU M 105 -19.49 -19.84 47.92
CA GLU M 105 -20.67 -20.66 47.94
C GLU M 105 -21.77 -20.07 47.07
N PRO M 106 -22.74 -20.88 46.63
CA PRO M 106 -23.89 -20.33 45.92
C PRO M 106 -24.80 -19.57 46.88
N PRO M 107 -25.70 -18.73 46.36
CA PRO M 107 -26.60 -17.98 47.25
C PRO M 107 -27.71 -18.78 47.92
N ALA M 108 -27.69 -20.10 47.79
CA ALA M 108 -28.39 -21.10 48.60
C ALA M 108 -29.90 -21.11 48.46
N SER M 109 -30.48 -20.20 47.69
CA SER M 109 -31.88 -20.29 47.32
C SER M 109 -32.00 -20.49 45.82
N GLN M 110 -30.97 -21.08 45.23
CA GLN M 110 -30.84 -21.10 43.78
C GLN M 110 -31.10 -22.45 43.16
N TRP M 111 -30.42 -23.50 43.62
CA TRP M 111 -30.44 -24.74 42.86
C TRP M 111 -31.74 -25.51 42.99
N LYS M 112 -32.51 -25.29 44.04
CA LYS M 112 -33.74 -26.04 44.24
C LYS M 112 -34.79 -25.56 43.26
N TRP M 113 -35.48 -26.52 42.62
CA TRP M 113 -36.19 -26.20 41.38
C TRP M 113 -37.47 -25.38 41.55
N PRO M 114 -38.55 -25.90 42.23
CA PRO M 114 -39.91 -25.65 41.74
C PRO M 114 -40.42 -24.23 41.63
N ILE M 115 -39.59 -23.24 41.98
CA ILE M 115 -39.81 -21.78 41.88
C ILE M 115 -41.22 -21.27 42.17
N THR N 14 -20.58 -9.72 47.37
CA THR N 14 -20.71 -9.01 46.10
C THR N 14 -19.40 -9.06 45.33
N SER N 15 -19.14 -10.15 44.62
CA SER N 15 -17.90 -10.38 43.89
C SER N 15 -18.16 -10.23 42.39
N VAL N 16 -17.66 -9.15 41.81
CA VAL N 16 -17.96 -8.78 40.42
C VAL N 16 -16.66 -8.65 39.65
N LYS N 17 -16.58 -9.34 38.52
CA LYS N 17 -15.44 -9.22 37.62
C LYS N 17 -15.87 -8.48 36.36
N PRO N 18 -15.50 -7.22 36.18
CA PRO N 18 -15.96 -6.46 35.01
C PRO N 18 -15.26 -6.89 33.74
N ILE N 19 -15.78 -6.39 32.63
CA ILE N 19 -15.47 -6.89 31.30
C ILE N 19 -14.06 -6.48 30.88
N PHE N 20 -13.85 -5.19 30.71
CA PHE N 20 -12.62 -4.65 30.15
C PHE N 20 -11.95 -3.63 31.05
N SER N 21 -12.72 -2.76 31.67
CA SER N 21 -12.18 -1.60 32.34
C SER N 21 -11.86 -1.94 33.80
N ARG N 22 -11.43 -0.92 34.53
CA ARG N 22 -11.27 -1.01 35.97
C ARG N 22 -12.01 0.14 36.61
N ASP N 23 -12.04 1.28 35.93
CA ASP N 23 -12.88 2.39 36.32
C ASP N 23 -13.37 3.06 35.04
N MET N 24 -13.94 4.26 35.17
CA MET N 24 -14.52 4.93 34.02
C MET N 24 -13.48 5.60 33.12
N ASN N 25 -12.19 5.53 33.46
CA ASN N 25 -11.16 6.14 32.62
C ASN N 25 -11.00 5.34 31.33
N GLU N 26 -10.92 4.01 31.43
CA GLU N 26 -10.91 3.19 30.23
C GLU N 26 -12.24 3.26 29.50
N ALA N 27 -13.33 3.50 30.23
CA ALA N 27 -14.63 3.67 29.60
C ALA N 27 -14.63 4.90 28.69
N LYS N 28 -14.13 6.02 29.19
CA LYS N 28 -14.03 7.24 28.39
C LYS N 28 -13.07 7.06 27.22
N ARG N 29 -11.98 6.32 27.45
CA ARG N 29 -11.00 6.08 26.38
C ARG N 29 -11.60 5.25 25.25
N ARG N 30 -12.22 4.12 25.59
CA ARG N 30 -12.79 3.27 24.55
C ARG N 30 -13.99 3.92 23.90
N VAL N 31 -14.75 4.75 24.62
CA VAL N 31 -15.89 5.34 23.94
C VAL N 31 -15.45 6.50 23.05
N ARG N 32 -14.33 7.17 23.36
CA ARG N 32 -13.91 8.21 22.43
C ARG N 32 -13.24 7.61 21.20
N GLU N 33 -12.59 6.45 21.36
CA GLU N 33 -12.11 5.72 20.18
C GLU N 33 -13.26 5.25 19.31
N LEU N 34 -14.33 4.72 19.92
CA LEU N 34 -15.47 4.25 19.15
C LEU N 34 -16.19 5.40 18.47
N TYR N 35 -16.25 6.57 19.10
CA TYR N 35 -16.87 7.71 18.42
C TYR N 35 -16.02 8.19 17.26
N ARG N 36 -14.70 8.12 17.39
CA ARG N 36 -13.82 8.46 16.27
C ARG N 36 -14.04 7.50 15.10
N ALA N 37 -14.23 6.22 15.40
CA ALA N 37 -14.50 5.24 14.36
C ALA N 37 -15.83 5.52 13.66
N TRP N 38 -16.89 5.80 14.44
CA TRP N 38 -18.17 6.15 13.84
C TRP N 38 -18.12 7.45 13.06
N TYR N 39 -17.28 8.40 13.47
CA TYR N 39 -17.26 9.66 12.78
C TYR N 39 -16.59 9.51 11.43
N ARG N 40 -15.56 8.68 11.33
CA ARG N 40 -14.94 8.48 10.03
C ARG N 40 -15.53 7.31 9.25
N GLU N 41 -16.56 6.65 9.78
CA GLU N 41 -17.14 5.53 9.04
C GLU N 41 -18.44 5.88 8.34
N VAL N 42 -19.15 6.92 8.79
CA VAL N 42 -20.42 7.37 8.21
C VAL N 42 -20.32 7.87 6.76
N PRO N 43 -19.37 8.74 6.35
CA PRO N 43 -19.36 9.18 4.94
C PRO N 43 -19.07 8.09 3.93
N ASN N 44 -18.33 7.05 4.33
CA ASN N 44 -18.16 5.88 3.48
C ASN N 44 -19.51 5.19 3.24
N THR N 45 -20.33 5.06 4.28
CA THR N 45 -21.62 4.38 4.12
C THR N 45 -22.59 5.21 3.31
N VAL N 46 -22.59 6.53 3.51
CA VAL N 46 -23.49 7.35 2.71
C VAL N 46 -22.98 7.48 1.28
N HIS N 47 -21.73 7.15 1.02
CA HIS N 47 -21.35 6.95 -0.37
C HIS N 47 -21.81 5.59 -0.89
N LEU N 48 -21.69 4.55 -0.08
CA LEU N 48 -21.86 3.19 -0.58
C LEU N 48 -23.33 2.82 -0.75
N PHE N 49 -24.14 3.04 0.27
CA PHE N 49 -25.52 2.57 0.26
C PHE N 49 -26.45 3.45 -0.56
N GLN N 50 -25.95 4.50 -1.21
CA GLN N 50 -26.71 5.40 -2.07
C GLN N 50 -27.89 6.00 -1.32
N LEU N 51 -27.57 6.62 -0.19
CA LEU N 51 -28.58 7.12 0.73
C LEU N 51 -29.18 8.43 0.23
N ASP N 52 -29.96 9.07 1.10
CA ASP N 52 -30.67 10.29 0.75
C ASP N 52 -30.37 11.40 1.75
N ILE N 53 -29.31 11.25 2.53
CA ILE N 53 -29.10 12.03 3.74
C ILE N 53 -27.77 12.74 3.60
N SER N 54 -27.73 14.01 3.99
CA SER N 54 -26.47 14.74 4.02
C SER N 54 -25.57 14.19 5.11
N VAL N 55 -24.28 14.51 4.99
CA VAL N 55 -23.28 13.90 5.86
C VAL N 55 -23.41 14.44 7.29
N LYS N 56 -23.64 15.74 7.43
CA LYS N 56 -23.72 16.34 8.76
C LYS N 56 -25.00 15.96 9.48
N GLN N 57 -26.08 15.69 8.75
CA GLN N 57 -27.29 15.16 9.39
C GLN N 57 -27.05 13.78 9.95
N GLY N 58 -26.33 12.94 9.20
CA GLY N 58 -26.00 11.62 9.70
C GLY N 58 -25.05 11.66 10.89
N ARG N 59 -24.07 12.55 10.84
CA ARG N 59 -23.14 12.71 11.96
C ARG N 59 -23.86 13.25 13.19
N ASP N 60 -24.82 14.14 13.00
CA ASP N 60 -25.59 14.64 14.12
C ASP N 60 -26.47 13.58 14.72
N LYS N 61 -27.01 12.68 13.91
CA LYS N 61 -27.82 11.66 14.55
C LYS N 61 -26.94 10.57 15.16
N VAL N 62 -25.71 10.41 14.69
CA VAL N 62 -24.74 9.54 15.37
C VAL N 62 -24.41 10.08 16.75
N ARG N 63 -24.08 11.37 16.83
CA ARG N 63 -23.80 11.94 18.14
C ARG N 63 -25.07 12.04 18.98
N GLU N 64 -26.25 12.07 18.36
CA GLU N 64 -27.48 11.94 19.13
C GLU N 64 -27.59 10.57 19.76
N MET N 65 -27.25 9.51 19.03
CA MET N 65 -27.29 8.17 19.59
C MET N 65 -26.26 7.97 20.69
N PHE N 66 -25.13 8.67 20.61
CA PHE N 66 -24.21 8.66 21.74
C PHE N 66 -24.79 9.42 22.93
N LYS N 67 -25.43 10.56 22.69
CA LYS N 67 -25.97 11.37 23.78
C LYS N 67 -27.17 10.74 24.45
N LYS N 68 -27.83 9.80 23.79
CA LYS N 68 -29.03 9.19 24.36
C LYS N 68 -28.70 8.37 25.60
N ASN N 69 -27.56 7.70 25.60
CA ASN N 69 -27.18 6.80 26.68
C ASN N 69 -26.26 7.47 27.69
N ALA N 70 -26.39 8.78 27.86
CA ALA N 70 -25.40 9.54 28.61
C ALA N 70 -25.53 9.38 30.12
N HIS N 71 -26.65 8.86 30.62
CA HIS N 71 -26.90 8.80 32.05
C HIS N 71 -26.59 7.44 32.65
N VAL N 72 -25.52 6.81 32.17
CA VAL N 72 -25.09 5.49 32.64
C VAL N 72 -23.80 5.65 33.42
N THR N 73 -23.74 5.05 34.61
CA THR N 73 -22.60 5.23 35.50
C THR N 73 -21.72 4.00 35.64
N ASP N 74 -22.27 2.79 35.51
CA ASP N 74 -21.53 1.58 35.83
C ASP N 74 -20.49 1.28 34.75
N PRO N 75 -19.32 0.76 35.12
CA PRO N 75 -18.30 0.49 34.09
C PRO N 75 -18.64 -0.69 33.20
N ARG N 76 -19.32 -1.70 33.75
CA ARG N 76 -19.70 -2.87 32.99
C ARG N 76 -20.70 -2.52 31.89
N VAL N 77 -21.64 -1.62 32.19
CA VAL N 77 -22.65 -1.28 31.21
C VAL N 77 -22.04 -0.45 30.10
N VAL N 78 -21.10 0.44 30.44
CA VAL N 78 -20.44 1.24 29.40
C VAL N 78 -19.58 0.35 28.51
N ASP N 79 -18.90 -0.64 29.10
CA ASP N 79 -18.12 -1.57 28.31
C ASP N 79 -19.01 -2.42 27.41
N LEU N 80 -20.19 -2.78 27.90
CA LEU N 80 -21.08 -3.61 27.09
C LEU N 80 -21.70 -2.80 25.96
N LEU N 81 -21.96 -1.52 26.19
CA LEU N 81 -22.37 -0.62 25.11
C LEU N 81 -21.28 -0.43 24.08
N VAL N 82 -20.02 -0.36 24.52
CA VAL N 82 -18.89 -0.31 23.59
C VAL N 82 -18.86 -1.57 22.73
N ILE N 83 -19.14 -2.71 23.33
CA ILE N 83 -19.21 -3.97 22.58
C ILE N 83 -20.34 -3.94 21.55
N LYS N 84 -21.52 -3.45 21.95
CA LYS N 84 -22.65 -3.36 21.02
C LYS N 84 -22.36 -2.43 19.85
N GLY N 85 -21.82 -1.26 20.14
CA GLY N 85 -21.49 -0.31 19.09
C GLY N 85 -20.39 -0.80 18.18
N LYS N 86 -19.42 -1.53 18.73
CA LYS N 86 -18.34 -2.08 17.92
C LYS N 86 -18.88 -3.13 16.97
N MET N 87 -19.79 -3.98 17.45
CA MET N 87 -20.39 -5.00 16.60
C MET N 87 -21.20 -4.37 15.46
N GLU N 88 -21.95 -3.32 15.76
CA GLU N 88 -22.74 -2.74 14.67
C GLU N 88 -21.89 -1.89 13.73
N LEU N 89 -20.79 -1.31 14.22
CA LEU N 89 -19.88 -0.61 13.31
C LEU N 89 -19.18 -1.58 12.39
N GLU N 90 -18.81 -2.76 12.89
CA GLU N 90 -18.24 -3.79 12.03
C GLU N 90 -19.24 -4.27 10.99
N GLU N 91 -20.49 -4.48 11.40
CA GLU N 91 -21.49 -4.89 10.41
C GLU N 91 -21.90 -3.78 9.46
N THR N 92 -21.58 -2.52 9.75
CA THR N 92 -21.80 -1.49 8.75
C THR N 92 -20.59 -1.24 7.87
N ILE N 93 -19.37 -1.50 8.34
CA ILE N 93 -18.25 -1.35 7.42
C ILE N 93 -18.17 -2.57 6.51
N ASN N 94 -18.67 -3.72 6.96
CA ASN N 94 -18.97 -4.74 5.98
C ASN N 94 -20.30 -4.39 5.32
N VAL N 95 -20.65 -5.12 4.27
CA VAL N 95 -21.79 -4.73 3.48
C VAL N 95 -22.90 -5.71 3.85
N TRP N 96 -22.84 -6.21 5.08
CA TRP N 96 -23.75 -7.28 5.48
C TRP N 96 -25.13 -6.75 5.80
N LYS N 97 -25.25 -5.46 6.05
CA LYS N 97 -26.52 -4.81 6.32
C LYS N 97 -27.00 -4.14 5.04
N GLN N 98 -28.24 -3.69 5.06
CA GLN N 98 -28.84 -3.13 3.86
C GLN N 98 -29.50 -1.81 4.18
N ARG N 99 -30.03 -1.18 3.12
CA ARG N 99 -30.55 0.19 3.17
C ARG N 99 -31.71 0.32 4.14
N THR N 100 -32.50 -0.74 4.29
CA THR N 100 -33.55 -0.82 5.29
C THR N 100 -33.00 -0.61 6.69
N HIS N 101 -31.85 -1.20 6.99
CA HIS N 101 -31.34 -1.15 8.36
C HIS N 101 -30.79 0.24 8.70
N VAL N 102 -30.12 0.88 7.75
CA VAL N 102 -29.58 2.20 7.99
C VAL N 102 -30.71 3.23 8.08
N MET N 103 -31.74 3.09 7.25
CA MET N 103 -32.91 3.94 7.41
C MET N 103 -33.69 3.60 8.68
N ARG N 104 -33.54 2.37 9.19
CA ARG N 104 -34.19 2.00 10.44
C ARG N 104 -33.53 2.67 11.61
N PHE N 105 -32.23 2.96 11.51
CA PHE N 105 -31.61 3.78 12.55
C PHE N 105 -32.15 5.20 12.59
N PHE N 106 -32.55 5.76 11.45
CA PHE N 106 -33.07 7.12 11.43
C PHE N 106 -34.57 7.08 11.73
N HIS N 107 -35.25 8.21 11.54
CA HIS N 107 -36.71 8.26 11.64
C HIS N 107 -37.22 9.20 10.54
N GLU N 108 -37.49 8.65 9.37
CA GLU N 108 -38.19 9.38 8.32
C GLU N 108 -39.58 8.81 8.06
N THR N 109 -40.09 8.05 9.04
CA THR N 109 -41.47 7.57 9.06
C THR N 109 -42.03 7.87 10.43
N GLU N 110 -42.76 8.98 10.55
CA GLU N 110 -43.43 9.36 11.79
C GLU N 110 -44.46 8.30 12.18
N ALA N 111 -44.68 8.05 13.49
CA ALA N 111 -44.25 8.68 14.77
C ALA N 111 -44.27 10.22 15.00
N PRO N 112 -45.42 10.88 14.86
CA PRO N 112 -45.46 12.34 14.99
C PRO N 112 -45.86 12.88 16.35
N ARG N 113 -46.18 12.02 17.31
CA ARG N 113 -46.91 12.45 18.50
C ARG N 113 -46.01 13.25 19.44
N PRO N 114 -46.33 14.50 19.72
CA PRO N 114 -45.45 15.34 20.54
C PRO N 114 -45.59 15.02 22.03
N LYS N 115 -44.92 15.81 22.87
CA LYS N 115 -45.01 15.63 24.31
C LYS N 115 -45.95 16.63 24.97
N ASP N 116 -46.81 17.27 24.18
CA ASP N 116 -47.76 18.22 24.75
C ASP N 116 -48.86 17.48 25.49
N PHE N 117 -49.28 18.03 26.63
CA PHE N 117 -50.42 17.45 27.34
C PHE N 117 -51.71 17.68 26.57
N LEU N 118 -51.76 18.75 25.78
CA LEU N 118 -52.95 19.03 25.00
C LEU N 118 -53.13 18.00 23.88
N SER N 119 -52.06 17.72 23.15
CA SER N 119 -52.13 16.73 22.08
C SER N 119 -52.31 15.33 22.64
N LYS N 120 -51.76 15.06 23.81
CA LYS N 120 -52.02 13.81 24.51
C LYS N 120 -53.37 13.80 25.20
N PHE N 121 -54.10 14.90 25.18
CA PHE N 121 -55.49 14.89 25.61
C PHE N 121 -56.44 14.65 24.45
N TYR N 122 -56.16 15.24 23.28
CA TYR N 122 -57.05 15.00 22.14
C TYR N 122 -56.87 13.60 21.59
N VAL N 123 -55.64 13.20 21.31
CA VAL N 123 -55.34 11.81 21.06
C VAL N 123 -55.49 11.06 22.38
N GLY N 124 -56.24 9.96 22.36
CA GLY N 124 -56.69 9.37 23.60
C GLY N 124 -55.63 8.63 24.37
N HIS N 125 -55.66 8.85 25.69
CA HIS N 125 -55.10 7.95 26.70
C HIS N 125 -53.57 7.84 26.63
N ASP N 126 -52.88 8.97 26.60
CA ASP N 126 -51.42 9.00 26.68
C ASP N 126 -50.99 9.81 27.89
N PRO N 127 -50.92 9.19 29.08
CA PRO N 127 -50.47 9.89 30.28
C PRO N 127 -48.97 10.21 30.26
N ALA O 1 -47.70 -50.22 -20.04
CA ALA O 1 -47.68 -51.50 -20.73
C ALA O 1 -49.01 -51.73 -21.44
N SER O 2 -49.55 -52.95 -21.28
CA SER O 2 -50.73 -53.47 -21.99
C SER O 2 -50.56 -53.30 -23.50
N ALA O 3 -49.36 -53.60 -23.99
CA ALA O 3 -48.96 -53.23 -25.33
C ALA O 3 -48.20 -54.39 -25.95
N THR O 4 -47.53 -54.12 -27.07
CA THR O 4 -47.04 -55.17 -27.94
C THR O 4 -45.74 -55.77 -27.39
N ARG O 5 -45.11 -56.64 -28.18
CA ARG O 5 -43.98 -57.43 -27.73
C ARG O 5 -42.63 -56.80 -28.04
N LEU O 6 -42.55 -56.03 -29.13
CA LEU O 6 -41.27 -55.46 -29.54
C LEU O 6 -40.83 -54.36 -28.57
N ILE O 7 -41.76 -53.51 -28.15
CA ILE O 7 -41.40 -52.42 -27.25
C ILE O 7 -41.15 -52.95 -25.84
N GLN O 8 -41.85 -54.02 -25.45
CA GLN O 8 -41.60 -54.66 -24.17
C GLN O 8 -40.25 -55.36 -24.18
N GLY O 9 -39.85 -55.90 -25.34
CA GLY O 9 -38.53 -56.48 -25.48
C GLY O 9 -37.43 -55.44 -25.40
N LEU O 10 -37.66 -54.25 -25.99
CA LEU O 10 -36.67 -53.17 -25.85
C LEU O 10 -36.62 -52.63 -24.43
N ARG O 11 -37.75 -52.67 -23.71
CA ARG O 11 -37.72 -52.29 -22.29
C ARG O 11 -36.95 -53.28 -21.45
N ASN O 12 -37.12 -54.58 -21.70
CA ASN O 12 -36.34 -55.56 -20.95
C ASN O 12 -34.87 -55.56 -21.36
N TRP O 13 -34.58 -55.20 -22.61
CA TRP O 13 -33.20 -55.16 -23.08
C TRP O 13 -32.45 -53.94 -22.56
N ALA O 14 -33.14 -52.83 -22.38
CA ALA O 14 -32.48 -51.64 -21.86
C ALA O 14 -32.22 -51.72 -20.36
N SER O 15 -32.94 -52.60 -19.65
CA SER O 15 -32.64 -52.91 -18.26
C SER O 15 -33.25 -54.27 -17.95
N GLY O 16 -32.41 -55.27 -17.69
CA GLY O 16 -32.89 -56.61 -17.43
C GLY O 16 -33.36 -56.82 -16.01
N ARG O 17 -34.42 -56.14 -15.60
CA ARG O 17 -34.99 -56.29 -14.26
C ARG O 17 -36.46 -56.69 -14.29
N ASP O 18 -36.92 -57.31 -15.39
CA ASP O 18 -38.26 -57.88 -15.53
C ASP O 18 -39.35 -56.83 -15.33
N LEU O 19 -39.37 -55.88 -16.27
CA LEU O 19 -40.11 -54.63 -16.12
C LEU O 19 -41.61 -54.82 -16.09
N GLN O 20 -42.12 -55.90 -16.70
CA GLN O 20 -43.56 -56.11 -16.70
C GLN O 20 -44.07 -56.54 -15.33
N ALA O 21 -43.21 -57.14 -14.50
CA ALA O 21 -43.63 -57.64 -13.20
C ALA O 21 -43.91 -56.49 -12.23
N LYS O 22 -42.91 -55.65 -11.98
CA LYS O 22 -43.01 -54.56 -10.99
C LYS O 22 -42.86 -53.24 -11.73
N LEU O 23 -43.97 -52.63 -12.12
CA LEU O 23 -43.93 -51.55 -13.10
C LEU O 23 -44.42 -50.20 -12.62
N GLN O 24 -44.89 -50.10 -11.37
CA GLN O 24 -45.36 -48.85 -10.73
C GLN O 24 -46.53 -48.23 -11.49
N LEU O 25 -47.45 -49.08 -11.92
CA LEU O 25 -48.78 -48.65 -12.34
C LEU O 25 -49.68 -49.73 -11.77
N ARG O 26 -50.20 -49.52 -10.58
CA ARG O 26 -50.90 -50.59 -9.87
C ARG O 26 -52.37 -50.66 -10.27
N TYR O 27 -52.85 -51.88 -10.43
CA TYR O 27 -54.21 -52.14 -10.86
C TYR O 27 -55.00 -53.05 -9.93
N GLN O 28 -54.34 -53.66 -8.95
CA GLN O 28 -54.91 -54.79 -8.22
C GLN O 28 -55.06 -54.55 -6.73
N GLU O 29 -54.04 -53.97 -6.07
CA GLU O 29 -54.12 -53.70 -4.64
C GLU O 29 -54.62 -52.28 -4.38
N ILE O 30 -55.50 -51.79 -5.25
CA ILE O 30 -56.42 -50.75 -4.83
C ILE O 30 -57.29 -51.35 -3.75
N SER O 31 -57.16 -50.83 -2.52
CA SER O 31 -57.72 -51.47 -1.34
C SER O 31 -59.24 -51.43 -1.39
N LYS O 32 -59.86 -52.56 -1.11
CA LYS O 32 -61.31 -52.68 -1.24
C LYS O 32 -61.98 -51.98 -0.07
N ARG O 33 -62.51 -50.79 -0.35
CA ARG O 33 -63.00 -49.89 0.68
C ARG O 33 -64.41 -50.29 1.10
N THR O 34 -65.04 -49.45 1.92
CA THR O 34 -66.22 -49.78 2.73
C THR O 34 -66.00 -51.10 3.48
N GLN O 35 -64.94 -51.10 4.28
CA GLN O 35 -64.57 -52.23 5.10
C GLN O 35 -65.63 -52.50 6.18
N PRO O 36 -65.68 -53.73 6.69
CA PRO O 36 -66.56 -54.01 7.82
C PRO O 36 -66.18 -53.19 9.02
N PRO O 37 -67.14 -52.82 9.86
CA PRO O 37 -66.88 -51.86 10.94
C PRO O 37 -65.97 -52.45 12.01
N PRO O 38 -64.78 -51.90 12.17
CA PRO O 38 -63.78 -52.55 13.03
C PRO O 38 -64.05 -52.31 14.50
N LYS O 39 -63.90 -53.35 15.30
CA LYS O 39 -63.98 -53.24 16.74
C LYS O 39 -62.58 -53.04 17.30
N LEU O 40 -62.38 -51.95 18.01
CA LEU O 40 -61.09 -51.64 18.58
C LEU O 40 -61.00 -52.24 19.97
N PRO O 41 -60.13 -53.21 20.21
CA PRO O 41 -60.07 -53.84 21.53
C PRO O 41 -59.33 -52.96 22.52
N VAL O 42 -59.56 -53.23 23.80
CA VAL O 42 -58.86 -52.54 24.88
C VAL O 42 -58.25 -53.60 25.79
N GLY O 43 -56.98 -53.42 26.13
CA GLY O 43 -56.26 -54.35 26.95
C GLY O 43 -56.37 -54.05 28.43
N PRO O 44 -55.21 -53.85 29.10
CA PRO O 44 -55.16 -53.83 30.57
C PRO O 44 -55.69 -52.53 31.22
N SER O 45 -56.83 -52.07 30.76
CA SER O 45 -57.61 -51.08 31.47
C SER O 45 -59.07 -51.48 31.32
N HIS O 46 -59.93 -50.76 32.04
CA HIS O 46 -61.39 -50.90 32.13
C HIS O 46 -61.85 -52.25 32.68
N ARG O 47 -60.92 -53.14 33.03
CA ARG O 47 -61.28 -54.34 33.75
C ARG O 47 -61.70 -53.96 35.16
N LEU O 48 -62.89 -54.40 35.55
CA LEU O 48 -63.48 -54.04 36.82
C LEU O 48 -62.77 -54.80 37.95
N SER O 49 -63.20 -54.50 39.18
CA SER O 49 -62.99 -55.30 40.39
C SER O 49 -61.57 -55.30 40.94
N ASN O 50 -60.61 -54.75 40.21
CA ASN O 50 -59.27 -54.64 40.75
C ASN O 50 -58.58 -53.34 40.41
N ASN O 51 -59.09 -52.55 39.46
CA ASN O 51 -58.37 -51.38 38.94
C ASN O 51 -58.45 -50.21 39.93
N TYR O 52 -57.78 -50.39 41.05
CA TYR O 52 -57.44 -49.25 41.89
C TYR O 52 -56.45 -48.39 41.14
N TYR O 53 -56.78 -47.11 40.95
CA TYR O 53 -55.87 -46.24 40.24
C TYR O 53 -54.61 -45.95 41.05
N CYS O 54 -54.67 -46.08 42.37
CA CYS O 54 -53.50 -45.85 43.21
C CYS O 54 -52.40 -46.87 42.95
N ALA O 55 -52.76 -48.06 42.45
CA ALA O 55 -51.75 -49.07 42.13
C ALA O 55 -50.91 -48.64 40.93
N ARG O 56 -51.55 -48.37 39.80
CA ARG O 56 -50.82 -47.96 38.61
C ARG O 56 -50.69 -46.44 38.52
N ASP O 57 -50.36 -45.81 39.64
CA ASP O 57 -50.40 -44.35 39.72
C ASP O 57 -49.03 -43.81 39.32
N GLY O 58 -48.77 -43.90 38.02
CA GLY O 58 -47.44 -43.67 37.48
C GLY O 58 -46.99 -42.22 37.49
N ARG O 59 -47.93 -41.28 37.42
CA ARG O 59 -47.57 -39.87 37.48
C ARG O 59 -46.99 -39.52 38.84
N ARG O 60 -47.58 -40.05 39.92
CA ARG O 60 -47.19 -39.68 41.26
C ARG O 60 -45.88 -40.32 41.70
N GLU O 61 -45.34 -41.25 40.92
CA GLU O 61 -44.15 -41.98 41.33
C GLU O 61 -42.85 -41.22 41.04
N ALA O 62 -42.93 -40.07 40.41
CA ALA O 62 -41.74 -39.30 40.05
C ALA O 62 -41.15 -38.68 41.30
N MET O 63 -40.09 -39.27 41.81
CA MET O 63 -39.41 -38.75 42.98
C MET O 63 -38.60 -37.51 42.61
N PRO O 64 -38.39 -36.59 43.55
CA PRO O 64 -37.42 -35.53 43.33
C PRO O 64 -36.02 -36.10 43.26
N PRO O 65 -35.12 -35.50 42.49
CA PRO O 65 -33.85 -36.14 42.19
C PRO O 65 -32.94 -36.19 43.42
N SER O 66 -32.35 -37.36 43.63
CA SER O 66 -31.55 -37.60 44.82
C SER O 66 -30.25 -36.81 44.74
N ILE O 67 -29.90 -36.17 45.85
CA ILE O 67 -28.78 -35.25 45.94
C ILE O 67 -27.58 -35.96 46.55
N VAL O 68 -26.42 -35.80 45.91
CA VAL O 68 -25.12 -36.16 46.45
C VAL O 68 -24.38 -34.82 46.38
N MET O 69 -23.12 -34.79 46.81
CA MET O 69 -22.40 -33.68 47.44
C MET O 69 -22.58 -32.26 46.89
N SER O 70 -22.32 -31.29 47.76
CA SER O 70 -23.01 -30.02 47.86
C SER O 70 -22.00 -28.87 47.82
N SER O 71 -22.42 -27.75 48.39
CA SER O 71 -21.57 -26.88 49.16
C SER O 71 -22.13 -26.60 50.54
N GLN O 72 -23.37 -27.04 50.81
CA GLN O 72 -24.09 -26.72 52.03
C GLN O 72 -24.03 -27.88 53.02
N SER O 89 -6.75 -44.47 51.07
CA SER O 89 -6.89 -45.51 50.07
C SER O 89 -8.29 -46.12 50.06
N GLU O 90 -9.09 -45.72 49.08
CA GLU O 90 -10.37 -46.35 48.79
C GLU O 90 -10.32 -46.82 47.36
N LYS O 91 -10.30 -48.13 47.17
CA LYS O 91 -10.13 -48.73 45.85
C LYS O 91 -11.39 -48.49 45.04
N LYS O 92 -11.33 -47.50 44.17
CA LYS O 92 -12.49 -46.88 43.54
C LYS O 92 -12.11 -46.41 42.15
N ALA O 93 -12.78 -45.36 41.67
CA ALA O 93 -12.73 -44.85 40.29
C ALA O 93 -13.30 -45.87 39.32
N VAL O 94 -14.59 -46.12 39.49
CA VAL O 94 -15.36 -46.85 38.48
C VAL O 94 -15.75 -45.86 37.39
N SER O 95 -16.21 -46.38 36.27
CA SER O 95 -16.71 -45.58 35.16
C SER O 95 -18.20 -45.36 35.35
N PRO O 96 -18.82 -44.46 34.56
CA PRO O 96 -20.29 -44.40 34.57
C PRO O 96 -20.97 -45.65 34.05
N ALA O 97 -20.29 -46.48 33.27
CA ALA O 97 -20.88 -47.67 32.68
C ALA O 97 -19.76 -48.63 32.32
N PRO O 98 -20.08 -49.91 32.03
CA PRO O 98 -19.06 -50.78 31.45
C PRO O 98 -18.67 -50.30 30.07
N PRO O 99 -17.45 -50.62 29.62
CA PRO O 99 -17.07 -50.28 28.25
C PRO O 99 -17.87 -51.10 27.25
N ILE O 100 -18.37 -50.43 26.23
CA ILE O 100 -19.28 -51.07 25.28
C ILE O 100 -18.48 -51.99 24.37
N LYS O 101 -19.02 -53.19 24.15
CA LYS O 101 -18.35 -54.22 23.36
C LYS O 101 -18.18 -53.77 21.91
N ARG O 102 -17.01 -54.06 21.35
CA ARG O 102 -16.80 -53.89 19.92
C ARG O 102 -17.75 -54.82 19.16
N TRP O 103 -18.24 -54.34 18.02
CA TRP O 103 -19.31 -55.01 17.29
C TRP O 103 -18.72 -56.13 16.43
N GLU O 104 -19.50 -56.64 15.48
CA GLU O 104 -19.03 -57.68 14.60
C GLU O 104 -19.54 -57.39 13.19
N LEU O 105 -18.80 -57.84 12.18
CA LEU O 105 -19.32 -57.90 10.83
C LEU O 105 -20.54 -58.79 10.79
N SER O 106 -21.64 -58.27 10.26
CA SER O 106 -22.86 -59.05 10.17
C SER O 106 -22.73 -60.11 9.09
N GLN O 107 -23.60 -61.12 9.19
CA GLN O 107 -23.57 -62.21 8.23
C GLN O 107 -24.25 -61.82 6.92
N ASP O 108 -25.19 -60.88 6.98
CA ASP O 108 -26.02 -60.51 5.82
C ASP O 108 -25.20 -59.68 4.84
N GLU O 109 -24.35 -60.37 4.08
CA GLU O 109 -23.50 -59.90 2.98
C GLU O 109 -22.64 -58.71 3.41
N PRO O 110 -21.60 -58.93 4.22
CA PRO O 110 -20.80 -57.80 4.69
C PRO O 110 -19.77 -57.37 3.66
N TYR O 111 -18.87 -56.50 4.07
CA TYR O 111 -17.72 -56.14 3.25
C TYR O 111 -16.51 -56.08 4.17
N LEU O 112 -15.44 -56.80 3.84
CA LEU O 112 -15.39 -57.67 2.67
C LEU O 112 -15.72 -59.10 3.08
N GLU P 2 -47.77 -56.63 -34.83
CA GLU P 2 -48.94 -56.26 -34.05
C GLU P 2 -48.92 -54.77 -33.73
N LEU P 3 -48.03 -54.04 -34.41
CA LEU P 3 -48.03 -52.59 -34.27
C LEU P 3 -49.19 -51.97 -35.04
N LEU P 4 -49.62 -52.62 -36.12
CA LEU P 4 -50.81 -52.17 -36.85
C LEU P 4 -52.11 -52.59 -36.15
N GLN P 5 -52.03 -53.53 -35.22
CA GLN P 5 -53.21 -53.93 -34.46
C GLN P 5 -53.55 -52.89 -33.40
N VAL P 6 -52.54 -52.21 -32.86
CA VAL P 6 -52.78 -51.16 -31.88
C VAL P 6 -53.41 -49.94 -32.55
N LEU P 7 -52.96 -49.61 -33.76
CA LEU P 7 -53.57 -48.53 -34.51
C LEU P 7 -54.98 -48.88 -34.94
N LYS P 8 -55.29 -50.16 -35.09
CA LYS P 8 -56.67 -50.58 -35.31
C LYS P 8 -57.45 -50.57 -34.00
N ARG P 9 -56.83 -50.98 -32.91
CA ARG P 9 -57.49 -50.93 -31.61
C ARG P 9 -57.62 -49.50 -31.12
N GLY P 10 -56.63 -48.66 -31.42
CA GLY P 10 -56.70 -47.27 -31.01
C GLY P 10 -57.70 -46.44 -31.81
N LEU P 11 -58.01 -46.86 -33.03
CA LEU P 11 -59.01 -46.15 -33.82
C LEU P 11 -60.42 -46.43 -33.34
N GLN P 12 -60.63 -47.52 -32.62
CA GLN P 12 -61.98 -47.87 -32.19
C GLN P 12 -62.47 -46.98 -31.06
N GLN P 13 -61.59 -46.61 -30.11
CA GLN P 13 -62.07 -45.73 -29.04
C GLN P 13 -62.19 -44.28 -29.51
N VAL P 14 -61.68 -43.96 -30.69
CA VAL P 14 -62.01 -42.67 -31.30
C VAL P 14 -63.49 -42.66 -31.67
N SER P 15 -63.96 -43.74 -32.29
CA SER P 15 -65.37 -43.88 -32.64
C SER P 15 -66.22 -44.34 -31.46
N GLY P 16 -65.60 -44.84 -30.38
CA GLY P 16 -66.35 -45.21 -29.20
C GLY P 16 -66.90 -44.03 -28.42
N HIS P 17 -66.32 -42.84 -28.60
CA HIS P 17 -66.91 -41.65 -28.02
C HIS P 17 -68.20 -41.26 -28.74
N GLY P 18 -68.29 -41.55 -30.02
CA GLY P 18 -69.49 -41.24 -30.78
C GLY P 18 -69.23 -40.82 -32.22
N GLY P 19 -68.01 -40.40 -32.53
CA GLY P 19 -67.72 -39.97 -33.88
C GLY P 19 -66.46 -39.16 -34.10
N LEU P 20 -66.63 -38.01 -34.75
CA LEU P 20 -65.56 -37.06 -35.02
C LEU P 20 -65.79 -35.71 -34.36
N ARG P 21 -66.96 -35.10 -34.60
CA ARG P 21 -67.21 -33.75 -34.11
C ARG P 21 -67.37 -33.73 -32.60
N GLY P 22 -68.00 -34.77 -32.04
CA GLY P 22 -67.96 -34.95 -30.61
C GLY P 22 -66.60 -35.40 -30.12
N TYR P 23 -65.87 -36.17 -30.94
CA TYR P 23 -64.52 -36.56 -30.59
C TYR P 23 -63.59 -35.37 -30.55
N LEU P 24 -63.72 -34.46 -31.52
CA LEU P 24 -62.87 -33.27 -31.55
C LEU P 24 -63.18 -32.35 -30.39
N ARG P 25 -64.42 -32.41 -29.89
CA ARG P 25 -64.84 -31.58 -28.77
C ARG P 25 -64.06 -31.93 -27.51
N VAL P 26 -64.11 -33.19 -27.09
CA VAL P 26 -63.43 -33.58 -25.87
C VAL P 26 -61.92 -33.64 -26.07
N LEU P 27 -61.45 -33.78 -27.32
CA LEU P 27 -60.02 -33.78 -27.56
C LEU P 27 -59.43 -32.39 -27.39
N PHE P 28 -60.03 -31.41 -28.05
CA PHE P 28 -59.62 -30.02 -27.86
C PHE P 28 -60.10 -29.43 -26.56
N ARG P 29 -60.90 -30.16 -25.76
CA ARG P 29 -61.24 -29.63 -24.45
C ARG P 29 -60.03 -29.73 -23.54
N ALA P 30 -59.61 -30.95 -23.16
CA ALA P 30 -58.20 -31.09 -22.85
C ALA P 30 -57.52 -32.25 -23.57
N ASN P 31 -57.86 -33.48 -23.19
CA ASN P 31 -57.10 -34.62 -23.68
C ASN P 31 -57.90 -35.86 -24.08
N ASP P 32 -58.93 -36.19 -23.29
CA ASP P 32 -59.27 -37.58 -23.00
C ASP P 32 -59.93 -38.29 -24.18
N VAL P 33 -59.45 -39.50 -24.46
CA VAL P 33 -59.98 -40.33 -25.53
C VAL P 33 -60.33 -41.70 -24.95
N ARG P 34 -60.39 -41.78 -23.62
CA ARG P 34 -60.49 -43.06 -22.92
C ARG P 34 -61.93 -43.49 -22.67
N VAL P 35 -62.84 -43.14 -23.59
CA VAL P 35 -64.28 -43.31 -23.40
C VAL P 35 -64.63 -44.80 -23.40
N GLY P 36 -65.81 -45.13 -22.86
CA GLY P 36 -66.31 -46.48 -23.02
C GLY P 36 -67.12 -47.15 -21.94
N THR P 37 -67.40 -46.51 -20.81
CA THR P 37 -68.09 -47.24 -19.75
C THR P 37 -69.41 -46.63 -19.28
N LEU P 38 -69.50 -45.31 -19.12
CA LEU P 38 -70.72 -44.57 -18.72
C LEU P 38 -71.27 -45.07 -17.39
N VAL P 39 -70.50 -44.79 -16.32
CA VAL P 39 -70.95 -45.13 -14.97
C VAL P 39 -72.12 -44.25 -14.56
N GLY P 40 -71.95 -42.94 -14.65
CA GLY P 40 -73.02 -42.11 -14.11
C GLY P 40 -73.25 -40.76 -14.77
N GLU P 41 -74.51 -40.46 -15.08
CA GLU P 41 -74.89 -39.11 -15.47
C GLU P 41 -75.58 -38.43 -14.32
N ASP P 42 -75.48 -37.10 -14.27
CA ASP P 42 -76.12 -36.39 -13.17
C ASP P 42 -76.53 -35.00 -13.63
N LYS P 43 -77.51 -34.45 -12.89
CA LYS P 43 -78.07 -33.12 -13.06
C LYS P 43 -76.97 -32.07 -13.16
N TYR P 44 -77.27 -31.03 -13.97
CA TYR P 44 -76.34 -30.16 -14.70
C TYR P 44 -75.60 -30.93 -15.78
N GLY P 45 -76.15 -32.07 -16.20
CA GLY P 45 -75.76 -32.75 -17.42
C GLY P 45 -74.46 -33.53 -17.36
N ASN P 46 -73.70 -33.45 -16.28
CA ASN P 46 -72.33 -33.93 -16.32
C ASN P 46 -72.24 -35.44 -16.21
N LYS P 47 -71.23 -36.01 -16.86
CA LYS P 47 -71.10 -37.46 -16.93
C LYS P 47 -69.81 -37.92 -16.25
N TYR P 48 -69.79 -39.22 -15.91
CA TYR P 48 -68.76 -39.82 -15.08
C TYR P 48 -68.43 -41.20 -15.63
N TYR P 49 -67.15 -41.44 -15.87
CA TYR P 49 -66.68 -42.69 -16.45
C TYR P 49 -65.67 -43.32 -15.50
N GLU P 50 -65.79 -44.63 -15.27
CA GLU P 50 -64.77 -45.40 -14.55
C GLU P 50 -64.39 -46.65 -15.32
N ASP P 51 -63.12 -46.75 -15.70
CA ASP P 51 -62.56 -47.92 -16.34
C ASP P 51 -61.82 -48.77 -15.30
N ASN P 52 -61.67 -50.06 -15.61
CA ASN P 52 -60.86 -50.95 -14.81
C ASN P 52 -59.56 -51.36 -15.51
N LYS P 53 -59.35 -50.93 -16.76
CA LYS P 53 -58.08 -51.18 -17.41
C LYS P 53 -57.03 -50.12 -17.09
N GLN P 54 -57.45 -48.96 -16.58
CA GLN P 54 -56.53 -47.92 -16.18
C GLN P 54 -56.27 -48.01 -14.67
N PHE P 55 -55.22 -47.32 -14.24
CA PHE P 55 -54.66 -47.47 -12.91
C PHE P 55 -55.25 -46.47 -11.93
N PHE P 56 -54.66 -46.41 -10.75
CA PHE P 56 -55.25 -45.71 -9.61
C PHE P 56 -54.92 -44.22 -9.72
N GLY P 57 -55.93 -43.43 -10.06
CA GLY P 57 -55.74 -42.05 -10.39
C GLY P 57 -56.41 -41.73 -11.72
N ARG P 58 -56.32 -42.66 -12.67
CA ARG P 58 -57.06 -42.56 -13.91
C ARG P 58 -58.24 -43.52 -13.96
N HIS P 59 -58.73 -43.94 -12.79
CA HIS P 59 -59.98 -44.69 -12.73
C HIS P 59 -61.14 -43.89 -13.26
N ARG P 60 -61.45 -42.82 -12.55
CA ARG P 60 -62.72 -42.14 -12.65
C ARG P 60 -62.49 -40.73 -13.14
N TRP P 61 -63.31 -40.29 -14.10
CA TRP P 61 -63.18 -38.92 -14.55
C TRP P 61 -64.53 -38.36 -14.93
N VAL P 62 -64.59 -37.03 -14.94
CA VAL P 62 -65.81 -36.26 -15.09
C VAL P 62 -65.73 -35.44 -16.38
N ILE P 63 -66.81 -35.43 -17.15
CA ILE P 63 -66.92 -34.58 -18.31
C ILE P 63 -68.08 -33.63 -18.10
N TYR P 64 -67.79 -32.33 -18.13
CA TYR P 64 -68.72 -31.27 -17.82
C TYR P 64 -69.47 -30.83 -19.07
N THR P 65 -70.68 -30.35 -18.87
CA THR P 65 -71.45 -29.85 -19.99
C THR P 65 -71.36 -28.34 -20.10
N THR P 66 -71.89 -27.81 -21.20
CA THR P 66 -71.84 -26.39 -21.50
C THR P 66 -73.01 -25.69 -20.83
N GLU P 67 -72.73 -24.54 -20.23
CA GLU P 67 -73.70 -23.67 -19.54
C GLU P 67 -74.49 -24.44 -18.48
N MET P 68 -73.77 -25.01 -17.53
CA MET P 68 -74.46 -25.70 -16.46
C MET P 68 -75.09 -24.72 -15.48
N ASN P 69 -74.48 -23.55 -15.29
CA ASN P 69 -75.10 -22.47 -14.53
C ASN P 69 -75.20 -21.22 -15.38
N GLY P 70 -75.23 -21.37 -16.71
CA GLY P 70 -75.39 -20.24 -17.61
C GLY P 70 -74.12 -19.44 -17.82
N LYS P 71 -72.96 -20.06 -17.65
CA LYS P 71 -71.71 -19.32 -17.51
C LYS P 71 -70.74 -19.58 -18.64
N ASN P 72 -71.23 -20.15 -19.76
CA ASN P 72 -70.44 -20.48 -20.96
C ASN P 72 -69.25 -21.36 -20.60
N THR P 73 -69.52 -22.45 -19.88
CA THR P 73 -68.47 -23.33 -19.41
C THR P 73 -68.15 -24.45 -20.40
N PHE P 74 -68.34 -24.21 -21.69
CA PHE P 74 -67.70 -25.04 -22.71
C PHE P 74 -66.20 -25.03 -22.53
N TRP P 75 -65.63 -23.85 -22.38
CA TRP P 75 -64.22 -23.70 -22.04
C TRP P 75 -64.07 -23.76 -20.52
N ASP P 76 -62.88 -23.37 -20.05
CA ASP P 76 -62.49 -22.98 -18.68
C ASP P 76 -63.18 -23.72 -17.53
N VAL P 77 -63.12 -25.05 -17.57
CA VAL P 77 -63.79 -25.86 -16.56
C VAL P 77 -63.11 -25.69 -15.21
N ASP P 78 -63.90 -25.50 -14.17
CA ASP P 78 -63.39 -25.30 -12.83
C ASP P 78 -63.36 -26.58 -12.03
N GLY P 79 -62.66 -26.53 -10.92
CA GLY P 79 -62.92 -27.45 -9.86
C GLY P 79 -64.17 -27.04 -9.11
N SER P 80 -64.72 -28.02 -8.37
CA SER P 80 -66.02 -27.91 -7.71
C SER P 80 -67.12 -27.51 -8.69
N MET P 81 -67.06 -28.05 -9.89
CA MET P 81 -68.24 -28.21 -10.73
C MET P 81 -68.79 -29.63 -10.63
N VAL P 82 -68.63 -30.25 -9.46
CA VAL P 82 -69.17 -31.57 -9.20
C VAL P 82 -70.19 -31.50 -8.07
N PRO P 83 -71.25 -32.28 -8.11
CA PRO P 83 -72.10 -32.43 -6.95
C PRO P 83 -71.42 -33.30 -5.90
N PRO P 84 -71.76 -33.14 -4.63
CA PRO P 84 -70.91 -33.71 -3.57
C PRO P 84 -70.94 -35.24 -3.46
N GLU P 85 -72.01 -35.91 -3.88
CA GLU P 85 -71.98 -37.36 -3.85
C GLU P 85 -70.99 -37.92 -4.86
N TRP P 86 -70.92 -37.30 -6.04
CA TRP P 86 -69.90 -37.71 -6.97
C TRP P 86 -68.53 -37.19 -6.55
N HIS P 87 -68.48 -36.18 -5.68
CA HIS P 87 -67.21 -35.78 -5.10
C HIS P 87 -66.70 -36.81 -4.10
N ARG P 88 -67.60 -37.53 -3.44
CA ARG P 88 -67.15 -38.68 -2.66
C ARG P 88 -66.70 -39.82 -3.56
N TRP P 89 -67.40 -40.00 -4.68
CA TRP P 89 -67.06 -41.11 -5.57
C TRP P 89 -65.75 -40.88 -6.31
N LEU P 90 -65.43 -39.63 -6.62
CA LEU P 90 -64.39 -39.31 -7.59
C LEU P 90 -63.00 -39.22 -6.97
N HIS P 91 -62.90 -38.94 -5.68
CA HIS P 91 -61.63 -38.96 -4.98
C HIS P 91 -61.22 -40.35 -4.53
N CYS P 92 -61.96 -41.38 -4.96
CA CYS P 92 -61.81 -42.76 -4.49
C CYS P 92 -61.92 -42.85 -2.96
N MET P 93 -62.95 -42.19 -2.41
CA MET P 93 -63.30 -42.36 -1.01
C MET P 93 -64.21 -43.55 -0.77
N THR P 94 -64.53 -44.31 -1.80
CA THR P 94 -65.41 -45.46 -1.67
C THR P 94 -65.19 -46.38 -2.86
N ASP P 95 -65.98 -47.44 -2.93
CA ASP P 95 -66.00 -48.32 -4.08
C ASP P 95 -67.39 -48.41 -4.71
N ASP P 96 -68.31 -47.53 -4.33
CA ASP P 96 -69.64 -47.57 -4.88
C ASP P 96 -70.00 -46.22 -5.49
N PRO P 97 -70.66 -46.22 -6.65
CA PRO P 97 -71.27 -44.99 -7.14
C PRO P 97 -72.41 -44.57 -6.24
N PRO P 98 -72.79 -43.29 -6.24
CA PRO P 98 -73.86 -42.84 -5.35
C PRO P 98 -75.27 -43.20 -5.80
N THR P 99 -75.40 -44.09 -6.78
CA THR P 99 -76.65 -44.79 -7.02
C THR P 99 -76.88 -45.94 -6.04
N VAL P 100 -75.91 -46.24 -5.18
CA VAL P 100 -76.08 -47.26 -4.15
C VAL P 100 -76.67 -46.67 -2.88
N LYS P 101 -76.15 -45.55 -2.40
CA LYS P 101 -76.76 -44.80 -1.30
C LYS P 101 -76.85 -43.31 -1.67
N PRO P 102 -77.88 -42.93 -2.43
CA PRO P 102 -78.03 -41.50 -2.77
C PRO P 102 -78.38 -40.59 -1.58
N PRO P 103 -79.50 -40.83 -0.81
CA PRO P 103 -80.08 -39.69 -0.11
C PRO P 103 -79.44 -39.39 1.22
N THR P 104 -80.06 -38.47 1.95
CA THR P 104 -79.83 -38.29 3.37
C THR P 104 -81.15 -37.88 4.00
N ALA P 105 -81.19 -37.91 5.33
CA ALA P 105 -82.43 -37.64 6.08
C ALA P 105 -82.47 -36.19 6.56
N ARG P 106 -82.35 -35.25 5.62
CA ARG P 106 -82.22 -33.83 5.96
C ARG P 106 -83.00 -32.98 4.97
N LYS P 107 -83.87 -32.11 5.47
CA LYS P 107 -84.59 -31.16 4.63
C LYS P 107 -83.96 -29.76 4.74
N PHE P 108 -82.71 -29.65 4.31
CA PHE P 108 -82.16 -28.31 4.11
C PHE P 108 -81.16 -28.18 2.96
N ILE P 109 -80.90 -29.22 2.19
CA ILE P 109 -79.82 -29.16 1.21
C ILE P 109 -80.29 -28.37 0.00
N TRP P 110 -79.42 -27.50 -0.50
CA TRP P 110 -79.69 -26.72 -1.69
C TRP P 110 -79.86 -27.63 -2.89
N THR P 111 -80.64 -27.15 -3.86
CA THR P 111 -80.75 -27.86 -5.13
C THR P 111 -79.66 -27.46 -6.11
N ASN P 112 -78.81 -26.51 -5.74
CA ASN P 112 -77.95 -25.84 -6.71
C ASN P 112 -76.51 -26.34 -6.68
N HIS P 113 -75.91 -26.42 -5.49
CA HIS P 113 -74.46 -26.52 -5.30
C HIS P 113 -73.73 -25.41 -6.06
N LYS P 114 -73.98 -24.20 -5.58
CA LYS P 114 -73.35 -23.00 -6.10
C LYS P 114 -71.83 -23.10 -6.01
N PHE P 115 -71.18 -23.04 -7.18
CA PHE P 115 -69.79 -23.39 -7.33
C PHE P 115 -68.89 -22.27 -6.83
N ASN P 116 -67.59 -22.38 -7.10
CA ASN P 116 -66.60 -21.48 -6.52
C ASN P 116 -66.76 -20.08 -7.12
N LEU P 117 -66.81 -19.07 -6.25
CA LEU P 117 -67.40 -17.80 -6.59
C LEU P 117 -66.55 -16.59 -6.19
N SER P 118 -65.24 -16.76 -6.11
CA SER P 118 -64.39 -15.60 -5.92
C SER P 118 -64.21 -14.88 -7.24
N GLY P 119 -64.08 -13.56 -7.16
CA GLY P 119 -63.91 -12.75 -8.36
C GLY P 119 -65.14 -12.63 -9.23
N THR P 120 -66.30 -12.65 -8.62
CA THR P 120 -67.58 -12.73 -9.30
C THR P 120 -68.39 -11.50 -8.92
N PRO P 121 -69.63 -11.32 -9.38
CA PRO P 121 -70.50 -10.35 -8.71
C PRO P 121 -70.92 -10.77 -7.31
N GLN P 122 -70.86 -12.07 -7.01
CA GLN P 122 -71.29 -12.60 -5.73
C GLN P 122 -70.09 -13.24 -5.06
N GLN P 123 -69.47 -12.55 -4.11
CA GLN P 123 -68.43 -13.17 -3.31
C GLN P 123 -68.65 -12.84 -1.85
N TYR P 124 -68.02 -13.65 -1.01
CA TYR P 124 -68.25 -13.60 0.42
C TYR P 124 -67.58 -12.38 1.05
N VAL P 125 -68.21 -11.88 2.11
CA VAL P 125 -67.71 -10.72 2.85
C VAL P 125 -67.64 -11.02 4.34
N PRO P 126 -66.72 -10.41 5.08
CA PRO P 126 -66.70 -10.57 6.53
C PRO P 126 -67.48 -9.47 7.23
N TYR P 127 -68.20 -9.84 8.28
CA TYR P 127 -68.98 -8.89 9.05
C TYR P 127 -69.22 -9.47 10.43
N SER P 128 -69.22 -8.60 11.44
CA SER P 128 -69.41 -9.05 12.81
C SER P 128 -70.84 -9.51 13.02
N THR P 129 -71.01 -10.66 13.62
CA THR P 129 -72.34 -11.23 13.83
C THR P 129 -72.82 -10.88 15.25
N THR P 130 -72.77 -9.59 15.55
CA THR P 130 -72.98 -9.13 16.91
C THR P 130 -73.82 -7.88 16.86
N ARG P 131 -74.71 -7.72 17.83
CA ARG P 131 -75.52 -6.51 17.93
C ARG P 131 -74.74 -5.35 18.55
N LYS P 132 -75.48 -4.32 18.98
CA LYS P 132 -74.93 -3.09 19.53
C LYS P 132 -74.05 -3.37 20.74
N LYS P 133 -72.96 -2.60 20.87
CA LYS P 133 -71.99 -2.89 21.91
C LYS P 133 -72.41 -2.32 23.27
N ILE P 134 -72.51 -1.00 23.37
CA ILE P 134 -72.74 -0.35 24.65
C ILE P 134 -74.02 0.47 24.69
N GLN P 135 -74.72 0.62 23.56
CA GLN P 135 -75.99 1.35 23.45
C GLN P 135 -75.83 2.82 23.88
N GLU P 136 -75.20 3.58 22.97
CA GLU P 136 -75.05 5.02 23.10
C GLU P 136 -76.38 5.71 23.42
N TRP P 137 -76.32 6.66 24.35
CA TRP P 137 -77.52 7.33 24.83
C TRP P 137 -77.96 8.44 23.90
N VAL P 138 -79.26 8.52 23.65
CA VAL P 138 -79.87 9.57 22.86
C VAL P 138 -80.35 10.65 23.81
N PRO P 139 -80.01 11.92 23.58
CA PRO P 139 -80.54 12.98 24.43
C PRO P 139 -82.03 13.18 24.18
N PRO P 140 -82.76 13.67 25.18
CA PRO P 140 -84.22 13.83 25.00
C PRO P 140 -84.54 14.97 24.04
N SER P 141 -85.69 14.83 23.36
CA SER P 141 -86.03 15.74 22.28
C SER P 141 -86.69 17.04 22.74
N THR P 142 -87.01 17.18 24.02
CA THR P 142 -87.64 18.42 24.44
C THR P 142 -86.59 19.53 24.55
N PRO P 143 -86.95 20.77 24.20
CA PRO P 143 -86.00 21.87 24.34
C PRO P 143 -86.02 22.45 25.73
N TYR P 144 -84.91 23.06 26.10
CA TYR P 144 -84.82 23.83 27.33
C TYR P 144 -84.13 25.15 27.04
N LYS P 145 -84.72 26.22 27.57
CA LYS P 145 -84.23 27.62 27.45
C LYS P 145 -84.01 28.04 26.00
N PRO Q 5 8.33 25.24 4.30
CA PRO Q 5 7.09 25.85 4.81
C PRO Q 5 6.74 25.43 6.24
N LEU Q 6 7.55 24.54 6.83
CA LEU Q 6 7.24 24.01 8.16
C LEU Q 6 7.81 24.95 9.21
N THR Q 7 7.10 26.04 9.41
CA THR Q 7 7.36 26.98 10.49
C THR Q 7 6.30 26.83 11.57
N LEU Q 8 6.55 27.45 12.71
CA LEU Q 8 5.55 27.48 13.79
C LEU Q 8 4.33 28.28 13.36
N GLU Q 9 4.55 29.34 12.59
CA GLU Q 9 3.49 30.28 12.25
C GLU Q 9 2.56 29.73 11.18
N GLY Q 10 3.09 28.98 10.20
CA GLY Q 10 2.23 28.32 9.23
C GLY Q 10 1.38 27.24 9.87
N ILE Q 11 1.95 26.53 10.85
CA ILE Q 11 1.21 25.54 11.61
C ILE Q 11 0.11 26.19 12.43
N LYS Q 12 0.41 27.30 13.12
CA LYS Q 12 -0.61 27.93 13.93
C LYS Q 12 -1.70 28.57 13.07
N ASP Q 13 -1.32 29.10 11.90
CA ASP Q 13 -2.32 29.63 10.98
C ASP Q 13 -3.21 28.52 10.43
N ARG Q 14 -2.64 27.34 10.16
CA ARG Q 14 -3.48 26.29 9.60
C ARG Q 14 -4.38 25.67 10.66
N VAL Q 15 -3.91 25.58 11.91
CA VAL Q 15 -4.78 25.19 13.02
C VAL Q 15 -5.87 26.24 13.23
N LEU Q 16 -5.54 27.51 13.02
CA LEU Q 16 -6.54 28.55 13.25
C LEU Q 16 -7.61 28.55 12.15
N TYR Q 17 -7.22 28.33 10.89
CA TYR Q 17 -8.31 28.30 9.91
C TYR Q 17 -9.03 26.96 9.88
N VAL Q 18 -8.47 25.88 10.43
CA VAL Q 18 -9.35 24.72 10.57
C VAL Q 18 -10.26 24.86 11.79
N LEU Q 19 -9.87 25.63 12.81
CA LEU Q 19 -10.84 26.00 13.83
C LEU Q 19 -11.94 26.89 13.27
N LYS Q 20 -11.57 27.84 12.42
CA LYS Q 20 -12.57 28.65 11.71
C LYS Q 20 -13.42 27.79 10.80
N LEU Q 21 -12.84 26.74 10.21
CA LEU Q 21 -13.57 25.82 9.36
C LEU Q 21 -14.57 25.00 10.17
N TYR Q 22 -14.23 24.68 11.41
CA TYR Q 22 -15.15 23.96 12.28
C TYR Q 22 -16.36 24.81 12.61
N ASP Q 23 -17.51 24.16 12.73
CA ASP Q 23 -18.79 24.86 12.64
C ASP Q 23 -19.36 25.26 14.00
N LYS Q 24 -19.25 24.41 15.01
CA LYS Q 24 -19.91 24.72 16.28
C LYS Q 24 -19.20 25.79 17.10
N ILE Q 25 -17.99 26.18 16.74
CA ILE Q 25 -17.22 27.10 17.57
C ILE Q 25 -17.72 28.52 17.34
N ASP Q 26 -17.76 29.30 18.43
CA ASP Q 26 -18.36 30.64 18.45
C ASP Q 26 -17.72 31.49 19.56
N PRO Q 27 -17.03 32.60 19.23
CA PRO Q 27 -16.58 33.10 17.93
C PRO Q 27 -15.26 32.46 17.53
N GLU Q 28 -14.49 33.12 16.67
CA GLU Q 28 -13.18 32.62 16.25
C GLU Q 28 -12.25 32.51 17.45
N LYS Q 29 -11.86 33.67 18.01
CA LYS Q 29 -11.40 33.83 19.40
C LYS Q 29 -10.19 32.94 19.70
N LEU Q 30 -9.08 33.23 19.02
CA LEU Q 30 -7.84 32.51 19.25
C LEU Q 30 -7.20 33.00 20.52
N SER Q 31 -6.62 32.07 21.27
CA SER Q 31 -5.93 32.42 22.50
C SER Q 31 -4.80 31.43 22.73
N VAL Q 32 -3.89 31.82 23.63
CA VAL Q 32 -2.86 30.90 24.09
C VAL Q 32 -3.33 30.08 25.28
N ASN Q 33 -4.45 30.44 25.89
CA ASN Q 33 -5.06 29.69 26.98
C ASN Q 33 -6.55 29.61 26.77
N SER Q 34 -6.95 29.26 25.54
CA SER Q 34 -8.36 29.29 25.17
C SER Q 34 -9.17 28.23 25.90
N HIS Q 35 -8.69 26.97 25.85
CA HIS Q 35 -9.27 25.81 26.55
C HIS Q 35 -10.73 25.59 26.15
N PHE Q 36 -10.90 25.17 24.92
CA PHE Q 36 -12.19 25.09 24.23
C PHE Q 36 -13.13 24.03 24.78
N MET Q 37 -12.89 23.37 25.90
CA MET Q 37 -13.93 22.50 26.47
C MET Q 37 -15.03 23.32 27.12
N LYS Q 38 -14.68 24.07 28.18
CA LYS Q 38 -15.67 24.70 29.04
C LYS Q 38 -15.49 26.19 29.17
N ASP Q 39 -14.36 26.75 28.74
CA ASP Q 39 -14.27 28.19 28.56
C ASP Q 39 -15.01 28.64 27.31
N LEU Q 40 -15.18 27.74 26.35
CA LEU Q 40 -15.78 28.04 25.07
C LEU Q 40 -17.01 27.19 24.79
N GLY Q 41 -17.38 26.31 25.72
CA GLY Q 41 -18.66 25.63 25.66
C GLY Q 41 -18.76 24.50 24.66
N LEU Q 42 -17.93 23.47 24.83
CA LEU Q 42 -18.02 22.32 23.96
C LEU Q 42 -18.04 21.03 24.76
N ASP Q 43 -17.90 19.90 24.08
CA ASP Q 43 -17.94 18.58 24.69
C ASP Q 43 -16.61 17.88 24.45
N SER Q 44 -16.36 16.84 25.26
CA SER Q 44 -15.30 15.90 24.95
C SER Q 44 -15.57 15.18 23.63
N LEU Q 45 -16.84 15.02 23.30
CA LEU Q 45 -17.25 14.61 21.97
C LEU Q 45 -16.71 15.58 20.91
N ASP Q 46 -16.90 16.88 21.14
CA ASP Q 46 -16.40 17.83 20.15
C ASP Q 46 -14.90 18.04 20.27
N GLN Q 47 -14.34 17.81 21.46
CA GLN Q 47 -12.90 17.71 21.62
C GLN Q 47 -12.30 16.67 20.67
N VAL Q 48 -12.85 15.46 20.69
CA VAL Q 48 -12.27 14.42 19.84
C VAL Q 48 -12.66 14.62 18.38
N GLU Q 49 -13.75 15.33 18.10
CA GLU Q 49 -14.01 15.78 16.73
C GLU Q 49 -12.90 16.69 16.22
N ILE Q 50 -12.49 17.66 17.05
CA ILE Q 50 -11.43 18.57 16.66
C ILE Q 50 -10.10 17.83 16.51
N ILE Q 51 -9.81 16.89 17.42
CA ILE Q 51 -8.55 16.16 17.35
C ILE Q 51 -8.50 15.29 16.11
N MET Q 52 -9.61 14.63 15.77
CA MET Q 52 -9.58 13.83 14.56
C MET Q 52 -9.59 14.71 13.32
N ALA Q 53 -10.10 15.94 13.41
CA ALA Q 53 -9.96 16.88 12.31
C ALA Q 53 -8.49 17.24 12.09
N MET Q 54 -7.74 17.46 13.18
CA MET Q 54 -6.30 17.74 13.08
C MET Q 54 -5.57 16.57 12.44
N GLU Q 55 -5.84 15.38 12.97
CA GLU Q 55 -5.26 14.13 12.51
C GLU Q 55 -5.56 13.89 11.03
N ASP Q 56 -6.77 14.23 10.60
CA ASP Q 56 -7.12 14.07 9.20
C ASP Q 56 -6.53 15.17 8.34
N GLU Q 57 -6.20 16.33 8.90
CA GLU Q 57 -5.64 17.37 8.05
C GLU Q 57 -4.15 17.18 7.79
N PHE Q 58 -3.32 17.23 8.83
CA PHE Q 58 -1.90 17.27 8.49
C PHE Q 58 -0.97 16.49 9.41
N GLY Q 59 -1.46 15.83 10.44
CA GLY Q 59 -0.54 15.33 11.43
C GLY Q 59 -0.29 13.84 11.36
N PHE Q 60 0.13 13.28 12.49
CA PHE Q 60 0.32 11.84 12.63
C PHE Q 60 -1.02 11.20 12.98
N GLU Q 61 -1.00 9.96 13.49
CA GLU Q 61 -2.25 9.29 13.82
C GLU Q 61 -2.83 9.71 15.17
N ILE Q 62 -2.05 10.40 16.02
CA ILE Q 62 -2.51 11.16 17.19
C ILE Q 62 -3.32 10.34 18.18
N PRO Q 63 -2.67 9.59 19.08
CA PRO Q 63 -3.40 8.70 19.99
C PRO Q 63 -4.34 9.45 20.93
N ASP Q 64 -5.19 8.66 21.57
CA ASP Q 64 -6.36 9.17 22.28
C ASP Q 64 -6.06 9.68 23.68
N ILE Q 65 -5.09 9.09 24.38
CA ILE Q 65 -4.77 9.58 25.72
C ILE Q 65 -4.08 10.93 25.65
N ASP Q 66 -3.25 11.14 24.63
CA ASP Q 66 -2.68 12.46 24.39
C ASP Q 66 -3.75 13.43 23.90
N ALA Q 67 -4.77 12.91 23.22
CA ALA Q 67 -5.90 13.73 22.81
C ALA Q 67 -6.70 14.20 24.02
N GLU Q 68 -6.75 13.39 25.07
CA GLU Q 68 -7.31 13.89 26.33
C GLU Q 68 -6.35 14.89 26.97
N LYS Q 69 -5.05 14.71 26.77
CA LYS Q 69 -4.11 15.62 27.43
C LYS Q 69 -3.88 16.93 26.67
N LEU Q 70 -4.69 17.27 25.66
CA LEU Q 70 -4.52 18.59 25.05
C LEU Q 70 -5.48 19.63 25.62
N MET Q 71 -6.78 19.48 25.32
CA MET Q 71 -7.87 20.32 25.84
C MET Q 71 -7.67 21.83 25.61
N CYS Q 72 -6.83 22.24 24.65
CA CYS Q 72 -6.43 23.63 24.48
C CYS Q 72 -5.80 23.85 23.12
N PRO Q 73 -6.21 24.88 22.37
CA PRO Q 73 -5.72 25.04 20.98
C PRO Q 73 -4.24 25.36 20.90
N GLN Q 74 -3.74 26.18 21.82
CA GLN Q 74 -2.31 26.45 21.86
C GLN Q 74 -1.53 25.20 22.24
N GLU Q 75 -2.09 24.37 23.12
CA GLU Q 75 -1.40 23.14 23.44
C GLU Q 75 -1.48 22.14 22.29
N ILE Q 76 -2.51 22.25 21.44
CA ILE Q 76 -2.53 21.48 20.20
C ILE Q 76 -1.41 21.94 19.27
N VAL Q 77 -1.24 23.26 19.15
CA VAL Q 77 -0.14 23.82 18.35
C VAL Q 77 1.20 23.36 18.89
N ASP Q 78 1.33 23.31 20.21
CA ASP Q 78 2.55 22.81 20.83
C ASP Q 78 2.71 21.31 20.63
N TYR Q 79 1.60 20.57 20.46
CA TYR Q 79 1.72 19.15 20.21
C TYR Q 79 2.20 18.86 18.80
N ILE Q 80 1.69 19.61 17.81
CA ILE Q 80 2.20 19.45 16.45
C ILE Q 80 3.64 19.92 16.37
N ALA Q 81 3.96 21.03 17.05
CA ALA Q 81 5.35 21.48 17.12
C ALA Q 81 6.23 20.55 17.95
N ASP Q 82 5.63 19.69 18.77
CA ASP Q 82 6.35 18.68 19.53
C ASP Q 82 6.67 17.47 18.67
N LYS Q 83 5.66 16.93 17.99
CA LYS Q 83 5.77 15.62 17.39
C LYS Q 83 6.17 15.68 15.92
N LYS Q 84 5.80 16.73 15.19
CA LYS Q 84 6.16 16.84 13.79
C LYS Q 84 7.48 17.58 13.64
N MET R 1 -20.73 -11.44 -53.85
CA MET R 1 -21.71 -10.46 -53.43
C MET R 1 -23.02 -11.15 -53.13
N ASN R 2 -23.15 -12.40 -53.59
CA ASN R 2 -24.36 -13.15 -53.25
C ASN R 2 -24.39 -13.50 -51.77
N LEU R 3 -23.24 -13.88 -51.19
CA LEU R 3 -23.24 -14.07 -49.75
C LEU R 3 -23.36 -12.74 -49.03
N MET R 4 -22.94 -11.64 -49.65
CA MET R 4 -23.22 -10.31 -49.10
C MET R 4 -24.72 -10.04 -49.08
N ILE R 5 -25.43 -10.50 -50.10
CA ILE R 5 -26.89 -10.35 -50.11
C ILE R 5 -27.53 -11.21 -49.03
N THR R 6 -27.02 -12.42 -48.82
CA THR R 6 -27.57 -13.27 -47.77
C THR R 6 -27.30 -12.68 -46.38
N LEU R 7 -26.08 -12.19 -46.16
CA LEU R 7 -25.71 -11.52 -44.92
C LEU R 7 -26.56 -10.29 -44.69
N LEU R 8 -26.84 -9.54 -45.76
CA LEU R 8 -27.70 -8.37 -45.69
C LEU R 8 -29.12 -8.74 -45.29
N THR R 9 -29.67 -9.78 -45.91
CA THR R 9 -31.03 -10.21 -45.57
C THR R 9 -31.12 -10.68 -44.13
N ASN R 10 -30.11 -11.41 -43.67
CA ASN R 10 -30.13 -11.89 -42.28
C ASN R 10 -30.00 -10.75 -41.30
N PHE R 11 -29.15 -9.76 -41.60
CA PHE R 11 -29.04 -8.60 -40.73
C PHE R 11 -30.33 -7.80 -40.70
N THR R 12 -30.96 -7.60 -41.85
CA THR R 12 -32.19 -6.83 -41.90
C THR R 12 -33.33 -7.55 -41.22
N LEU R 13 -33.39 -8.88 -41.32
CA LEU R 13 -34.46 -9.61 -40.66
C LEU R 13 -34.25 -9.66 -39.15
N ALA R 14 -32.99 -9.76 -38.72
CA ALA R 14 -32.71 -9.70 -37.30
C ALA R 14 -33.03 -8.31 -36.73
N THR R 15 -32.79 -7.25 -37.52
CA THR R 15 -33.17 -5.92 -37.05
C THR R 15 -34.69 -5.73 -37.05
N LEU R 16 -35.40 -6.37 -37.98
CA LEU R 16 -36.86 -6.39 -37.90
C LEU R 16 -37.33 -7.03 -36.61
N LEU R 17 -36.72 -8.15 -36.24
CA LEU R 17 -37.03 -8.81 -34.98
C LEU R 17 -36.76 -7.91 -33.78
N VAL R 18 -35.62 -7.22 -33.76
CA VAL R 18 -35.26 -6.43 -32.59
C VAL R 18 -36.08 -5.13 -32.51
N THR R 19 -36.32 -4.48 -33.65
CA THR R 19 -37.11 -3.26 -33.63
C THR R 19 -38.58 -3.55 -33.32
N ILE R 20 -39.10 -4.70 -33.71
CA ILE R 20 -40.44 -5.05 -33.24
C ILE R 20 -40.39 -5.51 -31.78
N ALA R 21 -39.24 -6.01 -31.31
CA ALA R 21 -39.11 -6.25 -29.88
C ALA R 21 -38.96 -4.98 -29.07
N PHE R 22 -38.70 -3.83 -29.71
CA PHE R 22 -38.55 -2.56 -29.01
C PHE R 22 -39.73 -1.61 -29.13
N TRP R 23 -40.13 -1.24 -30.34
CA TRP R 23 -41.12 -0.17 -30.47
C TRP R 23 -42.54 -0.62 -30.17
N LEU R 24 -42.77 -1.91 -30.02
CA LEU R 24 -44.09 -2.48 -29.76
C LEU R 24 -44.59 -2.45 -28.31
N PRO R 25 -43.77 -2.70 -27.26
CA PRO R 25 -44.31 -2.54 -25.89
C PRO R 25 -44.74 -1.12 -25.53
N GLN R 26 -44.22 -0.11 -26.21
CA GLN R 26 -44.61 1.26 -25.94
C GLN R 26 -45.88 1.64 -26.72
N PRO R 50 -11.41 -8.33 -9.44
CA PRO R 50 -10.19 -8.36 -10.23
C PRO R 50 -10.05 -9.63 -11.08
N PHE R 51 -8.92 -10.31 -10.96
CA PHE R 51 -8.61 -11.42 -11.85
C PHE R 51 -7.69 -12.40 -11.14
N SER R 52 -7.24 -13.39 -11.90
CA SER R 52 -6.19 -14.33 -11.49
C SER R 52 -5.20 -14.46 -12.63
N MET R 53 -3.95 -14.79 -12.28
CA MET R 53 -2.98 -15.14 -13.31
C MET R 53 -3.38 -16.45 -13.97
N LYS R 54 -3.90 -17.40 -13.18
CA LYS R 54 -4.36 -18.65 -13.75
C LYS R 54 -5.63 -18.49 -14.57
N PHE R 55 -6.37 -17.39 -14.37
CA PHE R 55 -7.42 -17.05 -15.32
C PHE R 55 -6.84 -16.72 -16.68
N PHE R 56 -5.66 -16.11 -16.71
CA PHE R 56 -5.15 -15.50 -17.92
C PHE R 56 -4.26 -16.42 -18.73
N LEU R 57 -3.71 -17.46 -18.12
CA LEU R 57 -2.84 -18.38 -18.86
C LEU R 57 -3.59 -19.18 -19.91
N VAL R 58 -4.89 -19.36 -19.74
CA VAL R 58 -5.67 -20.19 -20.64
C VAL R 58 -5.81 -19.52 -21.99
N ALA R 59 -6.03 -18.20 -22.02
CA ALA R 59 -6.22 -17.49 -23.27
C ALA R 59 -4.93 -17.42 -24.07
N ILE R 60 -3.80 -17.21 -23.40
CA ILE R 60 -2.53 -17.18 -24.10
C ILE R 60 -2.14 -18.57 -24.55
N THR R 61 -2.51 -19.58 -23.77
CA THR R 61 -2.29 -20.96 -24.17
C THR R 61 -3.09 -21.30 -25.43
N PHE R 62 -4.36 -20.88 -25.47
CA PHE R 62 -5.17 -20.94 -26.67
C PHE R 62 -4.51 -20.25 -27.84
N LEU R 63 -3.96 -19.06 -27.59
CA LEU R 63 -3.37 -18.26 -28.66
C LEU R 63 -2.19 -18.99 -29.30
N LEU R 64 -1.31 -19.54 -28.47
CA LEU R 64 -0.12 -20.19 -29.01
C LEU R 64 -0.45 -21.51 -29.69
N PHE R 65 -1.30 -22.33 -29.06
CA PHE R 65 -1.73 -23.57 -29.70
C PHE R 65 -2.57 -23.32 -30.94
N ASP R 66 -3.31 -22.22 -30.99
CA ASP R 66 -4.10 -21.89 -32.17
C ASP R 66 -3.21 -21.42 -33.31
N LEU R 67 -2.12 -20.72 -32.99
CA LEU R 67 -1.18 -20.36 -34.04
C LEU R 67 -0.51 -21.59 -34.63
N GLU R 68 -0.19 -22.56 -33.78
CA GLU R 68 0.37 -23.78 -34.36
C GLU R 68 -0.69 -24.58 -35.11
N ILE R 69 -1.97 -24.45 -34.73
CA ILE R 69 -3.06 -24.98 -35.55
C ILE R 69 -3.08 -24.29 -36.91
N ALA R 70 -2.85 -22.97 -36.91
CA ALA R 70 -2.86 -22.20 -38.15
C ALA R 70 -1.75 -22.63 -39.09
N LEU R 71 -0.64 -23.09 -38.53
CA LEU R 71 0.36 -23.69 -39.41
C LEU R 71 0.04 -25.15 -39.78
N LEU R 72 -0.69 -25.88 -38.93
CA LEU R 72 -1.00 -27.27 -39.26
C LEU R 72 -2.03 -27.39 -40.37
N LEU R 73 -3.11 -26.61 -40.31
CA LEU R 73 -4.27 -26.79 -41.17
C LEU R 73 -4.12 -26.77 -42.70
N PRO R 74 -3.06 -26.21 -43.33
CA PRO R 74 -2.90 -26.46 -44.77
C PRO R 74 -2.23 -27.79 -45.12
N LEU R 75 -2.18 -28.72 -44.17
CA LEU R 75 -1.66 -30.06 -44.47
C LEU R 75 -2.47 -30.83 -45.53
N PRO R 76 -3.82 -30.92 -45.46
CA PRO R 76 -4.50 -31.72 -46.50
C PRO R 76 -4.53 -31.09 -47.87
N TRP R 77 -4.31 -29.78 -48.00
CA TRP R 77 -3.99 -29.22 -49.31
C TRP R 77 -2.70 -29.80 -49.84
N ALA R 78 -1.71 -29.92 -48.96
CA ALA R 78 -0.35 -30.21 -49.40
C ALA R 78 -0.15 -31.65 -49.80
N SER R 79 -1.01 -32.56 -49.33
CA SER R 79 -0.73 -34.00 -49.32
C SER R 79 -0.55 -34.67 -50.67
N GLN R 80 -0.60 -33.91 -51.75
CA GLN R 80 -0.26 -34.38 -53.08
C GLN R 80 0.91 -33.53 -53.61
N THR R 81 2.10 -34.10 -53.55
CA THR R 81 3.32 -33.43 -53.98
C THR R 81 4.28 -34.50 -54.51
N THR R 82 5.55 -34.12 -54.65
CA THR R 82 6.54 -35.07 -55.14
C THR R 82 7.44 -35.62 -54.06
N ASN R 83 7.67 -34.87 -52.98
CA ASN R 83 8.59 -35.27 -51.93
C ASN R 83 7.76 -35.61 -50.69
N LEU R 84 7.28 -36.85 -50.62
CA LEU R 84 6.35 -37.20 -49.55
C LEU R 84 7.07 -37.49 -48.24
N ASN R 85 8.32 -37.95 -48.30
CA ASN R 85 9.08 -38.15 -47.07
C ASN R 85 9.37 -36.84 -46.35
N THR R 86 9.58 -35.75 -47.10
CA THR R 86 9.74 -34.45 -46.48
C THR R 86 8.45 -34.00 -45.80
N MET R 87 7.30 -34.32 -46.40
CA MET R 87 6.02 -34.02 -45.79
C MET R 87 5.81 -34.78 -44.50
N LEU R 88 6.14 -36.08 -44.51
CA LEU R 88 6.08 -36.90 -43.30
C LEU R 88 6.95 -36.30 -42.21
N THR R 89 8.18 -35.89 -42.59
CA THR R 89 9.14 -35.37 -41.63
C THR R 89 8.66 -34.05 -41.01
N MET R 90 8.24 -33.10 -41.84
CA MET R 90 7.86 -31.79 -41.30
C MET R 90 6.50 -31.79 -40.63
N ALA R 91 5.55 -32.61 -41.08
CA ALA R 91 4.29 -32.73 -40.37
C ALA R 91 4.48 -33.37 -39.00
N LEU R 92 5.27 -34.45 -38.93
CA LEU R 92 5.55 -35.05 -37.63
C LEU R 92 6.39 -34.13 -36.75
N LEU R 93 7.22 -33.29 -37.35
CA LEU R 93 7.98 -32.34 -36.54
C LEU R 93 7.07 -31.25 -35.96
N LEU R 94 6.06 -30.81 -36.74
CA LEU R 94 5.11 -29.84 -36.21
C LEU R 94 4.30 -30.40 -35.06
N ILE R 95 3.76 -31.62 -35.22
CA ILE R 95 2.96 -32.14 -34.11
C ILE R 95 3.85 -32.53 -32.93
N PHE R 96 5.10 -32.92 -33.19
CA PHE R 96 5.98 -33.26 -32.07
C PHE R 96 6.37 -32.01 -31.30
N LEU R 97 6.59 -30.90 -31.99
CA LEU R 97 6.88 -29.65 -31.31
C LEU R 97 5.67 -29.15 -30.52
N LEU R 98 4.48 -29.32 -31.09
CA LEU R 98 3.26 -28.94 -30.38
C LEU R 98 3.08 -29.81 -29.14
N ALA R 99 3.39 -31.10 -29.26
CA ALA R 99 3.33 -31.99 -28.11
C ALA R 99 4.43 -31.69 -27.10
N VAL R 100 5.57 -31.15 -27.56
CA VAL R 100 6.62 -30.73 -26.64
C VAL R 100 6.14 -29.55 -25.80
N SER R 101 5.46 -28.58 -26.43
CA SER R 101 4.95 -27.45 -25.67
C SER R 101 3.86 -27.88 -24.68
N LEU R 102 2.96 -28.76 -25.13
CA LEU R 102 1.94 -29.32 -24.25
C LEU R 102 2.57 -30.12 -23.10
N ALA R 103 3.61 -30.89 -23.38
CA ALA R 103 4.23 -31.69 -22.34
C ALA R 103 5.04 -30.84 -21.37
N TYR R 104 5.60 -29.74 -21.85
CA TYR R 104 6.32 -28.83 -20.96
C TYR R 104 5.35 -28.15 -20.00
N GLU R 105 4.22 -27.67 -20.51
CA GLU R 105 3.27 -27.09 -19.58
C GLU R 105 2.54 -28.15 -18.77
N TRP R 106 2.58 -29.40 -19.21
CA TRP R 106 2.00 -30.51 -18.48
C TRP R 106 2.85 -30.88 -17.27
N THR R 107 4.17 -30.96 -17.46
CA THR R 107 5.08 -31.34 -16.40
C THR R 107 5.50 -30.17 -15.52
N GLN R 108 5.40 -28.95 -16.00
CA GLN R 108 5.91 -27.80 -15.27
C GLN R 108 4.80 -26.94 -14.71
N LYS R 109 3.78 -27.60 -14.13
CA LYS R 109 2.73 -27.04 -13.26
C LYS R 109 2.02 -25.84 -13.87
N GLY R 110 1.86 -25.86 -15.20
CA GLY R 110 1.46 -24.65 -15.92
C GLY R 110 -0.01 -24.32 -15.76
N LEU R 111 -0.88 -25.30 -15.92
CA LEU R 111 -2.32 -25.09 -15.78
C LEU R 111 -2.80 -25.96 -14.63
N GLU R 112 -2.66 -25.42 -13.42
CA GLU R 112 -3.09 -26.07 -12.19
C GLU R 112 -4.01 -25.13 -11.44
N TRP R 113 -4.67 -25.67 -10.41
CA TRP R 113 -5.65 -24.90 -9.66
C TRP R 113 -5.59 -25.20 -8.17
N MET S 1 -34.79 -14.84 -57.68
CA MET S 1 -35.01 -16.17 -57.15
C MET S 1 -34.10 -16.38 -55.95
N PHE S 2 -33.07 -15.54 -55.85
CA PHE S 2 -32.05 -15.76 -54.84
C PHE S 2 -32.55 -15.37 -53.46
N MET S 3 -33.21 -14.23 -53.35
CA MET S 3 -33.83 -13.86 -52.07
C MET S 3 -35.00 -14.78 -51.74
N ILE S 4 -35.63 -15.40 -52.74
CA ILE S 4 -36.62 -16.43 -52.48
C ILE S 4 -35.96 -17.63 -51.80
N ASN S 5 -34.77 -18.01 -52.28
CA ASN S 5 -34.02 -19.10 -51.65
C ASN S 5 -33.62 -18.76 -50.23
N VAL S 6 -33.18 -17.53 -50.02
CA VAL S 6 -32.73 -17.10 -48.69
C VAL S 6 -33.89 -17.09 -47.70
N LEU S 7 -35.06 -16.60 -48.15
CA LEU S 7 -36.21 -16.57 -47.25
C LEU S 7 -36.80 -17.95 -47.03
N THR S 8 -36.70 -18.85 -48.01
CA THR S 8 -37.09 -20.23 -47.74
C THR S 8 -36.10 -20.94 -46.82
N LEU S 9 -34.90 -20.42 -46.65
CA LEU S 9 -34.05 -20.98 -45.61
C LEU S 9 -34.28 -20.35 -44.24
N ILE S 10 -34.45 -19.02 -44.17
CA ILE S 10 -34.42 -18.34 -42.88
C ILE S 10 -35.79 -18.00 -42.34
N ILE S 11 -36.86 -18.34 -43.06
CA ILE S 11 -38.17 -18.37 -42.44
C ILE S 11 -38.33 -19.60 -41.54
N PRO S 12 -37.97 -20.86 -41.95
CA PRO S 12 -38.22 -21.97 -41.03
C PRO S 12 -37.29 -22.09 -39.83
N ILE S 13 -36.43 -21.11 -39.54
CA ILE S 13 -35.69 -21.18 -38.28
C ILE S 13 -36.65 -20.94 -37.12
N LEU S 14 -37.66 -20.08 -37.31
CA LEU S 14 -38.62 -19.81 -36.25
C LEU S 14 -39.43 -21.04 -35.92
N LEU S 15 -39.99 -21.67 -36.95
CA LEU S 15 -40.81 -22.85 -36.76
C LEU S 15 -39.96 -24.01 -36.26
N ALA S 16 -38.73 -24.12 -36.77
CA ALA S 16 -37.84 -25.20 -36.36
C ALA S 16 -37.44 -25.09 -34.90
N VAL S 17 -37.09 -23.88 -34.45
CA VAL S 17 -36.63 -23.72 -33.07
C VAL S 17 -37.80 -23.81 -32.10
N ALA S 18 -38.96 -23.26 -32.46
CA ALA S 18 -40.12 -23.34 -31.58
C ALA S 18 -40.59 -24.79 -31.43
N PHE S 19 -40.62 -25.51 -32.53
CA PHE S 19 -41.04 -26.90 -32.42
C PHE S 19 -39.94 -27.75 -31.83
N LEU S 20 -38.69 -27.28 -31.89
CA LEU S 20 -37.61 -27.92 -31.14
C LEU S 20 -37.81 -27.77 -29.65
N THR S 21 -38.30 -26.61 -29.20
CA THR S 21 -38.59 -26.44 -27.78
C THR S 21 -39.72 -27.35 -27.33
N LEU S 22 -40.76 -27.49 -28.16
CA LEU S 22 -41.82 -28.43 -27.76
C LEU S 22 -41.32 -29.85 -27.77
N VAL S 23 -40.45 -30.20 -28.73
CA VAL S 23 -39.93 -31.55 -28.81
C VAL S 23 -39.04 -31.87 -27.62
N GLU S 24 -38.17 -30.94 -27.23
CA GLU S 24 -37.32 -31.21 -26.08
C GLU S 24 -38.11 -31.23 -24.79
N ARG S 25 -39.20 -30.46 -24.69
CA ARG S 25 -39.98 -30.52 -23.47
C ARG S 25 -40.77 -31.82 -23.38
N LYS S 26 -41.38 -32.25 -24.50
CA LYS S 26 -42.09 -33.53 -24.52
C LYS S 26 -41.12 -34.70 -24.32
N VAL S 27 -39.91 -34.60 -24.86
CA VAL S 27 -38.96 -35.69 -24.73
C VAL S 27 -38.47 -35.80 -23.30
N LEU S 28 -38.10 -34.67 -22.66
CA LEU S 28 -37.70 -34.71 -21.26
C LEU S 28 -38.84 -35.15 -20.36
N GLY S 29 -40.08 -34.78 -20.70
CA GLY S 29 -41.22 -35.25 -19.96
C GLY S 29 -41.41 -36.74 -20.07
N TYR S 30 -41.15 -37.31 -21.25
CA TYR S 30 -41.29 -38.75 -21.36
C TYR S 30 -40.06 -39.52 -20.89
N MET S 31 -38.90 -38.89 -20.84
CA MET S 31 -37.76 -39.53 -20.21
C MET S 31 -38.00 -39.64 -18.72
N GLN S 32 -38.51 -38.56 -18.15
CA GLN S 32 -39.08 -38.49 -16.84
C GLN S 32 -40.45 -39.20 -16.86
N PHE S 33 -41.15 -39.23 -15.73
CA PHE S 33 -42.52 -39.73 -15.76
C PHE S 33 -43.52 -38.59 -15.94
N ARG S 34 -43.39 -37.84 -17.02
CA ARG S 34 -44.33 -36.76 -17.28
C ARG S 34 -44.91 -36.89 -18.67
N LYS S 35 -45.70 -35.90 -19.01
CA LYS S 35 -46.15 -35.63 -20.37
C LYS S 35 -46.07 -34.12 -20.55
N GLY S 36 -46.78 -33.60 -21.54
CA GLY S 36 -47.08 -32.20 -21.57
C GLY S 36 -46.01 -31.37 -22.24
N PRO S 37 -46.42 -30.27 -22.89
CA PRO S 37 -47.79 -29.76 -23.05
C PRO S 37 -48.66 -30.48 -24.06
N ASN S 38 -49.66 -31.19 -23.55
CA ASN S 38 -50.69 -31.79 -24.37
C ASN S 38 -52.07 -31.21 -24.08
N VAL S 39 -52.22 -30.49 -22.98
CA VAL S 39 -53.50 -29.87 -22.67
C VAL S 39 -53.73 -28.63 -23.54
N VAL S 40 -52.67 -27.89 -23.83
CA VAL S 40 -52.79 -26.66 -24.60
C VAL S 40 -52.96 -27.03 -26.07
N GLY S 41 -54.21 -27.18 -26.49
CA GLY S 41 -54.55 -27.49 -27.86
C GLY S 41 -54.10 -28.86 -28.29
N PRO S 42 -53.94 -29.08 -29.59
CA PRO S 42 -53.53 -30.40 -30.06
C PRO S 42 -52.04 -30.60 -29.85
N TYR S 43 -51.71 -31.33 -28.79
CA TYR S 43 -50.38 -31.84 -28.48
C TYR S 43 -49.34 -30.74 -28.30
N GLY S 44 -49.76 -29.49 -28.07
CA GLY S 44 -48.85 -28.41 -27.75
C GLY S 44 -47.95 -27.94 -28.86
N LEU S 45 -48.51 -27.28 -29.88
CA LEU S 45 -47.79 -26.63 -30.96
C LEU S 45 -48.06 -25.14 -31.02
N LEU S 46 -49.33 -24.80 -30.85
CA LEU S 46 -49.70 -23.43 -30.53
C LEU S 46 -49.22 -23.00 -29.16
N GLN S 47 -48.69 -23.91 -28.32
CA GLN S 47 -48.01 -23.50 -27.09
C GLN S 47 -46.62 -22.91 -27.35
N PRO S 48 -45.77 -23.44 -28.25
CA PRO S 48 -44.64 -22.62 -28.70
C PRO S 48 -45.02 -21.41 -29.50
N ILE S 49 -46.12 -21.44 -30.27
CA ILE S 49 -46.59 -20.19 -30.88
C ILE S 49 -46.93 -19.16 -29.80
N ALA S 50 -47.52 -19.63 -28.70
CA ALA S 50 -47.94 -18.76 -27.62
C ALA S 50 -46.76 -18.23 -26.83
N ASP S 51 -45.72 -19.04 -26.58
CA ASP S 51 -44.64 -18.47 -25.79
C ASP S 51 -43.79 -17.52 -26.62
N ALA S 52 -43.70 -17.77 -27.93
CA ALA S 52 -43.05 -16.81 -28.82
C ALA S 52 -43.78 -15.48 -28.81
N ILE S 53 -45.11 -15.51 -28.96
CA ILE S 53 -45.83 -14.25 -29.01
C ILE S 53 -45.89 -13.60 -27.62
N LYS S 54 -45.83 -14.38 -26.54
CA LYS S 54 -45.81 -13.78 -25.20
C LYS S 54 -44.50 -13.08 -24.94
N LEU S 55 -43.38 -13.68 -25.35
CA LEU S 55 -42.10 -13.03 -25.13
C LEU S 55 -41.95 -11.81 -26.02
N PHE S 56 -42.57 -11.81 -27.21
CA PHE S 56 -42.63 -10.58 -27.99
C PHE S 56 -43.51 -9.51 -27.35
N ILE S 57 -44.55 -9.92 -26.62
CA ILE S 57 -45.42 -8.95 -25.95
C ILE S 57 -44.68 -8.25 -24.82
N LYS S 58 -43.89 -9.00 -24.04
CA LYS S 58 -43.55 -8.62 -22.68
C LYS S 58 -42.60 -7.43 -22.65
N GLU S 59 -42.80 -6.57 -21.66
CA GLU S 59 -42.13 -5.28 -21.62
C GLU S 59 -40.65 -5.46 -21.27
N PRO S 60 -39.73 -4.80 -22.00
CA PRO S 60 -38.31 -5.19 -21.95
C PRO S 60 -37.59 -4.87 -20.65
N LEU S 61 -36.32 -5.24 -20.64
CA LEU S 61 -35.46 -5.04 -19.49
C LEU S 61 -35.11 -3.58 -19.33
N ARG S 62 -34.90 -3.17 -18.10
CA ARG S 62 -34.60 -1.76 -17.90
C ARG S 62 -33.09 -1.52 -18.00
N PRO S 63 -32.67 -0.44 -18.65
CA PRO S 63 -31.27 -0.02 -18.56
C PRO S 63 -31.03 1.00 -17.44
N ALA S 64 -29.98 0.85 -16.61
CA ALA S 64 -29.14 -0.32 -16.22
C ALA S 64 -28.29 -1.04 -17.27
N THR S 65 -27.89 -0.33 -18.32
CA THR S 65 -26.92 -0.85 -19.28
C THR S 65 -25.87 0.21 -19.53
N SER S 66 -24.63 -0.09 -19.17
CA SER S 66 -23.52 0.73 -19.62
C SER S 66 -23.30 0.44 -21.10
N SER S 67 -23.29 1.51 -21.91
CA SER S 67 -23.18 1.44 -23.38
C SER S 67 -24.32 0.61 -23.97
N ILE S 68 -25.50 1.24 -23.95
CA ILE S 68 -26.75 0.79 -24.59
C ILE S 68 -26.50 0.22 -25.97
N SER S 69 -25.67 0.91 -26.75
CA SER S 69 -25.26 0.44 -28.06
C SER S 69 -24.58 -0.92 -27.99
N MET S 70 -23.73 -1.13 -26.99
CA MET S 70 -23.04 -2.42 -26.87
C MET S 70 -24.00 -3.52 -26.44
N PHE S 71 -24.89 -3.20 -25.48
CA PHE S 71 -25.83 -4.18 -24.95
C PHE S 71 -26.86 -4.60 -25.98
N ILE S 72 -27.23 -3.73 -26.91
CA ILE S 72 -28.13 -4.16 -27.98
C ILE S 72 -27.33 -4.72 -29.16
N LEU S 73 -26.07 -4.31 -29.30
CA LEU S 73 -25.28 -4.70 -30.45
C LEU S 73 -24.74 -6.12 -30.31
N ALA S 74 -24.71 -6.67 -29.10
CA ALA S 74 -24.28 -8.07 -29.02
C ALA S 74 -25.35 -9.11 -29.45
N PRO S 75 -26.62 -9.06 -28.98
CA PRO S 75 -27.54 -10.14 -29.39
C PRO S 75 -27.99 -10.05 -30.85
N ILE S 76 -28.00 -8.84 -31.44
CA ILE S 76 -28.25 -8.72 -32.87
C ILE S 76 -27.16 -9.46 -33.65
N LEU S 77 -25.93 -9.42 -33.14
CA LEU S 77 -24.83 -10.12 -33.78
C LEU S 77 -25.00 -11.62 -33.63
N ALA S 78 -25.36 -12.07 -32.42
CA ALA S 78 -25.55 -13.51 -32.18
C ALA S 78 -26.62 -14.09 -33.08
N LEU S 79 -27.76 -13.39 -33.19
CA LEU S 79 -28.85 -13.94 -33.98
C LEU S 79 -28.55 -13.87 -35.47
N THR S 80 -27.85 -12.82 -35.94
CA THR S 80 -27.60 -12.80 -37.38
C THR S 80 -26.53 -13.81 -37.78
N LEU S 81 -25.64 -14.19 -36.87
CA LEU S 81 -24.67 -15.23 -37.23
C LEU S 81 -25.33 -16.60 -37.22
N ALA S 82 -26.20 -16.85 -36.24
CA ALA S 82 -26.98 -18.08 -36.22
C ALA S 82 -27.87 -18.20 -37.46
N LEU S 83 -28.37 -17.08 -37.97
CA LEU S 83 -29.06 -17.10 -39.26
C LEU S 83 -28.10 -17.43 -40.40
N THR S 84 -26.95 -16.75 -40.47
CA THR S 84 -26.02 -16.95 -41.59
C THR S 84 -25.29 -18.19 -41.52
N MET S 85 -25.53 -19.14 -40.64
CA MET S 85 -24.69 -20.32 -40.63
C MET S 85 -25.40 -21.61 -40.98
N TRP S 86 -26.39 -21.53 -41.87
CA TRP S 86 -26.85 -22.71 -42.60
C TRP S 86 -26.58 -22.58 -44.08
N ILE S 87 -25.70 -21.64 -44.47
CA ILE S 87 -25.58 -21.28 -45.87
C ILE S 87 -24.85 -22.37 -46.67
N PRO S 88 -23.64 -22.84 -46.34
CA PRO S 88 -23.04 -23.86 -47.21
C PRO S 88 -23.20 -25.29 -46.73
N LEU S 89 -23.95 -25.55 -45.68
CA LEU S 89 -24.19 -26.90 -45.21
C LEU S 89 -25.11 -27.61 -46.19
N PRO S 90 -24.63 -28.57 -46.97
CA PRO S 90 -25.41 -28.99 -48.13
C PRO S 90 -26.55 -29.94 -47.79
N MET S 91 -27.68 -29.43 -47.74
CA MET S 91 -28.75 -30.35 -48.08
C MET S 91 -28.93 -30.29 -49.60
N PRO S 92 -29.31 -31.41 -50.24
CA PRO S 92 -28.50 -31.98 -51.34
C PRO S 92 -27.69 -31.02 -52.19
N TYR S 93 -28.27 -29.91 -52.61
CA TYR S 93 -27.54 -28.91 -53.35
C TYR S 93 -27.41 -27.69 -52.45
N PRO S 94 -26.20 -27.27 -52.08
CA PRO S 94 -26.06 -26.21 -51.08
C PRO S 94 -26.48 -24.86 -51.63
N LEU S 95 -26.78 -23.97 -50.69
CA LEU S 95 -27.29 -22.65 -51.03
C LEU S 95 -26.22 -21.82 -51.73
N ILE S 96 -25.01 -21.84 -51.20
CA ILE S 96 -23.86 -21.21 -51.83
C ILE S 96 -22.76 -22.25 -51.95
N ASN S 97 -22.32 -22.51 -53.17
CA ASN S 97 -21.13 -23.32 -53.36
C ASN S 97 -19.92 -22.56 -52.87
N MET S 98 -19.16 -23.18 -51.98
CA MET S 98 -17.94 -22.59 -51.49
C MET S 98 -16.79 -23.56 -51.69
N ASN S 99 -15.67 -23.04 -52.22
CA ASN S 99 -14.45 -23.82 -52.32
C ASN S 99 -13.97 -24.25 -50.94
N LEU S 100 -14.17 -23.40 -49.94
CA LEU S 100 -13.80 -23.74 -48.58
C LEU S 100 -14.85 -23.24 -47.62
N GLY S 101 -15.36 -24.14 -46.78
CA GLY S 101 -16.42 -23.76 -45.86
C GLY S 101 -16.25 -24.30 -44.46
N VAL S 102 -15.31 -25.22 -44.27
CA VAL S 102 -15.17 -25.83 -42.96
C VAL S 102 -14.40 -24.92 -42.01
N LEU S 103 -13.40 -24.21 -42.52
CA LEU S 103 -12.79 -23.17 -41.73
C LEU S 103 -13.73 -21.97 -41.58
N PHE S 104 -14.69 -21.83 -42.49
CA PHE S 104 -15.76 -20.85 -42.32
C PHE S 104 -16.68 -21.23 -41.15
N MET S 105 -16.96 -22.54 -40.98
CA MET S 105 -17.69 -23.03 -39.80
C MET S 105 -16.98 -22.65 -38.51
N LEU S 106 -15.68 -22.93 -38.45
CA LEU S 106 -14.93 -22.62 -37.23
C LEU S 106 -14.83 -21.12 -36.99
N ALA S 107 -14.77 -20.32 -38.07
CA ALA S 107 -14.71 -18.87 -37.92
C ALA S 107 -16.00 -18.31 -37.34
N MET S 108 -17.13 -18.88 -37.73
CA MET S 108 -18.38 -18.41 -37.16
C MET S 108 -18.62 -18.91 -35.74
N SER S 109 -18.06 -20.07 -35.39
CA SER S 109 -17.99 -20.45 -33.97
C SER S 109 -17.23 -19.42 -33.15
N SER S 110 -16.11 -18.93 -33.70
CA SER S 110 -15.34 -17.90 -33.01
C SER S 110 -16.11 -16.59 -32.91
N LEU S 111 -16.92 -16.28 -33.91
CA LEU S 111 -17.74 -15.08 -33.82
C LEU S 111 -18.84 -15.21 -32.76
N ALA S 112 -19.32 -16.44 -32.53
CA ALA S 112 -20.23 -16.68 -31.41
C ALA S 112 -19.53 -16.42 -30.08
N VAL S 113 -18.25 -16.78 -29.99
CA VAL S 113 -17.45 -16.47 -28.80
C VAL S 113 -17.36 -14.94 -28.58
N TYR S 114 -17.16 -14.20 -29.67
CA TYR S 114 -17.17 -12.73 -29.62
C TYR S 114 -18.47 -12.18 -29.05
N SER S 115 -19.60 -12.73 -29.51
CA SER S 115 -20.90 -12.23 -29.07
C SER S 115 -21.13 -12.47 -27.59
N ILE S 116 -20.78 -13.67 -27.12
CA ILE S 116 -20.89 -14.01 -25.71
C ILE S 116 -20.05 -13.07 -24.86
N LEU S 117 -18.83 -12.75 -25.32
CA LEU S 117 -17.96 -11.88 -24.55
C LEU S 117 -18.48 -10.45 -24.53
N TRP S 118 -19.07 -9.98 -25.62
CA TRP S 118 -19.57 -8.60 -25.64
C TRP S 118 -20.76 -8.44 -24.70
N SER S 119 -21.70 -9.38 -24.76
CA SER S 119 -22.85 -9.30 -23.87
C SER S 119 -22.43 -9.42 -22.41
N GLY S 120 -21.46 -10.30 -22.13
CA GLY S 120 -21.01 -10.47 -20.77
C GLY S 120 -20.23 -9.29 -20.23
N TRP S 121 -19.48 -8.60 -21.09
CA TRP S 121 -18.89 -7.32 -20.71
C TRP S 121 -19.96 -6.32 -20.36
N ALA S 122 -20.81 -5.98 -21.33
CA ALA S 122 -21.71 -4.84 -21.16
C ALA S 122 -22.91 -5.13 -20.28
N SER S 123 -23.02 -6.35 -19.75
CA SER S 123 -24.21 -6.73 -18.98
C SER S 123 -24.42 -5.93 -17.71
N ASN S 124 -23.56 -6.15 -16.71
CA ASN S 124 -24.00 -5.96 -15.34
C ASN S 124 -22.81 -5.93 -14.40
N SER S 125 -23.06 -6.16 -13.12
CA SER S 125 -22.06 -6.13 -12.07
C SER S 125 -21.11 -7.32 -12.17
N LYS S 126 -20.23 -7.44 -11.18
CA LYS S 126 -18.95 -8.12 -11.37
C LYS S 126 -19.09 -9.63 -11.39
N TYR S 127 -20.03 -10.20 -10.64
CA TYR S 127 -20.15 -11.66 -10.68
C TYR S 127 -20.72 -12.13 -12.00
N ALA S 128 -21.62 -11.35 -12.60
CA ALA S 128 -22.06 -11.65 -13.97
C ALA S 128 -20.89 -11.59 -14.95
N LEU S 129 -19.97 -10.65 -14.73
CA LEU S 129 -18.80 -10.53 -15.58
C LEU S 129 -17.89 -11.74 -15.45
N ILE S 130 -17.65 -12.21 -14.22
CA ILE S 130 -16.74 -13.33 -14.04
C ILE S 130 -17.39 -14.64 -14.47
N GLY S 131 -18.72 -14.76 -14.34
CA GLY S 131 -19.40 -15.92 -14.89
C GLY S 131 -19.31 -15.98 -16.41
N ALA S 132 -19.52 -14.85 -17.08
CA ALA S 132 -19.37 -14.82 -18.53
C ALA S 132 -17.93 -15.04 -18.95
N LEU S 133 -16.98 -14.63 -18.12
CA LEU S 133 -15.58 -14.84 -18.45
C LEU S 133 -15.22 -16.32 -18.34
N ARG S 134 -15.79 -17.01 -17.36
CA ARG S 134 -15.63 -18.46 -17.27
C ARG S 134 -16.24 -19.14 -18.48
N ALA S 135 -17.38 -18.65 -18.95
CA ALA S 135 -18.00 -19.24 -20.12
C ALA S 135 -17.16 -19.01 -21.37
N VAL S 136 -16.49 -17.85 -21.45
CA VAL S 136 -15.58 -17.57 -22.57
C VAL S 136 -14.39 -18.52 -22.53
N ALA S 137 -13.89 -18.82 -21.33
CA ALA S 137 -12.75 -19.74 -21.23
C ALA S 137 -13.16 -21.17 -21.61
N GLN S 138 -14.29 -21.64 -21.10
CA GLN S 138 -14.69 -23.00 -21.42
C GLN S 138 -15.31 -23.13 -22.80
N THR S 139 -15.52 -22.02 -23.51
CA THR S 139 -15.83 -22.12 -24.92
C THR S 139 -14.59 -22.02 -25.79
N ILE S 140 -13.61 -21.21 -25.39
CA ILE S 140 -12.40 -21.07 -26.17
C ILE S 140 -11.49 -22.28 -26.04
N SER S 141 -11.65 -23.08 -24.99
CA SER S 141 -10.79 -24.24 -24.84
C SER S 141 -11.14 -25.38 -25.80
N TYR S 142 -12.28 -25.31 -26.48
CA TYR S 142 -12.71 -26.38 -27.36
C TYR S 142 -12.56 -26.08 -28.84
N GLU S 143 -12.39 -24.80 -29.21
CA GLU S 143 -12.19 -24.49 -30.61
C GLU S 143 -10.82 -24.92 -31.12
N VAL S 144 -9.86 -25.09 -30.22
CA VAL S 144 -8.66 -25.87 -30.52
C VAL S 144 -9.06 -27.27 -30.98
N THR S 145 -9.84 -27.95 -30.14
CA THR S 145 -10.13 -29.36 -30.31
C THR S 145 -11.00 -29.59 -31.53
N LEU S 146 -11.98 -28.72 -31.75
CA LEU S 146 -12.93 -28.94 -32.81
C LEU S 146 -12.27 -28.73 -34.18
N ALA S 147 -11.44 -27.70 -34.29
CA ALA S 147 -10.72 -27.47 -35.54
C ALA S 147 -9.69 -28.56 -35.81
N ILE S 148 -9.03 -29.05 -34.76
CA ILE S 148 -8.05 -30.12 -34.91
C ILE S 148 -8.72 -31.42 -35.36
N ILE S 149 -9.85 -31.77 -34.75
CA ILE S 149 -10.54 -32.98 -35.14
C ILE S 149 -11.11 -32.86 -36.55
N LEU S 150 -11.62 -31.68 -36.92
CA LEU S 150 -12.12 -31.47 -38.27
C LEU S 150 -11.02 -31.59 -39.32
N LEU S 151 -9.84 -31.03 -39.01
CA LEU S 151 -8.66 -31.20 -39.84
C LEU S 151 -8.33 -32.66 -40.05
N SER S 152 -8.35 -33.44 -38.96
CA SER S 152 -7.99 -34.85 -39.05
C SER S 152 -9.02 -35.65 -39.84
N VAL S 153 -10.30 -35.32 -39.73
CA VAL S 153 -11.28 -36.15 -40.42
C VAL S 153 -11.38 -35.77 -41.88
N LEU S 154 -11.09 -34.52 -42.23
CA LEU S 154 -11.10 -34.24 -43.66
C LEU S 154 -9.76 -34.53 -44.31
N LEU S 155 -8.74 -34.87 -43.52
CA LEU S 155 -7.47 -35.29 -44.09
C LEU S 155 -7.60 -36.57 -44.90
N MET S 156 -8.59 -37.41 -44.57
CA MET S 156 -8.91 -38.57 -45.37
C MET S 156 -9.78 -38.25 -46.57
N ASN S 157 -10.07 -36.98 -46.85
CA ASN S 157 -11.07 -36.65 -47.86
C ASN S 157 -10.68 -35.47 -48.74
N GLY S 158 -9.47 -34.96 -48.62
CA GLY S 158 -8.92 -34.07 -49.63
C GLY S 158 -9.32 -32.61 -49.55
N SER S 159 -10.54 -32.29 -49.93
CA SER S 159 -10.91 -30.90 -50.17
C SER S 159 -11.67 -30.31 -48.99
N PHE S 160 -11.74 -28.99 -48.95
CA PHE S 160 -12.62 -28.29 -48.04
C PHE S 160 -14.04 -28.15 -48.58
N THR S 161 -14.29 -28.60 -49.80
CA THR S 161 -15.48 -28.19 -50.55
C THR S 161 -16.77 -28.77 -50.01
N LEU S 162 -16.69 -29.90 -49.31
CA LEU S 162 -17.75 -30.62 -48.59
C LEU S 162 -18.73 -31.35 -49.52
N SER S 163 -18.70 -31.02 -50.81
CA SER S 163 -19.46 -31.79 -51.77
C SER S 163 -18.64 -32.97 -52.26
N THR S 164 -17.33 -32.79 -52.44
CA THR S 164 -16.46 -33.93 -52.64
C THR S 164 -16.43 -34.81 -51.39
N LEU S 165 -16.66 -34.21 -50.22
CA LEU S 165 -16.85 -35.00 -49.01
C LEU S 165 -18.10 -35.87 -49.09
N ILE S 166 -19.21 -35.31 -49.58
CA ILE S 166 -20.40 -36.16 -49.70
C ILE S 166 -20.24 -37.17 -50.84
N ILE S 167 -19.30 -36.93 -51.76
CA ILE S 167 -18.92 -37.97 -52.71
C ILE S 167 -18.16 -39.09 -52.00
N THR S 168 -17.21 -38.73 -51.13
CA THR S 168 -16.44 -39.75 -50.41
C THR S 168 -17.29 -40.57 -49.46
N GLN S 169 -18.33 -39.97 -48.91
CA GLN S 169 -19.17 -40.68 -47.95
C GLN S 169 -20.12 -41.69 -48.59
N GLU S 170 -20.13 -41.85 -49.91
CA GLU S 170 -21.17 -42.65 -50.51
C GLU S 170 -20.91 -44.14 -50.33
N GLN S 171 -19.65 -44.55 -50.20
CA GLN S 171 -19.38 -45.98 -50.10
C GLN S 171 -19.59 -46.49 -48.68
N VAL S 172 -18.82 -46.00 -47.73
CA VAL S 172 -19.02 -46.34 -46.33
C VAL S 172 -19.46 -45.08 -45.61
N TRP S 173 -20.06 -45.28 -44.45
CA TRP S 173 -20.14 -44.18 -43.50
C TRP S 173 -18.74 -43.86 -43.04
N LEU S 174 -18.46 -42.57 -42.88
CA LEU S 174 -17.14 -42.15 -42.44
C LEU S 174 -16.96 -42.38 -40.94
N ILE S 175 -18.01 -42.82 -40.23
CA ILE S 175 -17.90 -43.13 -38.82
C ILE S 175 -16.99 -44.34 -38.58
N PHE S 176 -16.87 -45.24 -39.55
CA PHE S 176 -16.05 -46.43 -39.34
C PHE S 176 -14.54 -46.22 -39.50
N PRO S 177 -14.03 -45.46 -40.49
CA PRO S 177 -12.58 -45.20 -40.48
C PRO S 177 -12.09 -44.33 -39.35
N ALA S 178 -12.96 -43.57 -38.70
CA ALA S 178 -12.54 -42.85 -37.50
C ALA S 178 -13.76 -42.74 -36.58
N TRP S 179 -13.95 -43.75 -35.76
CA TRP S 179 -14.93 -43.66 -34.68
C TRP S 179 -14.47 -42.97 -33.38
N PRO S 180 -13.24 -43.14 -32.84
CA PRO S 180 -12.98 -42.46 -31.56
C PRO S 180 -12.81 -40.97 -31.73
N LEU S 181 -12.22 -40.54 -32.84
CA LEU S 181 -12.09 -39.14 -33.18
C LEU S 181 -13.45 -38.49 -33.37
N ALA S 182 -14.38 -39.24 -33.96
CA ALA S 182 -15.74 -38.76 -34.13
C ALA S 182 -16.47 -38.65 -32.80
N MET S 183 -16.22 -39.59 -31.89
CA MET S 183 -16.85 -39.53 -30.57
C MET S 183 -16.35 -38.32 -29.78
N MET S 184 -15.05 -38.05 -29.89
CA MET S 184 -14.47 -36.85 -29.29
C MET S 184 -15.05 -35.58 -29.90
N TRP S 185 -15.29 -35.59 -31.20
CA TRP S 185 -15.86 -34.42 -31.86
C TRP S 185 -17.29 -34.18 -31.42
N PHE S 186 -18.05 -35.25 -31.24
CA PHE S 186 -19.42 -35.11 -30.75
C PHE S 186 -19.45 -34.54 -29.34
N ILE S 187 -18.51 -34.97 -28.50
CA ILE S 187 -18.43 -34.40 -27.14
C ILE S 187 -18.06 -32.92 -27.21
N SER S 188 -17.18 -32.55 -28.15
CA SER S 188 -16.87 -31.13 -28.30
C SER S 188 -18.04 -30.31 -28.85
N THR S 189 -18.92 -30.94 -29.64
CA THR S 189 -20.15 -30.23 -30.03
C THR S 189 -21.07 -30.02 -28.85
N LEU S 190 -21.13 -31.00 -27.93
CA LEU S 190 -21.83 -30.75 -26.67
C LEU S 190 -21.20 -29.61 -25.90
N ALA S 191 -19.88 -29.45 -25.99
CA ALA S 191 -19.25 -28.34 -25.30
C ALA S 191 -19.58 -27.00 -25.95
N GLU S 192 -19.61 -26.96 -27.28
CA GLU S 192 -19.81 -25.70 -27.97
C GLU S 192 -21.27 -25.27 -28.03
N THR S 193 -22.21 -26.19 -27.92
CA THR S 193 -23.61 -25.77 -27.80
C THR S 193 -23.95 -25.25 -26.41
N ASN S 194 -23.03 -25.41 -25.43
CA ASN S 194 -23.18 -24.92 -24.06
C ASN S 194 -24.41 -25.50 -23.37
N ARG S 195 -24.55 -26.81 -23.44
CA ARG S 195 -25.64 -27.51 -22.79
C ARG S 195 -25.07 -28.45 -21.75
N ALA S 196 -25.97 -29.09 -21.01
CA ALA S 196 -25.56 -30.06 -20.02
C ALA S 196 -24.88 -31.23 -20.72
N PRO S 197 -23.83 -31.80 -20.14
CA PRO S 197 -23.24 -31.62 -18.80
C PRO S 197 -22.26 -30.46 -18.63
N PHE S 198 -22.36 -29.42 -19.42
CA PHE S 198 -21.35 -28.36 -19.47
C PHE S 198 -22.03 -27.05 -19.12
N ASP S 199 -21.68 -26.49 -17.95
CA ASP S 199 -22.54 -25.59 -17.21
C ASP S 199 -22.67 -24.22 -17.88
N LEU S 200 -23.70 -23.48 -17.43
CA LEU S 200 -23.85 -22.07 -17.72
C LEU S 200 -24.21 -21.25 -16.50
N THR S 201 -24.27 -21.87 -15.32
CA THR S 201 -24.46 -21.13 -14.07
C THR S 201 -23.27 -21.38 -13.15
N ALA S 217 -28.49 -11.31 -19.23
CA ALA S 217 -28.75 -11.57 -20.64
C ALA S 217 -30.08 -10.97 -21.07
N GLY S 218 -30.24 -10.76 -22.37
CA GLY S 218 -31.45 -10.19 -22.89
C GLY S 218 -31.27 -9.49 -24.22
N PRO S 219 -32.31 -9.50 -25.09
CA PRO S 219 -33.59 -10.21 -24.96
C PRO S 219 -33.50 -11.72 -25.17
N PHE S 220 -34.25 -12.38 -24.30
CA PHE S 220 -34.02 -13.80 -24.01
C PHE S 220 -34.37 -14.66 -25.21
N ALA S 221 -35.43 -14.30 -25.94
CA ALA S 221 -35.80 -15.05 -27.13
C ALA S 221 -34.72 -14.96 -28.19
N LEU S 222 -34.07 -13.81 -28.30
CA LEU S 222 -33.05 -13.62 -29.32
C LEU S 222 -31.80 -14.43 -29.00
N PHE S 223 -31.32 -14.33 -27.76
CA PHE S 223 -30.12 -15.07 -27.36
C PHE S 223 -30.37 -16.57 -27.34
N PHE S 224 -31.57 -16.97 -26.93
CA PHE S 224 -32.00 -18.37 -26.87
C PHE S 224 -32.16 -18.95 -28.27
N MET S 225 -32.69 -18.13 -29.19
CA MET S 225 -32.77 -18.48 -30.59
C MET S 225 -31.39 -18.71 -31.19
N ALA S 226 -30.44 -17.84 -30.84
CA ALA S 226 -29.06 -18.02 -31.30
C ALA S 226 -28.48 -19.33 -30.80
N GLU S 227 -28.73 -19.66 -29.52
CA GLU S 227 -28.29 -20.92 -28.94
C GLU S 227 -28.82 -22.12 -29.70
N TYR S 228 -30.15 -22.22 -29.86
CA TYR S 228 -30.69 -23.43 -30.45
C TYR S 228 -30.43 -23.52 -31.95
N ALA S 229 -30.32 -22.38 -32.64
CA ALA S 229 -29.96 -22.42 -34.04
C ALA S 229 -28.53 -22.89 -34.23
N ASN S 230 -27.65 -22.52 -33.29
CA ASN S 230 -26.29 -23.03 -33.30
C ASN S 230 -26.27 -24.54 -33.05
N ILE S 231 -27.18 -25.02 -32.19
CA ILE S 231 -27.30 -26.46 -31.93
C ILE S 231 -27.69 -27.21 -33.19
N ILE S 232 -28.73 -26.74 -33.88
CA ILE S 232 -29.21 -27.45 -35.06
C ILE S 232 -28.20 -27.34 -36.20
N MET S 233 -27.44 -26.23 -36.26
CA MET S 233 -26.31 -26.16 -37.18
C MET S 233 -25.29 -27.26 -36.92
N MET S 234 -24.88 -27.40 -35.66
CA MET S 234 -23.92 -28.43 -35.31
C MET S 234 -24.45 -29.83 -35.54
N ASN S 235 -25.77 -30.02 -35.39
CA ASN S 235 -26.33 -31.36 -35.60
C ASN S 235 -26.42 -31.70 -37.08
N ILE S 236 -26.82 -30.75 -37.91
CA ILE S 236 -26.82 -30.95 -39.36
C ILE S 236 -25.40 -31.17 -39.87
N PHE S 237 -24.45 -30.43 -39.31
CA PHE S 237 -23.05 -30.57 -39.73
C PHE S 237 -22.46 -31.89 -39.25
N THR S 238 -22.91 -32.39 -38.11
CA THR S 238 -22.49 -33.70 -37.65
C THR S 238 -23.01 -34.78 -38.58
N THR S 239 -24.31 -34.71 -38.88
CA THR S 239 -24.95 -35.72 -39.73
C THR S 239 -24.36 -35.72 -41.14
N THR S 240 -23.99 -34.54 -41.63
CA THR S 240 -23.35 -34.47 -42.95
C THR S 240 -21.92 -34.97 -42.88
N LEU S 241 -21.21 -34.62 -41.82
CA LEU S 241 -19.76 -34.75 -41.83
C LEU S 241 -19.30 -36.19 -41.64
N PHE S 242 -19.96 -36.94 -40.78
CA PHE S 242 -19.47 -38.26 -40.42
C PHE S 242 -20.26 -39.41 -40.99
N LEU S 243 -21.45 -39.14 -41.48
CA LEU S 243 -22.28 -40.19 -42.05
C LEU S 243 -23.15 -39.56 -43.13
N GLY S 244 -24.22 -40.25 -43.52
CA GLY S 244 -25.09 -39.69 -44.51
C GLY S 244 -25.69 -40.76 -45.40
N ALA S 245 -26.13 -40.35 -46.59
CA ALA S 245 -26.79 -41.26 -47.50
C ALA S 245 -26.19 -41.07 -48.87
N PHE S 246 -26.53 -41.97 -49.78
CA PHE S 246 -26.15 -41.78 -51.17
C PHE S 246 -27.02 -40.69 -51.76
N HIS S 247 -26.39 -39.80 -52.52
CA HIS S 247 -27.15 -38.84 -53.31
C HIS S 247 -27.48 -39.48 -54.65
N ASN S 248 -28.75 -39.42 -55.02
CA ASN S 248 -29.14 -39.79 -56.36
C ASN S 248 -29.51 -38.53 -57.12
N PRO S 249 -28.83 -38.24 -58.21
CA PRO S 249 -29.28 -37.16 -59.08
C PRO S 249 -30.61 -37.47 -59.74
N TYR S 250 -31.28 -36.38 -60.12
CA TYR S 250 -32.69 -36.27 -60.51
C TYR S 250 -33.64 -37.07 -59.62
N MET S 251 -33.32 -37.16 -58.33
CA MET S 251 -34.22 -37.52 -57.23
C MET S 251 -33.59 -37.07 -55.91
N PRO S 252 -33.63 -35.78 -55.56
CA PRO S 252 -32.96 -35.32 -54.35
C PRO S 252 -33.83 -35.32 -53.11
N GLU S 253 -35.14 -35.46 -53.28
CA GLU S 253 -36.06 -35.57 -52.16
C GLU S 253 -35.75 -36.79 -51.31
N LEU S 254 -35.24 -37.85 -51.95
CA LEU S 254 -34.77 -39.04 -51.24
C LEU S 254 -33.64 -38.70 -50.28
N TYR S 255 -32.63 -37.97 -50.75
CA TYR S 255 -31.54 -37.62 -49.87
C TYR S 255 -31.99 -36.67 -48.77
N THR S 256 -32.92 -35.77 -49.06
CA THR S 256 -33.40 -34.87 -48.02
C THR S 256 -34.17 -35.63 -46.95
N ILE S 257 -34.95 -36.64 -47.36
CA ILE S 257 -35.70 -37.44 -46.39
C ILE S 257 -34.78 -38.23 -45.49
N ASN S 258 -33.81 -38.95 -46.08
CA ASN S 258 -32.93 -39.78 -45.25
C ASN S 258 -32.04 -38.93 -44.38
N PHE S 259 -31.63 -37.76 -44.89
CA PHE S 259 -30.83 -36.84 -44.11
C PHE S 259 -31.60 -36.27 -42.93
N THR S 260 -32.85 -35.88 -43.15
CA THR S 260 -33.65 -35.29 -42.08
C THR S 260 -33.95 -36.32 -41.00
N ILE S 261 -34.19 -37.57 -41.41
CA ILE S 261 -34.47 -38.61 -40.42
C ILE S 261 -33.23 -38.91 -39.59
N LYS S 262 -32.05 -39.00 -40.23
CA LYS S 262 -30.82 -39.22 -39.46
C LYS S 262 -30.52 -38.05 -38.53
N SER S 263 -30.66 -36.82 -39.01
CA SER S 263 -30.35 -35.67 -38.17
C SER S 263 -31.37 -35.50 -37.04
N LEU S 264 -32.63 -35.88 -37.28
CA LEU S 264 -33.63 -35.81 -36.22
C LEU S 264 -33.37 -36.84 -35.14
N LEU S 265 -33.06 -38.08 -35.54
CA LEU S 265 -32.74 -39.09 -34.54
C LEU S 265 -31.45 -38.76 -33.80
N LEU S 266 -30.51 -38.08 -34.47
CA LEU S 266 -29.30 -37.68 -33.76
C LEU S 266 -29.56 -36.54 -32.78
N SER S 267 -30.45 -35.61 -33.12
CA SER S 267 -30.75 -34.55 -32.16
C SER S 267 -31.57 -35.08 -30.98
N ILE S 268 -32.44 -36.06 -31.23
CA ILE S 268 -33.11 -36.75 -30.13
C ILE S 268 -32.10 -37.47 -29.26
N THR S 269 -31.09 -38.07 -29.88
CA THR S 269 -30.02 -38.73 -29.14
C THR S 269 -29.23 -37.73 -28.31
N PHE S 270 -29.03 -36.54 -28.87
CA PHE S 270 -28.35 -35.45 -28.18
C PHE S 270 -29.11 -35.02 -26.94
N LEU S 271 -30.42 -34.81 -27.09
CA LEU S 271 -31.24 -34.38 -25.97
C LEU S 271 -31.41 -35.50 -24.95
N TRP S 272 -31.40 -36.74 -25.42
CA TRP S 272 -31.40 -37.92 -24.57
C TRP S 272 -30.13 -37.98 -23.72
N ILE S 273 -28.99 -37.63 -24.31
CA ILE S 273 -27.74 -37.56 -23.57
C ILE S 273 -27.77 -36.42 -22.57
N ARG S 274 -28.43 -35.31 -22.91
CA ARG S 274 -28.65 -34.25 -21.92
C ARG S 274 -29.50 -34.72 -20.76
N ALA S 275 -30.44 -35.62 -21.01
CA ALA S 275 -31.41 -36.04 -20.00
C ALA S 275 -30.83 -36.89 -18.91
N SER S 276 -29.53 -37.11 -18.74
CA SER S 276 -29.09 -38.12 -17.80
C SER S 276 -27.98 -37.70 -16.85
N TYR S 277 -27.16 -36.70 -17.16
CA TYR S 277 -25.99 -36.55 -16.31
C TYR S 277 -25.87 -35.15 -15.74
N PRO S 278 -25.38 -35.04 -14.52
CA PRO S 278 -25.14 -33.73 -13.92
C PRO S 278 -23.96 -33.02 -14.54
N ARG S 279 -23.86 -31.73 -14.25
CA ARG S 279 -22.85 -30.86 -14.83
C ARG S 279 -21.50 -31.15 -14.20
N PHE S 280 -20.45 -30.74 -14.90
CA PHE S 280 -19.11 -31.09 -14.43
C PHE S 280 -18.65 -30.08 -13.39
N ARG S 281 -17.41 -30.21 -12.96
CA ARG S 281 -16.71 -29.11 -12.30
C ARG S 281 -15.87 -28.40 -13.34
N TYR S 282 -15.71 -27.09 -13.15
CA TYR S 282 -14.98 -26.26 -14.11
C TYR S 282 -13.53 -26.70 -14.24
N ASP S 283 -12.83 -26.84 -13.12
CA ASP S 283 -11.45 -27.26 -13.19
C ASP S 283 -11.34 -28.71 -13.63
N GLN S 284 -12.33 -29.54 -13.30
CA GLN S 284 -12.40 -30.86 -13.92
C GLN S 284 -12.63 -30.76 -15.42
N LEU S 285 -13.34 -29.73 -15.87
CA LEU S 285 -13.60 -29.61 -17.31
C LEU S 285 -12.34 -29.25 -18.08
N MET S 286 -11.59 -28.25 -17.59
CA MET S 286 -10.33 -27.89 -18.23
C MET S 286 -9.30 -29.01 -18.13
N HIS S 287 -9.17 -29.59 -16.93
CA HIS S 287 -8.25 -30.69 -16.70
C HIS S 287 -8.56 -31.88 -17.61
N LEU S 288 -9.86 -32.20 -17.73
CA LEU S 288 -10.32 -33.25 -18.62
C LEU S 288 -9.96 -32.94 -20.07
N LEU S 289 -10.27 -31.71 -20.51
CA LEU S 289 -10.01 -31.28 -21.88
C LEU S 289 -8.55 -31.44 -22.25
N TRP S 290 -7.67 -30.70 -21.56
CA TRP S 290 -6.24 -30.74 -21.86
C TRP S 290 -5.66 -32.14 -21.64
N LYS S 291 -5.63 -32.60 -20.38
CA LYS S 291 -4.89 -33.80 -20.07
C LYS S 291 -5.63 -35.08 -20.42
N ASN S 292 -6.76 -35.04 -21.11
CA ASN S 292 -7.32 -36.25 -21.68
C ASN S 292 -7.44 -36.19 -23.18
N PHE S 293 -8.14 -35.20 -23.72
CA PHE S 293 -8.31 -35.18 -25.17
C PHE S 293 -7.04 -34.79 -25.87
N LEU S 294 -6.26 -33.87 -25.27
CA LEU S 294 -5.34 -33.12 -26.11
C LEU S 294 -4.14 -33.94 -26.59
N PRO S 295 -3.54 -34.86 -25.83
CA PRO S 295 -2.62 -35.80 -26.48
C PRO S 295 -3.31 -36.79 -27.41
N LEU S 296 -4.58 -37.13 -27.14
CA LEU S 296 -5.26 -38.09 -28.00
C LEU S 296 -5.61 -37.49 -29.35
N THR S 297 -5.94 -36.19 -29.36
CA THR S 297 -6.14 -35.46 -30.60
C THR S 297 -4.88 -35.46 -31.46
N LEU S 298 -3.74 -35.15 -30.84
CA LEU S 298 -2.49 -35.05 -31.59
C LEU S 298 -2.04 -36.41 -32.09
N ALA S 299 -2.26 -37.43 -31.28
CA ALA S 299 -1.90 -38.78 -31.68
C ALA S 299 -2.75 -39.26 -32.86
N LEU S 300 -4.05 -38.94 -32.85
CA LEU S 300 -4.85 -39.31 -34.01
C LEU S 300 -4.53 -38.44 -35.23
N CYS S 301 -4.12 -37.19 -35.02
CA CYS S 301 -3.69 -36.33 -36.13
C CYS S 301 -2.47 -36.90 -36.82
N MET S 302 -1.45 -37.26 -36.05
CA MET S 302 -0.24 -37.78 -36.66
C MET S 302 -0.47 -39.16 -37.26
N TRP S 303 -1.41 -39.92 -36.72
CA TRP S 303 -1.68 -41.22 -37.32
C TRP S 303 -2.46 -41.07 -38.62
N HIS S 304 -3.38 -40.12 -38.70
CA HIS S 304 -4.04 -39.87 -39.97
C HIS S 304 -3.15 -39.13 -40.95
N VAL S 305 -2.09 -38.49 -40.50
CA VAL S 305 -1.09 -37.98 -41.43
C VAL S 305 -0.31 -39.13 -42.05
N SER S 306 0.27 -39.97 -41.21
CA SER S 306 1.17 -41.00 -41.69
C SER S 306 0.46 -42.24 -42.23
N LEU S 307 -0.87 -42.26 -42.22
CA LEU S 307 -1.60 -43.41 -42.72
C LEU S 307 -1.80 -43.52 -44.24
N PRO S 308 -2.11 -42.45 -45.00
CA PRO S 308 -2.22 -42.64 -46.45
C PRO S 308 -0.90 -43.01 -47.13
N ILE S 309 0.24 -42.65 -46.55
CA ILE S 309 1.51 -43.10 -47.09
C ILE S 309 1.73 -44.58 -46.76
N LEU S 310 0.96 -45.13 -45.81
CA LEU S 310 0.95 -46.57 -45.63
C LEU S 310 0.06 -47.24 -46.67
N LEU S 311 -1.09 -46.64 -46.95
CA LEU S 311 -2.09 -47.34 -47.73
C LEU S 311 -2.08 -47.00 -49.22
N SER S 312 -1.26 -46.04 -49.64
CA SER S 312 -1.25 -45.48 -50.99
C SER S 312 -2.63 -44.98 -51.41
N SER S 313 -3.26 -44.24 -50.51
CA SER S 313 -4.52 -43.61 -50.83
C SER S 313 -4.53 -42.20 -50.24
N ILE S 314 -3.99 -41.26 -50.98
CA ILE S 314 -4.25 -39.85 -50.69
C ILE S 314 -5.43 -39.44 -51.55
N PRO S 315 -6.33 -38.59 -51.05
CA PRO S 315 -7.56 -38.34 -51.77
C PRO S 315 -7.34 -37.45 -52.96
N PRO S 316 -8.09 -37.64 -54.04
CA PRO S 316 -8.02 -36.72 -55.18
C PRO S 316 -8.64 -35.38 -54.87
N GLN S 317 -7.92 -34.57 -54.11
CA GLN S 317 -8.28 -33.18 -53.91
C GLN S 317 -8.14 -32.47 -55.25
N THR S 318 -9.27 -32.18 -55.88
CA THR S 318 -9.27 -31.67 -57.24
C THR S 318 -8.71 -30.25 -57.25
N MET T 1 -23.96 -0.94 -55.89
CA MET T 1 -24.35 -1.49 -57.19
C MET T 1 -23.51 -0.89 -58.31
N MET T 2 -22.20 -1.03 -58.22
CA MET T 2 -21.29 -0.42 -59.19
C MET T 2 -19.99 -1.20 -59.22
N THR T 3 -19.01 -0.69 -59.97
CA THR T 3 -17.79 -1.42 -60.24
C THR T 3 -16.72 -1.19 -59.19
N TYR T 4 -16.69 -0.01 -58.57
CA TYR T 4 -15.53 0.38 -57.77
C TYR T 4 -15.61 -0.19 -56.35
N ILE T 5 -15.97 -1.46 -56.22
CA ILE T 5 -16.42 -1.98 -54.94
C ILE T 5 -15.25 -2.24 -54.00
N VAL T 6 -14.08 -2.57 -54.57
CA VAL T 6 -12.86 -2.70 -53.78
C VAL T 6 -12.49 -1.35 -53.17
N PHE T 7 -12.62 -0.28 -53.96
CA PHE T 7 -12.29 1.05 -53.46
C PHE T 7 -13.30 1.52 -52.41
N ILE T 8 -14.57 1.18 -52.59
CA ILE T 8 -15.60 1.57 -51.62
C ILE T 8 -15.37 0.86 -50.29
N LEU T 9 -15.11 -0.44 -50.33
CA LEU T 9 -14.84 -1.18 -49.10
C LEU T 9 -13.52 -0.74 -48.48
N SER T 10 -12.58 -0.26 -49.29
CA SER T 10 -11.37 0.33 -48.73
C SER T 10 -11.67 1.64 -48.02
N ILE T 11 -12.65 2.41 -48.51
CA ILE T 11 -13.03 3.64 -47.81
C ILE T 11 -13.64 3.32 -46.45
N ILE T 12 -14.52 2.31 -46.39
CA ILE T 12 -15.06 1.87 -45.10
C ILE T 12 -13.95 1.33 -44.19
N PHE T 13 -12.93 0.70 -44.77
CA PHE T 13 -11.79 0.20 -44.00
C PHE T 13 -11.01 1.33 -43.34
N VAL T 14 -10.76 2.40 -44.10
CA VAL T 14 -10.01 3.53 -43.55
C VAL T 14 -10.84 4.29 -42.53
N MET T 15 -12.16 4.39 -42.76
CA MET T 15 -13.11 4.86 -41.74
C MET T 15 -12.95 4.10 -40.44
N GLY T 16 -12.86 2.77 -40.50
CA GLY T 16 -12.73 1.99 -39.29
C GLY T 16 -11.38 2.15 -38.60
N PHE T 17 -10.30 2.25 -39.39
CA PHE T 17 -8.99 2.47 -38.78
C PHE T 17 -8.90 3.81 -38.07
N VAL T 18 -9.48 4.87 -38.63
CA VAL T 18 -9.56 6.12 -37.89
C VAL T 18 -10.47 5.97 -36.68
N GLY T 19 -11.53 5.16 -36.82
CA GLY T 19 -12.51 4.95 -35.77
C GLY T 19 -11.97 4.29 -34.52
N PHE T 20 -10.89 3.52 -34.63
CA PHE T 20 -10.24 3.13 -33.38
C PHE T 20 -8.87 3.76 -33.15
N SER T 21 -8.26 4.40 -34.14
CA SER T 21 -7.02 5.10 -33.90
C SER T 21 -7.25 6.54 -33.48
N SER T 22 -8.50 6.88 -33.19
CA SER T 22 -8.82 8.12 -32.48
C SER T 22 -8.68 7.99 -30.97
N LYS T 23 -8.06 6.91 -30.51
CA LYS T 23 -7.89 6.59 -29.08
C LYS T 23 -9.17 6.60 -28.25
N PRO T 24 -10.14 5.74 -28.54
CA PRO T 24 -11.36 5.75 -27.74
C PRO T 24 -11.18 4.97 -26.46
N SER T 25 -12.28 4.72 -25.76
CA SER T 25 -12.29 3.63 -24.81
C SER T 25 -11.91 2.34 -25.52
N PRO T 26 -11.08 1.50 -24.90
CA PRO T 26 -10.45 0.41 -25.66
C PRO T 26 -11.40 -0.69 -26.08
N ILE T 27 -12.60 -0.79 -25.52
CA ILE T 27 -13.48 -1.82 -26.04
C ILE T 27 -14.26 -1.30 -27.26
N TYR T 28 -14.47 0.02 -27.35
CA TYR T 28 -14.86 0.60 -28.62
C TYR T 28 -13.75 0.46 -29.64
N GLY T 29 -12.50 0.53 -29.19
CA GLY T 29 -11.38 0.22 -30.07
C GLY T 29 -11.41 -1.22 -30.57
N GLY T 30 -11.77 -2.16 -29.70
CA GLY T 30 -11.89 -3.55 -30.11
C GLY T 30 -12.99 -3.77 -31.12
N LEU T 31 -14.13 -3.09 -30.94
CA LEU T 31 -15.19 -3.13 -31.95
C LEU T 31 -14.70 -2.55 -33.28
N GLY T 32 -13.95 -1.45 -33.22
CA GLY T 32 -13.42 -0.86 -34.45
C GLY T 32 -12.46 -1.79 -35.17
N LEU T 33 -11.65 -2.52 -34.41
CA LEU T 33 -10.70 -3.43 -35.04
C LEU T 33 -11.39 -4.64 -35.64
N ILE T 34 -12.49 -5.10 -35.03
CA ILE T 34 -13.22 -6.23 -35.60
C ILE T 34 -13.93 -5.83 -36.89
N VAL T 35 -14.56 -4.65 -36.90
CA VAL T 35 -15.24 -4.19 -38.12
C VAL T 35 -14.23 -3.91 -39.23
N SER T 36 -13.07 -3.34 -38.88
CA SER T 36 -12.03 -3.07 -39.86
C SER T 36 -11.47 -4.35 -40.45
N GLY T 37 -11.27 -5.37 -39.61
CA GLY T 37 -10.80 -6.64 -40.12
C GLY T 37 -11.82 -7.34 -41.00
N GLY T 38 -13.11 -7.18 -40.69
CA GLY T 38 -14.13 -7.79 -41.53
C GLY T 38 -14.19 -7.17 -42.91
N VAL T 39 -14.12 -5.84 -42.98
CA VAL T 39 -14.16 -5.22 -44.29
C VAL T 39 -12.85 -5.40 -45.04
N GLY T 40 -11.72 -5.55 -44.34
CA GLY T 40 -10.49 -5.91 -45.01
C GLY T 40 -10.50 -7.33 -45.55
N CYS T 41 -11.15 -8.24 -44.82
CA CYS T 41 -11.43 -9.58 -45.32
C CYS T 41 -12.25 -9.54 -46.60
N GLY T 42 -13.26 -8.67 -46.64
CA GLY T 42 -14.02 -8.49 -47.86
C GLY T 42 -13.18 -7.97 -49.02
N ILE T 43 -12.25 -7.05 -48.74
CA ILE T 43 -11.34 -6.52 -49.76
C ILE T 43 -10.48 -7.61 -50.36
N VAL T 44 -9.82 -8.38 -49.50
CA VAL T 44 -8.85 -9.36 -49.99
C VAL T 44 -9.56 -10.54 -50.65
N LEU T 45 -10.78 -10.87 -50.23
CA LEU T 45 -11.54 -11.86 -50.99
C LEU T 45 -12.03 -11.31 -52.31
N ASN T 46 -12.24 -10.01 -52.42
CA ASN T 46 -12.54 -9.43 -53.72
C ASN T 46 -11.36 -9.46 -54.66
N PHE T 47 -10.15 -9.47 -54.13
CA PHE T 47 -9.03 -9.81 -55.02
C PHE T 47 -8.85 -11.30 -55.23
N GLY T 48 -9.45 -12.13 -54.38
CA GLY T 48 -9.53 -13.56 -54.67
C GLY T 48 -8.24 -14.35 -54.63
N GLY T 49 -7.67 -14.59 -53.45
CA GLY T 49 -8.28 -14.29 -52.18
C GLY T 49 -9.13 -15.43 -51.72
N SER T 50 -8.83 -16.62 -52.24
CA SER T 50 -9.59 -17.80 -51.87
C SER T 50 -9.31 -18.23 -50.45
N PHE T 51 -8.04 -18.36 -50.08
CA PHE T 51 -7.67 -18.96 -48.81
C PHE T 51 -7.30 -17.94 -47.74
N LEU T 52 -6.36 -17.03 -48.04
CA LEU T 52 -5.68 -16.28 -46.99
C LEU T 52 -6.58 -15.27 -46.31
N GLY T 53 -7.55 -14.70 -47.04
CA GLY T 53 -8.44 -13.75 -46.42
C GLY T 53 -9.46 -14.40 -45.52
N LEU T 54 -9.82 -15.64 -45.80
CA LEU T 54 -10.62 -16.37 -44.83
C LEU T 54 -9.74 -16.99 -43.76
N MET T 55 -8.44 -17.05 -44.00
CA MET T 55 -7.52 -17.55 -42.99
C MET T 55 -7.29 -16.53 -41.89
N VAL T 56 -7.11 -15.26 -42.26
CA VAL T 56 -6.98 -14.19 -41.25
C VAL T 56 -8.27 -14.01 -40.48
N PHE T 57 -9.39 -14.41 -41.08
CA PHE T 57 -10.69 -14.25 -40.47
C PHE T 57 -10.84 -15.16 -39.26
N LEU T 58 -10.16 -16.30 -39.26
CA LEU T 58 -10.17 -17.14 -38.08
C LEU T 58 -9.12 -16.72 -37.06
N ILE T 59 -7.98 -16.17 -37.48
CA ILE T 59 -6.93 -15.91 -36.53
C ILE T 59 -7.13 -14.56 -35.84
N TYR T 60 -7.07 -13.47 -36.60
CA TYR T 60 -7.22 -12.16 -35.97
C TYR T 60 -8.67 -11.90 -35.62
N LEU T 61 -9.59 -12.25 -36.52
CA LEU T 61 -11.01 -12.13 -36.26
C LEU T 61 -11.61 -13.45 -35.83
N GLY T 62 -10.80 -14.42 -35.45
CA GLY T 62 -11.35 -15.54 -34.73
C GLY T 62 -10.63 -15.91 -33.46
N GLY T 63 -9.37 -15.51 -33.30
CA GLY T 63 -8.64 -15.98 -32.15
C GLY T 63 -7.85 -14.95 -31.37
N MET T 64 -7.69 -13.74 -31.91
CA MET T 64 -6.89 -12.73 -31.22
C MET T 64 -7.71 -11.73 -30.44
N MET T 65 -8.82 -11.27 -31.02
CA MET T 65 -9.62 -10.27 -30.33
C MET T 65 -10.35 -10.85 -29.14
N VAL T 66 -10.51 -12.18 -29.09
CA VAL T 66 -11.02 -12.82 -27.89
C VAL T 66 -10.08 -12.54 -26.73
N VAL T 67 -8.78 -12.66 -26.98
CA VAL T 67 -7.81 -12.51 -25.91
C VAL T 67 -7.58 -11.04 -25.59
N PHE T 68 -7.69 -10.18 -26.59
CA PHE T 68 -7.60 -8.74 -26.32
C PHE T 68 -8.79 -8.25 -25.51
N GLY T 69 -10.00 -8.72 -25.83
CA GLY T 69 -11.15 -8.36 -25.03
C GLY T 69 -11.14 -8.98 -23.65
N TYR T 70 -10.63 -10.21 -23.55
CA TYR T 70 -10.38 -10.85 -22.26
C TYR T 70 -9.48 -9.99 -21.40
N THR T 71 -8.40 -9.48 -22.02
CA THR T 71 -7.42 -8.72 -21.29
C THR T 71 -7.93 -7.32 -20.96
N THR T 72 -8.80 -6.77 -21.80
CA THR T 72 -9.42 -5.50 -21.47
C THR T 72 -10.44 -5.67 -20.36
N ALA T 73 -11.13 -6.82 -20.35
CA ALA T 73 -12.14 -7.08 -19.35
C ALA T 73 -11.54 -7.45 -18.00
N MET T 74 -10.29 -7.87 -17.95
CA MET T 74 -9.73 -8.05 -16.62
C MET T 74 -9.08 -6.79 -16.06
N ALA T 75 -8.38 -6.00 -16.88
CA ALA T 75 -7.60 -4.89 -16.33
C ALA T 75 -8.47 -3.66 -16.05
N THR T 76 -9.01 -3.04 -17.09
CA THR T 76 -9.59 -1.72 -16.94
C THR T 76 -11.10 -1.82 -16.80
N GLU T 77 -11.68 -0.73 -16.28
CA GLU T 77 -13.07 -0.73 -15.84
C GLU T 77 -14.00 0.04 -16.78
N GLN T 78 -13.70 1.31 -17.05
CA GLN T 78 -14.54 2.26 -17.78
C GLN T 78 -15.97 2.28 -17.21
N TYR T 79 -16.04 2.75 -15.97
CA TYR T 79 -17.29 2.78 -15.21
C TYR T 79 -17.61 4.23 -14.85
N PRO T 80 -18.33 4.97 -15.72
CA PRO T 80 -18.71 6.35 -15.39
C PRO T 80 -19.79 6.43 -14.31
N SER T 85 -17.29 11.79 -27.57
CA SER T 85 -17.38 11.78 -26.11
C SER T 85 -16.48 12.86 -25.52
N ASN T 86 -15.22 12.52 -25.25
CA ASN T 86 -14.26 13.49 -24.77
C ASN T 86 -13.77 14.33 -25.95
N LYS T 87 -13.01 15.39 -25.65
CA LYS T 87 -12.58 16.32 -26.69
C LYS T 87 -11.61 15.67 -27.67
N VAL T 88 -10.65 14.90 -27.17
CA VAL T 88 -9.56 14.42 -28.00
C VAL T 88 -10.05 13.36 -28.99
N VAL T 89 -10.88 12.43 -28.51
CA VAL T 89 -11.33 11.30 -29.31
C VAL T 89 -12.19 11.77 -30.47
N LEU T 90 -13.23 12.54 -30.15
CA LEU T 90 -14.14 13.06 -31.16
C LEU T 90 -13.46 14.07 -32.07
N GLY T 91 -12.52 14.86 -31.55
CA GLY T 91 -11.81 15.81 -32.38
C GLY T 91 -10.91 15.13 -33.41
N THR T 92 -10.12 14.16 -32.96
CA THR T 92 -9.28 13.39 -33.86
C THR T 92 -10.09 12.60 -34.88
N PHE T 93 -11.25 12.06 -34.47
CA PHE T 93 -12.07 11.32 -35.41
C PHE T 93 -12.67 12.23 -36.47
N ILE T 94 -13.14 13.42 -36.09
CA ILE T 94 -13.70 14.33 -37.07
C ILE T 94 -12.63 14.85 -38.02
N THR T 95 -11.45 15.20 -37.50
CA THR T 95 -10.39 15.70 -38.37
C THR T 95 -9.85 14.60 -39.29
N GLY T 96 -9.75 13.36 -38.80
CA GLY T 96 -9.34 12.27 -39.66
C GLY T 96 -10.37 11.94 -40.72
N LEU T 97 -11.65 12.02 -40.36
CA LEU T 97 -12.71 11.80 -41.34
C LEU T 97 -12.72 12.89 -42.40
N LEU T 98 -12.36 14.12 -42.02
CA LEU T 98 -12.29 15.18 -43.02
C LEU T 98 -11.07 15.00 -43.90
N MET T 99 -9.96 14.48 -43.37
CA MET T 99 -8.80 14.18 -44.21
C MET T 99 -9.12 13.05 -45.19
N GLU T 100 -9.90 12.07 -44.74
CA GLU T 100 -10.44 11.04 -45.63
C GLU T 100 -11.29 11.65 -46.74
N PHE T 101 -12.18 12.57 -46.36
CA PHE T 101 -13.10 13.20 -47.30
C PHE T 101 -12.33 14.03 -48.33
N LEU T 102 -11.26 14.69 -47.89
CA LEU T 102 -10.44 15.45 -48.82
C LEU T 102 -9.64 14.54 -49.73
N MET T 103 -9.22 13.38 -49.24
CA MET T 103 -8.57 12.42 -50.13
C MET T 103 -9.54 11.85 -51.15
N VAL T 104 -10.79 11.63 -50.75
CA VAL T 104 -11.82 11.20 -51.69
C VAL T 104 -12.07 12.27 -52.74
N TYR T 105 -12.05 13.54 -52.32
CA TYR T 105 -12.25 14.64 -53.25
C TYR T 105 -11.09 14.78 -54.23
N TYR T 106 -9.86 14.66 -53.74
CA TYR T 106 -8.69 14.70 -54.64
C TYR T 106 -8.59 13.44 -55.50
N VAL T 107 -9.25 12.36 -55.14
CA VAL T 107 -9.35 11.27 -56.10
C VAL T 107 -10.38 11.59 -57.17
N LEU T 108 -11.56 12.08 -56.75
CA LEU T 108 -12.69 12.20 -57.67
C LEU T 108 -12.49 13.35 -58.64
N LYS T 109 -12.37 14.57 -58.14
CA LYS T 109 -12.27 15.75 -59.01
C LYS T 109 -10.84 16.18 -59.24
N ASP T 110 -9.94 15.21 -59.41
CA ASP T 110 -8.59 15.45 -59.93
C ASP T 110 -8.24 14.28 -60.83
N LYS T 111 -6.95 14.15 -61.11
CA LYS T 111 -6.42 13.03 -61.88
C LYS T 111 -5.63 12.04 -61.04
N GLU T 112 -4.77 12.53 -60.14
CA GLU T 112 -3.98 11.64 -59.29
C GLU T 112 -3.58 12.38 -58.02
N VAL T 113 -3.26 11.60 -56.99
CA VAL T 113 -2.83 12.10 -55.69
C VAL T 113 -1.41 11.63 -55.45
N GLU T 114 -0.54 12.53 -54.99
CA GLU T 114 0.88 12.25 -54.87
C GLU T 114 1.33 12.55 -53.44
N ILE T 115 1.57 11.51 -52.64
CA ILE T 115 2.29 11.77 -51.39
C ILE T 115 3.77 11.90 -51.72
N VAL T 116 4.42 10.80 -52.11
CA VAL T 116 5.38 10.82 -53.21
C VAL T 116 5.21 9.50 -53.97
N PHE T 117 4.22 9.48 -54.86
CA PHE T 117 3.87 8.38 -55.75
C PHE T 117 3.02 8.97 -56.85
N LYS T 118 2.47 8.12 -57.72
CA LYS T 118 1.51 8.59 -58.72
C LYS T 118 0.37 7.59 -58.78
N PHE T 119 -0.70 7.85 -58.02
CA PHE T 119 -1.82 6.94 -57.97
C PHE T 119 -2.80 7.33 -59.07
N ASN T 120 -2.67 6.68 -60.22
CA ASN T 120 -3.46 6.98 -61.41
C ASN T 120 -4.90 6.53 -61.17
N GLY T 121 -5.79 7.50 -60.96
CA GLY T 121 -7.11 7.23 -60.42
C GLY T 121 -8.20 6.84 -61.39
N MET T 122 -8.52 5.55 -61.46
CA MET T 122 -9.68 5.06 -62.20
C MET T 122 -10.10 3.72 -61.61
N GLY T 123 -10.94 2.99 -62.34
CA GLY T 123 -11.57 1.80 -61.79
C GLY T 123 -10.59 0.65 -61.67
N ASP T 124 -10.55 0.02 -60.49
CA ASP T 124 -9.53 -0.96 -60.20
C ASP T 124 -9.95 -2.38 -60.57
N TRP T 125 -10.47 -2.55 -61.77
CA TRP T 125 -10.49 -3.89 -62.32
C TRP T 125 -9.13 -4.21 -62.90
N VAL T 126 -8.43 -3.19 -63.39
CA VAL T 126 -7.00 -3.32 -63.62
C VAL T 126 -6.29 -3.34 -62.27
N ILE T 127 -5.43 -4.34 -62.06
CA ILE T 127 -5.21 -5.43 -63.01
C ILE T 127 -5.94 -6.68 -62.58
N TYR T 128 -5.97 -7.65 -63.49
CA TYR T 128 -6.63 -8.93 -63.27
C TYR T 128 -6.10 -9.88 -64.33
N ASP T 129 -6.28 -11.18 -64.09
CA ASP T 129 -5.85 -12.20 -65.04
C ASP T 129 -6.65 -12.11 -66.33
N THR T 130 -6.03 -12.52 -67.43
CA THR T 130 -6.71 -12.55 -68.72
C THR T 130 -7.36 -13.90 -69.00
N GLY T 131 -8.10 -14.41 -68.01
CA GLY T 131 -8.77 -15.69 -68.14
C GLY T 131 -7.85 -16.89 -68.25
N ASP T 132 -6.61 -16.77 -67.76
CA ASP T 132 -5.65 -17.86 -67.86
C ASP T 132 -6.03 -18.97 -66.89
N SER T 133 -6.35 -20.13 -67.43
CA SER T 133 -6.84 -21.25 -66.64
C SER T 133 -5.74 -21.85 -65.78
N GLY T 134 -6.05 -22.08 -64.51
CA GLY T 134 -5.12 -22.79 -63.66
C GLY T 134 -5.53 -24.22 -63.44
N PHE T 135 -6.82 -24.41 -63.15
CA PHE T 135 -7.54 -25.63 -62.73
C PHE T 135 -7.21 -26.01 -61.28
N PHE T 136 -6.22 -25.37 -60.66
CA PHE T 136 -5.90 -25.76 -59.30
C PHE T 136 -5.87 -24.60 -58.31
N SER T 137 -6.36 -23.41 -58.68
CA SER T 137 -6.60 -22.29 -57.77
C SER T 137 -5.32 -21.84 -57.07
N GLU T 138 -4.44 -21.21 -57.87
CA GLU T 138 -3.00 -21.10 -57.71
C GLU T 138 -2.46 -20.91 -56.29
N GLU T 139 -3.23 -20.24 -55.43
CA GLU T 139 -2.86 -20.16 -54.02
C GLU T 139 -2.96 -21.50 -53.30
N ALA T 140 -3.72 -22.45 -53.83
CA ALA T 140 -3.84 -23.77 -53.20
C ALA T 140 -2.50 -24.48 -53.19
N MET T 141 -1.92 -24.70 -54.38
CA MET T 141 -0.59 -25.28 -54.42
C MET T 141 0.48 -24.28 -54.04
N GLY T 142 0.16 -22.98 -54.04
CA GLY T 142 1.05 -22.00 -53.45
C GLY T 142 1.31 -22.25 -51.98
N ILE T 143 0.24 -22.41 -51.20
CA ILE T 143 0.39 -22.72 -49.79
C ILE T 143 0.81 -24.17 -49.61
N ALA T 144 0.49 -25.04 -50.56
CA ALA T 144 0.95 -26.42 -50.47
C ALA T 144 2.44 -26.56 -50.69
N ALA T 145 3.09 -25.59 -51.33
CA ALA T 145 4.54 -25.61 -51.44
C ALA T 145 5.24 -25.24 -50.14
N LEU T 146 4.51 -24.82 -49.10
CA LEU T 146 5.14 -24.50 -47.83
C LEU T 146 5.73 -25.73 -47.15
N TYR T 147 5.19 -26.91 -47.44
CA TYR T 147 5.63 -28.12 -46.77
C TYR T 147 6.68 -28.89 -47.54
N SER T 148 6.45 -29.15 -48.82
CA SER T 148 7.43 -29.93 -49.58
C SER T 148 8.67 -29.12 -49.95
N TYR T 149 8.68 -27.81 -49.70
CA TYR T 149 9.86 -27.00 -49.90
C TYR T 149 10.38 -26.34 -48.63
N GLY T 150 9.56 -26.17 -47.61
CA GLY T 150 9.95 -25.48 -46.42
C GLY T 150 10.70 -26.31 -45.40
N THR T 151 11.98 -26.58 -45.62
CA THR T 151 12.75 -27.23 -44.57
C THR T 151 13.09 -26.25 -43.47
N TRP T 152 13.79 -25.17 -43.82
CA TRP T 152 14.29 -24.24 -42.81
C TRP T 152 13.17 -23.44 -42.16
N LEU T 153 12.12 -23.16 -42.93
CA LEU T 153 11.16 -22.14 -42.54
C LEU T 153 10.25 -22.62 -41.43
N VAL T 154 9.71 -23.84 -41.56
CA VAL T 154 8.82 -24.33 -40.52
C VAL T 154 9.60 -24.70 -39.27
N ILE T 155 10.89 -25.05 -39.41
CA ILE T 155 11.71 -25.35 -38.24
C ILE T 155 11.93 -24.10 -37.41
N VAL T 156 12.33 -23.00 -38.05
CA VAL T 156 12.55 -21.78 -37.28
C VAL T 156 11.24 -21.18 -36.79
N THR T 157 10.14 -21.38 -37.52
CA THR T 157 8.88 -20.80 -37.10
C THR T 157 8.29 -21.52 -35.90
N GLY T 158 8.21 -22.85 -35.96
CA GLY T 158 7.77 -23.61 -34.80
C GLY T 158 8.70 -23.48 -33.62
N TRP T 159 10.01 -23.29 -33.88
CA TRP T 159 10.93 -23.05 -32.78
C TRP T 159 10.63 -21.73 -32.10
N SER T 160 10.30 -20.71 -32.88
CA SER T 160 9.92 -19.42 -32.29
C SER T 160 8.63 -19.52 -31.50
N LEU T 161 7.68 -20.34 -31.95
CA LEU T 161 6.45 -20.48 -31.18
C LEU T 161 6.68 -21.25 -29.88
N LEU T 162 7.57 -22.25 -29.90
CA LEU T 162 7.89 -22.99 -28.69
C LEU T 162 8.62 -22.12 -27.68
N ILE T 163 9.55 -21.29 -28.16
CA ILE T 163 10.21 -20.34 -27.28
C ILE T 163 9.23 -19.32 -26.76
N GLY T 164 8.25 -18.93 -27.57
CA GLY T 164 7.17 -18.08 -27.09
C GLY T 164 6.38 -18.70 -25.94
N VAL T 165 6.12 -20.00 -26.02
CA VAL T 165 5.39 -20.71 -24.95
C VAL T 165 6.18 -20.67 -23.65
N VAL T 166 7.44 -21.10 -23.68
CA VAL T 166 8.22 -21.18 -22.44
C VAL T 166 8.52 -19.79 -21.89
N VAL T 167 8.67 -18.79 -22.76
CA VAL T 167 8.92 -17.43 -22.32
C VAL T 167 7.69 -16.84 -21.65
N ILE T 168 6.49 -17.09 -22.21
CA ILE T 168 5.27 -16.57 -21.61
C ILE T 168 5.05 -17.16 -20.23
N MET T 169 5.27 -18.46 -20.07
CA MET T 169 5.02 -19.02 -18.74
C MET T 169 6.10 -18.58 -17.73
N GLU T 170 7.35 -18.40 -18.20
CA GLU T 170 8.38 -17.90 -17.30
C GLU T 170 8.10 -16.49 -16.82
N ILE T 171 7.68 -15.60 -17.73
CA ILE T 171 7.31 -14.23 -17.37
C ILE T 171 6.08 -14.23 -16.46
N THR T 172 5.10 -15.07 -16.76
CA THR T 172 3.96 -15.28 -15.86
C THR T 172 4.25 -16.43 -14.91
N ARG T 173 5.41 -16.31 -14.27
CA ARG T 173 5.84 -17.00 -13.06
C ARG T 173 6.19 -18.45 -13.33
N GLY T 174 7.25 -18.63 -14.12
CA GLY T 174 7.86 -19.93 -14.28
C GLY T 174 8.32 -20.53 -12.96
N ASN T 175 7.86 -21.74 -12.66
CA ASN T 175 6.96 -22.49 -13.53
C ASN T 175 5.54 -22.52 -12.98
N MET U 1 -2.12 2.88 -60.18
CA MET U 1 -1.16 2.38 -59.22
C MET U 1 -1.91 1.49 -58.23
N SER U 2 -3.10 1.06 -58.68
CA SER U 2 -4.01 0.21 -57.90
C SER U 2 -4.39 0.90 -56.59
N LEU U 3 -5.21 1.95 -56.75
CA LEU U 3 -5.44 3.03 -55.78
C LEU U 3 -5.73 2.58 -54.35
N VAL U 4 -6.20 1.34 -54.16
CA VAL U 4 -6.36 0.77 -52.84
C VAL U 4 -5.03 0.71 -52.08
N TYR U 5 -3.90 0.70 -52.80
CA TYR U 5 -2.59 0.76 -52.16
C TYR U 5 -2.39 2.11 -51.47
N MET U 6 -2.84 3.20 -52.11
CA MET U 6 -2.78 4.53 -51.49
C MET U 6 -3.63 4.59 -50.24
N ASN U 7 -4.84 4.04 -50.33
CA ASN U 7 -5.79 4.12 -49.23
C ASN U 7 -5.28 3.30 -48.05
N ILE U 8 -4.65 2.16 -48.33
CA ILE U 8 -4.18 1.32 -47.25
C ILE U 8 -2.87 1.84 -46.66
N MET U 9 -2.03 2.53 -47.44
CA MET U 9 -0.85 3.14 -46.86
C MET U 9 -1.23 4.33 -45.98
N MET U 10 -2.23 5.09 -46.42
CA MET U 10 -2.81 6.14 -45.59
C MET U 10 -3.35 5.56 -44.29
N ALA U 11 -4.05 4.42 -44.38
CA ALA U 11 -4.55 3.77 -43.17
C ALA U 11 -3.43 3.25 -42.29
N PHE U 12 -2.32 2.79 -42.89
CA PHE U 12 -1.15 2.38 -42.12
C PHE U 12 -0.59 3.54 -41.33
N THR U 13 -0.40 4.69 -41.98
CA THR U 13 0.18 5.83 -41.28
C THR U 13 -0.76 6.37 -40.22
N VAL U 14 -2.06 6.29 -40.46
CA VAL U 14 -3.04 6.67 -39.44
C VAL U 14 -2.93 5.73 -38.25
N SER U 15 -2.83 4.43 -38.48
CA SER U 15 -2.63 3.48 -37.38
C SER U 15 -1.28 3.67 -36.70
N LEU U 16 -0.27 4.14 -37.43
CA LEU U 16 1.03 4.36 -36.83
C LEU U 16 1.00 5.57 -35.92
N THR U 17 0.29 6.63 -36.32
CA THR U 17 0.08 7.74 -35.42
C THR U 17 -0.77 7.33 -34.22
N GLY U 18 -1.69 6.39 -34.41
CA GLY U 18 -2.42 5.85 -33.28
C GLY U 18 -1.55 5.06 -32.34
N LEU U 19 -0.53 4.38 -32.88
CA LEU U 19 0.44 3.70 -32.03
C LEU U 19 1.30 4.70 -31.27
N LEU U 20 1.74 5.76 -31.95
CA LEU U 20 2.69 6.69 -31.35
C LEU U 20 2.01 7.60 -30.32
N MET U 21 1.05 8.41 -30.74
CA MET U 21 0.41 9.27 -29.74
C MET U 21 -0.67 8.47 -29.04
N TYR U 22 -0.58 8.40 -27.71
CA TYR U 22 -1.57 7.71 -26.89
C TYR U 22 -1.46 8.25 -25.47
N ARG U 23 -2.60 8.27 -24.77
CA ARG U 23 -2.71 9.01 -23.52
C ARG U 23 -3.33 8.23 -22.37
N SER U 24 -4.06 7.15 -22.59
CA SER U 24 -4.85 6.52 -21.54
C SER U 24 -4.30 5.18 -21.09
N HIS U 25 -4.17 4.21 -22.00
CA HIS U 25 -3.89 2.84 -21.65
C HIS U 25 -2.79 2.27 -22.51
N LEU U 26 -2.16 1.21 -22.01
CA LEU U 26 -1.34 0.38 -22.88
C LEU U 26 -2.18 -0.39 -23.88
N MET U 27 -3.45 -0.62 -23.56
CA MET U 27 -4.30 -1.48 -24.37
C MET U 27 -4.63 -0.83 -25.71
N SER U 28 -4.85 0.50 -25.71
CA SER U 28 -5.10 1.18 -26.97
C SER U 28 -3.86 1.17 -27.85
N SER U 29 -2.68 1.29 -27.24
CA SER U 29 -1.43 1.21 -27.99
C SER U 29 -1.24 -0.16 -28.60
N LEU U 30 -1.49 -1.21 -27.82
CA LEU U 30 -1.29 -2.57 -28.33
C LEU U 30 -2.36 -2.94 -29.35
N LEU U 31 -3.56 -2.40 -29.22
CA LEU U 31 -4.61 -2.66 -30.19
C LEU U 31 -4.31 -1.94 -31.50
N CYS U 32 -3.70 -0.75 -31.42
CA CYS U 32 -3.25 -0.11 -32.65
C CYS U 32 -2.07 -0.84 -33.25
N LEU U 33 -1.26 -1.50 -32.42
CA LEU U 33 -0.20 -2.35 -32.96
C LEU U 33 -0.76 -3.52 -33.74
N GLU U 34 -1.82 -4.14 -33.22
CA GLU U 34 -2.48 -5.23 -33.95
C GLU U 34 -3.15 -4.74 -35.23
N GLY U 35 -3.76 -3.54 -35.20
CA GLY U 35 -4.35 -3.01 -36.42
C GLY U 35 -3.31 -2.70 -37.49
N MET U 36 -2.18 -2.15 -37.08
CA MET U 36 -1.04 -1.92 -37.97
C MET U 36 -0.53 -3.23 -38.56
N MET U 37 -0.48 -4.28 -37.74
CA MET U 37 -0.12 -5.61 -38.18
C MET U 37 -1.06 -6.13 -39.27
N LEU U 38 -2.36 -5.98 -39.05
CA LEU U 38 -3.34 -6.41 -40.03
C LEU U 38 -3.26 -5.56 -41.30
N SER U 39 -2.88 -4.29 -41.16
CA SER U 39 -2.68 -3.43 -42.33
C SER U 39 -1.56 -3.95 -43.22
N LEU U 40 -0.42 -4.28 -42.60
CA LEU U 40 0.68 -4.85 -43.36
C LEU U 40 0.34 -6.22 -43.94
N PHE U 41 -0.49 -6.99 -43.23
CA PHE U 41 -1.01 -8.25 -43.75
C PHE U 41 -1.74 -8.05 -45.07
N ILE U 42 -2.75 -7.17 -45.06
CA ILE U 42 -3.56 -6.95 -46.25
C ILE U 42 -2.71 -6.39 -47.38
N LEU U 43 -1.74 -5.53 -47.04
CA LEU U 43 -0.93 -4.87 -48.06
C LEU U 43 -0.04 -5.87 -48.78
N ALA U 44 0.72 -6.67 -48.02
CA ALA U 44 1.57 -7.70 -48.61
C ALA U 44 0.77 -8.77 -49.33
N THR U 45 -0.42 -9.09 -48.83
CA THR U 45 -1.21 -10.16 -49.45
C THR U 45 -1.76 -9.71 -50.81
N LEU U 46 -2.21 -8.47 -50.91
CA LEU U 46 -2.72 -8.00 -52.19
C LEU U 46 -1.60 -7.90 -53.22
N MET U 47 -0.41 -7.50 -52.76
CA MET U 47 0.73 -7.43 -53.67
C MET U 47 1.10 -8.81 -54.23
N ILE U 48 1.18 -9.81 -53.36
CA ILE U 48 1.56 -11.14 -53.80
C ILE U 48 0.48 -11.77 -54.68
N LEU U 49 -0.79 -11.55 -54.33
CA LEU U 49 -1.87 -12.21 -55.06
C LEU U 49 -2.11 -11.57 -56.42
N ASN U 50 -1.95 -10.25 -56.55
CA ASN U 50 -2.05 -9.69 -57.89
C ASN U 50 -0.78 -9.98 -58.69
N SER U 51 0.34 -10.17 -58.02
CA SER U 51 1.56 -10.42 -58.75
C SER U 51 1.72 -11.87 -59.19
N HIS U 52 0.81 -12.77 -58.79
CA HIS U 52 0.86 -14.22 -59.08
C HIS U 52 2.17 -14.84 -58.63
N PHE U 53 2.63 -14.42 -57.46
CA PHE U 53 3.92 -14.82 -56.93
C PHE U 53 3.68 -16.02 -56.01
N THR U 54 3.49 -17.18 -56.64
CA THR U 54 2.89 -18.31 -55.95
C THR U 54 3.85 -19.03 -55.01
N LEU U 55 5.15 -18.97 -55.28
CA LEU U 55 6.07 -19.87 -54.58
C LEU U 55 6.39 -19.37 -53.18
N ALA U 56 6.67 -18.08 -53.04
CA ALA U 56 6.82 -17.47 -51.73
C ALA U 56 5.53 -16.73 -51.35
N SER U 57 4.46 -17.50 -51.24
CA SER U 57 3.19 -17.02 -50.71
C SER U 57 3.06 -17.29 -49.21
N MET U 58 4.20 -17.51 -48.53
CA MET U 58 4.25 -17.79 -47.11
C MET U 58 4.11 -16.53 -46.26
N MET U 59 4.42 -15.40 -46.86
CA MET U 59 4.39 -14.09 -46.19
C MET U 59 3.12 -13.76 -45.40
N PRO U 60 1.89 -13.96 -45.91
CA PRO U 60 0.73 -13.55 -45.10
C PRO U 60 0.59 -14.33 -43.80
N ILE U 61 0.63 -15.66 -43.86
CA ILE U 61 0.42 -16.42 -42.64
C ILE U 61 1.64 -16.35 -41.74
N ILE U 62 2.84 -16.15 -42.30
CA ILE U 62 4.00 -16.13 -41.41
C ILE U 62 4.16 -14.77 -40.72
N LEU U 63 3.97 -13.68 -41.47
CA LEU U 63 3.89 -12.35 -40.87
C LEU U 63 2.79 -12.29 -39.81
N LEU U 64 1.67 -12.94 -40.09
CA LEU U 64 0.57 -13.01 -39.15
C LEU U 64 0.95 -13.74 -37.86
N VAL U 65 1.46 -14.98 -37.98
CA VAL U 65 1.72 -15.80 -36.79
C VAL U 65 2.82 -15.17 -35.93
N PHE U 66 3.80 -14.55 -36.57
CA PHE U 66 4.90 -13.97 -35.82
C PHE U 66 4.47 -12.70 -35.10
N ALA U 67 3.89 -11.73 -35.80
CA ALA U 67 3.52 -10.52 -35.07
C ALA U 67 2.34 -10.75 -34.13
N ALA U 68 1.57 -11.81 -34.34
CA ALA U 68 0.59 -12.21 -33.35
C ALA U 68 1.24 -12.72 -32.06
N CYS U 69 2.32 -13.51 -32.16
CA CYS U 69 2.96 -13.95 -30.92
C CYS U 69 3.73 -12.80 -30.25
N GLU U 70 4.16 -11.82 -31.04
CA GLU U 70 4.63 -10.55 -30.49
C GLU U 70 3.55 -9.89 -29.65
N ALA U 71 2.32 -9.83 -30.17
CA ALA U 71 1.20 -9.26 -29.43
C ALA U 71 0.88 -10.07 -28.17
N ALA U 72 1.09 -11.38 -28.22
CA ALA U 72 0.89 -12.22 -27.03
C ALA U 72 1.89 -11.88 -25.94
N LEU U 73 3.16 -11.67 -26.33
CA LEU U 73 4.16 -11.18 -25.39
C LEU U 73 3.75 -9.83 -24.81
N GLY U 74 3.17 -8.97 -25.66
CA GLY U 74 2.70 -7.68 -25.18
C GLY U 74 1.59 -7.79 -24.16
N LEU U 75 0.67 -8.73 -24.35
CA LEU U 75 -0.40 -8.93 -23.39
C LEU U 75 0.12 -9.45 -22.06
N SER U 76 1.07 -10.39 -22.11
CA SER U 76 1.63 -10.89 -20.86
C SER U 76 2.38 -9.80 -20.10
N LEU U 77 3.04 -8.90 -20.83
CA LEU U 77 3.70 -7.79 -20.17
C LEU U 77 2.70 -6.81 -19.58
N LEU U 78 1.59 -6.59 -20.28
CA LEU U 78 0.54 -5.71 -19.76
C LEU U 78 -0.07 -6.29 -18.50
N VAL U 79 -0.24 -7.61 -18.45
CA VAL U 79 -0.79 -8.23 -17.25
C VAL U 79 0.22 -8.18 -16.10
N MET U 80 1.51 -8.27 -16.41
CA MET U 80 2.52 -8.10 -15.36
C MET U 80 2.50 -6.69 -14.78
N VAL U 81 2.37 -5.68 -15.65
CA VAL U 81 2.33 -4.28 -15.20
C VAL U 81 1.06 -4.02 -14.37
N SER U 82 -0.09 -4.45 -14.88
CA SER U 82 -1.32 -4.24 -14.15
C SER U 82 -1.47 -5.15 -12.94
N ASN U 83 -0.62 -6.17 -12.80
CA ASN U 83 -0.59 -6.91 -11.55
C ASN U 83 0.22 -6.17 -10.51
N THR U 84 1.42 -5.70 -10.86
CA THR U 84 2.24 -5.03 -9.87
C THR U 84 1.78 -3.61 -9.56
N TYR U 85 0.80 -3.08 -10.29
CA TYR U 85 0.14 -1.85 -9.91
C TYR U 85 -1.36 -2.07 -9.87
N GLY U 86 -2.13 -0.99 -9.77
CA GLY U 86 -3.57 -1.11 -9.70
C GLY U 86 -4.24 -0.94 -11.05
N THR U 87 -3.73 -0.03 -11.85
CA THR U 87 -4.29 0.29 -13.16
C THR U 87 -3.28 -0.05 -14.25
N ASP U 88 -3.59 0.39 -15.45
CA ASP U 88 -2.77 0.17 -16.64
C ASP U 88 -2.58 1.48 -17.40
N TYR U 89 -2.39 2.57 -16.67
CA TYR U 89 -2.25 3.87 -17.28
C TYR U 89 -0.88 4.03 -17.93
N VAL U 90 -0.77 5.08 -18.74
CA VAL U 90 0.54 5.60 -19.11
C VAL U 90 1.26 6.11 -17.87
N GLN U 91 0.50 6.66 -16.93
CA GLN U 91 1.03 6.95 -15.60
C GLN U 91 1.14 5.65 -14.79
N ASN U 92 1.54 5.81 -13.53
CA ASN U 92 2.14 4.76 -12.68
C ASN U 92 3.39 4.17 -13.32
N LEU U 93 4.06 4.94 -14.17
CA LEU U 93 5.22 4.48 -14.91
C LEU U 93 6.31 5.53 -14.99
N ASN U 94 6.13 6.68 -14.35
CA ASN U 94 7.13 7.72 -14.42
C ASN U 94 8.37 7.40 -13.59
N LEU U 95 8.31 6.41 -12.71
CA LEU U 95 9.46 6.03 -11.90
C LEU U 95 10.51 5.36 -12.76
N LEU U 96 11.63 5.03 -12.11
CA LEU U 96 12.91 4.73 -12.76
C LEU U 96 13.29 5.91 -13.67
N GLN U 97 13.53 7.03 -13.02
CA GLN U 97 13.61 8.30 -13.73
C GLN U 97 14.97 8.48 -14.41
N CYS U 98 15.10 9.60 -15.11
CA CYS U 98 16.27 9.90 -15.92
C CYS U 98 16.84 11.27 -15.53
N MET V 1 107.59 38.65 -29.98
CA MET V 1 108.40 38.43 -28.79
C MET V 1 107.59 37.69 -27.75
N ASN V 2 107.91 36.40 -27.57
CA ASN V 2 107.12 35.54 -26.71
C ASN V 2 107.27 35.87 -25.23
N LEU V 3 108.28 36.67 -24.88
CA LEU V 3 108.45 37.16 -23.52
C LEU V 3 107.24 37.97 -23.07
N PHE V 4 106.76 38.84 -23.95
CA PHE V 4 105.68 39.75 -23.60
C PHE V 4 104.38 38.99 -23.35
N SER V 5 104.07 38.06 -24.25
CA SER V 5 102.88 37.23 -24.10
C SER V 5 102.97 36.32 -22.89
N SER V 6 104.16 35.79 -22.60
CA SER V 6 104.31 34.92 -21.44
C SER V 6 104.12 35.67 -20.13
N LEU V 7 104.71 36.87 -20.01
CA LEU V 7 104.53 37.65 -18.79
C LEU V 7 103.10 38.12 -18.61
N THR V 8 102.42 38.51 -19.70
CA THR V 8 101.04 38.94 -19.54
C THR V 8 100.11 37.79 -19.19
N LEU V 9 100.30 36.62 -19.80
CA LEU V 9 99.44 35.51 -19.45
C LEU V 9 99.73 34.94 -18.07
N VAL V 10 100.94 35.12 -17.54
CA VAL V 10 101.10 34.69 -16.16
C VAL V 10 100.59 35.75 -15.17
N THR V 11 100.53 37.03 -15.57
CA THR V 11 99.79 37.97 -14.73
C THR V 11 98.31 37.66 -14.71
N LEU V 12 97.79 37.09 -15.79
CA LEU V 12 96.43 36.54 -15.73
C LEU V 12 96.38 35.32 -14.79
N ILE V 13 97.24 34.33 -15.02
CA ILE V 13 97.04 33.02 -14.41
C ILE V 13 97.46 33.00 -12.94
N LEU V 14 98.20 34.01 -12.46
CA LEU V 14 98.42 34.09 -11.02
C LEU V 14 97.12 34.33 -10.26
N LEU V 15 96.15 34.98 -10.89
CA LEU V 15 94.84 35.15 -10.27
C LEU V 15 93.91 34.02 -10.67
N THR V 16 94.42 32.82 -10.63
CA THR V 16 93.59 31.62 -10.70
C THR V 16 94.04 30.58 -9.69
N MET V 17 95.29 30.64 -9.25
CA MET V 17 95.78 29.75 -8.20
C MET V 17 95.09 29.88 -6.84
N PRO V 18 94.79 31.10 -6.28
CA PRO V 18 94.17 31.13 -4.93
C PRO V 18 92.78 30.52 -4.82
N ILE V 19 91.88 30.89 -5.75
CA ILE V 19 90.50 30.40 -5.71
C ILE V 19 90.46 28.90 -5.96
N ALA V 20 91.18 28.43 -6.98
CA ALA V 20 91.24 27.00 -7.26
C ALA V 20 91.95 26.24 -6.15
N ALA V 21 92.88 26.88 -5.46
CA ALA V 21 93.61 26.24 -4.38
C ALA V 21 92.71 26.03 -3.18
N ILE V 22 91.91 27.03 -2.81
CA ILE V 22 91.05 26.82 -1.65
C ILE V 22 89.75 26.12 -2.02
N ASN V 23 89.42 26.03 -3.31
CA ASN V 23 88.39 25.07 -3.69
C ASN V 23 88.92 23.65 -3.58
N PHE V 24 90.20 23.46 -3.89
CA PHE V 24 90.82 22.15 -3.75
C PHE V 24 91.34 21.89 -2.35
N ASN V 25 91.31 22.88 -1.45
CA ASN V 25 91.94 22.72 -0.15
C ASN V 25 91.14 21.79 0.74
N THR V 26 89.91 22.20 1.06
CA THR V 26 89.07 21.62 2.12
C THR V 26 89.86 21.56 3.44
N HIS V 27 90.51 22.68 3.77
CA HIS V 27 91.21 22.85 5.04
C HIS V 27 91.16 24.32 5.44
N LYS V 28 91.52 24.59 6.70
CA LYS V 28 91.57 25.94 7.23
C LYS V 28 92.96 26.53 7.01
N PHE V 29 93.03 27.53 6.16
CA PHE V 29 94.22 28.37 6.06
C PHE V 29 94.15 29.48 7.10
N THR V 30 95.20 29.62 7.88
CA THR V 30 95.29 30.73 8.82
C THR V 30 96.07 31.90 8.26
N ASN V 31 96.88 31.68 7.23
CA ASN V 31 97.59 32.76 6.57
C ASN V 31 97.01 33.03 5.19
N TYR V 32 95.72 32.78 5.01
CA TYR V 32 95.08 33.03 3.72
C TYR V 32 94.99 34.51 3.32
N PRO V 33 94.72 35.47 4.24
CA PRO V 33 94.95 36.87 3.86
C PRO V 33 96.37 37.18 3.43
N LEU V 34 97.36 36.62 4.15
CA LEU V 34 98.75 36.77 3.76
C LEU V 34 99.02 36.21 2.38
N TYR V 35 98.38 35.09 2.06
CA TYR V 35 98.55 34.43 0.78
C TYR V 35 97.94 35.24 -0.36
N VAL V 36 96.76 35.81 -0.14
CA VAL V 36 96.14 36.65 -1.17
C VAL V 36 96.96 37.92 -1.37
N LYS V 37 97.48 38.48 -0.27
CA LYS V 37 98.29 39.70 -0.38
C LYS V 37 99.59 39.44 -1.13
N THR V 38 100.23 38.31 -0.87
CA THR V 38 101.50 38.07 -1.55
C THR V 38 101.29 37.65 -3.00
N THR V 39 100.17 37.00 -3.35
CA THR V 39 99.99 36.72 -4.77
C THR V 39 99.60 37.97 -5.54
N ILE V 40 98.95 38.94 -4.89
CA ILE V 40 98.68 40.20 -5.59
C ILE V 40 99.96 41.02 -5.75
N SER V 41 100.82 40.99 -4.72
CA SER V 41 102.09 41.72 -4.83
C SER V 41 103.00 41.11 -5.91
N CYS V 42 103.05 39.78 -6.00
CA CYS V 42 103.83 39.15 -7.06
C CYS V 42 103.20 39.38 -8.43
N ALA V 43 101.87 39.49 -8.50
CA ALA V 43 101.23 39.85 -9.75
C ALA V 43 101.61 41.27 -10.17
N PHE V 44 101.73 42.17 -9.20
CA PHE V 44 102.19 43.53 -9.51
C PHE V 44 103.62 43.52 -10.02
N ILE V 45 104.49 42.73 -9.40
CA ILE V 45 105.88 42.77 -9.81
C ILE V 45 106.11 42.01 -11.12
N THR V 46 105.18 41.14 -11.51
CA THR V 46 105.25 40.57 -12.85
C THR V 46 104.54 41.42 -13.89
N SER V 47 103.65 42.31 -13.49
CA SER V 47 103.04 43.20 -14.46
C SER V 47 103.77 44.53 -14.59
N MET V 48 104.74 44.80 -13.71
CA MET V 48 105.49 46.05 -13.82
C MET V 48 106.44 46.02 -14.99
N ILE V 49 106.99 44.84 -15.28
CA ILE V 49 107.98 44.70 -16.36
C ILE V 49 107.44 45.00 -17.76
N PRO V 50 106.35 44.36 -18.23
CA PRO V 50 106.04 44.48 -19.67
C PRO V 50 105.52 45.85 -20.06
N THR V 51 105.03 46.64 -19.12
CA THR V 51 104.72 48.03 -19.40
C THR V 51 105.98 48.83 -19.69
N MET V 52 107.03 48.58 -18.93
CA MET V 52 108.32 49.21 -19.19
C MET V 52 108.85 48.80 -20.56
N MET V 53 108.68 47.52 -20.91
CA MET V 53 108.98 47.06 -22.27
C MET V 53 108.14 47.77 -23.31
N PHE V 54 106.88 48.04 -22.98
CA PHE V 54 105.95 48.65 -23.92
C PHE V 54 106.36 50.07 -24.29
N ILE V 55 106.63 50.91 -23.28
CA ILE V 55 107.05 52.26 -23.65
C ILE V 55 108.50 52.26 -24.14
N HIS V 56 109.30 51.25 -23.77
CA HIS V 56 110.67 51.15 -24.26
C HIS V 56 110.71 50.92 -25.77
N THR V 57 109.90 50.01 -26.27
CA THR V 57 109.95 49.67 -27.69
C THR V 57 108.68 50.02 -28.43
N GLY V 58 107.53 49.57 -27.93
CA GLY V 58 106.30 49.60 -28.70
C GLY V 58 105.74 48.20 -28.70
N GLN V 59 105.67 47.59 -29.89
CA GLN V 59 105.43 46.16 -30.09
C GLN V 59 104.08 45.75 -29.48
N GLU V 60 103.02 46.28 -30.08
CA GLU V 60 101.74 46.37 -29.36
C GLU V 60 100.82 45.25 -29.84
N MET V 61 100.59 44.25 -29.00
CA MET V 61 100.26 42.94 -29.55
C MET V 61 98.96 42.38 -29.00
N ILE V 62 98.36 41.48 -29.78
CA ILE V 62 97.17 40.77 -29.32
C ILE V 62 97.47 39.29 -29.25
N ILE V 63 96.76 38.61 -28.35
CA ILE V 63 96.78 37.15 -28.27
C ILE V 63 95.35 36.68 -28.51
N SER V 64 95.23 35.50 -29.11
CA SER V 64 93.92 34.99 -29.53
C SER V 64 94.02 33.49 -29.80
N ASN V 65 93.26 32.69 -29.05
CA ASN V 65 93.29 31.24 -29.19
C ASN V 65 92.05 30.65 -28.54
N TRP V 66 91.92 29.32 -28.66
CA TRP V 66 90.84 28.50 -28.07
C TRP V 66 89.47 28.98 -28.58
N HIS V 67 89.28 28.83 -29.89
CA HIS V 67 88.02 29.22 -30.50
C HIS V 67 86.90 28.27 -30.09
N TRP V 68 85.70 28.83 -29.96
CA TRP V 68 84.53 28.06 -29.60
C TRP V 68 83.30 28.76 -30.16
N LEU V 69 82.36 27.96 -30.65
CA LEU V 69 81.22 28.38 -31.47
C LEU V 69 81.65 29.27 -32.63
N THR V 70 82.43 28.67 -33.53
CA THR V 70 82.75 29.27 -34.82
C THR V 70 81.66 28.90 -35.84
N ILE V 71 80.47 29.43 -35.59
CA ILE V 71 79.26 28.87 -36.20
C ILE V 71 79.02 29.30 -37.64
N GLN V 72 78.68 30.56 -37.84
CA GLN V 72 78.45 31.17 -39.13
C GLN V 72 79.73 31.85 -39.58
N THR V 73 79.60 32.84 -40.44
CA THR V 73 80.74 33.60 -40.95
C THR V 73 81.56 34.31 -39.88
N LEU V 74 81.12 34.36 -38.62
CA LEU V 74 81.97 34.87 -37.56
C LEU V 74 82.59 33.73 -36.77
N LYS V 75 83.42 34.10 -35.80
CA LYS V 75 83.98 33.17 -34.83
C LYS V 75 84.41 34.00 -33.64
N LEU V 76 84.56 33.35 -32.50
CA LEU V 76 85.03 34.03 -31.31
C LEU V 76 85.88 33.09 -30.48
N SER V 77 86.97 33.63 -29.95
CA SER V 77 87.96 32.87 -29.20
C SER V 77 88.30 33.63 -27.94
N LEU V 78 89.06 33.00 -27.05
CA LEU V 78 89.60 33.77 -25.93
C LEU V 78 90.69 34.65 -26.52
N SER V 79 90.44 35.96 -26.51
CA SER V 79 91.27 36.87 -27.27
C SER V 79 91.38 38.15 -26.47
N PHE V 80 92.60 38.54 -26.13
CA PHE V 80 92.74 39.84 -25.50
C PHE V 80 94.01 40.51 -25.94
N LYS V 81 94.00 41.83 -25.80
CA LYS V 81 94.96 42.72 -26.41
C LYS V 81 95.84 43.33 -25.32
N MET V 82 97.03 43.75 -25.74
CA MET V 82 97.95 44.51 -24.92
C MET V 82 98.31 45.71 -25.77
N ASP V 83 97.67 46.83 -25.45
CA ASP V 83 97.90 48.11 -26.10
C ASP V 83 98.24 49.10 -24.99
N PHE V 84 98.20 50.39 -25.34
CA PHE V 84 98.42 51.50 -24.42
C PHE V 84 97.59 51.37 -23.14
N PHE V 85 96.27 51.23 -23.30
CA PHE V 85 95.31 51.16 -22.20
C PHE V 85 95.59 49.95 -21.32
N SER V 86 95.43 48.76 -21.88
CA SER V 86 95.53 47.53 -21.09
C SER V 86 96.95 47.20 -20.66
N MET V 87 97.95 47.91 -21.15
CA MET V 87 99.27 47.70 -20.58
C MET V 87 99.60 48.68 -19.48
N MET V 88 99.66 49.98 -19.77
CA MET V 88 100.07 50.88 -18.70
C MET V 88 98.89 51.41 -17.91
N PHE V 89 97.78 50.68 -17.91
CA PHE V 89 96.71 50.83 -16.93
C PHE V 89 96.84 49.85 -15.76
N VAL V 90 96.70 48.56 -16.05
CA VAL V 90 96.35 47.54 -15.06
C VAL V 90 97.34 47.29 -13.92
N PRO V 91 98.66 47.60 -13.99
CA PRO V 91 99.44 47.57 -12.74
C PRO V 91 98.96 48.56 -11.70
N VAL V 92 98.34 49.67 -12.12
CA VAL V 92 97.77 50.60 -11.16
C VAL V 92 96.55 50.00 -10.48
N ALA V 93 95.75 49.23 -11.22
CA ALA V 93 94.65 48.50 -10.62
C ALA V 93 95.15 47.47 -9.62
N LEU V 94 96.24 46.76 -9.96
CA LEU V 94 96.83 45.81 -9.03
C LEU V 94 97.40 46.51 -7.79
N PHE V 95 97.98 47.69 -7.97
CA PHE V 95 98.59 48.43 -6.88
C PHE V 95 97.54 48.92 -5.89
N VAL V 96 96.49 49.55 -6.42
CA VAL V 96 95.34 49.98 -5.62
C VAL V 96 94.73 48.80 -4.87
N THR V 97 94.55 47.67 -5.56
CA THR V 97 93.89 46.56 -4.89
C THR V 97 94.81 45.87 -3.90
N TRP V 98 96.12 45.97 -4.08
CA TRP V 98 97.05 45.43 -3.12
C TRP V 98 97.02 46.21 -1.81
N SER V 99 96.96 47.55 -1.92
CA SER V 99 96.75 48.35 -0.72
C SER V 99 95.40 48.09 -0.09
N ILE V 100 94.39 47.82 -0.92
CA ILE V 100 93.08 47.44 -0.41
C ILE V 100 93.13 46.10 0.33
N MET V 101 93.99 45.18 -0.11
CA MET V 101 94.16 43.91 0.61
C MET V 101 94.76 44.15 1.99
N GLU V 102 95.71 45.08 2.08
CA GLU V 102 96.26 45.48 3.38
C GLU V 102 95.18 46.03 4.31
N PHE V 103 94.44 47.03 3.82
CA PHE V 103 93.46 47.68 4.67
C PHE V 103 92.26 46.79 4.97
N SER V 104 91.99 45.79 4.13
CA SER V 104 90.95 44.84 4.43
C SER V 104 91.43 43.73 5.36
N MET V 105 92.74 43.49 5.44
CA MET V 105 93.26 42.73 6.56
C MET V 105 92.93 43.41 7.86
N TRP V 106 93.26 44.70 7.95
CA TRP V 106 93.11 45.36 9.25
C TRP V 106 91.65 45.63 9.60
N TYR V 107 90.92 46.26 8.69
CA TYR V 107 89.55 46.70 8.97
C TYR V 107 88.61 45.53 9.17
N MET V 108 88.85 44.43 8.49
CA MET V 108 88.03 43.24 8.64
C MET V 108 88.87 42.13 9.28
N HIS V 109 89.67 42.52 10.27
CA HIS V 109 90.27 41.53 11.16
C HIS V 109 89.26 40.97 12.13
N SER V 110 88.20 41.72 12.42
CA SER V 110 87.26 41.35 13.48
C SER V 110 86.27 40.26 13.07
N ASP V 111 85.82 40.23 11.82
CA ASP V 111 84.76 39.33 11.40
C ASP V 111 85.32 38.04 10.81
N PRO V 112 85.08 36.88 11.41
CA PRO V 112 85.80 35.66 11.04
C PRO V 112 85.35 35.02 9.74
N ASN V 113 84.50 35.65 8.94
CA ASN V 113 84.11 35.09 7.65
C ASN V 113 85.00 35.61 6.53
N ILE V 114 86.26 35.93 6.85
CA ILE V 114 87.13 36.71 5.98
C ILE V 114 87.56 35.95 4.74
N ASN V 115 87.52 34.62 4.77
CA ASN V 115 88.04 33.82 3.66
C ASN V 115 87.12 33.91 2.46
N GLN V 116 85.82 33.76 2.69
CA GLN V 116 84.83 33.92 1.63
C GLN V 116 84.81 35.35 1.10
N PHE V 117 85.12 36.31 1.98
CA PHE V 117 85.24 37.71 1.58
C PHE V 117 86.37 37.91 0.59
N PHE V 118 87.55 37.38 0.90
CA PHE V 118 88.66 37.53 -0.03
C PHE V 118 88.47 36.71 -1.30
N LYS V 119 87.72 35.61 -1.21
CA LYS V 119 87.41 34.84 -2.39
C LYS V 119 86.56 35.65 -3.37
N TYR V 120 85.47 36.25 -2.87
CA TYR V 120 84.62 37.09 -3.71
C TYR V 120 85.39 38.29 -4.24
N LEU V 121 86.26 38.88 -3.43
CA LEU V 121 86.94 40.10 -3.86
C LEU V 121 88.00 39.80 -4.92
N LEU V 122 88.73 38.70 -4.78
CA LEU V 122 89.71 38.37 -5.80
C LEU V 122 89.03 37.90 -7.08
N LEU V 123 87.86 37.27 -6.97
CA LEU V 123 87.11 36.91 -8.18
C LEU V 123 86.61 38.14 -8.90
N PHE V 124 86.20 39.16 -8.14
CA PHE V 124 85.91 40.48 -8.71
C PHE V 124 87.12 41.05 -9.45
N LEU V 125 88.32 40.86 -8.88
CA LEU V 125 89.51 41.38 -9.55
C LEU V 125 89.79 40.65 -10.86
N ILE V 126 89.63 39.32 -10.85
CA ILE V 126 89.80 38.52 -12.07
C ILE V 126 88.86 39.00 -13.16
N THR V 127 87.63 39.31 -12.76
CA THR V 127 86.63 39.74 -13.74
C THR V 127 86.97 41.12 -14.29
N MET V 128 87.45 42.03 -13.44
CA MET V 128 87.81 43.35 -13.91
C MET V 128 89.04 43.31 -14.81
N LEU V 129 89.96 42.38 -14.54
CA LEU V 129 91.09 42.17 -15.43
C LEU V 129 90.63 41.68 -16.80
N ILE V 130 89.73 40.69 -16.81
CA ILE V 130 89.23 40.13 -18.07
C ILE V 130 88.45 41.19 -18.84
N LEU V 131 87.78 42.10 -18.13
CA LEU V 131 87.15 43.23 -18.81
C LEU V 131 88.19 44.16 -19.43
N VAL V 132 89.19 44.59 -18.67
CA VAL V 132 90.09 45.60 -19.22
C VAL V 132 91.12 45.05 -20.19
N THR V 133 91.20 43.74 -20.39
CA THR V 133 92.10 43.21 -21.41
C THR V 133 91.43 42.92 -22.74
N ALA V 134 90.15 42.56 -22.74
CA ALA V 134 89.56 41.85 -23.87
C ALA V 134 89.35 42.75 -25.08
N ASN V 135 89.57 42.18 -26.26
CA ASN V 135 89.11 42.80 -27.50
C ASN V 135 87.94 42.07 -28.12
N ASN V 136 87.86 40.77 -27.93
CA ASN V 136 86.65 40.04 -28.27
C ASN V 136 85.53 40.55 -27.38
N LEU V 137 84.51 41.15 -28.01
CA LEU V 137 83.54 41.92 -27.27
C LEU V 137 82.59 41.05 -26.44
N PHE V 138 82.46 39.78 -26.81
CA PHE V 138 81.74 38.83 -25.96
C PHE V 138 82.46 38.63 -24.63
N GLN V 139 83.79 38.57 -24.66
CA GLN V 139 84.56 38.47 -23.43
C GLN V 139 84.47 39.75 -22.62
N LEU V 140 84.38 40.91 -23.30
CA LEU V 140 84.08 42.16 -22.61
C LEU V 140 82.75 42.08 -21.88
N PHE V 141 81.76 41.45 -22.50
CA PHE V 141 80.47 41.35 -21.84
C PHE V 141 80.49 40.35 -20.69
N ILE V 142 81.32 39.31 -20.81
CA ILE V 142 81.60 38.41 -19.70
C ILE V 142 82.11 39.20 -18.50
N GLY V 143 83.14 40.01 -18.72
CA GLY V 143 83.67 40.84 -17.66
C GLY V 143 82.67 41.86 -17.13
N TRP V 144 81.80 42.37 -18.01
CA TRP V 144 80.79 43.34 -17.65
C TRP V 144 79.81 42.79 -16.63
N GLU V 145 79.10 41.71 -17.00
CA GLU V 145 78.14 41.17 -16.06
C GLU V 145 78.80 40.48 -14.87
N GLY V 146 80.05 40.03 -15.01
CA GLY V 146 80.72 39.45 -13.86
C GLY V 146 81.10 40.48 -12.81
N VAL V 147 81.58 41.66 -13.23
CA VAL V 147 81.87 42.67 -12.23
C VAL V 147 80.58 43.20 -11.63
N GLY V 148 79.49 43.19 -12.40
CA GLY V 148 78.19 43.55 -11.82
C GLY V 148 77.76 42.60 -10.72
N ILE V 149 77.88 41.30 -10.96
CA ILE V 149 77.38 40.35 -9.96
C ILE V 149 78.34 40.22 -8.75
N MET V 150 79.66 40.37 -8.96
CA MET V 150 80.55 40.38 -7.80
C MET V 150 80.37 41.65 -6.98
N SER V 151 79.98 42.74 -7.64
CA SER V 151 79.65 43.96 -6.92
C SER V 151 78.40 43.78 -6.10
N PHE V 152 77.42 43.05 -6.64
CA PHE V 152 76.25 42.66 -5.85
C PHE V 152 76.64 41.91 -4.59
N LEU V 153 77.48 40.89 -4.74
CA LEU V 153 77.80 40.04 -3.59
C LEU V 153 78.63 40.80 -2.56
N LEU V 154 79.54 41.67 -3.00
CA LEU V 154 80.34 42.39 -2.02
C LEU V 154 79.58 43.53 -1.36
N ILE V 155 78.57 44.10 -2.02
CA ILE V 155 77.71 45.04 -1.31
C ILE V 155 76.84 44.29 -0.31
N GLY V 156 76.20 43.21 -0.75
CA GLY V 156 75.36 42.45 0.14
C GLY V 156 76.09 41.40 0.95
N TRP V 157 77.37 41.64 1.23
CA TRP V 157 78.14 40.78 2.12
C TRP V 157 77.52 40.68 3.51
N TRP V 158 77.06 41.79 4.06
CA TRP V 158 76.43 41.73 5.37
C TRP V 158 74.98 41.31 5.18
N TYR V 159 74.72 40.01 5.31
CA TYR V 159 73.34 39.58 5.32
C TYR V 159 72.67 40.03 6.61
N GLY V 160 71.36 40.22 6.54
CA GLY V 160 70.70 41.12 7.44
C GLY V 160 70.83 42.50 6.85
N ARG V 161 70.40 43.53 7.63
CA ARG V 161 70.51 44.93 7.25
C ARG V 161 69.76 45.19 5.94
N THR V 162 68.42 45.25 6.03
CA THR V 162 67.56 45.38 4.85
C THR V 162 67.89 46.59 3.97
N ASP V 163 68.50 47.62 4.54
CA ASP V 163 69.04 48.72 3.74
C ASP V 163 70.11 48.23 2.77
N ALA V 164 70.95 47.29 3.20
CA ALA V 164 72.06 46.85 2.36
C ALA V 164 71.59 46.03 1.16
N ASN V 165 70.68 45.08 1.38
CA ASN V 165 70.25 44.32 0.22
C ASN V 165 69.23 45.06 -0.63
N THR V 166 68.50 46.04 -0.05
CA THR V 166 67.77 47.00 -0.88
C THR V 166 68.72 47.74 -1.81
N ALA V 167 69.86 48.16 -1.25
CA ALA V 167 70.87 48.88 -2.00
C ALA V 167 71.46 48.01 -3.11
N ALA V 168 71.72 46.76 -2.80
CA ALA V 168 72.31 45.86 -3.78
C ALA V 168 71.33 45.54 -4.90
N LEU V 169 70.04 45.46 -4.56
CA LEU V 169 69.00 45.34 -5.59
C LEU V 169 69.00 46.53 -6.53
N GLN V 170 69.14 47.74 -5.98
CA GLN V 170 69.22 48.94 -6.82
C GLN V 170 70.43 48.90 -7.74
N ALA V 171 71.57 48.47 -7.21
CA ALA V 171 72.80 48.42 -7.99
C ALA V 171 72.70 47.44 -9.14
N ILE V 172 72.14 46.25 -8.87
CA ILE V 172 72.10 45.26 -9.95
C ILE V 172 71.04 45.65 -10.97
N LEU V 173 70.02 46.42 -10.58
CA LEU V 173 69.04 46.88 -11.56
C LEU V 173 69.64 47.90 -12.53
N TYR V 174 70.39 48.86 -12.00
CA TYR V 174 70.99 49.84 -12.91
C TYR V 174 72.09 49.21 -13.75
N ASN V 175 72.71 48.15 -13.25
CA ASN V 175 73.58 47.37 -14.11
C ASN V 175 72.80 46.65 -15.21
N ARG V 176 71.53 46.31 -14.99
CA ARG V 176 70.77 45.74 -16.11
C ARG V 176 70.42 46.80 -17.14
N ILE V 177 70.26 48.06 -16.73
CA ILE V 177 70.10 49.09 -17.76
C ILE V 177 71.41 49.29 -18.55
N GLY V 178 72.55 49.14 -17.87
CA GLY V 178 73.80 49.00 -18.60
C GLY V 178 73.82 47.81 -19.56
N ASP V 179 73.17 46.71 -19.16
CA ASP V 179 73.10 45.52 -20.00
C ASP V 179 72.27 45.75 -21.25
N ILE V 180 71.12 46.42 -21.13
CA ILE V 180 70.31 46.67 -22.32
C ILE V 180 71.03 47.62 -23.28
N GLY V 181 71.80 48.58 -22.75
CA GLY V 181 72.62 49.40 -23.62
C GLY V 181 73.68 48.60 -24.37
N PHE V 182 74.37 47.70 -23.66
CA PHE V 182 75.46 46.97 -24.28
C PHE V 182 74.95 45.96 -25.31
N ILE V 183 73.77 45.36 -25.06
CA ILE V 183 73.28 44.41 -26.04
C ILE V 183 72.69 45.12 -27.26
N LEU V 184 72.21 46.36 -27.10
CA LEU V 184 71.77 47.09 -28.28
C LEU V 184 72.96 47.43 -29.17
N ALA V 185 74.08 47.80 -28.54
CA ALA V 185 75.30 48.06 -29.29
C ALA V 185 75.80 46.81 -30.02
N MET V 186 75.74 45.67 -29.33
CA MET V 186 76.19 44.42 -29.93
C MET V 186 75.30 44.01 -31.09
N ALA V 187 73.99 44.28 -30.99
CA ALA V 187 73.06 43.95 -32.06
C ALA V 187 73.33 44.76 -33.31
N TRP V 188 73.57 46.07 -33.15
CA TRP V 188 73.86 46.89 -34.33
C TRP V 188 75.17 46.47 -34.96
N PHE V 189 76.17 46.13 -34.15
CA PHE V 189 77.45 45.69 -34.70
C PHE V 189 77.33 44.39 -35.46
N LEU V 190 76.51 43.45 -34.97
CA LEU V 190 76.36 42.18 -35.66
C LEU V 190 75.61 42.36 -36.98
N ILE V 191 74.51 43.10 -36.97
CA ILE V 191 73.67 43.17 -38.15
C ILE V 191 74.05 44.37 -39.04
N ASN V 192 75.24 44.95 -38.81
CA ASN V 192 75.80 45.82 -39.84
C ASN V 192 77.25 45.55 -40.22
N LEU V 193 78.06 44.89 -39.39
CA LEU V 193 79.46 44.67 -39.74
C LEU V 193 79.92 43.23 -39.50
N ASN V 194 78.99 42.28 -39.48
CA ASN V 194 79.22 40.83 -39.48
C ASN V 194 79.93 40.31 -38.23
N THR V 195 80.24 41.16 -37.26
CA THR V 195 81.01 40.72 -36.10
C THR V 195 80.76 41.68 -34.94
N TRP V 196 81.32 41.31 -33.78
CA TRP V 196 81.57 42.25 -32.70
C TRP V 196 83.00 42.04 -32.18
N ASP V 197 83.95 42.70 -32.84
CA ASP V 197 85.35 42.69 -32.43
C ASP V 197 85.93 44.07 -32.69
N LEU V 198 87.01 44.38 -31.97
CA LEU V 198 87.60 45.71 -32.07
C LEU V 198 88.29 45.94 -33.40
N GLN V 199 89.04 44.93 -33.86
CA GLN V 199 89.95 45.11 -35.00
C GLN V 199 89.16 45.34 -36.28
N GLN V 200 88.16 44.51 -36.53
CA GLN V 200 87.40 44.61 -37.78
C GLN V 200 86.46 45.80 -37.80
N ILE V 201 85.85 46.12 -36.66
CA ILE V 201 84.98 47.30 -36.58
C ILE V 201 85.80 48.57 -36.77
N PHE V 202 86.97 48.64 -36.17
CA PHE V 202 87.80 49.83 -36.36
C PHE V 202 88.40 49.86 -37.75
N MET V 203 88.56 48.70 -38.39
CA MET V 203 88.95 48.67 -39.79
C MET V 203 87.84 49.22 -40.68
N LEU V 204 86.60 48.91 -40.36
CA LEU V 204 85.47 49.32 -41.18
C LEU V 204 84.68 50.37 -40.41
N ASN V 205 85.14 51.61 -40.49
CA ASN V 205 84.46 52.68 -39.78
C ASN V 205 83.23 53.11 -40.57
N PRO V 206 82.05 53.05 -39.99
CA PRO V 206 80.82 53.28 -40.76
C PRO V 206 80.52 54.76 -40.89
N ASN V 207 79.37 55.05 -41.50
CA ASN V 207 78.88 56.41 -41.67
C ASN V 207 77.89 56.76 -40.57
N ASP V 208 76.81 55.99 -40.45
CA ASP V 208 75.87 56.12 -39.35
C ASP V 208 76.37 55.28 -38.18
N SER V 209 76.39 55.88 -37.00
CA SER V 209 76.72 55.16 -35.80
C SER V 209 75.86 55.62 -34.63
N ASN V 210 74.67 56.12 -34.92
CA ASN V 210 73.92 56.86 -33.91
C ASN V 210 73.27 55.93 -32.91
N LEU V 211 72.58 54.89 -33.37
CA LEU V 211 72.02 53.91 -32.46
C LEU V 211 73.04 53.13 -31.63
N PRO V 212 74.18 52.63 -32.16
CA PRO V 212 75.14 52.00 -31.25
C PRO V 212 75.76 52.96 -30.27
N LEU V 213 75.98 54.22 -30.65
CA LEU V 213 76.47 55.19 -29.69
C LEU V 213 75.42 55.50 -28.62
N MET V 214 74.14 55.44 -28.98
CA MET V 214 73.08 55.52 -27.97
C MET V 214 73.18 54.36 -27.00
N GLY V 215 73.48 53.17 -27.51
CA GLY V 215 73.68 52.03 -26.63
C GLY V 215 74.90 52.20 -25.72
N LEU V 216 75.96 52.79 -26.27
CA LEU V 216 77.16 53.07 -25.49
C LEU V 216 76.88 54.04 -24.36
N ILE V 217 76.14 55.10 -24.65
CA ILE V 217 75.79 56.09 -23.63
C ILE V 217 74.84 55.49 -22.59
N LEU V 218 73.95 54.59 -23.01
CA LEU V 218 73.08 53.94 -22.03
C LEU V 218 73.87 53.03 -21.10
N ALA V 219 74.85 52.29 -21.63
CA ALA V 219 75.74 51.52 -20.77
C ALA V 219 76.61 52.41 -19.90
N ALA V 220 76.97 53.59 -20.42
CA ALA V 220 77.82 54.52 -19.69
C ALA V 220 77.11 55.07 -18.48
N THR V 221 75.88 55.54 -18.66
CA THR V 221 75.13 56.01 -17.52
C THR V 221 74.69 54.88 -16.61
N GLY V 222 74.61 53.65 -17.12
CA GLY V 222 74.30 52.53 -16.24
C GLY V 222 75.45 52.18 -15.31
N LYS V 223 76.68 52.24 -15.82
CA LYS V 223 77.80 51.75 -15.01
C LYS V 223 78.50 52.88 -14.26
N SER V 224 78.62 54.05 -14.87
CA SER V 224 79.43 55.14 -14.34
C SER V 224 78.63 56.14 -13.52
N ALA V 225 77.40 55.75 -13.11
CA ALA V 225 76.60 56.46 -12.09
C ALA V 225 76.31 57.90 -12.48
N GLN V 226 75.65 58.07 -13.62
CA GLN V 226 75.46 59.39 -14.18
C GLN V 226 74.08 59.93 -13.79
N PHE V 227 73.67 61.05 -14.38
CA PHE V 227 72.45 61.71 -13.94
C PHE V 227 71.23 60.92 -14.38
N GLY V 228 70.34 60.64 -13.43
CA GLY V 228 69.25 59.73 -13.63
C GLY V 228 69.57 58.29 -13.30
N LEU V 229 70.84 57.90 -13.41
CA LEU V 229 71.23 56.56 -13.01
C LEU V 229 72.42 56.60 -12.07
N HIS V 230 72.57 57.69 -11.34
CA HIS V 230 73.38 57.72 -10.12
C HIS V 230 72.82 56.99 -8.89
N PRO V 231 71.47 57.02 -8.53
CA PRO V 231 71.10 56.82 -7.11
C PRO V 231 71.34 55.44 -6.52
N TRP V 232 72.02 54.56 -7.25
CA TRP V 232 72.61 53.37 -6.66
C TRP V 232 73.95 53.68 -5.99
N LEU V 233 74.34 54.95 -5.90
CA LEU V 233 75.63 55.36 -5.38
C LEU V 233 75.71 55.46 -3.85
N PRO V 234 74.79 56.12 -3.12
CA PRO V 234 74.89 56.04 -1.65
C PRO V 234 74.43 54.69 -1.14
N SER V 235 73.43 54.14 -1.82
CA SER V 235 73.17 52.71 -1.88
C SER V 235 74.45 51.88 -1.93
N ALA V 236 75.34 52.17 -2.87
CA ALA V 236 76.60 51.45 -2.95
C ALA V 236 77.51 51.78 -1.77
N MET V 237 77.37 52.97 -1.21
CA MET V 237 78.14 53.31 -0.01
C MET V 237 77.66 52.56 1.22
N GLU V 238 76.48 51.97 1.18
CA GLU V 238 75.99 51.21 2.33
C GLU V 238 76.62 49.83 2.49
N GLY V 239 77.71 49.52 1.80
CA GLY V 239 78.46 48.31 2.05
C GLY V 239 79.58 48.57 3.02
N PRO V 240 80.52 47.63 3.13
CA PRO V 240 81.70 47.85 3.99
C PRO V 240 82.64 48.90 3.44
N THR V 241 83.71 49.16 4.17
CA THR V 241 84.65 50.20 3.76
C THR V 241 85.58 49.80 2.61
N PRO V 242 86.37 48.71 2.67
CA PRO V 242 87.24 48.45 1.52
C PRO V 242 86.48 47.97 0.30
N VAL V 243 85.27 47.45 0.51
CA VAL V 243 84.37 47.13 -0.60
C VAL V 243 84.06 48.40 -1.39
N SER V 244 83.72 49.48 -0.70
CA SER V 244 83.43 50.73 -1.40
C SER V 244 84.69 51.35 -1.99
N ALA V 245 85.82 51.17 -1.29
CA ALA V 245 87.11 51.64 -1.78
C ALA V 245 87.44 51.05 -3.12
N LEU V 246 87.35 49.73 -3.24
CA LEU V 246 87.56 49.07 -4.51
C LEU V 246 86.41 49.34 -5.48
N LEU V 247 85.21 49.55 -4.96
CA LEU V 247 84.01 49.64 -5.78
C LEU V 247 83.97 50.93 -6.57
N HIS V 248 84.62 51.99 -6.05
CA HIS V 248 84.54 53.28 -6.74
C HIS V 248 85.87 53.97 -6.90
N SER V 249 86.95 53.44 -6.33
CA SER V 249 88.24 54.07 -6.51
C SER V 249 88.77 53.83 -7.92
N SER V 250 89.02 52.57 -8.25
CA SER V 250 89.57 52.21 -9.55
C SER V 250 88.62 51.35 -10.36
N THR V 251 88.03 50.35 -9.74
CA THR V 251 87.23 49.37 -10.45
C THR V 251 85.75 49.74 -10.40
N MET V 252 84.99 49.10 -11.30
CA MET V 252 83.54 48.97 -11.30
C MET V 252 82.80 50.26 -11.65
N VAL V 253 83.51 51.37 -11.70
CA VAL V 253 82.86 52.62 -12.06
C VAL V 253 83.52 53.27 -13.26
N VAL V 254 84.76 52.91 -13.59
CA VAL V 254 85.38 53.38 -14.82
C VAL V 254 84.99 52.54 -16.01
N ALA V 255 84.24 51.46 -15.80
CA ALA V 255 83.77 50.67 -16.94
C ALA V 255 82.71 51.41 -17.74
N GLY V 256 82.08 52.43 -17.15
CA GLY V 256 81.19 53.29 -17.91
C GLY V 256 81.92 54.20 -18.87
N ILE V 257 83.23 54.40 -18.67
CA ILE V 257 84.04 55.15 -19.62
C ILE V 257 85.22 54.36 -20.16
N PHE V 258 85.47 53.14 -19.63
CA PHE V 258 86.36 52.19 -20.29
C PHE V 258 85.93 51.94 -21.71
N LEU V 259 84.67 51.58 -21.91
CA LEU V 259 84.13 51.25 -23.22
C LEU V 259 84.15 52.48 -24.14
N LEU V 260 83.94 53.66 -23.58
CA LEU V 260 83.91 54.85 -24.40
C LEU V 260 85.32 55.23 -24.84
N ILE V 261 86.30 55.11 -23.96
CA ILE V 261 87.71 55.28 -24.35
C ILE V 261 88.11 54.18 -25.32
N ARG V 262 87.52 53.00 -25.19
CA ARG V 262 87.79 51.91 -26.12
C ARG V 262 87.30 52.24 -27.52
N PHE V 263 86.21 52.97 -27.63
CA PHE V 263 85.64 53.28 -28.94
C PHE V 263 86.03 54.68 -29.43
N TYR V 264 87.27 55.08 -29.16
CA TYR V 264 87.81 56.31 -29.72
C TYR V 264 87.76 56.43 -31.25
N PRO V 265 88.01 55.40 -32.08
CA PRO V 265 87.93 55.65 -33.53
C PRO V 265 86.50 55.78 -34.00
N LEU V 266 85.55 55.20 -33.29
CA LEU V 266 84.16 55.39 -33.64
C LEU V 266 83.67 56.75 -33.19
N THR V 267 84.18 57.27 -32.08
CA THR V 267 83.75 58.58 -31.61
C THR V 267 84.67 59.71 -32.06
N GLU V 268 85.61 59.44 -32.96
CA GLU V 268 86.21 60.55 -33.71
C GLU V 268 85.16 61.26 -34.54
N ASN V 269 84.31 60.51 -35.21
CA ASN V 269 83.21 61.05 -35.97
C ASN V 269 81.98 61.17 -35.07
N ASN V 270 80.82 61.48 -35.65
CA ASN V 270 79.55 61.69 -34.97
C ASN V 270 79.69 62.80 -33.91
N LYS V 271 79.81 64.03 -34.43
CA LYS V 271 79.91 65.20 -33.57
C LYS V 271 78.67 65.39 -32.70
N PHE V 272 77.51 64.92 -33.17
CA PHE V 272 76.33 64.89 -32.30
C PHE V 272 76.53 63.91 -31.15
N GLY V 273 77.32 62.86 -31.37
CA GLY V 273 77.68 61.97 -30.27
C GLY V 273 78.49 62.66 -29.20
N GLN V 274 79.47 63.48 -29.59
CA GLN V 274 80.24 64.21 -28.59
C GLN V 274 79.43 65.32 -27.94
N SER V 275 78.44 65.86 -28.65
CA SER V 275 77.53 66.81 -28.02
C SER V 275 76.76 66.14 -26.90
N ILE V 276 76.25 64.94 -27.17
CA ILE V 276 75.58 64.13 -26.14
C ILE V 276 76.52 63.84 -24.98
N MET V 277 77.77 63.45 -25.30
CA MET V 277 78.81 63.19 -24.32
C MET V 277 79.00 64.35 -23.34
N LEU V 278 79.36 65.51 -23.87
CA LEU V 278 79.76 66.59 -22.97
C LEU V 278 78.56 67.25 -22.30
N CYS V 279 77.38 67.28 -22.95
CA CYS V 279 76.20 67.81 -22.30
C CYS V 279 75.77 66.92 -21.12
N LEU V 280 75.75 65.60 -21.34
CA LEU V 280 75.40 64.69 -20.25
C LEU V 280 76.43 64.73 -19.13
N GLY V 281 77.73 64.85 -19.48
CA GLY V 281 78.76 64.90 -18.46
C GLY V 281 78.69 66.16 -17.61
N ALA V 282 78.39 67.30 -18.24
CA ALA V 282 78.21 68.53 -17.47
C ALA V 282 76.98 68.44 -16.56
N MET V 283 75.93 67.77 -17.03
CA MET V 283 74.74 67.56 -16.20
C MET V 283 75.08 66.75 -14.95
N THR V 284 75.83 65.66 -15.11
CA THR V 284 76.22 64.84 -13.97
C THR V 284 77.09 65.61 -13.01
N THR V 285 78.05 66.38 -13.56
CA THR V 285 79.01 67.07 -12.71
C THR V 285 78.33 68.14 -11.87
N LEU V 286 77.40 68.89 -12.47
CA LEU V 286 76.68 69.91 -11.70
C LEU V 286 75.73 69.27 -10.70
N PHE V 287 75.07 68.17 -11.06
CA PHE V 287 74.10 67.61 -10.13
C PHE V 287 74.77 66.95 -8.94
N THR V 288 75.90 66.27 -9.16
CA THR V 288 76.63 65.71 -8.03
C THR V 288 77.31 66.78 -7.20
N ALA V 289 77.70 67.89 -7.83
CA ALA V 289 78.27 68.99 -7.05
C ALA V 289 77.22 69.66 -6.17
N MET V 290 75.99 69.80 -6.69
CA MET V 290 74.92 70.36 -5.88
C MET V 290 74.45 69.38 -4.81
N CYS V 291 74.49 68.09 -5.11
CA CYS V 291 73.98 67.10 -4.16
C CYS V 291 74.99 66.77 -3.06
N ALA V 292 76.29 66.87 -3.35
CA ALA V 292 77.31 66.52 -2.37
C ALA V 292 77.36 67.52 -1.22
N LEU V 293 77.12 68.78 -1.51
CA LEU V 293 76.97 69.78 -0.46
C LEU V 293 75.75 69.47 0.37
N THR V 294 75.85 69.81 1.66
CA THR V 294 74.86 69.52 2.70
C THR V 294 74.60 68.02 2.79
N GLN V 295 75.63 67.32 3.24
CA GLN V 295 75.54 65.89 3.46
C GLN V 295 76.42 65.55 4.66
N ASN V 296 75.82 64.87 5.66
CA ASN V 296 76.51 64.64 6.93
C ASN V 296 77.09 63.25 7.05
N ASP V 297 77.41 62.60 5.94
CA ASP V 297 78.07 61.30 5.97
C ASP V 297 79.34 61.41 5.16
N ILE V 298 80.39 60.71 5.58
CA ILE V 298 81.67 60.85 4.90
C ILE V 298 81.64 60.13 3.56
N LYS V 299 81.16 58.90 3.56
CA LYS V 299 81.20 58.07 2.36
C LYS V 299 80.29 58.59 1.26
N LYS V 300 79.14 59.19 1.62
CA LYS V 300 78.28 59.76 0.59
C LYS V 300 78.93 60.97 -0.06
N ILE V 301 79.69 61.74 0.73
CA ILE V 301 80.48 62.84 0.18
C ILE V 301 81.54 62.31 -0.77
N ILE V 302 82.24 61.23 -0.39
CA ILE V 302 83.31 60.70 -1.23
C ILE V 302 82.75 60.13 -2.52
N ALA V 303 81.61 59.45 -2.45
CA ALA V 303 81.03 58.87 -3.65
C ALA V 303 80.45 59.94 -4.58
N PHE V 304 79.90 61.01 -4.02
CA PHE V 304 79.43 62.06 -4.91
C PHE V 304 80.60 62.79 -5.54
N SER V 305 81.72 62.86 -4.82
CA SER V 305 82.94 63.38 -5.40
C SER V 305 83.41 62.53 -6.56
N THR V 306 83.37 61.20 -6.40
CA THR V 306 83.87 60.36 -7.49
C THR V 306 82.91 60.32 -8.67
N SER V 307 81.61 60.53 -8.43
CA SER V 307 80.69 60.69 -9.54
C SER V 307 80.95 61.99 -10.28
N SER V 308 81.33 63.03 -9.55
CA SER V 308 81.66 64.29 -10.21
C SER V 308 82.94 64.16 -11.04
N GLN V 309 83.93 63.40 -10.54
CA GLN V 309 85.15 63.20 -11.31
C GLN V 309 84.88 62.40 -12.58
N LEU V 310 83.98 61.41 -12.51
CA LEU V 310 83.58 60.72 -13.71
C LEU V 310 82.79 61.60 -14.65
N GLY V 311 82.08 62.60 -14.13
CA GLY V 311 81.46 63.58 -14.99
C GLY V 311 82.47 64.42 -15.74
N LEU V 312 83.56 64.77 -15.08
CA LEU V 312 84.69 65.41 -15.77
C LEU V 312 85.24 64.51 -16.87
N MET V 313 85.32 63.21 -16.64
CA MET V 313 85.83 62.34 -17.70
C MET V 313 84.84 62.17 -18.85
N MET V 314 83.54 62.24 -18.57
CA MET V 314 82.56 62.26 -19.64
C MET V 314 82.70 63.53 -20.48
N VAL V 315 82.98 64.66 -19.83
CA VAL V 315 83.31 65.88 -20.57
C VAL V 315 84.58 65.67 -21.39
N THR V 316 85.55 64.95 -20.82
CA THR V 316 86.83 64.71 -21.47
C THR V 316 86.67 63.87 -22.73
N ILE V 317 85.69 62.97 -22.73
CA ILE V 317 85.32 62.28 -23.97
C ILE V 317 84.53 63.20 -24.88
N GLY V 318 83.80 64.17 -24.30
CA GLY V 318 83.10 65.15 -25.11
C GLY V 318 84.02 66.03 -25.94
N ILE V 319 85.18 66.34 -25.44
CA ILE V 319 86.25 66.87 -26.27
C ILE V 319 86.98 65.69 -26.90
N ASN V 320 87.54 65.85 -28.10
CA ASN V 320 88.23 64.73 -28.76
C ASN V 320 89.62 64.52 -28.14
N GLN V 321 89.62 64.09 -26.88
CA GLN V 321 90.84 63.93 -26.08
C GLN V 321 90.66 62.71 -25.17
N PRO V 322 90.95 61.53 -25.65
CA PRO V 322 90.71 60.33 -24.83
C PRO V 322 91.77 60.06 -23.78
N HIS V 323 93.01 60.43 -24.10
CA HIS V 323 94.14 60.03 -23.29
C HIS V 323 94.20 60.84 -22.00
N LEU V 324 93.66 62.06 -22.02
CA LEU V 324 93.48 62.84 -20.81
C LEU V 324 92.51 62.15 -19.86
N ALA V 325 91.42 61.58 -20.41
CA ALA V 325 90.45 60.86 -19.59
C ALA V 325 91.08 59.62 -18.99
N PHE V 326 91.92 58.94 -19.75
CA PHE V 326 92.59 57.75 -19.22
C PHE V 326 93.58 58.10 -18.11
N LEU V 327 94.34 59.19 -18.29
CA LEU V 327 95.22 59.65 -17.23
C LEU V 327 94.43 60.05 -15.99
N HIS V 328 93.22 60.57 -16.20
CA HIS V 328 92.37 60.94 -15.08
C HIS V 328 91.87 59.70 -14.33
N ILE V 329 91.62 58.60 -15.06
CA ILE V 329 91.32 57.31 -14.43
C ILE V 329 92.45 56.91 -13.48
N CYS V 330 93.68 56.97 -13.98
CA CYS V 330 94.82 56.48 -13.20
C CYS V 330 95.04 57.30 -11.93
N THR V 331 95.12 58.63 -12.07
CA THR V 331 95.36 59.45 -10.89
C THR V 331 94.14 59.48 -9.96
N HIS V 332 92.93 59.31 -10.50
CA HIS V 332 91.73 59.19 -9.67
C HIS V 332 91.75 57.91 -8.86
N ALA V 333 92.30 56.84 -9.43
CA ALA V 333 92.41 55.57 -8.72
C ALA V 333 93.33 55.71 -7.51
N PHE V 334 94.55 56.23 -7.72
CA PHE V 334 95.45 56.57 -6.60
C PHE V 334 94.77 57.44 -5.56
N PHE V 335 94.11 58.50 -6.04
CA PHE V 335 93.48 59.53 -5.24
C PHE V 335 92.45 58.96 -4.27
N LYS V 336 91.40 58.37 -4.78
CA LYS V 336 90.35 57.96 -3.87
C LYS V 336 90.56 56.59 -3.25
N ALA V 337 91.52 55.80 -3.74
CA ALA V 337 91.95 54.68 -2.92
C ALA V 337 92.57 55.18 -1.63
N MET V 338 93.44 56.19 -1.75
CA MET V 338 94.05 56.81 -0.59
C MET V 338 93.01 57.45 0.32
N LEU V 339 92.00 58.07 -0.28
CA LEU V 339 91.00 58.81 0.49
C LEU V 339 90.04 57.87 1.22
N PHE V 340 89.54 56.82 0.55
CA PHE V 340 88.70 55.84 1.22
C PHE V 340 89.43 55.11 2.33
N MET V 341 90.70 54.75 2.11
CA MET V 341 91.43 54.03 3.15
C MET V 341 91.65 54.90 4.38
N CYS V 342 91.97 56.18 4.17
CA CYS V 342 92.12 57.11 5.29
C CYS V 342 90.81 57.32 6.03
N SER V 343 89.73 57.55 5.28
CA SER V 343 88.43 57.81 5.92
C SER V 343 87.92 56.60 6.67
N GLY V 344 88.10 55.40 6.13
CA GLY V 344 87.66 54.22 6.84
C GLY V 344 88.50 53.90 8.05
N SER V 345 89.78 54.26 8.01
CA SER V 345 90.61 54.19 9.21
C SER V 345 90.03 55.07 10.31
N ILE V 346 89.61 56.27 9.94
CA ILE V 346 88.99 57.19 10.92
C ILE V 346 87.68 56.62 11.46
N ILE V 347 86.86 56.04 10.56
CA ILE V 347 85.55 55.51 10.93
C ILE V 347 85.68 54.38 11.94
N HIS V 348 86.53 53.40 11.63
CA HIS V 348 86.69 52.29 12.56
C HIS V 348 87.48 52.69 13.81
N SER V 349 88.27 53.76 13.74
CA SER V 349 88.89 54.24 14.95
C SER V 349 87.87 54.91 15.86
N LEU V 350 86.81 55.48 15.29
CA LEU V 350 85.84 56.23 16.06
C LEU V 350 84.49 55.51 16.07
N ASN V 351 84.54 54.19 16.30
CA ASN V 351 83.40 53.35 16.68
C ASN V 351 82.32 53.27 15.60
N ASP V 352 82.73 53.33 14.34
CA ASP V 352 81.88 53.10 13.17
C ASP V 352 80.72 54.08 13.12
N GLU V 353 80.98 55.32 13.53
CA GLU V 353 79.89 56.27 13.71
C GLU V 353 79.66 57.11 12.46
N GLN V 354 80.73 57.51 11.78
CA GLN V 354 80.74 57.83 10.35
C GLN V 354 80.04 59.15 10.00
N ASP V 355 79.31 59.73 10.94
CA ASP V 355 78.57 60.94 10.62
C ASP V 355 79.42 62.17 10.96
N ILE V 356 79.17 63.25 10.23
CA ILE V 356 79.95 64.48 10.40
C ILE V 356 79.68 65.12 11.75
N ARG V 357 78.43 65.08 12.19
CA ARG V 357 78.12 65.35 13.58
C ARG V 357 78.73 64.24 14.42
N LYS V 358 79.26 64.62 15.60
CA LYS V 358 79.98 63.72 16.52
C LYS V 358 81.23 63.16 15.84
N MET V 359 81.97 64.05 15.16
CA MET V 359 83.22 63.71 14.46
C MET V 359 84.30 64.77 14.59
N GLY V 360 83.95 66.00 14.97
CA GLY V 360 84.59 67.25 14.58
C GLY V 360 86.10 67.42 14.50
N GLY V 361 86.80 67.33 15.62
CA GLY V 361 88.21 67.66 15.60
C GLY V 361 89.12 66.51 15.93
N LEU V 362 89.92 66.06 14.97
CA LEU V 362 90.86 64.97 15.20
C LEU V 362 92.29 65.38 14.90
N PHE V 363 92.55 66.68 14.80
CA PHE V 363 93.92 67.16 14.71
C PHE V 363 94.63 66.89 16.03
N LYS V 364 95.84 66.33 15.93
CA LYS V 364 96.70 65.80 17.01
C LYS V 364 96.12 64.56 17.67
N ALA V 365 94.92 64.16 17.28
CA ALA V 365 94.43 62.80 17.52
C ALA V 365 94.99 61.95 16.38
N MET V 366 95.97 61.10 16.71
CA MET V 366 97.29 61.06 16.08
C MET V 366 97.30 61.45 14.61
N PRO V 367 98.13 62.41 14.24
CA PRO V 367 97.89 63.18 13.02
C PRO V 367 98.31 62.47 11.75
N PHE V 368 98.54 61.17 11.82
CA PHE V 368 98.89 60.38 10.64
C PHE V 368 97.76 60.40 9.62
N THR V 369 96.55 60.07 10.05
CA THR V 369 95.43 60.14 9.12
C THR V 369 95.02 61.56 8.80
N THR V 370 95.31 62.54 9.66
CA THR V 370 94.99 63.91 9.31
C THR V 370 95.89 64.41 8.21
N THR V 371 97.19 64.10 8.32
CA THR V 371 98.13 64.37 7.24
C THR V 371 97.70 63.67 5.96
N ALA V 372 97.31 62.41 6.06
CA ALA V 372 96.91 61.65 4.89
C ALA V 372 95.69 62.25 4.20
N LEU V 373 94.69 62.65 4.97
CA LEU V 373 93.48 63.18 4.36
C LEU V 373 93.71 64.59 3.80
N ILE V 374 94.59 65.39 4.43
CA ILE V 374 94.82 66.70 3.84
C ILE V 374 95.70 66.59 2.61
N ILE V 375 96.57 65.59 2.52
CA ILE V 375 97.29 65.34 1.28
C ILE V 375 96.33 64.95 0.17
N GLY V 376 95.36 64.10 0.50
CA GLY V 376 94.31 63.74 -0.44
C GLY V 376 93.50 64.94 -0.92
N SER V 377 92.87 65.64 0.00
CA SER V 377 92.01 66.73 -0.44
C SER V 377 92.77 67.99 -0.86
N LEU V 378 94.10 68.03 -0.71
CA LEU V 378 94.89 69.03 -1.42
C LEU V 378 95.32 68.57 -2.80
N ALA V 379 95.46 67.26 -3.00
CA ALA V 379 95.56 66.75 -4.36
C ALA V 379 94.24 66.90 -5.11
N LEU V 380 93.14 67.10 -4.38
CA LEU V 380 91.89 67.50 -4.99
C LEU V 380 92.05 68.90 -5.57
N THR V 381 91.58 69.07 -6.82
CA THR V 381 91.65 70.30 -7.63
C THR V 381 93.06 70.87 -7.78
N GLY V 382 94.09 70.06 -7.62
CA GLY V 382 95.40 70.41 -8.17
C GLY V 382 96.16 71.56 -7.57
N MET V 383 96.73 71.37 -6.38
CA MET V 383 97.73 72.31 -5.90
C MET V 383 98.89 72.33 -6.90
N PRO V 384 99.21 73.48 -7.47
CA PRO V 384 100.11 73.53 -8.63
C PRO V 384 101.58 73.36 -8.24
N PHE V 385 102.25 72.37 -8.85
CA PHE V 385 101.61 71.39 -9.71
C PHE V 385 102.01 69.98 -9.31
N LEU V 386 101.00 69.20 -8.98
CA LEU V 386 101.10 67.90 -8.32
C LEU V 386 100.50 66.86 -9.25
N THR V 387 100.28 65.64 -8.74
CA THR V 387 99.57 64.61 -9.48
C THR V 387 98.14 65.05 -9.82
N GLY V 388 97.43 65.61 -8.84
CA GLY V 388 96.08 66.09 -9.06
C GLY V 388 95.99 67.31 -9.96
N PHE V 389 97.11 68.02 -10.16
CA PHE V 389 97.14 69.09 -11.14
C PHE V 389 96.93 68.54 -12.54
N TYR V 390 97.65 67.47 -12.86
CA TYR V 390 97.89 67.03 -14.24
C TYR V 390 96.60 66.69 -14.94
N SER V 391 95.89 65.69 -14.43
CA SER V 391 94.67 65.19 -15.04
C SER V 391 93.59 66.26 -15.09
N LYS V 392 93.13 66.72 -13.92
CA LYS V 392 91.99 67.63 -13.83
C LYS V 392 92.28 68.96 -14.51
N ASP V 393 93.48 69.47 -14.35
CA ASP V 393 93.75 70.81 -14.82
C ASP V 393 94.08 70.82 -16.30
N LEU V 394 94.76 69.79 -16.84
CA LEU V 394 94.91 69.73 -18.28
C LEU V 394 93.59 69.44 -18.98
N ILE V 395 92.69 68.71 -18.33
CA ILE V 395 91.36 68.51 -18.90
C ILE V 395 90.59 69.82 -18.96
N ILE V 396 90.61 70.61 -17.88
CA ILE V 396 89.79 71.82 -17.91
C ILE V 396 90.42 72.89 -18.80
N GLU V 397 91.75 72.91 -18.91
CA GLU V 397 92.38 73.86 -19.83
C GLU V 397 92.11 73.50 -21.28
N SER V 398 92.27 72.22 -21.64
CA SER V 398 91.98 71.81 -23.01
C SER V 398 90.49 71.75 -23.30
N ALA V 399 89.64 71.78 -22.27
CA ALA V 399 88.22 71.94 -22.44
C ALA V 399 87.85 73.40 -22.63
N ASN V 400 88.60 74.30 -22.01
CA ASN V 400 88.44 75.71 -22.28
C ASN V 400 88.84 76.02 -23.72
N THR V 401 89.87 75.35 -24.22
CA THR V 401 90.23 75.47 -25.63
C THR V 401 89.52 74.38 -26.43
N SER V 402 88.20 74.54 -26.56
CA SER V 402 87.40 73.54 -27.25
C SER V 402 86.18 74.19 -27.86
N TYR V 403 85.50 73.41 -28.70
CA TYR V 403 84.27 73.84 -29.38
C TYR V 403 83.07 73.36 -28.58
N THR V 404 83.04 73.77 -27.31
CA THR V 404 82.17 73.19 -26.30
C THR V 404 80.74 73.68 -26.53
N ASN V 405 79.78 73.20 -25.76
CA ASN V 405 78.39 73.55 -25.97
C ASN V 405 78.04 74.93 -25.41
N ALA V 406 79.02 75.66 -24.85
CA ALA V 406 78.86 77.00 -24.26
C ALA V 406 77.88 77.04 -23.10
N TRP V 407 77.58 75.89 -22.51
CA TRP V 407 76.92 75.84 -21.21
C TRP V 407 77.71 74.88 -20.36
N ALA V 408 78.30 73.88 -21.03
CA ALA V 408 79.00 72.80 -20.35
C ALA V 408 80.28 73.29 -19.70
N LEU V 409 80.97 74.24 -20.35
CA LEU V 409 82.19 74.79 -19.79
C LEU V 409 81.89 75.54 -18.50
N LEU V 410 80.80 76.31 -18.50
CA LEU V 410 80.37 77.01 -17.30
C LEU V 410 79.89 76.05 -16.22
N MET V 411 79.29 74.93 -16.63
CA MET V 411 78.87 73.91 -15.67
C MET V 411 80.07 73.27 -14.98
N THR V 412 81.09 72.89 -15.76
CA THR V 412 82.31 72.35 -15.18
C THR V 412 83.03 73.37 -14.31
N LEU V 413 82.93 74.65 -14.68
CA LEU V 413 83.52 75.74 -13.89
C LEU V 413 82.88 75.84 -12.51
N VAL V 414 81.55 75.97 -12.47
CA VAL V 414 80.84 76.12 -11.21
C VAL V 414 80.93 74.86 -10.37
N ALA V 415 80.91 73.69 -11.00
CA ALA V 415 81.02 72.46 -10.24
C ALA V 415 82.43 72.23 -9.73
N THR V 416 83.46 72.77 -10.39
CA THR V 416 84.81 72.68 -9.85
C THR V 416 84.94 73.57 -8.63
N SER V 417 84.31 74.75 -8.65
CA SER V 417 84.24 75.57 -7.44
C SER V 417 83.49 74.85 -6.31
N PHE V 418 82.41 74.15 -6.66
CA PHE V 418 81.63 73.45 -5.64
C PHE V 418 82.38 72.24 -5.07
N THR V 419 83.18 71.56 -5.88
CA THR V 419 83.92 70.45 -5.29
C THR V 419 85.08 70.96 -4.46
N ALA V 420 85.62 72.14 -4.79
CA ALA V 420 86.55 72.80 -3.89
C ALA V 420 85.90 73.10 -2.54
N ILE V 421 84.65 73.56 -2.55
CA ILE V 421 84.08 73.94 -1.26
C ILE V 421 83.64 72.73 -0.43
N TYR V 422 83.17 71.63 -1.04
CA TYR V 422 82.88 70.50 -0.14
C TYR V 422 84.14 69.76 0.29
N SER V 423 85.22 69.84 -0.49
CA SER V 423 86.50 69.35 0.00
C SER V 423 86.95 70.17 1.20
N THR V 424 86.75 71.48 1.15
CA THR V 424 87.08 72.33 2.29
C THR V 424 86.21 71.97 3.50
N ARG V 425 84.95 71.64 3.26
CA ARG V 425 84.08 71.30 4.39
C ARG V 425 84.45 69.97 5.02
N ILE V 426 84.78 68.96 4.22
CA ILE V 426 85.12 67.67 4.81
C ILE V 426 86.44 67.77 5.57
N ILE V 427 87.39 68.60 5.11
CA ILE V 427 88.60 68.82 5.90
C ILE V 427 88.25 69.53 7.21
N PHE V 428 87.45 70.61 7.13
CA PHE V 428 87.19 71.43 8.31
C PHE V 428 86.41 70.68 9.37
N PHE V 429 85.29 70.08 8.99
CA PHE V 429 84.48 69.34 9.94
C PHE V 429 85.07 68.00 10.33
N ALA V 430 86.05 67.48 9.58
CA ALA V 430 86.57 66.18 9.97
C ALA V 430 87.79 66.29 10.86
N LEU V 431 88.71 67.21 10.56
CA LEU V 431 90.03 67.15 11.18
C LEU V 431 90.33 68.33 12.09
N LEU V 432 90.28 69.56 11.57
CA LEU V 432 90.80 70.70 12.32
C LEU V 432 89.68 71.65 12.74
N GLY V 433 88.48 71.13 12.95
CA GLY V 433 87.43 71.91 13.56
C GLY V 433 87.53 71.86 15.07
N GLN V 434 86.42 71.55 15.73
CA GLN V 434 86.49 71.46 17.17
C GLN V 434 86.16 70.05 17.65
N PRO V 435 86.78 69.58 18.72
CA PRO V 435 86.70 68.14 19.03
C PRO V 435 85.36 67.67 19.60
N ARG V 436 84.54 67.07 18.75
CA ARG V 436 83.30 66.44 19.19
C ARG V 436 83.36 64.99 18.75
N PHE V 437 83.19 64.08 19.71
CA PHE V 437 83.36 62.64 19.59
C PHE V 437 82.99 62.04 20.95
N PRO V 438 82.56 60.79 21.03
CA PRO V 438 82.22 60.23 22.34
C PRO V 438 83.47 59.91 23.13
N THR V 439 83.34 60.00 24.45
CA THR V 439 84.46 59.67 25.32
C THR V 439 84.62 58.17 25.45
N LEU V 440 85.49 57.75 26.36
CA LEU V 440 86.01 56.38 26.46
C LEU V 440 86.58 55.95 25.11
N ILE V 441 87.58 56.67 24.68
CA ILE V 441 88.18 56.45 23.37
C ILE V 441 89.17 55.30 23.45
N ASN V 442 89.25 54.53 22.36
CA ASN V 442 90.28 53.52 22.17
C ASN V 442 90.98 53.76 20.84
N ILE V 443 91.36 55.02 20.63
CA ILE V 443 91.92 55.47 19.35
C ILE V 443 93.34 54.95 19.21
N ASN V 444 93.52 53.92 18.39
CA ASN V 444 94.84 53.37 18.12
C ASN V 444 95.04 53.33 16.61
N GLU V 445 96.16 53.89 16.15
CA GLU V 445 96.57 53.75 14.76
C GLU V 445 97.95 53.15 14.60
N ASN V 446 98.65 52.82 15.69
CA ASN V 446 99.97 52.20 15.61
C ASN V 446 99.80 50.75 15.17
N ASN V 447 99.62 50.60 13.87
CA ASN V 447 99.37 49.36 13.14
C ASN V 447 100.37 49.34 12.01
N PRO V 448 101.18 48.29 11.86
CA PRO V 448 102.17 48.30 10.78
C PRO V 448 101.55 48.23 9.39
N PHE V 449 100.45 47.49 9.25
CA PHE V 449 99.83 47.34 7.93
C PHE V 449 99.23 48.64 7.44
N LEU V 450 98.54 49.36 8.32
CA LEU V 450 97.90 50.60 7.91
C LEU V 450 98.93 51.69 7.60
N ILE V 451 100.02 51.75 8.37
CA ILE V 451 101.01 52.78 8.08
C ILE V 451 101.77 52.44 6.82
N ASN V 452 101.99 51.15 6.53
CA ASN V 452 102.61 50.77 5.27
C ASN V 452 101.72 51.10 4.08
N SER V 453 100.42 50.82 4.20
CA SER V 453 99.53 51.04 3.07
C SER V 453 99.29 52.53 2.81
N ILE V 454 99.07 53.31 3.88
CA ILE V 454 98.91 54.76 3.74
C ILE V 454 100.18 55.41 3.21
N LYS V 455 101.35 54.95 3.69
CA LYS V 455 102.63 55.44 3.19
C LYS V 455 102.76 55.21 1.70
N ARG V 456 102.44 54.00 1.27
CA ARG V 456 102.63 53.65 -0.13
C ARG V 456 101.64 54.37 -1.03
N LEU V 457 100.43 54.62 -0.54
CA LEU V 457 99.50 55.38 -1.38
C LEU V 457 99.72 56.89 -1.33
N LEU V 458 100.35 57.43 -0.30
CA LEU V 458 100.72 58.83 -0.45
C LEU V 458 101.93 58.97 -1.35
N ILE V 459 102.80 57.97 -1.41
CA ILE V 459 103.81 57.94 -2.46
C ILE V 459 103.16 57.87 -3.84
N GLY V 460 102.13 57.04 -3.98
CA GLY V 460 101.37 56.98 -5.21
C GLY V 460 100.60 58.24 -5.54
N SER V 461 100.29 59.04 -4.53
CA SER V 461 99.63 60.32 -4.73
C SER V 461 100.59 61.49 -4.84
N LEU V 462 101.89 61.25 -4.67
CA LEU V 462 102.89 62.31 -4.80
C LEU V 462 103.75 62.20 -6.04
N PHE V 463 104.24 61.01 -6.38
CA PHE V 463 105.16 60.85 -7.49
C PHE V 463 104.55 60.13 -8.68
N ALA V 464 103.64 59.20 -8.42
CA ALA V 464 103.22 58.26 -9.45
C ALA V 464 102.38 58.91 -10.52
N GLY V 465 101.67 59.99 -10.18
CA GLY V 465 100.96 60.73 -11.21
C GLY V 465 101.89 61.34 -12.24
N PHE V 466 102.98 61.95 -11.77
CA PHE V 466 103.98 62.50 -12.67
C PHE V 466 104.70 61.41 -13.45
N ILE V 467 104.99 60.28 -12.79
CA ILE V 467 105.71 59.19 -13.46
C ILE V 467 104.85 58.56 -14.55
N ILE V 468 103.60 58.23 -14.23
CA ILE V 468 102.70 57.65 -15.22
C ILE V 468 102.38 58.66 -16.31
N SER V 469 102.27 59.95 -15.96
CA SER V 469 101.85 60.93 -16.93
C SER V 469 102.95 61.30 -17.92
N ASN V 470 104.21 61.29 -17.48
CA ASN V 470 105.21 61.98 -18.30
C ASN V 470 105.71 61.09 -19.43
N ASN V 471 105.96 59.81 -19.17
CA ASN V 471 106.43 58.97 -20.27
C ASN V 471 105.28 58.26 -20.98
N ILE V 472 104.25 59.00 -21.34
CA ILE V 472 103.22 58.42 -22.19
C ILE V 472 103.73 58.56 -23.61
N PRO V 473 103.38 57.65 -24.51
CA PRO V 473 103.57 57.92 -25.93
C PRO V 473 102.63 59.00 -26.37
N PRO V 474 103.14 60.03 -27.07
CA PRO V 474 102.26 61.13 -27.49
C PRO V 474 101.31 60.71 -28.60
N MET V 475 100.02 60.69 -28.28
CA MET V 475 99.00 60.31 -29.24
C MET V 475 98.06 61.46 -29.58
N THR V 476 97.93 62.44 -28.71
CA THR V 476 97.06 63.57 -28.90
C THR V 476 97.89 64.82 -29.12
N ILE V 477 97.21 65.94 -29.32
CA ILE V 477 97.84 67.24 -29.53
C ILE V 477 97.86 67.98 -28.21
N PRO V 478 99.03 68.20 -27.59
CA PRO V 478 99.09 69.10 -26.43
C PRO V 478 98.81 70.52 -26.87
N GLN V 479 97.78 71.12 -26.28
CA GLN V 479 97.26 72.39 -26.79
C GLN V 479 98.19 73.54 -26.44
N MET V 480 98.31 73.85 -25.14
CA MET V 480 99.33 74.68 -24.52
C MET V 480 99.27 76.16 -24.94
N THR V 481 98.43 76.54 -25.89
CA THR V 481 98.39 77.89 -26.44
C THR V 481 97.12 78.57 -25.96
N MET V 482 97.17 79.17 -24.77
CA MET V 482 96.05 79.84 -24.17
C MET V 482 96.31 81.33 -24.05
N PRO V 483 95.27 82.14 -23.92
CA PRO V 483 95.44 83.54 -23.53
C PRO V 483 95.57 83.65 -22.01
N HIS V 484 95.63 84.89 -21.55
CA HIS V 484 95.49 85.18 -20.13
C HIS V 484 94.06 84.88 -19.67
N TYR V 485 93.91 84.63 -18.36
CA TYR V 485 92.66 84.29 -17.66
C TYR V 485 91.89 83.14 -18.31
N LEU V 486 92.61 82.23 -18.97
CA LEU V 486 92.01 80.98 -19.43
C LEU V 486 92.80 79.81 -18.87
N LYS V 487 94.10 80.00 -18.66
CA LYS V 487 94.93 79.02 -18.01
C LYS V 487 95.00 79.28 -16.51
N MET V 488 94.88 80.55 -16.12
CA MET V 488 94.92 80.97 -14.74
C MET V 488 93.67 80.55 -13.97
N THR V 489 92.60 80.17 -14.69
CA THR V 489 91.30 79.96 -14.06
C THR V 489 91.25 78.72 -13.19
N ALA V 490 92.15 77.75 -13.36
CA ALA V 490 92.16 76.57 -12.49
C ALA V 490 92.50 76.96 -11.06
N LEU V 491 93.67 77.58 -10.89
CA LEU V 491 94.08 78.08 -9.59
C LEU V 491 93.13 79.17 -9.09
N THR V 492 92.54 79.94 -10.00
CA THR V 492 91.55 80.94 -9.60
C THR V 492 90.32 80.29 -8.97
N VAL V 493 89.82 79.22 -9.58
CA VAL V 493 88.67 78.49 -9.06
C VAL V 493 88.99 77.87 -7.70
N THR V 494 90.19 77.28 -7.56
CA THR V 494 90.56 76.67 -6.29
C THR V 494 90.67 77.70 -5.16
N ILE V 495 91.31 78.84 -5.44
CA ILE V 495 91.49 79.85 -4.41
C ILE V 495 90.15 80.50 -4.05
N LEU V 496 89.29 80.75 -5.05
CA LEU V 496 88.00 81.37 -4.74
C LEU V 496 87.11 80.41 -3.96
N GLY V 497 87.17 79.12 -4.28
CA GLY V 497 86.38 78.15 -3.54
C GLY V 497 86.86 77.99 -2.11
N PHE V 498 88.19 77.98 -1.89
CA PHE V 498 88.72 77.86 -0.55
C PHE V 498 88.34 79.05 0.31
N ILE V 499 88.50 80.26 -0.24
CA ILE V 499 88.16 81.47 0.52
C ILE V 499 86.65 81.56 0.75
N LEU V 500 85.84 81.14 -0.23
CA LEU V 500 84.39 81.19 -0.10
C LEU V 500 83.90 80.22 0.96
N ALA V 501 84.39 78.99 0.95
CA ALA V 501 83.98 78.02 1.96
C ALA V 501 84.51 78.41 3.34
N LEU V 502 85.69 79.03 3.40
CA LEU V 502 86.24 79.43 4.69
C LEU V 502 85.44 80.56 5.30
N GLU V 503 85.00 81.53 4.49
CA GLU V 503 84.22 82.62 5.05
C GLU V 503 82.79 82.19 5.35
N ILE V 504 82.27 81.20 4.61
CA ILE V 504 81.03 80.55 5.01
C ILE V 504 81.18 79.87 6.36
N SER V 505 82.33 79.25 6.60
CA SER V 505 82.58 78.65 7.90
C SER V 505 82.74 79.70 8.99
N ASN V 506 83.29 80.86 8.65
CA ASN V 506 83.40 81.95 9.63
C ASN V 506 82.03 82.47 10.04
N THR V 507 81.10 82.61 9.08
CA THR V 507 79.74 82.98 9.46
C THR V 507 79.02 81.83 10.16
N THR V 508 79.44 80.58 9.91
CA THR V 508 78.89 79.43 10.60
C THR V 508 79.36 79.39 12.05
N HIS V 509 80.50 80.03 12.37
CA HIS V 509 80.98 80.09 13.74
C HIS V 509 80.01 80.81 14.67
N TYR V 510 79.29 81.81 14.17
CA TYR V 510 78.44 82.61 15.04
C TYR V 510 77.08 81.93 15.19
N LEU V 511 76.10 82.64 15.74
CA LEU V 511 74.80 82.05 16.03
C LEU V 511 73.70 82.89 15.39
N LYS V 512 72.86 82.21 14.61
CA LYS V 512 71.61 82.79 14.10
C LYS V 512 70.43 81.84 14.23
N PHE V 513 70.67 80.53 14.28
CA PHE V 513 69.66 79.48 14.17
C PHE V 513 68.85 79.66 12.88
N ASN V 514 69.58 79.44 11.79
CA ASN V 514 69.08 79.63 10.44
C ASN V 514 67.99 78.62 10.10
N TYR V 515 67.15 79.01 9.17
CA TYR V 515 66.00 78.25 8.72
C TYR V 515 66.20 77.77 7.28
N PRO V 516 65.64 76.61 6.93
CA PRO V 516 65.86 76.08 5.58
C PRO V 516 65.09 76.88 4.53
N SER V 517 65.73 77.09 3.39
CA SER V 517 65.20 77.95 2.33
C SER V 517 65.02 77.21 1.02
N ASN V 518 64.82 75.88 1.10
CA ASN V 518 64.41 74.96 0.04
C ASN V 518 65.51 74.70 -1.01
N THR V 519 66.56 75.51 -1.03
CA THR V 519 67.75 75.09 -1.77
C THR V 519 68.67 74.32 -0.86
N PHE V 520 68.70 74.73 0.41
CA PHE V 520 69.20 73.90 1.49
C PHE V 520 68.48 72.56 1.51
N LYS V 521 67.15 72.59 1.43
CA LYS V 521 66.37 71.35 1.45
C LYS V 521 66.61 70.52 0.19
N PHE V 522 66.80 71.18 -0.96
CA PHE V 522 67.04 70.42 -2.18
C PHE V 522 68.42 69.81 -2.22
N SER V 523 69.42 70.50 -1.69
CA SER V 523 70.75 69.92 -1.59
C SER V 523 70.86 68.93 -0.45
N ASN V 524 69.92 68.95 0.48
CA ASN V 524 69.99 68.08 1.64
C ASN V 524 69.20 66.80 1.44
N LEU V 525 68.11 66.87 0.68
CA LEU V 525 67.24 65.74 0.39
C LEU V 525 67.61 65.03 -0.89
N LEU V 526 68.91 65.04 -1.22
CA LEU V 526 69.51 64.15 -2.20
C LEU V 526 69.00 64.47 -3.61
N GLY V 527 68.57 65.71 -3.81
CA GLY V 527 68.10 66.16 -5.10
C GLY V 527 66.76 65.65 -5.52
N TYR V 528 65.99 65.04 -4.60
CA TYR V 528 64.60 64.58 -4.76
C TYR V 528 64.43 63.42 -5.74
N TYR V 529 65.48 63.10 -6.50
CA TYR V 529 65.37 62.05 -7.51
C TYR V 529 65.23 60.66 -6.90
N PRO V 530 66.05 60.22 -5.92
CA PRO V 530 65.82 58.88 -5.38
C PRO V 530 64.51 58.76 -4.64
N THR V 531 64.11 59.81 -3.92
CA THR V 531 62.86 59.81 -3.17
C THR V 531 61.65 59.70 -4.09
N ILE V 532 61.58 60.57 -5.09
CA ILE V 532 60.43 60.56 -6.01
C ILE V 532 60.41 59.29 -6.84
N MET V 533 61.53 58.92 -7.45
CA MET V 533 61.49 57.80 -8.37
C MET V 533 61.41 56.47 -7.66
N HIS V 534 61.90 56.38 -6.43
CA HIS V 534 61.80 55.14 -5.67
C HIS V 534 60.53 55.07 -4.83
N ARG V 535 59.76 56.14 -4.76
CA ARG V 535 58.39 55.99 -4.30
C ARG V 535 57.40 55.85 -5.44
N LEU V 536 57.75 56.23 -6.67
CA LEU V 536 56.79 56.13 -7.76
C LEU V 536 57.01 54.90 -8.64
N THR V 537 58.19 54.75 -9.24
CA THR V 537 58.43 53.63 -10.14
C THR V 537 58.37 52.23 -9.53
N PRO V 538 58.56 52.01 -8.23
CA PRO V 538 58.07 50.75 -7.68
C PRO V 538 56.56 50.67 -7.68
N TYR V 539 55.90 51.75 -7.27
CA TYR V 539 54.45 51.70 -7.05
C TYR V 539 53.68 51.51 -8.34
N MET V 540 54.25 51.93 -9.47
CA MET V 540 53.55 51.76 -10.74
C MET V 540 53.58 50.30 -11.19
N ASN V 541 54.77 49.68 -11.18
CA ASN V 541 54.85 48.29 -11.58
C ASN V 541 54.21 47.34 -10.58
N LEU V 542 54.24 47.68 -9.29
CA LEU V 542 53.60 46.84 -8.30
C LEU V 542 52.13 47.16 -8.13
N THR V 543 51.65 48.24 -8.75
CA THR V 543 50.23 48.39 -8.94
C THR V 543 49.77 47.58 -10.14
N MET V 544 50.52 47.65 -11.23
CA MET V 544 50.11 46.98 -12.47
C MET V 544 50.22 45.46 -12.36
N SER V 545 51.22 44.96 -11.64
CA SER V 545 51.33 43.53 -11.44
C SER V 545 50.24 42.98 -10.54
N GLN V 546 49.61 43.84 -9.73
CA GLN V 546 48.51 43.42 -8.87
C GLN V 546 47.16 43.47 -9.58
N LYS V 547 46.79 44.64 -10.09
CA LYS V 547 45.47 44.81 -10.68
C LYS V 547 45.39 44.13 -12.03
N SER V 548 46.24 44.56 -12.97
CA SER V 548 46.14 44.07 -14.35
C SER V 548 46.61 42.63 -14.45
N ALA V 549 47.87 42.37 -14.11
CA ALA V 549 48.49 41.09 -14.41
C ALA V 549 47.91 39.96 -13.56
N SER V 550 48.04 40.05 -12.24
CA SER V 550 47.66 38.92 -11.41
C SER V 550 46.17 38.84 -11.24
N SER V 551 45.58 39.84 -10.59
CA SER V 551 44.20 39.72 -10.14
C SER V 551 43.19 39.99 -11.23
N LEU V 552 43.61 40.45 -12.41
CA LEU V 552 42.63 40.82 -13.42
C LEU V 552 42.76 40.03 -14.72
N LEU V 553 43.90 40.11 -15.42
CA LEU V 553 43.87 39.68 -16.81
C LEU V 553 44.05 38.19 -16.94
N ASP V 554 45.15 37.66 -16.42
CA ASP V 554 45.50 36.26 -16.62
C ASP V 554 44.50 35.33 -15.96
N LEU V 555 44.49 35.35 -14.63
CA LEU V 555 43.76 34.40 -13.81
C LEU V 555 42.26 34.50 -14.05
N ILE V 556 41.65 35.59 -13.65
CA ILE V 556 40.20 35.59 -13.57
C ILE V 556 39.57 35.83 -14.95
N TRP V 557 40.13 36.72 -15.78
CA TRP V 557 39.50 36.91 -17.09
C TRP V 557 39.83 35.79 -18.06
N LEU V 558 41.04 35.24 -18.03
CA LEU V 558 41.29 34.15 -18.96
C LEU V 558 40.54 32.90 -18.52
N GLU V 559 40.33 32.71 -17.21
CA GLU V 559 39.46 31.63 -16.78
C GLU V 559 38.00 31.88 -17.10
N THR V 560 37.56 33.14 -17.14
CA THR V 560 36.18 33.33 -17.54
C THR V 560 35.99 33.33 -19.05
N ILE V 561 37.05 33.40 -19.84
CA ILE V 561 36.78 33.23 -21.26
C ILE V 561 36.91 31.77 -21.67
N LEU V 562 38.07 31.11 -21.48
CA LEU V 562 38.08 29.77 -22.08
C LEU V 562 37.52 28.67 -21.19
N PRO V 563 37.89 28.52 -19.89
CA PRO V 563 37.24 27.46 -19.09
C PRO V 563 35.77 27.67 -18.76
N LYS V 564 35.41 28.84 -18.22
CA LYS V 564 34.07 29.03 -17.65
C LYS V 564 32.98 28.95 -18.72
N THR V 565 33.20 29.57 -19.87
CA THR V 565 32.18 29.58 -20.91
C THR V 565 31.93 28.18 -21.46
N ILE V 566 33.01 27.42 -21.72
CA ILE V 566 32.88 26.05 -22.19
C ILE V 566 32.22 25.18 -21.11
N SER V 567 32.65 25.33 -19.86
CA SER V 567 32.15 24.50 -18.78
C SER V 567 30.68 24.78 -18.50
N LEU V 568 30.27 26.04 -18.52
CA LEU V 568 28.88 26.36 -18.28
C LEU V 568 28.01 25.99 -19.48
N ALA V 569 28.56 26.07 -20.70
CA ALA V 569 27.80 25.63 -21.86
C ALA V 569 27.53 24.13 -21.82
N GLN V 570 28.55 23.34 -21.48
CA GLN V 570 28.35 21.90 -21.37
C GLN V 570 27.43 21.55 -20.21
N MET V 571 27.55 22.28 -19.09
CA MET V 571 26.72 22.03 -17.92
C MET V 571 25.26 22.35 -18.21
N LYS V 572 24.99 23.46 -18.90
CA LYS V 572 23.62 23.80 -19.23
C LYS V 572 23.04 22.87 -20.29
N MET V 573 23.84 22.41 -21.25
CA MET V 573 23.30 21.44 -22.21
C MET V 573 23.02 20.11 -21.53
N SER V 574 23.79 19.75 -20.51
CA SER V 574 23.45 18.57 -19.72
C SER V 574 22.14 18.75 -18.98
N THR V 575 21.97 19.88 -18.31
CA THR V 575 20.72 20.12 -17.57
C THR V 575 19.52 20.37 -18.48
N THR V 576 19.71 20.61 -19.77
CA THR V 576 18.58 20.68 -20.68
C THR V 576 18.32 19.40 -21.45
N ILE V 577 19.29 18.49 -21.54
CA ILE V 577 19.15 17.29 -22.34
C ILE V 577 18.90 16.06 -21.48
N THR V 578 19.76 15.80 -20.50
CA THR V 578 19.54 14.57 -19.75
C THR V 578 18.58 14.74 -18.59
N SER V 579 18.14 15.96 -18.31
CA SER V 579 17.17 16.17 -17.24
C SER V 579 15.75 16.05 -17.77
N GLN V 580 15.46 14.93 -18.42
CA GLN V 580 14.12 14.64 -18.91
C GLN V 580 13.45 13.69 -17.94
N LYS V 581 12.24 14.02 -17.55
CA LYS V 581 11.43 13.15 -16.71
C LYS V 581 11.08 11.86 -17.45
N GLY V 582 10.87 10.80 -16.66
CA GLY V 582 10.73 9.47 -17.23
C GLY V 582 9.34 9.11 -17.73
N LEU V 583 8.85 9.85 -18.72
CA LEU V 583 7.51 9.67 -19.26
C LEU V 583 7.59 9.11 -20.68
N ILE V 584 6.64 8.26 -21.03
CA ILE V 584 6.70 7.49 -22.27
C ILE V 584 5.98 8.19 -23.43
N LYS V 585 4.89 8.87 -23.10
CA LYS V 585 4.06 9.56 -24.07
C LYS V 585 4.85 10.65 -24.80
N LEU V 586 5.72 11.34 -24.07
CA LEU V 586 6.51 12.39 -24.72
C LEU V 586 7.60 11.80 -25.60
N TYR V 587 8.07 10.61 -25.29
CA TYR V 587 9.07 9.97 -26.15
C TYR V 587 8.44 9.51 -27.45
N PHE V 588 7.22 8.99 -27.38
CA PHE V 588 6.58 8.60 -28.62
C PHE V 588 6.10 9.81 -29.42
N LEU V 589 5.79 10.92 -28.75
CA LEU V 589 5.57 12.15 -29.48
C LEU V 589 6.85 12.66 -30.13
N SER V 590 8.00 12.43 -29.50
CA SER V 590 9.27 12.80 -30.12
C SER V 590 9.52 11.95 -31.35
N PHE V 591 9.14 10.67 -31.30
CA PHE V 591 9.17 9.83 -32.49
C PHE V 591 8.29 10.40 -33.59
N LEU V 592 7.09 10.89 -33.22
CA LEU V 592 6.15 11.42 -34.19
C LEU V 592 6.69 12.65 -34.90
N ILE V 593 7.17 13.64 -34.14
CA ILE V 593 7.67 14.83 -34.81
C ILE V 593 9.02 14.58 -35.46
N THR V 594 9.75 13.54 -35.05
CA THR V 594 10.95 13.15 -35.79
C THR V 594 10.60 12.64 -37.18
N ILE V 595 9.59 11.77 -37.26
CA ILE V 595 9.14 11.25 -38.55
C ILE V 595 8.59 12.37 -39.43
N LEU V 596 7.80 13.28 -38.84
CA LEU V 596 7.28 14.40 -39.63
C LEU V 596 8.38 15.35 -40.07
N ILE V 597 9.37 15.61 -39.21
CA ILE V 597 10.39 16.58 -39.53
C ILE V 597 11.41 16.01 -40.50
N SER V 598 11.47 14.69 -40.63
CA SER V 598 12.32 14.10 -41.64
C SER V 598 11.59 13.82 -42.93
N THR V 599 10.27 13.70 -42.90
CA THR V 599 9.54 13.60 -44.16
C THR V 599 9.29 14.97 -44.77
N THR V 600 8.46 15.80 -44.11
CA THR V 600 7.86 16.92 -44.84
C THR V 600 8.58 18.24 -44.66
N LEU V 601 9.38 18.42 -43.62
CA LEU V 601 10.12 19.67 -43.47
C LEU V 601 11.53 19.52 -44.01
N LEU V 602 12.32 18.63 -43.45
CA LEU V 602 13.69 18.40 -43.87
C LEU V 602 13.72 17.01 -44.49
N ASN V 603 13.52 16.96 -45.81
CA ASN V 603 13.34 15.68 -46.48
C ASN V 603 14.62 14.87 -46.54
N PHE V 604 14.45 13.55 -46.64
CA PHE V 604 15.54 12.58 -46.68
C PHE V 604 15.36 11.64 -47.86
N HIS V 605 14.10 11.40 -48.21
CA HIS V 605 13.72 10.57 -49.36
C HIS V 605 13.81 11.33 -50.67
N GLU V 606 14.34 12.55 -50.64
CA GLU V 606 14.65 13.32 -51.83
C GLU V 606 16.10 13.75 -51.77
N MET W 1 69.43 1.90 -31.89
CA MET W 1 68.52 2.72 -31.10
C MET W 1 67.65 1.81 -30.27
N LEU W 2 67.39 0.62 -30.80
CA LEU W 2 66.80 -0.41 -29.96
C LEU W 2 67.75 -0.83 -28.85
N LYS W 3 69.07 -0.64 -29.04
CA LYS W 3 70.03 -0.76 -27.97
C LYS W 3 69.84 0.28 -26.86
N TYR W 4 69.06 1.33 -27.09
CA TYR W 4 68.61 2.22 -26.04
C TYR W 4 67.23 1.89 -25.54
N ILE W 5 66.37 1.42 -26.43
CA ILE W 5 64.98 1.21 -26.07
C ILE W 5 64.85 -0.03 -25.19
N ILE W 6 65.37 -1.15 -25.64
CA ILE W 6 65.17 -2.43 -24.96
C ILE W 6 65.83 -2.54 -23.57
N PRO W 7 66.95 -1.88 -23.20
CA PRO W 7 67.33 -1.96 -21.79
C PRO W 7 66.43 -1.16 -20.89
N THR W 8 65.74 -0.16 -21.41
CA THR W 8 64.82 0.58 -20.56
C THR W 8 63.53 -0.22 -20.34
N MET W 9 63.15 -1.08 -21.29
CA MET W 9 62.17 -2.11 -20.98
C MET W 9 62.68 -3.04 -19.89
N MET W 10 63.89 -3.58 -20.08
CA MET W 10 64.35 -4.62 -19.17
C MET W 10 64.73 -4.06 -17.79
N LEU W 11 64.81 -2.75 -17.67
CA LEU W 11 65.03 -2.12 -16.37
C LEU W 11 63.77 -2.12 -15.53
N MET W 12 62.61 -2.32 -16.17
CA MET W 12 61.36 -2.34 -15.41
C MET W 12 61.18 -3.58 -14.54
N PRO W 13 61.38 -4.84 -15.00
CA PRO W 13 61.18 -5.97 -14.09
C PRO W 13 62.26 -6.13 -13.05
N LEU W 14 63.37 -5.40 -13.19
CA LEU W 14 64.32 -5.20 -12.10
C LEU W 14 63.60 -4.75 -10.83
N THR W 15 62.80 -3.70 -10.96
CA THR W 15 62.09 -3.13 -9.83
C THR W 15 60.99 -4.07 -9.36
N TRP W 16 60.49 -4.91 -10.25
CA TRP W 16 59.51 -5.90 -9.83
C TRP W 16 60.14 -6.98 -8.97
N LEU W 17 61.06 -7.77 -9.53
CA LEU W 17 61.73 -8.78 -8.73
C LEU W 17 63.06 -8.30 -8.16
N SER W 18 63.02 -7.14 -7.52
CA SER W 18 64.01 -6.76 -6.53
C SER W 18 63.29 -6.46 -5.22
N LYS W 19 63.89 -6.81 -4.10
CA LYS W 19 63.18 -6.82 -2.83
C LYS W 19 63.23 -5.46 -2.15
N ASN W 20 62.85 -5.42 -0.88
CA ASN W 20 62.89 -4.21 -0.08
C ASN W 20 64.32 -3.72 0.10
N SER W 21 64.49 -2.40 0.05
CA SER W 21 65.77 -1.70 0.11
C SER W 21 66.77 -2.19 -0.94
N MET W 22 66.24 -2.70 -2.05
CA MET W 22 67.08 -3.23 -3.11
C MET W 22 66.60 -2.80 -4.49
N ILE W 23 65.35 -2.34 -4.62
CA ILE W 23 64.89 -1.69 -5.83
C ILE W 23 65.66 -0.41 -6.08
N TRP W 24 66.06 0.25 -4.99
CA TRP W 24 66.56 1.61 -5.07
C TRP W 24 67.91 1.68 -5.76
N ILE W 25 68.86 0.90 -5.24
CA ILE W 25 70.22 0.94 -5.71
C ILE W 25 70.31 0.42 -7.13
N ASN W 26 69.48 -0.58 -7.44
CA ASN W 26 69.46 -1.17 -8.78
C ASN W 26 68.96 -0.18 -9.81
N THR W 27 67.84 0.48 -9.52
CA THR W 27 67.28 1.48 -10.45
C THR W 27 68.25 2.62 -10.67
N THR W 28 68.85 3.14 -9.59
CA THR W 28 69.77 4.28 -9.71
C THR W 28 71.01 3.91 -10.51
N LEU W 29 71.68 2.82 -10.12
CA LEU W 29 72.90 2.37 -10.77
C LEU W 29 72.68 2.08 -12.24
N HIS W 30 71.60 1.38 -12.55
CA HIS W 30 71.42 0.94 -13.92
C HIS W 30 70.95 2.07 -14.81
N SER W 31 70.20 3.02 -14.28
CA SER W 31 69.85 4.17 -15.10
C SER W 31 71.05 5.07 -15.34
N LEU W 32 71.99 5.12 -14.39
CA LEU W 32 73.25 5.83 -14.65
C LEU W 32 74.07 5.12 -15.73
N LEU W 33 74.03 3.79 -15.75
CA LEU W 33 74.70 3.05 -16.82
C LEU W 33 74.08 3.35 -18.19
N ILE W 34 72.75 3.44 -18.25
CA ILE W 34 72.08 3.79 -19.49
C ILE W 34 72.40 5.23 -19.89
N SER W 35 72.65 6.10 -18.90
CA SER W 35 73.09 7.46 -19.21
C SER W 35 74.46 7.47 -19.88
N LEU W 36 75.37 6.60 -19.41
CA LEU W 36 76.62 6.40 -20.16
C LEU W 36 76.36 5.90 -21.57
N THR W 37 75.41 4.97 -21.69
CA THR W 37 75.13 4.30 -22.95
C THR W 37 74.61 5.29 -23.99
N SER W 38 73.84 6.28 -23.58
CA SER W 38 73.43 7.31 -24.52
C SER W 38 74.38 8.50 -24.60
N LEU W 39 75.32 8.60 -23.66
CA LEU W 39 76.44 9.50 -23.90
C LEU W 39 77.30 8.99 -25.04
N LEU W 40 77.28 7.67 -25.28
CA LEU W 40 77.96 7.07 -26.42
C LEU W 40 77.38 7.45 -27.78
N LEU W 41 76.17 8.03 -27.83
CA LEU W 41 75.45 8.24 -29.09
C LEU W 41 76.19 9.18 -30.03
N LEU W 42 76.90 10.16 -29.50
CA LEU W 42 77.19 11.40 -30.22
C LEU W 42 78.19 11.14 -31.34
N ASN W 43 77.64 10.86 -32.52
CA ASN W 43 78.37 10.37 -33.68
C ASN W 43 78.09 11.27 -34.88
N GLN W 44 77.48 12.42 -34.66
CA GLN W 44 76.80 13.10 -35.75
C GLN W 44 77.77 13.91 -36.59
N PHE W 45 77.59 13.85 -37.90
CA PHE W 45 78.63 14.31 -38.81
C PHE W 45 78.04 14.86 -40.09
N GLY W 46 78.57 16.00 -40.52
CA GLY W 46 78.60 16.39 -41.92
C GLY W 46 77.31 16.54 -42.68
N ASP W 47 77.05 15.56 -43.54
CA ASP W 47 76.00 15.67 -44.55
C ASP W 47 74.61 15.68 -43.93
N ASN W 48 74.29 14.71 -43.08
CA ASN W 48 72.95 14.64 -42.54
C ASN W 48 72.99 14.04 -41.14
N SER W 49 71.85 13.57 -40.68
CA SER W 49 71.67 13.01 -39.35
C SER W 49 72.20 11.58 -39.32
N LEU W 50 71.88 10.84 -38.26
CA LEU W 50 72.21 9.43 -38.21
C LEU W 50 70.90 8.65 -38.30
N ASN W 51 70.77 7.78 -39.29
CA ASN W 51 69.58 6.95 -39.35
C ASN W 51 69.82 5.67 -38.55
N PHE W 52 69.22 5.62 -37.37
CA PHE W 52 69.11 4.38 -36.62
C PHE W 52 67.81 3.66 -36.94
N SER W 53 67.47 3.48 -38.21
CA SER W 53 66.96 2.26 -38.84
C SER W 53 66.17 2.74 -40.04
N LEU W 54 65.35 1.86 -40.60
CA LEU W 54 64.11 2.33 -41.24
C LEU W 54 63.18 3.02 -40.24
N THR W 55 63.32 2.73 -38.94
CA THR W 55 62.40 3.17 -37.91
C THR W 55 62.89 4.39 -37.12
N PHE W 56 64.20 4.59 -36.92
CA PHE W 56 64.61 5.70 -36.06
C PHE W 56 65.68 6.54 -36.73
N PHE W 57 65.75 7.82 -36.36
CA PHE W 57 66.88 8.65 -36.74
C PHE W 57 67.11 9.72 -35.70
N SER W 58 68.37 10.12 -35.58
CA SER W 58 68.83 11.06 -34.56
C SER W 58 69.44 12.27 -35.25
N ASP W 59 68.78 13.41 -35.09
CA ASP W 59 69.28 14.73 -35.48
C ASP W 59 70.23 15.26 -34.41
N SER W 60 70.73 16.46 -34.63
CA SER W 60 71.44 17.20 -33.60
C SER W 60 70.50 18.12 -32.85
N LEU W 61 69.26 18.17 -33.29
CA LEU W 61 68.16 18.67 -32.48
C LEU W 61 67.68 17.63 -31.50
N SER W 62 67.93 16.36 -31.79
CA SER W 62 67.44 15.23 -31.00
C SER W 62 68.43 14.74 -29.97
N THR W 63 69.71 14.72 -30.34
CA THR W 63 70.76 14.19 -29.46
C THR W 63 70.87 14.90 -28.10
N PRO W 64 70.92 16.25 -28.00
CA PRO W 64 71.07 16.81 -26.66
C PRO W 64 69.83 16.63 -25.81
N LEU W 65 68.64 16.65 -26.42
CA LEU W 65 67.44 16.43 -25.64
C LEU W 65 67.32 14.97 -25.18
N LEU W 66 67.81 14.03 -25.99
CA LEU W 66 67.80 12.64 -25.56
C LEU W 66 68.79 12.41 -24.42
N ILE W 67 69.96 13.04 -24.52
CA ILE W 67 70.94 12.97 -23.42
C ILE W 67 70.36 13.62 -22.17
N LEU W 68 69.59 14.69 -22.35
CA LEU W 68 68.94 15.36 -21.23
C LEU W 68 67.91 14.46 -20.57
N THR W 69 67.15 13.70 -21.36
CA THR W 69 66.19 12.76 -20.80
C THR W 69 66.86 11.66 -20.01
N MET W 70 67.80 10.95 -20.65
CA MET W 70 68.42 9.82 -19.98
C MET W 70 69.42 10.24 -18.91
N TRP W 71 69.72 11.52 -18.78
CA TRP W 71 70.45 12.00 -17.62
C TRP W 71 69.53 12.55 -16.54
N LEU W 72 68.37 13.07 -16.91
CA LEU W 72 67.47 13.63 -15.92
C LEU W 72 66.68 12.55 -15.21
N LEU W 73 66.67 11.32 -15.73
CA LEU W 73 65.96 10.25 -15.01
C LEU W 73 66.56 9.90 -13.63
N PRO W 74 67.85 9.59 -13.45
CA PRO W 74 68.28 9.13 -12.12
C PRO W 74 68.36 10.23 -11.10
N LEU W 75 68.69 11.44 -11.54
CA LEU W 75 68.59 12.65 -10.72
C LEU W 75 67.19 12.78 -10.13
N MET W 76 66.19 12.59 -10.97
CA MET W 76 64.80 12.58 -10.54
C MET W 76 64.52 11.45 -9.58
N LEU W 77 65.14 10.29 -9.81
CA LEU W 77 64.80 9.12 -9.01
C LEU W 77 65.31 9.25 -7.59
N MET W 78 66.55 9.73 -7.41
CA MET W 78 67.00 10.01 -6.06
C MET W 78 66.27 11.22 -5.48
N ALA W 79 65.82 12.14 -6.35
CA ALA W 79 65.08 13.31 -5.87
C ALA W 79 63.73 12.93 -5.28
N SER W 80 63.15 11.83 -5.70
CA SER W 80 61.76 11.52 -5.41
C SER W 80 61.62 10.50 -4.28
N GLN W 81 62.48 10.54 -3.29
CA GLN W 81 62.23 9.80 -2.06
C GLN W 81 61.95 10.78 -0.93
N HIS W 82 61.71 10.21 0.25
CA HIS W 82 61.35 10.86 1.53
C HIS W 82 59.93 11.44 1.51
N HIS W 83 59.29 11.50 0.34
CA HIS W 83 57.88 11.80 0.27
C HIS W 83 57.05 10.57 -0.05
N LEU W 84 57.70 9.47 -0.42
CA LEU W 84 57.02 8.19 -0.50
C LEU W 84 57.87 7.06 0.08
N SER W 85 59.02 7.37 0.68
CA SER W 85 59.87 6.30 1.19
C SER W 85 59.29 5.66 2.45
N LYS W 86 58.53 6.43 3.22
CA LYS W 86 57.86 5.84 4.38
C LYS W 86 56.62 5.05 3.97
N GLU W 87 56.14 5.20 2.74
CA GLU W 87 54.90 4.60 2.32
C GLU W 87 55.13 3.16 1.87
N ASN W 88 54.13 2.59 1.20
CA ASN W 88 54.08 1.16 1.00
C ASN W 88 54.95 0.72 -0.17
N LEU W 89 55.40 -0.53 -0.10
CA LEU W 89 56.38 -1.04 -1.04
C LEU W 89 55.78 -1.26 -2.43
N ALA W 90 54.54 -1.74 -2.50
CA ALA W 90 53.92 -2.00 -3.79
C ALA W 90 53.61 -0.68 -4.50
N ARG W 91 53.17 0.33 -3.76
CA ARG W 91 52.93 1.65 -4.33
C ARG W 91 54.25 2.27 -4.80
N LYS W 92 55.33 2.02 -4.06
CA LYS W 92 56.64 2.49 -4.47
C LYS W 92 57.10 1.86 -5.79
N LYS W 93 56.90 0.53 -5.91
CA LYS W 93 57.24 -0.16 -7.15
C LYS W 93 56.42 0.34 -8.31
N LEU W 94 55.13 0.63 -8.07
CA LEU W 94 54.26 1.15 -9.10
C LEU W 94 54.74 2.52 -9.57
N PHE W 95 55.15 3.37 -8.63
CA PHE W 95 55.65 4.71 -8.96
C PHE W 95 56.90 4.65 -9.83
N ILE W 96 57.88 3.83 -9.42
CA ILE W 96 59.14 3.79 -10.16
C ILE W 96 58.95 3.17 -11.54
N SER W 97 58.14 2.11 -11.64
CA SER W 97 57.85 1.52 -12.95
C SER W 97 57.06 2.48 -13.84
N MET W 98 56.23 3.33 -13.24
CA MET W 98 55.54 4.36 -14.01
C MET W 98 56.51 5.37 -14.61
N LEU W 99 57.51 5.78 -13.82
CA LEU W 99 58.52 6.68 -14.34
C LEU W 99 59.36 6.06 -15.44
N ILE W 100 59.63 4.75 -15.35
CA ILE W 100 60.41 4.11 -16.40
C ILE W 100 59.62 4.03 -17.69
N LEU W 101 58.32 3.70 -17.60
CA LEU W 101 57.45 3.73 -18.77
C LEU W 101 57.37 5.12 -19.38
N LEU W 102 57.36 6.14 -18.52
CA LEU W 102 57.38 7.53 -18.97
C LEU W 102 58.64 7.84 -19.75
N GLN W 103 59.80 7.42 -19.23
CA GLN W 103 61.06 7.66 -19.95
C GLN W 103 61.07 6.95 -21.27
N LEU W 104 60.50 5.74 -21.31
CA LEU W 104 60.49 4.93 -22.53
C LEU W 104 59.72 5.63 -23.64
N PHE W 105 58.52 6.13 -23.32
CA PHE W 105 57.80 6.83 -24.37
C PHE W 105 58.38 8.20 -24.67
N LEU W 106 59.15 8.79 -23.75
CA LEU W 106 59.87 10.01 -24.10
C LEU W 106 60.95 9.75 -25.14
N ILE W 107 61.70 8.65 -25.01
CA ILE W 107 62.73 8.33 -26.00
C ILE W 107 62.10 7.99 -27.33
N MET W 108 61.01 7.20 -27.29
CA MET W 108 60.15 6.97 -28.46
C MET W 108 59.74 8.28 -29.12
N THR W 109 59.43 9.29 -28.31
CA THR W 109 58.95 10.55 -28.86
C THR W 109 60.09 11.35 -29.48
N PHE W 110 61.24 11.43 -28.81
CA PHE W 110 62.32 12.26 -29.32
C PHE W 110 62.97 11.67 -30.55
N THR W 111 63.03 10.35 -30.68
CA THR W 111 63.71 9.75 -31.81
C THR W 111 62.68 9.24 -32.83
N ALA W 112 61.60 10.00 -32.98
CA ALA W 112 60.55 9.58 -33.89
C ALA W 112 60.98 9.80 -35.33
N THR W 113 60.34 9.07 -36.25
CA THR W 113 60.64 9.20 -37.66
C THR W 113 59.45 9.73 -38.46
N GLU W 114 58.34 9.01 -38.46
CA GLU W 114 57.12 9.49 -39.10
C GLU W 114 56.33 10.28 -38.06
N LEU W 115 55.70 11.37 -38.51
CA LEU W 115 55.09 12.29 -37.56
C LEU W 115 53.85 11.70 -36.91
N ILE W 116 53.24 10.68 -37.52
CA ILE W 116 52.20 9.92 -36.87
C ILE W 116 52.74 9.17 -35.66
N PHE W 117 53.91 8.55 -35.82
CA PHE W 117 54.58 7.91 -34.68
C PHE W 117 54.94 8.94 -33.63
N PHE W 118 55.31 10.14 -34.08
CA PHE W 118 55.62 11.22 -33.16
C PHE W 118 54.39 11.63 -32.35
N TYR W 119 53.22 11.63 -32.98
CA TYR W 119 52.01 12.05 -32.28
C TYR W 119 51.54 10.98 -31.30
N ILE W 120 51.65 9.71 -31.69
CA ILE W 120 51.29 8.63 -30.78
C ILE W 120 52.21 8.63 -29.58
N MET W 121 53.50 8.82 -29.78
CA MET W 121 54.39 8.85 -28.63
C MET W 121 54.34 10.18 -27.89
N PHE W 122 53.77 11.23 -28.51
CA PHE W 122 53.48 12.47 -27.80
C PHE W 122 52.40 12.26 -26.74
N GLU W 123 51.29 11.64 -27.11
CA GLU W 123 50.32 11.45 -26.03
C GLU W 123 50.63 10.24 -25.18
N ALA W 124 51.52 9.36 -25.64
CA ALA W 124 52.10 8.36 -24.75
C ALA W 124 53.00 9.00 -23.70
N THR W 125 53.66 10.11 -24.05
CA THR W 125 54.30 10.94 -23.04
C THR W 125 53.27 11.52 -22.10
N LEU W 126 52.09 11.88 -22.63
CA LEU W 126 51.07 12.53 -21.79
C LEU W 126 50.56 11.63 -20.68
N VAL W 127 50.20 10.39 -20.97
CA VAL W 127 49.37 9.61 -20.03
C VAL W 127 50.02 9.22 -18.69
N PRO W 128 51.39 9.00 -18.52
CA PRO W 128 51.83 8.66 -17.17
C PRO W 128 51.89 9.87 -16.25
N THR W 129 52.13 11.04 -16.86
CA THR W 129 52.26 12.29 -16.12
C THR W 129 51.00 12.60 -15.34
N LEU W 130 49.84 12.34 -15.95
CA LEU W 130 48.54 12.48 -15.32
C LEU W 130 48.44 11.71 -14.02
N ILE W 131 48.70 10.40 -14.10
CA ILE W 131 48.57 9.51 -12.95
C ILE W 131 49.56 9.87 -11.87
N ILE W 132 50.77 10.30 -12.27
CA ILE W 132 51.79 10.70 -11.30
C ILE W 132 51.33 11.93 -10.51
N ILE W 133 50.93 12.98 -11.23
CA ILE W 133 50.61 14.23 -10.55
C ILE W 133 49.31 14.11 -9.76
N THR W 134 48.39 13.25 -10.21
CA THR W 134 47.15 13.14 -9.47
C THR W 134 47.32 12.23 -8.27
N ARG W 135 48.14 11.19 -8.38
CA ARG W 135 48.26 10.28 -7.25
C ARG W 135 49.16 10.84 -6.17
N TRP W 136 50.14 11.70 -6.51
CA TRP W 136 50.98 12.23 -5.45
C TRP W 136 51.07 13.75 -5.49
N GLY W 137 49.99 14.43 -5.88
CA GLY W 137 50.05 15.88 -5.99
C GLY W 137 50.16 16.60 -4.65
N ASN W 138 49.64 15.99 -3.58
CA ASN W 138 49.87 16.43 -2.20
C ASN W 138 49.34 17.84 -1.93
N GLN W 139 48.20 18.18 -2.54
CA GLN W 139 47.48 19.42 -2.25
C GLN W 139 46.04 19.19 -2.69
N THR W 140 45.14 20.07 -2.23
CA THR W 140 43.70 19.84 -2.39
C THR W 140 43.17 20.03 -3.80
N GLU W 141 43.92 20.65 -4.72
CA GLU W 141 43.39 20.93 -6.04
C GLU W 141 44.17 20.23 -7.14
N ARG W 142 44.92 19.18 -6.78
CA ARG W 142 45.59 18.32 -7.76
C ARG W 142 44.58 17.70 -8.72
N LEU W 143 43.36 17.49 -8.26
CA LEU W 143 42.21 17.12 -9.08
C LEU W 143 42.05 18.06 -10.28
N ASN W 144 41.78 19.34 -9.99
CA ASN W 144 41.55 20.35 -11.02
C ASN W 144 42.80 20.57 -11.87
N ALA W 145 43.97 20.44 -11.27
CA ALA W 145 45.22 20.63 -12.00
C ALA W 145 45.41 19.56 -13.07
N GLY W 146 45.25 18.29 -12.69
CA GLY W 146 45.36 17.21 -13.67
C GLY W 146 44.27 17.26 -14.72
N LEU W 147 43.08 17.69 -14.32
CA LEU W 147 41.97 17.75 -15.27
C LEU W 147 42.20 18.81 -16.34
N TYR W 148 42.66 20.00 -15.93
CA TYR W 148 43.02 21.03 -16.92
C TYR W 148 44.18 20.58 -17.79
N PHE W 149 45.17 19.89 -17.19
CA PHE W 149 46.31 19.36 -17.92
C PHE W 149 45.88 18.48 -19.08
N LEU W 150 45.05 17.49 -18.78
CA LEU W 150 44.66 16.53 -19.81
C LEU W 150 43.74 17.17 -20.84
N PHE W 151 42.79 18.03 -20.41
CA PHE W 151 41.85 18.57 -21.39
C PHE W 151 42.49 19.61 -22.29
N TYR W 152 43.37 20.46 -21.75
CA TYR W 152 44.08 21.41 -22.60
C TYR W 152 44.97 20.70 -23.61
N THR W 153 45.75 19.73 -23.15
CA THR W 153 46.74 19.16 -24.06
C THR W 153 46.07 18.27 -25.12
N LEU W 154 45.01 17.54 -24.76
CA LEU W 154 44.30 16.78 -25.78
C LEU W 154 43.51 17.69 -26.72
N ALA W 155 42.77 18.66 -26.19
CA ALA W 155 41.88 19.46 -27.03
C ALA W 155 42.66 20.40 -27.93
N GLY W 156 43.81 20.89 -27.48
CA GLY W 156 44.68 21.60 -28.40
C GLY W 156 45.32 20.67 -29.41
N SER W 157 45.80 19.51 -28.96
CA SER W 157 46.54 18.60 -29.83
C SER W 157 45.66 17.58 -30.52
N LEU W 158 44.37 17.80 -30.55
CA LEU W 158 43.50 16.91 -31.30
C LEU W 158 43.57 17.12 -32.81
N PRO W 159 43.38 18.31 -33.40
CA PRO W 159 43.33 18.38 -34.87
C PRO W 159 44.68 18.25 -35.55
N LEU W 160 45.78 18.26 -34.77
CA LEU W 160 47.10 18.02 -35.34
C LEU W 160 47.18 16.65 -35.96
N LEU W 161 46.49 15.67 -35.36
CA LEU W 161 46.33 14.36 -35.97
C LEU W 161 45.65 14.45 -37.32
N VAL W 162 44.59 15.26 -37.43
CA VAL W 162 43.85 15.36 -38.68
C VAL W 162 44.70 16.01 -39.76
N ALA W 163 45.47 17.02 -39.39
CA ALA W 163 46.35 17.66 -40.38
C ALA W 163 47.49 16.75 -40.79
N LEU W 164 48.01 15.94 -39.86
CA LEU W 164 49.04 14.98 -40.24
C LEU W 164 48.51 13.90 -41.16
N ILE W 165 47.29 13.42 -40.89
CA ILE W 165 46.68 12.42 -41.78
C ILE W 165 46.43 13.01 -43.16
N TYR W 166 46.02 14.29 -43.21
CA TYR W 166 45.81 14.98 -44.47
C TYR W 166 47.09 15.08 -45.29
N ILE W 167 48.16 15.56 -44.66
CA ILE W 167 49.45 15.68 -45.35
C ILE W 167 50.02 14.31 -45.71
N GLN W 168 49.70 13.28 -44.92
CA GLN W 168 50.05 11.91 -45.30
C GLN W 168 49.38 11.50 -46.59
N ASN W 169 48.05 11.51 -46.62
CA ASN W 169 47.36 10.99 -47.80
C ASN W 169 47.06 12.07 -48.84
N THR W 170 47.83 13.16 -48.85
CA THR W 170 47.89 13.97 -50.06
C THR W 170 49.30 14.13 -50.62
N MET W 171 50.36 13.88 -49.83
CA MET W 171 51.72 14.12 -50.30
C MET W 171 52.68 13.04 -49.80
N GLY W 172 52.22 11.81 -49.63
CA GLY W 172 53.13 10.72 -49.36
C GLY W 172 53.51 10.59 -47.89
N SER W 173 54.62 9.88 -47.66
CA SER W 173 55.01 9.45 -46.33
C SER W 173 55.57 10.60 -45.50
N LEU W 174 55.94 10.28 -44.26
CA LEU W 174 56.19 11.29 -43.25
C LEU W 174 57.58 11.19 -42.62
N ASN W 175 58.51 10.49 -43.24
CA ASN W 175 59.89 10.57 -42.81
C ASN W 175 60.46 11.91 -43.22
N PHE W 176 61.35 12.44 -42.36
CA PHE W 176 61.81 13.84 -42.44
C PHE W 176 62.52 14.17 -43.74
N LEU W 177 63.04 13.18 -44.46
CA LEU W 177 63.66 13.49 -45.74
C LEU W 177 62.60 13.60 -46.85
N ILE W 178 61.64 12.69 -46.82
CA ILE W 178 60.54 12.70 -47.77
C ILE W 178 59.44 13.65 -47.28
N LEU W 179 59.41 13.95 -45.98
CA LEU W 179 58.78 15.18 -45.53
C LEU W 179 59.52 16.38 -46.10
N GLN W 180 60.84 16.28 -46.15
CA GLN W 180 61.70 17.19 -46.87
C GLN W 180 61.78 16.65 -48.30
N TYR W 181 62.62 17.25 -49.13
CA TYR W 181 62.97 16.89 -50.50
C TYR W 181 61.81 16.97 -51.50
N TRP W 182 60.57 17.12 -51.02
CA TRP W 182 59.38 17.09 -51.86
C TRP W 182 58.38 18.17 -51.57
N VAL W 183 58.43 18.87 -50.44
CA VAL W 183 57.30 19.65 -49.99
C VAL W 183 57.26 20.99 -50.74
N GLN W 184 56.14 21.24 -51.35
CA GLN W 184 56.03 22.49 -52.08
C GLN W 184 55.71 23.63 -51.14
N PRO W 185 56.09 24.86 -51.49
CA PRO W 185 55.63 26.03 -50.73
C PRO W 185 54.12 26.19 -50.90
N MET W 186 53.40 26.22 -49.79
CA MET W 186 51.97 26.12 -50.04
C MET W 186 51.33 27.50 -50.11
N PRO W 187 50.37 27.71 -51.03
CA PRO W 187 49.86 29.07 -51.26
C PRO W 187 48.95 29.57 -50.15
N ASN W 188 48.52 30.82 -50.25
CA ASN W 188 47.70 31.44 -49.20
C ASN W 188 46.22 31.41 -49.58
N SER W 189 45.62 30.24 -49.42
CA SER W 189 44.17 30.14 -49.30
C SER W 189 43.84 30.01 -47.82
N TRP W 190 42.56 30.11 -47.49
CA TRP W 190 42.17 30.01 -46.09
C TRP W 190 42.30 28.58 -45.55
N SER W 191 42.26 27.58 -46.42
CA SER W 191 42.50 26.21 -46.00
C SER W 191 43.93 26.04 -45.49
N ASN W 192 44.90 26.64 -46.18
CA ASN W 192 46.27 26.60 -45.70
C ASN W 192 46.44 27.37 -44.40
N THR W 193 45.64 28.44 -44.23
CA THR W 193 45.64 29.18 -42.97
C THR W 193 45.15 28.31 -41.82
N PHE W 194 44.08 27.53 -42.05
CA PHE W 194 43.61 26.64 -40.99
C PHE W 194 44.59 25.51 -40.69
N MET W 195 45.27 24.98 -41.71
CA MET W 195 46.16 23.87 -41.44
C MET W 195 47.39 24.33 -40.66
N TRP W 196 47.93 25.50 -41.03
CA TRP W 196 49.01 26.12 -40.28
C TRP W 196 48.58 26.44 -38.86
N LEU W 197 47.37 26.97 -38.71
CA LEU W 197 46.91 27.35 -37.37
C LEU W 197 46.62 26.11 -36.53
N ALA W 198 46.22 25.01 -37.16
CA ALA W 198 45.99 23.77 -36.43
C ALA W 198 47.29 23.24 -35.82
N CYS W 199 48.32 23.09 -36.66
CA CYS W 199 49.61 22.58 -36.17
C CYS W 199 50.23 23.52 -35.13
N MET W 200 50.35 24.79 -35.50
CA MET W 200 51.03 25.73 -34.64
C MET W 200 50.26 26.01 -33.37
N MET W 201 48.92 25.99 -33.41
CA MET W 201 48.13 26.23 -32.20
C MET W 201 48.17 25.05 -31.26
N ALA W 202 48.22 23.82 -31.79
CA ALA W 202 48.44 22.66 -30.92
C ALA W 202 49.74 22.78 -30.15
N PHE W 203 50.81 23.18 -30.83
CA PHE W 203 52.04 23.32 -30.07
C PHE W 203 52.09 24.59 -29.23
N MET W 204 51.38 25.65 -29.63
CA MET W 204 51.16 26.82 -28.76
C MET W 204 50.57 26.41 -27.43
N VAL W 205 49.56 25.52 -27.48
CA VAL W 205 48.98 24.98 -26.26
C VAL W 205 50.01 24.18 -25.48
N LYS W 206 50.91 23.50 -26.19
CA LYS W 206 51.87 22.64 -25.48
C LYS W 206 52.92 23.45 -24.70
N MET W 207 53.41 24.57 -25.26
CA MET W 207 54.64 25.17 -24.74
C MET W 207 54.62 25.72 -23.31
N PRO W 208 53.60 26.47 -22.85
CA PRO W 208 52.43 27.12 -23.41
C PRO W 208 52.83 28.41 -24.08
N LEU W 209 51.95 28.94 -24.91
CA LEU W 209 51.98 30.35 -25.23
C LEU W 209 51.27 31.08 -24.11
N TYR W 210 51.22 32.41 -24.19
CA TYR W 210 50.58 33.18 -23.13
C TYR W 210 49.06 33.05 -23.15
N GLY W 211 48.48 32.75 -24.31
CA GLY W 211 47.02 32.65 -24.39
C GLY W 211 46.46 31.48 -23.63
N LEU W 212 47.26 30.44 -23.41
CA LEU W 212 46.88 29.29 -22.59
C LEU W 212 48.01 28.93 -21.64
N HIS W 213 48.57 29.94 -20.99
CA HIS W 213 49.60 29.70 -20.02
C HIS W 213 49.06 29.34 -18.64
N LEU W 214 47.77 29.49 -18.40
CA LEU W 214 47.23 29.04 -17.12
C LEU W 214 46.99 27.54 -17.07
N TRP W 215 47.25 26.86 -18.18
CA TRP W 215 47.53 25.44 -18.14
C TRP W 215 48.57 25.10 -17.09
N LEU W 216 49.67 25.84 -17.08
CA LEU W 216 50.85 25.42 -16.32
C LEU W 216 50.69 25.48 -14.80
N PRO W 217 50.40 26.64 -14.18
CA PRO W 217 50.88 26.86 -12.81
C PRO W 217 50.19 26.04 -11.76
N LYS W 218 48.94 25.65 -12.01
CA LYS W 218 48.27 24.72 -11.12
C LYS W 218 48.93 23.35 -11.17
N ALA W 219 49.33 22.92 -12.37
CA ALA W 219 50.00 21.65 -12.56
C ALA W 219 51.49 21.70 -12.20
N HIS W 220 52.02 22.84 -11.78
CA HIS W 220 53.33 22.85 -11.15
C HIS W 220 53.27 23.05 -9.64
N VAL W 221 52.32 23.83 -9.13
CA VAL W 221 52.21 23.94 -7.68
C VAL W 221 51.50 22.76 -7.08
N GLU W 222 50.86 21.92 -7.88
CA GLU W 222 50.09 20.78 -7.40
C GLU W 222 50.54 19.52 -8.09
N ALA W 223 51.86 19.32 -8.11
CA ALA W 223 52.48 18.12 -8.65
C ALA W 223 53.66 17.76 -7.78
N PRO W 224 53.98 16.47 -7.63
CA PRO W 224 55.20 16.09 -6.92
C PRO W 224 56.43 16.39 -7.76
N ILE W 225 57.59 16.20 -7.13
CA ILE W 225 58.83 16.73 -7.67
C ILE W 225 59.26 16.02 -8.95
N ALA W 226 59.01 14.71 -9.05
CA ALA W 226 59.31 13.97 -10.26
C ALA W 226 58.43 14.44 -11.40
N GLY W 227 57.12 14.54 -11.15
CA GLY W 227 56.21 15.04 -12.15
C GLY W 227 56.46 16.50 -12.50
N SER W 228 56.92 17.28 -11.52
CA SER W 228 57.24 18.67 -11.78
C SER W 228 58.42 18.81 -12.73
N MET W 229 59.52 18.11 -12.44
CA MET W 229 60.69 18.18 -13.30
C MET W 229 60.41 17.63 -14.69
N VAL W 230 59.70 16.48 -14.75
CA VAL W 230 59.28 15.88 -16.01
C VAL W 230 58.48 16.88 -16.83
N LEU W 231 57.44 17.46 -16.20
CA LEU W 231 56.52 18.37 -16.87
C LEU W 231 57.26 19.55 -17.46
N ALA W 232 57.91 20.35 -16.59
CA ALA W 232 58.64 21.55 -16.99
C ALA W 232 59.69 21.27 -18.04
N ALA W 233 60.75 20.55 -17.66
CA ALA W 233 61.89 20.37 -18.56
C ALA W 233 61.49 19.53 -19.78
N ILE W 234 61.11 18.28 -19.56
CA ILE W 234 61.06 17.40 -20.70
C ILE W 234 59.80 17.66 -21.53
N LEU W 235 58.65 17.95 -20.91
CA LEU W 235 57.46 18.16 -21.72
C LEU W 235 57.50 19.49 -22.46
N LEU W 236 58.02 20.57 -21.84
CA LEU W 236 57.93 21.82 -22.59
C LEU W 236 59.00 21.90 -23.65
N LYS W 237 60.18 21.36 -23.39
CA LYS W 237 61.16 21.39 -24.45
C LYS W 237 60.88 20.28 -25.48
N LEU W 238 60.08 19.29 -25.13
CA LEU W 238 59.56 18.35 -26.11
C LEU W 238 58.57 19.01 -27.05
N GLY W 239 57.72 19.89 -26.51
CA GLY W 239 56.82 20.65 -27.37
C GLY W 239 57.57 21.55 -28.33
N GLY W 240 58.60 22.23 -27.83
CA GLY W 240 59.44 23.04 -28.73
C GLY W 240 60.16 22.21 -29.79
N TYR W 241 60.64 21.04 -29.40
CA TYR W 241 61.29 20.11 -30.31
C TYR W 241 60.35 19.64 -31.41
N GLY W 242 59.10 19.35 -31.04
CA GLY W 242 58.13 18.96 -32.04
C GLY W 242 57.78 20.09 -32.97
N MET W 243 57.75 21.32 -32.46
CA MET W 243 57.52 22.47 -33.32
C MET W 243 58.64 22.65 -34.33
N MET W 244 59.89 22.53 -33.87
CA MET W 244 61.04 22.59 -34.78
C MET W 244 61.01 21.50 -35.84
N ARG W 245 60.53 20.30 -35.49
CA ARG W 245 60.41 19.25 -36.50
C ARG W 245 59.35 19.58 -37.53
N ILE W 246 58.18 20.04 -37.08
CA ILE W 246 57.08 20.17 -38.02
C ILE W 246 57.17 21.43 -38.87
N THR W 247 57.90 22.46 -38.44
CA THR W 247 57.82 23.75 -39.11
C THR W 247 58.57 23.83 -40.43
N LEU W 248 59.05 22.72 -40.98
CA LEU W 248 59.75 22.78 -42.26
C LEU W 248 58.77 23.03 -43.40
N LEU W 249 57.60 22.42 -43.35
CA LEU W 249 56.58 22.77 -44.33
C LEU W 249 55.86 24.05 -43.91
N LEU W 250 55.07 24.58 -44.84
CA LEU W 250 54.25 25.79 -44.67
C LEU W 250 55.07 27.03 -44.32
N ASN W 251 56.30 27.08 -44.77
CA ASN W 251 57.12 28.29 -44.67
C ASN W 251 56.81 29.52 -45.54
N PRO W 252 56.06 29.47 -46.69
CA PRO W 252 55.79 30.75 -47.35
C PRO W 252 54.68 31.56 -46.69
N ILE W 253 53.64 30.91 -46.18
CA ILE W 253 52.51 31.66 -45.63
C ILE W 253 52.72 32.07 -44.18
N THR W 254 53.76 31.56 -43.53
CA THR W 254 53.99 31.89 -42.14
C THR W 254 54.44 33.33 -41.96
N ASP W 255 54.99 33.96 -42.99
CA ASP W 255 55.25 35.39 -42.90
C ASP W 255 53.96 36.19 -42.95
N PHE W 256 52.94 35.65 -43.60
CA PHE W 256 51.66 36.34 -43.62
C PHE W 256 50.90 36.14 -42.32
N MET W 257 50.89 34.92 -41.79
CA MET W 257 50.00 34.59 -40.68
C MET W 257 50.73 34.46 -39.34
N ALA W 258 52.02 34.74 -39.28
CA ALA W 258 52.73 34.56 -38.03
C ALA W 258 52.77 35.81 -37.18
N TYR W 259 52.26 36.93 -37.69
CA TYR W 259 52.36 38.21 -36.98
C TYR W 259 51.63 38.27 -35.62
N PRO W 260 50.42 37.73 -35.43
CA PRO W 260 49.84 37.85 -34.07
C PRO W 260 50.50 36.97 -33.04
N PHE W 261 51.11 35.86 -33.43
CA PHE W 261 51.69 34.97 -32.44
C PHE W 261 52.97 35.57 -31.86
N ILE W 262 53.74 36.27 -32.70
CA ILE W 262 54.88 37.03 -32.22
C ILE W 262 54.47 38.08 -31.21
N MET W 263 53.39 38.80 -31.51
CA MET W 263 52.91 39.84 -30.60
C MET W 263 52.39 39.27 -29.29
N LEU W 264 51.60 38.20 -29.37
CA LEU W 264 51.06 37.58 -28.18
C LEU W 264 52.18 37.02 -27.32
N SER W 265 53.21 36.48 -27.95
CA SER W 265 54.34 35.93 -27.19
C SER W 265 55.17 37.02 -26.54
N LEU W 266 55.38 38.14 -27.23
CA LEU W 266 56.19 39.21 -26.66
C LEU W 266 55.48 39.89 -25.50
N TRP W 267 54.24 40.31 -25.72
CA TRP W 267 53.52 40.96 -24.63
C TRP W 267 53.19 39.98 -23.51
N GLY W 268 53.09 38.69 -23.83
CA GLY W 268 52.91 37.72 -22.78
C GLY W 268 54.17 37.47 -21.99
N MET W 269 55.32 37.54 -22.63
CA MET W 269 56.58 37.46 -21.90
C MET W 269 56.71 38.64 -20.93
N ILE W 270 56.32 39.83 -21.38
CA ILE W 270 56.37 40.99 -20.50
C ILE W 270 55.42 40.84 -19.32
N MET W 271 54.16 40.47 -19.59
CA MET W 271 53.19 40.36 -18.51
C MET W 271 53.50 39.18 -17.59
N THR W 272 54.13 38.13 -18.10
CA THR W 272 54.44 36.99 -17.26
C THR W 272 55.62 37.30 -16.36
N SER W 273 56.60 38.04 -16.87
CA SER W 273 57.66 38.52 -16.00
C SER W 273 57.13 39.49 -14.95
N SER W 274 56.07 40.23 -15.29
CA SER W 274 55.47 41.09 -14.26
C SER W 274 54.70 40.27 -13.23
N ILE W 275 54.03 39.19 -13.65
CA ILE W 275 53.20 38.47 -12.69
C ILE W 275 54.06 37.60 -11.77
N CYS W 276 55.25 37.18 -12.21
CA CYS W 276 56.09 36.38 -11.33
C CYS W 276 56.99 37.23 -10.45
N LEU W 277 56.58 38.46 -10.15
CA LEU W 277 57.37 39.36 -9.34
C LEU W 277 56.78 39.57 -7.97
N ARG W 278 55.47 39.41 -7.83
CA ARG W 278 54.76 39.82 -6.64
C ARG W 278 54.08 38.64 -5.96
N GLN W 279 54.07 37.47 -6.59
CA GLN W 279 53.36 36.34 -6.04
C GLN W 279 54.05 35.75 -4.82
N THR W 280 53.22 35.19 -3.95
CA THR W 280 53.67 34.26 -2.92
C THR W 280 53.73 32.87 -3.54
N ASP W 281 53.91 31.85 -2.70
CA ASP W 281 54.00 30.44 -3.12
C ASP W 281 55.12 30.23 -4.14
N LEU W 282 56.35 30.31 -3.61
CA LEU W 282 57.65 30.21 -4.30
C LEU W 282 57.68 29.27 -5.49
N LYS W 283 57.01 28.13 -5.36
CA LYS W 283 56.87 27.14 -6.43
C LYS W 283 56.29 27.74 -7.70
N SER W 284 55.35 28.69 -7.57
CA SER W 284 54.72 29.26 -8.76
C SER W 284 55.64 30.19 -9.52
N LEU W 285 56.65 30.76 -8.86
CA LEU W 285 57.57 31.68 -9.51
C LEU W 285 58.36 31.00 -10.61
N ILE W 286 58.76 29.75 -10.37
CA ILE W 286 59.50 29.00 -11.37
C ILE W 286 58.60 28.66 -12.54
N ALA W 287 57.31 28.43 -12.27
CA ALA W 287 56.36 28.13 -13.33
C ALA W 287 56.18 29.31 -14.27
N TYR W 288 55.99 30.51 -13.71
CA TYR W 288 55.85 31.64 -14.62
C TYR W 288 57.18 32.05 -15.24
N SER W 289 58.30 31.71 -14.60
CA SER W 289 59.60 31.84 -15.25
C SER W 289 59.66 30.98 -16.49
N SER W 290 59.15 29.75 -16.38
CA SER W 290 59.11 28.84 -17.50
C SER W 290 58.23 29.37 -18.62
N VAL W 291 57.12 30.02 -18.25
CA VAL W 291 56.26 30.60 -19.28
C VAL W 291 56.96 31.73 -20.01
N SER W 292 57.75 32.54 -19.28
CA SER W 292 58.50 33.62 -19.90
C SER W 292 59.54 33.09 -20.89
N HIS W 293 60.34 32.12 -20.46
CA HIS W 293 61.35 31.56 -21.34
C HIS W 293 60.74 30.84 -22.55
N MET W 294 59.60 30.18 -22.36
CA MET W 294 58.99 29.52 -23.51
C MET W 294 58.33 30.49 -24.46
N ALA W 295 57.88 31.65 -23.96
CA ALA W 295 57.44 32.69 -24.88
C ALA W 295 58.60 33.19 -25.72
N LEU W 296 59.79 33.27 -25.10
CA LEU W 296 60.96 33.68 -25.85
C LEU W 296 61.35 32.64 -26.91
N VAL W 297 61.18 31.36 -26.56
CA VAL W 297 61.42 30.28 -27.52
C VAL W 297 60.43 30.34 -28.68
N ILE W 298 59.17 30.67 -28.39
CA ILE W 298 58.14 30.74 -29.44
C ILE W 298 58.42 31.86 -30.42
N VAL W 299 58.84 33.03 -29.91
CA VAL W 299 59.32 34.09 -30.78
C VAL W 299 60.46 33.60 -31.64
N ALA W 300 61.39 32.86 -31.01
CA ALA W 300 62.56 32.35 -31.73
C ALA W 300 62.19 31.34 -32.81
N ILE W 301 61.10 30.61 -32.65
CA ILE W 301 60.77 29.65 -33.70
C ILE W 301 60.01 30.33 -34.83
N LEU W 302 59.11 31.25 -34.51
CA LEU W 302 58.35 31.84 -35.61
C LEU W 302 59.11 32.94 -36.34
N ILE W 303 60.28 33.34 -35.86
CA ILE W 303 61.25 33.94 -36.78
C ILE W 303 62.14 32.82 -37.28
N GLN W 304 62.61 32.92 -38.52
CA GLN W 304 63.21 31.73 -39.13
C GLN W 304 64.68 31.87 -39.49
N THR W 305 65.47 32.32 -38.55
CA THR W 305 66.90 32.44 -38.79
C THR W 305 67.65 31.25 -38.20
N PRO W 306 68.71 30.78 -38.87
CA PRO W 306 69.60 29.79 -38.23
C PRO W 306 70.18 30.25 -36.90
N TRP W 307 70.49 31.55 -36.78
CA TRP W 307 70.78 32.14 -35.47
C TRP W 307 69.66 31.87 -34.48
N SER W 308 68.43 32.03 -34.94
CA SER W 308 67.29 31.87 -34.06
C SER W 308 67.11 30.41 -33.65
N TYR W 309 67.38 29.48 -34.56
CA TYR W 309 67.19 28.07 -34.21
C TYR W 309 68.28 27.58 -33.25
N MET W 310 69.52 28.00 -33.48
CA MET W 310 70.61 27.63 -32.56
C MET W 310 70.36 28.19 -31.17
N GLY W 311 70.00 29.48 -31.10
CA GLY W 311 69.69 30.08 -29.81
C GLY W 311 68.47 29.48 -29.16
N ALA W 312 67.51 29.03 -29.98
CA ALA W 312 66.30 28.43 -29.44
C ALA W 312 66.60 27.12 -28.73
N THR W 313 67.35 26.23 -29.37
CA THR W 313 67.63 24.95 -28.70
C THR W 313 68.61 25.12 -27.54
N ALA W 314 69.49 26.13 -27.60
CA ALA W 314 70.36 26.38 -26.46
C ALA W 314 69.56 26.88 -25.26
N LEU W 315 68.61 27.78 -25.52
CA LEU W 315 67.72 28.25 -24.47
C LEU W 315 66.86 27.13 -23.91
N MET W 316 66.47 26.18 -24.78
CA MET W 316 65.74 25.00 -24.35
C MET W 316 66.51 24.19 -23.31
N ILE W 317 67.74 23.81 -23.65
CA ILE W 317 68.53 22.98 -22.73
C ILE W 317 68.84 23.74 -21.45
N ALA W 318 69.14 25.03 -21.57
CA ALA W 318 69.56 25.81 -20.41
C ALA W 318 68.41 25.99 -19.42
N HIS W 319 67.23 26.37 -19.92
CA HIS W 319 66.14 26.55 -18.97
C HIS W 319 65.60 25.22 -18.47
N GLY W 320 65.76 24.13 -19.24
CA GLY W 320 65.40 22.82 -18.71
C GLY W 320 66.21 22.47 -17.47
N LEU W 321 67.52 22.63 -17.56
CA LEU W 321 68.37 22.35 -16.40
C LEU W 321 68.12 23.32 -15.26
N THR W 322 67.96 24.61 -15.56
CA THR W 322 67.80 25.61 -14.50
C THR W 322 66.49 25.44 -13.75
N SER W 323 65.37 25.27 -14.49
CA SER W 323 64.09 25.11 -13.84
C SER W 323 64.00 23.78 -13.11
N SER W 324 64.63 22.73 -13.62
CA SER W 324 64.60 21.47 -12.90
C SER W 324 65.39 21.55 -11.60
N MET W 325 66.56 22.20 -11.63
CA MET W 325 67.32 22.42 -10.41
C MET W 325 66.54 23.24 -9.40
N LEU W 326 65.95 24.35 -9.85
CA LEU W 326 65.30 25.28 -8.94
C LEU W 326 64.03 24.67 -8.36
N PHE W 327 63.37 23.80 -9.11
CA PHE W 327 62.32 22.96 -8.53
C PHE W 327 62.87 22.04 -7.46
N CYS W 328 64.06 21.49 -7.66
CA CYS W 328 64.61 20.63 -6.62
C CYS W 328 65.00 21.42 -5.37
N LEU W 329 65.39 22.69 -5.52
CA LEU W 329 65.64 23.49 -4.32
C LEU W 329 64.34 23.89 -3.64
N ALA W 330 63.27 24.12 -4.42
CA ALA W 330 61.97 24.37 -3.81
C ALA W 330 61.47 23.15 -3.04
N ASN W 331 61.76 21.96 -3.55
CA ASN W 331 61.44 20.74 -2.81
C ASN W 331 62.28 20.63 -1.55
N SER W 332 63.54 21.10 -1.61
CA SER W 332 64.35 21.15 -0.39
C SER W 332 63.73 22.05 0.66
N ASN W 333 63.27 23.23 0.26
CA ASN W 333 62.65 24.16 1.19
C ASN W 333 61.35 23.60 1.76
N TYR W 334 60.59 22.88 0.93
CA TYR W 334 59.34 22.32 1.43
C TYR W 334 59.57 21.09 2.30
N GLU W 335 60.69 20.38 2.13
CA GLU W 335 61.03 19.36 3.11
C GLU W 335 61.51 19.99 4.40
N ARG W 336 62.08 21.20 4.33
CA ARG W 336 62.46 21.90 5.55
C ARG W 336 61.23 22.32 6.34
N VAL W 337 60.37 23.13 5.75
CA VAL W 337 59.15 23.54 6.43
C VAL W 337 57.95 23.14 5.60
N HIS W 338 56.92 22.63 6.26
CA HIS W 338 55.72 22.13 5.57
C HIS W 338 54.79 23.30 5.27
N SER W 339 55.24 24.14 4.34
CA SER W 339 54.63 25.45 4.13
C SER W 339 54.04 25.64 2.74
N ARG W 340 54.86 25.47 1.70
CA ARG W 340 54.67 25.80 0.28
C ARG W 340 54.62 27.33 0.05
N THR W 341 54.59 28.13 1.10
CA THR W 341 54.49 29.57 1.00
C THR W 341 55.88 30.17 0.76
N MET W 342 55.98 31.49 0.76
CA MET W 342 57.23 32.14 0.44
C MET W 342 57.79 32.98 1.57
N ILE W 343 56.94 33.83 2.18
CA ILE W 343 57.42 34.79 3.17
C ILE W 343 57.66 34.17 4.53
N LEU W 344 57.34 32.87 4.69
CA LEU W 344 57.43 32.23 5.99
C LEU W 344 58.88 31.99 6.39
N ALA W 345 59.60 31.15 5.66
CA ALA W 345 60.95 30.79 6.04
C ALA W 345 61.91 31.83 5.47
N ARG W 346 62.33 32.76 6.30
CA ARG W 346 63.38 33.70 5.95
C ARG W 346 64.65 33.35 6.69
N GLY W 347 65.68 34.12 6.46
CA GLY W 347 66.97 33.88 7.09
C GLY W 347 67.83 32.97 6.24
N LEU W 348 68.17 31.79 6.76
CA LEU W 348 68.72 30.66 6.03
C LEU W 348 70.05 30.92 5.34
N GLN W 349 70.73 32.01 5.64
CA GLN W 349 72.14 32.10 5.28
C GLN W 349 72.99 31.47 6.37
N THR W 350 72.62 31.73 7.61
CA THR W 350 73.20 31.08 8.77
C THR W 350 72.92 29.59 8.70
N LEU W 351 71.65 29.24 8.80
CA LEU W 351 71.22 27.86 8.75
C LEU W 351 71.34 27.35 7.32
N LEU W 352 71.98 26.19 7.16
CA LEU W 352 72.41 25.61 5.89
C LEU W 352 73.23 26.61 5.10
N PRO W 353 74.48 26.88 5.50
CA PRO W 353 75.25 27.96 4.85
C PRO W 353 75.66 27.63 3.44
N LEU W 354 75.71 26.36 3.05
CA LEU W 354 76.08 26.04 1.68
C LEU W 354 74.85 25.86 0.79
N MET W 355 73.65 25.92 1.35
CA MET W 355 72.46 26.05 0.52
C MET W 355 72.44 27.39 -0.20
N ALA W 356 73.11 28.38 0.41
CA ALA W 356 73.26 29.70 -0.20
C ALA W 356 73.96 29.63 -1.53
N ALA W 357 74.99 28.80 -1.63
CA ALA W 357 75.76 28.72 -2.86
C ALA W 357 74.93 28.12 -3.98
N TRP W 358 74.09 27.15 -3.69
CA TRP W 358 73.31 26.56 -4.76
C TRP W 358 72.13 27.43 -5.15
N TRP W 359 71.49 28.13 -4.21
CA TRP W 359 70.49 29.11 -4.62
C TRP W 359 71.11 30.23 -5.43
N LEU W 360 72.32 30.65 -5.07
CA LEU W 360 73.00 31.69 -5.81
C LEU W 360 73.37 31.24 -7.20
N LEU W 361 73.77 29.98 -7.34
CA LEU W 361 74.15 29.48 -8.65
C LEU W 361 72.92 29.24 -9.53
N ALA W 362 71.81 28.80 -8.93
CA ALA W 362 70.57 28.67 -9.68
C ALA W 362 70.05 30.02 -10.15
N SER W 363 70.09 31.03 -9.28
CA SER W 363 69.63 32.34 -9.69
C SER W 363 70.61 33.01 -10.64
N LEU W 364 71.88 32.62 -10.63
CA LEU W 364 72.82 33.09 -11.65
C LEU W 364 72.52 32.47 -13.00
N THR W 365 72.27 31.17 -13.06
CA THR W 365 72.02 30.57 -14.36
C THR W 365 70.64 30.91 -14.89
N ASN W 366 69.70 31.28 -14.01
CA ASN W 366 68.46 31.88 -14.46
C ASN W 366 68.67 33.34 -14.86
N LEU W 367 69.64 33.98 -14.21
CA LEU W 367 69.99 35.38 -14.38
C LEU W 367 70.73 35.67 -15.67
N ALA W 368 70.99 34.64 -16.49
CA ALA W 368 71.84 34.70 -17.68
C ALA W 368 73.25 35.17 -17.31
N LEU W 369 73.94 34.27 -16.60
CA LEU W 369 75.37 34.40 -16.41
C LEU W 369 76.07 34.39 -17.78
N PRO W 370 77.07 35.23 -17.99
CA PRO W 370 77.48 35.58 -19.37
C PRO W 370 78.25 34.50 -20.11
N PRO W 371 78.94 33.55 -19.48
CA PRO W 371 79.28 32.33 -20.24
C PRO W 371 78.33 31.16 -20.08
N SER W 372 77.22 31.32 -19.35
CA SER W 372 76.28 30.21 -19.24
C SER W 372 75.51 30.01 -20.53
N ILE W 373 74.77 28.90 -20.58
CA ILE W 373 74.03 28.55 -21.78
C ILE W 373 72.79 29.43 -21.93
N ASN W 374 72.25 29.91 -20.80
CA ASN W 374 71.04 30.73 -20.83
C ASN W 374 71.28 32.06 -21.53
N LEU W 375 72.44 32.67 -21.29
CA LEU W 375 72.75 33.91 -21.97
C LEU W 375 73.07 33.68 -23.43
N ILE W 376 73.66 32.53 -23.76
CA ILE W 376 73.84 32.12 -25.16
C ILE W 376 72.50 32.11 -25.88
N GLY W 377 71.51 31.48 -25.27
CA GLY W 377 70.17 31.42 -25.79
C GLY W 377 69.51 32.77 -25.98
N GLU W 378 69.41 33.55 -24.90
CA GLU W 378 68.75 34.85 -24.99
C GLU W 378 69.50 35.79 -25.91
N LEU W 379 70.82 35.67 -25.98
CA LEU W 379 71.61 36.55 -26.82
C LEU W 379 71.33 36.29 -28.29
N PHE W 380 71.37 35.02 -28.72
CA PHE W 380 71.12 34.77 -30.13
C PHE W 380 69.67 35.02 -30.51
N VAL W 381 68.74 34.85 -29.57
CA VAL W 381 67.35 35.18 -29.85
C VAL W 381 67.18 36.68 -30.05
N VAL W 382 67.83 37.49 -29.22
CA VAL W 382 67.72 38.93 -29.36
C VAL W 382 68.42 39.41 -30.62
N MET W 383 69.53 38.77 -31.01
CA MET W 383 70.21 39.14 -32.25
C MET W 383 69.34 38.83 -33.46
N SER W 384 68.72 37.66 -33.49
CA SER W 384 67.87 37.32 -34.61
C SER W 384 66.60 38.17 -34.65
N THR W 385 66.05 38.53 -33.50
CA THR W 385 64.83 39.31 -33.57
C THR W 385 65.12 40.78 -33.86
N PHE W 386 66.31 41.27 -33.53
CA PHE W 386 66.65 42.62 -33.98
C PHE W 386 66.94 42.62 -35.46
N SER W 387 67.39 41.48 -36.01
CA SER W 387 67.43 41.35 -37.46
C SER W 387 66.03 41.32 -38.06
N TRP W 388 65.08 40.73 -37.34
CA TRP W 388 63.69 40.71 -37.80
C TRP W 388 63.13 42.13 -37.86
N SER W 389 63.16 42.83 -36.74
CA SER W 389 62.63 44.19 -36.69
C SER W 389 63.48 45.00 -35.73
N ASN W 390 63.64 46.28 -36.04
CA ASN W 390 64.60 47.11 -35.31
C ASN W 390 64.08 47.62 -33.97
N ILE W 391 62.80 47.43 -33.66
CA ILE W 391 62.24 48.07 -32.47
C ILE W 391 61.89 47.06 -31.38
N THR W 392 62.00 45.77 -31.66
CA THR W 392 61.64 44.74 -30.70
C THR W 392 62.70 44.52 -29.62
N ILE W 393 63.76 45.31 -29.60
CA ILE W 393 64.79 45.10 -28.59
C ILE W 393 64.37 45.69 -27.24
N ILE W 394 63.40 46.59 -27.25
CA ILE W 394 62.98 47.26 -26.02
C ILE W 394 62.24 46.31 -25.11
N LEU W 395 61.32 45.51 -25.66
CA LEU W 395 60.61 44.53 -24.86
C LEU W 395 61.55 43.43 -24.37
N MET W 396 62.52 43.05 -25.19
CA MET W 396 63.53 42.08 -24.75
C MET W 396 64.33 42.62 -23.58
N GLY W 397 64.70 43.89 -23.62
CA GLY W 397 65.48 44.44 -22.52
C GLY W 397 64.67 44.68 -21.26
N LEU W 398 63.40 45.03 -21.41
CA LEU W 398 62.54 45.15 -20.24
C LEU W 398 62.32 43.78 -19.61
N ASN W 399 62.22 42.74 -20.46
CA ASN W 399 62.24 41.37 -19.98
C ASN W 399 63.50 41.06 -19.22
N MET W 400 64.65 41.51 -19.72
CA MET W 400 65.93 41.23 -19.08
C MET W 400 65.99 41.84 -17.68
N VAL W 401 65.55 43.10 -17.57
CA VAL W 401 65.56 43.80 -16.28
C VAL W 401 64.62 43.11 -15.29
N ILE W 402 63.39 42.83 -15.72
CA ILE W 402 62.45 42.21 -14.79
C ILE W 402 62.84 40.77 -14.48
N THR W 403 63.55 40.10 -15.40
CA THR W 403 64.03 38.75 -15.15
C THR W 403 65.07 38.74 -14.06
N ALA W 404 66.03 39.65 -14.16
CA ALA W 404 67.04 39.81 -13.11
C ALA W 404 66.41 40.19 -11.78
N LEU W 405 65.37 41.04 -11.83
CA LEU W 405 64.76 41.49 -10.59
C LEU W 405 64.02 40.36 -9.89
N TYR W 406 63.23 39.57 -10.64
CA TYR W 406 62.48 38.54 -9.93
C TYR W 406 63.41 37.42 -9.49
N SER W 407 64.48 37.16 -10.25
CA SER W 407 65.44 36.15 -9.82
C SER W 407 66.13 36.58 -8.53
N LEU W 408 66.44 37.88 -8.42
CA LEU W 408 67.09 38.35 -7.22
C LEU W 408 66.12 38.37 -6.03
N TYR W 409 64.85 38.68 -6.29
CA TYR W 409 63.88 38.72 -5.20
C TYR W 409 63.54 37.33 -4.71
N MET W 410 63.43 36.37 -5.64
CA MET W 410 63.30 34.97 -5.28
C MET W 410 64.49 34.49 -4.47
N LEU W 411 65.69 35.01 -4.77
CA LEU W 411 66.86 34.65 -3.99
C LEU W 411 66.78 35.23 -2.58
N ILE W 412 66.52 36.52 -2.45
CA ILE W 412 66.72 37.19 -1.16
C ILE W 412 65.43 37.29 -0.35
N THR W 413 64.35 36.67 -0.81
CA THR W 413 63.18 36.58 0.06
C THR W 413 63.34 35.43 1.04
N THR W 414 63.60 34.23 0.52
CA THR W 414 63.66 33.03 1.35
C THR W 414 64.95 32.98 2.14
N GLN W 415 66.05 33.35 1.52
CA GLN W 415 67.34 32.96 2.03
C GLN W 415 68.19 34.18 2.30
N ARG W 416 67.61 35.15 3.01
CA ARG W 416 68.30 36.38 3.34
C ARG W 416 67.54 37.15 4.41
N GLY W 417 68.26 37.64 5.41
CA GLY W 417 67.84 38.81 6.16
C GLY W 417 67.55 38.68 7.64
N LYS W 418 66.76 37.69 8.05
CA LYS W 418 66.53 37.32 9.44
C LYS W 418 65.79 36.01 9.55
N HIS W 419 66.36 35.05 10.27
CA HIS W 419 65.67 33.82 10.62
C HIS W 419 64.49 34.14 11.52
N THR W 420 63.37 33.47 11.30
CA THR W 420 62.19 33.85 12.05
C THR W 420 62.18 33.32 13.48
N HIS W 421 63.20 32.54 13.86
CA HIS W 421 63.48 32.04 15.22
C HIS W 421 62.26 31.48 15.95
N HIS W 422 61.39 30.82 15.19
CA HIS W 422 60.35 30.00 15.78
C HIS W 422 60.16 28.75 14.95
N ILE W 423 61.06 28.51 13.99
CA ILE W 423 60.93 27.35 13.12
C ILE W 423 61.24 26.08 13.87
N ASN W 424 62.45 26.01 14.44
CA ASN W 424 63.10 24.96 15.22
C ASN W 424 62.75 23.52 14.84
N ASN W 425 62.70 23.24 13.54
CA ASN W 425 62.76 21.86 13.07
C ASN W 425 63.61 21.66 11.83
N ILE W 426 64.23 22.70 11.27
CA ILE W 426 65.07 22.51 10.10
C ILE W 426 66.34 21.79 10.52
N LEU W 427 66.76 20.89 9.71
CA LEU W 427 67.93 20.08 9.93
C LEU W 427 69.06 20.58 9.05
N PRO W 428 70.30 20.29 9.38
CA PRO W 428 71.40 20.62 8.47
C PRO W 428 71.30 19.83 7.18
N SER W 429 72.03 20.31 6.18
CA SER W 429 71.84 19.87 4.80
C SER W 429 72.23 18.41 4.64
N PHE W 430 71.31 17.64 4.07
CA PHE W 430 71.57 16.24 3.79
C PHE W 430 72.65 16.11 2.72
N THR W 431 73.22 14.92 2.64
CA THR W 431 74.13 14.65 1.52
C THR W 431 73.36 14.49 0.23
N ARG W 432 72.09 14.10 0.32
CA ARG W 432 71.27 13.87 -0.86
C ARG W 432 71.02 15.16 -1.64
N GLU W 433 70.66 16.24 -0.95
CA GLU W 433 70.32 17.48 -1.63
C GLU W 433 71.53 18.10 -2.29
N ASN W 434 72.68 18.09 -1.62
CA ASN W 434 73.88 18.63 -2.22
C ASN W 434 74.39 17.74 -3.34
N ALA W 435 74.14 16.44 -3.25
CA ALA W 435 74.45 15.55 -4.36
C ALA W 435 73.60 15.88 -5.58
N LEU W 436 72.32 16.17 -5.37
CA LEU W 436 71.43 16.50 -6.48
C LEU W 436 71.76 17.85 -7.10
N MET W 437 72.14 18.83 -6.27
CA MET W 437 72.62 20.10 -6.80
C MET W 437 73.87 19.92 -7.63
N SER W 438 74.80 19.10 -7.16
CA SER W 438 76.03 18.86 -7.89
C SER W 438 75.77 18.06 -9.15
N LEU W 439 74.72 17.25 -9.18
CA LEU W 439 74.37 16.55 -10.40
C LEU W 439 73.69 17.47 -11.40
N HIS W 440 73.01 18.51 -10.93
CA HIS W 440 72.52 19.51 -11.88
C HIS W 440 73.67 20.35 -12.46
N MET W 441 74.46 20.97 -11.60
CA MET W 441 75.24 22.12 -12.04
C MET W 441 76.63 21.82 -12.54
N LEU W 442 77.08 20.60 -12.52
CA LEU W 442 78.32 20.35 -13.23
C LEU W 442 78.16 20.23 -14.75
N PRO W 443 77.17 19.50 -15.31
CA PRO W 443 77.09 19.47 -16.78
C PRO W 443 76.73 20.79 -17.41
N LEU W 444 76.03 21.67 -16.69
CA LEU W 444 75.72 22.99 -17.23
C LEU W 444 76.98 23.81 -17.42
N LEU W 445 77.86 23.80 -16.43
CA LEU W 445 79.10 24.57 -16.56
C LEU W 445 80.07 23.89 -17.52
N LEU W 446 80.03 22.56 -17.63
CA LEU W 446 80.83 21.89 -18.64
C LEU W 446 80.38 22.25 -20.05
N LEU W 447 79.08 22.30 -20.29
CA LEU W 447 78.59 22.73 -21.59
C LEU W 447 78.83 24.21 -21.81
N SER W 448 78.96 24.98 -20.73
CA SER W 448 79.42 26.36 -20.86
C SER W 448 80.88 26.41 -21.29
N LEU W 449 81.68 25.40 -20.94
CA LEU W 449 83.07 25.41 -21.37
C LEU W 449 83.19 25.17 -22.88
N ASN W 450 82.48 24.19 -23.42
CA ASN W 450 82.59 23.87 -24.84
C ASN W 450 81.21 23.56 -25.42
N PRO W 451 80.51 24.60 -25.89
CA PRO W 451 79.13 24.39 -26.35
C PRO W 451 79.00 24.00 -27.81
N LYS W 452 80.05 23.46 -28.44
CA LYS W 452 79.92 22.98 -29.81
C LYS W 452 79.07 21.71 -29.94
N ILE W 453 78.55 21.18 -28.84
CA ILE W 453 77.60 20.09 -28.88
C ILE W 453 76.19 20.60 -29.12
N ILE W 454 75.76 21.55 -28.28
CA ILE W 454 74.34 21.74 -28.03
C ILE W 454 73.69 22.75 -28.96
N LEU W 455 74.43 23.31 -29.91
CA LEU W 455 73.75 24.16 -30.85
C LEU W 455 73.03 23.31 -31.89
N GLY W 456 72.16 23.94 -32.67
CA GLY W 456 71.13 23.24 -33.41
C GLY W 456 71.58 22.48 -34.63
N PRO W 457 70.61 22.12 -35.48
CA PRO W 457 70.95 21.47 -36.74
C PRO W 457 71.69 22.38 -37.68
N LEU W 458 71.45 23.67 -37.59
CA LEU W 458 72.17 24.66 -38.38
C LEU W 458 73.35 25.23 -37.61
N TYR W 459 74.21 24.35 -37.10
CA TYR W 459 75.40 24.76 -36.38
C TYR W 459 76.34 25.54 -37.28
N MET X 1 13.18 -19.77 -13.22
CA MET X 1 14.10 -20.19 -14.27
C MET X 1 14.94 -21.38 -13.80
N ASN X 2 15.17 -22.31 -14.73
CA ASN X 2 16.10 -23.41 -14.56
C ASN X 2 17.35 -23.14 -15.39
N PRO X 3 18.48 -23.74 -15.02
CA PRO X 3 19.67 -23.59 -15.87
C PRO X 3 19.52 -24.19 -17.26
N ILE X 4 18.68 -25.23 -17.40
CA ILE X 4 18.25 -25.69 -18.71
C ILE X 4 17.61 -24.56 -19.50
N ILE X 5 16.70 -23.83 -18.85
CA ILE X 5 15.98 -22.74 -19.49
C ILE X 5 16.92 -21.60 -19.84
N LEU X 6 17.92 -21.34 -18.99
CA LEU X 6 18.91 -20.32 -19.31
C LEU X 6 19.75 -20.68 -20.52
N ILE X 7 20.20 -21.94 -20.60
CA ILE X 7 21.01 -22.37 -21.74
C ILE X 7 20.19 -22.34 -23.01
N ILE X 8 18.90 -22.70 -22.93
CA ILE X 8 18.01 -22.63 -24.08
C ILE X 8 17.80 -21.19 -24.54
N ILE X 9 17.58 -20.27 -23.61
CA ILE X 9 17.28 -18.90 -24.00
C ILE X 9 18.51 -18.19 -24.58
N LEU X 10 19.69 -18.44 -24.01
CA LEU X 10 20.92 -17.91 -24.60
C LEU X 10 21.18 -18.50 -25.97
N MET X 11 20.90 -19.80 -26.15
CA MET X 11 21.06 -20.44 -27.45
C MET X 11 20.09 -19.87 -28.47
N THR X 12 18.90 -19.45 -28.04
CA THR X 12 17.98 -18.83 -28.97
C THR X 12 18.37 -17.41 -29.33
N VAL X 13 19.00 -16.67 -28.41
CA VAL X 13 19.52 -15.34 -28.78
C VAL X 13 20.62 -15.47 -29.82
N MET X 14 21.52 -16.43 -29.61
CA MET X 14 22.53 -16.76 -30.61
C MET X 14 21.90 -17.19 -31.92
N LEU X 15 20.80 -17.95 -31.85
CA LEU X 15 20.10 -18.40 -33.05
C LEU X 15 19.50 -17.24 -33.81
N GLY X 16 18.91 -16.27 -33.09
CA GLY X 16 18.32 -15.13 -33.75
C GLY X 16 19.35 -14.28 -34.46
N THR X 17 20.48 -14.05 -33.81
CA THR X 17 21.54 -13.28 -34.48
C THR X 17 22.14 -14.05 -35.65
N ILE X 18 22.22 -15.37 -35.57
CA ILE X 18 22.77 -16.15 -36.69
C ILE X 18 21.82 -16.14 -37.88
N ILE X 19 20.50 -16.22 -37.62
CA ILE X 19 19.52 -16.10 -38.70
C ILE X 19 19.57 -14.74 -39.34
N VAL X 20 19.85 -13.70 -38.56
CA VAL X 20 20.05 -12.37 -39.14
C VAL X 20 21.31 -12.31 -40.00
N MET X 21 22.40 -12.94 -39.54
CA MET X 21 23.65 -12.89 -40.30
C MET X 21 23.56 -13.67 -41.60
N ILE X 22 22.85 -14.80 -41.61
CA ILE X 22 23.10 -15.81 -42.62
C ILE X 22 22.08 -15.81 -43.77
N SER X 23 20.90 -15.25 -43.57
CA SER X 23 19.86 -15.48 -44.54
C SER X 23 19.94 -14.48 -45.69
N THR X 24 19.41 -14.89 -46.84
CA THR X 24 19.28 -14.03 -48.00
C THR X 24 17.84 -13.64 -48.27
N HIS X 25 16.94 -13.90 -47.34
CA HIS X 25 15.52 -13.66 -47.52
C HIS X 25 15.05 -12.71 -46.44
N TRP X 26 14.31 -11.66 -46.84
CA TRP X 26 13.92 -10.60 -45.91
C TRP X 26 13.00 -11.09 -44.82
N LEU X 27 12.16 -12.09 -45.13
CA LEU X 27 11.30 -12.67 -44.11
C LEU X 27 12.12 -13.31 -43.00
N LEU X 28 13.22 -13.98 -43.35
CA LEU X 28 14.03 -14.57 -42.30
C LEU X 28 14.78 -13.52 -41.50
N ILE X 29 15.11 -12.38 -42.11
CA ILE X 29 15.75 -11.30 -41.35
C ILE X 29 14.78 -10.72 -40.32
N TRP X 30 13.53 -10.49 -40.72
CA TRP X 30 12.56 -9.97 -39.77
C TRP X 30 12.24 -10.98 -38.69
N ILE X 31 12.19 -12.26 -39.06
CA ILE X 31 12.02 -13.34 -38.09
C ILE X 31 13.17 -13.37 -37.10
N GLY X 32 14.40 -13.11 -37.57
CA GLY X 32 15.54 -13.09 -36.68
C GLY X 32 15.47 -11.97 -35.67
N PHE X 33 15.07 -10.77 -36.10
CA PHE X 33 14.92 -9.66 -35.17
C PHE X 33 13.80 -9.93 -34.15
N GLU X 34 12.73 -10.57 -34.60
CA GLU X 34 11.66 -10.89 -33.67
C GLU X 34 12.05 -11.96 -32.65
N MET X 35 12.72 -13.02 -33.10
CA MET X 35 13.17 -14.06 -32.19
C MET X 35 14.20 -13.53 -31.20
N ASN X 36 15.02 -12.58 -31.64
CA ASN X 36 15.93 -11.88 -30.74
C ASN X 36 15.14 -11.12 -29.67
N MET X 37 14.06 -10.44 -30.06
CA MET X 37 13.23 -9.72 -29.09
C MET X 37 12.60 -10.68 -28.07
N LEU X 38 11.90 -11.70 -28.58
CA LEU X 38 11.19 -12.68 -27.76
C LEU X 38 12.12 -13.40 -26.79
N ALA X 39 13.35 -13.68 -27.21
CA ALA X 39 14.26 -14.35 -26.32
C ALA X 39 15.03 -13.40 -25.43
N ILE X 40 15.13 -12.11 -25.80
CA ILE X 40 15.95 -11.22 -24.99
C ILE X 40 15.13 -10.57 -23.89
N ILE X 41 13.80 -10.66 -23.94
CA ILE X 41 12.99 -10.21 -22.80
C ILE X 41 13.29 -10.97 -21.50
N PRO X 42 13.32 -12.31 -21.46
CA PRO X 42 13.45 -12.97 -20.15
C PRO X 42 14.83 -13.00 -19.56
N ILE X 43 15.87 -12.56 -20.26
CA ILE X 43 17.13 -12.34 -19.56
C ILE X 43 17.00 -11.13 -18.66
N MET X 44 16.29 -10.10 -19.13
CA MET X 44 15.76 -9.09 -18.24
C MET X 44 14.66 -9.70 -17.38
N MET X 45 14.32 -8.98 -16.30
CA MET X 45 13.42 -9.46 -15.25
C MET X 45 13.92 -10.79 -14.69
N LYS X 46 15.22 -10.83 -14.40
CA LYS X 46 15.78 -11.96 -13.67
C LYS X 46 15.27 -11.98 -12.25
N LYS X 47 15.08 -10.81 -11.66
CA LYS X 47 14.31 -10.65 -10.44
C LYS X 47 12.85 -10.41 -10.82
N HIS X 48 12.03 -9.97 -9.87
CA HIS X 48 10.64 -9.69 -10.19
C HIS X 48 10.20 -8.34 -9.64
N ASN X 49 11.15 -7.47 -9.36
CA ASN X 49 10.87 -6.11 -8.98
C ASN X 49 10.19 -5.37 -10.13
N PRO X 50 9.36 -4.36 -9.83
CA PRO X 50 8.67 -3.64 -10.92
C PRO X 50 9.57 -2.74 -11.75
N ARG X 51 10.79 -2.46 -11.29
CA ARG X 51 11.75 -1.71 -12.10
C ARG X 51 12.05 -2.44 -13.40
N ALA X 52 12.39 -3.73 -13.30
CA ALA X 52 12.65 -4.53 -14.48
C ALA X 52 11.39 -4.71 -15.31
N THR X 53 10.22 -4.69 -14.67
CA THR X 53 8.96 -4.80 -15.39
C THR X 53 8.75 -3.61 -16.30
N GLU X 54 8.88 -2.40 -15.75
CA GLU X 54 8.72 -1.20 -16.57
C GLU X 54 9.81 -1.06 -17.61
N ALA X 55 11.04 -1.47 -17.29
CA ALA X 55 12.12 -1.42 -18.27
C ALA X 55 11.86 -2.35 -19.44
N SER X 56 11.40 -3.58 -19.16
CA SER X 56 11.05 -4.50 -20.23
C SER X 56 9.85 -4.00 -21.03
N THR X 57 8.93 -3.28 -20.39
CA THR X 57 7.78 -2.72 -21.10
C THR X 57 8.23 -1.66 -22.11
N LYS X 58 9.08 -0.73 -21.66
CA LYS X 58 9.58 0.33 -22.54
C LYS X 58 10.36 -0.25 -23.70
N TYR X 59 11.27 -1.17 -23.40
CA TYR X 59 12.07 -1.81 -24.43
C TYR X 59 11.22 -2.57 -25.41
N PHE X 60 10.18 -3.25 -24.92
CA PHE X 60 9.34 -4.04 -25.80
C PHE X 60 8.54 -3.16 -26.75
N LEU X 61 7.98 -2.06 -26.25
CA LEU X 61 7.20 -1.18 -27.11
C LEU X 61 8.07 -0.56 -28.20
N THR X 62 9.26 -0.06 -27.85
CA THR X 62 10.10 0.55 -28.87
C THR X 62 10.67 -0.48 -29.84
N GLN X 63 11.03 -1.66 -29.34
CA GLN X 63 11.58 -2.70 -30.21
C GLN X 63 10.51 -3.27 -31.15
N SER X 64 9.28 -3.41 -30.68
CA SER X 64 8.24 -3.95 -31.53
C SER X 64 7.80 -2.94 -32.58
N THR X 65 7.75 -1.65 -32.24
CA THR X 65 7.42 -0.69 -33.29
C THR X 65 8.56 -0.54 -34.30
N ALA X 66 9.81 -0.78 -33.88
CA ALA X 66 10.91 -0.82 -34.84
C ALA X 66 10.76 -2.02 -35.78
N SER X 67 10.32 -3.15 -35.24
CA SER X 67 10.10 -4.34 -36.05
C SER X 67 9.01 -4.11 -37.09
N MET X 68 7.94 -3.45 -36.69
CA MET X 68 6.86 -3.20 -37.64
C MET X 68 7.26 -2.15 -38.69
N LEU X 69 8.10 -1.20 -38.32
CA LEU X 69 8.58 -0.22 -39.30
C LEU X 69 9.50 -0.89 -40.32
N LEU X 70 10.31 -1.86 -39.85
CA LEU X 70 11.14 -2.66 -40.75
C LEU X 70 10.30 -3.44 -41.75
N MET X 71 9.23 -4.08 -41.26
CA MET X 71 8.36 -4.83 -42.15
C MET X 71 7.65 -3.94 -43.15
N MET X 72 7.27 -2.73 -42.72
CA MET X 72 6.75 -1.73 -43.64
C MET X 72 7.74 -1.39 -44.74
N ALA X 73 9.01 -1.25 -44.39
CA ALA X 73 10.02 -0.88 -45.38
C ALA X 73 10.24 -2.00 -46.39
N ILE X 74 10.23 -3.26 -45.93
CA ILE X 74 10.39 -4.39 -46.85
C ILE X 74 9.20 -4.49 -47.81
N ILE X 75 7.99 -4.28 -47.29
CA ILE X 75 6.82 -4.41 -48.15
C ILE X 75 6.71 -3.24 -49.13
N ILE X 76 7.25 -2.07 -48.78
CA ILE X 76 7.35 -0.98 -49.75
C ILE X 76 8.38 -1.32 -50.83
N ASN X 77 9.52 -1.92 -50.44
CA ASN X 77 10.51 -2.40 -51.40
C ASN X 77 9.90 -3.36 -52.40
N LEU X 78 9.00 -4.23 -51.95
CA LEU X 78 8.42 -5.15 -52.91
C LEU X 78 7.20 -4.54 -53.63
N MET X 79 6.65 -3.42 -53.13
CA MET X 79 5.74 -2.65 -53.98
C MET X 79 6.47 -2.07 -55.17
N PHE X 80 7.71 -1.63 -54.96
CA PHE X 80 8.64 -1.40 -56.05
C PHE X 80 9.27 -2.72 -56.50
N SER X 81 10.42 -2.63 -57.17
CA SER X 81 11.14 -3.75 -57.78
C SER X 81 11.23 -4.96 -56.88
N GLY X 82 10.61 -6.05 -57.31
CA GLY X 82 10.19 -7.09 -56.41
C GLY X 82 10.91 -8.41 -56.53
N GLN X 83 11.72 -8.69 -55.52
CA GLN X 83 12.32 -9.99 -55.32
C GLN X 83 12.73 -10.05 -53.86
N TRP X 84 12.96 -11.26 -53.36
CA TRP X 84 13.37 -11.43 -51.97
C TRP X 84 14.87 -11.60 -51.83
N THR X 85 15.70 -10.77 -52.47
CA THR X 85 17.12 -10.73 -52.18
C THR X 85 17.40 -9.56 -51.27
N VAL X 86 18.42 -9.72 -50.44
CA VAL X 86 18.78 -8.67 -49.49
C VAL X 86 19.99 -7.98 -50.08
N MET X 87 19.71 -6.94 -50.86
CA MET X 87 20.75 -6.20 -51.53
C MET X 87 20.26 -4.77 -51.68
N LYS X 88 20.87 -4.03 -52.62
CA LYS X 88 20.56 -2.64 -52.92
C LYS X 88 19.07 -2.40 -53.16
N LEU X 89 18.49 -1.52 -52.36
CA LEU X 89 17.07 -1.24 -52.44
C LEU X 89 16.78 -0.37 -53.66
N PHE X 90 15.49 -0.10 -53.90
CA PHE X 90 15.07 0.59 -55.11
C PHE X 90 14.10 1.71 -54.78
N ASN X 91 14.32 2.37 -53.65
CA ASN X 91 13.47 3.45 -53.18
C ASN X 91 14.20 4.27 -52.14
N PRO X 92 14.25 5.59 -52.29
CA PRO X 92 14.67 6.42 -51.16
C PRO X 92 13.71 6.37 -49.98
N MET X 93 12.41 6.20 -50.22
CA MET X 93 11.46 6.13 -49.11
C MET X 93 11.62 4.84 -48.31
N ALA X 94 11.80 3.72 -49.01
CA ALA X 94 11.93 2.45 -48.31
C ALA X 94 13.25 2.39 -47.54
N SER X 95 14.32 2.94 -48.13
CA SER X 95 15.58 3.02 -47.42
C SER X 95 15.49 3.97 -46.23
N MET X 96 14.69 5.03 -46.35
CA MET X 96 14.51 5.97 -45.25
C MET X 96 13.81 5.32 -44.07
N LEU X 97 12.68 4.64 -44.33
CA LEU X 97 11.99 3.93 -43.26
C LEU X 97 12.81 2.78 -42.71
N MET X 98 13.64 2.15 -43.54
CA MET X 98 14.46 1.06 -43.06
C MET X 98 15.57 1.55 -42.15
N THR X 99 16.23 2.65 -42.52
CA THR X 99 17.25 3.20 -41.65
C THR X 99 16.66 3.76 -40.37
N MET X 100 15.42 4.28 -40.42
CA MET X 100 14.82 4.72 -39.17
C MET X 100 14.36 3.54 -38.32
N ALA X 101 14.00 2.42 -38.96
CA ALA X 101 13.68 1.23 -38.19
C ALA X 101 14.91 0.68 -37.50
N LEU X 102 16.06 0.67 -38.19
CA LEU X 102 17.27 0.21 -37.54
C LEU X 102 17.77 1.19 -36.49
N ALA X 103 17.56 2.49 -36.72
CA ALA X 103 17.98 3.48 -35.75
C ALA X 103 17.16 3.39 -34.47
N MET X 104 15.87 3.10 -34.57
CA MET X 104 15.11 2.78 -33.36
C MET X 104 15.52 1.43 -32.79
N LYS X 105 15.92 0.50 -33.66
CA LYS X 105 16.30 -0.85 -33.24
C LYS X 105 17.54 -0.82 -32.35
N LEU X 106 18.45 0.12 -32.59
CA LEU X 106 19.62 0.22 -31.73
C LEU X 106 19.64 1.46 -30.84
N GLY X 107 19.02 2.54 -31.26
CA GLY X 107 19.03 3.72 -30.43
C GLY X 107 19.98 4.78 -30.92
N MET X 108 19.45 5.77 -31.62
CA MET X 108 20.15 6.98 -31.99
C MET X 108 19.57 8.14 -31.18
N ALA X 109 20.17 9.32 -31.35
CA ALA X 109 19.78 10.46 -30.53
C ALA X 109 18.32 10.92 -30.65
N PRO X 110 17.61 10.79 -31.78
CA PRO X 110 16.16 10.97 -31.69
C PRO X 110 15.44 9.83 -30.99
N PHE X 111 16.11 8.70 -30.80
CA PHE X 111 15.44 7.46 -30.46
C PHE X 111 15.92 6.84 -29.16
N HIS X 112 17.04 7.30 -28.60
CA HIS X 112 17.76 6.61 -27.54
C HIS X 112 17.11 6.68 -26.19
N PHE X 113 15.99 7.40 -26.06
CA PHE X 113 15.36 7.65 -24.76
C PHE X 113 14.84 6.40 -24.07
N TRP X 114 14.85 5.26 -24.73
CA TRP X 114 14.62 4.01 -24.05
C TRP X 114 15.88 3.39 -23.47
N VAL X 115 17.06 3.78 -23.95
CA VAL X 115 18.29 3.09 -23.57
C VAL X 115 18.68 3.33 -22.11
N PRO X 116 18.70 4.56 -21.56
CA PRO X 116 18.95 4.65 -20.11
C PRO X 116 17.82 4.07 -19.28
N GLU X 117 16.57 4.29 -19.70
CA GLU X 117 15.43 3.80 -18.96
C GLU X 117 15.26 2.30 -19.08
N VAL X 118 16.03 1.61 -19.92
CA VAL X 118 15.98 0.17 -19.86
C VAL X 118 17.23 -0.31 -19.15
N THR X 119 18.34 0.42 -19.28
CA THR X 119 19.55 -0.10 -18.68
C THR X 119 19.65 0.16 -17.20
N GLN X 120 18.82 1.04 -16.64
CA GLN X 120 18.97 1.31 -15.22
C GLN X 120 18.39 0.19 -14.36
N GLY X 121 17.16 -0.22 -14.65
CA GLY X 121 16.48 -1.12 -13.74
C GLY X 121 16.59 -2.59 -14.08
N ILE X 122 17.71 -3.00 -14.65
CA ILE X 122 17.92 -4.39 -15.01
C ILE X 122 19.17 -4.90 -14.32
N PRO X 123 19.27 -6.20 -14.05
CA PRO X 123 20.56 -6.75 -13.64
C PRO X 123 21.55 -6.73 -14.80
N LEU X 124 22.82 -6.76 -14.43
CA LEU X 124 23.89 -6.41 -15.38
C LEU X 124 24.11 -7.46 -16.46
N SER X 125 23.75 -8.72 -16.22
CA SER X 125 23.91 -9.75 -17.24
C SER X 125 23.01 -9.47 -18.43
N SER X 126 21.77 -9.05 -18.14
CA SER X 126 20.83 -8.69 -19.20
C SER X 126 21.30 -7.46 -19.96
N GLY X 127 21.91 -6.50 -19.26
CA GLY X 127 22.44 -5.33 -19.93
C GLY X 127 23.60 -5.67 -20.84
N LEU X 128 24.46 -6.60 -20.39
CA LEU X 128 25.54 -7.11 -21.21
C LEU X 128 25.03 -7.73 -22.50
N ILE X 129 24.09 -8.67 -22.38
CA ILE X 129 23.65 -9.38 -23.57
C ILE X 129 22.85 -8.47 -24.49
N LEU X 130 22.09 -7.51 -23.94
CA LEU X 130 21.30 -6.66 -24.83
C LEU X 130 22.17 -5.67 -25.57
N LEU X 131 23.17 -5.09 -24.89
CA LEU X 131 24.08 -4.18 -25.58
C LEU X 131 24.87 -4.89 -26.65
N THR X 132 25.49 -6.03 -26.32
CA THR X 132 26.32 -6.75 -27.28
C THR X 132 25.53 -7.25 -28.48
N TRP X 133 24.40 -7.91 -28.25
CA TRP X 133 23.76 -8.48 -29.42
C TRP X 133 22.86 -7.51 -30.15
N GLN X 134 22.19 -6.59 -29.45
CA GLN X 134 21.41 -5.59 -30.16
C GLN X 134 22.27 -4.53 -30.81
N LYS X 135 23.58 -4.51 -30.60
CA LYS X 135 24.40 -3.72 -31.51
C LYS X 135 25.19 -4.57 -32.48
N LEU X 136 25.25 -5.88 -32.30
CA LEU X 136 25.91 -6.70 -33.32
C LEU X 136 24.96 -6.97 -34.48
N ALA X 137 23.73 -7.36 -34.19
CA ALA X 137 22.83 -7.87 -35.21
C ALA X 137 22.38 -6.87 -36.28
N PRO X 138 22.05 -5.60 -36.01
CA PRO X 138 21.70 -4.70 -37.13
C PRO X 138 22.89 -4.25 -37.94
N MET X 139 24.10 -4.41 -37.42
CA MET X 139 25.29 -4.03 -38.19
C MET X 139 25.48 -4.87 -39.43
N SER X 140 25.08 -6.15 -39.39
CA SER X 140 25.13 -6.97 -40.59
C SER X 140 24.15 -6.46 -41.63
N VAL X 141 22.96 -6.04 -41.19
CA VAL X 141 21.94 -5.54 -42.09
C VAL X 141 22.41 -4.26 -42.76
N LEU X 142 23.00 -3.35 -41.98
CA LEU X 142 23.56 -2.12 -42.55
C LEU X 142 24.71 -2.42 -43.49
N TYR X 143 25.55 -3.39 -43.11
CA TYR X 143 26.68 -3.84 -43.92
C TYR X 143 26.25 -4.35 -45.29
N GLN X 144 25.06 -4.93 -45.37
CA GLN X 144 24.58 -5.38 -46.67
C GLN X 144 23.90 -4.25 -47.44
N ILE X 145 23.03 -3.49 -46.79
CA ILE X 145 22.15 -2.60 -47.55
C ILE X 145 22.75 -1.21 -47.70
N LEU X 146 24.04 -1.07 -47.37
CA LEU X 146 24.76 0.19 -47.59
C LEU X 146 24.73 0.86 -48.97
N PRO X 147 24.67 0.18 -50.13
CA PRO X 147 24.77 0.96 -51.39
C PRO X 147 23.57 1.82 -51.73
N SER X 148 22.48 1.81 -50.97
CA SER X 148 21.30 2.58 -51.35
C SER X 148 20.76 3.36 -50.17
N ILE X 149 21.63 4.13 -49.52
CA ILE X 149 21.23 4.96 -48.38
C ILE X 149 21.51 6.42 -48.71
N ASN X 150 20.54 7.28 -48.43
CA ASN X 150 20.81 8.71 -48.40
C ASN X 150 21.73 9.01 -47.22
N LEU X 151 22.84 9.67 -47.50
CA LEU X 151 23.90 9.84 -46.51
C LEU X 151 23.50 10.79 -45.39
N ASP X 152 22.52 11.67 -45.64
CA ASP X 152 22.09 12.62 -44.61
C ASP X 152 21.49 11.91 -43.41
N LEU X 153 20.80 10.79 -43.66
CA LEU X 153 20.26 9.89 -42.63
C LEU X 153 21.33 9.43 -41.67
N ILE X 154 22.27 8.64 -42.19
CA ILE X 154 23.35 8.04 -41.41
C ILE X 154 24.16 9.12 -40.72
N LEU X 155 24.51 10.16 -41.46
CA LEU X 155 25.49 11.09 -40.94
C LEU X 155 24.88 12.01 -39.90
N THR X 156 23.62 12.42 -40.11
CA THR X 156 22.92 13.23 -39.13
C THR X 156 22.68 12.45 -37.84
N LEU X 157 22.22 11.20 -37.97
CA LEU X 157 21.99 10.37 -36.80
C LEU X 157 23.28 10.09 -36.06
N SER X 158 24.38 9.96 -36.79
CA SER X 158 25.65 9.64 -36.15
C SER X 158 26.21 10.84 -35.39
N ILE X 159 26.24 12.02 -36.02
CA ILE X 159 26.69 13.24 -35.36
C ILE X 159 25.84 13.52 -34.14
N LEU X 160 24.53 13.40 -34.30
CA LEU X 160 23.62 13.75 -33.22
C LEU X 160 23.71 12.75 -32.09
N SER X 161 23.96 11.47 -32.38
CA SER X 161 24.10 10.48 -31.33
C SER X 161 25.38 10.66 -30.57
N ILE X 162 26.46 10.99 -31.27
CA ILE X 162 27.72 11.26 -30.59
C ILE X 162 27.60 12.46 -29.67
N THR X 163 26.94 13.53 -30.14
CA THR X 163 26.87 14.70 -29.28
C THR X 163 25.83 14.57 -28.16
N ILE X 164 24.79 13.75 -28.34
CA ILE X 164 23.87 13.55 -27.23
C ILE X 164 24.47 12.61 -26.20
N GLY X 165 25.15 11.55 -26.64
CA GLY X 165 25.87 10.71 -25.72
C GLY X 165 27.02 11.42 -25.03
N GLY X 166 27.53 12.48 -25.63
CA GLY X 166 28.48 13.32 -24.94
C GLY X 166 27.84 14.26 -23.95
N TRP X 167 26.81 14.99 -24.36
CA TRP X 167 26.24 16.02 -23.50
C TRP X 167 25.44 15.41 -22.36
N GLY X 168 24.42 14.63 -22.69
CA GLY X 168 23.75 13.87 -21.66
C GLY X 168 24.66 12.75 -21.23
N GLY X 169 25.19 12.85 -20.01
CA GLY X 169 26.19 11.91 -19.58
C GLY X 169 27.24 12.53 -18.69
N LEU X 170 27.21 13.85 -18.58
CA LEU X 170 28.04 14.55 -17.62
C LEU X 170 27.34 14.70 -16.28
N ASN X 171 26.21 14.01 -16.11
CA ASN X 171 25.31 14.32 -15.01
C ASN X 171 25.03 13.05 -14.21
N GLN X 172 25.06 11.91 -14.89
CA GLN X 172 24.60 10.68 -14.27
C GLN X 172 25.66 10.09 -13.35
N THR X 173 25.21 9.60 -12.19
CA THR X 173 26.05 8.83 -11.29
C THR X 173 25.71 7.35 -11.29
N GLN X 174 24.59 6.96 -11.89
CA GLN X 174 24.33 5.56 -12.13
C GLN X 174 25.23 5.06 -13.26
N LEU X 175 26.07 4.08 -12.95
CA LEU X 175 27.04 3.60 -13.93
C LEU X 175 26.39 2.85 -15.07
N ARG X 176 25.18 2.31 -14.87
CA ARG X 176 24.43 1.73 -15.97
C ARG X 176 24.08 2.78 -17.01
N LYS X 177 23.66 3.96 -16.57
CA LYS X 177 23.31 5.01 -17.52
C LYS X 177 24.56 5.60 -18.18
N ILE X 178 25.69 5.60 -17.47
CA ILE X 178 26.93 6.05 -18.07
C ILE X 178 27.39 5.07 -19.15
N MET X 179 27.27 3.78 -18.88
CA MET X 179 27.66 2.80 -19.90
C MET X 179 26.71 2.82 -21.09
N ALA X 180 25.43 3.09 -20.85
CA ALA X 180 24.48 3.23 -21.95
C ALA X 180 24.78 4.47 -22.79
N TYR X 181 25.16 5.57 -22.17
CA TYR X 181 25.54 6.76 -22.92
C TYR X 181 26.82 6.53 -23.72
N SER X 182 27.76 5.75 -23.16
CA SER X 182 28.93 5.37 -23.93
C SER X 182 28.55 4.48 -25.10
N SER X 183 27.50 3.66 -24.94
CA SER X 183 27.00 2.85 -26.06
C SER X 183 26.44 3.73 -27.16
N ILE X 184 25.73 4.79 -26.78
CA ILE X 184 25.19 5.70 -27.77
C ILE X 184 26.31 6.39 -28.54
N ALA X 185 27.37 6.80 -27.82
CA ALA X 185 28.48 7.49 -28.47
C ALA X 185 29.25 6.57 -29.41
N HIS X 186 29.48 5.33 -29.00
CA HIS X 186 30.17 4.43 -29.90
C HIS X 186 29.29 3.95 -31.05
N MET X 187 27.98 3.87 -30.87
CA MET X 187 27.13 3.55 -32.01
C MET X 187 27.07 4.68 -33.01
N GLY X 188 27.17 5.93 -32.53
CA GLY X 188 27.30 7.05 -33.45
C GLY X 188 28.57 6.97 -34.28
N TRP X 189 29.70 6.65 -33.61
CA TRP X 189 30.94 6.41 -34.36
C TRP X 189 30.81 5.24 -35.32
N MET X 190 30.25 4.12 -34.88
CA MET X 190 30.19 2.92 -35.69
C MET X 190 29.20 3.03 -36.83
N THR X 191 28.28 3.98 -36.77
CA THR X 191 27.40 4.22 -37.91
C THR X 191 27.99 5.23 -38.88
N ALA X 192 28.75 6.20 -38.37
CA ALA X 192 29.25 7.29 -39.20
C ALA X 192 30.19 6.86 -40.32
N VAL X 193 30.81 5.70 -40.23
CA VAL X 193 31.85 5.31 -41.17
C VAL X 193 31.32 4.26 -42.15
N LEU X 194 30.00 4.19 -42.30
CA LEU X 194 29.43 3.05 -42.99
C LEU X 194 29.57 3.17 -44.50
N LEU X 195 29.37 4.37 -45.04
CA LEU X 195 29.37 4.57 -46.47
C LEU X 195 30.75 4.81 -47.05
N TYR X 196 31.80 4.64 -46.27
CA TYR X 196 33.15 4.97 -46.71
C TYR X 196 34.07 3.76 -46.72
N ASN X 197 34.11 3.00 -45.63
CA ASN X 197 34.66 1.66 -45.59
C ASN X 197 34.05 0.92 -44.41
N PRO X 198 33.27 -0.14 -44.64
CA PRO X 198 32.60 -0.82 -43.53
C PRO X 198 33.52 -1.71 -42.71
N THR X 199 34.76 -1.90 -43.15
CA THR X 199 35.76 -2.57 -42.34
C THR X 199 35.99 -1.84 -41.02
N MET X 200 35.99 -0.50 -41.08
CA MET X 200 36.08 0.33 -39.89
C MET X 200 34.93 0.08 -38.94
N THR X 201 33.72 -0.03 -39.47
CA THR X 201 32.54 -0.22 -38.65
C THR X 201 32.57 -1.57 -37.95
N LEU X 202 32.90 -2.62 -38.70
CA LEU X 202 32.85 -3.93 -38.07
C LEU X 202 34.02 -4.15 -37.11
N LEU X 203 35.19 -3.58 -37.40
CA LEU X 203 36.31 -3.70 -36.48
C LEU X 203 36.08 -2.87 -35.22
N ASN X 204 35.44 -1.71 -35.37
CA ASN X 204 35.01 -0.94 -34.21
C ASN X 204 33.97 -1.70 -33.41
N LEU X 205 33.14 -2.50 -34.07
CA LEU X 205 32.17 -3.32 -33.35
C LEU X 205 32.86 -4.38 -32.51
N ILE X 206 33.90 -5.02 -33.06
CA ILE X 206 34.68 -6.01 -32.31
C ILE X 206 35.33 -5.36 -31.08
N ILE X 207 35.96 -4.21 -31.29
CA ILE X 207 36.63 -3.50 -30.20
C ILE X 207 35.65 -3.07 -29.12
N TYR X 208 34.49 -2.54 -29.54
CA TYR X 208 33.50 -2.08 -28.58
C TYR X 208 32.91 -3.22 -27.76
N ILE X 209 32.70 -4.38 -28.39
CA ILE X 209 32.20 -5.54 -27.66
C ILE X 209 33.19 -6.00 -26.62
N ILE X 210 34.48 -6.00 -26.96
CA ILE X 210 35.49 -6.42 -25.99
C ILE X 210 35.60 -5.41 -24.83
N MET X 211 35.47 -4.12 -25.13
CA MET X 211 35.49 -3.09 -24.09
C MET X 211 34.32 -3.24 -23.13
N THR X 212 33.11 -3.39 -23.68
CA THR X 212 31.91 -3.47 -22.86
C THR X 212 31.88 -4.75 -22.03
N SER X 213 32.41 -5.84 -22.57
CA SER X 213 32.49 -7.08 -21.82
C SER X 213 33.46 -6.95 -20.65
N THR X 214 34.62 -6.31 -20.87
CA THR X 214 35.53 -6.04 -19.75
C THR X 214 34.87 -5.19 -18.68
N MET X 215 34.12 -4.18 -19.09
CA MET X 215 33.55 -3.23 -18.14
C MET X 215 32.46 -3.89 -17.30
N PHE X 216 31.53 -4.57 -17.94
CA PHE X 216 30.49 -5.24 -17.19
C PHE X 216 31.00 -6.45 -16.41
N THR X 217 32.11 -7.06 -16.82
CA THR X 217 32.69 -8.10 -15.98
C THR X 217 33.32 -7.50 -14.73
N LEU X 218 33.96 -6.34 -14.86
CA LEU X 218 34.48 -5.68 -13.67
C LEU X 218 33.38 -5.13 -12.77
N PHE X 219 32.20 -4.89 -13.31
CA PHE X 219 31.13 -4.53 -12.38
C PHE X 219 30.31 -5.73 -11.91
N MET X 220 30.47 -6.89 -12.54
CA MET X 220 29.93 -8.13 -11.96
C MET X 220 30.82 -8.73 -10.90
N ALA X 221 32.12 -8.39 -10.90
CA ALA X 221 33.05 -8.96 -9.93
C ALA X 221 32.80 -8.48 -8.51
N ASN X 222 32.02 -7.41 -8.37
CA ASN X 222 31.65 -6.82 -7.09
C ASN X 222 30.40 -5.98 -7.31
N SER X 223 29.38 -6.21 -6.49
CA SER X 223 28.04 -5.70 -6.77
C SER X 223 28.02 -4.19 -6.59
N THR X 224 28.13 -3.47 -7.70
CA THR X 224 28.42 -2.04 -7.70
C THR X 224 27.54 -1.32 -8.69
N THR X 225 26.92 -0.22 -8.25
CA THR X 225 26.06 0.58 -9.11
C THR X 225 26.52 2.02 -9.26
N THR X 226 26.99 2.65 -8.19
CA THR X 226 27.35 4.06 -8.21
C THR X 226 28.85 4.22 -7.99
N THR X 227 29.29 5.46 -7.85
CA THR X 227 30.69 5.73 -7.60
C THR X 227 31.10 5.34 -6.18
N LEU X 228 30.17 5.38 -5.24
CA LEU X 228 30.52 5.20 -3.83
C LEU X 228 30.84 3.75 -3.53
N SER X 229 30.13 2.85 -4.20
CA SER X 229 30.48 1.43 -4.16
C SER X 229 31.88 1.22 -4.74
N LEU X 230 32.24 2.00 -5.77
CA LEU X 230 33.58 1.89 -6.33
C LEU X 230 34.66 2.43 -5.39
N SER X 231 34.30 3.41 -4.55
CA SER X 231 35.23 3.84 -3.51
C SER X 231 35.49 2.72 -2.51
N HIS X 232 34.44 1.99 -2.17
CA HIS X 232 34.69 0.83 -1.33
C HIS X 232 35.41 -0.30 -2.08
N THR X 233 35.33 -0.33 -3.41
CA THR X 233 36.18 -1.28 -4.14
C THR X 233 37.64 -0.88 -4.09
N TRP X 234 37.90 0.43 -4.06
CA TRP X 234 39.26 0.89 -3.79
C TRP X 234 39.76 0.35 -2.46
N ASN X 235 38.97 0.54 -1.40
CA ASN X 235 39.51 0.11 -0.11
C ASN X 235 39.48 -1.41 0.07
N LYS X 236 38.67 -2.14 -0.69
CA LYS X 236 38.62 -3.58 -0.44
C LYS X 236 39.60 -4.39 -1.28
N ALA X 237 39.97 -3.92 -2.48
CA ALA X 237 40.77 -4.75 -3.38
C ALA X 237 41.52 -3.87 -4.37
N PRO X 238 42.82 -4.03 -4.51
CA PRO X 238 43.61 -3.02 -5.24
C PRO X 238 43.74 -3.22 -6.74
N ILE X 239 43.61 -4.45 -7.23
CA ILE X 239 43.89 -4.68 -8.64
C ILE X 239 42.73 -4.26 -9.51
N MET X 240 41.51 -4.33 -8.98
CA MET X 240 40.34 -3.79 -9.65
C MET X 240 40.47 -2.30 -9.89
N THR X 241 41.16 -1.59 -9.00
CA THR X 241 41.32 -0.15 -9.13
C THR X 241 42.14 0.20 -10.36
N ILE X 242 43.31 -0.42 -10.50
CA ILE X 242 44.16 -0.10 -11.63
C ILE X 242 43.57 -0.66 -12.92
N LEU X 243 42.77 -1.73 -12.83
CA LEU X 243 42.11 -2.18 -14.05
C LEU X 243 40.98 -1.25 -14.47
N VAL X 244 40.26 -0.66 -13.52
CA VAL X 244 39.26 0.34 -13.86
C VAL X 244 39.91 1.56 -14.47
N LEU X 245 41.08 1.95 -13.93
CA LEU X 245 41.88 3.02 -14.53
C LEU X 245 42.23 2.73 -15.99
N ILE X 246 42.78 1.55 -16.27
CA ILE X 246 43.25 1.27 -17.62
C ILE X 246 42.08 1.09 -18.58
N THR X 247 41.03 0.39 -18.16
CA THR X 247 39.90 0.18 -19.07
C THR X 247 39.09 1.44 -19.28
N LEU X 248 39.00 2.33 -18.29
CA LEU X 248 38.31 3.60 -18.49
C LEU X 248 39.11 4.50 -19.41
N LEU X 249 40.45 4.49 -19.29
CA LEU X 249 41.23 5.27 -20.21
C LEU X 249 41.26 4.65 -21.61
N SER X 250 40.95 3.36 -21.73
CA SER X 250 40.80 2.79 -23.06
C SER X 250 39.41 3.05 -23.63
N MET X 251 38.40 3.19 -22.77
CA MET X 251 37.13 3.72 -23.23
C MET X 251 37.28 5.16 -23.69
N GLY X 252 38.19 5.91 -23.08
CA GLY X 252 38.47 7.25 -23.54
C GLY X 252 39.22 7.29 -24.86
N GLY X 253 39.96 6.24 -25.16
CA GLY X 253 40.68 6.23 -26.42
C GLY X 253 41.94 7.06 -26.43
N LEU X 254 42.95 6.63 -25.67
CA LEU X 254 44.18 7.41 -25.65
C LEU X 254 45.29 6.72 -26.45
N PRO X 255 46.12 7.50 -27.16
CA PRO X 255 47.03 6.95 -28.18
C PRO X 255 48.10 5.97 -27.71
N PRO X 256 48.52 5.93 -26.44
CA PRO X 256 49.32 4.78 -26.01
C PRO X 256 48.53 3.51 -25.74
N LEU X 257 47.26 3.42 -26.15
CA LEU X 257 46.39 2.40 -25.62
C LEU X 257 45.44 1.99 -26.73
N SER X 258 44.90 0.77 -26.62
CA SER X 258 44.19 0.19 -27.77
C SER X 258 42.81 0.78 -27.99
N GLY X 259 42.30 1.63 -27.10
CA GLY X 259 41.06 2.30 -27.41
C GLY X 259 41.19 3.39 -28.46
N PHE X 260 42.41 3.77 -28.80
CA PHE X 260 42.66 4.80 -29.78
C PHE X 260 42.64 4.25 -31.20
N MET X 261 43.01 2.99 -31.38
CA MET X 261 42.99 2.35 -32.69
C MET X 261 41.67 2.41 -33.46
N PRO X 262 40.48 2.26 -32.87
CA PRO X 262 39.28 2.41 -33.71
C PRO X 262 39.02 3.84 -34.14
N LYS X 263 39.31 4.85 -33.31
CA LYS X 263 39.00 6.22 -33.70
C LYS X 263 39.90 6.69 -34.83
N TRP X 264 41.19 6.42 -34.71
CA TRP X 264 42.18 7.03 -35.57
C TRP X 264 42.17 6.44 -36.97
N MET X 265 41.94 5.15 -37.09
CA MET X 265 41.86 4.53 -38.40
C MET X 265 40.60 4.96 -39.14
N ILE X 266 39.52 5.17 -38.39
CA ILE X 266 38.32 5.81 -38.92
C ILE X 266 38.64 7.21 -39.45
N ILE X 267 39.47 7.96 -38.72
CA ILE X 267 39.83 9.32 -39.16
C ILE X 267 40.64 9.25 -40.46
N GLN X 268 41.53 8.27 -40.57
CA GLN X 268 42.31 8.13 -41.79
C GLN X 268 41.45 7.79 -43.00
N GLU X 269 40.62 6.74 -42.88
CA GLU X 269 39.79 6.37 -44.03
C GLU X 269 38.51 7.19 -44.10
N MET X 270 38.40 8.23 -43.26
CA MET X 270 37.40 9.27 -43.37
C MET X 270 37.92 10.48 -44.12
N THR X 271 39.19 10.82 -43.89
CA THR X 271 39.81 11.97 -44.54
C THR X 271 40.60 11.59 -45.78
N LYS X 272 40.62 10.32 -46.18
CA LYS X 272 41.02 10.07 -47.56
C LYS X 272 39.91 10.38 -48.54
N ASN X 273 38.71 10.68 -48.03
CA ASN X 273 37.71 11.43 -48.77
C ASN X 273 37.99 12.92 -48.54
N ASP X 274 37.07 13.79 -48.94
CA ASP X 274 37.21 15.21 -48.66
C ASP X 274 36.41 15.64 -47.44
N SER X 275 36.25 14.75 -46.47
CA SER X 275 35.54 15.06 -45.24
C SER X 275 36.58 15.38 -44.18
N ILE X 276 36.65 16.65 -43.76
CA ILE X 276 37.61 17.10 -42.78
C ILE X 276 36.93 17.77 -41.57
N ILE X 277 35.97 18.65 -41.84
CA ILE X 277 35.21 19.31 -40.77
C ILE X 277 34.39 18.29 -39.98
N LEU X 278 33.86 17.28 -40.64
CA LEU X 278 33.16 16.21 -39.92
C LEU X 278 34.08 15.39 -39.02
N PRO X 279 35.30 14.97 -39.46
CA PRO X 279 36.22 14.37 -38.47
C PRO X 279 36.63 15.27 -37.33
N THR X 280 36.91 16.56 -37.57
CA THR X 280 37.36 17.34 -36.44
C THR X 280 36.23 17.63 -35.46
N LEU X 281 34.98 17.70 -35.95
CA LEU X 281 33.86 17.88 -35.03
C LEU X 281 33.61 16.60 -34.24
N MET X 282 33.67 15.45 -34.91
CA MET X 282 33.49 14.17 -34.23
C MET X 282 34.58 13.92 -33.19
N ALA X 283 35.81 14.28 -33.51
CA ALA X 283 36.88 13.99 -32.55
C ALA X 283 36.93 15.01 -31.43
N ILE X 284 36.44 16.23 -31.64
CA ILE X 284 36.28 17.16 -30.52
C ILE X 284 35.18 16.68 -29.57
N THR X 285 34.08 16.17 -30.12
CA THR X 285 33.08 15.58 -29.22
C THR X 285 33.58 14.29 -28.59
N ALA X 286 34.51 13.60 -29.25
CA ALA X 286 35.17 12.44 -28.64
C ALA X 286 36.12 12.86 -27.53
N LEU X 287 36.65 14.07 -27.59
CA LEU X 287 37.31 14.63 -26.43
C LEU X 287 36.29 14.93 -25.34
N LEU X 288 35.08 15.33 -25.75
CA LEU X 288 34.07 15.77 -24.79
C LEU X 288 33.53 14.61 -23.96
N ASN X 289 33.34 13.45 -24.57
CA ASN X 289 32.72 12.36 -23.81
C ASN X 289 33.73 11.57 -22.97
N LEU X 290 34.88 12.14 -22.68
CA LEU X 290 35.87 11.51 -21.84
C LEU X 290 35.79 12.02 -20.41
N TYR X 291 35.10 13.13 -20.18
CA TYR X 291 35.12 13.78 -18.88
C TYR X 291 34.42 12.96 -17.81
N PHE X 292 33.37 12.24 -18.16
CA PHE X 292 32.70 11.46 -17.12
C PHE X 292 33.42 10.16 -16.84
N TYR X 293 34.09 9.59 -17.86
CA TYR X 293 35.10 8.57 -17.61
C TYR X 293 36.15 9.07 -16.63
N MET X 294 36.56 10.33 -16.80
CA MET X 294 37.66 10.87 -16.02
C MET X 294 37.24 11.11 -14.57
N ARG X 295 36.03 11.63 -14.36
CA ARG X 295 35.56 11.82 -12.99
C ARG X 295 35.26 10.48 -12.32
N LEU X 296 34.89 9.46 -13.11
CA LEU X 296 34.75 8.13 -12.54
C LEU X 296 36.10 7.59 -12.11
N THR X 297 37.14 7.85 -12.89
CA THR X 297 38.47 7.38 -12.55
C THR X 297 39.00 8.12 -11.31
N TYR X 298 38.68 9.40 -11.22
CA TYR X 298 38.98 10.19 -10.03
C TYR X 298 38.28 9.64 -8.79
N SER X 299 37.04 9.21 -8.95
CA SER X 299 36.33 8.63 -7.81
C SER X 299 36.79 7.21 -7.48
N THR X 300 37.41 6.50 -8.41
CA THR X 300 37.88 5.16 -8.10
C THR X 300 39.32 5.12 -7.59
N ALA X 301 40.27 5.46 -8.44
CA ALA X 301 41.66 5.07 -8.20
C ALA X 301 42.67 6.19 -8.38
N LEU X 302 42.25 7.44 -8.43
CA LEU X 302 43.18 8.55 -8.44
C LEU X 302 43.05 9.40 -7.19
N THR X 303 41.84 9.79 -6.83
CA THR X 303 41.62 10.22 -5.47
C THR X 303 41.13 9.02 -4.67
N MET X 304 41.14 9.17 -3.36
CA MET X 304 40.82 8.07 -2.46
C MET X 304 39.74 8.54 -1.50
N PHE X 305 38.51 8.07 -1.72
CA PHE X 305 37.40 8.47 -0.88
C PHE X 305 37.46 7.80 0.48
N PRO X 306 36.83 8.37 1.51
CA PRO X 306 36.74 7.67 2.78
C PRO X 306 35.77 6.51 2.70
N SER X 307 36.16 5.40 3.30
CA SER X 307 35.39 4.17 3.21
C SER X 307 34.93 3.74 4.60
N THR X 308 33.99 2.80 4.60
CA THR X 308 33.29 2.39 5.80
C THR X 308 33.85 1.05 6.28
N ASN X 309 33.88 0.86 7.60
CA ASN X 309 34.14 -0.48 8.12
C ASN X 309 32.94 -1.38 7.84
N ASN X 310 33.12 -2.64 8.21
CA ASN X 310 32.63 -3.91 7.66
C ASN X 310 33.41 -4.25 6.40
N MET X 311 34.23 -3.36 5.88
CA MET X 311 35.30 -3.78 4.99
C MET X 311 36.39 -4.48 5.77
N LYS X 312 36.54 -4.16 7.06
CA LYS X 312 37.29 -5.02 7.97
C LYS X 312 36.70 -6.42 7.99
N MET X 313 35.36 -6.50 7.94
CA MET X 313 34.72 -7.80 7.90
C MET X 313 34.93 -8.46 6.54
N LYS X 314 35.04 -7.67 5.48
CA LYS X 314 35.10 -8.21 4.13
C LYS X 314 36.51 -8.61 3.73
N TRP X 315 37.54 -8.11 4.43
CA TRP X 315 38.91 -8.48 4.12
C TRP X 315 39.22 -9.94 4.38
N GLN X 316 38.47 -10.59 5.26
CA GLN X 316 38.72 -12.00 5.55
C GLN X 316 38.33 -12.91 4.39
N PHE X 317 37.51 -12.42 3.47
CA PHE X 317 36.94 -13.27 2.44
C PHE X 317 37.53 -12.91 1.08
N PRO X 318 38.20 -13.84 0.41
CA PRO X 318 38.91 -13.50 -0.82
C PRO X 318 37.98 -13.45 -2.03
N THR X 319 38.58 -13.26 -3.21
CA THR X 319 37.82 -13.14 -4.45
C THR X 319 37.26 -14.49 -4.88
N THR X 320 36.10 -14.82 -4.35
CA THR X 320 35.52 -16.15 -4.54
C THR X 320 34.66 -16.26 -5.78
N LYS X 321 34.48 -15.19 -6.54
CA LYS X 321 33.75 -15.30 -7.78
C LYS X 321 34.60 -16.00 -8.84
N ARG X 322 33.91 -16.57 -9.82
CA ARG X 322 34.52 -16.90 -11.09
C ARG X 322 34.23 -15.74 -12.04
N MET X 323 35.22 -15.39 -12.84
CA MET X 323 35.06 -14.38 -13.88
C MET X 323 34.94 -15.09 -15.22
N THR X 324 34.03 -14.58 -16.05
CA THR X 324 33.64 -15.25 -17.29
C THR X 324 34.83 -15.39 -18.24
N LEU X 325 35.33 -14.28 -18.75
CA LEU X 325 36.68 -14.28 -19.32
C LEU X 325 37.19 -12.85 -19.12
N LEU X 326 37.76 -12.60 -17.97
CA LEU X 326 38.25 -11.27 -17.66
C LEU X 326 39.66 -10.94 -18.14
N PRO X 327 40.71 -11.76 -17.88
CA PRO X 327 42.07 -11.26 -18.19
C PRO X 327 42.39 -11.23 -19.67
N THR X 328 41.92 -12.23 -20.41
CA THR X 328 42.12 -12.28 -21.86
C THR X 328 41.49 -11.08 -22.55
N MET X 329 40.22 -10.80 -22.21
CA MET X 329 39.53 -9.64 -22.77
C MET X 329 40.15 -8.34 -22.31
N THR X 330 40.71 -8.31 -21.09
CA THR X 330 41.34 -7.09 -20.59
C THR X 330 42.58 -6.73 -21.40
N VAL X 331 43.54 -7.64 -21.48
CA VAL X 331 44.76 -7.30 -22.21
C VAL X 331 44.56 -7.31 -23.71
N LEU X 332 43.47 -7.89 -24.23
CA LEU X 332 43.20 -7.73 -25.64
C LEU X 332 42.47 -6.43 -25.91
N SER X 333 41.82 -5.87 -24.89
CA SER X 333 41.12 -4.60 -25.05
C SER X 333 42.04 -3.42 -24.87
N THR X 334 43.10 -3.55 -24.09
CA THR X 334 43.93 -2.39 -23.81
C THR X 334 45.30 -2.44 -24.46
N MET X 335 45.93 -3.61 -24.57
CA MET X 335 47.30 -3.69 -25.01
C MET X 335 47.45 -3.96 -26.50
N LEU X 336 46.42 -3.69 -27.30
CA LEU X 336 46.41 -4.11 -28.70
C LEU X 336 46.76 -2.96 -29.63
N LEU X 337 47.66 -2.08 -29.20
CA LEU X 337 48.04 -0.96 -30.06
C LEU X 337 48.91 -1.34 -31.26
N PRO X 338 50.05 -2.04 -31.12
CA PRO X 338 50.90 -2.22 -32.31
C PRO X 338 50.36 -3.20 -33.35
N LEU X 339 49.22 -3.83 -33.12
CA LEU X 339 48.58 -4.66 -34.15
C LEU X 339 47.49 -3.89 -34.90
N THR X 340 47.84 -2.71 -35.37
CA THR X 340 47.02 -1.93 -36.30
C THR X 340 46.94 -2.46 -37.74
N PRO X 341 48.00 -3.09 -38.35
CA PRO X 341 47.76 -3.66 -39.68
C PRO X 341 47.08 -5.02 -39.68
N ILE X 342 46.42 -5.38 -38.58
CA ILE X 342 45.51 -6.52 -38.52
C ILE X 342 44.11 -5.96 -38.76
N LEU X 343 44.05 -4.75 -39.32
CA LEU X 343 42.79 -4.18 -39.78
C LEU X 343 42.14 -5.06 -40.82
N SER X 344 42.92 -5.50 -41.79
CA SER X 344 42.39 -6.30 -42.89
C SER X 344 42.39 -7.79 -42.57
N ILE X 345 42.30 -8.14 -41.29
CA ILE X 345 41.92 -9.50 -40.89
C ILE X 345 40.44 -9.73 -41.13
N LEU X 346 39.69 -8.65 -41.35
CA LEU X 346 38.23 -8.69 -41.36
C LEU X 346 37.73 -8.93 -42.78
N GLU X 347 38.07 -8.04 -43.71
CA GLU X 347 37.71 -8.24 -45.10
C GLU X 347 38.94 -8.59 -45.88
N ALA Y 1 14.81 23.47 -45.08
CA ALA Y 1 14.94 22.51 -46.17
C ALA Y 1 15.94 22.97 -47.22
N LYS Y 2 16.35 21.97 -48.02
CA LYS Y 2 17.34 22.14 -49.07
C LYS Y 2 16.93 23.22 -50.06
N THR Y 3 15.63 23.28 -50.40
CA THR Y 3 15.17 24.20 -51.42
C THR Y 3 15.25 25.67 -50.96
N LEU Y 4 14.88 25.96 -49.71
CA LEU Y 4 14.95 27.37 -49.31
C LEU Y 4 16.35 27.79 -48.89
N LEU Y 5 17.18 26.88 -48.39
CA LEU Y 5 18.58 27.28 -48.23
C LEU Y 5 19.27 27.43 -49.58
N HIS Y 6 18.80 26.68 -50.59
CA HIS Y 6 19.26 26.85 -51.95
C HIS Y 6 18.83 28.20 -52.51
N GLN Y 7 17.63 28.65 -52.15
CA GLN Y 7 17.21 30.00 -52.50
C GLN Y 7 17.99 31.06 -51.76
N TYR Y 8 18.46 30.76 -50.55
CA TYR Y 8 19.28 31.72 -49.82
C TYR Y 8 20.66 31.87 -50.47
N TRP Y 9 21.33 30.76 -50.75
CA TRP Y 9 22.66 30.82 -51.33
C TRP Y 9 22.68 31.10 -52.82
N ASP Y 10 21.53 30.95 -53.50
CA ASP Y 10 21.50 31.17 -54.94
C ASP Y 10 21.67 32.64 -55.30
N ILE Y 11 21.23 33.53 -54.42
CA ILE Y 11 21.36 34.97 -54.67
C ILE Y 11 22.82 35.37 -54.52
N PRO Y 12 23.40 36.08 -55.48
CA PRO Y 12 24.79 36.54 -55.33
C PRO Y 12 24.90 37.59 -54.24
N GLU Y 13 26.00 37.53 -53.50
CA GLU Y 13 26.16 38.29 -52.26
C GLU Y 13 27.47 39.10 -52.25
N GLY Y 14 27.72 39.97 -53.24
CA GLY Y 14 26.76 40.55 -54.17
C GLY Y 14 25.83 41.56 -53.56
N THR Y 15 24.99 42.16 -54.40
CA THR Y 15 23.95 43.08 -53.95
C THR Y 15 22.73 42.84 -54.82
N GLU Y 16 21.84 42.00 -54.32
CA GLU Y 16 20.49 41.80 -54.86
C GLU Y 16 19.54 41.78 -53.69
N CYS Y 17 19.66 42.83 -52.87
CA CYS Y 17 19.46 42.79 -51.43
C CYS Y 17 17.99 42.61 -51.04
N HIS Y 18 17.82 42.41 -49.73
CA HIS Y 18 16.63 42.22 -48.89
C HIS Y 18 15.83 40.96 -49.22
N ARG Y 19 16.13 40.31 -50.35
CA ARG Y 19 15.76 38.91 -50.53
C ARG Y 19 16.58 38.05 -49.59
N LYS Y 20 17.82 38.47 -49.33
CA LYS Y 20 18.62 37.92 -48.24
C LYS Y 20 17.88 37.97 -46.93
N THR Y 21 17.26 39.11 -46.63
CA THR Y 21 16.58 39.26 -45.36
C THR Y 21 15.31 38.41 -45.31
N TYR Y 22 14.58 38.34 -46.43
CA TYR Y 22 13.37 37.54 -46.43
C TYR Y 22 13.67 36.05 -46.35
N ALA Y 23 14.68 35.57 -47.08
CA ALA Y 23 15.09 34.18 -46.99
C ALA Y 23 15.69 33.87 -45.62
N ALA Y 24 16.36 34.84 -45.00
CA ALA Y 24 16.92 34.62 -43.67
C ALA Y 24 15.82 34.53 -42.62
N THR Y 25 14.76 35.33 -42.77
CA THR Y 25 13.60 35.18 -41.91
C THR Y 25 12.92 33.83 -42.13
N SER Y 26 12.93 33.31 -43.36
CA SER Y 26 12.35 31.98 -43.59
C SER Y 26 13.17 30.90 -42.91
N ILE Y 27 14.51 31.01 -42.99
CA ILE Y 27 15.40 30.11 -42.27
C ILE Y 27 15.14 30.17 -40.76
N GLY Y 28 14.98 31.39 -40.24
CA GLY Y 28 14.75 31.55 -38.81
C GLY Y 28 13.41 30.99 -38.37
N GLY Y 29 12.38 31.17 -39.19
CA GLY Y 29 11.07 30.63 -38.85
C GLY Y 29 11.05 29.11 -38.86
N ALA Y 30 11.72 28.50 -39.85
CA ALA Y 30 11.78 27.04 -39.90
C ALA Y 30 12.59 26.47 -38.74
N SER Y 31 13.74 27.07 -38.42
CA SER Y 31 14.57 26.56 -37.34
C SER Y 31 13.90 26.77 -35.98
N GLY Y 32 13.22 27.89 -35.80
CA GLY Y 32 12.46 28.11 -34.60
C GLY Y 32 11.32 27.12 -34.47
N LEU Y 33 10.70 26.74 -35.59
CA LEU Y 33 9.65 25.73 -35.54
C LEU Y 33 10.22 24.37 -35.15
N VAL Y 34 11.42 24.05 -35.63
CA VAL Y 34 12.12 22.80 -35.24
C VAL Y 34 12.35 22.76 -33.73
N VAL Y 35 13.06 23.77 -33.22
CA VAL Y 35 13.49 23.76 -31.83
C VAL Y 35 12.28 23.91 -30.90
N SER Y 36 11.32 24.72 -31.29
CA SER Y 36 10.11 24.88 -30.50
C SER Y 36 9.26 23.62 -30.53
N ALA Y 37 9.31 22.86 -31.63
CA ALA Y 37 8.58 21.61 -31.71
C ALA Y 37 9.12 20.59 -30.73
N TYR Y 38 10.45 20.47 -30.66
CA TYR Y 38 11.05 19.58 -29.65
C TYR Y 38 10.74 20.07 -28.23
N SER Y 39 10.87 21.37 -28.00
CA SER Y 39 10.73 21.88 -26.64
C SER Y 39 9.29 21.88 -26.17
N VAL Y 40 8.31 21.81 -27.07
CA VAL Y 40 6.93 21.62 -26.62
C VAL Y 40 6.56 20.14 -26.60
N ALA Y 41 7.29 19.31 -27.35
CA ALA Y 41 7.06 17.87 -27.25
C ALA Y 41 7.69 17.27 -26.01
N LEU Y 42 8.61 17.98 -25.37
CA LEU Y 42 9.30 17.45 -24.20
C LEU Y 42 9.01 18.28 -22.95
N LYS Y 43 7.86 18.93 -22.89
CA LYS Y 43 7.61 19.72 -21.70
C LYS Y 43 6.26 19.45 -21.06
N THR Y 44 5.20 19.24 -21.87
CA THR Y 44 3.79 19.36 -21.48
C THR Y 44 3.63 20.71 -20.80
N PRO Y 45 3.59 21.81 -21.57
CA PRO Y 45 3.67 23.15 -20.97
C PRO Y 45 2.47 23.55 -20.12
N THR Y 46 1.33 22.86 -20.28
CA THR Y 46 0.09 22.96 -19.47
C THR Y 46 -0.32 24.41 -19.22
N SER Y 47 -0.81 25.06 -20.28
CA SER Y 47 -1.56 24.39 -21.34
C SER Y 47 -1.10 24.71 -22.76
N PHE Y 48 -1.97 24.31 -23.70
CA PHE Y 48 -1.73 24.53 -25.12
C PHE Y 48 -1.60 26.01 -25.47
N LEU Y 49 -2.27 26.89 -24.71
CA LEU Y 49 -2.07 28.32 -24.88
C LEU Y 49 -0.63 28.72 -24.56
N GLU Y 50 -0.09 28.18 -23.45
CA GLU Y 50 1.31 28.42 -23.14
C GLU Y 50 2.23 27.75 -24.13
N GLY Y 51 1.80 26.63 -24.72
CA GLY Y 51 2.57 26.01 -25.77
C GLY Y 51 2.71 26.89 -27.00
N VAL Y 52 1.59 27.49 -27.43
CA VAL Y 52 1.62 28.41 -28.57
C VAL Y 52 2.45 29.64 -28.22
N ALA Y 53 2.39 30.09 -26.96
CA ALA Y 53 3.18 31.24 -26.54
C ALA Y 53 4.68 30.95 -26.59
N ARG Y 54 5.10 29.79 -26.08
CA ARG Y 54 6.50 29.42 -26.10
C ARG Y 54 7.02 29.22 -27.52
N THR Y 55 6.24 28.53 -28.36
CA THR Y 55 6.68 28.27 -29.72
C THR Y 55 6.74 29.54 -30.55
N GLY Y 56 5.76 30.43 -30.37
CA GLY Y 56 5.81 31.71 -31.05
C GLY Y 56 6.96 32.57 -30.57
N ARG Y 57 7.30 32.48 -29.29
CA ARG Y 57 8.47 33.20 -28.79
C ARG Y 57 9.76 32.68 -29.42
N TYR Y 58 9.87 31.36 -29.57
CA TYR Y 58 11.11 30.80 -30.12
C TYR Y 58 11.25 31.11 -31.61
N THR Y 59 10.16 30.98 -32.37
CA THR Y 59 10.19 31.37 -33.78
C THR Y 59 10.41 32.87 -33.93
N PHE Y 60 9.90 33.67 -33.00
CA PHE Y 60 10.11 35.11 -32.99
C PHE Y 60 11.58 35.45 -32.85
N THR Y 61 12.24 34.88 -31.83
CA THR Y 61 13.65 35.20 -31.59
C THR Y 61 14.54 34.65 -32.69
N ALA Y 62 14.22 33.46 -33.22
CA ALA Y 62 15.03 32.91 -34.29
C ALA Y 62 14.88 33.71 -35.58
N ALA Y 63 13.65 34.15 -35.88
CA ALA Y 63 13.42 34.95 -37.07
C ALA Y 63 14.10 36.30 -36.96
N ALA Y 64 14.09 36.90 -35.77
CA ALA Y 64 14.73 38.19 -35.60
C ALA Y 64 16.24 38.08 -35.70
N ILE Y 65 16.81 36.98 -35.19
CA ILE Y 65 18.25 36.76 -35.29
C ILE Y 65 18.67 36.60 -36.76
N GLY Y 66 17.95 35.76 -37.50
CA GLY Y 66 18.26 35.60 -38.92
C GLY Y 66 18.05 36.87 -39.72
N ALA Y 67 17.02 37.65 -39.35
CA ALA Y 67 16.71 38.90 -40.02
C ALA Y 67 17.83 39.92 -39.83
N ILE Y 68 18.25 40.12 -38.58
CA ILE Y 68 19.26 41.14 -38.31
C ILE Y 68 20.62 40.68 -38.83
N PHE Y 69 20.86 39.37 -38.86
CA PHE Y 69 22.03 38.80 -39.53
C PHE Y 69 22.05 39.18 -41.01
N GLY Y 70 20.94 38.96 -41.72
CA GLY Y 70 20.90 39.31 -43.13
C GLY Y 70 20.95 40.81 -43.37
N LEU Y 71 20.39 41.60 -42.46
CA LEU Y 71 20.44 43.06 -42.60
C LEU Y 71 21.86 43.57 -42.53
N THR Y 72 22.62 43.17 -41.50
CA THR Y 72 23.99 43.64 -41.43
C THR Y 72 24.89 42.97 -42.45
N SER Y 73 24.52 41.80 -42.97
CA SER Y 73 25.22 41.21 -44.11
C SER Y 73 25.09 42.10 -45.34
N CYS Y 74 23.87 42.53 -45.64
CA CYS Y 74 23.65 43.41 -46.78
C CYS Y 74 24.31 44.77 -46.57
N ILE Y 75 24.32 45.25 -45.32
CA ILE Y 75 24.98 46.51 -44.99
C ILE Y 75 26.46 46.44 -45.28
N SER Y 76 27.12 45.38 -44.78
CA SER Y 76 28.55 45.22 -45.01
C SER Y 76 28.87 44.93 -46.47
N ALA Y 77 27.96 44.25 -47.17
CA ALA Y 77 28.19 43.96 -48.59
C ALA Y 77 28.06 45.20 -49.45
N GLN Y 78 27.16 46.12 -49.09
CA GLN Y 78 27.04 47.33 -49.90
C GLN Y 78 28.09 48.38 -49.51
N VAL Y 79 28.48 48.44 -48.25
CA VAL Y 79 29.47 49.44 -47.85
C VAL Y 79 30.88 48.99 -48.23
N ARG Y 80 31.26 47.77 -47.83
CA ARG Y 80 32.61 47.31 -48.08
C ARG Y 80 32.83 46.95 -49.55
N GLU Y 81 31.75 46.55 -50.25
CA GLU Y 81 31.73 46.21 -51.67
C GLU Y 81 32.66 45.05 -52.02
N LYS Y 82 32.92 44.18 -51.07
CA LYS Y 82 33.82 43.04 -51.28
C LYS Y 82 33.06 41.77 -50.94
N PRO Y 83 32.57 41.04 -51.94
CA PRO Y 83 31.69 39.90 -51.68
C PRO Y 83 32.40 38.63 -51.22
N ASP Y 84 33.70 38.69 -50.93
CA ASP Y 84 34.46 37.49 -50.59
C ASP Y 84 35.18 37.58 -49.26
N ASP Y 85 35.07 38.69 -48.55
CA ASP Y 85 35.66 38.72 -47.22
C ASP Y 85 34.78 37.96 -46.24
N PRO Y 86 35.36 37.14 -45.37
CA PRO Y 86 34.56 36.52 -44.31
C PRO Y 86 34.29 37.46 -43.15
N LEU Y 87 34.95 38.61 -43.11
CA LEU Y 87 34.80 39.56 -42.02
C LEU Y 87 33.43 40.20 -42.02
N ASN Y 88 32.76 40.25 -43.17
CA ASN Y 88 31.40 40.78 -43.21
C ASN Y 88 30.44 39.89 -42.44
N TYR Y 89 30.54 38.58 -42.64
CA TYR Y 89 29.74 37.69 -41.82
C TYR Y 89 30.29 37.54 -40.41
N LEU Y 90 31.55 37.89 -40.16
CA LEU Y 90 32.03 37.96 -38.78
C LEU Y 90 31.27 39.03 -38.01
N ILE Y 91 31.17 40.23 -38.61
CA ILE Y 91 30.34 41.29 -38.06
C ILE Y 91 28.88 40.85 -37.99
N GLY Y 92 28.45 40.06 -38.97
CA GLY Y 92 27.07 39.57 -38.97
C GLY Y 92 26.76 38.63 -37.83
N GLY Y 93 27.66 37.67 -37.57
CA GLY Y 93 27.47 36.77 -36.46
C GLY Y 93 27.61 37.46 -35.12
N CYS Y 94 28.44 38.51 -35.04
CA CYS Y 94 28.48 39.28 -33.79
C CYS Y 94 27.17 40.05 -33.58
N ALA Y 95 26.58 40.55 -34.66
CA ALA Y 95 25.28 41.21 -34.57
C ALA Y 95 24.20 40.22 -34.14
N GLY Y 96 24.22 39.01 -34.70
CA GLY Y 96 23.25 38.00 -34.30
C GLY Y 96 23.41 37.58 -32.86
N GLY Y 97 24.66 37.52 -32.38
CA GLY Y 97 24.89 37.20 -30.98
C GLY Y 97 24.42 38.29 -30.05
N LEU Y 98 24.66 39.55 -30.39
CA LEU Y 98 24.16 40.64 -29.57
C LEU Y 98 22.65 40.72 -29.59
N THR Y 99 21.99 40.35 -30.69
CA THR Y 99 20.54 40.37 -30.68
C THR Y 99 19.95 39.17 -29.95
N LEU Y 100 20.65 38.04 -29.93
CA LEU Y 100 20.25 36.95 -29.03
C LEU Y 100 20.34 37.39 -27.58
N GLY Y 101 21.41 38.10 -27.23
CA GLY Y 101 21.51 38.65 -25.88
C GLY Y 101 20.48 39.74 -25.61
N ALA Y 102 20.07 40.46 -26.66
CA ALA Y 102 19.08 41.53 -26.49
C ALA Y 102 17.70 40.96 -26.26
N ARG Y 103 17.35 39.87 -26.93
CA ARG Y 103 16.06 39.24 -26.70
C ARG Y 103 16.07 38.23 -25.56
N THR Y 104 17.23 37.91 -24.98
CA THR Y 104 17.22 37.15 -23.73
C THR Y 104 17.60 38.00 -22.52
N ARG Y 105 18.06 39.24 -22.74
CA ARG Y 105 18.24 40.28 -21.72
C ARG Y 105 19.31 39.89 -20.69
N SER Y 106 20.47 39.45 -21.22
CA SER Y 106 21.68 39.28 -20.41
C SER Y 106 22.85 39.76 -21.25
N TYR Y 107 23.99 39.95 -20.59
CA TYR Y 107 25.13 40.55 -21.26
C TYR Y 107 26.18 39.53 -21.67
N GLY Y 108 26.56 38.63 -20.76
CA GLY Y 108 27.59 37.65 -21.08
C GLY Y 108 27.14 36.64 -22.12
N ILE Y 109 25.85 36.29 -22.10
CA ILE Y 109 25.27 35.42 -23.12
C ILE Y 109 25.37 36.08 -24.48
N GLY Y 110 25.07 37.37 -24.55
CA GLY Y 110 25.21 38.08 -25.80
C GLY Y 110 26.63 38.23 -26.27
N ALA Y 111 27.57 38.38 -25.34
CA ALA Y 111 28.97 38.56 -25.72
C ALA Y 111 29.56 37.26 -26.28
N ALA Y 112 29.39 36.16 -25.54
CA ALA Y 112 29.89 34.87 -26.04
C ALA Y 112 29.13 34.42 -27.27
N ALA Y 113 27.85 34.80 -27.37
CA ALA Y 113 27.08 34.50 -28.56
C ALA Y 113 27.59 35.28 -29.76
N CYS Y 114 27.93 36.57 -29.57
CA CYS Y 114 28.63 37.34 -30.59
C CYS Y 114 29.89 36.65 -31.06
N ALA Y 115 30.71 36.19 -30.12
CA ALA Y 115 31.99 35.56 -30.46
C ALA Y 115 31.79 34.29 -31.29
N TYR Y 116 31.01 33.34 -30.78
CA TYR Y 116 30.92 32.06 -31.45
C TYR Y 116 30.06 32.14 -32.70
N MET Y 117 29.02 32.98 -32.72
CA MET Y 117 28.23 33.13 -33.93
C MET Y 117 28.99 33.87 -35.03
N GLY Y 118 29.85 34.83 -34.65
CA GLY Y 118 30.73 35.42 -35.64
C GLY Y 118 31.72 34.44 -36.22
N LEU Y 119 32.31 33.59 -35.37
CA LEU Y 119 33.23 32.58 -35.86
C LEU Y 119 32.55 31.57 -36.76
N THR Y 120 31.34 31.12 -36.40
CA THR Y 120 30.66 30.14 -37.22
C THR Y 120 30.17 30.74 -38.54
N ALA Y 121 29.74 32.00 -38.52
CA ALA Y 121 29.30 32.63 -39.76
C ALA Y 121 30.49 32.89 -40.70
N ALA Y 122 31.63 33.27 -40.14
CA ALA Y 122 32.84 33.42 -40.93
C ALA Y 122 33.29 32.08 -41.50
N LEU Y 123 33.12 31.01 -40.73
CA LEU Y 123 33.47 29.67 -41.21
C LEU Y 123 32.55 29.23 -42.34
N VAL Y 124 31.25 29.55 -42.24
CA VAL Y 124 30.30 29.18 -43.29
C VAL Y 124 30.61 29.89 -44.59
N LYS Y 125 30.83 31.22 -44.52
CA LYS Y 125 31.23 31.96 -45.70
C LYS Y 125 32.59 31.53 -46.23
N MET Y 126 33.47 31.09 -45.32
CA MET Y 126 34.82 30.73 -45.70
C MET Y 126 34.82 29.44 -46.50
N GLY Y 127 34.03 28.46 -46.04
CA GLY Y 127 33.85 27.24 -46.81
C GLY Y 127 33.07 27.45 -48.08
N GLN Y 128 32.12 28.39 -48.07
CA GLN Y 128 31.39 28.68 -49.30
C GLN Y 128 32.30 29.36 -50.31
N LEU Y 129 33.25 30.14 -49.83
CA LEU Y 129 34.15 30.85 -50.73
C LEU Y 129 35.16 29.89 -51.33
N GLU Y 130 35.78 29.04 -50.50
CA GLU Y 130 36.73 28.07 -51.03
C GLU Y 130 36.00 26.94 -51.76
N GLY Y 131 35.08 26.28 -51.08
CA GLY Y 131 34.46 25.07 -51.57
C GLY Y 131 34.85 23.88 -50.72
N TRP Y 132 33.98 23.56 -49.77
CA TRP Y 132 34.11 22.38 -48.91
C TRP Y 132 32.80 21.62 -49.06
N LYS Y 133 32.87 20.38 -49.55
CA LYS Y 133 31.65 19.68 -49.91
C LYS Y 133 30.86 19.27 -48.68
N VAL Y 134 29.53 19.41 -48.78
CA VAL Y 134 28.62 19.28 -47.65
C VAL Y 134 28.44 17.80 -47.33
N PHE Y 135 28.99 17.38 -46.18
CA PHE Y 135 28.78 16.09 -45.51
C PHE Y 135 29.41 14.89 -46.20
N ALA Y 136 29.88 15.02 -47.44
CA ALA Y 136 30.22 13.83 -48.20
C ALA Y 136 31.04 14.20 -49.42
N GLU Y 137 31.75 13.21 -49.93
CA GLU Y 137 32.07 13.17 -51.35
C GLU Y 137 30.89 12.58 -52.15
N PRO Y 138 30.30 11.42 -51.76
CA PRO Y 138 30.50 10.32 -50.81
C PRO Y 138 31.39 9.24 -51.39
N LYS Y 139 31.97 9.55 -52.54
CA LYS Y 139 32.85 8.64 -53.26
C LYS Y 139 34.20 8.53 -52.54
N VAL Y 140 35.14 7.86 -53.18
CA VAL Y 140 36.48 7.74 -52.61
C VAL Y 140 37.49 8.36 -53.56
N GLY Z 5 88.20 32.66 30.44
CA GLY Z 5 89.13 33.68 30.88
C GLY Z 5 88.88 35.01 30.22
N LYS Z 6 88.86 35.01 28.90
CA LYS Z 6 88.53 36.20 28.13
C LYS Z 6 87.46 35.96 27.08
N ARG Z 7 87.46 34.78 26.44
CA ARG Z 7 86.70 34.57 25.23
C ARG Z 7 85.36 33.91 25.49
N LEU Z 8 84.36 34.35 24.73
CA LEU Z 8 83.02 33.79 24.80
C LEU Z 8 82.94 32.53 23.96
N PHE Z 9 81.76 31.94 23.90
CA PHE Z 9 81.53 30.76 23.08
C PHE Z 9 80.69 31.13 21.88
N ILE Z 10 81.26 30.98 20.69
CA ILE Z 10 80.55 31.30 19.46
C ILE Z 10 79.50 30.23 19.19
N ILE Z 11 78.43 30.63 18.53
CA ILE Z 11 77.37 29.72 18.10
C ILE Z 11 77.61 29.40 16.63
N LYS Z 12 77.53 28.13 16.27
CA LYS Z 12 77.62 27.72 14.89
C LYS Z 12 76.45 26.81 14.53
N PRO Z 13 75.96 26.89 13.29
CA PRO Z 13 74.83 26.04 12.88
C PRO Z 13 75.19 24.56 12.86
N SER Z 14 76.17 24.19 12.03
CA SER Z 14 76.69 22.83 11.88
C SER Z 14 77.91 22.89 10.98
N GLY Z 15 78.86 21.99 11.21
CA GLY Z 15 80.01 21.92 10.33
C GLY Z 15 80.27 20.56 9.74
N PHE Z 16 79.83 19.53 10.46
CA PHE Z 16 80.25 18.16 10.17
C PHE Z 16 79.69 17.67 8.84
N TYR Z 17 78.39 17.90 8.61
CA TYR Z 17 77.74 17.45 7.38
C TYR Z 17 78.35 18.11 6.16
N ASP Z 18 78.68 19.40 6.28
CA ASP Z 18 79.16 20.16 5.15
C ASP Z 18 80.60 19.79 4.81
N LYS Z 19 81.47 19.70 5.82
CA LYS Z 19 82.85 19.26 5.58
C LYS Z 19 82.88 17.83 5.06
N ARG Z 20 81.96 16.99 5.54
CA ARG Z 20 81.88 15.61 5.06
C ARG Z 20 81.48 15.55 3.59
N PHE Z 21 80.49 16.36 3.19
CA PHE Z 21 80.10 16.36 1.79
C PHE Z 21 81.20 16.88 0.88
N LEU Z 22 81.92 17.91 1.33
CA LEU Z 22 82.96 18.47 0.46
C LEU Z 22 84.14 17.51 0.32
N LYS Z 23 84.53 16.83 1.40
CA LYS Z 23 85.60 15.86 1.28
C LYS Z 23 85.17 14.67 0.44
N LEU Z 24 83.91 14.23 0.56
CA LEU Z 24 83.43 13.15 -0.28
C LEU Z 24 83.37 13.56 -1.75
N LEU Z 25 82.99 14.80 -2.03
CA LEU Z 25 82.91 15.26 -3.41
C LEU Z 25 84.28 15.35 -4.06
N ARG Z 26 85.23 16.02 -3.39
CA ARG Z 26 86.55 16.15 -3.97
C ARG Z 26 87.26 14.81 -4.06
N PHE Z 27 87.00 13.90 -3.12
CA PHE Z 27 87.67 12.60 -3.14
C PHE Z 27 87.11 11.70 -4.22
N TYR Z 28 85.79 11.68 -4.40
CA TYR Z 28 85.20 10.83 -5.42
C TYR Z 28 85.21 11.47 -6.80
N ILE Z 29 85.68 12.70 -6.93
CA ILE Z 29 86.17 13.12 -8.24
C ILE Z 29 87.66 12.80 -8.39
N LEU Z 30 88.42 12.91 -7.30
CA LEU Z 30 89.85 12.65 -7.29
C LEU Z 30 90.18 11.19 -7.58
N LEU Z 31 89.25 10.27 -7.33
CA LEU Z 31 89.49 8.85 -7.50
C LEU Z 31 89.72 8.49 -8.96
N THR Z 32 89.00 9.13 -9.87
CA THR Z 32 89.30 9.05 -11.29
C THR Z 32 89.50 10.43 -11.88
N GLY Z 33 90.09 11.34 -11.12
CA GLY Z 33 90.54 12.60 -11.67
C GLY Z 33 92.01 12.51 -11.98
N ILE Z 34 92.77 12.04 -11.00
CA ILE Z 34 94.20 11.79 -11.14
C ILE Z 34 94.52 10.69 -12.15
N PRO Z 35 93.89 9.49 -12.16
CA PRO Z 35 94.27 8.50 -13.18
C PRO Z 35 93.92 8.92 -14.59
N VAL Z 36 92.85 9.69 -14.78
CA VAL Z 36 92.47 10.12 -16.12
C VAL Z 36 93.46 11.14 -16.67
N VAL Z 37 93.87 12.10 -15.84
CA VAL Z 37 94.81 13.11 -16.31
C VAL Z 37 96.21 12.51 -16.49
N ILE Z 38 96.59 11.57 -15.64
CA ILE Z 38 97.86 10.88 -15.88
C ILE Z 38 97.78 9.99 -17.13
N GLY Z 39 96.61 9.44 -17.43
CA GLY Z 39 96.45 8.68 -18.66
C GLY Z 39 96.55 9.54 -19.90
N ILE Z 40 95.92 10.72 -19.89
CA ILE Z 40 95.99 11.59 -21.07
C ILE Z 40 97.39 12.19 -21.18
N THR Z 41 98.11 12.34 -20.06
CA THR Z 41 99.48 12.80 -20.10
C THR Z 41 100.40 11.74 -20.71
N LEU Z 42 100.26 10.48 -20.28
CA LEU Z 42 101.09 9.42 -20.84
C LEU Z 42 100.76 9.16 -22.30
N ILE Z 43 99.51 9.36 -22.70
CA ILE Z 43 99.15 9.24 -24.10
C ILE Z 43 99.83 10.32 -24.94
N ASN Z 44 99.69 11.59 -24.56
CA ASN Z 44 100.32 12.56 -25.44
C ASN Z 44 101.81 12.77 -25.16
N VAL Z 45 102.42 12.01 -24.25
CA VAL Z 45 103.86 12.07 -24.09
C VAL Z 45 104.57 10.79 -24.55
N PHE Z 46 103.85 9.69 -24.74
CA PHE Z 46 104.46 8.46 -25.23
C PHE Z 46 104.12 8.17 -26.68
N ILE Z 47 102.84 8.03 -27.00
CA ILE Z 47 102.48 7.38 -28.26
C ILE Z 47 102.46 8.36 -29.42
N GLY Z 48 102.41 9.66 -29.15
CA GLY Z 48 102.29 10.63 -30.21
C GLY Z 48 100.86 11.02 -30.50
N GLU Z 49 100.70 12.20 -31.09
CA GLU Z 49 99.37 12.56 -31.59
C GLU Z 49 99.16 11.94 -32.96
N ALA Z 50 99.88 12.46 -33.96
CA ALA Z 50 99.83 12.06 -35.37
C ALA Z 50 100.81 12.94 -36.13
N GLU Z 51 100.96 12.63 -37.42
CA GLU Z 51 101.53 13.57 -38.39
C GLU Z 51 100.64 13.60 -39.63
N LEU Z 52 101.09 14.25 -40.70
CA LEU Z 52 100.18 14.82 -41.68
C LEU Z 52 100.50 14.35 -43.09
N ALA Z 53 100.57 13.04 -43.30
CA ALA Z 53 100.81 12.53 -44.64
C ALA Z 53 99.60 12.76 -45.55
N GLU Z 54 99.78 12.47 -46.82
CA GLU Z 54 98.71 12.52 -47.79
C GLU Z 54 98.30 11.10 -48.20
N ILE Z 55 97.25 11.03 -49.01
CA ILE Z 55 96.71 9.75 -49.44
C ILE Z 55 97.59 9.17 -50.54
N PRO Z 56 98.15 7.99 -50.33
CA PRO Z 56 99.06 7.41 -51.32
C PRO Z 56 98.27 6.80 -52.48
N GLU Z 57 99.03 6.20 -53.39
CA GLU Z 57 98.49 5.74 -54.67
C GLU Z 57 97.62 4.50 -54.52
N GLY Z 58 96.33 4.71 -54.30
CA GLY Z 58 95.40 3.60 -54.26
C GLY Z 58 95.41 2.76 -52.99
N TYR Z 59 95.82 3.34 -51.86
CA TYR Z 59 95.69 2.69 -50.56
C TYR Z 59 94.54 3.36 -49.80
N VAL Z 60 93.40 2.71 -49.81
CA VAL Z 60 92.19 3.25 -49.18
C VAL Z 60 92.19 2.83 -47.71
N PRO Z 61 92.06 3.75 -46.79
CA PRO Z 61 92.14 3.40 -45.37
C PRO Z 61 90.82 2.88 -44.85
N GLU Z 62 90.75 2.69 -43.54
CA GLU Z 62 89.48 2.44 -42.88
C GLU Z 62 88.80 3.79 -42.63
N HIS Z 63 87.69 3.78 -41.88
CA HIS Z 63 87.06 5.04 -41.52
C HIS Z 63 87.86 5.82 -40.50
N TRP Z 64 88.77 5.16 -39.78
CA TRP Z 64 89.70 5.85 -38.90
C TRP Z 64 90.92 6.27 -39.73
N GLU Z 65 92.03 6.60 -39.05
CA GLU Z 65 93.26 7.16 -39.63
C GLU Z 65 93.04 8.53 -40.27
N TYR Z 66 91.98 9.23 -39.88
CA TYR Z 66 91.71 10.56 -40.39
C TYR Z 66 91.77 11.63 -39.30
N PHE Z 67 92.20 11.27 -38.10
CA PHE Z 67 92.02 12.11 -36.92
C PHE Z 67 93.35 12.33 -36.24
N LYS Z 68 93.49 13.51 -35.60
CA LYS Z 68 94.77 13.89 -35.01
C LYS Z 68 95.07 13.10 -33.75
N HIS Z 69 94.25 13.27 -32.75
CA HIS Z 69 94.45 12.70 -31.42
C HIS Z 69 94.22 11.20 -31.47
N PRO Z 70 95.09 10.40 -30.85
CA PRO Z 70 94.99 8.95 -31.02
C PRO Z 70 93.82 8.33 -30.30
N ILE Z 71 93.36 8.92 -29.19
CA ILE Z 71 92.19 8.37 -28.52
C ILE Z 71 90.93 8.74 -29.30
N SER Z 72 90.96 9.87 -30.01
CA SER Z 72 89.89 10.18 -30.97
C SER Z 72 89.84 9.14 -32.08
N ARG Z 73 91.01 8.72 -32.56
CA ARG Z 73 91.10 7.63 -33.52
C ARG Z 73 90.59 6.32 -32.93
N TRP Z 74 90.83 6.11 -31.63
CA TRP Z 74 90.36 4.89 -31.00
C TRP Z 74 88.83 4.87 -30.86
N ILE Z 75 88.25 6.02 -30.49
CA ILE Z 75 86.80 6.15 -30.42
C ILE Z 75 86.17 5.92 -31.79
N ALA Z 76 86.83 6.41 -32.84
CA ALA Z 76 86.37 6.12 -34.19
C ALA Z 76 86.53 4.64 -34.54
N ARG Z 77 87.56 3.99 -34.00
CA ARG Z 77 87.87 2.63 -34.41
C ARG Z 77 86.94 1.62 -33.77
N THR Z 78 86.56 1.81 -32.51
CA THR Z 78 85.84 0.76 -31.80
C THR Z 78 84.38 1.07 -31.53
N PHE Z 79 83.91 2.30 -31.76
CA PHE Z 79 82.56 2.66 -31.35
C PHE Z 79 81.66 3.13 -32.47
N PHE Z 80 82.17 3.96 -33.37
CA PHE Z 80 81.32 4.67 -34.31
C PHE Z 80 81.05 3.81 -35.54
N ASP Z 81 80.39 4.40 -36.53
CA ASP Z 81 80.13 3.75 -37.79
C ASP Z 81 80.64 4.64 -38.92
N ALA Z 82 80.92 4.01 -40.06
CA ALA Z 82 81.56 4.72 -41.15
C ALA Z 82 80.60 5.69 -41.81
N PRO Z 83 81.11 6.81 -42.32
CA PRO Z 83 80.29 7.67 -43.19
C PRO Z 83 79.83 6.95 -44.44
N GLU Z 84 80.62 6.00 -44.94
CA GLU Z 84 80.16 5.15 -46.03
C GLU Z 84 78.97 4.30 -45.60
N LYS Z 85 79.06 3.71 -44.41
CA LYS Z 85 78.01 2.84 -43.90
C LYS Z 85 76.72 3.60 -43.64
N ASN Z 86 76.81 4.72 -42.92
CA ASN Z 86 75.64 5.52 -42.63
C ASN Z 86 75.07 6.14 -43.89
N TYR Z 87 75.94 6.55 -44.81
CA TYR Z 87 75.51 7.20 -46.05
C TYR Z 87 74.74 6.23 -46.93
N GLU Z 88 75.26 5.03 -47.11
CA GLU Z 88 74.53 4.05 -47.91
C GLU Z 88 73.30 3.53 -47.18
N ARG Z 89 73.28 3.59 -45.84
CA ARG Z 89 72.05 3.30 -45.13
C ARG Z 89 70.97 4.33 -45.46
N THR Z 90 71.35 5.61 -45.51
CA THR Z 90 70.41 6.66 -45.91
C THR Z 90 69.91 6.45 -47.32
N MET Z 91 70.82 6.05 -48.22
CA MET Z 91 70.42 5.74 -49.60
C MET Z 91 69.38 4.62 -49.64
N ALA Z 92 69.60 3.56 -48.85
CA ALA Z 92 68.70 2.42 -48.86
C ALA Z 92 67.32 2.77 -48.30
N ILE Z 93 67.30 3.48 -47.16
CA ILE Z 93 66.02 3.83 -46.54
C ILE Z 93 65.23 4.79 -47.42
N LEU Z 94 65.91 5.70 -48.12
CA LEU Z 94 65.20 6.61 -49.01
C LEU Z 94 64.61 5.89 -50.20
N GLN Z 95 65.35 4.91 -50.76
CA GLN Z 95 64.81 4.15 -51.89
C GLN Z 95 63.58 3.36 -51.48
N ILE Z 96 63.64 2.72 -50.30
CA ILE Z 96 62.51 1.92 -49.81
C ILE Z 96 61.28 2.78 -49.57
N GLU Z 97 61.44 3.86 -48.81
CA GLU Z 97 60.24 4.61 -48.46
C GLU Z 97 59.76 5.50 -49.61
N SER Z 98 60.60 5.81 -50.58
CA SER Z 98 60.14 6.50 -51.78
C SER Z 98 59.23 5.60 -52.60
N GLU Z 99 59.64 4.34 -52.81
CA GLU Z 99 58.74 3.42 -53.50
C GLU Z 99 57.46 3.17 -52.71
N LYS Z 100 57.54 3.15 -51.37
CA LYS Z 100 56.34 3.02 -50.56
C LYS Z 100 55.36 4.17 -50.76
N ALA Z 101 55.87 5.41 -50.75
CA ALA Z 101 54.98 6.55 -50.88
C ALA Z 101 54.34 6.61 -52.27
N GLU Z 102 55.13 6.32 -53.31
CA GLU Z 102 54.55 6.35 -54.65
C GLU Z 102 53.55 5.22 -54.85
N LEU Z 103 53.77 4.07 -54.21
CA LEU Z 103 52.81 2.99 -54.28
C LEU Z 103 51.51 3.32 -53.56
N ARG Z 104 51.60 4.03 -52.43
CA ARG Z 104 50.38 4.38 -51.70
C ARG Z 104 49.56 5.41 -52.46
N LEU Z 105 50.24 6.37 -53.12
CA LEU Z 105 49.52 7.33 -53.96
C LEU Z 105 48.86 6.64 -55.14
N LYS Z 106 49.55 5.70 -55.78
CA LYS Z 106 48.95 4.96 -56.89
C LYS Z 106 47.76 4.12 -56.43
N GLU Z 107 47.86 3.56 -55.22
CA GLU Z 107 46.76 2.77 -54.65
C GLU Z 107 45.51 3.60 -54.45
N LEU Z 108 45.65 4.78 -53.85
CA LEU Z 108 44.46 5.60 -53.62
C LEU Z 108 43.88 6.12 -54.93
N GLU Z 109 44.74 6.37 -55.93
CA GLU Z 109 44.25 6.72 -57.26
C GLU Z 109 43.44 5.58 -57.88
N VAL Z 110 43.94 4.34 -57.76
CA VAL Z 110 43.22 3.18 -58.27
C VAL Z 110 41.90 3.00 -57.56
N ARG Z 111 41.88 3.25 -56.26
CA ARG Z 111 40.64 3.07 -55.48
C ARG Z 111 39.59 4.09 -55.89
N ARG Z 112 39.99 5.35 -56.12
CA ARG Z 112 38.99 6.34 -56.50
C ARG Z 112 38.49 6.10 -57.92
N LEU Z 113 39.37 5.73 -58.86
CA LEU Z 113 38.90 5.48 -60.21
C LEU Z 113 38.09 4.19 -60.30
N MET Z 114 38.33 3.25 -59.40
CA MET Z 114 37.59 1.99 -59.43
C MET Z 114 36.22 2.13 -58.78
N ARG Z 115 36.09 3.00 -57.77
CA ARG Z 115 34.76 3.30 -57.28
C ARG Z 115 33.97 4.09 -58.31
N ALA Z 116 34.65 4.96 -59.06
CA ALA Z 116 33.95 5.74 -60.07
C ALA Z 116 33.45 4.87 -61.23
N LYS Z 117 34.38 4.23 -61.95
CA LYS Z 117 33.98 3.54 -63.18
C LYS Z 117 33.39 2.17 -62.91
N GLY Z 118 33.80 1.51 -61.83
CA GLY Z 118 33.25 0.23 -61.46
C GLY Z 118 33.80 -0.95 -62.24
N ASP Z 119 34.72 -0.71 -63.16
CA ASP Z 119 35.20 -1.77 -64.06
C ASP Z 119 36.18 -2.72 -63.38
N GLY Z 120 36.74 -2.33 -62.25
CA GLY Z 120 37.78 -3.11 -61.62
C GLY Z 120 37.25 -4.31 -60.89
N PRO Z 121 38.16 -5.03 -60.24
CA PRO Z 121 37.75 -6.24 -59.52
C PRO Z 121 37.21 -5.99 -58.12
N TRP Z 122 37.45 -4.83 -57.51
CA TRP Z 122 37.11 -4.71 -56.09
C TRP Z 122 35.62 -4.55 -55.85
N PHE Z 123 35.05 -3.43 -56.28
CA PHE Z 123 33.72 -3.06 -55.83
C PHE Z 123 32.70 -3.82 -56.67
N GLN Z 124 32.41 -5.02 -56.22
CA GLN Z 124 31.41 -5.91 -56.82
C GLN Z 124 30.45 -6.29 -55.70
N TYR Z 125 29.41 -5.49 -55.52
CA TYR Z 125 28.39 -5.81 -54.53
C TYR Z 125 27.61 -7.04 -54.99
N PRO Z 126 27.07 -7.84 -54.03
CA PRO Z 126 26.37 -9.06 -54.43
C PRO Z 126 25.10 -8.80 -55.22
N THR Z 127 25.14 -9.18 -56.49
CA THR Z 127 23.99 -9.05 -57.35
C THR Z 127 23.17 -10.34 -57.32
N ILE Z 128 22.26 -10.47 -58.27
CA ILE Z 128 21.41 -11.65 -58.36
C ILE Z 128 22.24 -12.85 -58.79
N ASP Z 129 22.09 -13.97 -58.09
CA ASP Z 129 22.67 -15.23 -58.53
C ASP Z 129 21.69 -15.95 -59.45
N LYS Z 130 22.14 -16.32 -60.65
CA LYS Z 130 21.26 -16.87 -61.66
C LYS Z 130 21.31 -18.39 -61.75
N ALA Z 131 22.01 -19.05 -60.84
CA ALA Z 131 22.04 -20.50 -60.84
C ALA Z 131 20.69 -21.10 -60.47
N LEU Z 132 19.93 -20.41 -59.62
CA LEU Z 132 18.58 -20.82 -59.25
C LEU Z 132 17.55 -20.50 -60.32
N ILE Z 133 17.89 -19.69 -61.31
CA ILE Z 133 17.01 -19.37 -62.41
C ILE Z 133 16.94 -20.57 -63.34
N ASP Z 134 15.73 -21.08 -63.57
CA ASP Z 134 15.57 -22.21 -64.46
C ASP Z 134 14.49 -21.91 -65.48
N HIS Z 135 14.71 -22.39 -66.70
CA HIS Z 135 13.76 -22.28 -67.78
C HIS Z 135 13.19 -23.65 -68.13
N SER Z 136 11.87 -23.73 -68.20
CA SER Z 136 11.12 -24.94 -68.52
C SER Z 136 9.73 -24.51 -68.95
N PRO Z 137 9.03 -25.33 -69.74
CA PRO Z 137 7.69 -24.92 -70.22
C PRO Z 137 6.67 -24.94 -69.10
N LYS Z 138 6.11 -23.77 -68.81
CA LYS Z 138 5.16 -23.59 -67.72
C LYS Z 138 3.76 -24.06 -68.13
N ALA Z 139 2.77 -23.70 -67.32
CA ALA Z 139 1.39 -23.96 -67.71
C ALA Z 139 0.87 -22.91 -68.67
N THR Z 140 1.32 -21.67 -68.49
CA THR Z 140 0.81 -20.56 -69.30
C THR Z 140 1.72 -20.33 -70.50
N PRO Z 141 1.20 -20.38 -71.72
CA PRO Z 141 2.00 -19.99 -72.87
C PRO Z 141 2.41 -18.53 -72.86
N ASP Z 142 1.45 -17.61 -72.80
CA ASP Z 142 1.78 -16.19 -72.76
C ASP Z 142 2.29 -15.81 -71.37
N ASN Z 143 3.59 -15.99 -71.16
CA ASN Z 143 4.21 -15.76 -69.86
C ASN Z 143 4.48 -14.27 -69.66
N ASP AA 2 87.63 47.81 18.45
CA ASP AA 2 86.33 48.35 18.84
C ASP AA 2 85.90 47.76 20.17
N ALA AA 3 86.84 47.16 20.89
CA ALA AA 3 86.54 46.30 22.04
C ALA AA 3 87.19 46.83 23.31
N PRO AA 4 86.50 47.68 24.06
CA PRO AA 4 86.91 47.94 25.42
C PRO AA 4 86.38 46.88 26.35
N PRO AA 5 87.20 46.35 27.24
CA PRO AA 5 86.68 45.43 28.25
C PRO AA 5 85.87 46.19 29.30
N LEU AA 6 84.56 46.09 29.23
CA LEU AA 6 83.69 46.82 30.13
C LEU AA 6 83.13 45.91 31.22
N THR AA 7 82.70 46.53 32.30
CA THR AA 7 82.25 45.78 33.48
C THR AA 7 81.12 46.55 34.14
N LEU AA 8 80.57 45.96 35.20
CA LEU AA 8 79.51 46.61 35.95
C LEU AA 8 80.05 47.78 36.77
N GLU AA 9 81.21 47.58 37.41
CA GLU AA 9 81.74 48.57 38.35
C GLU AA 9 82.18 49.83 37.62
N GLY AA 10 82.87 49.67 36.49
CA GLY AA 10 83.38 50.82 35.77
C GLY AA 10 82.27 51.68 35.18
N ILE AA 11 81.27 51.03 34.56
CA ILE AA 11 80.21 51.81 33.96
C ILE AA 11 79.25 52.32 35.03
N LYS AA 12 79.18 51.65 36.18
CA LYS AA 12 78.45 52.18 37.33
C LYS AA 12 79.09 53.48 37.80
N ASP AA 13 80.41 53.48 37.92
CA ASP AA 13 81.12 54.68 38.33
C ASP AA 13 81.05 55.77 37.29
N ARG AA 14 80.98 55.42 36.00
CA ARG AA 14 80.89 56.44 34.97
C ARG AA 14 79.50 57.09 34.94
N VAL AA 15 78.45 56.29 35.12
CA VAL AA 15 77.10 56.84 35.23
C VAL AA 15 76.98 57.73 36.47
N LEU AA 16 77.50 57.26 37.60
CA LEU AA 16 77.48 58.06 38.81
C LEU AA 16 78.33 59.31 38.67
N TYR AA 17 79.41 59.23 37.89
CA TYR AA 17 80.30 60.35 37.64
C TYR AA 17 79.60 61.46 36.88
N VAL AA 18 78.95 61.12 35.77
CA VAL AA 18 78.26 62.17 35.02
C VAL AA 18 76.93 62.56 35.64
N LEU AA 19 76.40 61.79 36.58
CA LEU AA 19 75.32 62.32 37.40
C LEU AA 19 75.84 63.34 38.40
N LYS AA 20 76.99 63.06 39.00
CA LYS AA 20 77.58 63.98 39.95
C LYS AA 20 78.09 65.25 39.28
N LEU AA 21 78.52 65.13 38.02
CA LEU AA 21 79.02 66.28 37.29
C LEU AA 21 77.91 67.27 36.98
N TYR AA 22 76.68 66.77 36.85
CA TYR AA 22 75.53 67.64 36.75
C TYR AA 22 75.38 68.41 38.05
N ASP AA 23 75.31 69.73 37.94
CA ASP AA 23 75.68 70.59 39.06
C ASP AA 23 74.57 70.76 40.09
N LYS AA 24 73.32 70.94 39.67
CA LYS AA 24 72.31 71.42 40.61
C LYS AA 24 71.73 70.34 41.51
N ILE AA 25 72.30 69.14 41.55
CA ILE AA 25 71.99 68.18 42.61
C ILE AA 25 73.22 68.04 43.49
N ASP AA 26 73.01 67.92 44.77
CA ASP AA 26 74.12 67.96 45.70
C ASP AA 26 74.87 66.62 45.71
N PRO AA 27 76.19 66.63 45.49
CA PRO AA 27 76.94 65.36 45.47
C PRO AA 27 77.12 64.74 46.84
N GLU AA 28 76.80 65.46 47.90
CA GLU AA 28 76.78 64.88 49.23
C GLU AA 28 75.68 63.83 49.34
N LYS AA 29 74.49 64.16 48.85
CA LYS AA 29 73.35 63.24 48.90
C LYS AA 29 73.16 62.56 47.54
N LEU AA 30 74.17 61.79 47.15
CA LEU AA 30 74.14 61.00 45.94
C LEU AA 30 74.32 59.53 46.32
N SER AA 31 73.21 58.86 46.57
CA SER AA 31 73.19 57.41 46.73
C SER AA 31 72.84 56.77 45.39
N VAL AA 32 73.29 55.53 45.23
CA VAL AA 32 72.88 54.76 44.06
C VAL AA 32 71.39 54.48 44.13
N ASN AA 33 70.87 54.23 45.33
CA ASN AA 33 69.43 54.07 45.53
C ASN AA 33 68.78 55.41 45.87
N SER AA 34 69.07 56.42 45.08
CA SER AA 34 68.31 57.66 45.12
C SER AA 34 67.20 57.59 44.09
N HIS AA 35 66.45 58.68 43.95
CA HIS AA 35 65.42 58.75 42.92
C HIS AA 35 65.40 60.17 42.36
N PHE AA 36 65.28 60.28 41.05
CA PHE AA 36 65.43 61.58 40.40
C PHE AA 36 64.20 62.46 40.54
N MET AA 37 63.18 62.03 41.27
CA MET AA 37 62.02 62.87 41.51
C MET AA 37 61.70 62.86 42.99
N LYS AA 38 62.00 61.75 43.67
CA LYS AA 38 61.47 61.58 45.02
C LYS AA 38 62.30 62.30 46.06
N ASP AA 39 63.57 61.91 46.23
CA ASP AA 39 64.33 62.41 47.37
C ASP AA 39 65.16 63.65 47.05
N LEU AA 40 65.44 63.91 45.77
CA LEU AA 40 66.19 65.09 45.39
C LEU AA 40 65.33 66.18 44.77
N GLY AA 41 64.10 65.85 44.37
CA GLY AA 41 63.12 66.86 44.02
C GLY AA 41 63.29 67.53 42.68
N LEU AA 42 64.28 67.14 41.88
CA LEU AA 42 64.43 67.74 40.57
C LEU AA 42 63.37 67.21 39.62
N ASP AA 43 62.94 68.05 38.67
CA ASP AA 43 61.79 67.75 37.85
C ASP AA 43 62.10 66.71 36.78
N SER AA 44 61.04 66.27 36.10
CA SER AA 44 61.15 65.25 35.07
C SER AA 44 61.85 65.78 33.83
N LEU AA 45 61.78 67.09 33.59
CA LEU AA 45 62.48 67.68 32.47
C LEU AA 45 63.98 67.57 32.65
N ASP AA 46 64.45 67.79 33.88
CA ASP AA 46 65.85 67.59 34.20
C ASP AA 46 66.22 66.11 34.09
N GLN AA 47 65.27 65.22 34.34
CA GLN AA 47 65.51 63.78 34.16
C GLN AA 47 65.68 63.43 32.68
N VAL AA 48 64.98 64.14 31.79
CA VAL AA 48 65.20 63.91 30.36
C VAL AA 48 66.54 64.50 29.92
N GLU AA 49 66.97 65.59 30.57
CA GLU AA 49 68.33 66.08 30.37
C GLU AA 49 69.36 65.02 30.78
N ILE AA 50 69.08 64.31 31.87
CA ILE AA 50 69.92 63.18 32.30
C ILE AA 50 69.92 62.07 31.26
N ILE AA 51 68.75 61.79 30.68
CA ILE AA 51 68.61 60.76 29.64
C ILE AA 51 69.47 61.09 28.42
N MET AA 52 69.44 62.34 27.99
CA MET AA 52 70.25 62.73 26.85
C MET AA 52 71.73 62.74 27.19
N ALA AA 53 72.06 62.98 28.46
CA ALA AA 53 73.45 62.87 28.88
C ALA AA 53 73.95 61.43 28.79
N MET AA 54 73.10 60.47 29.19
CA MET AA 54 73.43 59.06 29.01
C MET AA 54 73.63 58.72 27.54
N GLU AA 55 72.71 59.15 26.69
CA GLU AA 55 72.78 58.75 25.30
C GLU AA 55 73.90 59.46 24.55
N ASP AA 56 74.34 60.62 25.02
CA ASP AA 56 75.50 61.26 24.40
C ASP AA 56 76.82 60.74 24.96
N GLU AA 57 76.84 60.20 26.18
CA GLU AA 57 78.09 59.59 26.59
C GLU AA 57 78.26 58.20 25.97
N PHE AA 58 77.16 57.44 25.84
CA PHE AA 58 77.30 56.02 25.52
C PHE AA 58 76.89 55.64 24.11
N GLY AA 59 76.17 56.50 23.40
CA GLY AA 59 75.97 56.33 21.96
C GLY AA 59 75.05 55.22 21.50
N PHE AA 60 73.86 55.16 22.10
CA PHE AA 60 72.83 54.20 21.68
C PHE AA 60 71.51 54.74 22.20
N GLU AA 61 70.45 54.63 21.40
CA GLU AA 61 69.16 55.13 21.86
C GLU AA 61 68.58 54.25 22.95
N ILE AA 62 67.96 54.89 23.94
CA ILE AA 62 66.97 54.23 24.79
C ILE AA 62 65.61 54.82 24.43
N PRO AA 63 64.59 54.02 24.24
CA PRO AA 63 63.38 54.47 23.55
C PRO AA 63 62.41 55.21 24.46
N ASP AA 64 61.29 55.61 23.86
CA ASP AA 64 60.21 56.29 24.58
C ASP AA 64 59.53 55.39 25.59
N ILE AA 65 59.52 54.08 25.34
CA ILE AA 65 58.87 53.18 26.27
C ILE AA 65 59.75 52.98 27.50
N ASP AA 66 61.02 53.33 27.43
CA ASP AA 66 61.89 53.30 28.59
C ASP AA 66 62.32 54.71 28.99
N ALA AA 67 61.50 55.71 28.71
CA ALA AA 67 61.78 57.07 29.16
C ALA AA 67 61.09 57.35 30.49
N GLU AA 68 59.91 56.77 30.71
CA GLU AA 68 59.19 57.00 31.95
C GLU AA 68 59.85 56.31 33.13
N LYS AA 69 60.44 55.16 32.89
CA LYS AA 69 60.44 54.14 33.92
C LYS AA 69 61.84 53.65 34.24
N LEU AA 70 62.79 54.58 34.33
CA LEU AA 70 64.05 54.29 34.99
C LEU AA 70 64.14 54.95 36.37
N MET AA 71 64.11 56.28 36.40
CA MET AA 71 63.86 57.14 37.58
C MET AA 71 64.83 56.94 38.75
N CYS AA 72 65.91 56.16 38.58
CA CYS AA 72 66.86 55.89 39.65
C CYS AA 72 68.13 55.30 39.02
N PRO AA 73 69.30 55.61 39.58
CA PRO AA 73 70.55 55.20 38.92
C PRO AA 73 70.80 53.70 38.92
N GLN AA 74 70.22 52.96 39.88
CA GLN AA 74 70.39 51.51 39.92
C GLN AA 74 69.75 50.84 38.71
N GLU AA 75 68.53 51.26 38.37
CA GLU AA 75 67.89 50.72 37.18
C GLU AA 75 68.51 51.23 35.89
N ILE AA 76 69.16 52.41 35.92
CA ILE AA 76 69.92 52.85 34.74
C ILE AA 76 71.11 51.93 34.51
N VAL AA 77 71.83 51.61 35.58
CA VAL AA 77 72.98 50.71 35.47
C VAL AA 77 72.54 49.32 35.04
N ASP AA 78 71.41 48.84 35.57
CA ASP AA 78 70.89 47.55 35.13
C ASP AA 78 70.43 47.56 33.68
N TYR AA 79 69.80 48.66 33.23
CA TYR AA 79 69.31 48.68 31.86
C TYR AA 79 70.44 48.80 30.84
N ILE AA 80 71.48 49.57 31.17
CA ILE AA 80 72.65 49.64 30.31
C ILE AA 80 73.40 48.31 30.28
N ALA AA 81 73.49 47.63 31.44
CA ALA AA 81 74.12 46.32 31.45
C ALA AA 81 73.30 45.29 30.67
N ASP AA 82 71.98 45.50 30.56
CA ASP AA 82 71.19 44.66 29.70
C ASP AA 82 71.45 44.97 28.23
N LYS AA 83 71.52 46.26 27.89
CA LYS AA 83 71.52 46.63 26.48
C LYS AA 83 72.87 46.36 25.84
N LYS AA 84 73.96 46.67 26.52
CA LYS AA 84 75.28 46.43 25.95
C LYS AA 84 75.82 45.03 26.23
N ASP AA 85 75.16 44.26 27.10
CA ASP AA 85 75.58 42.92 27.55
C ASP AA 85 77.00 42.96 28.11
N VAL AA 86 77.12 43.65 29.24
CA VAL AA 86 78.42 44.13 29.72
C VAL AA 86 79.03 42.99 30.54
N TYR AA 87 79.62 42.04 29.82
CA TYR AA 87 80.34 40.92 30.45
C TYR AA 87 81.50 40.47 29.59
N GLU AA 88 82.48 39.85 30.27
CA GLU AA 88 83.68 39.29 29.67
C GLU AA 88 83.34 38.15 28.72
N PRO BA 1 7.52 5.00 -77.66
CA PRO BA 1 8.30 3.86 -78.14
C PRO BA 1 7.66 3.17 -79.33
N GLY BA 2 7.85 1.86 -79.44
CA GLY BA 2 7.41 1.15 -80.63
C GLY BA 2 5.90 0.93 -80.66
N ILE BA 3 5.40 0.68 -81.86
CA ILE BA 3 3.98 0.37 -82.05
C ILE BA 3 3.85 -1.12 -82.36
N VAL BA 4 2.64 -1.63 -82.16
CA VAL BA 4 2.38 -3.06 -82.28
C VAL BA 4 2.05 -3.42 -83.72
N GLU BA 5 2.07 -4.72 -84.03
CA GLU BA 5 1.73 -5.25 -85.34
C GLU BA 5 0.63 -6.29 -85.17
N LEU BA 6 -0.59 -5.83 -85.16
CA LEU BA 6 -1.73 -6.71 -84.99
C LEU BA 6 -2.17 -7.26 -86.33
N PRO BA 7 -2.93 -8.35 -86.35
CA PRO BA 7 -3.66 -8.70 -87.57
C PRO BA 7 -4.88 -7.82 -87.72
N SER BA 8 -5.27 -7.61 -88.96
CA SER BA 8 -6.51 -6.92 -89.25
C SER BA 8 -7.64 -7.93 -89.29
N LEU BA 9 -8.84 -7.46 -89.59
CA LEU BA 9 -10.02 -8.33 -89.59
C LEU BA 9 -10.12 -9.19 -90.84
N GLU BA 10 -9.16 -9.10 -91.75
CA GLU BA 10 -9.12 -10.00 -92.90
C GLU BA 10 -8.71 -11.40 -92.51
N ASP BA 11 -7.97 -11.55 -91.40
CA ASP BA 11 -7.43 -12.84 -91.03
C ASP BA 11 -8.24 -13.56 -89.96
N LEU BA 12 -9.07 -12.86 -89.20
CA LEU BA 12 -9.83 -13.51 -88.14
C LEU BA 12 -11.17 -14.03 -88.63
N LYS BA 13 -11.16 -14.75 -89.74
CA LYS BA 13 -12.36 -15.36 -90.30
C LYS BA 13 -12.10 -16.86 -90.41
N VAL BA 14 -12.28 -17.54 -89.29
CA VAL BA 14 -12.21 -18.99 -89.22
C VAL BA 14 -13.55 -19.46 -88.69
N GLN BA 15 -14.16 -20.42 -89.37
CA GLN BA 15 -15.42 -21.00 -88.93
C GLN BA 15 -15.26 -21.69 -87.57
N GLU BA 16 -15.77 -21.04 -86.54
CA GLU BA 16 -15.49 -21.49 -85.18
C GLU BA 16 -16.37 -22.68 -84.81
N VAL BA 17 -15.90 -23.44 -83.82
CA VAL BA 17 -16.63 -24.63 -83.36
C VAL BA 17 -17.59 -24.15 -82.27
N LYS BA 18 -18.69 -23.57 -82.72
CA LYS BA 18 -19.57 -22.85 -81.81
C LYS BA 18 -20.63 -23.79 -81.24
N VAL BA 19 -20.17 -24.85 -80.59
CA VAL BA 19 -21.04 -25.70 -79.82
C VAL BA 19 -20.82 -25.40 -78.34
N SER BA 20 -21.66 -25.96 -77.50
CA SER BA 20 -21.64 -25.65 -76.08
C SER BA 20 -20.52 -26.44 -75.40
N SER BA 21 -20.51 -26.43 -74.07
CA SER BA 21 -19.40 -26.96 -73.33
C SER BA 21 -19.60 -28.40 -72.89
N SER BA 22 -20.86 -28.83 -72.73
CA SER BA 22 -21.13 -30.17 -72.26
C SER BA 22 -20.70 -31.22 -73.27
N VAL BA 23 -21.13 -31.07 -74.52
CA VAL BA 23 -20.79 -32.06 -75.54
C VAL BA 23 -19.32 -31.97 -75.91
N LEU BA 24 -18.73 -30.77 -75.78
CA LEU BA 24 -17.32 -30.57 -76.07
C LEU BA 24 -16.46 -31.25 -75.02
N LYS BA 25 -16.91 -31.26 -73.77
CA LYS BA 25 -16.22 -32.06 -72.76
C LYS BA 25 -16.46 -33.54 -72.96
N ALA BA 26 -17.69 -33.92 -73.29
CA ALA BA 26 -18.07 -35.33 -73.34
C ALA BA 26 -17.44 -36.07 -74.50
N ALA BA 27 -17.00 -35.36 -75.54
CA ALA BA 27 -16.36 -36.01 -76.69
C ALA BA 27 -14.85 -35.94 -76.59
N ALA BA 28 -14.28 -36.12 -75.39
CA ALA BA 28 -12.87 -35.78 -75.17
C ALA BA 28 -11.90 -36.76 -75.82
N HIS BA 29 -12.00 -38.04 -75.46
CA HIS BA 29 -10.94 -38.99 -75.76
C HIS BA 29 -10.83 -39.28 -77.25
N HIS BA 30 -11.95 -39.39 -77.94
CA HIS BA 30 -11.88 -39.65 -79.36
C HIS BA 30 -11.51 -38.40 -80.15
N TYR BA 31 -11.80 -37.21 -79.63
CA TYR BA 31 -11.28 -35.99 -80.24
C TYR BA 31 -9.78 -35.90 -80.06
N GLY BA 32 -9.25 -36.42 -78.95
CA GLY BA 32 -7.81 -36.51 -78.83
C GLY BA 32 -7.20 -37.57 -79.72
N ALA BA 33 -7.95 -38.65 -79.97
CA ALA BA 33 -7.39 -39.78 -80.69
C ALA BA 33 -7.40 -39.57 -82.20
N GLN BA 34 -8.58 -39.40 -82.79
CA GLN BA 34 -8.69 -39.35 -84.24
C GLN BA 34 -8.14 -38.05 -84.81
N CYS BA 35 -8.64 -36.91 -84.33
CA CYS BA 35 -8.01 -35.63 -84.63
C CYS BA 35 -6.85 -35.43 -83.66
N ASP BA 36 -6.33 -34.20 -83.63
CA ASP BA 36 -5.29 -33.74 -82.70
C ASP BA 36 -3.98 -34.51 -82.85
N LYS BA 37 -3.73 -35.03 -84.04
CA LYS BA 37 -2.36 -35.32 -84.44
C LYS BA 37 -1.63 -34.05 -84.92
N PRO BA 38 -2.15 -33.19 -85.80
CA PRO BA 38 -1.38 -32.00 -86.15
C PRO BA 38 -1.61 -30.80 -85.25
N ASN BA 39 -2.27 -30.94 -84.11
CA ASN BA 39 -2.35 -29.79 -83.22
C ASN BA 39 -1.05 -29.57 -82.46
N LYS BA 40 -0.21 -30.59 -82.35
CA LYS BA 40 1.01 -30.42 -81.60
C LYS BA 40 2.02 -29.57 -82.36
N GLU BA 41 1.86 -29.43 -83.67
CA GLU BA 41 2.60 -28.39 -84.38
C GLU BA 41 2.20 -27.01 -83.89
N PHE BA 42 0.89 -26.79 -83.69
CA PHE BA 42 0.40 -25.53 -83.14
C PHE BA 42 0.90 -25.31 -81.72
N MET BA 43 0.92 -26.37 -80.92
CA MET BA 43 1.37 -26.23 -79.55
C MET BA 43 2.86 -26.00 -79.46
N LEU BA 44 3.65 -26.68 -80.30
CA LEU BA 44 5.09 -26.46 -80.34
C LEU BA 44 5.42 -25.05 -80.79
N CYS BA 45 4.67 -24.54 -81.76
CA CYS BA 45 4.80 -23.14 -82.16
C CYS BA 45 4.51 -22.21 -80.99
N ARG BA 46 3.50 -22.54 -80.21
CA ARG BA 46 3.07 -21.65 -79.14
C ARG BA 46 4.07 -21.62 -77.99
N TRP BA 47 4.65 -22.77 -77.64
CA TRP BA 47 5.62 -22.76 -76.55
C TRP BA 47 7.03 -22.38 -77.01
N GLU BA 48 7.35 -22.50 -78.31
CA GLU BA 48 8.62 -21.97 -78.78
C GLU BA 48 8.61 -20.47 -78.91
N GLU BA 49 7.57 -19.91 -79.51
CA GLU BA 49 7.42 -18.47 -79.55
C GLU BA 49 6.11 -18.15 -78.85
N LYS BA 50 6.19 -17.51 -77.69
CA LYS BA 50 4.97 -17.18 -76.96
C LYS BA 50 4.39 -15.85 -77.41
N ASP BA 51 4.30 -15.68 -78.72
CA ASP BA 51 3.73 -14.49 -79.34
C ASP BA 51 2.79 -14.96 -80.44
N PRO BA 52 1.58 -15.38 -80.09
CA PRO BA 52 0.57 -15.62 -81.11
C PRO BA 52 0.18 -14.30 -81.76
N ARG BA 53 -0.30 -14.41 -83.01
CA ARG BA 53 -0.04 -13.62 -84.23
C ARG BA 53 1.17 -14.22 -84.95
N ARG BA 54 1.59 -15.39 -84.50
CA ARG BA 54 2.54 -16.21 -85.24
C ARG BA 54 1.91 -17.53 -85.71
N CYS BA 55 1.19 -18.21 -84.83
CA CYS BA 55 0.78 -19.59 -85.05
C CYS BA 55 -0.63 -19.68 -85.61
N LEU BA 56 -1.15 -18.59 -86.20
CA LEU BA 56 -2.57 -18.47 -86.45
C LEU BA 56 -3.04 -19.36 -87.60
N GLU BA 57 -2.17 -19.65 -88.56
CA GLU BA 57 -2.53 -20.59 -89.61
C GLU BA 57 -2.67 -21.99 -89.04
N GLU BA 58 -1.82 -22.33 -88.07
CA GLU BA 58 -1.95 -23.61 -87.40
C GLU BA 58 -3.19 -23.64 -86.50
N GLY BA 59 -3.60 -22.48 -85.99
CA GLY BA 59 -4.85 -22.40 -85.26
C GLY BA 59 -6.06 -22.57 -86.16
N LYS BA 60 -6.01 -22.01 -87.36
CA LYS BA 60 -7.06 -22.27 -88.34
C LYS BA 60 -7.10 -23.74 -88.72
N LEU BA 61 -5.92 -24.37 -88.77
CA LEU BA 61 -5.85 -25.79 -89.10
C LEU BA 61 -6.48 -26.65 -88.00
N VAL BA 62 -6.23 -26.31 -86.74
CA VAL BA 62 -6.81 -27.13 -85.67
C VAL BA 62 -8.31 -26.85 -85.55
N ASN BA 63 -8.75 -25.65 -85.92
CA ASN BA 63 -10.18 -25.37 -85.90
C ASN BA 63 -10.91 -26.15 -86.99
N GLN BA 64 -10.32 -26.23 -88.19
CA GLN BA 64 -10.96 -27.02 -89.22
C GLN BA 64 -10.82 -28.53 -88.98
N CYS BA 65 -9.79 -28.97 -88.23
CA CYS BA 65 -9.75 -30.39 -87.86
C CYS BA 65 -10.83 -30.73 -86.85
N ALA BA 66 -11.07 -29.84 -85.88
CA ALA BA 66 -12.13 -30.05 -84.91
C ALA BA 66 -13.50 -30.07 -85.58
N LEU BA 67 -13.71 -29.16 -86.52
CA LEU BA 67 -14.96 -29.15 -87.26
C LEU BA 67 -15.11 -30.37 -88.16
N GLU BA 68 -14.00 -30.89 -88.69
CA GLU BA 68 -14.06 -32.09 -89.51
C GLU BA 68 -14.42 -33.31 -88.67
N PHE BA 69 -13.87 -33.37 -87.45
CA PHE BA 69 -14.22 -34.41 -86.49
C PHE BA 69 -15.72 -34.39 -86.18
N PHE BA 70 -16.25 -33.20 -85.88
CA PHE BA 70 -17.65 -33.13 -85.51
C PHE BA 70 -18.58 -33.34 -86.70
N ARG BA 71 -18.14 -33.00 -87.91
CA ARG BA 71 -18.93 -33.34 -89.09
C ARG BA 71 -18.97 -34.85 -89.28
N GLN BA 72 -17.86 -35.53 -88.99
CA GLN BA 72 -17.85 -36.98 -89.09
C GLN BA 72 -18.77 -37.63 -88.05
N ILE BA 73 -18.82 -37.07 -86.84
CA ILE BA 73 -19.73 -37.65 -85.86
C ILE BA 73 -21.17 -37.23 -86.14
N LYS BA 74 -21.38 -36.15 -86.90
CA LYS BA 74 -22.73 -35.75 -87.27
C LYS BA 74 -23.28 -36.59 -88.40
N ARG BA 75 -22.40 -37.11 -89.27
CA ARG BA 75 -22.84 -38.03 -90.31
C ARG BA 75 -23.13 -39.41 -89.73
N HIS BA 76 -22.09 -40.06 -89.23
CA HIS BA 76 -22.18 -41.46 -88.83
C HIS BA 76 -22.72 -41.60 -87.41
N CYS BA 77 -22.55 -42.80 -86.87
CA CYS BA 77 -22.94 -43.12 -85.51
C CYS BA 77 -22.04 -42.35 -84.55
N ALA BA 78 -22.64 -41.70 -83.54
CA ALA BA 78 -24.04 -41.89 -83.19
C ALA BA 78 -24.91 -40.65 -83.26
N GLU BA 79 -26.17 -40.90 -83.53
CA GLU BA 79 -27.26 -40.02 -83.18
C GLU BA 79 -27.59 -40.12 -81.69
N PRO BA 80 -27.56 -41.35 -81.01
CA PRO BA 80 -27.62 -41.36 -79.54
C PRO BA 80 -26.36 -40.89 -78.81
N PHE BA 81 -25.41 -40.35 -79.56
CA PHE BA 81 -24.40 -39.47 -78.97
C PHE BA 81 -25.06 -38.25 -78.35
N THR BA 82 -26.18 -37.80 -78.91
CA THR BA 82 -26.97 -36.75 -78.30
C THR BA 82 -27.61 -37.22 -76.99
N GLU BA 83 -28.12 -38.45 -76.98
CA GLU BA 83 -28.54 -39.10 -75.74
C GLU BA 83 -27.41 -39.12 -74.71
N TYR BA 84 -26.18 -39.38 -75.17
CA TYR BA 84 -25.04 -39.47 -74.25
C TYR BA 84 -24.71 -38.13 -73.62
N TRP BA 85 -24.60 -37.07 -74.43
CA TRP BA 85 -24.22 -35.82 -73.79
C TRP BA 85 -25.38 -35.21 -73.02
N THR BA 86 -26.63 -35.50 -73.36
CA THR BA 86 -27.68 -35.01 -72.48
C THR BA 86 -27.83 -35.87 -71.23
N CYS BA 87 -27.23 -37.06 -71.21
CA CYS BA 87 -27.09 -37.78 -69.96
C CYS BA 87 -25.98 -37.21 -69.09
N ILE BA 88 -24.92 -36.72 -69.73
CA ILE BA 88 -23.79 -36.18 -68.95
C ILE BA 88 -23.96 -34.70 -68.65
N ASP BA 89 -25.00 -34.05 -69.20
CA ASP BA 89 -25.15 -32.60 -69.09
C ASP BA 89 -25.58 -32.20 -67.68
N TYR BA 90 -26.75 -32.64 -67.24
CA TYR BA 90 -27.39 -32.06 -66.08
C TYR BA 90 -26.84 -32.56 -64.75
N SER BA 91 -25.70 -33.24 -64.73
CA SER BA 91 -25.19 -33.75 -63.45
C SER BA 91 -24.16 -32.82 -62.82
N GLY BA 92 -24.48 -31.52 -62.73
CA GLY BA 92 -23.61 -30.58 -62.04
C GLY BA 92 -22.27 -30.43 -62.74
N LEU BA 93 -21.20 -30.48 -61.95
CA LEU BA 93 -19.87 -30.67 -62.52
C LEU BA 93 -19.82 -32.07 -63.10
N GLN BA 94 -19.36 -32.18 -64.34
CA GLN BA 94 -19.54 -33.41 -65.08
C GLN BA 94 -18.58 -34.48 -64.56
N LEU BA 95 -19.13 -35.48 -63.86
CA LEU BA 95 -18.39 -36.67 -63.53
C LEU BA 95 -18.58 -37.68 -64.65
N PHE BA 96 -17.48 -38.26 -65.12
CA PHE BA 96 -17.62 -39.28 -66.14
C PHE BA 96 -18.14 -40.60 -65.58
N ARG BA 97 -18.08 -40.79 -64.26
CA ARG BA 97 -18.62 -41.99 -63.65
C ARG BA 97 -20.14 -41.93 -63.47
N ARG BA 98 -20.77 -40.82 -63.83
CA ARG BA 98 -22.22 -40.75 -63.73
C ARG BA 98 -22.90 -41.55 -64.81
N CYS BA 99 -22.52 -41.33 -66.06
CA CYS BA 99 -23.20 -41.93 -67.19
C CYS BA 99 -22.18 -42.82 -67.91
N ARG BA 100 -22.08 -44.06 -67.43
CA ARG BA 100 -21.16 -45.04 -68.00
C ARG BA 100 -21.83 -45.94 -69.02
N LYS BA 101 -23.14 -46.19 -68.84
CA LYS BA 101 -23.87 -47.11 -69.70
C LYS BA 101 -23.95 -46.59 -71.12
N GLU BA 102 -24.33 -45.34 -71.28
CA GLU BA 102 -24.42 -44.78 -72.61
C GLU BA 102 -23.04 -44.51 -73.19
N GLN BA 103 -22.03 -44.35 -72.32
CA GLN BA 103 -20.66 -44.24 -72.79
C GLN BA 103 -20.20 -45.53 -73.44
N ALA BA 104 -20.48 -46.66 -72.81
CA ALA BA 104 -20.15 -47.96 -73.41
C ALA BA 104 -21.00 -48.25 -74.63
N GLN BA 105 -22.27 -47.79 -74.65
CA GLN BA 105 -23.10 -47.96 -75.83
C GLN BA 105 -22.58 -47.16 -77.01
N PHE BA 106 -22.17 -45.91 -76.76
CA PHE BA 106 -21.52 -45.08 -77.77
C PHE BA 106 -20.20 -45.68 -78.21
N ASP BA 107 -19.49 -46.34 -77.31
CA ASP BA 107 -18.23 -46.96 -77.65
C ASP BA 107 -18.43 -48.15 -78.57
N LYS BA 108 -19.43 -48.99 -78.29
CA LYS BA 108 -19.72 -50.12 -79.19
C LYS BA 108 -20.31 -49.65 -80.51
N CYS BA 109 -21.11 -48.59 -80.48
CA CYS BA 109 -21.50 -47.86 -81.68
C CYS BA 109 -20.32 -47.51 -82.58
N VAL BA 110 -19.37 -46.75 -82.03
CA VAL BA 110 -18.28 -46.27 -82.88
C VAL BA 110 -17.31 -47.41 -83.22
N LEU BA 111 -17.23 -48.43 -82.37
CA LEU BA 111 -16.29 -49.52 -82.60
C LEU BA 111 -16.82 -50.49 -83.65
N ASP BA 112 -18.15 -50.66 -83.72
CA ASP BA 112 -18.71 -51.40 -84.83
C ASP BA 112 -18.68 -50.59 -86.12
N LYS BA 113 -19.11 -49.33 -86.08
CA LYS BA 113 -19.42 -48.64 -87.32
C LYS BA 113 -18.30 -47.75 -87.83
N LEU BA 114 -17.46 -47.24 -86.97
CA LEU BA 114 -16.43 -46.38 -87.52
C LEU BA 114 -15.03 -46.80 -87.11
N GLY BA 115 -14.87 -47.34 -85.91
CA GLY BA 115 -13.55 -47.67 -85.40
C GLY BA 115 -13.33 -46.94 -84.10
N TRP BA 116 -12.26 -46.15 -84.04
CA TRP BA 116 -12.00 -45.17 -82.97
C TRP BA 116 -11.93 -45.85 -81.60
N VAL BA 117 -10.87 -46.63 -81.42
CA VAL BA 117 -10.55 -47.17 -80.09
C VAL BA 117 -10.37 -46.02 -79.11
N ARG BA 118 -11.10 -46.07 -78.01
CA ARG BA 118 -10.93 -45.05 -76.98
C ARG BA 118 -9.59 -45.26 -76.30
N PRO BA 119 -8.72 -44.25 -76.28
CA PRO BA 119 -7.40 -44.44 -75.70
C PRO BA 119 -7.47 -44.54 -74.19
N ASP BA 120 -6.68 -45.45 -73.64
CA ASP BA 120 -6.79 -45.86 -72.25
C ASP BA 120 -6.05 -44.85 -71.36
N LEU BA 121 -6.02 -45.11 -70.06
CA LEU BA 121 -5.17 -44.36 -69.16
C LEU BA 121 -3.80 -45.06 -69.10
N GLY BA 122 -2.72 -44.28 -69.16
CA GLY BA 122 -2.73 -42.83 -69.17
C GLY BA 122 -2.38 -42.18 -70.49
N GLU BA 123 -2.97 -42.67 -71.57
CA GLU BA 123 -2.45 -42.42 -72.92
C GLU BA 123 -2.63 -40.98 -73.41
N LEU BA 124 -3.37 -40.13 -72.70
CA LEU BA 124 -3.44 -38.72 -73.07
C LEU BA 124 -2.40 -37.91 -72.30
N SER BA 125 -1.16 -38.37 -72.48
CA SER BA 125 0.04 -37.91 -71.80
C SER BA 125 1.20 -38.30 -72.71
N LYS BA 126 2.38 -38.54 -72.12
CA LYS BA 126 3.48 -39.22 -72.80
C LYS BA 126 3.99 -38.39 -73.97
N VAL BA 127 4.68 -37.31 -73.59
CA VAL BA 127 5.22 -36.23 -74.42
C VAL BA 127 5.79 -36.71 -75.74
N THR BA 128 5.45 -36.00 -76.82
CA THR BA 128 5.47 -36.53 -78.18
C THR BA 128 6.39 -35.71 -79.07
N LYS BA 129 7.27 -36.39 -79.80
CA LYS BA 129 8.11 -35.74 -80.79
C LYS BA 129 7.27 -35.26 -81.97
N VAL BA 130 7.70 -34.18 -82.60
CA VAL BA 130 6.95 -33.59 -83.70
C VAL BA 130 7.91 -32.77 -84.55
N LYS BA 131 7.76 -32.89 -85.87
CA LYS BA 131 8.52 -32.09 -86.83
C LYS BA 131 7.63 -31.01 -87.43
N THR BA 132 8.28 -29.95 -87.90
CA THR BA 132 7.59 -28.78 -88.42
C THR BA 132 7.93 -28.59 -89.90
N ASP BA 133 7.50 -27.45 -90.43
CA ASP BA 133 7.90 -26.98 -91.75
C ASP BA 133 8.85 -25.79 -91.65
N ARG BA 134 9.11 -25.30 -90.45
CA ARG BA 134 10.01 -24.19 -90.21
C ARG BA 134 11.13 -24.62 -89.25
N PRO BA 135 12.30 -23.97 -89.30
CA PRO BA 135 13.35 -24.30 -88.33
C PRO BA 135 13.15 -23.55 -87.03
N LEU BA 136 13.63 -24.15 -85.95
CA LEU BA 136 13.55 -23.49 -84.65
C LEU BA 136 14.47 -22.27 -84.65
N PRO BA 137 13.98 -21.11 -84.23
CA PRO BA 137 14.82 -19.92 -84.18
C PRO BA 137 15.43 -19.69 -82.80
N GLU BA 138 16.53 -18.95 -82.79
CA GLU BA 138 17.14 -18.49 -81.56
C GLU BA 138 16.39 -17.27 -81.03
N ASN BA 139 16.75 -16.87 -79.80
CA ASN BA 139 16.30 -15.76 -78.94
C ASN BA 139 14.85 -15.31 -79.15
N PRO BA 140 13.86 -16.15 -78.82
CA PRO BA 140 12.46 -15.70 -78.89
C PRO BA 140 12.17 -14.58 -77.91
N TYR BA 141 12.95 -14.48 -76.85
CA TYR BA 141 13.12 -13.22 -76.13
C TYR BA 141 13.82 -12.25 -77.06
N HIS BA 142 13.06 -11.37 -77.70
CA HIS BA 142 13.68 -10.37 -78.56
C HIS BA 142 14.39 -9.36 -77.68
N SER BA 143 15.67 -9.60 -77.42
CA SER BA 143 16.43 -8.84 -76.46
C SER BA 143 17.74 -8.38 -77.08
N ARG BA 144 18.45 -7.53 -76.35
CA ARG BA 144 19.73 -7.01 -76.81
C ARG BA 144 20.83 -8.02 -76.45
N ALA BA 145 22.07 -7.61 -76.65
CA ALA BA 145 23.20 -8.45 -76.26
C ALA BA 145 23.58 -8.20 -74.81
N ARG BA 146 24.41 -9.07 -74.30
CA ARG BA 146 24.87 -8.90 -72.93
C ARG BA 146 25.95 -7.83 -72.88
N PRO BA 147 25.93 -6.96 -71.84
CA PRO BA 147 26.69 -5.71 -71.89
C PRO BA 147 28.20 -5.87 -71.97
N GLU BA 148 28.75 -6.55 -70.95
CA GLU BA 148 30.17 -6.73 -70.74
C GLU BA 148 30.38 -7.96 -69.88
N PRO BA 149 31.44 -8.72 -70.09
CA PRO BA 149 31.93 -9.58 -69.03
C PRO BA 149 32.76 -8.77 -68.04
N ASN BA 150 32.87 -9.29 -66.84
CA ASN BA 150 33.72 -8.70 -65.82
C ASN BA 150 35.04 -9.46 -65.82
N PRO BA 151 36.17 -8.81 -66.11
CA PRO BA 151 37.43 -9.56 -66.30
C PRO BA 151 37.93 -10.18 -65.01
N GLU BA 152 38.04 -11.50 -65.00
CA GLU BA 152 38.60 -12.21 -63.85
C GLU BA 152 40.08 -11.92 -63.73
N VAL BA 153 40.57 -11.90 -62.50
CA VAL BA 153 41.95 -11.58 -62.22
C VAL BA 153 42.72 -12.87 -62.04
N GLU BA 154 43.65 -13.13 -62.95
CA GLU BA 154 44.49 -14.32 -62.96
C GLU BA 154 45.95 -13.91 -62.79
N GLY BA 155 46.80 -14.91 -62.74
CA GLY BA 155 48.22 -14.70 -62.54
C GLY BA 155 48.66 -15.20 -61.17
N ASP BA 156 49.91 -15.65 -61.11
CA ASP BA 156 50.47 -16.12 -59.84
C ASP BA 156 50.68 -14.93 -58.92
N LEU BA 157 50.16 -15.03 -57.70
CA LEU BA 157 50.12 -13.88 -56.82
C LEU BA 157 51.51 -13.58 -56.26
N LYS BA 158 51.81 -12.31 -56.20
CA LYS BA 158 53.07 -11.82 -55.68
C LYS BA 158 53.02 -11.82 -54.15
N PRO BA 159 54.18 -11.85 -53.48
CA PRO BA 159 54.17 -11.69 -52.02
C PRO BA 159 53.93 -10.26 -51.61
N ALA BA 160 53.99 -10.00 -50.31
CA ALA BA 160 53.68 -8.69 -49.75
C ALA BA 160 54.74 -7.68 -50.19
N ARG BA 161 54.34 -6.70 -50.99
CA ARG BA 161 55.28 -5.70 -51.48
C ARG BA 161 55.50 -4.64 -50.42
N HIS BA 162 56.72 -4.62 -49.87
CA HIS BA 162 57.16 -3.70 -48.81
C HIS BA 162 56.24 -3.75 -47.59
N GLY BA 163 55.72 -4.93 -47.30
CA GLY BA 163 54.89 -5.12 -46.12
C GLY BA 163 53.51 -4.53 -46.22
N SER BA 164 53.02 -3.98 -45.11
CA SER BA 164 51.62 -3.59 -45.00
C SER BA 164 51.32 -2.30 -45.74
N ARG BA 165 52.30 -1.41 -45.83
CA ARG BA 165 52.15 -0.05 -46.34
C ARG BA 165 51.06 0.72 -45.61
N LEU BA 166 50.94 0.45 -44.32
CA LEU BA 166 50.31 1.38 -43.39
C LEU BA 166 51.45 2.24 -42.84
N PHE BA 167 51.24 2.94 -41.72
CA PHE BA 167 52.17 3.97 -41.29
C PHE BA 167 53.52 3.40 -40.89
N PHE BA 168 53.57 2.60 -39.84
CA PHE BA 168 54.87 2.12 -39.38
C PHE BA 168 54.73 0.73 -38.79
N TRP BA 169 55.84 0.22 -38.25
CA TRP BA 169 56.13 -1.21 -38.16
C TRP BA 169 55.79 -1.91 -39.47
N THR BA 170 56.35 -1.39 -40.56
CA THR BA 170 56.19 -2.01 -41.85
C THR BA 170 57.01 -3.30 -41.92
N MET BA 171 56.77 -4.06 -42.98
CA MET BA 171 57.29 -5.42 -43.19
C MET BA 171 56.90 -6.35 -42.02
N SER CA 3 103.49 22.29 -39.80
CA SER CA 3 103.54 23.70 -40.17
C SER CA 3 102.19 24.19 -40.66
N TRP CA 4 102.19 25.37 -41.28
CA TRP CA 4 100.99 25.89 -41.89
C TRP CA 4 101.37 26.53 -43.22
N ASP CA 5 100.48 26.42 -44.19
CA ASP CA 5 100.77 26.92 -45.53
C ASP CA 5 100.75 28.44 -45.54
N LYS CA 6 101.89 29.04 -45.83
CA LYS CA 6 101.98 30.49 -45.86
C LYS CA 6 101.51 31.09 -47.17
N ASP CA 7 101.20 30.25 -48.15
CA ASP CA 7 100.55 30.72 -49.37
C ASP CA 7 99.15 31.21 -49.06
N VAL CA 8 98.38 30.41 -48.33
CA VAL CA 8 97.00 30.74 -47.97
C VAL CA 8 96.96 31.65 -46.76
N TYR CA 9 98.01 31.67 -45.93
CA TYR CA 9 98.12 32.55 -44.79
C TYR CA 9 99.30 33.49 -45.04
N PRO CA 10 99.07 34.60 -45.73
CA PRO CA 10 100.19 35.49 -46.08
C PRO CA 10 100.66 36.27 -44.87
N GLU CA 11 101.97 36.39 -44.77
CA GLU CA 11 102.61 37.28 -43.83
C GLU CA 11 103.41 38.31 -44.60
N PRO CA 12 103.31 39.59 -44.26
CA PRO CA 12 104.21 40.58 -44.83
C PRO CA 12 105.62 40.37 -44.31
N PRO CA 13 106.64 40.76 -45.07
CA PRO CA 13 108.02 40.60 -44.60
C PRO CA 13 108.32 41.51 -43.41
N ARG CA 14 109.34 41.12 -42.68
CA ARG CA 14 109.62 41.71 -41.38
C ARG CA 14 110.33 43.06 -41.53
N ARG CA 15 110.11 43.93 -40.54
CA ARG CA 15 110.82 45.19 -40.41
C ARG CA 15 111.22 45.34 -38.95
N THR CA 16 112.51 45.51 -38.69
CA THR CA 16 112.94 45.63 -37.31
C THR CA 16 114.08 46.63 -37.16
N PRO CA 17 113.86 47.75 -36.47
CA PRO CA 17 114.90 48.77 -36.36
C PRO CA 17 116.02 48.33 -35.42
N ALA CA 18 117.11 49.10 -35.44
CA ALA CA 18 118.31 48.83 -34.65
C ALA CA 18 118.57 49.97 -33.67
N PRO CA 19 117.98 49.95 -32.48
CA PRO CA 19 118.28 50.99 -31.49
C PRO CA 19 119.65 50.79 -30.85
N SER CA 20 120.23 51.90 -30.40
CA SER CA 20 121.54 51.88 -29.77
C SER CA 20 121.66 53.10 -28.86
N PRO CA 21 121.39 52.94 -27.57
CA PRO CA 21 121.64 54.02 -26.61
C PRO CA 21 123.14 54.28 -26.49
N GLN CA 22 123.58 55.53 -26.29
CA GLN CA 22 122.95 56.82 -25.85
C GLN CA 22 122.10 56.79 -24.56
N THR CA 23 122.51 55.96 -23.59
CA THR CA 23 122.09 56.07 -22.21
C THR CA 23 123.26 55.75 -21.31
N SER CA 24 123.24 56.29 -20.10
CA SER CA 24 123.91 55.64 -18.99
C SER CA 24 122.98 55.66 -17.78
N LEU CA 25 121.98 54.76 -17.78
CA LEU CA 25 121.42 54.21 -16.55
C LEU CA 25 122.23 52.98 -16.13
N PRO CA 26 122.55 52.03 -17.04
CA PRO CA 26 122.07 51.56 -18.35
C PRO CA 26 121.29 50.25 -18.31
N ASN CA 27 120.31 50.13 -19.20
CA ASN CA 27 119.77 48.87 -19.69
C ASN CA 27 119.21 47.89 -18.65
N PRO CA 28 118.05 48.13 -18.06
CA PRO CA 28 117.46 47.09 -17.18
C PRO CA 28 116.84 45.94 -17.96
N ILE CA 29 116.08 46.24 -19.02
CA ILE CA 29 115.36 45.20 -19.73
C ILE CA 29 116.27 44.29 -20.54
N THR CA 30 117.49 44.71 -20.86
CA THR CA 30 118.40 43.82 -21.58
C THR CA 30 118.89 42.70 -20.67
N TYR CA 31 119.32 43.07 -19.46
CA TYR CA 31 119.63 42.08 -18.43
C TYR CA 31 118.42 41.22 -18.12
N LEU CA 32 117.23 41.82 -18.14
CA LEU CA 32 116.04 41.07 -17.78
C LEU CA 32 115.59 40.12 -18.89
N THR CA 33 115.80 40.48 -20.17
CA THR CA 33 115.45 39.54 -21.22
C THR CA 33 116.47 38.41 -21.32
N LYS CA 34 117.74 38.68 -21.01
CA LYS CA 34 118.70 37.58 -20.93
C LYS CA 34 118.38 36.66 -19.76
N ALA CA 35 117.91 37.23 -18.65
CA ALA CA 35 117.51 36.42 -17.51
C ALA CA 35 116.28 35.58 -17.82
N PHE CA 36 115.31 36.15 -18.53
CA PHE CA 36 114.13 35.37 -18.91
C PHE CA 36 114.48 34.25 -19.87
N ASP CA 37 115.42 34.52 -20.80
CA ASP CA 37 115.88 33.48 -21.72
C ASP CA 37 116.53 32.33 -20.98
N LEU CA 38 117.43 32.64 -20.05
CA LEU CA 38 118.14 31.57 -19.37
C LEU CA 38 117.31 30.92 -18.27
N LEU CA 39 116.21 31.55 -17.83
CA LEU CA 39 115.36 30.94 -16.83
C LEU CA 39 114.19 30.14 -17.39
N VAL CA 40 113.70 30.45 -18.60
CA VAL CA 40 112.57 29.76 -19.17
C VAL CA 40 112.93 29.06 -20.47
N ASP CA 41 113.65 29.73 -21.35
CA ASP CA 41 113.80 29.25 -22.71
C ASP CA 41 114.68 28.01 -22.79
N ARG CA 42 115.66 27.86 -21.91
CA ARG CA 42 116.44 26.64 -21.94
C ARG CA 42 115.71 25.42 -21.34
N PRO CA 43 115.16 25.45 -20.10
CA PRO CA 43 114.67 24.17 -19.54
C PRO CA 43 113.39 23.67 -20.19
N VAL CA 44 112.51 24.57 -20.62
CA VAL CA 44 111.31 24.15 -21.36
C VAL CA 44 111.71 23.51 -22.69
N THR CA 45 112.73 24.04 -23.34
CA THR CA 45 113.16 23.45 -24.59
C THR CA 45 113.88 22.12 -24.36
N LEU CA 46 114.55 21.95 -23.22
CA LEU CA 46 115.15 20.66 -22.90
C LEU CA 46 114.10 19.59 -22.65
N VAL CA 47 113.07 19.91 -21.88
CA VAL CA 47 111.97 18.98 -21.66
C VAL CA 47 111.21 18.73 -22.96
N ARG CA 48 111.09 19.76 -23.81
CA ARG CA 48 110.45 19.58 -25.10
C ARG CA 48 111.29 18.72 -26.03
N GLU CA 49 112.61 18.76 -25.89
CA GLU CA 49 113.47 17.91 -26.70
C GLU CA 49 113.33 16.45 -26.27
N PHE CA 50 113.22 16.23 -24.96
CA PHE CA 50 112.90 14.91 -24.42
C PHE CA 50 111.59 14.39 -25.00
N ILE CA 51 110.57 15.24 -25.00
CA ILE CA 51 109.26 14.81 -25.49
C ILE CA 51 109.29 14.63 -27.00
N GLU CA 52 110.09 15.40 -27.73
CA GLU CA 52 110.17 15.23 -29.18
C GLU CA 52 110.90 13.94 -29.55
N ARG CA 53 111.87 13.53 -28.74
CA ARG CA 53 112.44 12.19 -28.94
C ARG CA 53 111.40 11.11 -28.65
N GLN CA 54 110.58 11.31 -27.62
CA GLN CA 54 109.53 10.34 -27.33
C GLN CA 54 108.48 10.28 -28.43
N HIS CA 55 108.20 11.42 -29.06
CA HIS CA 55 107.30 11.40 -30.22
C HIS CA 55 107.99 10.79 -31.43
N ALA CA 56 109.31 10.89 -31.51
CA ALA CA 56 110.08 10.27 -32.57
C ALA CA 56 110.32 8.78 -32.34
N LYS CA 57 109.81 8.21 -31.24
CA LYS CA 57 109.77 6.75 -31.11
C LYS CA 57 108.98 6.11 -32.24
N ASN CA 58 107.73 6.55 -32.45
CA ASN CA 58 106.89 6.04 -33.52
C ASN CA 58 105.87 7.10 -33.92
N LYS CA 59 105.48 7.09 -35.20
CA LYS CA 59 104.68 8.18 -35.76
C LYS CA 59 103.44 7.65 -36.46
N TYR CA 60 102.29 8.20 -36.07
CA TYR CA 60 101.03 8.00 -36.77
C TYR CA 60 100.98 8.89 -38.01
N TYR CA 61 99.88 8.79 -38.75
CA TYR CA 61 99.59 9.70 -39.85
C TYR CA 61 98.09 9.87 -39.97
N TYR CA 62 97.64 11.09 -40.25
CA TYR CA 62 96.26 11.30 -40.64
C TYR CA 62 96.23 12.05 -41.97
N TYR CA 63 95.18 11.80 -42.73
CA TYR CA 63 95.07 12.28 -44.10
C TYR CA 63 94.00 13.37 -44.15
N HIS CA 64 93.91 14.03 -45.29
CA HIS CA 64 92.78 14.89 -45.57
C HIS CA 64 91.71 14.09 -46.28
N ARG CA 65 90.48 14.24 -45.84
CA ARG CA 65 89.38 13.45 -46.40
C ARG CA 65 89.02 13.94 -47.80
N GLU CA 66 88.86 13.00 -48.74
CA GLU CA 66 88.63 13.33 -50.14
C GLU CA 66 87.29 12.80 -50.61
N PHE CA 67 86.64 13.59 -51.48
CA PHE CA 67 85.32 13.29 -52.01
C PHE CA 67 85.36 13.33 -53.54
N ARG CA 68 84.32 12.78 -54.15
CA ARG CA 68 84.16 12.79 -55.58
C ARG CA 68 83.25 13.94 -55.99
N ARG CA 69 82.81 13.93 -57.24
CA ARG CA 69 81.80 14.85 -57.74
C ARG CA 69 80.52 14.08 -58.04
N VAL CA 70 79.40 14.65 -57.63
CA VAL CA 70 78.06 14.10 -57.86
C VAL CA 70 77.64 14.50 -59.27
N PRO CA 71 76.52 13.96 -59.85
CA PRO CA 71 76.09 14.48 -61.15
C PRO CA 71 75.70 15.96 -61.16
N ASP CA 72 74.60 16.32 -60.50
CA ASP CA 72 74.01 17.66 -60.38
C ASP CA 72 72.73 17.55 -59.57
N ILE CA 73 72.22 18.70 -59.16
CA ILE CA 73 70.81 18.85 -58.83
C ILE CA 73 70.02 19.24 -60.07
N THR CA 74 70.67 19.88 -61.05
CA THR CA 74 70.04 20.30 -62.28
C THR CA 74 69.92 19.19 -63.30
N GLU CA 75 70.42 17.99 -62.99
CA GLU CA 75 70.42 16.88 -63.92
C GLU CA 75 69.69 15.65 -63.38
N CYS CA 76 69.03 15.76 -62.23
CA CYS CA 76 68.21 14.67 -61.75
C CYS CA 76 66.86 14.70 -62.47
N HIS CA 77 65.98 13.78 -62.10
CA HIS CA 77 64.65 13.71 -62.69
C HIS CA 77 63.69 14.53 -61.85
N GLU CA 78 62.38 14.30 -62.00
CA GLU CA 78 61.34 15.01 -61.25
C GLU CA 78 61.48 14.95 -59.75
N LYS CA 79 61.30 13.78 -59.15
CA LYS CA 79 61.40 13.67 -57.70
C LYS CA 79 62.52 12.76 -57.25
N ASP CA 80 62.46 11.45 -57.59
CA ASP CA 80 63.54 10.45 -57.69
C ASP CA 80 64.72 10.61 -56.73
N VAL CA 81 64.41 10.47 -55.43
CA VAL CA 81 65.18 11.01 -54.30
C VAL CA 81 66.64 10.62 -54.32
N LEU CA 82 66.95 9.41 -54.74
CA LEU CA 82 68.30 8.83 -54.69
C LEU CA 82 69.31 9.46 -55.68
N CYS CA 83 68.92 10.53 -56.38
CA CYS CA 83 69.83 11.44 -57.06
C CYS CA 83 69.97 12.75 -56.30
N MET CA 84 68.83 13.30 -55.85
CA MET CA 84 68.82 14.60 -55.21
C MET CA 84 69.46 14.56 -53.85
N PHE CA 85 69.40 13.41 -53.16
CA PHE CA 85 70.09 13.27 -51.89
C PHE CA 85 71.57 13.51 -52.03
N GLU CA 86 72.18 12.88 -53.04
CA GLU CA 86 73.60 13.04 -53.31
C GLU CA 86 73.92 14.46 -53.75
N ALA CA 87 73.07 15.04 -54.60
CA ALA CA 87 73.27 16.39 -55.08
C ALA CA 87 73.23 17.40 -53.94
N GLU CA 88 72.26 17.27 -53.05
CA GLU CA 88 72.10 18.26 -52.01
C GLU CA 88 73.12 18.08 -50.90
N MET CA 89 73.62 16.86 -50.68
CA MET CA 89 74.71 16.74 -49.73
C MET CA 89 76.00 17.35 -50.26
N GLN CA 90 76.24 17.24 -51.57
CA GLN CA 90 77.39 17.93 -52.15
C GLN CA 90 77.21 19.43 -52.06
N TRP CA 91 75.98 19.91 -52.22
CA TRP CA 91 75.74 21.34 -52.06
C TRP CA 91 75.94 21.80 -50.62
N LYS CA 92 75.54 20.96 -49.66
CA LYS CA 92 75.70 21.33 -48.26
C LYS CA 92 77.17 21.41 -47.86
N ARG CA 93 77.98 20.52 -48.43
CA ARG CA 93 79.42 20.63 -48.18
C ARG CA 93 80.02 21.85 -48.85
N ASP CA 94 79.49 22.26 -50.00
CA ASP CA 94 79.92 23.53 -50.57
C ASP CA 94 79.55 24.72 -49.69
N TYR CA 95 78.40 24.64 -49.03
CA TYR CA 95 78.01 25.71 -48.12
C TYR CA 95 78.92 25.77 -46.90
N LYS CA 96 79.31 24.61 -46.37
CA LYS CA 96 80.24 24.57 -45.24
C LYS CA 96 81.60 25.15 -45.60
N VAL CA 97 82.17 24.70 -46.73
CA VAL CA 97 83.48 25.20 -47.10
C VAL CA 97 83.41 26.67 -47.50
N ASP CA 98 82.25 27.15 -47.96
CA ASP CA 98 82.11 28.56 -48.28
C ASP CA 98 82.10 29.42 -47.01
N GLN CA 99 81.43 28.94 -45.95
CA GLN CA 99 81.52 29.61 -44.67
C GLN CA 99 82.95 29.68 -44.16
N GLU CA 100 83.71 28.60 -44.35
CA GLU CA 100 85.09 28.66 -43.88
C GLU CA 100 85.97 29.57 -44.74
N ILE CA 101 85.63 29.72 -46.02
CA ILE CA 101 86.30 30.72 -46.87
C ILE CA 101 86.07 32.13 -46.34
N VAL CA 102 84.83 32.43 -45.97
CA VAL CA 102 84.52 33.76 -45.45
C VAL CA 102 85.23 34.02 -44.12
N ASN CA 103 85.33 32.97 -43.30
CA ASN CA 103 86.12 33.04 -42.07
C ASN CA 103 87.58 33.35 -42.34
N ILE CA 104 88.15 32.73 -43.38
CA ILE CA 104 89.56 32.95 -43.73
C ILE CA 104 89.80 34.40 -44.16
N ILE CA 105 88.90 34.94 -44.98
CA ILE CA 105 89.07 36.32 -45.44
C ILE CA 105 88.93 37.30 -44.28
N GLN CA 106 88.01 37.01 -43.35
CA GLN CA 106 87.83 37.89 -42.20
C GLN CA 106 89.03 37.84 -41.25
N GLU CA 107 89.62 36.66 -41.08
CA GLU CA 107 90.83 36.54 -40.26
C GLU CA 107 92.01 37.29 -40.87
N ARG CA 108 92.14 37.22 -42.20
CA ARG CA 108 93.19 37.98 -42.88
C ARG CA 108 93.01 39.48 -42.66
N LEU CA 109 91.76 39.94 -42.69
CA LEU CA 109 91.52 41.37 -42.49
C LEU CA 109 91.87 41.81 -41.08
N LYS CA 110 91.53 40.98 -40.08
CA LYS CA 110 91.90 41.35 -38.70
C LYS CA 110 93.40 41.34 -38.50
N ALA CA 111 94.09 40.42 -39.16
CA ALA CA 111 95.55 40.40 -39.07
C ALA CA 111 96.17 41.64 -39.72
N CYS CA 112 95.58 42.11 -40.82
CA CYS CA 112 96.04 43.34 -41.45
C CYS CA 112 95.82 44.53 -40.54
N GLN CA 113 94.69 44.54 -39.83
CA GLN CA 113 94.40 45.64 -38.92
C GLN CA 113 95.40 45.70 -37.78
N GLN CA 114 95.73 44.55 -37.19
CA GLN CA 114 96.65 44.60 -36.06
C GLN CA 114 98.08 44.89 -36.50
N ARG CA 115 98.46 44.47 -37.71
CA ARG CA 115 99.83 44.75 -38.16
C ARG CA 115 100.04 46.23 -38.47
N GLU CA 116 99.23 46.78 -39.37
CA GLU CA 116 99.56 48.02 -40.05
C GLU CA 116 99.34 49.28 -39.21
N GLY CA 117 99.06 49.15 -37.91
CA GLY CA 117 99.13 50.29 -37.03
C GLY CA 117 97.95 51.25 -37.17
N GLU CA 118 98.19 52.49 -36.74
CA GLU CA 118 97.11 53.46 -36.63
C GLU CA 118 96.69 54.03 -37.97
N SER CA 119 97.62 54.15 -38.92
CA SER CA 119 97.25 54.46 -40.29
C SER CA 119 96.70 53.18 -40.91
N HIS CA 120 95.38 53.05 -40.91
CA HIS CA 120 94.78 51.82 -41.40
C HIS CA 120 94.86 51.70 -42.92
N ARG CA 121 94.86 52.84 -43.62
CA ARG CA 121 94.49 52.87 -45.02
C ARG CA 121 95.67 52.70 -45.96
N GLN CA 122 96.76 52.10 -45.50
CA GLN CA 122 97.94 51.87 -46.31
C GLN CA 122 98.29 50.38 -46.25
N ASN CA 123 98.19 49.72 -47.40
CA ASN CA 123 98.40 48.28 -47.59
C ASN CA 123 97.48 47.41 -46.73
N CYS CA 124 96.33 47.94 -46.33
CA CYS CA 124 95.18 47.14 -45.95
C CYS CA 124 93.99 47.35 -46.87
N ALA CA 125 94.01 48.41 -47.70
CA ALA CA 125 92.85 48.70 -48.54
C ALA CA 125 92.68 47.66 -49.64
N LYS CA 126 93.76 46.98 -50.02
CA LYS CA 126 93.68 45.93 -51.02
C LYS CA 126 92.95 44.71 -50.47
N GLU CA 127 93.27 44.33 -49.23
CA GLU CA 127 92.58 43.22 -48.60
C GLU CA 127 91.15 43.58 -48.23
N LEU CA 128 90.92 44.85 -47.90
CA LEU CA 128 89.55 45.32 -47.71
C LEU CA 128 88.76 45.23 -49.00
N GLN CA 129 89.42 45.50 -50.12
CA GLN CA 129 88.74 45.46 -51.41
C GLN CA 129 88.39 44.03 -51.80
N GLN CA 130 89.32 43.08 -51.57
CA GLN CA 130 88.97 41.70 -51.87
C GLN CA 130 87.94 41.16 -50.89
N PHE CA 131 87.90 41.72 -49.67
CA PHE CA 131 86.86 41.34 -48.73
C PHE CA 131 85.49 41.79 -49.20
N THR CA 132 85.38 43.04 -49.65
CA THR CA 132 84.09 43.54 -50.15
C THR CA 132 83.67 42.80 -51.41
N GLN CA 133 84.63 42.39 -52.23
CA GLN CA 133 84.39 41.51 -53.38
C GLN CA 133 83.68 40.22 -52.96
N VAL CA 134 84.37 39.41 -52.15
CA VAL CA 134 83.87 38.08 -51.83
C VAL CA 134 82.59 38.18 -51.00
N VAL CA 135 82.44 39.23 -50.20
CA VAL CA 135 81.28 39.26 -49.34
C VAL CA 135 80.07 39.88 -50.03
N LYS CA 136 80.27 40.71 -51.07
CA LYS CA 136 79.14 41.10 -51.90
C LYS CA 136 78.65 39.91 -52.70
N ALA CA 137 79.58 39.06 -53.14
CA ALA CA 137 79.19 37.82 -53.79
C ALA CA 137 78.37 36.92 -52.86
N TYR CA 138 78.84 36.73 -51.62
CA TYR CA 138 78.14 35.84 -50.70
C TYR CA 138 76.81 36.42 -50.25
N GLN CA 139 76.76 37.74 -50.11
CA GLN CA 139 75.52 38.44 -49.76
C GLN CA 139 74.48 38.27 -50.84
N ASP CA 140 74.86 38.42 -52.10
CA ASP CA 140 73.88 38.16 -53.14
C ASP CA 140 73.65 36.68 -53.39
N ARG CA 141 74.47 35.78 -52.85
CA ARG CA 141 74.30 34.37 -53.20
C ARG CA 141 73.54 33.58 -52.16
N TYR CA 142 73.96 33.58 -50.89
CA TYR CA 142 73.43 32.63 -49.92
C TYR CA 142 72.61 33.27 -48.80
N HIS CA 143 72.30 34.55 -48.89
CA HIS CA 143 71.86 35.25 -47.69
C HIS CA 143 70.39 35.04 -47.37
N ASP CA 144 69.51 35.55 -48.22
CA ASP CA 144 68.10 35.65 -47.87
C ASP CA 144 67.41 34.36 -48.28
N LEU CA 145 67.59 33.34 -47.45
CA LEU CA 145 66.89 32.09 -47.68
C LEU CA 145 66.32 31.48 -46.41
N GLY CA 146 66.44 32.13 -45.26
CA GLY CA 146 65.83 31.61 -44.06
C GLY CA 146 66.58 30.41 -43.53
N ALA CA 147 65.83 29.41 -43.07
CA ALA CA 147 66.43 28.29 -42.35
C ALA CA 147 65.96 26.92 -42.81
N HIS CA 148 64.83 26.80 -43.49
CA HIS CA 148 64.40 25.49 -43.98
C HIS CA 148 64.78 25.31 -45.45
N TYR CA 149 66.07 25.41 -45.70
CA TYR CA 149 66.66 25.18 -47.00
C TYR CA 149 67.14 23.75 -47.08
N SER CA 150 67.14 23.19 -48.30
CA SER CA 150 68.02 22.06 -48.57
C SER CA 150 69.01 22.41 -49.68
N ALA CA 151 68.56 22.55 -50.92
CA ALA CA 151 69.33 23.22 -51.95
C ALA CA 151 68.37 23.93 -52.90
N ARG CA 152 67.11 23.56 -52.81
CA ARG CA 152 66.13 23.97 -53.82
C ARG CA 152 65.82 25.45 -53.73
N LYS CA 153 65.80 25.99 -52.51
CA LYS CA 153 65.59 27.42 -52.35
C LYS CA 153 66.75 28.21 -52.91
N CYS CA 154 67.97 27.66 -52.83
CA CYS CA 154 69.13 28.33 -53.40
C CYS CA 154 69.04 28.40 -54.92
N LEU CA 155 68.60 27.32 -55.55
CA LEU CA 155 68.44 27.33 -57.00
C LEU CA 155 67.29 28.24 -57.42
N ALA CA 156 66.24 28.33 -56.59
CA ALA CA 156 65.16 29.25 -56.89
C ALA CA 156 65.63 30.70 -56.82
N LYS CA 157 66.46 31.01 -55.82
CA LYS CA 157 67.09 32.31 -55.73
C LYS CA 157 67.97 32.59 -56.94
N GLN CA 158 68.68 31.56 -57.40
CA GLN CA 158 69.60 31.71 -58.52
C GLN CA 158 68.85 32.05 -59.81
N LYS CA 159 67.78 31.31 -60.08
CA LYS CA 159 66.94 31.59 -61.23
C LYS CA 159 66.31 32.98 -61.13
N GLN CA 160 65.86 33.36 -59.94
CA GLN CA 160 65.21 34.66 -59.78
C GLN CA 160 66.18 35.80 -60.02
N ARG CA 161 67.41 35.66 -59.53
CA ARG CA 161 68.40 36.73 -59.68
C ARG CA 161 68.85 36.87 -61.13
N MET CA 162 69.08 35.76 -61.83
CA MET CA 162 69.49 35.92 -63.22
C MET CA 162 68.32 36.36 -64.10
N LEU CA 163 67.07 36.08 -63.69
CA LEU CA 163 65.94 36.67 -64.39
C LEU CA 163 65.88 38.17 -64.16
N ALA CA 164 66.25 38.61 -62.96
CA ALA CA 164 66.32 40.05 -62.70
C ALA CA 164 67.37 40.72 -63.56
N GLU CA 165 68.52 40.05 -63.75
CA GLU CA 165 69.55 40.61 -64.64
C GLU CA 165 69.10 40.64 -66.09
N ARG CA 166 68.32 39.62 -66.51
CA ARG CA 166 67.80 39.60 -67.88
C ARG CA 166 66.83 40.75 -68.11
N LYS CA 167 65.96 41.03 -67.13
CA LYS CA 167 65.07 42.18 -67.28
C LYS CA 167 65.85 43.49 -67.19
N ALA CA 168 66.96 43.49 -66.44
CA ALA CA 168 67.79 44.69 -66.32
C ALA CA 168 68.44 45.05 -67.66
N THR CA 169 69.05 44.06 -68.33
CA THR CA 169 69.60 44.35 -69.64
C THR CA 169 68.52 44.53 -70.70
N LYS CA 170 67.31 44.02 -70.45
CA LYS CA 170 66.17 44.29 -71.34
C LYS CA 170 65.79 45.76 -71.31
N GLU CA 171 65.71 46.35 -70.12
CA GLU CA 171 65.45 47.79 -70.06
C GLU CA 171 66.67 48.61 -70.44
N ALA CA 172 67.86 48.06 -70.27
CA ALA CA 172 69.08 48.81 -70.59
C ALA CA 172 69.24 48.96 -72.10
N ALA CA 173 69.43 47.84 -72.80
CA ALA CA 173 69.64 47.89 -74.25
C ALA CA 173 68.31 47.92 -74.98
N LEU DA 1 34.90 -27.39 -6.21
CA LEU DA 1 33.52 -27.65 -5.81
C LEU DA 1 32.62 -27.95 -6.99
N GLN DA 2 31.61 -28.78 -6.73
CA GLN DA 2 30.66 -29.21 -7.77
C GLN DA 2 29.40 -28.37 -7.59
N TYR DA 3 29.42 -27.17 -8.15
CA TYR DA 3 28.28 -26.26 -8.08
C TYR DA 3 28.21 -25.46 -9.37
N GLY DA 4 27.46 -24.37 -9.33
CA GLY DA 4 27.08 -23.65 -10.52
C GLY DA 4 25.83 -24.26 -11.06
N PRO DA 5 25.62 -24.16 -12.37
CA PRO DA 5 24.46 -24.84 -12.96
C PRO DA 5 24.63 -26.35 -13.02
N LEU DA 6 25.87 -26.82 -13.16
CA LEU DA 6 26.16 -28.20 -13.53
C LEU DA 6 25.75 -29.19 -12.45
N ALA DA 7 25.80 -28.79 -11.19
CA ALA DA 7 25.33 -29.65 -10.11
C ALA DA 7 23.84 -29.90 -10.20
N TYR DA 8 23.07 -28.88 -10.56
CA TYR DA 8 21.63 -29.04 -10.68
C TYR DA 8 21.22 -29.64 -12.01
N ILE DA 9 22.10 -29.60 -13.02
CA ILE DA 9 21.82 -30.31 -14.26
C ILE DA 9 22.03 -31.82 -14.07
N LEU DA 10 23.20 -32.19 -13.55
CA LEU DA 10 23.51 -33.62 -13.38
C LEU DA 10 22.67 -34.23 -12.26
N GLY DA 11 22.72 -33.63 -11.07
CA GLY DA 11 21.83 -34.04 -10.01
C GLY DA 11 20.38 -33.74 -10.36
N GLU DA 12 19.47 -34.50 -9.75
CA GLU DA 12 18.07 -34.39 -10.11
C GLU DA 12 17.44 -33.15 -9.50
N LYS DA 13 17.40 -33.08 -8.17
CA LYS DA 13 16.82 -31.97 -7.43
C LYS DA 13 17.69 -31.71 -6.20
N THR DA 14 17.17 -30.92 -5.27
CA THR DA 14 17.86 -30.67 -4.02
C THR DA 14 16.97 -30.87 -2.79
N THR DA 15 15.74 -31.36 -2.97
CA THR DA 15 14.84 -31.63 -1.86
C THR DA 15 14.97 -33.08 -1.38
N LYS DA 16 16.09 -33.73 -1.71
CA LYS DA 16 16.28 -35.11 -1.32
C LYS DA 16 16.58 -35.24 0.17
N LYS DA 17 17.18 -34.22 0.76
CA LYS DA 17 17.54 -34.27 2.17
C LYS DA 17 16.48 -33.55 3.01
N MET DA 18 15.25 -34.02 2.82
CA MET DA 18 14.04 -33.43 3.37
C MET DA 18 13.05 -34.56 3.61
N THR DA 19 12.23 -34.50 4.67
CA THR DA 19 12.04 -33.36 5.57
C THR DA 19 11.72 -33.82 7.00
N GLU DA 20 11.23 -32.89 7.82
CA GLU DA 20 10.79 -33.02 9.21
C GLU DA 20 11.93 -33.28 10.18
N ASN DA 21 13.15 -33.46 9.69
CA ASN DA 21 14.36 -33.40 10.49
C ASN DA 21 15.05 -32.06 10.31
N SER DA 22 15.15 -31.60 9.07
CA SER DA 22 15.70 -30.29 8.75
C SER DA 22 14.71 -29.21 9.17
N LYS DA 23 15.09 -28.40 10.16
CA LYS DA 23 14.26 -27.28 10.57
C LYS DA 23 15.14 -26.19 11.18
N LEU DA 24 14.68 -24.96 11.00
CA LEU DA 24 15.33 -23.79 11.60
C LEU DA 24 14.59 -23.41 12.86
N ILE DA 25 15.18 -23.71 14.01
CA ILE DA 25 14.59 -23.23 15.25
C ILE DA 25 15.48 -22.13 15.78
N THR DA 26 14.87 -21.19 16.47
CA THR DA 26 15.56 -19.97 16.89
C THR DA 26 15.19 -19.66 18.32
N VAL DA 27 16.12 -19.90 19.24
CA VAL DA 27 15.92 -19.61 20.65
C VAL DA 27 16.15 -18.11 20.84
N ASP DA 28 15.10 -17.38 21.19
CA ASP DA 28 15.18 -15.95 21.36
C ASP DA 28 14.66 -15.55 22.73
N GLY DA 29 15.42 -14.73 23.42
CA GLY DA 29 15.03 -14.25 24.71
C GLY DA 29 15.79 -12.99 25.04
N ASN DA 30 15.87 -12.71 26.33
CA ASN DA 30 16.57 -11.52 26.79
C ASN DA 30 17.95 -11.91 27.31
N ILE DA 31 18.80 -10.90 27.52
CA ILE DA 31 20.21 -11.13 27.82
C ILE DA 31 20.39 -11.81 29.17
N CYS DA 32 21.43 -12.64 29.25
CA CYS DA 32 21.95 -13.32 30.44
C CYS DA 32 20.98 -14.37 31.00
N SER DA 33 19.81 -14.58 30.37
CA SER DA 33 18.84 -15.55 30.87
C SER DA 33 18.57 -16.67 29.88
N GLY DA 34 18.09 -16.36 28.68
CA GLY DA 34 17.82 -17.38 27.71
C GLY DA 34 19.03 -17.59 26.83
N LYS DA 35 19.85 -18.58 27.18
CA LYS DA 35 21.15 -18.70 26.57
C LYS DA 35 21.35 -20.11 26.04
N SER DA 36 22.60 -20.44 25.70
CA SER DA 36 22.92 -21.68 25.02
C SER DA 36 22.77 -22.94 25.89
N LYS DA 37 22.35 -22.81 27.16
CA LYS DA 37 22.04 -23.98 27.98
C LYS DA 37 20.87 -24.75 27.37
N LEU DA 38 19.74 -24.06 27.18
CA LEU DA 38 18.58 -24.66 26.54
C LEU DA 38 18.88 -25.05 25.10
N ALA DA 39 19.75 -24.29 24.43
CA ALA DA 39 20.10 -24.60 23.05
C ALA DA 39 20.86 -25.92 22.97
N LYS DA 40 21.86 -26.12 23.83
CA LYS DA 40 22.62 -27.35 23.81
C LYS DA 40 21.79 -28.53 24.31
N GLU DA 41 20.85 -28.28 25.23
CA GLU DA 41 19.95 -29.35 25.66
C GLU DA 41 19.06 -29.81 24.51
N VAL DA 42 18.44 -28.88 23.79
CA VAL DA 42 17.56 -29.31 22.70
C VAL DA 42 18.37 -29.83 21.52
N ALA DA 43 19.64 -29.42 21.40
CA ALA DA 43 20.48 -29.98 20.35
C ALA DA 43 20.86 -31.41 20.67
N GLU DA 44 21.11 -31.73 21.94
CA GLU DA 44 21.39 -33.12 22.29
C GLU DA 44 20.14 -33.98 22.19
N LYS DA 45 18.98 -33.44 22.58
CA LYS DA 45 17.82 -34.31 22.62
C LYS DA 45 17.16 -34.47 21.25
N LEU DA 46 17.18 -33.45 20.41
CA LEU DA 46 16.31 -33.41 19.24
C LEU DA 46 16.96 -33.98 17.99
N GLY DA 47 18.28 -34.12 17.96
CA GLY DA 47 18.96 -34.60 16.76
C GLY DA 47 19.13 -33.49 15.75
N LEU DA 48 19.89 -32.46 16.11
CA LEU DA 48 19.90 -31.18 15.42
C LEU DA 48 21.09 -30.35 15.86
N LYS DA 49 21.84 -29.78 14.91
CA LYS DA 49 23.13 -29.21 15.25
C LYS DA 49 22.99 -27.76 15.73
N HIS DA 50 24.11 -27.20 16.18
CA HIS DA 50 24.13 -26.01 17.01
C HIS DA 50 25.16 -25.02 16.49
N PHE DA 51 24.91 -23.73 16.75
CA PHE DA 51 25.87 -22.65 16.53
C PHE DA 51 25.86 -21.69 17.71
N PRO DA 52 27.03 -21.19 18.11
CA PRO DA 52 27.09 -20.30 19.29
C PRO DA 52 26.54 -18.91 19.02
N GLU DA 53 26.57 -18.06 20.05
CA GLU DA 53 26.23 -16.66 19.85
C GLU DA 53 27.31 -15.99 19.01
N ALA DA 54 26.88 -15.18 18.06
CA ALA DA 54 27.81 -14.52 17.15
C ALA DA 54 28.53 -13.42 17.92
N GLY DA 55 29.78 -13.67 18.28
CA GLY DA 55 30.58 -12.67 18.97
C GLY DA 55 31.10 -11.61 18.02
N ILE DA 56 31.92 -10.73 18.57
CA ILE DA 56 32.52 -9.67 17.78
C ILE DA 56 33.59 -10.25 16.85
N HIS DA 57 34.43 -11.13 17.36
CA HIS DA 57 35.44 -11.80 16.54
C HIS DA 57 34.99 -13.17 16.04
N TYR DA 58 33.67 -13.36 15.88
CA TYR DA 58 33.15 -14.55 15.22
C TYR DA 58 33.62 -14.63 13.77
N ALA DA 59 33.76 -13.48 13.12
CA ALA DA 59 34.29 -13.46 11.76
C ALA DA 59 35.76 -13.86 11.71
N ASP DA 60 36.48 -13.68 12.81
CA ASP DA 60 37.81 -14.26 12.89
C ASP DA 60 37.74 -15.76 13.13
N SER DA 61 36.82 -16.19 13.98
CA SER DA 61 36.75 -17.61 14.34
C SER DA 61 36.20 -18.47 13.22
N THR DA 62 35.54 -17.89 12.23
CA THR DA 62 34.95 -18.71 11.17
C THR DA 62 35.90 -19.04 10.03
N THR DA 63 37.05 -18.39 9.94
CA THR DA 63 37.93 -18.59 8.79
C THR DA 63 39.40 -18.62 9.20
N GLY DA 64 40.10 -19.63 8.71
CA GLY DA 64 41.53 -19.81 8.95
C GLY DA 64 41.88 -20.06 10.40
N ASP DA 65 42.45 -19.04 11.04
CA ASP DA 65 42.78 -19.10 12.45
C ASP DA 65 41.56 -18.74 13.27
N GLY DA 66 41.07 -19.70 14.06
CA GLY DA 66 39.94 -19.43 14.93
C GLY DA 66 40.26 -18.56 16.13
N LYS DA 67 41.55 -18.39 16.44
CA LYS DA 67 41.94 -17.46 17.47
C LYS DA 67 41.60 -16.04 17.03
N PRO DA 68 41.20 -15.17 17.96
CA PRO DA 68 40.74 -13.84 17.56
C PRO DA 68 41.90 -12.94 17.12
N LEU DA 69 41.73 -12.34 15.95
CA LEU DA 69 42.53 -11.19 15.58
C LEU DA 69 42.19 -10.04 16.54
N PRO DA 70 43.16 -9.17 16.83
CA PRO DA 70 42.92 -8.11 17.83
C PRO DA 70 41.90 -7.08 17.41
N VAL DA 71 41.61 -6.15 18.32
CA VAL DA 71 40.51 -5.20 18.14
C VAL DA 71 40.78 -4.17 17.05
N ARG DA 72 42.01 -4.10 16.54
CA ARG DA 72 42.28 -3.21 15.43
C ARG DA 72 41.61 -3.68 14.14
N PHE DA 73 41.43 -4.98 13.97
CA PHE DA 73 40.78 -5.49 12.78
C PHE DA 73 39.32 -5.83 13.03
N SER DA 74 39.06 -6.72 13.99
CA SER DA 74 37.70 -7.17 14.23
C SER DA 74 36.84 -6.14 14.93
N GLY DA 75 37.44 -5.10 15.48
CA GLY DA 75 36.66 -4.10 16.19
C GLY DA 75 36.01 -3.07 15.27
N ASN DA 76 36.04 -1.80 15.66
CA ASN DA 76 36.62 -1.36 16.92
C ASN DA 76 35.49 -1.18 17.92
N CYS DA 77 35.02 -2.30 18.43
CA CYS DA 77 33.71 -2.40 19.07
C CYS DA 77 33.79 -2.26 20.57
N SER DA 78 34.50 -3.18 21.23
CA SER DA 78 34.79 -3.17 22.68
C SER DA 78 33.49 -3.18 23.50
N LEU DA 79 32.85 -4.36 23.48
CA LEU DA 79 31.59 -4.63 24.20
C LEU DA 79 31.61 -4.16 25.65
N GLU DA 80 32.73 -4.37 26.33
CA GLU DA 80 32.84 -3.93 27.71
C GLU DA 80 32.78 -2.40 27.82
N LYS DA 81 33.33 -1.70 26.82
CA LYS DA 81 33.25 -0.25 26.83
C LYS DA 81 31.84 0.24 26.55
N PHE DA 82 31.06 -0.48 25.76
CA PHE DA 82 29.66 -0.09 25.60
C PHE DA 82 28.88 -0.33 26.87
N TYR DA 83 29.12 -1.47 27.53
CA TYR DA 83 28.45 -1.74 28.81
C TYR DA 83 28.85 -0.74 29.89
N ASP DA 84 30.05 -0.17 29.80
CA ASP DA 84 30.41 0.92 30.69
C ASP DA 84 29.68 2.21 30.31
N ASP DA 85 29.85 2.65 29.05
CA ASP DA 85 29.48 4.00 28.64
C ASP DA 85 28.57 3.99 27.42
N PRO DA 86 27.26 3.96 27.62
CA PRO DA 86 26.35 4.10 26.48
C PRO DA 86 26.01 5.54 26.14
N LYS DA 87 27.01 6.43 26.19
CA LYS DA 87 26.81 7.83 25.82
C LYS DA 87 28.02 8.40 25.09
N SER DA 88 28.97 7.56 24.70
CA SER DA 88 30.26 8.02 24.21
C SER DA 88 30.09 8.68 22.85
N ASN DA 89 30.35 9.98 22.81
CA ASN DA 89 30.14 10.74 21.59
C ASN DA 89 31.22 10.53 20.55
N ASP DA 90 32.27 9.79 20.90
CA ASP DA 90 33.29 9.42 19.94
C ASP DA 90 32.94 8.15 19.18
N GLY DA 91 31.81 7.51 19.53
CA GLY DA 91 31.24 6.47 18.70
C GLY DA 91 31.64 5.09 19.15
N ASN DA 92 30.80 4.46 19.95
CA ASN DA 92 31.08 3.11 20.40
C ASN DA 92 29.84 2.24 20.44
N SER DA 93 28.66 2.79 20.14
CA SER DA 93 27.43 2.02 20.17
C SER DA 93 27.07 1.46 18.81
N TYR DA 94 26.89 2.34 17.83
CA TYR DA 94 26.36 1.88 16.55
C TYR DA 94 27.41 1.13 15.73
N ARG DA 95 28.69 1.47 15.90
CA ARG DA 95 29.74 0.73 15.21
C ARG DA 95 29.75 -0.73 15.65
N LEU DA 96 29.65 -0.93 16.97
CA LEU DA 96 29.49 -2.26 17.54
C LEU DA 96 28.20 -2.90 17.06
N GLN DA 97 27.13 -2.11 16.92
CA GLN DA 97 25.87 -2.69 16.52
C GLN DA 97 25.88 -3.15 15.08
N ALA DA 98 26.50 -2.39 14.20
CA ALA DA 98 26.61 -2.79 12.80
C ALA DA 98 27.54 -3.98 12.65
N TRP DA 99 28.60 -4.05 13.46
CA TRP DA 99 29.47 -5.22 13.44
C TRP DA 99 28.72 -6.45 13.89
N LEU DA 100 27.90 -6.34 14.94
CA LEU DA 100 27.12 -7.48 15.36
C LEU DA 100 26.05 -7.83 14.35
N TYR DA 101 25.55 -6.86 13.60
CA TYR DA 101 24.58 -7.18 12.56
C TYR DA 101 25.22 -7.99 11.46
N ALA DA 102 26.43 -7.61 11.06
CA ALA DA 102 27.17 -8.41 10.09
C ALA DA 102 27.53 -9.78 10.65
N SER DA 103 27.80 -9.88 11.95
CA SER DA 103 28.18 -11.15 12.53
C SER DA 103 26.99 -12.10 12.61
N ARG DA 104 25.82 -11.58 13.00
CA ARG DA 104 24.60 -12.38 13.01
C ARG DA 104 24.21 -12.79 11.60
N LEU DA 105 24.44 -11.91 10.62
CA LEU DA 105 24.08 -12.27 9.26
C LEU DA 105 25.04 -13.32 8.70
N LEU DA 106 26.31 -13.26 9.08
CA LEU DA 106 27.27 -14.27 8.67
C LEU DA 106 26.91 -15.64 9.24
N GLN DA 107 26.61 -15.71 10.53
CA GLN DA 107 26.29 -17.00 11.12
C GLN DA 107 24.92 -17.49 10.66
N TYR DA 108 24.01 -16.59 10.31
CA TYR DA 108 22.74 -17.02 9.74
C TYR DA 108 22.96 -17.61 8.35
N ALA DA 109 23.89 -17.03 7.58
CA ALA DA 109 24.23 -17.62 6.28
C ALA DA 109 24.86 -18.99 6.46
N ASP DA 110 25.73 -19.13 7.48
CA ASP DA 110 26.28 -20.43 7.81
C ASP DA 110 25.19 -21.43 8.17
N ALA DA 111 24.18 -20.97 8.89
CA ALA DA 111 23.07 -21.83 9.29
C ALA DA 111 22.26 -22.29 8.09
N LEU DA 112 21.98 -21.36 7.17
CA LEU DA 112 21.16 -21.75 6.04
C LEU DA 112 21.93 -22.63 5.05
N GLU DA 113 23.23 -22.40 4.91
CA GLU DA 113 24.02 -23.26 4.03
C GLU DA 113 24.24 -24.62 4.66
N HIS DA 114 24.30 -24.69 5.99
CA HIS DA 114 24.33 -25.99 6.65
C HIS DA 114 22.99 -26.71 6.52
N LEU DA 115 21.90 -25.95 6.50
CA LEU DA 115 20.58 -26.53 6.31
C LEU DA 115 20.42 -27.13 4.93
N LEU DA 116 20.79 -26.38 3.89
CA LEU DA 116 20.70 -26.91 2.54
C LEU DA 116 21.77 -27.97 2.29
N SER DA 117 22.87 -27.90 3.03
CA SER DA 117 23.98 -28.84 2.88
C SER DA 117 23.64 -30.11 3.65
N THR DA 118 22.85 -30.97 2.99
CA THR DA 118 22.50 -32.33 3.42
C THR DA 118 21.74 -32.33 4.75
N GLY DA 119 21.10 -31.21 5.09
CA GLY DA 119 20.44 -31.10 6.37
C GLY DA 119 21.44 -31.08 7.53
N GLN DA 120 20.96 -31.39 8.73
CA GLN DA 120 19.57 -31.77 8.96
C GLN DA 120 18.93 -30.91 10.04
N GLY DA 121 19.07 -29.59 9.88
CA GLY DA 121 18.38 -28.65 10.75
C GLY DA 121 19.26 -28.08 11.84
N VAL DA 122 19.11 -26.79 12.15
CA VAL DA 122 19.95 -26.17 13.17
C VAL DA 122 19.12 -25.30 14.10
N VAL DA 123 19.72 -25.06 15.26
CA VAL DA 123 19.25 -24.11 16.25
C VAL DA 123 20.12 -22.87 16.17
N LEU DA 124 19.49 -21.70 16.26
CA LEU DA 124 20.23 -20.46 16.39
C LEU DA 124 19.79 -19.76 17.66
N GLU DA 125 20.53 -18.73 18.03
CA GLU DA 125 20.25 -18.00 19.26
C GLU DA 125 20.52 -16.52 19.03
N ARG DA 126 19.51 -15.70 19.32
CA ARG DA 126 19.53 -14.24 19.15
C ARG DA 126 19.87 -13.88 17.71
N SER DA 127 18.91 -14.18 16.84
CA SER DA 127 19.15 -14.05 15.41
C SER DA 127 18.99 -12.60 14.96
N ILE DA 128 18.89 -12.43 13.63
CA ILE DA 128 18.83 -11.12 12.99
C ILE DA 128 17.56 -10.35 13.37
N TYR DA 129 16.49 -11.05 13.71
CA TYR DA 129 15.22 -10.39 13.99
C TYR DA 129 15.24 -9.76 15.37
N SER DA 130 15.66 -10.55 16.36
CA SER DA 130 15.95 -10.03 17.69
C SER DA 130 17.06 -9.00 17.65
N ASP DA 131 17.95 -9.05 16.66
CA ASP DA 131 18.98 -8.04 16.50
C ASP DA 131 18.36 -6.67 16.21
N PHE DA 132 17.43 -6.58 15.25
CA PHE DA 132 16.86 -5.24 15.03
C PHE DA 132 15.96 -4.81 16.18
N VAL DA 133 15.32 -5.75 16.87
CA VAL DA 133 14.52 -5.35 18.02
C VAL DA 133 15.40 -4.83 19.17
N PHE DA 134 16.59 -5.41 19.32
CA PHE DA 134 17.57 -4.96 20.31
C PHE DA 134 18.03 -3.54 20.00
N LEU DA 135 18.25 -3.23 18.73
CA LEU DA 135 18.66 -1.86 18.40
C LEU DA 135 17.51 -0.86 18.54
N GLU DA 136 16.28 -1.27 18.23
CA GLU DA 136 15.13 -0.39 18.43
C GLU DA 136 14.94 -0.07 19.91
N ALA DA 137 15.20 -1.04 20.79
CA ALA DA 137 15.15 -0.77 22.22
C ALA DA 137 16.29 0.14 22.66
N MET DA 138 17.47 -0.03 22.05
CA MET DA 138 18.60 0.85 22.35
C MET DA 138 18.31 2.29 21.97
N TYR DA 139 17.55 2.50 20.89
CA TYR DA 139 17.12 3.86 20.57
C TYR DA 139 16.00 4.33 21.49
N ARG DA 140 15.13 3.42 21.95
CA ARG DA 140 14.08 3.80 22.89
C ARG DA 140 14.66 4.27 24.22
N GLN DA 141 15.87 3.84 24.57
CA GLN DA 141 16.57 4.52 25.65
C GLN DA 141 17.06 5.91 25.27
N GLY DA 142 17.27 6.19 23.98
CA GLY DA 142 17.74 7.50 23.59
C GLY DA 142 19.24 7.65 23.72
N PHE DA 143 19.99 6.74 23.11
CA PHE DA 143 21.44 6.78 23.14
C PHE DA 143 22.07 7.08 21.79
N ILE DA 144 21.29 7.05 20.72
CA ILE DA 144 21.77 7.16 19.34
C ILE DA 144 20.85 8.12 18.58
N ARG DA 145 21.45 9.04 17.83
CA ARG DA 145 20.70 10.00 17.04
C ARG DA 145 19.85 9.30 15.98
N LYS DA 146 18.64 9.83 15.75
CA LYS DA 146 17.60 9.15 14.99
C LYS DA 146 17.95 8.99 13.50
N GLN DA 147 18.81 9.87 12.98
CA GLN DA 147 19.39 9.69 11.64
C GLN DA 147 20.08 8.35 11.50
N CYS DA 148 20.81 7.93 12.52
CA CYS DA 148 21.51 6.66 12.47
C CYS DA 148 20.54 5.50 12.55
N VAL DA 149 19.42 5.69 13.25
CA VAL DA 149 18.34 4.71 13.25
C VAL DA 149 17.75 4.57 11.86
N ASP DA 150 17.64 5.69 11.12
CA ASP DA 150 17.17 5.65 9.74
C ASP DA 150 18.14 4.87 8.85
N HIS DA 151 19.45 5.05 9.09
CA HIS DA 151 20.45 4.27 8.36
C HIS DA 151 20.28 2.78 8.60
N TYR DA 152 20.10 2.39 9.86
CA TYR DA 152 19.90 0.97 10.15
C TYR DA 152 18.61 0.46 9.56
N ASN DA 153 17.59 1.31 9.50
CA ASN DA 153 16.32 0.92 8.88
C ASN DA 153 16.52 0.62 7.40
N GLN DA 154 17.38 1.39 6.73
CA GLN DA 154 17.72 1.13 5.34
C GLN DA 154 18.46 -0.19 5.17
N VAL DA 155 19.42 -0.46 6.07
CA VAL DA 155 20.18 -1.72 6.01
C VAL DA 155 19.26 -2.92 6.25
N LYS DA 156 18.30 -2.75 7.17
CA LYS DA 156 17.34 -3.81 7.44
C LYS DA 156 16.44 -4.08 6.24
N LYS DA 157 15.98 -3.02 5.58
CA LYS DA 157 15.16 -3.19 4.39
C LYS DA 157 15.92 -3.90 3.28
N VAL DA 158 17.21 -3.64 3.15
CA VAL DA 158 17.95 -4.25 2.04
C VAL DA 158 18.31 -5.69 2.35
N THR DA 159 18.89 -5.96 3.52
CA THR DA 159 19.52 -7.26 3.75
C THR DA 159 18.51 -8.37 4.03
N VAL DA 160 17.50 -8.08 4.85
CA VAL DA 160 16.62 -9.14 5.35
C VAL DA 160 15.70 -9.65 4.25
N CYS DA 161 15.19 -8.75 3.43
CA CYS DA 161 14.12 -9.05 2.48
C CYS DA 161 14.57 -9.84 1.26
N GLU DA 162 15.77 -10.42 1.27
CA GLU DA 162 16.20 -11.37 0.27
C GLU DA 162 16.28 -12.78 0.83
N TYR DA 163 15.77 -13.00 2.03
CA TYR DA 163 15.95 -14.24 2.78
C TYR DA 163 14.61 -14.82 3.20
N LEU DA 164 14.69 -16.01 3.78
CA LEU DA 164 13.56 -16.69 4.39
C LEU DA 164 13.70 -16.68 5.90
N PRO DA 165 12.61 -16.44 6.63
CA PRO DA 165 12.66 -16.50 8.09
C PRO DA 165 12.82 -17.93 8.55
N PRO DA 166 13.29 -18.14 9.78
CA PRO DA 166 13.37 -19.50 10.33
C PRO DA 166 12.00 -20.13 10.54
N HIS DA 167 12.00 -21.44 10.81
CA HIS DA 167 10.74 -22.15 10.96
C HIS DA 167 10.03 -21.73 12.24
N VAL DA 168 10.63 -22.01 13.39
CA VAL DA 168 9.96 -21.68 14.64
C VAL DA 168 10.92 -20.99 15.58
N VAL DA 169 10.38 -20.08 16.37
CA VAL DA 169 11.14 -19.32 17.36
C VAL DA 169 10.65 -19.73 18.74
N ILE DA 170 11.56 -20.25 19.54
CA ILE DA 170 11.28 -20.56 20.93
C ILE DA 170 11.57 -19.31 21.72
N TYR DA 171 10.52 -18.65 22.20
CA TYR DA 171 10.68 -17.46 23.00
C TYR DA 171 10.84 -17.84 24.45
N VAL DA 172 11.82 -17.22 25.11
CA VAL DA 172 12.04 -17.39 26.54
C VAL DA 172 11.46 -16.17 27.24
N ASP DA 173 10.70 -16.40 28.32
CA ASP DA 173 9.95 -15.35 28.99
C ASP DA 173 10.52 -15.18 30.39
N VAL DA 174 11.33 -14.15 30.59
CA VAL DA 174 11.98 -13.89 31.87
C VAL DA 174 11.58 -12.48 32.34
N PRO DA 175 11.27 -12.30 33.62
CA PRO DA 175 11.04 -10.94 34.15
C PRO DA 175 12.31 -10.10 34.29
N VAL DA 176 12.18 -8.89 34.82
CA VAL DA 176 13.31 -7.97 34.93
C VAL DA 176 14.25 -8.39 36.06
N SER DA 177 13.68 -8.64 37.24
CA SER DA 177 14.49 -8.88 38.44
C SER DA 177 15.25 -10.20 38.38
N GLU DA 178 14.76 -11.16 37.58
CA GLU DA 178 15.52 -12.39 37.41
C GLU DA 178 16.76 -12.17 36.56
N VAL DA 179 16.65 -11.34 35.51
CA VAL DA 179 17.81 -10.95 34.73
C VAL DA 179 18.77 -10.13 35.60
N GLN DA 180 18.20 -9.31 36.47
CA GLN DA 180 18.99 -8.55 37.44
C GLN DA 180 19.77 -9.49 38.36
N SER DA 181 19.11 -10.53 38.86
CA SER DA 181 19.78 -11.50 39.72
C SER DA 181 20.85 -12.28 38.97
N ARG DA 182 20.59 -12.60 37.70
CA ARG DA 182 21.57 -13.39 36.95
C ARG DA 182 22.78 -12.54 36.58
N ILE DA 183 22.58 -11.26 36.28
CA ILE DA 183 23.71 -10.42 35.96
C ILE DA 183 24.46 -10.03 37.23
N GLN DA 184 23.81 -10.10 38.40
CA GLN DA 184 24.54 -9.92 39.65
C GLN DA 184 25.30 -11.17 40.08
N LYS DA 185 24.77 -12.35 39.76
CA LYS DA 185 25.47 -13.59 40.08
C LYS DA 185 26.58 -13.91 39.09
N LYS DA 186 26.51 -13.37 37.87
CA LYS DA 186 27.45 -13.76 36.83
C LYS DA 186 28.85 -13.22 37.11
N GLY DA 187 28.95 -11.96 37.52
CA GLY DA 187 30.18 -11.42 38.08
C GLY DA 187 30.95 -10.44 37.23
N ASN DA 188 30.51 -10.16 36.00
CA ASN DA 188 31.24 -9.23 35.14
C ASN DA 188 30.96 -7.79 35.57
N PRO DA 189 31.97 -7.04 36.02
CA PRO DA 189 31.70 -5.70 36.56
C PRO DA 189 31.25 -4.70 35.50
N HIS DA 190 31.78 -4.84 34.29
CA HIS DA 190 31.35 -3.99 33.20
C HIS DA 190 29.90 -4.26 32.84
N GLU DA 191 29.46 -5.51 33.02
CA GLU DA 191 28.03 -5.79 32.97
C GLU DA 191 27.32 -5.30 34.23
N MET DA 192 28.03 -5.21 35.36
CA MET DA 192 27.41 -4.68 36.57
C MET DA 192 27.19 -3.18 36.51
N LYS DA 193 27.76 -2.49 35.53
CA LYS DA 193 27.41 -1.10 35.31
C LYS DA 193 26.11 -0.91 34.53
N ILE DA 194 25.31 -1.95 34.32
CA ILE DA 194 24.10 -1.81 33.51
C ILE DA 194 23.00 -1.16 34.35
N THR DA 195 21.99 -0.63 33.68
CA THR DA 195 20.82 -0.06 34.36
C THR DA 195 19.59 -0.92 34.10
N SER DA 196 18.53 -0.60 34.84
CA SER DA 196 17.32 -1.42 34.80
C SER DA 196 16.36 -0.99 33.71
N ALA DA 197 16.26 0.31 33.42
CA ALA DA 197 15.26 0.80 32.49
C ALA DA 197 15.59 0.40 31.06
N TYR DA 198 16.89 0.30 30.74
CA TYR DA 198 17.33 -0.25 29.46
C TYR DA 198 16.81 -1.66 29.27
N LEU DA 199 16.91 -2.47 30.31
CA LEU DA 199 16.46 -3.86 30.25
C LEU DA 199 14.94 -3.96 30.17
N GLN DA 200 14.24 -3.15 30.97
CA GLN DA 200 12.78 -3.12 30.95
C GLN DA 200 12.26 -2.67 29.59
N ASP DA 201 12.94 -1.71 28.97
CA ASP DA 201 12.51 -1.26 27.66
C ASP DA 201 12.83 -2.28 26.58
N ILE DA 202 13.91 -3.06 26.77
CA ILE DA 202 14.15 -4.22 25.90
C ILE DA 202 12.99 -5.19 25.97
N GLU DA 203 12.52 -5.50 27.18
CA GLU DA 203 11.38 -6.41 27.32
C GLU DA 203 10.11 -5.84 26.71
N ASN DA 204 9.89 -4.54 26.90
CA ASN DA 204 8.65 -3.91 26.43
C ASN DA 204 8.60 -3.85 24.92
N VAL DA 205 9.70 -3.45 24.27
CA VAL DA 205 9.74 -3.45 22.82
C VAL DA 205 9.74 -4.87 22.29
N TYR DA 206 10.39 -5.80 22.99
CA TYR DA 206 10.60 -7.15 22.52
C TYR DA 206 9.33 -7.97 22.59
N LYS DA 207 8.39 -7.59 23.46
CA LYS DA 207 7.08 -8.19 23.47
C LYS DA 207 6.03 -7.37 22.72
N GLY DA 208 6.26 -6.09 22.51
CA GLY DA 208 5.23 -5.26 21.94
C GLY DA 208 5.25 -5.13 20.43
N THR DA 209 6.38 -5.43 19.81
CA THR DA 209 6.48 -5.21 18.37
C THR DA 209 7.01 -6.43 17.63
N PHE DA 210 7.95 -7.17 18.21
CA PHE DA 210 8.49 -8.37 17.57
C PHE DA 210 7.45 -9.48 17.45
N LEU DA 211 6.82 -9.85 18.57
CA LEU DA 211 5.77 -10.87 18.53
C LEU DA 211 4.55 -10.50 17.71
N PRO DA 212 4.08 -9.23 17.63
CA PRO DA 212 3.05 -8.95 16.63
C PRO DA 212 3.51 -9.06 15.18
N GLU DA 213 4.76 -8.74 14.87
CA GLU DA 213 5.19 -8.74 13.48
C GLU DA 213 5.74 -10.08 13.01
N MET DA 214 5.94 -11.05 13.90
CA MET DA 214 6.27 -12.38 13.42
C MET DA 214 5.06 -13.02 12.74
N SER DA 215 4.00 -13.27 13.53
CA SER DA 215 2.66 -13.61 13.05
C SER DA 215 2.66 -14.85 12.14
N GLU DA 216 3.09 -15.97 12.73
CA GLU DA 216 3.06 -17.33 12.19
C GLU DA 216 4.01 -17.55 11.02
N LYS DA 217 4.63 -16.50 10.50
CA LYS DA 217 6.00 -16.62 10.02
C LYS DA 217 6.85 -16.56 11.27
N CYS DA 218 7.72 -17.56 11.45
CA CYS DA 218 8.38 -17.85 12.72
C CYS DA 218 7.35 -18.04 13.84
N GLU DA 219 6.62 -19.16 13.70
CA GLU DA 219 5.69 -19.60 14.73
C GLU DA 219 6.41 -19.74 16.07
N VAL DA 220 5.83 -19.18 17.11
CA VAL DA 220 6.54 -19.02 18.37
C VAL DA 220 6.05 -20.04 19.39
N LEU DA 221 6.96 -20.44 20.26
CA LEU DA 221 6.66 -21.26 21.43
C LEU DA 221 7.13 -20.47 22.64
N GLN DA 222 6.20 -19.84 23.34
CA GLN DA 222 6.54 -18.94 24.43
C GLN DA 222 6.62 -19.72 25.73
N TYR DA 223 7.75 -19.63 26.43
CA TYR DA 223 7.96 -20.39 27.64
C TYR DA 223 8.16 -19.46 28.83
N SER DA 224 7.89 -20.02 30.00
CA SER DA 224 7.92 -19.28 31.27
C SER DA 224 9.35 -19.10 31.74
N ALA DA 225 9.50 -18.64 32.99
CA ALA DA 225 10.82 -18.39 33.54
C ALA DA 225 11.50 -19.70 33.91
N TRP DA 226 10.90 -20.46 34.83
CA TRP DA 226 11.53 -21.69 35.29
C TRP DA 226 11.31 -22.86 34.36
N GLU DA 227 10.67 -22.65 33.21
CA GLU DA 227 10.58 -23.69 32.19
C GLU DA 227 11.92 -23.79 31.49
N ALA DA 228 12.84 -24.49 32.15
CA ALA DA 228 14.15 -24.81 31.61
C ALA DA 228 14.59 -26.11 32.25
N GLU DA 229 14.83 -27.13 31.42
CA GLU DA 229 15.28 -28.47 31.84
C GLU DA 229 14.28 -29.13 32.81
N ASP DA 230 13.09 -29.54 32.34
CA ASP DA 230 12.30 -29.30 31.10
C ASP DA 230 12.88 -29.41 29.67
N ALA DA 231 13.28 -30.62 29.30
CA ALA DA 231 13.64 -30.90 27.91
C ALA DA 231 12.56 -31.67 27.16
N GLU DA 232 11.79 -32.50 27.88
CA GLU DA 232 10.74 -33.28 27.23
C GLU DA 232 9.65 -32.40 26.64
N LYS DA 233 9.28 -31.33 27.38
CA LYS DA 233 8.24 -30.41 26.93
C LYS DA 233 8.64 -29.73 25.63
N VAL DA 234 9.84 -29.15 25.60
CA VAL DA 234 10.25 -28.38 24.44
C VAL DA 234 10.52 -29.30 23.25
N VAL DA 235 11.07 -30.50 23.49
CA VAL DA 235 11.36 -31.41 22.38
C VAL DA 235 10.07 -31.97 21.79
N GLU DA 236 9.09 -32.31 22.63
CA GLU DA 236 7.86 -32.85 22.07
C GLU DA 236 7.00 -31.76 21.44
N ASP DA 237 7.05 -30.54 21.99
CA ASP DA 237 6.35 -29.42 21.35
C ASP DA 237 6.95 -29.09 20.00
N ILE DA 238 8.26 -29.33 19.82
CA ILE DA 238 8.81 -29.29 18.48
C ILE DA 238 8.29 -30.45 17.65
N GLN DA 239 8.12 -31.62 18.27
CA GLN DA 239 7.79 -32.84 17.51
C GLN DA 239 6.39 -32.78 16.88
N TYR DA 240 5.34 -32.57 17.67
CA TYR DA 240 4.01 -32.59 17.07
C TYR DA 240 3.50 -31.19 16.76
N LEU DA 241 4.41 -30.31 16.32
CA LEU DA 241 4.18 -28.87 16.27
C LEU DA 241 3.08 -28.48 15.27
N LYS DA 242 2.84 -29.31 14.25
CA LYS DA 242 1.82 -29.11 13.22
C LYS DA 242 2.06 -27.79 12.48
N TYR DA 243 3.13 -27.81 11.68
CA TYR DA 243 3.53 -26.72 10.80
C TYR DA 243 2.38 -26.29 9.92
N ASP DA 244 1.97 -25.03 10.06
CA ASP DA 244 0.76 -24.56 9.43
C ASP DA 244 1.00 -23.40 8.46
N LYS DA 245 1.69 -22.35 8.90
CA LYS DA 245 1.89 -21.16 8.10
C LYS DA 245 3.36 -20.99 7.73
N GLY DA 246 3.62 -20.11 6.78
CA GLY DA 246 4.97 -19.75 6.41
C GLY DA 246 5.32 -20.03 4.96
N PRO DA 247 6.42 -19.46 4.48
CA PRO DA 247 6.86 -19.72 3.12
C PRO DA 247 7.62 -21.02 2.95
N TRP DA 248 7.94 -21.72 4.04
CA TRP DA 248 8.75 -22.93 3.96
C TRP DA 248 8.02 -24.13 3.39
N LEU DA 249 6.70 -24.06 3.23
CA LEU DA 249 5.99 -25.11 2.51
C LEU DA 249 5.99 -24.88 1.01
N ASP DA 250 6.52 -23.75 0.55
CA ASP DA 250 6.50 -23.39 -0.87
C ASP DA 250 7.88 -22.94 -1.29
N GLN DA 251 8.67 -23.82 -1.91
CA GLN DA 251 9.93 -23.36 -2.48
C GLN DA 251 10.04 -23.55 -3.98
N ASP DA 252 9.77 -24.71 -4.60
CA ASP DA 252 9.78 -26.08 -4.10
C ASP DA 252 11.21 -26.57 -4.26
N ASP DA 253 11.81 -26.29 -5.42
CA ASP DA 253 13.16 -26.73 -5.74
C ASP DA 253 13.99 -25.56 -6.27
N ARG DA 254 13.32 -24.67 -6.99
CA ARG DA 254 14.00 -23.61 -7.73
C ARG DA 254 14.55 -22.55 -6.79
N LYS DA 255 13.74 -22.11 -5.83
CA LYS DA 255 14.21 -21.14 -4.85
C LYS DA 255 15.26 -21.73 -3.94
N LEU DA 256 15.22 -23.05 -3.72
CA LEU DA 256 16.27 -23.69 -2.93
C LEU DA 256 17.58 -23.74 -3.70
N HIS DA 257 17.51 -23.98 -5.01
CA HIS DA 257 18.69 -23.83 -5.85
C HIS DA 257 19.22 -22.41 -5.82
N ASN DA 258 18.33 -21.43 -5.83
CA ASN DA 258 18.75 -20.03 -5.82
C ASN DA 258 19.39 -19.64 -4.49
N LEU DA 259 18.84 -20.13 -3.38
CA LEU DA 259 19.46 -19.84 -2.09
C LEU DA 259 20.77 -20.59 -1.90
N ARG DA 260 20.90 -21.78 -2.47
CA ARG DA 260 22.19 -22.47 -2.42
C ARG DA 260 23.24 -21.71 -3.20
N MET DA 261 22.89 -21.20 -4.38
CA MET DA 261 23.87 -20.47 -5.16
C MET DA 261 23.99 -19.01 -4.73
N LEU DA 262 23.17 -18.56 -3.78
CA LEU DA 262 23.28 -17.22 -3.23
C LEU DA 262 24.07 -17.18 -1.93
N VAL DA 263 23.87 -18.17 -1.05
CA VAL DA 263 24.52 -18.14 0.25
C VAL DA 263 26.00 -18.49 0.12
N GLN DA 264 26.37 -19.33 -0.83
CA GLN DA 264 27.78 -19.41 -1.19
C GLN DA 264 28.24 -18.10 -1.82
N ASP DA 265 29.55 -17.86 -1.74
CA ASP DA 265 30.23 -16.62 -2.14
C ASP DA 265 29.64 -15.44 -1.35
N LYS DA 266 29.95 -15.44 -0.05
CA LYS DA 266 29.38 -14.53 0.95
C LYS DA 266 29.68 -13.06 0.69
N LEU DA 267 30.61 -12.78 -0.22
CA LEU DA 267 30.77 -11.46 -0.82
C LEU DA 267 29.45 -10.96 -1.42
N GLU DA 268 28.66 -11.86 -2.04
CA GLU DA 268 27.34 -11.50 -2.54
C GLU DA 268 26.42 -11.06 -1.43
N VAL DA 269 26.50 -11.70 -0.28
CA VAL DA 269 25.68 -11.30 0.87
C VAL DA 269 26.10 -9.93 1.36
N LEU DA 270 27.41 -9.70 1.44
CA LEU DA 270 27.91 -8.56 2.20
C LEU DA 270 28.27 -7.36 1.35
N ASN DA 271 27.99 -7.38 0.04
CA ASN DA 271 28.17 -6.17 -0.76
C ASN DA 271 27.18 -5.08 -0.39
N TYR DA 272 25.99 -5.44 0.05
CA TYR DA 272 24.98 -4.43 0.31
C TYR DA 272 25.12 -3.78 1.68
N THR DA 273 26.08 -4.21 2.48
CA THR DA 273 26.26 -3.65 3.82
C THR DA 273 26.78 -2.21 3.75
N SER DA 274 27.95 -2.01 3.16
CA SER DA 274 28.45 -0.66 2.99
C SER DA 274 27.67 0.05 1.90
N ILE DA 275 26.62 0.77 2.28
CA ILE DA 275 25.63 1.25 1.32
C ILE DA 275 26.18 2.39 0.47
N PRO DA 276 26.77 3.46 1.03
CA PRO DA 276 26.87 4.14 2.32
C PRO DA 276 26.10 5.46 2.39
N VAL DA 277 25.64 5.80 3.58
CA VAL DA 277 25.01 7.09 3.85
C VAL DA 277 25.98 8.02 4.58
N PHE DA 278 27.12 7.50 5.01
CA PHE DA 278 28.29 8.22 5.53
C PHE DA 278 28.09 8.85 6.90
N LEU DA 279 27.09 8.38 7.67
CA LEU DA 279 27.24 7.96 9.07
C LEU DA 279 28.39 8.60 9.84
N PRO DA 280 28.30 9.88 10.20
CA PRO DA 280 29.45 10.57 10.83
C PRO DA 280 29.91 9.98 12.16
N GLU DA 281 29.16 9.07 12.75
CA GLU DA 281 29.56 8.33 13.94
C GLU DA 281 30.33 7.06 13.62
N VAL DA 282 30.52 6.75 12.34
CA VAL DA 282 31.01 5.44 11.91
C VAL DA 282 32.24 5.55 11.03
N THR DA 283 32.16 6.34 9.96
CA THR DA 283 33.03 6.21 8.79
C THR DA 283 34.50 6.53 9.11
N ILE DA 284 35.37 6.07 8.21
CA ILE DA 284 36.80 5.97 8.47
C ILE DA 284 37.54 6.65 7.33
N GLY DA 285 38.46 7.55 7.68
CA GLY DA 285 39.30 8.17 6.68
C GLY DA 285 40.27 7.18 6.05
N ALA DA 286 40.85 7.60 4.93
CA ALA DA 286 41.65 6.68 4.13
C ALA DA 286 42.96 6.33 4.81
N HIS DA 287 43.45 7.18 5.71
CA HIS DA 287 44.79 7.00 6.27
C HIS DA 287 44.84 5.83 7.24
N GLN DA 288 43.98 5.85 8.26
CA GLN DA 288 43.94 4.77 9.24
C GLN DA 288 43.46 3.47 8.62
N SER DA 289 42.51 3.55 7.68
CA SER DA 289 42.07 2.34 6.98
C SER DA 289 43.18 1.74 6.13
N ASP DA 290 44.00 2.59 5.51
CA ASP DA 290 45.11 2.05 4.72
C ASP DA 290 46.19 1.44 5.57
N ARG DA 291 46.51 2.05 6.72
CA ARG DA 291 47.53 1.42 7.55
C ARG DA 291 47.00 0.16 8.22
N VAL DA 292 45.71 0.09 8.51
CA VAL DA 292 45.11 -1.13 9.04
C VAL DA 292 45.06 -2.21 7.98
N PHE DA 293 44.79 -1.85 6.73
CA PHE DA 293 44.79 -2.83 5.65
C PHE DA 293 46.20 -3.35 5.36
N GLN DA 294 47.21 -2.48 5.46
CA GLN DA 294 48.58 -2.93 5.24
C GLN DA 294 49.05 -3.80 6.40
N GLU DA 295 48.65 -3.49 7.64
CA GLU DA 295 49.00 -4.36 8.74
C GLU DA 295 48.20 -5.66 8.70
N PHE DA 296 47.03 -5.64 8.10
CA PHE DA 296 46.25 -6.87 7.92
C PHE DA 296 46.92 -7.78 6.91
N THR DA 297 47.48 -7.20 5.85
CA THR DA 297 48.34 -7.98 4.97
C THR DA 297 49.64 -8.38 5.65
N GLU DA 298 50.07 -7.66 6.69
CA GLU DA 298 51.26 -8.07 7.44
C GLU DA 298 51.03 -9.26 8.36
N LEU DA 299 49.79 -9.75 8.51
CA LEU DA 299 49.58 -10.96 9.30
C LEU DA 299 50.19 -12.17 8.60
N PRO DA 300 50.68 -13.14 9.37
CA PRO DA 300 51.31 -14.32 8.76
C PRO DA 300 50.35 -15.32 8.16
N GLY DA 301 49.04 -15.07 8.15
CA GLY DA 301 48.14 -16.03 7.53
C GLY DA 301 47.10 -15.46 6.60
N ARG DA 302 46.88 -14.15 6.64
CA ARG DA 302 45.72 -13.56 5.99
C ARG DA 302 45.96 -13.20 4.53
N LYS DA 303 47.20 -13.01 4.11
CA LYS DA 303 47.46 -12.32 2.86
C LYS DA 303 47.45 -13.30 1.68
N TYR DA 304 46.76 -12.89 0.61
CA TYR DA 304 46.73 -13.52 -0.71
C TYR DA 304 46.26 -14.98 -0.66
N ARG DA 305 44.95 -15.15 -0.41
CA ARG DA 305 44.23 -16.39 -0.69
C ARG DA 305 44.73 -17.60 0.09
N ALA DA 306 44.24 -17.75 1.33
CA ALA DA 306 44.68 -18.77 2.29
C ALA DA 306 44.78 -20.20 1.76
N GLY DA 307 44.17 -20.53 0.61
CA GLY DA 307 44.50 -21.78 -0.05
C GLY DA 307 45.94 -21.84 -0.51
N TYR DA 308 46.39 -20.84 -1.25
CA TYR DA 308 47.74 -20.81 -1.81
C TYR DA 308 48.76 -20.17 -0.89
N ASN DA 309 48.45 -20.03 0.39
CA ASN DA 309 49.27 -19.23 1.29
C ASN DA 309 50.56 -19.97 1.62
N GLU DA 310 51.70 -19.42 1.19
CA GLU DA 310 52.98 -20.02 1.54
C GLU DA 310 53.32 -19.75 3.00
N ASP DA 311 54.44 -20.34 3.42
CA ASP DA 311 54.99 -20.33 4.79
C ASP DA 311 54.03 -20.95 5.81
N VAL DA 312 53.00 -21.65 5.36
CA VAL DA 312 52.14 -22.49 6.17
C VAL DA 312 52.18 -23.84 5.47
N GLY DA 313 52.40 -23.78 4.17
CA GLY DA 313 52.33 -24.88 3.24
C GLY DA 313 51.94 -24.35 1.87
N ASP DA 314 51.24 -25.16 1.08
CA ASP DA 314 51.00 -26.57 1.37
C ASP DA 314 51.83 -27.40 0.40
N LYS DA 315 53.00 -26.86 0.07
CA LYS DA 315 54.09 -27.53 -0.64
C LYS DA 315 53.71 -27.98 -2.06
N TRP DA 316 52.60 -27.47 -2.61
CA TRP DA 316 52.20 -27.83 -3.96
C TRP DA 316 51.79 -26.54 -4.68
N ILE DA 317 52.78 -25.90 -5.27
CA ILE DA 317 52.64 -24.59 -5.89
C ILE DA 317 53.30 -24.61 -7.25
N TRP DA 318 53.46 -25.81 -7.81
CA TRP DA 318 54.07 -26.06 -9.12
C TRP DA 318 55.48 -25.48 -9.18
N LEU DA 319 56.35 -26.08 -8.36
CA LEU DA 319 57.74 -25.64 -8.11
C LEU DA 319 57.80 -24.18 -7.67
N PRO EA 1 28.42 -8.47 -40.60
CA PRO EA 1 28.86 -9.07 -41.87
C PRO EA 1 27.84 -10.05 -42.43
N PHE EA 2 27.92 -10.30 -43.72
CA PHE EA 2 27.08 -11.28 -44.39
C PHE EA 2 27.90 -12.56 -44.55
N PHE EA 3 27.76 -13.48 -43.60
CA PHE EA 3 28.42 -14.77 -43.72
C PHE EA 3 27.78 -15.60 -44.82
N ASP EA 4 28.45 -16.67 -45.19
CA ASP EA 4 28.15 -17.40 -46.42
C ASP EA 4 28.12 -18.90 -46.19
N VAL EA 5 27.42 -19.35 -45.14
CA VAL EA 5 27.18 -20.78 -44.97
C VAL EA 5 26.30 -21.31 -46.09
N GLN EA 6 25.42 -20.43 -46.62
CA GLN EA 6 24.50 -20.76 -47.71
C GLN EA 6 25.24 -21.20 -48.97
N LYS EA 7 26.46 -20.72 -49.17
CA LYS EA 7 27.31 -21.22 -50.23
C LYS EA 7 28.43 -22.12 -49.72
N LYS EA 8 28.67 -22.14 -48.41
CA LYS EA 8 29.74 -22.97 -47.88
C LYS EA 8 29.32 -24.43 -47.85
N LEU EA 9 28.15 -24.72 -47.30
CA LEU EA 9 27.64 -26.08 -47.36
C LEU EA 9 27.18 -26.45 -48.76
N GLY EA 10 26.88 -25.48 -49.60
CA GLY EA 10 26.31 -25.76 -50.89
C GLY EA 10 24.86 -26.22 -50.87
N VAL EA 11 24.23 -26.24 -49.69
CA VAL EA 11 22.87 -26.72 -49.53
C VAL EA 11 21.97 -25.50 -49.62
N ASP EA 12 21.41 -25.27 -50.81
CA ASP EA 12 20.55 -24.13 -51.07
C ASP EA 12 19.19 -24.40 -50.44
N LEU EA 13 19.14 -24.25 -49.12
CA LEU EA 13 17.94 -24.52 -48.36
C LEU EA 13 16.99 -23.34 -48.30
N ASP EA 14 17.41 -22.18 -48.78
CA ASP EA 14 16.64 -20.96 -48.65
C ASP EA 14 16.49 -20.18 -49.94
N HIS EA 15 17.19 -20.56 -51.00
CA HIS EA 15 17.11 -19.83 -52.26
C HIS EA 15 15.81 -20.06 -53.01
N TRP EA 16 15.04 -21.08 -52.63
CA TRP EA 16 13.81 -21.39 -53.35
C TRP EA 16 12.76 -20.32 -53.14
N MET EA 17 12.71 -19.71 -51.97
CA MET EA 17 11.79 -18.63 -51.67
C MET EA 17 12.11 -17.34 -52.41
N THR EA 18 13.26 -17.24 -53.06
CA THR EA 18 13.85 -15.92 -53.25
C THR EA 18 13.24 -15.16 -54.43
N ILE EA 19 13.47 -15.64 -55.65
CA ILE EA 19 12.99 -14.96 -56.84
C ILE EA 19 12.21 -16.03 -57.62
N GLN EA 20 11.69 -15.66 -58.79
CA GLN EA 20 10.98 -16.57 -59.67
C GLN EA 20 11.98 -17.41 -60.46
N SER EA 21 11.48 -18.10 -61.50
CA SER EA 21 12.18 -19.08 -62.33
C SER EA 21 12.71 -20.26 -61.52
N ALA EA 22 12.24 -20.43 -60.30
CA ALA EA 22 12.69 -21.50 -59.41
C ALA EA 22 11.79 -22.70 -59.65
N GLU EA 23 11.83 -23.67 -58.75
CA GLU EA 23 10.90 -24.79 -58.85
C GLU EA 23 9.60 -24.33 -58.20
N GLN EA 24 8.70 -23.81 -59.02
CA GLN EA 24 7.34 -23.54 -58.58
C GLN EA 24 6.61 -24.87 -58.41
N PRO EA 25 5.64 -24.95 -57.48
CA PRO EA 25 5.08 -26.27 -57.12
C PRO EA 25 4.37 -26.99 -58.27
N HIS EA 26 3.41 -26.34 -58.89
CA HIS EA 26 3.06 -26.63 -60.27
C HIS EA 26 3.77 -25.59 -61.09
N ARG EA 27 4.18 -25.96 -62.29
CA ARG EA 27 5.04 -25.06 -63.05
C ARG EA 27 4.15 -23.97 -63.65
N ILE EA 28 3.91 -22.93 -62.85
CA ILE EA 28 3.11 -21.79 -63.27
C ILE EA 28 3.92 -20.51 -63.12
N PRO EA 29 3.77 -19.54 -64.00
CA PRO EA 29 4.56 -18.31 -63.92
C PRO EA 29 3.82 -17.23 -63.15
N ALA EA 30 4.53 -16.14 -62.90
CA ALA EA 30 3.90 -14.91 -62.46
C ALA EA 30 3.59 -14.06 -63.70
N ARG EA 31 3.15 -12.82 -63.48
CA ARG EA 31 2.72 -12.02 -64.61
C ARG EA 31 3.89 -11.39 -65.35
N CYS EA 32 4.98 -11.07 -64.66
CA CYS EA 32 6.10 -10.38 -65.28
C CYS EA 32 7.34 -11.24 -65.28
N HIS EA 33 7.20 -12.49 -65.72
CA HIS EA 33 8.27 -13.48 -65.60
C HIS EA 33 9.44 -13.17 -66.53
N ALA EA 34 9.14 -12.94 -67.82
CA ALA EA 34 10.18 -12.82 -68.83
C ALA EA 34 11.03 -11.58 -68.61
N PHE EA 35 10.44 -10.51 -68.09
CA PHE EA 35 11.22 -9.32 -67.75
C PHE EA 35 12.18 -9.61 -66.60
N GLU EA 36 11.76 -10.45 -65.64
CA GLU EA 36 12.67 -10.81 -64.56
C GLU EA 36 13.83 -11.64 -65.06
N LYS EA 37 13.54 -12.62 -65.93
CA LYS EA 37 14.60 -13.45 -66.46
C LYS EA 37 15.56 -12.65 -67.32
N GLU EA 38 15.05 -11.68 -68.07
CA GLU EA 38 15.91 -10.81 -68.86
C GLU EA 38 16.76 -9.90 -67.99
N TRP EA 39 16.19 -9.35 -66.91
CA TRP EA 39 16.97 -8.45 -66.06
C TRP EA 39 18.04 -9.22 -65.29
N ILE EA 40 17.71 -10.43 -64.84
CA ILE EA 40 18.67 -11.23 -64.11
C ILE EA 40 19.78 -11.70 -65.03
N GLU EA 41 19.45 -12.10 -66.25
CA GLU EA 41 20.51 -12.44 -67.20
C GLU EA 41 21.26 -11.21 -67.70
N CYS EA 42 20.69 -10.02 -67.54
CA CYS EA 42 21.45 -8.81 -67.83
C CYS EA 42 22.52 -8.60 -66.78
N ALA EA 43 22.12 -8.43 -65.52
CA ALA EA 43 23.05 -7.97 -64.49
C ALA EA 43 23.56 -9.09 -63.61
N HIS EA 44 23.86 -10.25 -64.17
CA HIS EA 44 24.37 -11.33 -63.35
C HIS EA 44 25.84 -11.19 -63.04
N GLY EA 45 26.69 -11.21 -64.07
CA GLY EA 45 28.13 -11.14 -63.86
C GLY EA 45 28.63 -9.71 -63.94
N ILE EA 46 27.94 -8.82 -63.25
CA ILE EA 46 28.13 -7.38 -63.36
C ILE EA 46 28.37 -6.84 -61.95
N GLY EA 47 29.26 -5.85 -61.83
CA GLY EA 47 29.64 -5.32 -60.55
C GLY EA 47 28.74 -4.26 -59.94
N SER EA 48 27.42 -4.38 -60.14
CA SER EA 48 26.37 -3.71 -59.38
C SER EA 48 26.33 -2.18 -59.53
N ILE EA 49 27.17 -1.59 -60.37
CA ILE EA 49 27.13 -0.16 -60.63
C ILE EA 49 26.96 0.14 -62.12
N ARG EA 50 27.72 -0.52 -62.96
CA ARG EA 50 27.35 -0.52 -64.37
C ARG EA 50 26.17 -1.43 -64.64
N ALA EA 51 25.73 -2.22 -63.64
CA ALA EA 51 24.38 -2.75 -63.66
C ALA EA 51 23.35 -1.64 -63.63
N GLU EA 52 23.60 -0.58 -62.86
CA GLU EA 52 22.72 0.58 -62.90
C GLU EA 52 22.84 1.31 -64.22
N LYS EA 53 24.07 1.60 -64.65
CA LYS EA 53 24.21 2.42 -65.85
C LYS EA 53 23.91 1.67 -67.15
N GLU EA 54 23.87 0.34 -67.14
CA GLU EA 54 23.83 -0.39 -68.40
C GLU EA 54 22.64 -1.34 -68.51
N CYS EA 55 22.18 -1.90 -67.39
CA CYS EA 55 20.95 -2.68 -67.39
C CYS EA 55 19.74 -1.83 -67.04
N LYS EA 56 19.75 -0.56 -67.43
CA LYS EA 56 18.70 0.37 -67.02
C LYS EA 56 17.42 0.14 -67.80
N ILE EA 57 17.54 -0.21 -69.08
CA ILE EA 57 16.37 -0.26 -69.96
C ILE EA 57 15.48 -1.44 -69.60
N GLU EA 58 16.07 -2.63 -69.52
CA GLU EA 58 15.30 -3.83 -69.22
C GLU EA 58 14.73 -3.78 -67.81
N PHE EA 59 15.47 -3.20 -66.87
CA PHE EA 59 14.99 -3.06 -65.51
C PHE EA 59 13.82 -2.10 -65.42
N GLU EA 60 13.93 -0.93 -66.06
CA GLU EA 60 12.81 0.01 -66.05
C GLU EA 60 11.59 -0.55 -66.75
N ASP EA 61 11.81 -1.35 -67.80
CA ASP EA 61 10.69 -1.99 -68.47
C ASP EA 61 10.05 -3.03 -67.57
N PHE EA 62 10.84 -3.73 -66.76
CA PHE EA 62 10.28 -4.62 -65.74
C PHE EA 62 9.50 -3.84 -64.68
N ARG EA 63 10.00 -2.67 -64.30
CA ARG EA 63 9.30 -1.87 -63.29
C ARG EA 63 7.94 -1.43 -63.80
N GLU EA 64 7.87 -0.99 -65.04
CA GLU EA 64 6.58 -0.64 -65.61
C GLU EA 64 5.77 -1.87 -66.01
N CYS EA 65 6.35 -3.06 -66.02
CA CYS EA 65 5.52 -4.26 -66.08
C CYS EA 65 4.81 -4.49 -64.76
N LEU EA 66 5.57 -4.48 -63.66
CA LEU EA 66 5.00 -4.81 -62.37
C LEU EA 66 4.06 -3.72 -61.88
N LEU EA 67 4.30 -2.47 -62.25
CA LEU EA 67 3.47 -1.37 -61.80
C LEU EA 67 2.39 -0.99 -62.79
N ARG EA 68 2.71 -1.00 -64.10
CA ARG EA 68 1.84 -0.51 -65.17
C ARG EA 68 1.40 0.93 -64.93
N GLN EA 69 2.37 1.74 -64.49
CA GLN EA 69 2.10 3.13 -64.14
C GLN EA 69 1.78 3.96 -65.37
N LYS EA 70 2.69 4.00 -66.34
CA LYS EA 70 2.46 4.80 -67.54
C LYS EA 70 1.38 4.22 -68.43
N THR EA 71 1.16 2.91 -68.37
CA THR EA 71 0.09 2.32 -69.17
C THR EA 71 -1.28 2.75 -68.65
N MET EA 72 -1.46 2.74 -67.32
CA MET EA 72 -2.69 3.24 -66.73
C MET EA 72 -2.83 4.75 -66.90
N LYS EA 73 -1.71 5.49 -66.90
CA LYS EA 73 -1.77 6.92 -67.19
C LYS EA 73 -2.30 7.18 -68.60
N ARG EA 74 -1.80 6.42 -69.57
CA ARG EA 74 -2.26 6.53 -70.95
C ARG EA 74 -3.75 6.20 -71.07
N LEU EA 75 -4.18 5.12 -70.41
CA LEU EA 75 -5.58 4.72 -70.49
C LEU EA 75 -6.49 5.71 -69.77
N ASN EA 76 -6.01 6.32 -68.68
CA ASN EA 76 -6.76 7.34 -67.98
C ASN EA 76 -6.96 8.57 -68.87
N ALA EA 77 -5.92 8.96 -69.61
CA ALA EA 77 -6.05 10.06 -70.55
C ALA EA 77 -7.07 9.74 -71.64
N ILE EA 78 -7.09 8.48 -72.09
CA ILE EA 78 -8.03 8.06 -73.11
C ILE EA 78 -9.47 8.14 -72.60
N LYS EA 79 -9.71 7.71 -71.36
CA LYS EA 79 -11.08 7.76 -70.84
C LYS EA 79 -11.53 9.18 -70.51
N ARG EA 80 -10.60 10.07 -70.11
CA ARG EA 80 -11.01 11.46 -69.92
C ARG EA 80 -11.36 12.12 -71.24
N GLN EA 81 -10.62 11.80 -72.30
CA GLN EA 81 -10.96 12.36 -73.61
C GLN EA 81 -12.28 11.79 -74.14
N ARG EA 82 -12.53 10.50 -73.89
CA ARG EA 82 -13.81 9.89 -74.21
C ARG EA 82 -14.95 10.60 -73.48
N ASP EA 83 -14.72 10.93 -72.20
CA ASP EA 83 -15.71 11.65 -71.42
C ASP EA 83 -15.99 13.03 -71.98
N LYS EA 84 -14.94 13.77 -72.39
CA LYS EA 84 -15.19 15.12 -72.87
C LYS EA 84 -15.86 15.14 -74.25
N LEU EA 85 -15.57 14.16 -75.11
CA LEU EA 85 -16.25 14.18 -76.39
C LEU EA 85 -17.65 13.60 -76.33
N ILE EA 86 -17.93 12.68 -75.39
CA ILE EA 86 -19.32 12.28 -75.24
C ILE EA 86 -20.10 13.33 -74.47
N LYS EA 87 -19.43 14.17 -73.67
CA LYS EA 87 -20.12 15.29 -73.04
C LYS EA 87 -20.44 16.35 -74.07
N GLU EA 88 -19.56 16.54 -75.05
CA GLU EA 88 -19.87 17.41 -76.18
C GLU EA 88 -21.01 16.83 -77.01
N GLY EA 89 -20.92 15.54 -77.33
CA GLY EA 89 -22.02 14.85 -78.01
C GLY EA 89 -21.67 14.30 -79.38
N LYS EA 90 -20.39 14.30 -79.73
CA LYS EA 90 -19.97 13.95 -81.07
C LYS EA 90 -19.79 12.45 -81.23
N TYR EA 91 -20.41 11.90 -82.28
CA TYR EA 91 -20.39 10.48 -82.69
C TYR EA 91 -20.71 9.54 -81.50
N THR EA 92 -22.02 9.56 -81.16
CA THR EA 92 -22.70 8.71 -80.18
C THR EA 92 -22.19 7.28 -80.26
N PRO EA 93 -21.51 6.81 -79.21
CA PRO EA 93 -20.38 5.87 -79.39
C PRO EA 93 -20.81 4.45 -79.70
N PRO EA 94 -20.40 3.93 -80.86
CA PRO EA 94 -20.52 2.50 -81.12
C PRO EA 94 -19.30 1.63 -80.80
N PRO EA 95 -18.22 2.05 -79.96
CA PRO EA 95 -17.22 1.02 -79.64
C PRO EA 95 -17.62 -0.10 -78.70
N HIS EA 96 -18.90 -0.25 -78.38
CA HIS EA 96 -19.36 -1.36 -77.54
C HIS EA 96 -20.52 -2.04 -78.25
N HIS EA 97 -20.43 -3.37 -78.38
CA HIS EA 97 -21.57 -4.27 -78.55
C HIS EA 97 -22.27 -4.18 -79.92
N SER EA 98 -21.94 -3.15 -80.71
CA SER EA 98 -22.62 -2.90 -81.98
C SER EA 98 -21.85 -1.86 -82.78
N GLY EA 99 -21.53 -2.19 -84.02
CA GLY EA 99 -20.78 -1.27 -84.85
C GLY EA 99 -21.60 -0.15 -85.45
N ASN FA 10 1.87 -52.36 -15.95
CA ASN FA 10 2.59 -51.14 -15.61
C ASN FA 10 1.65 -50.00 -15.22
N VAL FA 11 1.88 -48.79 -15.77
CA VAL FA 11 1.12 -47.61 -15.38
C VAL FA 11 -0.26 -47.58 -16.01
N TRP FA 12 -0.62 -48.61 -16.78
CA TRP FA 12 -1.87 -48.75 -17.50
C TRP FA 12 -3.11 -48.63 -16.60
N ALA FA 13 -2.98 -48.85 -15.30
CA ALA FA 13 -4.06 -48.55 -14.38
C ALA FA 13 -4.21 -47.06 -14.10
N LYS FA 14 -3.15 -46.28 -14.27
CA LYS FA 14 -3.14 -44.90 -13.77
C LYS FA 14 -3.50 -43.87 -14.86
N GLU FA 15 -2.72 -43.79 -15.94
CA GLU FA 15 -2.96 -42.83 -17.01
C GLU FA 15 -3.09 -43.58 -18.33
N PRO FA 16 -4.22 -44.23 -18.58
CA PRO FA 16 -4.29 -45.18 -19.70
C PRO FA 16 -4.39 -44.53 -21.07
N VAL FA 17 -5.09 -43.40 -21.17
CA VAL FA 17 -5.29 -42.76 -22.47
C VAL FA 17 -3.98 -42.15 -22.94
N LEU FA 18 -3.10 -41.75 -22.02
CA LEU FA 18 -1.78 -41.31 -22.40
C LEU FA 18 -0.96 -42.46 -22.98
N VAL FA 19 -1.14 -43.66 -22.43
CA VAL FA 19 -0.45 -44.84 -22.93
C VAL FA 19 -0.92 -45.20 -24.33
N ALA FA 20 -2.24 -45.15 -24.55
CA ALA FA 20 -2.77 -45.47 -25.88
C ALA FA 20 -2.36 -44.41 -26.90
N SER FA 21 -2.26 -43.15 -26.47
CA SER FA 21 -1.83 -42.08 -27.36
C SER FA 21 -0.36 -42.24 -27.75
N PHE FA 22 0.51 -42.58 -26.79
CA PHE FA 22 1.91 -42.84 -27.15
C PHE FA 22 2.05 -44.10 -27.99
N ALA FA 23 1.14 -45.08 -27.84
CA ALA FA 23 1.22 -46.28 -28.67
C ALA FA 23 0.88 -45.98 -30.12
N ILE FA 24 -0.24 -45.29 -30.34
CA ILE FA 24 -0.61 -44.95 -31.71
C ILE FA 24 0.36 -43.93 -32.30
N ALA FA 25 0.99 -43.10 -31.45
CA ALA FA 25 2.03 -42.19 -31.91
C ALA FA 25 3.29 -42.93 -32.35
N GLY FA 26 3.70 -43.94 -31.56
CA GLY FA 26 4.88 -44.69 -31.91
C GLY FA 26 4.70 -45.51 -33.17
N LEU FA 27 3.49 -46.03 -33.40
CA LEU FA 27 3.29 -46.71 -34.68
C LEU FA 27 3.19 -45.72 -35.83
N ALA FA 28 2.64 -44.52 -35.59
CA ALA FA 28 2.62 -43.51 -36.63
C ALA FA 28 4.01 -42.99 -36.97
N VAL FA 29 4.96 -43.12 -36.06
CA VAL FA 29 6.34 -42.76 -36.40
C VAL FA 29 7.04 -43.90 -37.11
N ILE FA 30 7.05 -45.09 -36.50
CA ILE FA 30 7.90 -46.17 -36.99
C ILE FA 30 7.31 -46.81 -38.24
N LEU FA 31 6.04 -47.14 -38.19
CA LEU FA 31 5.28 -47.86 -39.21
C LEU FA 31 5.39 -47.37 -40.66
N PRO FA 32 5.51 -46.07 -40.97
CA PRO FA 32 5.73 -45.69 -42.38
C PRO FA 32 7.07 -46.10 -42.97
N THR FA 33 8.01 -46.61 -42.18
CA THR FA 33 9.19 -47.23 -42.76
C THR FA 33 8.80 -48.51 -43.49
N LEU FA 34 8.29 -49.50 -42.76
CA LEU FA 34 7.94 -50.77 -43.36
C LEU FA 34 6.54 -50.67 -43.94
N SER FA 35 6.48 -50.65 -45.26
CA SER FA 35 5.23 -50.59 -46.01
C SER FA 35 5.49 -51.05 -47.43
N PRO FA 36 4.72 -52.00 -47.96
CA PRO FA 36 4.87 -52.39 -49.36
C PRO FA 36 4.17 -51.47 -50.36
N TYR FA 37 3.77 -50.27 -49.93
CA TYR FA 37 2.95 -49.39 -50.75
C TYR FA 37 3.55 -48.02 -50.97
N THR FA 38 4.75 -47.74 -50.47
CA THR FA 38 5.27 -46.38 -50.55
C THR FA 38 5.69 -46.02 -51.97
N LYS FA 39 6.24 -46.98 -52.71
CA LYS FA 39 6.56 -46.72 -54.11
C LYS FA 39 5.29 -46.56 -54.94
N TYR FA 40 4.21 -47.27 -54.57
CA TYR FA 40 2.91 -47.05 -55.18
C TYR FA 40 2.42 -45.64 -54.91
N SER FA 41 2.56 -45.18 -53.66
CA SER FA 41 2.14 -43.84 -53.26
C SER FA 41 2.89 -42.78 -54.05
N LEU FA 42 4.20 -42.95 -54.19
CA LEU FA 42 5.02 -41.93 -54.84
C LEU FA 42 4.73 -41.89 -56.34
N MET FA 43 4.59 -43.05 -56.98
CA MET FA 43 4.32 -43.04 -58.42
C MET FA 43 2.92 -42.52 -58.74
N ILE FA 44 1.92 -42.90 -57.94
CA ILE FA 44 0.57 -42.40 -58.14
C ILE FA 44 0.52 -40.89 -57.91
N ASN FA 45 1.28 -40.40 -56.92
CA ASN FA 45 1.25 -38.98 -56.63
C ASN FA 45 2.01 -38.17 -57.67
N ARG FA 46 3.04 -38.75 -58.28
CA ARG FA 46 3.75 -38.02 -59.32
C ARG FA 46 3.01 -38.05 -60.65
N ALA FA 47 2.29 -39.12 -60.94
CA ALA FA 47 1.76 -39.37 -62.28
C ALA FA 47 0.41 -38.72 -62.54
N THR FA 48 0.08 -37.62 -61.85
CA THR FA 48 -1.14 -36.89 -62.12
C THR FA 48 -0.82 -35.65 -62.93
N PRO FA 49 -1.12 -35.61 -64.20
CA PRO FA 49 -0.74 -34.45 -65.03
C PRO FA 49 -1.68 -33.26 -64.83
N TYR FA 50 -1.18 -32.24 -64.13
CA TYR FA 50 -1.90 -30.98 -64.04
C TYR FA 50 -1.63 -30.13 -65.28
N ASN FA 51 -0.37 -29.98 -65.63
CA ASN FA 51 0.04 -29.09 -66.70
C ASN FA 51 -0.15 -29.76 -68.05
N TYR FA 52 0.25 -29.06 -69.10
CA TYR FA 52 0.06 -29.71 -70.38
C TYR FA 52 1.36 -30.34 -70.85
N PRO FA 53 1.31 -31.55 -71.38
CA PRO FA 53 2.53 -32.13 -71.96
C PRO FA 53 2.90 -31.44 -73.26
N VAL FA 54 3.91 -30.60 -73.19
CA VAL FA 54 4.32 -29.83 -74.37
C VAL FA 54 5.08 -30.76 -75.32
N PRO FA 55 4.72 -30.80 -76.59
CA PRO FA 55 5.47 -31.61 -77.54
C PRO FA 55 6.84 -30.99 -77.79
N LEU FA 56 7.83 -31.86 -78.02
CA LEU FA 56 9.20 -31.40 -78.18
C LEU FA 56 9.69 -31.73 -79.58
N ARG FA 57 10.84 -31.13 -79.91
CA ARG FA 57 11.40 -31.17 -81.25
C ARG FA 57 11.77 -32.60 -81.63
N ASP FA 58 11.68 -32.90 -82.93
CA ASP FA 58 11.48 -34.27 -83.41
C ASP FA 58 12.70 -35.17 -83.13
N ASP FA 59 13.87 -34.81 -83.64
CA ASP FA 59 14.87 -35.82 -83.96
C ASP FA 59 16.15 -35.58 -83.18
N GLY FA 60 16.16 -36.04 -81.94
CA GLY FA 60 17.35 -36.47 -81.26
C GLY FA 60 17.61 -37.93 -81.49
N ASN FA 61 16.66 -38.59 -82.17
CA ASN FA 61 16.74 -39.98 -82.63
C ASN FA 61 16.95 -40.94 -81.47
N MET FA 62 15.97 -40.96 -80.59
CA MET FA 62 15.96 -41.80 -79.41
C MET FA 62 14.90 -42.89 -79.54
N PRO FA 63 15.05 -44.00 -78.81
CA PRO FA 63 13.95 -44.96 -78.71
C PRO FA 63 12.94 -44.61 -77.63
N ASP FA 64 12.59 -43.33 -77.56
CA ASP FA 64 11.68 -42.76 -76.57
C ASP FA 64 10.97 -41.61 -77.24
N VAL FA 65 10.34 -40.74 -76.44
CA VAL FA 65 9.48 -39.61 -76.81
C VAL FA 65 8.53 -40.03 -77.95
N PRO FA 66 7.52 -40.84 -77.66
CA PRO FA 66 6.81 -41.58 -78.71
C PRO FA 66 5.96 -40.68 -79.59
N SER FA 67 5.97 -40.97 -80.88
CA SER FA 67 5.36 -40.08 -81.87
C SER FA 67 3.84 -40.13 -81.87
N HIS FA 68 3.24 -41.12 -81.22
CA HIS FA 68 1.81 -41.27 -81.21
C HIS FA 68 1.39 -41.47 -79.76
N PRO FA 69 0.36 -40.76 -79.26
CA PRO FA 69 -0.17 -41.07 -77.92
C PRO FA 69 -0.79 -42.44 -77.80
N GLN FA 70 -1.00 -43.14 -78.90
CA GLN FA 70 -1.35 -44.55 -78.90
C GLN FA 70 -0.14 -45.45 -78.79
N ASP FA 71 1.05 -44.97 -79.20
CA ASP FA 71 2.23 -45.82 -79.31
C ASP FA 71 2.88 -45.99 -77.94
N PRO FA 72 3.08 -47.23 -77.44
CA PRO FA 72 3.52 -47.43 -76.04
C PRO FA 72 5.01 -47.31 -75.74
N GLN FA 73 5.80 -46.63 -76.56
CA GLN FA 73 7.23 -46.51 -76.30
C GLN FA 73 7.59 -45.48 -75.23
N GLY FA 74 6.62 -44.95 -74.47
CA GLY FA 74 6.91 -43.99 -73.43
C GLY FA 74 6.71 -44.56 -72.04
N PRO FA 75 6.94 -43.74 -71.00
CA PRO FA 75 6.69 -44.19 -69.63
C PRO FA 75 5.21 -44.32 -69.37
N SER FA 76 4.80 -45.49 -68.93
CA SER FA 76 3.41 -45.94 -69.00
C SER FA 76 2.84 -46.10 -67.60
N LEU FA 77 1.63 -46.66 -67.55
CA LEU FA 77 1.04 -47.08 -66.30
C LEU FA 77 0.20 -48.33 -66.56
N GLU FA 78 0.56 -49.41 -65.89
CA GLU FA 78 -0.18 -50.66 -65.95
C GLU FA 78 -0.61 -51.13 -64.58
N TRP FA 79 0.00 -50.64 -63.51
CA TRP FA 79 -0.34 -51.04 -62.16
C TRP FA 79 -1.64 -50.42 -61.68
N LEU FA 80 -2.22 -49.50 -62.45
CA LEU FA 80 -3.47 -48.88 -62.04
C LEU FA 80 -4.63 -49.85 -62.14
N LYS FA 81 -4.89 -50.34 -63.36
CA LYS FA 81 -6.02 -51.24 -63.63
C LYS FA 81 -5.88 -52.57 -62.91
N ARG FA 82 -4.68 -52.93 -62.48
CA ARG FA 82 -4.42 -54.12 -61.68
C ARG FA 82 -4.38 -53.78 -60.20
N LEU FA 83 -5.23 -52.85 -59.78
CA LEU FA 83 -5.42 -52.40 -58.39
C LEU FA 83 -4.10 -51.80 -57.88
N SER GA 11 89.94 45.18 35.73
CA SER GA 11 89.06 46.23 35.23
C SER GA 11 89.43 47.58 35.85
N LYS GA 12 90.28 48.32 35.17
CA LYS GA 12 90.74 49.62 35.62
C LYS GA 12 90.42 50.71 34.60
N MET GA 13 90.19 51.91 35.10
CA MET GA 13 90.08 53.09 34.24
C MET GA 13 90.87 54.24 34.84
N GLU GA 14 90.96 54.24 36.18
CA GLU GA 14 91.54 55.22 37.09
C GLU GA 14 90.77 56.54 37.16
N LEU GA 15 89.76 56.73 36.29
CA LEU GA 15 88.61 57.61 36.46
C LEU GA 15 88.93 59.05 36.84
N PRO GA 16 89.34 59.91 35.88
CA PRO GA 16 89.55 61.34 36.20
C PRO GA 16 88.32 62.00 36.80
N ASP GA 17 88.46 62.38 38.07
CA ASP GA 17 87.33 62.67 38.92
C ASP GA 17 86.71 64.01 38.59
N TYR GA 18 85.66 64.32 39.33
CA TYR GA 18 84.94 65.59 39.25
C TYR GA 18 85.76 66.67 39.93
N LYS GA 19 85.17 67.87 40.05
CA LYS GA 19 85.71 69.12 40.58
C LYS GA 19 87.14 69.42 40.07
N GLN GA 20 87.43 68.97 38.86
CA GLN GA 20 88.73 69.09 38.23
C GLN GA 20 88.76 70.15 37.16
N TRP GA 21 87.66 70.30 36.42
CA TRP GA 21 87.62 71.20 35.28
C TRP GA 21 87.52 72.65 35.72
N LYS GA 22 86.57 72.96 36.62
CA LYS GA 22 86.37 74.28 37.25
C LYS GA 22 86.15 75.36 36.18
N ILE GA 23 84.99 75.27 35.54
CA ILE GA 23 84.83 75.28 34.08
C ILE GA 23 85.74 76.21 33.28
N GLU GA 24 85.65 77.53 33.46
CA GLU GA 24 86.63 78.53 33.00
C GLU GA 24 86.87 78.56 31.49
N GLY GA 25 86.22 77.68 30.73
CA GLY GA 25 86.50 77.51 29.32
C GLY GA 25 85.84 78.62 28.55
N THR GA 26 86.65 79.45 27.92
CA THR GA 26 86.22 80.80 27.53
C THR GA 26 85.04 80.89 26.55
N PRO GA 27 84.80 79.97 25.60
CA PRO GA 27 83.51 80.03 24.91
C PRO GA 27 82.32 79.73 25.81
N LEU GA 28 82.45 78.77 26.73
CA LEU GA 28 81.38 78.54 27.68
C LEU GA 28 81.23 79.68 28.68
N GLU GA 29 82.33 80.37 28.98
CA GLU GA 29 82.24 81.55 29.83
C GLU GA 29 81.50 82.69 29.13
N THR GA 30 81.77 82.89 27.85
CA THR GA 30 81.04 83.91 27.09
C THR GA 30 79.57 83.53 26.92
N VAL GA 31 79.27 82.25 26.74
CA VAL GA 31 77.85 81.91 26.59
C VAL GA 31 77.14 81.92 27.93
N GLN GA 32 77.86 81.71 29.04
CA GLN GA 32 77.28 81.94 30.35
C GLN GA 32 77.03 83.43 30.59
N GLU GA 33 77.87 84.30 30.03
CA GLU GA 33 77.60 85.73 30.09
C GLU GA 33 76.38 86.10 29.25
N LYS GA 34 76.25 85.50 28.06
CA LYS GA 34 75.09 85.75 27.19
C LYS GA 34 73.79 85.31 27.85
N LEU GA 35 73.81 84.12 28.44
CA LEU GA 35 72.63 83.61 29.13
C LEU GA 35 72.38 84.35 30.44
N ALA GA 36 73.43 84.92 31.05
CA ALA GA 36 73.22 85.75 32.23
C ALA GA 36 72.51 87.05 31.86
N ALA GA 37 72.94 87.68 30.77
CA ALA GA 37 72.27 88.90 30.32
C ALA GA 37 70.88 88.63 29.74
N ARG GA 38 70.63 87.41 29.27
CA ARG GA 38 69.25 87.07 28.89
C ARG GA 38 68.40 86.79 30.13
N GLY GA 39 68.99 86.26 31.19
CA GLY GA 39 68.29 86.14 32.45
C GLY GA 39 67.81 84.76 32.82
N LEU GA 40 68.68 83.75 32.66
CA LEU GA 40 68.36 82.39 33.04
C LEU GA 40 69.21 81.90 34.21
N ARG GA 41 70.54 81.96 34.05
CA ARG GA 41 71.53 81.49 35.04
C ARG GA 41 71.33 80.01 35.42
N ASP GA 42 71.13 79.16 34.42
CA ASP GA 42 71.12 77.71 34.62
C ASP GA 42 71.58 76.96 33.36
N PRO GA 43 72.90 76.94 33.09
CA PRO GA 43 73.39 76.05 32.03
C PRO GA 43 73.63 74.65 32.56
N TRP GA 44 74.24 73.80 31.76
CA TRP GA 44 74.56 72.46 32.24
C TRP GA 44 75.72 72.51 33.23
N GLY GA 45 76.90 72.90 32.76
CA GLY GA 45 78.06 72.97 33.61
C GLY GA 45 79.34 72.49 32.94
N ARG GA 46 79.99 71.51 33.56
CA ARG GA 46 81.32 71.07 33.13
C ARG GA 46 81.28 69.76 32.38
N ASN GA 47 80.28 69.56 31.54
CA ASN GA 47 80.24 68.33 30.77
C ASN GA 47 81.25 68.33 29.64
N GLU GA 48 81.67 69.51 29.20
CA GLU GA 48 82.37 69.67 27.93
C GLU GA 48 83.70 70.39 28.07
N ALA GA 49 84.19 70.57 29.29
CA ALA GA 49 85.49 71.20 29.46
C ALA GA 49 86.63 70.29 29.03
N TRP GA 50 86.40 68.97 29.02
CA TRP GA 50 87.36 68.09 28.36
C TRP GA 50 87.35 68.29 26.87
N ARG GA 51 86.22 68.73 26.32
CA ARG GA 51 86.20 69.09 24.92
C ARG GA 51 86.84 70.46 24.68
N TYR GA 52 86.91 71.31 25.71
CA TYR GA 52 87.43 72.65 25.48
C TYR GA 52 88.80 72.92 26.08
N MET GA 53 89.41 71.95 26.77
CA MET GA 53 90.81 72.09 27.21
C MET GA 53 91.40 70.72 27.47
N GLY GA 54 92.73 70.70 27.55
CA GLY GA 54 93.50 69.47 27.64
C GLY GA 54 94.67 69.50 26.66
N GLY GA 55 94.70 68.55 25.73
CA GLY GA 55 95.52 68.68 24.53
C GLY GA 55 94.85 69.46 23.43
N PHE GA 56 93.68 69.97 23.75
CA PHE GA 56 92.85 70.88 22.99
C PHE GA 56 93.26 72.27 23.44
N ALA GA 57 92.34 73.24 23.41
CA ALA GA 57 92.59 74.59 23.95
C ALA GA 57 93.63 75.32 23.13
N ASN GA 58 93.16 75.91 22.02
CA ASN GA 58 93.92 76.42 20.87
C ASN GA 58 94.47 75.26 20.06
N ASN GA 59 93.57 74.34 19.72
CA ASN GA 59 93.67 73.64 18.45
C ASN GA 59 93.80 74.66 17.34
N VAL GA 60 94.70 74.39 16.39
CA VAL GA 60 95.09 75.40 15.44
C VAL GA 60 94.00 75.58 14.38
N SER GA 61 94.02 76.73 13.71
CA SER GA 61 92.99 77.14 12.76
C SER GA 61 93.10 76.32 11.47
N PHE GA 62 92.28 76.69 10.49
CA PHE GA 62 92.12 75.85 9.31
C PHE GA 62 93.28 75.97 8.34
N VAL GA 63 93.75 77.19 8.06
CA VAL GA 63 94.88 77.35 7.16
C VAL GA 63 96.21 76.98 7.80
N GLY GA 64 96.22 76.63 9.08
CA GLY GA 64 97.38 75.96 9.64
C GLY GA 64 97.63 74.61 9.01
N ALA GA 65 96.56 73.91 8.63
CA ALA GA 65 96.73 72.63 7.95
C ALA GA 65 97.26 72.81 6.52
N LEU GA 66 96.75 73.82 5.81
CA LEU GA 66 97.20 74.05 4.44
C LEU GA 66 98.63 74.60 4.42
N LEU GA 67 98.95 75.51 5.33
CA LEU GA 67 100.27 76.10 5.44
C LEU GA 67 101.17 75.32 6.39
N LYS GA 68 100.80 74.09 6.74
CA LYS GA 68 101.58 73.24 7.61
C LYS GA 68 102.74 72.56 6.86
N GLY GA 69 102.84 72.80 5.55
CA GLY GA 69 103.92 72.18 4.79
C GLY GA 69 105.28 72.81 5.06
N PHE GA 70 105.39 74.12 4.86
CA PHE GA 70 106.70 74.77 4.75
C PHE GA 70 107.37 75.07 6.09
N LYS GA 71 106.98 74.41 7.18
CA LYS GA 71 107.83 74.41 8.36
C LYS GA 71 109.13 73.68 8.09
N TRP GA 72 109.05 72.58 7.35
CA TRP GA 72 110.22 71.82 6.95
C TRP GA 72 110.68 72.15 5.55
N GLY GA 73 109.81 72.76 4.74
CA GLY GA 73 109.99 72.73 3.30
C GLY GA 73 111.03 73.69 2.78
N PHE GA 74 111.10 74.89 3.36
CA PHE GA 74 112.03 75.91 2.87
C PHE GA 74 113.48 75.50 3.05
N ALA GA 75 113.80 74.90 4.20
CA ALA GA 75 115.19 74.56 4.51
C ALA GA 75 115.69 73.44 3.59
N ALA GA 76 114.96 72.33 3.52
CA ALA GA 76 115.38 71.23 2.68
C ALA GA 76 115.30 71.58 1.20
N PHE GA 77 114.37 72.46 0.82
CA PHE GA 77 114.30 72.88 -0.57
C PHE GA 77 115.49 73.75 -0.96
N VAL GA 78 115.89 74.68 -0.09
CA VAL GA 78 117.06 75.51 -0.35
C VAL GA 78 118.32 74.65 -0.37
N VAL GA 79 118.39 73.66 0.51
CA VAL GA 79 119.55 72.76 0.54
C VAL GA 79 119.62 71.92 -0.73
N ALA GA 80 118.47 71.46 -1.22
CA ALA GA 80 118.46 70.68 -2.45
C ALA GA 80 118.76 71.54 -3.68
N VAL GA 81 118.38 72.83 -3.66
CA VAL GA 81 118.72 73.72 -4.77
C VAL GA 81 120.22 74.02 -4.76
N GLY GA 82 120.79 74.24 -3.57
CA GLY GA 82 122.22 74.44 -3.46
C GLY GA 82 123.04 73.18 -3.69
N ALA GA 83 122.40 72.01 -3.65
CA ALA GA 83 123.06 70.76 -3.96
C ALA GA 83 123.40 70.66 -5.44
N MET HA 2 36.35 -2.48 -49.13
CA MET HA 2 36.60 -3.27 -50.32
C MET HA 2 35.77 -4.56 -50.18
N THR HA 3 35.59 -5.31 -51.25
CA THR HA 3 34.64 -6.41 -51.25
C THR HA 3 35.20 -7.53 -52.13
N GLY HA 4 34.99 -8.78 -51.72
CA GLY HA 4 35.31 -9.94 -52.54
C GLY HA 4 34.67 -9.91 -53.93
N ARG HA 5 35.36 -10.05 -55.07
CA ARG HA 5 36.73 -10.58 -55.36
C ARG HA 5 36.81 -11.99 -54.79
N GLN HA 6 36.05 -12.87 -55.46
CA GLN HA 6 35.83 -14.26 -55.06
C GLN HA 6 35.11 -14.31 -53.71
N ALA HA 7 34.09 -13.48 -53.57
CA ALA HA 7 33.02 -13.70 -52.60
C ALA HA 7 31.87 -14.46 -53.26
N ARG HA 8 32.22 -15.57 -53.91
CA ARG HA 8 31.33 -16.30 -54.82
C ARG HA 8 31.03 -17.76 -54.44
N ALA HA 9 32.02 -18.66 -54.23
CA ALA HA 9 33.31 -18.64 -53.49
C ALA HA 9 33.08 -18.02 -52.10
N PRO HA 10 32.53 -18.84 -51.17
CA PRO HA 10 32.13 -18.34 -49.85
C PRO HA 10 33.30 -17.99 -48.93
N LEU HA 11 33.00 -17.84 -47.63
CA LEU HA 11 33.82 -17.09 -46.67
C LEU HA 11 35.29 -17.50 -46.66
N GLN HA 12 35.57 -18.82 -46.60
CA GLN HA 12 36.85 -19.43 -46.95
C GLN HA 12 38.00 -18.86 -46.10
N PHE HA 13 38.00 -19.31 -44.83
CA PHE HA 13 38.92 -18.88 -43.78
C PHE HA 13 40.35 -18.57 -44.20
N LEU HA 14 40.96 -19.45 -45.01
CA LEU HA 14 42.11 -19.09 -45.82
C LEU HA 14 42.13 -20.04 -47.00
N PRO HA 15 42.22 -19.52 -48.22
CA PRO HA 15 42.05 -20.37 -49.41
C PRO HA 15 43.24 -21.26 -49.71
N ASP HA 16 43.21 -21.91 -50.87
CA ASP HA 16 44.36 -22.66 -51.34
C ASP HA 16 45.50 -21.72 -51.73
N GLU HA 17 45.15 -20.51 -52.18
CA GLU HA 17 46.13 -19.55 -52.65
C GLU HA 17 47.00 -18.96 -51.54
N ALA HA 18 46.59 -19.12 -50.28
CA ALA HA 18 47.43 -18.71 -49.17
C ALA HA 18 48.66 -19.59 -49.01
N ARG HA 19 48.69 -20.75 -49.64
CA ARG HA 19 49.83 -21.65 -49.60
C ARG HA 19 50.70 -21.52 -50.85
N SER HA 20 50.75 -20.30 -51.42
CA SER HA 20 51.68 -19.98 -52.49
C SER HA 20 52.54 -18.77 -52.15
N LEU HA 21 52.32 -18.15 -51.02
CA LEU HA 21 53.01 -17.01 -50.46
C LEU HA 21 53.78 -17.43 -49.21
N PRO HA 22 54.87 -16.74 -48.85
CA PRO HA 22 55.73 -17.24 -47.75
C PRO HA 22 55.04 -17.10 -46.41
N PRO HA 23 55.12 -18.13 -45.57
CA PRO HA 23 54.46 -18.10 -44.28
C PRO HA 23 55.23 -17.22 -43.33
N PRO HA 24 54.57 -16.69 -42.29
CA PRO HA 24 55.30 -15.95 -41.26
C PRO HA 24 56.18 -16.88 -40.45
N LYS HA 25 57.43 -16.49 -40.29
CA LYS HA 25 58.46 -17.37 -39.78
C LYS HA 25 58.29 -17.57 -38.27
N LEU HA 26 59.03 -18.54 -37.75
CA LEU HA 26 59.12 -18.67 -36.30
C LEU HA 26 59.90 -17.49 -35.76
N THR HA 27 59.65 -17.18 -34.47
CA THR HA 27 60.18 -16.07 -33.68
C THR HA 27 60.24 -14.72 -34.44
N ASP HA 28 59.20 -14.46 -35.22
CA ASP HA 28 59.01 -13.13 -35.78
C ASP HA 28 58.56 -12.17 -34.67
N PRO HA 29 58.82 -10.86 -34.80
CA PRO HA 29 58.55 -9.96 -33.68
C PRO HA 29 57.09 -9.75 -33.35
N ARG HA 30 56.18 -9.88 -34.31
CA ARG HA 30 54.77 -9.65 -34.00
C ARG HA 30 54.20 -10.77 -33.12
N LEU HA 31 54.50 -12.03 -33.45
CA LEU HA 31 54.09 -13.10 -32.55
C LEU HA 31 54.91 -13.13 -31.27
N ALA HA 32 56.11 -12.55 -31.28
CA ALA HA 32 56.83 -12.35 -30.03
C ALA HA 32 56.09 -11.36 -29.13
N TYR HA 33 55.49 -10.33 -29.73
CA TYR HA 33 54.64 -9.43 -28.97
C TYR HA 33 53.42 -10.16 -28.43
N ILE HA 34 52.86 -11.09 -29.23
CA ILE HA 34 51.73 -11.89 -28.76
C ILE HA 34 52.13 -12.77 -27.59
N GLY HA 35 53.36 -13.27 -27.61
CA GLY HA 35 53.83 -14.10 -26.52
C GLY HA 35 54.04 -13.33 -25.22
N PHE HA 36 54.58 -12.11 -25.33
CA PHE HA 36 54.65 -11.27 -24.15
C PHE HA 36 53.26 -10.90 -23.65
N LEU HA 37 52.31 -10.75 -24.57
CA LEU HA 37 50.93 -10.51 -24.17
C LEU HA 37 50.35 -11.72 -23.45
N GLY HA 38 50.78 -12.93 -23.83
CA GLY HA 38 50.36 -14.11 -23.10
C GLY HA 38 50.95 -14.16 -21.70
N TYR HA 39 52.20 -13.74 -21.58
CA TYR HA 39 52.85 -13.63 -20.28
C TYR HA 39 52.11 -12.62 -19.39
N CYS HA 40 51.72 -11.49 -19.96
CA CYS HA 40 51.01 -10.47 -19.19
C CYS HA 40 49.59 -10.92 -18.84
N SER HA 41 48.96 -11.70 -19.74
CA SER HA 41 47.65 -12.25 -19.44
C SER HA 41 47.73 -13.26 -18.31
N GLY HA 42 48.81 -14.02 -18.27
CA GLY HA 42 49.01 -14.93 -17.14
C GLY HA 42 49.28 -14.20 -15.84
N LEU HA 43 50.07 -13.12 -15.88
CA LEU HA 43 50.31 -12.31 -14.69
C LEU HA 43 49.02 -11.73 -14.16
N ILE HA 44 48.19 -11.17 -15.04
CA ILE HA 44 46.98 -10.54 -14.55
C ILE HA 44 45.94 -11.58 -14.14
N ASP HA 45 45.97 -12.78 -14.74
CA ASP HA 45 45.06 -13.84 -14.30
C ASP HA 45 45.45 -14.35 -12.93
N ASN HA 46 46.75 -14.38 -12.65
CA ASN HA 46 47.18 -14.64 -11.29
C ASN HA 46 46.88 -13.46 -10.36
N ALA HA 47 46.66 -12.28 -10.90
CA ALA HA 47 46.41 -11.12 -10.05
C ALA HA 47 44.95 -10.88 -9.73
N ILE HA 48 44.01 -11.38 -10.55
CA ILE HA 48 42.60 -11.18 -10.27
C ILE HA 48 42.21 -11.94 -9.01
N ARG HA 49 42.31 -13.26 -9.08
CA ARG HA 49 42.29 -14.08 -7.90
C ARG HA 49 43.54 -13.81 -7.08
N ARG HA 50 43.46 -14.09 -5.79
CA ARG HA 50 44.51 -13.67 -4.89
C ARG HA 50 45.62 -14.71 -4.77
N ARG HA 51 45.82 -15.53 -5.77
CA ARG HA 51 46.99 -16.39 -5.79
C ARG HA 51 48.24 -15.52 -5.98
N PRO HA 52 49.38 -15.93 -5.43
CA PRO HA 52 50.60 -15.14 -5.60
C PRO HA 52 51.07 -15.21 -7.04
N VAL HA 53 51.44 -14.06 -7.58
CA VAL HA 53 51.77 -13.94 -8.99
C VAL HA 53 53.16 -14.53 -9.23
N LEU HA 54 53.43 -14.86 -10.50
CA LEU HA 54 54.66 -15.51 -10.99
C LEU HA 54 54.88 -16.88 -10.38
N SER HA 55 53.80 -17.51 -9.91
CA SER HA 55 53.87 -18.81 -9.26
C SER HA 55 52.48 -19.41 -9.26
N ALA HA 56 52.42 -20.72 -9.01
CA ALA HA 56 51.23 -21.54 -8.81
C ALA HA 56 50.31 -21.59 -10.03
N GLY HA 57 50.73 -21.04 -11.16
CA GLY HA 57 49.92 -21.06 -12.35
C GLY HA 57 50.78 -21.20 -13.58
N LEU HA 58 51.94 -21.85 -13.42
CA LEU HA 58 52.90 -21.96 -14.52
C LEU HA 58 52.32 -22.73 -15.70
N HIS HA 59 51.46 -23.71 -15.44
CA HIS HA 59 50.77 -24.36 -16.54
C HIS HA 59 49.74 -23.42 -17.16
N ARG HA 60 49.15 -22.51 -16.37
CA ARG HA 60 48.26 -21.53 -16.96
C ARG HA 60 49.04 -20.48 -17.74
N GLN HA 61 50.25 -20.13 -17.28
CA GLN HA 61 51.14 -19.27 -18.05
C GLN HA 61 51.44 -19.89 -19.40
N PHE HA 62 51.81 -21.17 -19.39
CA PHE HA 62 52.21 -21.86 -20.60
C PHE HA 62 51.03 -22.07 -21.55
N LEU HA 63 49.85 -22.34 -20.99
CA LEU HA 63 48.65 -22.50 -21.81
C LEU HA 63 48.22 -21.19 -22.45
N TYR HA 64 48.32 -20.08 -21.70
CA TYR HA 64 48.01 -18.77 -22.29
C TYR HA 64 48.98 -18.40 -23.40
N ILE HA 65 50.27 -18.64 -23.19
CA ILE HA 65 51.26 -18.33 -24.22
C ILE HA 65 51.02 -19.19 -25.46
N THR HA 66 50.70 -20.47 -25.25
CA THR HA 66 50.44 -21.38 -26.36
C THR HA 66 49.23 -20.95 -27.18
N SER HA 67 48.12 -20.67 -26.51
CA SER HA 67 46.88 -20.32 -27.20
C SER HA 67 47.03 -19.01 -27.95
N PHE HA 68 47.68 -18.02 -27.34
CA PHE HA 68 47.84 -16.74 -28.01
C PHE HA 68 48.79 -16.85 -29.20
N VAL HA 69 49.89 -17.61 -29.08
CA VAL HA 69 50.84 -17.73 -30.18
C VAL HA 69 50.21 -18.47 -31.35
N PHE HA 70 49.42 -19.51 -31.06
CA PHE HA 70 48.74 -20.27 -32.11
C PHE HA 70 47.74 -19.41 -32.87
N VAL HA 71 46.89 -18.68 -32.14
CA VAL HA 71 45.90 -17.83 -32.79
C VAL HA 71 46.57 -16.70 -33.57
N GLY HA 72 47.62 -16.10 -32.99
CA GLY HA 72 48.34 -15.05 -33.67
C GLY HA 72 49.04 -15.53 -34.94
N TYR HA 73 49.48 -16.79 -34.95
CA TYR HA 73 50.10 -17.32 -36.15
C TYR HA 73 49.09 -17.50 -37.27
N TYR HA 74 47.89 -18.00 -36.94
CA TYR HA 74 46.85 -18.10 -37.98
C TYR HA 74 46.45 -16.73 -38.51
N LEU HA 75 46.35 -15.74 -37.62
CA LEU HA 75 45.93 -14.42 -38.08
C LEU HA 75 47.04 -13.73 -38.88
N LEU HA 76 48.30 -14.01 -38.57
CA LEU HA 76 49.39 -13.47 -39.37
C LEU HA 76 49.39 -14.04 -40.78
N LYS HA 77 49.13 -15.35 -40.90
CA LYS HA 77 49.02 -15.96 -42.23
C LYS HA 77 47.88 -15.34 -43.02
N ARG HA 78 46.74 -15.11 -42.37
CA ARG HA 78 45.60 -14.51 -43.05
C ARG HA 78 45.89 -13.07 -43.49
N GLN HA 79 46.60 -12.31 -42.66
CA GLN HA 79 46.96 -10.93 -43.00
C GLN HA 79 47.87 -10.89 -44.22
N ASP HA 80 48.86 -11.79 -44.27
CA ASP HA 80 49.76 -11.85 -45.41
C ASP HA 80 49.02 -12.21 -46.68
N TYR HA 81 48.03 -13.13 -46.58
CA TYR HA 81 47.21 -13.44 -47.74
C TYR HA 81 46.40 -12.24 -48.20
N MET HA 82 45.88 -11.46 -47.26
CA MET HA 82 45.04 -10.33 -47.62
C MET HA 82 45.85 -9.25 -48.33
N TYR HA 83 47.06 -8.99 -47.84
CA TYR HA 83 47.89 -7.99 -48.51
C TYR HA 83 48.40 -8.49 -49.85
N ALA HA 84 48.64 -9.79 -49.99
CA ALA HA 84 49.03 -10.34 -51.27
C ALA HA 84 47.95 -10.16 -52.32
N VAL HA 85 46.69 -10.47 -51.95
CA VAL HA 85 45.63 -10.37 -52.95
C VAL HA 85 45.29 -8.91 -53.22
N ARG HA 86 45.55 -8.01 -52.26
CA ARG HA 86 45.36 -6.58 -52.50
C ARG HA 86 46.35 -6.06 -53.54
N ASP HA 87 47.64 -6.37 -53.36
CA ASP HA 87 48.63 -5.88 -54.31
C ASP HA 87 48.47 -6.51 -55.68
N HIS HA 88 48.05 -7.77 -55.73
CA HIS HA 88 47.89 -8.42 -57.03
C HIS HA 88 46.69 -7.86 -57.79
N ASP HA 89 45.59 -7.57 -57.10
CA ASP HA 89 44.45 -6.91 -57.75
C ASP HA 89 44.83 -5.52 -58.23
N MET HA 90 45.65 -4.81 -57.44
CA MET HA 90 46.10 -3.49 -57.82
C MET HA 90 46.90 -3.52 -59.12
N PHE HA 91 47.93 -4.37 -59.19
CA PHE HA 91 48.77 -4.38 -60.37
C PHE HA 91 48.08 -5.00 -61.57
N SER HA 92 47.09 -5.88 -61.35
CA SER HA 92 46.30 -6.36 -62.46
C SER HA 92 45.42 -5.25 -63.04
N TYR HA 93 44.88 -4.37 -62.19
CA TYR HA 93 44.13 -3.27 -62.75
C TYR HA 93 45.04 -2.22 -63.38
N ILE HA 94 46.29 -2.12 -62.90
CA ILE HA 94 47.26 -1.24 -63.56
C ILE HA 94 47.55 -1.74 -64.98
N LYS HA 95 47.78 -3.04 -65.12
CA LYS HA 95 48.05 -3.58 -66.46
C LYS HA 95 46.79 -3.57 -67.33
N SER HA 96 45.60 -3.65 -66.72
CA SER HA 96 44.39 -3.78 -67.52
C SER HA 96 44.05 -2.49 -68.26
N HIS HA 97 44.34 -1.34 -67.66
CA HIS HA 97 44.03 -0.06 -68.29
C HIS HA 97 45.18 0.93 -68.11
N PRO HA 98 46.13 0.94 -69.04
CA PRO HA 98 47.16 1.98 -69.04
C PRO HA 98 46.67 3.32 -69.58
N GLU HA 99 45.42 3.40 -70.00
CA GLU HA 99 44.93 4.57 -70.73
C GLU HA 99 44.72 5.75 -69.81
N ASP HA 100 44.05 5.54 -68.68
CA ASP HA 100 43.83 6.60 -67.71
C ASP HA 100 45.04 6.84 -66.83
N PHE HA 101 46.06 5.98 -66.91
CA PHE HA 101 47.27 6.06 -66.10
C PHE HA 101 48.44 6.28 -67.04
N PRO HA 102 48.65 7.50 -67.52
CA PRO HA 102 49.68 7.74 -68.52
C PRO HA 102 51.07 7.69 -67.90
N GLU HA 103 52.04 7.38 -68.76
CA GLU HA 103 53.44 7.41 -68.35
C GLU HA 103 53.82 8.86 -68.09
N LYS HA 104 54.09 9.18 -66.82
CA LYS HA 104 54.40 10.54 -66.44
C LYS HA 104 55.79 10.91 -66.97
N ASP HA 105 55.83 11.87 -67.88
CA ASP HA 105 57.08 12.29 -68.50
C ASP HA 105 57.84 13.19 -67.54
N LYS HA 106 59.11 12.86 -67.31
CA LYS HA 106 59.86 13.48 -66.22
C LYS HA 106 60.49 14.79 -66.65
N LYS HA 107 60.08 15.88 -65.99
CA LYS HA 107 60.73 17.17 -66.13
C LYS HA 107 61.82 17.32 -65.09
N THR HA 108 63.03 17.64 -65.56
CA THR HA 108 64.13 17.93 -64.66
C THR HA 108 63.95 19.32 -64.04
N TYR HA 109 64.85 19.65 -63.12
CA TYR HA 109 64.72 20.93 -62.44
C TYR HA 109 65.29 22.09 -63.23
N ARG HA 110 65.90 21.82 -64.38
CA ARG HA 110 66.45 22.91 -65.19
C ARG HA 110 65.34 23.75 -65.81
N GLU HA 111 64.19 23.15 -66.08
CA GLU HA 111 63.10 23.83 -66.76
C GLU HA 111 61.91 24.13 -65.86
N VAL HA 112 61.74 23.42 -64.74
CA VAL HA 112 60.66 23.70 -63.82
C VAL HA 112 61.01 24.93 -63.02
N PHE HA 113 60.15 25.94 -63.05
CA PHE HA 113 60.38 27.20 -62.38
C PHE HA 113 59.42 27.36 -61.22
N GLU HA 114 59.91 27.93 -60.13
CA GLU HA 114 59.13 28.13 -58.93
C GLU HA 114 59.23 29.57 -58.50
N GLU HA 115 58.24 30.02 -57.74
CA GLU HA 115 58.31 31.33 -57.11
C GLU HA 115 59.06 31.21 -55.80
N PHE HA 116 59.85 32.23 -55.49
CA PHE HA 116 60.90 32.10 -54.48
C PHE HA 116 60.42 32.39 -53.06
N HIS HA 117 59.80 33.56 -52.84
CA HIS HA 117 59.23 34.00 -51.55
C HIS HA 117 60.25 33.97 -50.41
N PRO HA 118 61.14 34.96 -50.35
CA PRO HA 118 62.22 34.95 -49.35
C PRO HA 118 61.72 35.03 -47.93
N VAL HA 119 62.13 34.07 -47.12
CA VAL HA 119 62.02 34.17 -45.67
C VAL HA 119 63.31 34.78 -45.14
N ARG HA 120 63.16 35.86 -44.39
CA ARG HA 120 64.31 36.68 -44.05
C ARG HA 120 64.83 36.26 -42.69
N SER IA 1 52.20 80.25 8.47
CA SER IA 1 53.17 79.43 9.18
C SER IA 1 53.60 78.23 8.35
N PHE IA 2 52.63 77.36 8.03
CA PHE IA 2 52.95 76.12 7.35
C PHE IA 2 51.77 75.69 6.50
N PRO IA 3 52.01 75.26 5.25
CA PRO IA 3 50.90 74.97 4.32
C PRO IA 3 50.15 73.65 4.56
N LYS IA 4 50.30 73.08 5.75
CA LYS IA 4 49.48 72.04 6.40
C LYS IA 4 49.75 70.61 5.96
N TYR IA 5 50.73 70.36 5.07
CA TYR IA 5 51.20 69.02 4.70
C TYR IA 5 50.07 68.16 4.14
N GLU IA 6 49.62 68.50 2.94
CA GLU IA 6 48.64 67.66 2.28
C GLU IA 6 49.27 66.30 1.99
N PRO IA 7 48.61 65.20 2.34
CA PRO IA 7 49.21 63.88 2.15
C PRO IA 7 49.10 63.42 0.72
N SER IA 8 49.49 62.17 0.47
CA SER IA 8 49.34 61.60 -0.85
C SER IA 8 49.15 60.10 -0.70
N ARG IA 9 48.99 59.42 -1.83
CA ARG IA 9 48.95 57.97 -1.85
C ARG IA 9 50.33 57.35 -1.73
N LEU IA 10 51.38 58.16 -1.69
CA LEU IA 10 52.73 57.73 -1.37
C LEU IA 10 53.21 58.30 -0.05
N ALA IA 11 52.98 59.59 0.16
CA ALA IA 11 53.44 60.26 1.38
C ALA IA 11 52.60 59.83 2.57
N SER IA 12 53.27 59.32 3.60
CA SER IA 12 52.58 58.97 4.82
C SER IA 12 52.21 60.23 5.59
N LEU IA 13 51.25 60.10 6.50
CA LEU IA 13 50.86 61.20 7.36
C LEU IA 13 51.37 60.93 8.77
N PRO IA 14 52.35 61.69 9.25
CA PRO IA 14 52.93 61.40 10.57
C PRO IA 14 51.96 61.72 11.69
N THR IA 15 52.31 61.25 12.88
CA THR IA 15 51.40 61.24 14.03
C THR IA 15 51.15 62.62 14.61
N THR IA 16 51.84 63.66 14.15
CA THR IA 16 51.67 64.97 14.78
C THR IA 16 50.44 65.69 14.25
N LEU IA 17 50.45 66.08 12.99
CA LEU IA 17 49.35 66.87 12.43
C LEU IA 17 48.32 65.92 11.81
N ASP IA 18 47.54 65.29 12.68
CA ASP IA 18 46.62 64.25 12.20
C ASP IA 18 45.37 64.82 11.53
N PRO IA 19 44.59 65.75 12.16
CA PRO IA 19 44.42 66.30 13.52
C PRO IA 19 43.33 65.53 14.25
N ALA IA 20 43.08 64.31 13.77
CA ALA IA 20 42.01 63.49 14.31
C ALA IA 20 42.33 62.89 15.67
N GLU IA 21 43.62 62.72 16.00
CA GLU IA 21 43.96 62.14 17.29
C GLU IA 21 43.69 63.12 18.42
N TYR IA 22 43.89 64.42 18.18
CA TYR IA 22 43.62 65.42 19.19
C TYR IA 22 42.13 65.76 19.34
N ASP IA 23 41.26 65.02 18.66
CA ASP IA 23 39.81 65.10 18.89
C ASP IA 23 39.37 63.97 19.81
N ILE IA 24 39.89 63.99 21.03
CA ILE IA 24 39.69 62.88 21.96
C ILE IA 24 38.25 62.85 22.45
N SER IA 25 37.61 61.69 22.36
CA SER IA 25 36.33 61.40 22.99
C SER IA 25 36.40 60.05 23.67
N SER IA 26 35.27 59.63 24.25
CA SER IA 26 35.19 58.32 24.86
C SER IA 26 35.25 57.19 23.84
N GLU IA 27 34.85 57.48 22.59
CA GLU IA 27 34.91 56.49 21.51
C GLU IA 27 36.34 56.04 21.28
N THR IA 28 37.26 57.00 21.15
CA THR IA 28 38.63 56.67 20.84
C THR IA 28 39.32 55.97 22.00
N ARG IA 29 39.02 56.38 23.23
CA ARG IA 29 39.60 55.72 24.40
C ARG IA 29 39.12 54.28 24.52
N LYS IA 30 37.82 54.07 24.33
CA LYS IA 30 37.26 52.72 24.44
C LYS IA 30 37.77 51.83 23.32
N ALA IA 31 37.87 52.36 22.10
CA ALA IA 31 38.31 51.56 20.97
C ALA IA 31 39.79 51.23 21.05
N GLN IA 32 40.61 52.17 21.53
CA GLN IA 32 42.02 51.86 21.72
C GLN IA 32 42.23 50.87 22.87
N ALA IA 33 41.41 50.95 23.91
CA ALA IA 33 41.48 49.97 24.99
C ALA IA 33 41.12 48.57 24.49
N GLU IA 34 40.09 48.47 23.66
CA GLU IA 34 39.73 47.16 23.12
C GLU IA 34 40.73 46.68 22.08
N ARG IA 35 41.40 47.61 21.39
CA ARG IA 35 42.46 47.22 20.46
C ARG IA 35 43.67 46.66 21.21
N LEU IA 36 44.00 47.27 22.36
CA LEU IA 36 45.00 46.71 23.24
C LEU IA 36 44.57 45.34 23.76
N ALA IA 37 43.27 45.17 24.02
CA ALA IA 37 42.77 43.88 24.46
C ALA IA 37 42.95 42.81 23.39
N ILE IA 38 42.73 43.18 22.12
CA ILE IA 38 42.88 42.22 21.04
C ILE IA 38 44.35 41.84 20.84
N ARG IA 39 45.23 42.84 20.81
CA ARG IA 39 46.66 42.54 20.68
C ARG IA 39 47.18 41.78 21.90
N SER IA 40 46.60 42.05 23.07
CA SER IA 40 46.95 41.33 24.28
C SER IA 40 46.59 39.86 24.19
N ARG IA 41 45.36 39.56 23.75
CA ARG IA 41 44.93 38.18 23.66
C ARG IA 41 45.72 37.42 22.60
N LEU IA 42 46.00 38.08 21.47
CA LEU IA 42 46.73 37.41 20.39
C LEU IA 42 48.18 37.11 20.79
N LYS IA 43 48.88 38.11 21.34
CA LYS IA 43 50.24 37.85 21.79
C LYS IA 43 50.27 36.92 22.98
N ARG IA 44 49.20 36.88 23.77
CA ARG IA 44 49.15 35.93 24.89
C ARG IA 44 49.08 34.51 24.38
N GLU IA 45 48.19 34.25 23.41
CA GLU IA 45 48.07 32.91 22.84
C GLU IA 45 49.34 32.50 22.10
N TYR IA 46 49.96 33.47 21.42
CA TYR IA 46 51.22 33.21 20.72
C TYR IA 46 52.34 32.88 21.68
N GLN IA 47 52.49 33.65 22.76
CA GLN IA 47 53.55 33.38 23.72
C GLN IA 47 53.27 32.13 24.54
N LEU IA 48 52.01 31.75 24.68
CA LEU IA 48 51.69 30.45 25.27
C LEU IA 48 52.22 29.32 24.40
N GLN IA 49 51.83 29.30 23.13
CA GLN IA 49 52.31 28.19 22.30
C GLN IA 49 53.73 28.37 21.80
N TYR IA 50 54.37 29.47 22.12
CA TYR IA 50 55.67 29.81 21.55
C TYR IA 50 56.83 29.21 22.31
N ASN IA 51 56.62 28.83 23.56
CA ASN IA 51 57.73 28.54 24.45
C ASN IA 51 57.89 27.07 24.80
N ASP IA 52 57.00 26.18 24.35
CA ASP IA 52 57.06 24.76 24.67
C ASP IA 52 58.31 24.11 24.10
N PRO IA 53 59.22 23.61 24.93
CA PRO IA 53 60.35 22.84 24.38
C PRO IA 53 59.95 21.48 23.89
N SER IA 54 58.80 20.97 24.34
CA SER IA 54 58.26 19.73 23.81
C SER IA 54 57.87 19.87 22.34
N ARG IA 55 57.57 21.09 21.90
CA ARG IA 55 57.17 21.34 20.53
C ARG IA 55 58.39 21.31 19.61
N ARG IA 56 58.15 20.83 18.39
CA ARG IA 56 59.19 20.76 17.36
C ARG IA 56 58.84 21.54 16.10
N GLY IA 57 57.58 21.55 15.69
CA GLY IA 57 57.19 22.21 14.45
C GLY IA 57 57.19 23.74 14.50
N VAL IA 58 56.56 24.37 13.51
CA VAL IA 58 56.43 25.82 13.50
C VAL IA 58 55.13 26.22 14.18
N VAL IA 59 54.98 27.50 14.51
CA VAL IA 59 53.86 27.96 15.33
C VAL IA 59 52.58 28.14 14.53
N GLU IA 60 52.66 28.12 13.18
CA GLU IA 60 51.53 27.94 12.28
C GLU IA 60 50.49 29.07 12.41
N ASP IA 61 50.90 30.25 11.95
CA ASP IA 61 50.04 31.39 11.74
C ASP IA 61 48.82 31.02 10.91
N PRO IA 62 47.59 31.20 11.43
CA PRO IA 62 46.43 31.07 10.56
C PRO IA 62 46.22 32.27 9.66
N ALA IA 63 46.79 33.43 10.00
CA ALA IA 63 46.61 34.59 9.14
C ALA IA 63 47.44 34.48 7.88
N LEU IA 64 48.62 33.86 7.96
CA LEU IA 64 49.43 33.62 6.77
C LEU IA 64 48.74 32.65 5.83
N ILE IA 65 48.22 31.55 6.37
CA ILE IA 65 47.45 30.58 5.60
C ILE IA 65 46.23 31.23 5.00
N ARG IA 66 45.58 32.11 5.76
CA ARG IA 66 44.36 32.77 5.34
C ARG IA 66 44.61 33.72 4.18
N TRP IA 67 45.66 34.53 4.30
CA TRP IA 67 46.01 35.48 3.25
C TRP IA 67 46.45 34.77 1.97
N THR IA 68 47.19 33.68 2.11
CA THR IA 68 47.62 32.93 0.93
C THR IA 68 46.45 32.27 0.22
N CYS IA 69 45.55 31.62 0.97
CA CYS IA 69 44.42 30.95 0.34
C CYS IA 69 43.40 31.94 -0.18
N ALA IA 70 43.39 33.16 0.33
CA ALA IA 70 42.61 34.21 -0.29
C ALA IA 70 43.21 34.61 -1.61
N ARG IA 71 44.49 34.97 -1.60
CA ARG IA 71 45.16 35.59 -2.74
C ARG IA 71 45.48 34.60 -3.86
N SER IA 72 45.43 33.29 -3.59
CA SER IA 72 45.70 32.27 -4.59
C SER IA 72 44.42 31.67 -5.16
N ALA IA 73 43.61 31.04 -4.32
CA ALA IA 73 42.47 30.27 -4.79
C ALA IA 73 41.17 31.05 -4.74
N ASN IA 74 40.96 31.83 -3.69
CA ASN IA 74 39.69 32.50 -3.47
C ASN IA 74 39.62 33.86 -4.16
N VAL IA 75 40.35 34.03 -5.25
CA VAL IA 75 40.18 35.23 -6.06
C VAL IA 75 39.02 35.04 -7.03
N TYR IA 76 38.83 33.82 -7.51
CA TYR IA 76 37.84 33.63 -8.56
C TYR IA 76 36.41 33.62 -8.00
N PRO IA 77 36.09 32.97 -6.86
CA PRO IA 77 34.87 33.38 -6.17
C PRO IA 77 35.15 34.46 -5.14
N ASN IA 78 34.35 35.52 -5.11
CA ASN IA 78 33.26 35.74 -6.05
C ASN IA 78 33.70 36.52 -7.28
N PHE IA 79 32.88 36.49 -8.31
CA PHE IA 79 33.06 37.37 -9.46
C PHE IA 79 31.74 37.52 -10.19
N ARG IA 80 31.48 38.74 -10.64
CA ARG IA 80 30.47 39.02 -11.64
C ARG IA 80 31.09 39.91 -12.69
N PRO IA 81 30.82 39.66 -13.95
CA PRO IA 81 31.37 40.52 -14.99
C PRO IA 81 30.70 41.88 -15.00
N ASN IA 82 31.39 42.88 -14.45
CA ASN IA 82 30.87 44.23 -14.41
C ASN IA 82 31.52 45.08 -15.49
N THR IA 83 30.86 46.20 -15.80
CA THR IA 83 31.34 47.12 -16.83
C THR IA 83 32.68 47.72 -16.44
N LYS IA 84 32.87 47.95 -15.14
CA LYS IA 84 34.18 48.31 -14.61
C LYS IA 84 35.22 47.24 -14.91
N THR IA 85 34.94 46.00 -14.52
CA THR IA 85 35.86 44.89 -14.73
C THR IA 85 36.04 44.59 -16.21
N SER IA 86 34.96 44.57 -16.98
CA SER IA 86 35.06 44.20 -18.39
C SER IA 86 35.77 45.28 -19.21
N LEU IA 87 35.51 46.56 -18.93
CA LEU IA 87 36.18 47.61 -19.69
C LEU IA 87 37.65 47.69 -19.30
N LEU IA 88 37.96 47.55 -18.01
CA LEU IA 88 39.34 47.54 -17.56
C LEU IA 88 40.09 46.33 -18.11
N GLY IA 89 39.40 45.20 -18.27
CA GLY IA 89 40.04 44.02 -18.83
C GLY IA 89 40.27 44.13 -20.33
N ALA IA 90 39.30 44.67 -21.06
CA ALA IA 90 39.49 44.87 -22.48
C ALA IA 90 40.53 45.94 -22.77
N LEU IA 91 40.79 46.85 -21.83
CA LEU IA 91 41.88 47.78 -22.03
C LEU IA 91 43.22 47.15 -21.69
N PHE IA 92 43.29 46.37 -20.62
CA PHE IA 92 44.55 45.79 -20.18
C PHE IA 92 44.87 44.45 -20.82
N GLY IA 93 44.06 43.99 -21.77
CA GLY IA 93 44.38 42.75 -22.44
C GLY IA 93 44.56 42.89 -23.93
N ILE IA 94 43.87 43.85 -24.52
CA ILE IA 94 43.89 44.03 -25.96
C ILE IA 94 44.69 45.25 -26.38
N GLY IA 95 44.68 46.31 -25.58
CA GLY IA 95 45.23 47.61 -25.92
C GLY IA 95 46.70 47.66 -26.29
N PRO IA 96 47.59 47.27 -25.37
CA PRO IA 96 49.02 47.30 -25.71
C PRO IA 96 49.38 46.30 -26.81
N LEU IA 97 48.64 45.19 -26.88
CA LEU IA 97 48.91 44.20 -27.90
C LEU IA 97 48.55 44.72 -29.29
N ILE IA 98 47.38 45.38 -29.43
CA ILE IA 98 47.02 45.94 -30.72
C ILE IA 98 47.93 47.12 -31.05
N PHE IA 99 48.46 47.81 -30.03
CA PHE IA 99 49.35 48.93 -30.24
C PHE IA 99 50.69 48.49 -30.84
N TRP IA 100 51.40 47.60 -30.14
CA TRP IA 100 52.69 47.17 -30.67
C TRP IA 100 52.51 46.27 -31.90
N TYR IA 101 51.33 45.67 -32.08
CA TYR IA 101 50.96 45.03 -33.34
C TYR IA 101 51.01 46.01 -34.51
N TYR IA 102 50.38 47.18 -34.32
CA TYR IA 102 50.41 48.21 -35.34
C TYR IA 102 51.83 48.70 -35.59
N VAL IA 103 52.65 48.79 -34.54
CA VAL IA 103 53.97 49.34 -34.81
C VAL IA 103 54.86 48.30 -35.51
N PHE IA 104 54.61 47.00 -35.29
CA PHE IA 104 55.35 46.00 -36.05
C PHE IA 104 54.91 45.99 -37.51
N LYS IA 105 53.61 46.21 -37.76
CA LYS IA 105 53.15 46.37 -39.14
C LYS IA 105 53.83 47.54 -39.82
N THR IA 106 53.90 48.68 -39.13
CA THR IA 106 54.45 49.89 -39.75
C THR IA 106 55.95 49.73 -40.02
N ASP IA 107 56.70 49.19 -39.06
CA ASP IA 107 58.14 49.05 -39.23
C ASP IA 107 58.47 48.01 -40.30
N ARG IA 108 57.72 46.92 -40.35
CA ARG IA 108 57.97 45.92 -41.37
C ARG IA 108 57.58 46.42 -42.75
N ASP IA 109 56.50 47.20 -42.85
CA ASP IA 109 56.13 47.75 -44.16
C ASP IA 109 57.17 48.73 -44.66
N ARG IA 110 57.74 49.55 -43.76
CA ARG IA 110 58.83 50.43 -44.14
C ARG IA 110 60.06 49.64 -44.56
N LYS IA 111 60.39 48.58 -43.84
CA LYS IA 111 61.59 47.81 -44.18
C LYS IA 111 61.40 47.04 -45.49
N GLU IA 112 60.20 46.50 -45.72
CA GLU IA 112 59.95 45.76 -46.95
C GLU IA 112 59.92 46.67 -48.17
N LYS IA 113 59.39 47.89 -48.02
CA LYS IA 113 59.45 48.81 -49.15
C LYS IA 113 60.86 49.31 -49.39
N LEU IA 114 61.63 49.52 -48.31
CA LEU IA 114 63.01 50.00 -48.45
C LEU IA 114 63.91 48.94 -49.07
N ILE IA 115 63.64 47.66 -48.82
CA ILE IA 115 64.42 46.62 -49.49
C ILE IA 115 63.83 46.24 -50.84
N GLN IA 116 62.56 46.57 -51.10
CA GLN IA 116 61.99 46.39 -52.43
C GLN IA 116 62.63 47.36 -53.40
N GLU IA 117 62.85 48.60 -52.97
CA GLU IA 117 63.71 49.47 -53.77
C GLU IA 117 65.18 49.06 -53.69
N GLY IA 118 65.55 48.30 -52.67
CA GLY IA 118 66.91 47.79 -52.56
C GLY IA 118 67.93 48.77 -52.07
N LYS IA 119 67.51 49.89 -51.50
CA LYS IA 119 68.44 50.90 -51.01
C LYS IA 119 68.76 50.72 -49.52
N LEU IA 120 69.13 49.50 -49.16
CA LEU IA 120 69.39 49.12 -47.77
C LEU IA 120 70.89 48.99 -47.55
N ASP IA 121 71.27 48.82 -46.28
CA ASP IA 121 72.65 48.67 -45.84
C ASP IA 121 73.14 47.23 -45.92
N ARG IA 122 72.59 46.44 -46.84
CA ARG IA 122 73.02 45.06 -47.07
C ARG IA 122 74.19 44.97 -48.05
N THR IA 123 75.03 46.01 -48.08
CA THR IA 123 76.36 45.91 -48.66
C THR IA 123 77.11 44.71 -48.07
N PHE IA 124 77.06 44.57 -46.75
CA PHE IA 124 77.51 43.36 -46.07
C PHE IA 124 76.68 43.19 -44.79
N ASN IA 125 75.62 42.39 -44.91
CA ASN IA 125 74.63 42.19 -43.84
C ASN IA 125 74.36 40.70 -43.69
N ILE IA 126 75.44 39.96 -43.54
CA ILE IA 126 75.48 38.53 -43.80
C ILE IA 126 74.79 37.78 -42.68
N SER IA 127 75.14 38.11 -41.44
CA SER IA 127 74.61 37.47 -40.26
C SER IA 127 73.17 37.96 -40.03
N TYR IA 128 72.25 37.35 -40.76
CA TYR IA 128 70.86 37.79 -40.73
C TYR IA 128 70.09 37.25 -39.53
N VAL JA 5 -65.96 -59.49 19.22
CA VAL JA 5 -64.88 -59.91 18.34
C VAL JA 5 -63.91 -58.76 18.13
N LYS JA 6 -62.77 -59.03 17.53
CA LYS JA 6 -61.71 -58.05 17.36
C LYS JA 6 -61.31 -57.95 15.90
N GLN JA 7 -61.20 -56.72 15.39
CA GLN JA 7 -61.06 -56.45 13.97
C GLN JA 7 -59.96 -55.42 13.70
N ASP JA 8 -58.79 -55.64 14.25
CA ASP JA 8 -57.65 -54.78 13.93
C ASP JA 8 -57.05 -55.11 12.57
N MET JA 9 -55.83 -54.63 12.32
CA MET JA 9 -55.09 -54.97 11.11
C MET JA 9 -53.86 -55.79 11.50
N PRO JA 10 -53.94 -57.12 11.52
CA PRO JA 10 -52.76 -57.93 11.76
C PRO JA 10 -52.10 -58.31 10.45
N PRO JA 11 -50.90 -58.88 10.48
CA PRO JA 11 -50.42 -59.61 9.30
C PRO JA 11 -51.20 -60.90 9.13
N VAL JA 12 -51.65 -61.16 7.92
CA VAL JA 12 -52.54 -62.30 7.66
C VAL JA 12 -51.64 -63.54 7.56
N GLY JA 13 -51.50 -64.25 8.68
CA GLY JA 13 -50.74 -65.48 8.72
C GLY JA 13 -49.25 -65.35 8.49
N GLY JA 14 -48.69 -64.15 8.57
CA GLY JA 14 -47.30 -63.92 8.24
C GLY JA 14 -47.10 -63.67 6.77
N TYR JA 15 -46.51 -62.53 6.42
CA TYR JA 15 -46.39 -62.18 5.03
C TYR JA 15 -45.23 -62.92 4.37
N GLY JA 16 -45.20 -62.86 3.04
CA GLY JA 16 -44.14 -63.49 2.30
C GLY JA 16 -42.85 -62.70 2.41
N PRO JA 17 -41.80 -63.24 1.80
CA PRO JA 17 -40.48 -62.62 1.95
C PRO JA 17 -40.35 -61.32 1.18
N ILE JA 18 -39.44 -60.48 1.66
CA ILE JA 18 -39.17 -59.17 1.09
C ILE JA 18 -37.71 -59.16 0.65
N ASP JA 19 -37.48 -58.78 -0.60
CA ASP JA 19 -36.15 -58.61 -1.13
C ASP JA 19 -35.55 -57.26 -0.72
N TYR JA 20 -34.23 -57.25 -0.49
CA TYR JA 20 -33.53 -56.01 -0.22
C TYR JA 20 -32.15 -55.93 -0.87
N LYS JA 21 -31.69 -56.98 -1.53
CA LYS JA 21 -30.28 -57.13 -1.86
C LYS JA 21 -29.92 -56.43 -3.17
N ARG JA 22 -28.66 -56.01 -3.28
CA ARG JA 22 -28.18 -55.33 -4.48
C ARG JA 22 -28.05 -56.29 -5.65
N ASN JA 23 -27.99 -55.74 -6.86
CA ASN JA 23 -27.94 -56.54 -8.07
C ASN JA 23 -27.37 -55.72 -9.21
N LEU JA 24 -26.33 -56.24 -9.89
CA LEU JA 24 -25.76 -55.64 -11.08
C LEU JA 24 -25.46 -56.73 -12.08
N PRO JA 25 -25.79 -56.52 -13.36
CA PRO JA 25 -25.67 -57.59 -14.36
C PRO JA 25 -24.25 -57.85 -14.82
N ARG JA 26 -23.31 -56.93 -14.54
CA ARG JA 26 -21.92 -56.88 -14.99
C ARG JA 26 -21.72 -57.25 -16.45
N ARG JA 27 -22.63 -56.80 -17.31
CA ARG JA 27 -22.51 -56.96 -18.75
C ARG JA 27 -21.86 -55.71 -19.32
N GLY JA 28 -20.61 -55.81 -19.76
CA GLY JA 28 -19.88 -57.06 -19.88
C GLY JA 28 -18.97 -57.11 -21.09
N LEU JA 29 -19.21 -58.09 -21.96
CA LEU JA 29 -18.61 -58.28 -23.28
C LEU JA 29 -17.13 -58.64 -23.27
N SER JA 30 -16.48 -58.70 -22.09
CA SER JA 30 -15.06 -59.03 -21.92
C SER JA 30 -14.18 -58.07 -22.72
N GLY JA 31 -14.18 -56.82 -22.26
CA GLY JA 31 -13.82 -55.62 -23.00
C GLY JA 31 -12.58 -55.62 -23.88
N TYR JA 32 -11.63 -56.53 -23.64
CA TYR JA 32 -10.54 -56.72 -24.58
C TYR JA 32 -11.06 -57.19 -25.93
N SER JA 33 -12.07 -58.07 -25.92
CA SER JA 33 -12.74 -58.40 -27.17
C SER JA 33 -13.50 -57.21 -27.74
N MET JA 34 -13.92 -56.26 -26.90
CA MET JA 34 -14.58 -55.09 -27.42
C MET JA 34 -13.57 -54.16 -28.10
N PHE JA 35 -12.35 -54.09 -27.58
CA PHE JA 35 -11.26 -53.45 -28.30
C PHE JA 35 -11.03 -54.12 -29.63
N ALA JA 36 -11.09 -55.45 -29.67
CA ALA JA 36 -10.94 -56.16 -30.93
C ALA JA 36 -12.07 -55.81 -31.89
N VAL JA 37 -13.29 -55.61 -31.37
CA VAL JA 37 -14.42 -55.17 -32.19
C VAL JA 37 -14.14 -53.80 -32.79
N GLY JA 38 -13.66 -52.87 -31.95
CA GLY JA 38 -13.39 -51.52 -32.43
C GLY JA 38 -12.27 -51.47 -33.47
N ILE JA 39 -11.19 -52.23 -33.23
CA ILE JA 39 -10.08 -52.26 -34.17
C ILE JA 39 -10.49 -52.98 -35.45
N GLY JA 40 -11.38 -53.97 -35.36
CA GLY JA 40 -11.87 -54.63 -36.56
C GLY JA 40 -12.72 -53.72 -37.42
N ALA JA 41 -13.61 -52.94 -36.79
CA ALA JA 41 -14.42 -51.99 -37.54
C ALA JA 41 -13.55 -50.89 -38.14
N LEU JA 42 -12.53 -50.47 -37.40
CA LEU JA 42 -11.56 -49.47 -37.86
C LEU JA 42 -10.83 -49.95 -39.11
N LEU JA 43 -10.31 -51.18 -39.08
CA LEU JA 43 -9.53 -51.67 -40.21
C LEU JA 43 -10.43 -52.02 -41.39
N PHE JA 44 -11.67 -52.43 -41.11
CA PHE JA 44 -12.69 -52.61 -42.14
C PHE JA 44 -12.93 -51.32 -42.92
N GLY JA 45 -13.13 -50.23 -42.17
CA GLY JA 45 -13.32 -48.93 -42.80
C GLY JA 45 -12.10 -48.47 -43.58
N TYR JA 46 -10.90 -48.79 -43.07
CA TYR JA 46 -9.69 -48.39 -43.80
C TYR JA 46 -9.52 -49.16 -45.09
N TRP JA 47 -9.89 -50.45 -45.09
CA TRP JA 47 -9.79 -51.26 -46.30
C TRP JA 47 -10.73 -50.73 -47.38
N SER JA 48 -11.98 -50.48 -47.02
CA SER JA 48 -12.91 -49.97 -48.02
C SER JA 48 -12.57 -48.55 -48.45
N MET JA 49 -12.02 -47.76 -47.53
CA MET JA 49 -11.61 -46.39 -47.81
C MET JA 49 -10.47 -46.37 -48.83
N MET JA 50 -9.49 -47.24 -48.63
CA MET JA 50 -8.35 -47.40 -49.54
C MET JA 50 -8.83 -47.76 -50.94
N ARG JA 51 -9.78 -48.70 -51.02
CA ARG JA 51 -10.29 -49.12 -52.33
C ARG JA 51 -11.00 -47.98 -53.05
N TRP JA 52 -11.85 -47.25 -52.33
CA TRP JA 52 -12.61 -46.17 -52.98
C TRP JA 52 -11.71 -45.00 -53.37
N ASN JA 53 -10.70 -44.69 -52.55
CA ASN JA 53 -9.80 -43.60 -52.89
C ASN JA 53 -8.97 -43.91 -54.12
N ARG JA 54 -8.53 -45.16 -54.28
CA ARG JA 54 -7.72 -45.44 -55.47
C ARG JA 54 -8.57 -45.50 -56.73
N GLU JA 55 -9.82 -45.97 -56.63
CA GLU JA 55 -10.68 -45.92 -57.81
C GLU JA 55 -11.07 -44.48 -58.16
N ARG JA 56 -11.20 -43.61 -57.15
CA ARG JA 56 -11.50 -42.21 -57.46
C ARG JA 56 -10.28 -41.49 -58.01
N ARG JA 57 -9.07 -41.89 -57.62
CA ARG JA 57 -7.87 -41.36 -58.28
C ARG JA 57 -7.83 -41.74 -59.75
N ARG JA 58 -8.26 -42.96 -60.08
CA ARG JA 58 -8.36 -43.37 -61.48
C ARG JA 58 -9.30 -42.45 -62.27
N LEU JA 59 -10.48 -42.19 -61.71
CA LEU JA 59 -11.41 -41.32 -62.42
C LEU JA 59 -10.93 -39.87 -62.49
N GLN JA 60 -10.18 -39.43 -61.47
CA GLN JA 60 -9.71 -38.05 -61.49
C GLN JA 60 -8.60 -37.87 -62.52
N ILE JA 61 -7.78 -38.91 -62.73
CA ILE JA 61 -6.82 -38.86 -63.83
C ILE JA 61 -7.54 -38.91 -65.17
N GLU JA 62 -8.71 -39.57 -65.24
CA GLU JA 62 -9.47 -39.50 -66.49
C GLU JA 62 -9.98 -38.09 -66.77
N ASP JA 63 -10.39 -37.37 -65.73
CA ASP JA 63 -10.80 -35.97 -65.95
C ASP JA 63 -9.60 -35.08 -66.31
N PHE JA 64 -8.43 -35.39 -65.76
CA PHE JA 64 -7.20 -34.73 -66.21
C PHE JA 64 -6.95 -34.94 -67.69
N GLU JA 65 -7.13 -36.17 -68.17
CA GLU JA 65 -6.93 -36.44 -69.59
C GLU JA 65 -7.96 -35.69 -70.43
N ALA JA 66 -9.17 -35.53 -69.91
CA ALA JA 66 -10.18 -34.73 -70.60
C ALA JA 66 -9.72 -33.29 -70.77
N ARG JA 67 -9.24 -32.66 -69.70
CA ARG JA 67 -8.81 -31.26 -69.84
C ARG JA 67 -7.56 -31.13 -70.68
N ILE JA 68 -6.70 -32.15 -70.68
CA ILE JA 68 -5.48 -32.09 -71.48
C ILE JA 68 -5.82 -32.18 -72.96
N ALA JA 69 -6.62 -33.17 -73.35
CA ALA JA 69 -6.92 -33.36 -74.77
C ALA JA 69 -7.82 -32.27 -75.32
N LEU JA 70 -8.62 -31.62 -74.48
CA LEU JA 70 -9.49 -30.59 -75.01
C LEU JA 70 -8.77 -29.25 -75.21
N MET JA 71 -7.56 -29.09 -74.67
CA MET JA 71 -7.02 -27.75 -74.42
C MET JA 71 -6.66 -26.90 -75.65
N PRO JA 72 -5.98 -27.42 -76.71
CA PRO JA 72 -5.51 -26.50 -77.78
C PRO JA 72 -6.62 -25.79 -78.54
N LEU JA 73 -7.79 -26.39 -78.61
CA LEU JA 73 -8.94 -25.74 -79.23
C LEU JA 73 -9.32 -24.46 -78.49
N LEU JA 74 -9.47 -24.57 -77.16
CA LEU JA 74 -9.79 -23.41 -76.35
C LEU JA 74 -8.67 -22.40 -76.33
N GLN JA 75 -7.42 -22.87 -76.45
CA GLN JA 75 -6.29 -21.96 -76.53
C GLN JA 75 -6.35 -21.13 -77.81
N ALA JA 76 -6.70 -21.76 -78.93
CA ALA JA 76 -6.80 -21.04 -80.19
C ALA JA 76 -7.97 -20.05 -80.19
N GLU JA 77 -9.11 -20.45 -79.60
CA GLU JA 77 -10.22 -19.52 -79.46
C GLU JA 77 -9.84 -18.32 -78.61
N LYS JA 78 -9.10 -18.57 -77.55
CA LYS JA 78 -8.64 -17.51 -76.67
C LYS JA 78 -7.72 -16.53 -77.41
N ASP JA 79 -6.86 -17.07 -78.27
CA ASP JA 79 -5.94 -16.24 -79.04
C ASP JA 79 -6.69 -15.34 -80.01
N ARG JA 80 -7.61 -15.92 -80.77
CA ARG JA 80 -8.38 -15.12 -81.73
C ARG JA 80 -9.25 -14.08 -81.04
N ARG JA 81 -9.77 -14.40 -79.85
CA ARG JA 81 -10.61 -13.43 -79.16
C ARG JA 81 -9.79 -12.27 -78.60
N VAL JA 82 -8.62 -12.55 -78.02
CA VAL JA 82 -7.84 -11.44 -77.47
C VAL JA 82 -7.25 -10.58 -78.58
N LEU JA 83 -6.91 -11.18 -79.72
CA LEU JA 83 -6.45 -10.37 -80.83
C LEU JA 83 -7.59 -9.58 -81.44
N GLN JA 84 -8.82 -10.10 -81.37
CA GLN JA 84 -9.97 -9.35 -81.85
C GLN JA 84 -10.23 -8.13 -80.98
N MET JA 85 -10.10 -8.28 -79.65
CA MET JA 85 -10.26 -7.13 -78.77
C MET JA 85 -9.16 -6.10 -78.98
N LEU JA 86 -7.92 -6.54 -79.22
CA LEU JA 86 -6.86 -5.57 -79.48
C LEU JA 86 -7.07 -4.82 -80.78
N ARG JA 87 -7.50 -5.51 -81.84
CA ARG JA 87 -7.76 -4.85 -83.11
C ARG JA 87 -8.91 -3.87 -83.01
N GLU JA 88 -10.00 -4.27 -82.34
CA GLU JA 88 -11.12 -3.37 -82.13
C GLU JA 88 -10.72 -2.16 -81.31
N ASN JA 89 -9.93 -2.35 -80.25
CA ASN JA 89 -9.61 -1.24 -79.38
C ASN JA 89 -8.67 -0.25 -80.06
N LEU JA 90 -7.75 -0.76 -80.89
CA LEU JA 90 -6.90 0.17 -81.64
C LEU JA 90 -7.68 0.92 -82.70
N GLU JA 91 -8.61 0.26 -83.39
CA GLU JA 91 -9.40 0.93 -84.42
C GLU JA 91 -10.34 1.96 -83.79
N GLU JA 92 -10.86 1.64 -82.62
CA GLU JA 92 -11.77 2.54 -81.94
C GLU JA 92 -11.04 3.72 -81.32
N GLU JA 93 -9.80 3.54 -80.84
CA GLU JA 93 -9.04 4.71 -80.42
C GLU JA 93 -8.55 5.53 -81.60
N ALA JA 94 -8.35 4.89 -82.76
CA ALA JA 94 -8.04 5.63 -83.97
C ALA JA 94 -9.20 6.52 -84.37
N THR JA 95 -10.42 6.09 -84.10
CA THR JA 95 -11.57 6.98 -84.28
C THR JA 95 -11.62 8.04 -83.17
N ILE JA 96 -11.42 7.64 -81.92
CA ILE JA 96 -11.93 8.40 -80.78
C ILE JA 96 -10.86 9.23 -80.08
N MET JA 97 -9.58 9.08 -80.45
CA MET JA 97 -8.53 9.79 -79.76
C MET JA 97 -7.67 10.66 -80.68
N LYS JA 98 -8.17 11.00 -81.86
CA LYS JA 98 -7.39 11.76 -82.84
C LYS JA 98 -7.21 13.23 -82.48
N ASP JA 99 -7.75 13.69 -81.36
CA ASP JA 99 -7.70 15.11 -81.04
C ASP JA 99 -6.37 15.49 -80.38
N VAL JA 100 -5.83 14.62 -79.56
CA VAL JA 100 -4.72 14.99 -78.66
C VAL JA 100 -3.43 15.11 -79.47
N PRO JA 101 -2.64 16.17 -79.27
CA PRO JA 101 -1.34 16.26 -79.95
C PRO JA 101 -0.33 15.28 -79.36
N GLY JA 102 0.76 15.08 -80.11
CA GLY JA 102 1.59 13.92 -79.88
C GLY JA 102 0.81 12.68 -80.29
N TRP JA 103 0.92 11.63 -79.47
CA TRP JA 103 0.05 10.45 -79.50
C TRP JA 103 0.10 9.73 -80.86
N LYS JA 104 1.21 9.03 -81.09
CA LYS JA 104 1.14 7.98 -82.10
C LYS JA 104 0.14 6.93 -81.62
N VAL JA 105 -0.67 6.43 -82.55
CA VAL JA 105 -1.96 5.85 -82.20
C VAL JA 105 -1.85 4.50 -81.49
N GLY JA 106 -0.70 3.84 -81.58
CA GLY JA 106 -0.57 2.50 -81.05
C GLY JA 106 0.73 2.28 -80.33
N GLU JA 107 1.22 3.30 -79.64
CA GLU JA 107 2.48 3.23 -78.90
C GLU JA 107 2.38 2.20 -77.79
N SER JA 108 3.00 1.06 -77.99
CA SER JA 108 3.35 0.23 -76.86
C SER JA 108 4.28 1.02 -75.97
N VAL JA 109 3.86 1.27 -74.73
CA VAL JA 109 4.63 2.11 -73.83
C VAL JA 109 5.93 1.41 -73.42
N PHE JA 110 5.94 0.08 -73.47
CA PHE JA 110 7.13 -0.68 -73.17
C PHE JA 110 8.13 -0.59 -74.32
N HIS JA 111 9.33 -1.12 -74.09
CA HIS JA 111 10.40 -0.97 -75.05
C HIS JA 111 10.75 -2.24 -75.82
N THR JA 112 10.66 -3.40 -75.20
CA THR JA 112 11.05 -4.64 -75.86
C THR JA 112 9.94 -5.13 -76.78
N THR JA 113 10.34 -5.58 -77.97
CA THR JA 113 9.38 -6.01 -78.99
C THR JA 113 9.08 -7.47 -78.76
N ARG JA 114 8.23 -7.73 -77.77
CA ARG JA 114 7.68 -9.04 -77.52
C ARG JA 114 6.20 -8.89 -77.20
N TRP JA 115 5.53 -10.01 -77.07
CA TRP JA 115 4.15 -9.98 -76.66
C TRP JA 115 4.05 -9.71 -75.18
N VAL JA 116 3.14 -8.82 -74.81
CA VAL JA 116 2.85 -8.52 -73.42
C VAL JA 116 1.47 -9.08 -73.10
N THR JA 117 1.33 -9.62 -71.90
CA THR JA 117 0.03 -10.07 -71.43
C THR JA 117 -0.87 -8.87 -71.22
N PRO JA 118 -2.09 -8.87 -71.75
CA PRO JA 118 -2.98 -7.73 -71.54
C PRO JA 118 -3.48 -7.67 -70.10
N MET JA 119 -3.82 -6.46 -69.66
CA MET JA 119 -4.02 -6.17 -68.25
C MET JA 119 -5.48 -6.02 -67.86
N MET JA 120 -6.40 -6.46 -68.73
CA MET JA 120 -7.86 -6.40 -68.63
C MET JA 120 -8.40 -4.97 -68.74
N GLY JA 121 -7.55 -3.99 -69.00
CA GLY JA 121 -8.03 -2.67 -69.38
C GLY JA 121 -7.60 -2.41 -70.80
N GLU JA 122 -6.48 -3.01 -71.18
CA GLU JA 122 -6.11 -3.07 -72.58
C GLU JA 122 -7.12 -3.89 -73.36
N LEU JA 123 -7.70 -4.91 -72.75
CA LEU JA 123 -8.82 -5.62 -73.36
C LEU JA 123 -10.12 -4.88 -73.13
N TYR JA 124 -10.53 -4.76 -71.87
CA TYR JA 124 -11.85 -4.25 -71.52
C TYR JA 124 -11.77 -2.78 -71.11
N GLY JA 125 -11.30 -1.95 -72.03
CA GLY JA 125 -11.31 -0.52 -71.85
C GLY JA 125 -12.47 0.06 -72.64
N LEU JA 126 -13.00 1.18 -72.11
CA LEU JA 126 -14.17 1.90 -72.65
C LEU JA 126 -15.37 1.00 -72.94
N ARG JA 127 -15.57 -0.01 -72.09
CA ARG JA 127 -16.63 -0.98 -72.30
C ARG JA 127 -17.86 -0.70 -71.46
N THR JA 128 -17.68 0.03 -70.35
CA THR JA 128 -18.75 0.60 -69.52
C THR JA 128 -19.65 -0.50 -68.92
N GLY JA 129 -19.05 -1.17 -67.93
CA GLY JA 129 -19.77 -1.71 -66.80
C GLY JA 129 -20.22 -3.16 -66.76
N GLU JA 130 -21.23 -3.53 -67.56
CA GLU JA 130 -21.85 -4.85 -67.44
C GLU JA 130 -20.87 -5.95 -67.85
N GLU JA 131 -20.25 -5.79 -69.02
CA GLU JA 131 -19.36 -6.83 -69.51
C GLU JA 131 -18.08 -6.91 -68.69
N ILE JA 132 -17.60 -5.77 -68.18
CA ILE JA 132 -16.38 -5.83 -67.39
C ILE JA 132 -16.65 -6.41 -66.00
N LEU JA 133 -17.85 -6.18 -65.45
CA LEU JA 133 -18.12 -6.80 -64.16
C LEU JA 133 -18.41 -8.27 -64.32
N SER JA 134 -18.98 -8.67 -65.45
CA SER JA 134 -19.23 -10.09 -65.67
C SER JA 134 -17.95 -10.84 -66.02
N SER JA 135 -16.97 -10.17 -66.61
CA SER JA 135 -15.77 -10.88 -67.03
C SER JA 135 -14.65 -10.82 -66.01
N THR JA 136 -14.50 -9.70 -65.31
CA THR JA 136 -13.40 -9.52 -64.39
C THR JA 136 -13.75 -9.98 -62.98
N TYR JA 137 -14.93 -9.62 -62.51
CA TYR JA 137 -15.34 -9.97 -61.16
C TYR JA 137 -16.35 -11.10 -61.16
N GLY JA 138 -16.48 -11.81 -62.28
CA GLY JA 138 -17.44 -12.87 -62.40
C GLY JA 138 -17.10 -14.07 -61.56
N PHE JA 139 -15.88 -14.60 -61.72
CA PHE JA 139 -15.53 -15.80 -60.98
C PHE JA 139 -15.23 -15.51 -59.52
N ILE JA 140 -14.79 -14.28 -59.20
CA ILE JA 140 -14.34 -13.97 -57.85
C ILE JA 140 -15.46 -14.10 -56.85
N TRP JA 141 -16.65 -13.62 -57.21
CA TRP JA 141 -17.79 -13.88 -56.36
C TRP JA 141 -18.94 -14.53 -57.12
N TYR JA 142 -18.64 -15.33 -58.14
CA TYR JA 142 -19.73 -16.09 -58.75
C TYR JA 142 -20.02 -17.28 -57.86
N THR JA 143 -21.00 -17.07 -56.97
CA THR JA 143 -21.47 -18.01 -55.97
C THR JA 143 -20.32 -18.49 -55.08
N SER KA 1 56.43 58.68 36.55
CA SER KA 1 55.94 57.54 37.31
C SER KA 1 57.02 56.48 37.50
N GLY KA 2 57.02 55.45 36.65
CA GLY KA 2 58.01 54.39 36.74
C GLY KA 2 57.45 53.00 36.54
N TYR KA 3 58.12 52.01 37.11
CA TYR KA 3 57.70 50.62 37.00
C TYR KA 3 56.53 50.32 37.94
N THR KA 4 56.22 49.03 38.05
CA THR KA 4 55.50 48.36 39.12
C THR KA 4 56.48 47.50 39.88
N PRO KA 5 56.28 47.27 41.18
CA PRO KA 5 57.19 46.36 41.92
C PRO KA 5 57.14 44.93 41.43
N ASP KA 6 56.03 44.52 40.82
CA ASP KA 6 55.98 43.23 40.14
C ASP KA 6 56.97 43.17 38.99
N GLU KA 7 56.96 44.20 38.14
CA GLU KA 7 57.90 44.25 37.02
C GLU KA 7 59.33 44.42 37.51
N LYS KA 8 59.53 45.13 38.62
CA LYS KA 8 60.85 45.25 39.21
C LYS KA 8 61.37 43.89 39.66
N LEU KA 9 60.51 43.09 40.30
CA LEU KA 9 60.94 41.78 40.81
C LEU KA 9 61.17 40.80 39.66
N ARG KA 10 60.28 40.81 38.67
CA ARG KA 10 60.43 40.01 37.45
C ARG KA 10 61.71 40.39 36.73
N LEU KA 11 62.01 41.69 36.68
CA LEU KA 11 63.26 42.17 36.11
C LEU KA 11 64.46 41.66 36.89
N GLN KA 12 64.32 41.55 38.21
CA GLN KA 12 65.44 41.09 39.04
C GLN KA 12 65.69 39.59 38.89
N GLN KA 13 64.63 38.79 38.74
CA GLN KA 13 64.87 37.38 38.43
C GLN KA 13 65.44 37.21 37.03
N LEU KA 14 65.11 38.14 36.13
CA LEU KA 14 65.78 38.12 34.84
C LEU KA 14 67.23 38.56 34.96
N ARG KA 15 67.55 39.38 35.97
CA ARG KA 15 68.97 39.65 36.24
C ARG KA 15 69.68 38.38 36.69
N GLU KA 16 69.06 37.63 37.59
CA GLU KA 16 69.58 36.35 38.06
C GLU KA 16 69.88 35.41 36.90
N LEU KA 17 68.85 35.17 36.07
CA LEU KA 17 68.99 34.23 34.96
C LEU KA 17 69.94 34.75 33.88
N ARG KA 18 69.94 36.06 33.63
CA ARG KA 18 70.74 36.62 32.56
C ARG KA 18 72.22 36.57 32.89
N ARG KA 19 72.56 36.94 34.13
CA ARG KA 19 73.95 36.93 34.53
C ARG KA 19 74.48 35.50 34.66
N ARG KA 20 73.65 34.55 35.13
CA ARG KA 20 74.11 33.16 35.19
C ARG KA 20 74.30 32.57 33.79
N TRP KA 21 73.41 32.92 32.85
CA TRP KA 21 73.55 32.47 31.48
C TRP KA 21 74.80 33.01 30.83
N LEU KA 22 75.03 34.32 30.96
CA LEU KA 22 76.18 34.89 30.26
C LEU KA 22 77.48 34.60 30.99
N LYS KA 23 77.43 34.22 32.27
CA LYS KA 23 78.61 33.66 32.92
C LYS KA 23 78.90 32.25 32.41
N ASP KA 24 77.84 31.50 32.10
CA ASP KA 24 78.04 30.19 31.47
C ASP KA 24 78.65 30.33 30.07
N GLN KA 25 78.22 31.34 29.32
CA GLN KA 25 78.63 31.44 27.92
C GLN KA 25 80.10 31.80 27.74
N GLU KA 26 80.75 32.34 28.76
CA GLU KA 26 82.20 32.55 28.70
C GLU KA 26 82.86 31.24 29.11
N LEU KA 27 83.21 30.43 28.13
CA LEU KA 27 83.77 29.11 28.45
C LEU KA 27 85.19 29.27 28.95
N SER KA 28 85.51 28.51 29.99
CA SER KA 28 86.90 28.29 30.42
C SER KA 28 87.00 26.97 31.15
N PRO KA 29 87.12 25.85 30.41
CA PRO KA 29 87.50 24.59 31.07
C PRO KA 29 89.01 24.43 31.12
N ARG KA 30 89.72 25.55 30.92
CA ARG KA 30 91.16 25.68 30.68
C ARG KA 30 91.60 25.03 29.39
N GLU KA 31 90.66 24.57 28.56
CA GLU KA 31 90.87 24.10 27.20
C GLU KA 31 89.54 24.27 26.46
N PRO KA 32 89.41 25.29 25.61
CA PRO KA 32 88.14 25.48 24.90
C PRO KA 32 87.94 24.42 23.82
N VAL KA 33 88.97 24.20 23.01
CA VAL KA 33 88.92 23.25 21.92
C VAL KA 33 89.88 22.11 22.25
N LEU KA 34 89.84 21.09 21.42
CA LEU KA 34 90.82 20.01 21.47
C LEU KA 34 90.93 19.40 20.08
N PRO KA 35 92.05 19.63 19.40
CA PRO KA 35 92.25 19.00 18.08
C PRO KA 35 92.62 17.54 18.24
N PRO KA 36 92.09 16.67 17.37
CA PRO KA 36 92.39 15.23 17.51
C PRO KA 36 93.84 14.88 17.17
N ARG KA 37 94.54 15.69 16.39
CA ARG KA 37 95.93 15.40 16.06
C ARG KA 37 96.84 16.57 16.41
N SER KA 67 112.05 29.51 0.09
CA SER KA 67 112.21 29.91 -1.31
C SER KA 67 111.27 29.13 -2.21
N ILE KA 68 110.76 28.02 -1.67
CA ILE KA 68 109.94 27.09 -2.46
C ILE KA 68 108.60 27.71 -2.82
N PHE KA 69 108.12 28.66 -2.01
CA PHE KA 69 106.82 29.29 -2.19
C PHE KA 69 106.76 30.13 -3.45
N ALA KA 70 107.53 31.22 -3.48
CA ALA KA 70 107.58 32.06 -4.66
C ALA KA 70 108.27 31.35 -5.81
N PHE KA 71 109.14 30.38 -5.50
CA PHE KA 71 109.77 29.52 -6.50
C PHE KA 71 108.74 28.83 -7.37
N THR KA 72 107.79 28.10 -6.75
CA THR KA 72 106.77 27.43 -7.55
C THR KA 72 105.81 28.44 -8.18
N HIS KA 73 105.43 29.50 -7.44
CA HIS KA 73 104.40 30.40 -7.98
C HIS KA 73 104.88 31.29 -9.13
N VAL KA 74 106.17 31.53 -9.28
CA VAL KA 74 106.62 32.34 -10.41
C VAL KA 74 107.52 31.56 -11.37
N LEU KA 75 107.79 30.29 -11.09
CA LEU KA 75 108.49 29.48 -12.09
C LEU KA 75 107.62 28.45 -12.76
N ILE KA 76 106.72 27.79 -12.04
CA ILE KA 76 105.84 26.79 -12.64
C ILE KA 76 104.87 27.40 -13.66
N PRO KA 77 104.12 28.49 -13.37
CA PRO KA 77 103.20 28.98 -14.41
C PRO KA 77 103.89 29.59 -15.60
N VAL KA 78 105.05 30.22 -15.42
CA VAL KA 78 105.73 30.81 -16.57
C VAL KA 78 106.27 29.70 -17.47
N TRP KA 79 106.78 28.62 -16.88
CA TRP KA 79 107.22 27.48 -17.67
C TRP KA 79 106.08 26.85 -18.44
N ILE KA 80 104.93 26.67 -17.80
CA ILE KA 80 103.83 26.00 -18.50
C ILE KA 80 103.23 26.92 -19.56
N ILE KA 81 103.14 28.22 -19.29
CA ILE KA 81 102.56 29.13 -20.28
C ILE KA 81 103.50 29.35 -21.45
N HIS KA 82 104.81 29.41 -21.22
CA HIS KA 82 105.69 29.53 -22.37
C HIS KA 82 105.82 28.23 -23.13
N TYR KA 83 105.59 27.08 -22.47
CA TYR KA 83 105.43 25.82 -23.17
C TYR KA 83 104.15 25.81 -23.99
N TYR KA 84 103.13 26.53 -23.51
CA TYR KA 84 101.89 26.71 -24.24
C TYR KA 84 102.02 27.73 -25.37
N LEU KA 85 102.98 28.64 -25.28
CA LEU KA 85 103.12 29.75 -26.20
C LEU KA 85 104.32 29.59 -27.13
N LYS KA 86 104.67 28.37 -27.47
CA LYS KA 86 105.48 28.15 -28.66
C LYS KA 86 104.72 27.30 -29.68
N TYR KA 87 104.36 26.09 -29.31
CA TYR KA 87 104.05 25.05 -30.28
C TYR KA 87 102.57 25.04 -30.65
N HIS KA 88 101.69 25.05 -29.65
CA HIS KA 88 100.27 25.28 -29.89
C HIS KA 88 100.02 26.65 -30.50
N VAL KA 89 100.79 27.65 -30.09
CA VAL KA 89 100.54 29.01 -30.55
C VAL KA 89 101.08 29.22 -31.95
N THR KA 90 101.99 28.36 -32.43
CA THR KA 90 102.41 28.47 -33.82
C THR KA 90 101.71 27.50 -34.74
N THR KA 91 101.17 26.40 -34.21
CA THR KA 91 100.37 25.51 -35.03
C THR KA 91 98.95 25.99 -35.18
N LYS KA 92 98.48 26.85 -34.28
CA LYS KA 92 97.39 27.74 -34.65
C LYS KA 92 98.05 28.89 -35.40
N PRO KA 93 97.80 29.01 -36.69
CA PRO KA 93 98.63 29.89 -37.51
C PRO KA 93 98.40 31.39 -37.30
N TYR KA 94 97.17 31.85 -37.46
CA TYR KA 94 96.83 33.24 -37.19
C TYR KA 94 96.63 33.37 -35.69
N THR KA 95 97.61 33.96 -35.02
CA THR KA 95 97.61 33.88 -33.59
C THR KA 95 98.15 35.22 -33.15
N ILE KA 96 98.83 35.24 -32.00
CA ILE KA 96 99.43 36.42 -31.38
C ILE KA 96 100.21 37.21 -32.43
N VAL KA 97 99.86 38.49 -32.57
CA VAL KA 97 100.48 39.31 -33.60
C VAL KA 97 100.85 40.64 -32.99
N GLU KA 98 102.04 41.10 -33.32
CA GLU KA 98 102.57 42.35 -32.81
C GLU KA 98 102.11 43.50 -33.68
N LYS KA 99 102.09 44.68 -33.08
CA LYS KA 99 101.96 45.92 -33.81
C LYS KA 99 103.35 46.49 -33.97
N LYS KA 100 103.64 46.90 -35.20
CA LYS KA 100 105.00 46.96 -35.74
C LYS KA 100 105.82 48.04 -35.04
N PRO KA 101 107.11 47.79 -34.80
CA PRO KA 101 107.96 48.83 -34.21
C PRO KA 101 108.16 50.00 -35.16
N ARG KA 102 107.94 51.20 -34.64
CA ARG KA 102 107.93 52.42 -35.44
C ARG KA 102 109.35 52.76 -35.84
N ILE KA 103 109.70 52.48 -37.11
CA ILE KA 103 111.05 52.77 -37.59
C ILE KA 103 111.19 54.26 -37.85
N PHE KA 104 112.38 54.78 -37.60
CA PHE KA 104 112.68 56.21 -37.65
C PHE KA 104 113.79 56.48 -38.65
N PRO KA 105 113.77 57.63 -39.35
CA PRO KA 105 114.52 57.75 -40.61
C PRO KA 105 116.04 57.75 -40.47
N GLY KA 106 116.59 57.95 -39.28
CA GLY KA 106 118.03 57.92 -39.14
C GLY KA 106 118.55 56.57 -38.72
N ASP KA 107 117.92 55.50 -39.21
CA ASP KA 107 118.23 54.17 -38.71
C ASP KA 107 118.55 53.19 -39.81
N THR KA 108 118.70 51.92 -39.42
CA THR KA 108 118.82 50.80 -40.33
C THR KA 108 118.02 49.65 -39.77
N ILE KA 109 117.60 48.75 -40.67
CA ILE KA 109 116.88 47.57 -40.22
C ILE KA 109 117.87 46.64 -39.55
N LEU KA 110 117.54 46.20 -38.33
CA LEU KA 110 118.44 45.35 -37.56
C LEU KA 110 118.61 43.98 -38.21
N GLU KA 111 117.56 43.48 -38.86
CA GLU KA 111 117.57 42.09 -39.33
C GLU KA 111 118.28 41.95 -40.67
N THR KA 112 117.70 42.52 -41.73
CA THR KA 112 118.28 42.38 -43.06
C THR KA 112 119.49 43.28 -43.21
N GLY KA 113 119.29 44.57 -43.02
CA GLY KA 113 120.38 45.52 -43.00
C GLY KA 113 120.44 46.37 -44.25
N GLU KA 114 119.84 47.55 -44.17
CA GLU KA 114 120.08 48.64 -45.11
C GLU KA 114 119.66 49.90 -44.41
N VAL KA 115 120.33 50.99 -44.73
CA VAL KA 115 120.18 52.23 -43.98
C VAL KA 115 119.03 53.05 -44.54
N ILE KA 116 118.15 53.50 -43.68
CA ILE KA 116 117.13 54.46 -44.10
C ILE KA 116 117.80 55.82 -44.26
N PRO KA 117 117.63 56.49 -45.40
CA PRO KA 117 118.20 57.83 -45.58
C PRO KA 117 117.57 58.80 -44.61
N PRO KA 118 118.39 59.58 -43.88
CA PRO KA 118 117.87 60.40 -42.79
C PRO KA 118 117.01 61.57 -43.24
N MET KA 119 116.51 62.32 -42.26
CA MET KA 119 115.49 63.31 -42.50
C MET KA 119 116.07 64.52 -43.21
N LYS KA 120 115.23 65.17 -44.02
CA LYS KA 120 115.67 66.19 -44.95
C LYS KA 120 115.85 67.56 -44.32
N GLU KA 121 115.85 68.58 -45.18
CA GLU KA 121 116.32 69.93 -44.87
C GLU KA 121 115.60 70.56 -43.68
N PHE KA 122 116.37 70.84 -42.65
CA PHE KA 122 116.07 71.44 -41.35
C PHE KA 122 115.66 72.92 -41.24
N PRO KA 123 116.09 73.91 -42.14
CA PRO KA 123 115.97 75.33 -41.74
C PRO KA 123 114.58 75.90 -41.65
N ASP KA 124 114.53 77.23 -41.45
CA ASP KA 124 113.35 77.98 -41.04
C ASP KA 124 112.79 77.43 -39.73
N GLN KA 125 113.62 77.52 -38.69
CA GLN KA 125 113.24 77.05 -37.36
C GLN KA 125 112.91 78.22 -36.45
N GLY LA 1 85.70 84.13 -25.53
CA GLY LA 1 86.32 85.37 -25.09
C GLY LA 1 85.46 86.60 -25.32
N ALA LA 2 86.08 87.77 -25.28
CA ALA LA 2 85.35 89.02 -25.47
C ALA LA 2 84.89 89.17 -26.91
N HIS LA 3 85.67 88.63 -27.85
CA HIS LA 3 85.28 88.56 -29.25
C HIS LA 3 83.97 87.82 -29.45
N LEU LA 4 83.69 86.83 -28.59
CA LEU LA 4 82.48 86.04 -28.72
C LEU LA 4 81.28 86.84 -28.27
N ALA LA 5 81.43 87.63 -27.21
CA ALA LA 5 80.39 88.55 -26.79
C ALA LA 5 80.11 89.57 -27.88
N ARG LA 6 81.16 90.04 -28.55
CA ARG LA 6 80.96 91.01 -29.62
C ARG LA 6 80.29 90.37 -30.83
N ARG LA 7 80.67 89.13 -31.16
CA ARG LA 7 80.10 88.42 -32.29
C ARG LA 7 78.63 88.10 -32.07
N TYR LA 8 78.24 87.83 -30.83
CA TYR LA 8 76.84 87.52 -30.59
C TYR LA 8 75.99 88.77 -30.40
N LEU LA 9 76.51 89.77 -29.69
CA LEU LA 9 75.68 90.94 -29.40
C LEU LA 9 75.61 91.89 -30.58
N GLY LA 10 76.73 92.12 -31.27
CA GLY LA 10 76.78 93.10 -32.34
C GLY LA 10 76.22 92.60 -33.66
N ASP LA 11 76.75 93.13 -34.74
CA ASP LA 11 76.30 92.71 -36.06
C ASP LA 11 76.82 91.32 -36.41
N ALA LA 12 75.92 90.45 -36.84
CA ALA LA 12 76.36 89.15 -37.32
C ALA LA 12 76.84 89.20 -38.76
N SER LA 13 76.81 90.37 -39.41
CA SER LA 13 77.26 90.46 -40.78
C SER LA 13 78.78 90.34 -40.87
N VAL LA 14 79.51 91.14 -40.08
CA VAL LA 14 80.96 91.25 -40.22
C VAL LA 14 81.74 90.10 -39.61
N GLU LA 15 81.07 89.09 -39.09
CA GLU LA 15 81.74 88.06 -38.31
C GLU LA 15 81.93 86.82 -39.15
N PRO LA 16 83.16 86.35 -39.36
CA PRO LA 16 83.36 85.07 -40.05
C PRO LA 16 83.01 83.90 -39.14
N GLU LA 17 82.21 82.98 -39.68
CA GLU LA 17 81.85 81.88 -38.81
C GLU LA 17 82.91 80.78 -38.86
N PRO LA 18 83.30 80.25 -37.70
CA PRO LA 18 84.28 79.16 -37.69
C PRO LA 18 83.68 77.90 -38.28
N LEU LA 19 84.57 77.07 -38.83
CA LEU LA 19 84.31 75.83 -39.58
C LEU LA 19 83.44 76.03 -40.82
N ARG LA 20 83.17 77.28 -41.21
CA ARG LA 20 82.75 77.67 -42.55
C ARG LA 20 83.50 78.93 -42.94
N MET LA 21 84.83 78.89 -42.75
CA MET LA 21 85.65 80.09 -42.87
C MET LA 21 85.82 80.63 -44.29
N PRO LA 22 86.30 79.85 -45.32
CA PRO LA 22 86.71 80.53 -46.57
C PRO LA 22 85.58 81.10 -47.41
N THR LA 23 85.51 82.43 -47.46
CA THR LA 23 84.49 83.14 -48.21
C THR LA 23 85.07 83.95 -49.35
N PHE LA 24 85.99 84.86 -49.06
CA PHE LA 24 86.64 85.65 -50.10
C PHE LA 24 87.63 84.76 -50.85
N PRO LA 25 87.75 84.93 -52.16
CA PRO LA 25 88.55 84.01 -52.97
C PRO LA 25 90.03 84.21 -52.70
N PRO LA 26 90.86 83.21 -53.02
CA PRO LA 26 92.32 83.38 -52.86
C PRO LA 26 92.93 84.34 -53.86
N ASP LA 27 94.27 84.40 -53.83
CA ASP LA 27 95.17 85.34 -54.54
C ASP LA 27 94.61 86.76 -54.62
N TYR LA 28 94.11 87.23 -53.48
CA TYR LA 28 93.46 88.54 -53.40
C TYR LA 28 94.39 89.58 -52.83
N GLY LA 29 94.87 89.39 -51.60
CA GLY LA 29 95.89 90.24 -51.02
C GLY LA 29 97.13 89.42 -50.77
N PHE LA 30 97.13 88.22 -51.33
CA PHE LA 30 98.23 87.24 -51.28
C PHE LA 30 99.41 87.51 -52.21
N PRO LA 31 99.19 87.92 -53.52
CA PRO LA 31 99.91 87.27 -54.64
C PRO LA 31 101.40 87.02 -54.53
N GLU LA 32 101.82 85.85 -55.05
CA GLU LA 32 103.18 85.32 -54.99
C GLU LA 32 103.68 85.22 -53.55
N ARG LA 33 102.81 84.76 -52.65
CA ARG LA 33 103.21 84.44 -51.28
C ARG LA 33 102.78 83.00 -51.04
N LYS LA 34 103.61 82.08 -51.51
CA LYS LA 34 103.42 80.64 -51.26
C LYS LA 34 104.73 79.95 -51.57
N GLU LA 35 105.36 79.37 -50.55
CA GLU LA 35 106.42 78.40 -50.75
C GLU LA 35 105.97 77.01 -50.31
N ARG LA 36 105.55 76.87 -49.05
CA ARG LA 36 105.01 75.64 -48.44
C ARG LA 36 105.97 74.47 -48.64
N GLU LA 37 107.14 74.61 -47.99
CA GLU LA 37 108.22 73.64 -48.15
C GLU LA 37 107.79 72.26 -47.69
N MET LA 38 107.45 72.13 -46.40
CA MET LA 38 106.80 70.96 -45.81
C MET LA 38 107.67 69.71 -46.01
N VAL LA 39 108.79 69.70 -45.29
CA VAL LA 39 109.96 68.91 -45.64
C VAL LA 39 109.89 67.62 -44.81
N ALA LA 40 108.67 67.27 -44.41
CA ALA LA 40 108.42 66.22 -43.43
C ALA LA 40 108.64 64.81 -43.96
N THR LA 41 108.95 64.63 -45.26
CA THR LA 41 109.18 63.34 -45.91
C THR LA 41 107.98 62.42 -45.73
N GLN LA 42 106.90 62.79 -46.45
CA GLN LA 42 105.56 62.24 -46.26
C GLN LA 42 105.50 60.71 -46.36
N GLN LA 43 106.40 60.11 -47.12
CA GLN LA 43 106.47 58.65 -47.14
C GLN LA 43 107.05 58.12 -45.84
N GLU LA 44 108.06 58.80 -45.29
CA GLU LA 44 108.57 58.41 -43.97
C GLU LA 44 107.56 58.74 -42.88
N MET LA 45 106.77 59.80 -43.10
CA MET LA 45 105.63 60.08 -42.24
C MET LA 45 104.61 58.95 -42.28
N ASN LA 46 104.47 58.28 -43.42
CA ASN LA 46 103.57 57.15 -43.52
C ASN LA 46 104.15 55.91 -42.86
N ASP LA 47 105.44 55.65 -43.10
CA ASP LA 47 106.08 54.44 -42.60
C ASP LA 47 106.18 54.46 -41.08
N ALA LA 48 106.66 55.56 -40.52
CA ALA LA 48 106.61 55.74 -39.08
C ALA LA 48 105.16 55.98 -38.68
N GLN LA 49 104.61 55.12 -37.81
CA GLN LA 49 103.18 55.14 -37.55
C GLN LA 49 102.76 56.34 -36.71
N LEU LA 50 102.46 57.44 -37.38
CA LEU LA 50 102.05 58.67 -36.72
C LEU LA 50 100.54 58.85 -36.78
N VAL LA 51 100.03 59.55 -35.80
CA VAL LA 51 98.61 59.65 -35.54
C VAL LA 51 97.99 60.59 -36.57
N LEU LA 52 96.73 60.34 -36.92
CA LEU LA 52 95.96 61.35 -37.64
C LEU LA 52 95.80 62.58 -36.76
N GLN LA 53 95.85 63.74 -37.41
CA GLN LA 53 96.03 65.09 -36.86
C GLN LA 53 97.40 65.30 -36.22
N GLN LA 54 98.29 64.31 -36.29
CA GLN LA 54 99.72 64.54 -36.16
C GLN LA 54 100.41 64.43 -37.50
N ARG LA 55 99.64 64.21 -38.57
CA ARG LA 55 100.18 64.27 -39.93
C ARG LA 55 100.02 65.69 -40.47
N ASP LA 56 100.63 66.64 -39.77
CA ASP LA 56 100.38 68.05 -40.03
C ASP LA 56 101.69 68.83 -40.08
N TYR LA 57 101.59 70.15 -40.01
CA TYR LA 57 102.75 71.01 -39.93
C TYR LA 57 103.56 70.70 -38.68
N CYS LA 58 104.87 71.03 -38.75
CA CYS LA 58 105.87 70.76 -37.70
C CYS LA 58 105.96 69.28 -37.38
N ALA LA 59 105.88 68.45 -38.41
CA ALA LA 59 105.87 67.01 -38.18
C ALA LA 59 107.26 66.49 -37.83
N HIS LA 60 108.29 67.02 -38.48
CA HIS LA 60 109.63 66.50 -38.32
C HIS LA 60 110.21 66.77 -36.94
N TYR LA 61 109.72 67.79 -36.24
CA TYR LA 61 110.10 68.00 -34.86
C TYR LA 61 109.54 66.91 -33.98
N LEU LA 62 108.30 66.46 -34.26
CA LEU LA 62 107.76 65.30 -33.57
C LEU LA 62 108.54 64.04 -33.92
N ILE LA 63 109.03 63.94 -35.17
CA ILE LA 63 109.86 62.79 -35.57
C ILE LA 63 111.14 62.75 -34.74
N ARG LA 64 111.78 63.90 -34.56
CA ARG LA 64 113.01 63.94 -33.78
C ARG LA 64 112.75 63.67 -32.30
N PHE LA 65 111.61 64.15 -31.79
CA PHE LA 65 111.25 63.89 -30.40
C PHE LA 65 111.03 62.41 -30.15
N LEU LA 66 110.31 61.75 -31.05
CA LEU LA 66 110.12 60.32 -30.93
C LEU LA 66 111.43 59.57 -31.11
N LYS LA 67 112.33 60.08 -31.93
CA LYS LA 67 113.62 59.42 -32.13
C LYS LA 67 114.47 59.49 -30.87
N CYS LA 68 114.52 60.64 -30.21
CA CYS LA 68 115.34 60.72 -29.00
C CYS LA 68 114.68 59.98 -27.84
N LYS LA 69 113.35 59.93 -27.80
CA LYS LA 69 112.71 59.16 -26.73
C LYS LA 69 112.90 57.66 -26.94
N ARG LA 70 113.01 57.22 -28.20
CA ARG LA 70 113.32 55.81 -28.41
C ARG LA 70 114.79 55.53 -28.14
N ASP LA 71 115.68 56.49 -28.45
CA ASP LA 71 117.11 56.26 -28.29
C ASP LA 71 117.52 56.24 -26.82
N SER LA 72 116.93 57.10 -26.00
CA SER LA 72 117.28 57.14 -24.59
C SER LA 72 116.02 56.92 -23.79
N PHE LA 73 115.64 55.67 -23.62
CA PHE LA 73 114.42 55.39 -22.87
C PHE LA 73 114.59 55.41 -21.35
N PRO LA 74 115.59 54.76 -20.72
CA PRO LA 74 115.69 54.90 -19.26
C PRO LA 74 116.10 56.29 -18.80
N ASN LA 75 116.61 57.12 -19.71
CA ASN LA 75 116.66 58.56 -19.49
C ASN LA 75 115.23 59.09 -19.53
N PHE LA 76 114.63 59.19 -18.36
CA PHE LA 76 113.23 59.53 -18.22
C PHE LA 76 112.98 61.02 -18.44
N LEU LA 77 113.94 61.87 -18.09
CA LEU LA 77 113.80 63.32 -18.16
C LEU LA 77 114.85 63.94 -19.06
N ALA LA 78 115.10 63.32 -20.22
CA ALA LA 78 116.13 63.83 -21.11
C ALA LA 78 115.55 64.77 -22.17
N CYS LA 79 114.61 64.26 -22.98
CA CYS LA 79 114.08 65.00 -24.11
C CYS LA 79 113.10 66.04 -23.58
N LYS LA 80 113.61 67.26 -23.35
CA LYS LA 80 112.75 68.37 -23.01
C LYS LA 80 113.07 69.56 -23.90
N HIS LA 81 114.29 69.59 -24.43
CA HIS LA 81 114.65 70.62 -25.41
C HIS LA 81 113.83 70.46 -26.69
N GLU LA 82 113.82 69.25 -27.24
CA GLU LA 82 113.06 68.99 -28.46
C GLU LA 82 111.57 69.06 -28.20
N GLN LA 83 111.15 68.70 -26.98
CA GLN LA 83 109.77 68.87 -26.55
C GLN LA 83 109.36 70.33 -26.64
N HIS LA 84 110.15 71.22 -26.04
CA HIS LA 84 109.85 72.64 -26.07
C HIS LA 84 109.96 73.22 -27.46
N ASP LA 85 110.87 72.68 -28.28
CA ASP LA 85 111.01 73.18 -29.66
C ASP LA 85 109.80 72.82 -30.50
N TRP LA 86 109.29 71.61 -30.34
CA TRP LA 86 108.09 71.20 -31.05
C TRP LA 86 106.86 71.97 -30.57
N ASP LA 87 106.80 72.23 -29.26
CA ASP LA 87 105.75 73.09 -28.72
C ASP LA 87 105.83 74.48 -29.31
N TYR LA 88 107.04 75.00 -29.45
CA TYR LA 88 107.24 76.33 -30.01
C TYR LA 88 106.80 76.39 -31.47
N CYS LA 89 107.09 75.33 -32.22
CA CYS LA 89 106.72 75.30 -33.64
C CYS LA 89 105.21 75.26 -33.80
N GLU LA 90 104.53 74.42 -33.04
CA GLU LA 90 103.09 74.40 -33.23
C GLU LA 90 102.38 75.55 -32.53
N HIS LA 91 103.04 76.22 -31.58
CA HIS LA 91 102.56 77.51 -31.12
C HIS LA 91 102.63 78.55 -32.23
N LEU LA 92 103.74 78.54 -32.99
CA LEU LA 92 103.82 79.38 -34.18
C LEU LA 92 102.74 79.04 -35.19
N ASP LA 93 102.38 77.76 -35.30
CA ASP LA 93 101.30 77.34 -36.19
C ASP LA 93 99.95 77.87 -35.71
N TYR LA 94 99.73 77.87 -34.40
CA TYR LA 94 98.52 78.46 -33.84
C TYR LA 94 98.48 79.97 -34.08
N VAL LA 95 99.64 80.61 -34.03
CA VAL LA 95 99.74 82.03 -34.35
C VAL LA 95 99.34 82.27 -35.80
N LYS LA 96 99.81 81.39 -36.70
CA LYS LA 96 99.49 81.49 -38.11
C LYS LA 96 97.98 81.33 -38.36
N ARG LA 97 97.36 80.39 -37.64
CA ARG LA 97 95.91 80.19 -37.80
C ARG LA 97 95.12 81.37 -37.25
N MET LA 98 95.57 81.93 -36.11
CA MET LA 98 94.98 83.14 -35.57
C MET LA 98 95.04 84.29 -36.56
N LYS LA 99 96.20 84.46 -37.20
CA LYS LA 99 96.38 85.58 -38.11
C LYS LA 99 95.56 85.42 -39.37
N GLU LA 100 95.40 84.17 -39.84
CA GLU LA 100 94.53 83.91 -40.97
C GLU LA 100 93.08 84.23 -40.64
N PHE LA 101 92.63 83.86 -39.42
CA PHE LA 101 91.29 84.23 -38.95
C PHE LA 101 91.09 85.74 -38.97
N GLU LA 102 92.01 86.46 -38.33
CA GLU LA 102 91.79 87.90 -38.20
C GLU LA 102 91.96 88.63 -39.52
N ARG LA 103 92.75 88.08 -40.44
CA ARG LA 103 92.86 88.68 -41.76
C ARG LA 103 91.55 88.56 -42.52
N GLU LA 104 90.92 87.38 -42.47
CA GLU LA 104 89.61 87.28 -43.13
C GLU LA 104 88.55 88.10 -42.39
N ARG LA 105 88.70 88.26 -41.08
CA ARG LA 105 87.75 89.06 -40.31
C ARG LA 105 87.84 90.54 -40.69
N ARG LA 106 89.07 91.06 -40.76
CA ARG LA 106 89.29 92.44 -41.20
C ARG LA 106 88.83 92.66 -42.62
N LEU LA 107 89.10 91.69 -43.50
CA LEU LA 107 88.64 91.77 -44.89
C LEU LA 107 87.13 91.86 -44.95
N LEU LA 108 86.43 90.99 -44.22
CA LEU LA 108 84.98 90.94 -44.34
C LEU LA 108 84.35 92.19 -43.75
N GLN LA 109 84.81 92.61 -42.57
CA GLN LA 109 84.29 93.83 -41.93
C GLN LA 109 84.54 95.05 -42.81
N ARG LA 110 85.81 95.30 -43.16
CA ARG LA 110 86.17 96.53 -43.86
C ARG LA 110 85.55 96.57 -45.25
N LYS LA 111 85.61 95.45 -45.99
CA LYS LA 111 85.09 95.44 -47.35
C LYS LA 111 83.57 95.55 -47.36
N LYS LA 112 82.88 94.72 -46.58
CA LYS LA 112 81.42 94.74 -46.58
C LYS LA 112 80.87 96.05 -46.04
N ARG LA 113 81.51 96.63 -45.01
CA ARG LA 113 80.94 97.86 -44.47
C ARG LA 113 81.34 99.08 -45.28
N ARG LA 114 82.49 99.03 -45.96
CA ARG LA 114 82.82 100.09 -46.92
C ARG LA 114 81.81 100.10 -48.06
N GLU LA 115 81.50 98.92 -48.61
CA GLU LA 115 80.57 98.82 -49.73
C GLU LA 115 79.14 99.16 -49.30
N GLN LA 116 78.65 98.55 -48.22
CA GLN LA 116 77.26 98.76 -47.80
C GLN LA 116 77.08 99.96 -46.90
N ARG LA 117 78.11 100.77 -46.67
CA ARG LA 117 77.93 102.03 -45.98
C ARG LA 117 78.38 103.21 -46.81
N GLU LA 118 78.85 103.00 -48.05
CA GLU LA 118 78.99 104.11 -48.98
C GLU LA 118 78.26 103.88 -50.29
N ALA LA 119 77.70 102.70 -50.53
CA ALA LA 119 77.11 102.35 -51.81
C ALA LA 119 75.65 101.93 -51.66
N PHE MA 2 49.94 51.74 21.49
CA PHE MA 2 51.09 51.12 20.84
C PHE MA 2 52.17 50.88 21.90
N LEU MA 3 51.82 50.08 22.89
CA LEU MA 3 52.66 49.84 24.06
C LEU MA 3 52.07 48.67 24.84
N PRO MA 4 52.90 47.95 25.62
CA PRO MA 4 52.36 46.87 26.45
C PRO MA 4 51.51 47.33 27.63
N SER MA 5 51.78 48.50 28.19
CA SER MA 5 51.21 48.84 29.49
C SER MA 5 49.95 49.69 29.42
N ALA MA 6 49.64 50.28 28.27
CA ALA MA 6 48.43 51.07 28.14
C ALA MA 6 47.91 50.91 26.71
N ALA MA 7 46.87 51.69 26.38
CA ALA MA 7 46.35 51.74 25.02
C ALA MA 7 46.80 53.00 24.29
N TYR MA 8 46.44 54.16 24.80
CA TYR MA 8 47.03 55.42 24.41
C TYR MA 8 48.31 55.62 25.19
N LEU MA 9 49.07 56.65 24.82
CA LEU MA 9 50.34 56.80 25.53
C LEU MA 9 50.10 57.52 26.85
N THR MA 10 49.94 58.85 26.77
CA THR MA 10 49.31 59.81 27.68
C THR MA 10 49.55 61.19 27.08
N HIS MA 11 49.03 62.24 27.72
CA HIS MA 11 49.33 63.60 27.27
C HIS MA 11 50.77 64.00 27.60
N GLN MA 12 51.20 63.72 28.83
CA GLN MA 12 52.46 64.25 29.34
C GLN MA 12 53.66 63.63 28.63
N GLN MA 13 53.63 62.31 28.43
CA GLN MA 13 54.71 61.65 27.70
C GLN MA 13 54.69 62.01 26.22
N LYS MA 14 53.52 62.37 25.67
CA LYS MA 14 53.45 62.84 24.29
C LYS MA 14 54.18 64.17 24.13
N VAL MA 15 53.92 65.11 25.05
CA VAL MA 15 54.67 66.36 25.10
C VAL MA 15 56.15 66.09 25.33
N LEU MA 16 56.46 65.06 26.11
CA LEU MA 16 57.84 64.71 26.39
C LEU MA 16 58.53 64.16 25.15
N GLN MA 17 57.81 63.39 24.33
CA GLN MA 17 58.37 62.92 23.07
C GLN MA 17 58.63 64.08 22.12
N LEU MA 18 57.74 65.07 22.13
CA LEU MA 18 58.00 66.29 21.36
C LEU MA 18 59.27 66.98 21.84
N TYR MA 19 59.46 67.05 23.15
CA TYR MA 19 60.66 67.66 23.71
C TYR MA 19 61.92 66.91 23.29
N LYS MA 20 61.88 65.58 23.35
CA LYS MA 20 63.09 64.81 23.08
C LYS MA 20 63.44 64.84 21.59
N ARG MA 21 62.44 64.80 20.71
CA ARG MA 21 62.72 64.90 19.28
C ARG MA 21 63.20 66.30 18.89
N ALA MA 22 62.65 67.35 19.52
CA ALA MA 22 63.10 68.69 19.20
C ALA MA 22 64.52 68.92 19.68
N LEU MA 23 64.86 68.33 20.83
CA LEU MA 23 66.21 68.42 21.33
C LEU MA 23 67.19 67.67 20.43
N ARG MA 24 66.77 66.50 19.92
CA ARG MA 24 67.57 65.73 18.99
C ARG MA 24 67.80 66.47 17.68
N HIS MA 25 66.74 67.05 17.11
CA HIS MA 25 66.89 67.80 15.87
C HIS MA 25 67.68 69.08 16.07
N LEU MA 26 67.70 69.63 17.28
CA LEU MA 26 68.54 70.79 17.50
C LEU MA 26 70.01 70.40 17.59
N GLU MA 27 70.30 69.22 18.16
CA GLU MA 27 71.62 68.63 17.99
C GLU MA 27 72.00 68.51 16.52
N SER MA 28 71.06 68.05 15.69
CA SER MA 28 71.35 67.84 14.28
C SER MA 28 71.55 69.15 13.55
N ARG MA 29 70.81 70.19 13.93
CA ARG MA 29 70.92 71.47 13.26
C ARG MA 29 72.20 72.18 13.64
N CYS MA 30 72.56 72.13 14.92
CA CYS MA 30 73.61 73.00 15.45
C CYS MA 30 74.87 72.18 15.71
N VAL MA 31 75.92 72.49 14.95
CA VAL MA 31 77.28 72.02 15.20
C VAL MA 31 77.91 72.96 16.22
N HIS MA 32 79.12 72.61 16.67
CA HIS MA 32 80.07 73.34 17.53
C HIS MA 32 79.67 73.33 19.01
N ARG MA 33 78.46 72.89 19.35
CA ARG MA 33 78.03 72.39 20.66
C ARG MA 33 77.88 73.43 21.77
N ASP MA 34 78.52 74.60 21.64
CA ASP MA 34 78.36 75.57 22.71
C ASP MA 34 77.16 76.47 22.44
N LYS MA 35 77.05 76.94 21.20
CA LYS MA 35 75.83 77.60 20.76
C LYS MA 35 74.66 76.65 20.74
N TYR MA 36 74.94 75.34 20.59
CA TYR MA 36 73.91 74.34 20.81
C TYR MA 36 73.42 74.34 22.25
N ARG MA 37 74.34 74.38 23.20
CA ARG MA 37 73.93 74.46 24.61
C ARG MA 37 73.13 75.72 24.88
N TYR MA 38 73.50 76.83 24.22
CA TYR MA 38 72.72 78.07 24.30
C TYR MA 38 71.31 77.90 23.76
N PHE MA 39 71.18 77.33 22.56
CA PHE MA 39 69.87 77.15 21.96
C PHE MA 39 69.03 76.15 22.73
N ALA MA 40 69.68 75.16 23.35
CA ALA MA 40 68.97 74.18 24.16
C ALA MA 40 68.40 74.83 25.41
N CYS MA 41 69.15 75.74 26.04
CA CYS MA 41 68.61 76.43 27.20
C CYS MA 41 67.52 77.41 26.80
N LEU MA 42 67.64 78.04 25.62
CA LEU MA 42 66.54 78.87 25.12
C LEU MA 42 65.31 78.04 24.84
N LEU MA 43 65.50 76.80 24.39
CA LEU MA 43 64.37 75.90 24.20
C LEU MA 43 63.78 75.48 25.54
N ARG MA 44 64.63 75.29 26.54
CA ARG MA 44 64.17 74.91 27.88
C ARG MA 44 63.33 76.01 28.49
N ALA MA 45 63.74 77.27 28.29
CA ALA MA 45 62.92 78.40 28.74
C ALA MA 45 61.65 78.57 27.92
N ARG MA 46 61.73 78.34 26.60
CA ARG MA 46 60.56 78.49 25.73
C ARG MA 46 59.50 77.46 26.05
N PHE MA 47 59.90 76.25 26.41
CA PHE MA 47 58.91 75.30 26.92
C PHE MA 47 58.51 75.58 28.36
N ASP MA 48 59.38 76.23 29.15
CA ASP MA 48 59.01 76.60 30.50
C ASP MA 48 58.44 78.01 30.59
N GLU MA 49 57.90 78.53 29.48
CA GLU MA 49 57.09 79.74 29.54
C GLU MA 49 55.84 79.53 30.38
N HIS MA 50 55.04 78.53 30.04
CA HIS MA 50 53.66 78.45 30.51
C HIS MA 50 53.31 77.05 31.00
N LYS MA 51 54.11 76.53 31.94
CA LYS MA 51 53.82 75.23 32.53
C LYS MA 51 52.54 75.26 33.35
N ASN MA 52 52.23 76.39 34.00
CA ASN MA 52 51.21 76.45 35.03
C ASN MA 52 49.80 76.62 34.47
N GLU MA 53 49.62 76.43 33.16
CA GLU MA 53 48.29 76.56 32.58
C GLU MA 53 47.46 75.34 32.98
N LYS MA 54 46.51 75.53 33.88
CA LYS MA 54 45.61 74.45 34.28
C LYS MA 54 44.53 74.19 33.24
N ASP MA 55 44.40 75.03 32.23
CA ASP MA 55 43.53 74.71 31.11
C ASP MA 55 44.10 73.54 30.33
N MET MA 56 43.22 72.62 29.96
CA MET MA 56 43.65 71.47 29.20
C MET MA 56 43.64 71.75 27.71
N VAL MA 57 42.56 72.36 27.23
CA VAL MA 57 42.37 72.53 25.79
C VAL MA 57 43.31 73.61 25.24
N LYS MA 58 43.66 74.62 26.04
CA LYS MA 58 44.69 75.58 25.64
C LYS MA 58 46.05 74.90 25.55
N ALA MA 59 46.31 73.97 26.47
CA ALA MA 59 47.59 73.26 26.46
C ALA MA 59 47.73 72.37 25.23
N THR MA 60 46.67 71.64 24.86
CA THR MA 60 46.78 70.81 23.67
C THR MA 60 46.69 71.62 22.38
N GLN MA 61 46.05 72.80 22.40
CA GLN MA 61 46.12 73.70 21.26
C GLN MA 61 47.55 74.19 21.03
N LEU MA 62 48.21 74.64 22.10
CA LEU MA 62 49.61 75.04 21.99
C LEU MA 62 50.51 73.85 21.65
N LEU MA 63 50.12 72.65 22.07
CA LEU MA 63 50.87 71.46 21.69
C LEU MA 63 50.80 71.19 20.19
N ARG MA 64 49.62 71.35 19.60
CA ARG MA 64 49.50 71.13 18.17
C ARG MA 64 50.18 72.25 17.39
N GLU MA 65 50.19 73.47 17.94
CA GLU MA 65 50.96 74.55 17.33
C GLU MA 65 52.45 74.27 17.42
N ALA MA 66 52.89 73.68 18.53
CA ALA MA 66 54.29 73.29 18.65
C ALA MA 66 54.64 72.17 17.70
N GLU MA 67 53.71 71.26 17.43
CA GLU MA 67 53.94 70.22 16.43
C GLU MA 67 54.07 70.80 15.02
N LYS MA 68 53.24 71.80 14.70
CA LYS MA 68 53.39 72.51 13.43
C LYS MA 68 54.77 73.18 13.33
N GLU MA 69 55.18 73.86 14.40
CA GLU MA 69 56.47 74.56 14.38
C GLU MA 69 57.64 73.60 14.35
N PHE MA 70 57.52 72.46 15.01
CA PHE MA 70 58.55 71.42 14.95
C PHE MA 70 58.63 70.82 13.56
N TRP MA 71 57.48 70.58 12.92
CA TRP MA 71 57.51 69.94 11.63
C TRP MA 71 58.01 70.87 10.55
N HIS MA 72 57.76 72.17 10.67
CA HIS MA 72 58.34 73.07 9.70
C HIS MA 72 59.82 73.32 9.98
N GLY MA 73 60.28 73.05 11.20
CA GLY MA 73 61.64 73.37 11.57
C GLY MA 73 62.56 72.20 11.87
N GLN MA 74 62.17 70.97 11.53
CA GLN MA 74 63.04 69.83 11.77
C GLN MA 74 64.13 69.76 10.71
N HIS MA 75 64.99 68.76 10.82
CA HIS MA 75 66.08 68.58 9.87
C HIS MA 75 65.78 67.37 8.98
N PRO MA 76 66.21 67.39 7.71
CA PRO MA 76 65.92 66.25 6.84
C PRO MA 76 66.66 64.97 7.21
N GLN MA 77 67.95 65.05 7.51
CA GLN MA 77 68.76 63.90 7.93
C GLN MA 77 69.21 64.12 9.37
N PRO MA 78 68.35 63.84 10.34
CA PRO MA 78 68.70 64.12 11.74
C PRO MA 78 69.76 63.15 12.20
N TYR MA 79 70.53 63.57 13.20
CA TYR MA 79 71.57 62.67 13.68
C TYR MA 79 70.95 61.52 14.47
N ILE MA 80 70.78 60.44 13.79
CA ILE MA 80 70.34 59.18 14.35
C ILE MA 80 71.54 58.41 14.86
N PHE MA 81 71.33 57.57 15.86
CA PHE MA 81 72.46 56.87 16.45
C PHE MA 81 72.83 55.65 15.63
N PRO MA 82 74.13 55.33 15.53
CA PRO MA 82 74.54 54.13 14.78
C PRO MA 82 74.48 52.85 15.59
N GLU MA 83 73.40 52.66 16.36
CA GLU MA 83 72.92 51.35 16.81
C GLU MA 83 71.42 51.24 16.71
N SER MA 84 70.71 52.34 16.57
CA SER MA 84 69.28 52.38 16.47
C SER MA 84 68.83 51.91 15.11
N PRO MA 85 67.57 51.51 14.96
CA PRO MA 85 66.98 51.40 13.62
C PRO MA 85 66.89 52.76 12.96
N GLY MA 86 67.16 52.75 11.65
CA GLY MA 86 67.36 53.98 10.91
C GLY MA 86 68.84 54.23 10.74
N GLY MA 87 69.61 53.97 11.78
CA GLY MA 87 71.02 54.29 11.81
C GLY MA 87 71.89 53.35 11.02
N THR MA 88 73.17 53.35 11.38
CA THR MA 88 74.17 52.62 10.61
C THR MA 88 74.21 51.14 10.98
N SER MA 89 73.99 50.80 12.24
CA SER MA 89 74.19 49.40 12.61
C SER MA 89 72.99 48.53 12.24
N TYR MA 90 71.86 48.72 12.94
CA TYR MA 90 70.59 48.02 12.76
C TYR MA 90 70.74 46.52 12.53
N GLU MA 91 71.15 45.79 13.57
CA GLU MA 91 71.59 44.39 13.51
C GLU MA 91 72.75 44.25 12.51
N ARG MA 92 73.80 45.03 12.77
CA ARG MA 92 75.00 45.00 11.95
C ARG MA 92 75.71 43.67 12.08
N TYR MA 93 75.78 43.14 13.30
CA TYR MA 93 76.50 41.89 13.55
C TYR MA 93 75.53 40.73 13.71
N GLU MA 94 74.49 40.74 12.89
CA GLU MA 94 73.52 39.67 12.80
C GLU MA 94 74.09 38.42 12.11
N CYS MA 95 75.26 38.55 11.48
CA CYS MA 95 75.95 37.43 10.83
C CYS MA 95 76.24 36.30 11.80
N TYR MA 96 76.39 36.61 13.08
CA TYR MA 96 76.67 35.60 14.09
C TYR MA 96 75.60 35.64 15.18
N LYS MA 97 74.39 36.04 14.83
CA LYS MA 97 73.24 35.91 15.72
C LYS MA 97 72.46 34.63 15.41
N VAL MA 98 73.17 33.52 15.44
CA VAL MA 98 72.55 32.22 15.21
C VAL MA 98 71.68 31.87 16.41
N PRO MA 99 70.41 31.51 16.22
CA PRO MA 99 69.54 31.25 17.37
C PRO MA 99 69.91 29.96 18.07
N GLU MA 100 69.66 29.96 19.38
CA GLU MA 100 70.18 28.95 20.28
C GLU MA 100 69.33 27.70 20.36
N TRP MA 101 68.21 27.62 19.63
CA TRP MA 101 67.50 26.35 19.57
C TRP MA 101 68.31 25.34 18.80
N CYS MA 102 69.10 25.78 17.84
CA CYS MA 102 70.10 24.95 17.21
C CYS MA 102 71.34 24.90 18.09
N LEU MA 103 72.47 24.46 17.52
CA LEU MA 103 73.78 24.14 18.12
C LEU MA 103 73.72 22.77 18.81
N ASP MA 104 72.54 22.13 18.87
CA ASP MA 104 72.42 20.77 19.35
C ASP MA 104 72.31 19.75 18.22
N ASP MA 105 72.00 20.18 17.01
CA ASP MA 105 71.97 19.28 15.87
C ASP MA 105 73.35 19.10 15.28
N TRP MA 106 74.31 18.72 16.11
CA TRP MA 106 75.67 18.53 15.65
C TRP MA 106 76.01 17.05 15.62
N HIS MA 107 77.15 16.79 15.09
CA HIS MA 107 77.70 15.47 15.30
C HIS MA 107 78.37 15.43 16.67
N PRO MA 108 78.21 14.34 17.43
CA PRO MA 108 78.77 14.28 18.78
C PRO MA 108 80.29 14.18 18.82
N SER MA 109 81.00 14.16 17.69
CA SER MA 109 82.44 14.38 17.71
C SER MA 109 82.75 15.77 18.22
N GLU MA 110 82.05 16.77 17.70
CA GLU MA 110 82.25 18.13 18.17
C GLU MA 110 81.66 18.32 19.56
N LYS MA 111 80.68 17.50 19.94
CA LYS MA 111 80.24 17.53 21.32
C LYS MA 111 81.25 16.88 22.25
N ALA MA 112 82.04 15.93 21.74
CA ALA MA 112 83.17 15.43 22.51
C ALA MA 112 84.29 16.45 22.56
N MET MA 113 84.36 17.33 21.57
CA MET MA 113 85.37 18.38 21.58
C MET MA 113 85.07 19.43 22.64
N TYR MA 114 83.79 19.75 22.85
CA TYR MA 114 83.39 20.85 23.73
C TYR MA 114 82.50 20.30 24.84
N PRO MA 115 83.07 19.57 25.80
CA PRO MA 115 82.22 18.75 26.68
C PRO MA 115 81.46 19.55 27.73
N ASP MA 116 82.11 20.54 28.35
CA ASP MA 116 81.60 21.10 29.58
C ASP MA 116 80.53 22.15 29.33
N TYR MA 117 80.70 22.94 28.27
CA TYR MA 117 79.64 23.84 27.83
C TYR MA 117 78.37 23.07 27.49
N PHE MA 118 78.51 21.91 26.84
CA PHE MA 118 77.34 21.15 26.47
C PHE MA 118 76.72 20.44 27.67
N ALA MA 119 77.53 20.08 28.67
CA ALA MA 119 76.97 19.55 29.91
C ALA MA 119 76.19 20.62 30.66
N LYS MA 120 76.71 21.84 30.67
CA LYS MA 120 75.98 22.93 31.33
C LYS MA 120 74.75 23.34 30.54
N ARG MA 121 74.79 23.23 29.21
CA ARG MA 121 73.58 23.49 28.43
C ARG MA 121 72.53 22.42 28.66
N GLU MA 122 72.97 21.17 28.82
CA GLU MA 122 72.05 20.09 29.15
C GLU MA 122 71.38 20.32 30.48
N GLN MA 123 72.13 20.81 31.48
CA GLN MA 123 71.46 21.10 32.74
C GLN MA 123 70.63 22.38 32.68
N TRP MA 124 70.91 23.30 31.74
CA TRP MA 124 69.96 24.38 31.50
C TRP MA 124 68.63 23.84 31.00
N LYS MA 125 68.69 22.94 30.01
CA LYS MA 125 67.45 22.40 29.45
C LYS MA 125 66.73 21.51 30.45
N LYS MA 126 67.49 20.84 31.33
CA LYS MA 126 66.86 20.08 32.40
C LYS MA 126 66.20 20.98 33.43
N LEU MA 127 66.77 22.17 33.68
CA LEU MA 127 66.05 23.15 34.47
C LEU MA 127 64.81 23.64 33.75
N ARG MA 128 64.88 23.77 32.43
CA ARG MA 128 63.77 24.29 31.65
C ARG MA 128 62.57 23.34 31.70
N ARG MA 129 62.81 22.07 31.41
CA ARG MA 129 61.72 21.10 31.49
C ARG MA 129 61.36 20.80 32.94
N GLU MA 130 62.35 20.90 33.83
CA GLU MA 130 62.16 20.62 35.25
C GLU MA 130 61.15 21.58 35.88
N SER MA 131 61.21 22.84 35.49
CA SER MA 131 60.32 23.85 36.05
C SER MA 131 59.41 24.38 34.95
N TRP MA 132 58.84 23.48 34.16
CA TRP MA 132 58.08 23.96 33.02
C TRP MA 132 56.61 24.17 33.32
N GLU MA 133 55.90 23.11 33.70
CA GLU MA 133 54.45 23.10 33.57
C GLU MA 133 53.76 23.93 34.65
N ARG MA 134 54.07 23.61 35.92
CA ARG MA 134 53.16 23.90 37.02
C ARG MA 134 53.00 25.39 37.28
N GLU MA 135 54.08 26.06 37.70
CA GLU MA 135 53.97 27.45 38.11
C GLU MA 135 53.67 28.37 36.93
N VAL MA 136 54.28 28.08 35.77
CA VAL MA 136 54.09 28.87 34.56
C VAL MA 136 52.64 28.85 34.12
N LYS MA 137 52.12 27.65 33.81
CA LYS MA 137 50.79 27.62 33.22
C LYS MA 137 49.70 27.75 34.28
N GLN MA 138 50.03 27.50 35.55
CA GLN MA 138 49.13 27.84 36.64
C GLN MA 138 48.93 29.34 36.75
N LEU MA 139 50.02 30.11 36.72
CA LEU MA 139 49.86 31.56 36.76
C LEU MA 139 49.32 32.13 35.46
N GLN MA 140 49.49 31.43 34.33
CA GLN MA 140 48.91 31.94 33.10
C GLN MA 140 47.41 31.72 33.02
N GLU MA 141 46.91 30.61 33.55
CA GLU MA 141 45.46 30.40 33.54
C GLU MA 141 44.79 30.76 34.86
N GLU MA 142 45.52 31.33 35.81
CA GLU MA 142 44.90 31.76 37.05
C GLU MA 142 44.95 33.26 37.24
N THR MA 143 46.14 33.86 37.25
CA THR MA 143 46.30 35.27 37.60
C THR MA 143 45.73 36.32 36.63
N PRO MA 144 45.59 36.09 35.33
CA PRO MA 144 44.81 37.02 34.52
C PRO MA 144 43.31 36.70 34.57
N VAL MA 145 42.54 37.62 33.99
CA VAL MA 145 41.11 37.48 33.81
C VAL MA 145 40.93 36.68 32.52
N GLY MA 146 39.71 36.16 32.27
CA GLY MA 146 39.43 35.46 31.02
C GLY MA 146 39.69 36.31 29.79
N GLY MA 147 39.52 37.62 29.90
CA GLY MA 147 40.20 38.54 29.02
C GLY MA 147 41.40 39.10 29.76
N PRO MA 148 42.61 38.68 29.37
CA PRO MA 148 43.80 39.11 30.14
C PRO MA 148 44.12 40.58 30.02
N ARG MA 149 44.00 41.16 28.81
CA ARG MA 149 43.99 42.61 28.58
C ARG MA 149 45.27 43.32 29.00
N THR MA 150 46.40 42.63 28.90
CA THR MA 150 47.72 43.25 28.95
C THR MA 150 48.71 42.34 28.26
N GLU MA 151 49.94 42.81 28.11
CA GLU MA 151 50.98 42.02 27.48
C GLU MA 151 52.03 41.53 28.46
N ALA MA 152 52.33 42.29 29.51
CA ALA MA 152 53.33 41.87 30.47
C ALA MA 152 52.80 40.75 31.34
N LEU MA 153 53.72 40.04 31.98
CA LEU MA 153 53.37 38.97 32.89
C LEU MA 153 53.92 39.25 34.28
N PRO MA 154 53.20 38.88 35.33
CA PRO MA 154 53.74 39.02 36.67
C PRO MA 154 54.79 37.94 36.91
N PRO MA 155 55.74 38.18 37.81
CA PRO MA 155 56.72 37.14 38.14
C PRO MA 155 56.09 36.02 38.94
N ALA MA 156 56.76 34.87 38.89
CA ALA MA 156 56.39 33.74 39.75
C ALA MA 156 56.99 33.98 41.12
N ARG MA 157 56.39 34.92 41.84
CA ARG MA 157 56.88 35.40 43.12
C ARG MA 157 56.41 34.56 44.28
N LYS MA 158 55.42 33.68 44.04
CA LYS MA 158 54.66 33.04 45.11
C LYS MA 158 55.53 32.14 45.98
N GLN MA 159 55.99 31.01 45.46
CA GLN MA 159 56.79 30.10 46.26
C GLN MA 159 58.16 29.81 45.66
N GLY MA 160 58.19 29.28 44.44
CA GLY MA 160 59.38 28.63 43.96
C GLY MA 160 60.05 29.23 42.76
N ASP MA 161 59.75 28.65 41.60
CA ASP MA 161 60.61 28.71 40.43
C ASP MA 161 60.49 30.00 39.64
N LEU MA 162 61.02 29.95 38.42
CA LEU MA 162 61.36 31.13 37.65
C LEU MA 162 60.09 31.84 37.17
N PRO MA 163 60.16 33.16 36.95
CA PRO MA 163 59.01 33.89 36.41
C PRO MA 163 58.69 33.37 35.02
N PRO MA 164 57.41 33.22 34.70
CA PRO MA 164 57.02 32.35 33.59
C PRO MA 164 57.40 32.92 32.23
N LEU MA 165 57.62 31.99 31.29
CA LEU MA 165 57.92 32.28 29.88
C LEU MA 165 59.24 33.06 29.75
N TRP MA 166 60.33 32.42 30.19
CA TRP MA 166 61.60 33.12 30.27
C TRP MA 166 62.64 32.65 29.26
N TRP MA 167 62.34 31.62 28.46
CA TRP MA 167 63.37 30.99 27.65
C TRP MA 167 63.84 31.88 26.53
N HIS MA 168 62.94 32.27 25.64
CA HIS MA 168 63.28 33.14 24.52
C HIS MA 168 63.45 34.61 24.91
N ILE MA 169 63.43 34.92 26.20
CA ILE MA 169 63.74 36.27 26.66
C ILE MA 169 65.10 36.32 27.32
N VAL MA 170 65.40 35.37 28.20
CA VAL MA 170 66.73 35.29 28.78
C VAL MA 170 67.73 34.75 27.77
N THR MA 171 67.49 33.55 27.26
CA THR MA 171 68.40 32.89 26.35
C THR MA 171 68.23 33.46 24.95
N ARG MA 172 68.83 34.61 24.73
CA ARG MA 172 68.86 35.32 23.46
C ARG MA 172 70.31 35.64 23.15
N PRO MA 173 70.65 35.98 21.89
CA PRO MA 173 72.04 36.33 21.59
C PRO MA 173 72.56 37.62 22.23
N ARG MA 174 73.83 37.92 21.97
CA ARG MA 174 74.59 38.91 22.74
C ARG MA 174 74.71 40.27 22.08
N GLU MA 175 74.15 40.45 20.87
CA GLU MA 175 74.09 41.70 20.12
C GLU MA 175 75.44 42.28 19.68
N ARG MA 176 76.54 41.65 20.04
CA ARG MA 176 77.89 42.06 19.66
C ARG MA 176 78.79 40.86 19.90
N PRO MA 177 78.82 39.89 18.98
CA PRO MA 177 79.54 38.65 19.25
C PRO MA 177 81.05 38.79 19.11
N ALA NA 5 101.43 45.45 25.51
CA ALA NA 5 100.36 45.32 24.52
C ALA NA 5 100.31 46.53 23.61
N HIS NA 6 99.12 46.86 23.14
CA HIS NA 6 98.90 48.08 22.37
C HIS NA 6 98.68 49.26 23.32
N ILE NA 7 98.17 50.36 22.78
CA ILE NA 7 97.97 51.57 23.58
C ILE NA 7 96.82 51.35 24.56
N GLU NA 8 96.85 52.11 25.67
CA GLU NA 8 95.84 52.04 26.71
C GLU NA 8 94.78 53.12 26.49
N PRO NA 9 93.53 52.84 26.84
CA PRO NA 9 92.48 53.85 26.69
C PRO NA 9 92.53 54.86 27.82
N ARG NA 10 91.96 56.03 27.54
CA ARG NA 10 91.79 57.04 28.57
C ARG NA 10 90.44 57.71 28.41
N TYR NA 11 90.03 58.41 29.46
CA TYR NA 11 88.68 58.95 29.60
C TYR NA 11 88.75 60.46 29.70
N ARG NA 12 88.14 61.14 28.71
CA ARG NA 12 87.99 62.60 28.69
C ARG NA 12 89.32 63.34 28.82
N GLN NA 13 90.37 62.77 28.23
CA GLN NA 13 91.68 63.39 28.17
C GLN NA 13 92.23 63.25 26.76
N PHE NA 14 93.29 63.96 26.52
CA PHE NA 14 93.96 63.89 25.23
C PHE NA 14 94.81 62.62 25.16
N PRO NA 15 94.70 61.84 24.09
CA PRO NA 15 95.42 60.56 24.03
C PRO NA 15 96.91 60.77 23.89
N GLN NA 16 97.66 59.78 24.37
CA GLN NA 16 99.11 59.85 24.27
C GLN NA 16 99.57 59.25 22.94
N LEU NA 17 100.73 59.71 22.50
CA LEU NA 17 101.28 59.35 21.20
C LEU NA 17 102.75 59.00 21.34
N THR NA 18 103.26 58.29 20.35
CA THR NA 18 104.70 58.07 20.23
C THR NA 18 105.31 59.22 19.44
N ARG NA 19 106.64 59.31 19.49
CA ARG NA 19 107.32 60.20 18.57
C ARG NA 19 107.30 59.66 17.15
N SER NA 20 107.04 58.36 17.01
CA SER NA 20 107.18 57.66 15.73
C SER NA 20 106.15 58.14 14.72
N GLN NA 21 104.86 57.96 15.02
CA GLN NA 21 103.84 58.27 14.03
C GLN NA 21 103.68 59.76 13.82
N VAL NA 22 103.97 60.58 14.84
CA VAL NA 22 103.91 62.02 14.61
C VAL NA 22 105.09 62.46 13.75
N ILE NA 23 106.25 61.80 13.86
CA ILE NA 23 107.34 62.25 13.01
C ILE NA 23 107.19 61.69 11.61
N GLN NA 24 106.51 60.54 11.44
CA GLN NA 24 106.19 60.11 10.07
C GLN NA 24 105.13 61.01 9.44
N ALA NA 25 104.17 61.50 10.22
CA ALA NA 25 103.13 62.36 9.66
C ALA NA 25 103.72 63.69 9.22
N GLU NA 26 104.58 64.28 10.05
CA GLU NA 26 105.28 65.50 9.65
C GLU NA 26 106.24 65.24 8.50
N PHE NA 27 106.85 64.04 8.45
CA PHE NA 27 107.69 63.65 7.32
C PHE NA 27 106.91 63.58 6.03
N PHE NA 28 105.68 63.07 6.09
CA PHE NA 28 104.91 62.85 4.87
C PHE NA 28 104.38 64.16 4.30
N SER NA 29 103.80 65.00 5.18
CA SER NA 29 103.41 66.35 4.74
C SER NA 29 104.63 67.15 4.30
N ALA NA 30 105.77 66.90 4.92
CA ALA NA 30 107.00 67.59 4.58
C ALA NA 30 107.52 67.20 3.21
N THR NA 31 107.50 65.90 2.88
CA THR NA 31 107.96 65.48 1.56
C THR NA 31 107.00 65.90 0.48
N MET NA 32 105.70 66.00 0.79
CA MET NA 32 104.76 66.60 -0.16
C MET NA 32 105.15 68.03 -0.47
N TRP NA 33 105.40 68.82 0.59
CA TRP NA 33 105.69 70.22 0.34
C TRP NA 33 107.06 70.40 -0.30
N PHE NA 34 108.00 69.51 0.00
CA PHE NA 34 109.30 69.50 -0.67
C PHE NA 34 109.15 69.20 -2.16
N TRP NA 35 108.28 68.26 -2.50
CA TRP NA 35 108.08 67.94 -3.91
C TRP NA 35 107.36 69.05 -4.64
N ILE NA 36 106.40 69.72 -4.00
CA ILE NA 36 105.73 70.80 -4.71
C ILE NA 36 106.67 72.00 -4.84
N LEU NA 37 107.64 72.17 -3.94
CA LEU NA 37 108.57 73.27 -4.12
C LEU NA 37 109.61 72.97 -5.20
N TRP NA 38 110.21 71.77 -5.18
CA TRP NA 38 111.21 71.46 -6.21
C TRP NA 38 110.55 71.28 -7.57
N ARG NA 39 109.28 70.90 -7.58
CA ARG NA 39 108.61 70.71 -8.84
C ARG NA 39 108.12 72.03 -9.42
N PHE NA 40 107.61 72.93 -8.55
CA PHE NA 40 107.20 74.25 -8.98
C PHE NA 40 108.35 75.10 -9.50
N TRP NA 41 109.57 74.81 -9.09
CA TRP NA 41 110.65 75.72 -9.37
C TRP NA 41 111.39 75.42 -10.65
N HIS NA 42 111.41 74.14 -11.07
CA HIS NA 42 112.48 73.68 -11.94
C HIS NA 42 112.33 74.20 -13.37
N ASP NA 43 111.30 73.76 -14.08
CA ASP NA 43 111.04 74.29 -15.42
C ASP NA 43 109.68 74.95 -15.53
N SER NA 44 108.63 74.25 -15.12
CA SER NA 44 107.35 74.86 -14.80
C SER NA 44 107.33 75.11 -13.30
N ASP NA 45 106.60 76.13 -12.78
CA ASP NA 45 105.80 77.23 -13.38
C ASP NA 45 104.68 76.92 -14.39
N ALA NA 46 103.82 75.97 -14.02
CA ALA NA 46 102.69 75.59 -14.85
C ALA NA 46 101.56 76.62 -14.83
N VAL NA 47 101.63 77.60 -13.93
CA VAL NA 47 100.72 78.73 -13.99
C VAL NA 47 100.96 79.54 -15.25
N LEU NA 48 102.22 79.73 -15.61
CA LEU NA 48 102.55 80.34 -16.88
C LEU NA 48 102.22 79.41 -18.03
N GLY NA 49 101.91 80.00 -19.18
CA GLY NA 49 101.67 79.28 -20.41
C GLY NA 49 102.92 79.01 -21.20
N HIS NA 50 104.07 79.47 -20.70
CA HIS NA 50 105.41 79.19 -21.22
C HIS NA 50 105.62 79.71 -22.65
N PHE NA 51 104.75 80.60 -23.10
CA PHE NA 51 104.80 81.23 -24.40
C PHE NA 51 104.12 82.57 -24.25
N PRO NA 52 104.65 83.62 -24.86
CA PRO NA 52 103.92 84.89 -24.87
C PRO NA 52 102.70 84.79 -25.77
N TYR NA 53 101.52 84.81 -25.17
CA TYR NA 53 100.30 84.86 -25.96
C TYR NA 53 100.22 86.20 -26.66
N PRO NA 54 100.17 86.23 -27.98
CA PRO NA 54 100.31 87.49 -28.71
C PRO NA 54 99.02 88.32 -28.66
N ASP NA 55 99.09 89.47 -29.29
CA ASP NA 55 97.93 90.34 -29.47
C ASP NA 55 97.05 89.78 -30.58
N PRO NA 56 95.91 90.40 -30.86
CA PRO NA 56 95.35 90.31 -32.20
C PRO NA 56 96.37 90.74 -33.24
N SER NA 57 96.32 90.08 -34.40
CA SER NA 57 97.46 89.51 -35.12
C SER NA 57 98.78 90.25 -34.96
N GLN NA 58 98.79 91.53 -35.35
CA GLN NA 58 99.79 92.48 -34.88
C GLN NA 58 99.14 93.84 -34.64
N TRP NA 59 97.80 93.91 -34.66
CA TRP NA 59 97.02 95.16 -34.74
C TRP NA 59 97.46 96.01 -35.93
N THR NA 60 97.68 95.37 -37.07
CA THR NA 60 98.19 96.05 -38.27
C THR NA 60 97.22 95.87 -39.43
N ASP NA 61 96.66 96.97 -39.90
CA ASP NA 61 96.13 96.99 -41.26
C ASP NA 61 97.28 97.11 -42.25
N GLU NA 62 96.95 96.88 -43.53
CA GLU NA 62 97.86 96.79 -44.69
C GLU NA 62 99.09 95.90 -44.45
N GLU NA 63 98.97 94.94 -43.54
CA GLU NA 63 99.97 93.90 -43.34
C GLU NA 63 99.24 92.57 -43.40
N LEU NA 64 99.88 91.60 -44.06
CA LEU NA 64 99.38 90.30 -44.53
C LEU NA 64 98.39 90.43 -45.69
N GLY NA 65 98.08 91.65 -46.13
CA GLY NA 65 97.37 91.84 -47.37
C GLY NA 65 95.89 92.16 -47.23
N ILE NA 66 95.55 93.44 -47.30
CA ILE NA 66 94.17 93.89 -47.48
C ILE NA 66 94.19 94.96 -48.57
N PRO NA 67 93.14 95.11 -49.36
CA PRO NA 67 93.12 96.17 -50.36
C PRO NA 67 92.80 97.51 -49.74
N PRO NA 68 93.11 98.63 -50.41
CA PRO NA 68 92.66 99.92 -49.90
C PRO NA 68 91.17 100.09 -50.15
N ASP NA 69 90.43 100.45 -49.11
CA ASP NA 69 88.99 100.56 -49.21
C ASP NA 69 88.55 101.97 -48.86
N SER OA 2 44.01 21.37 12.03
CA SER OA 2 43.80 21.41 10.60
C SER OA 2 43.14 22.71 10.17
N HIS OA 3 42.18 22.63 9.25
CA HIS OA 3 41.65 23.83 8.63
C HIS OA 3 40.24 23.56 8.13
N ILE OA 4 39.35 24.50 8.37
CA ILE OA 4 37.95 24.41 7.97
C ILE OA 4 37.68 25.51 6.95
N THR OA 5 36.75 25.23 6.03
CA THR OA 5 36.41 26.16 4.94
C THR OA 5 35.82 27.47 5.47
N LYS OA 6 35.28 27.47 6.69
CA LYS OA 6 34.85 28.70 7.35
C LYS OA 6 35.98 29.68 7.62
N ASP OA 7 37.23 29.23 7.60
CA ASP OA 7 38.37 30.09 7.85
C ASP OA 7 38.91 30.74 6.57
N MET OA 8 38.40 30.36 5.41
CA MET OA 8 38.59 31.15 4.21
C MET OA 8 37.57 32.28 4.19
N LEU OA 9 37.38 32.91 3.05
CA LEU OA 9 36.53 34.09 2.93
C LEU OA 9 35.49 34.01 1.81
N PRO OA 10 34.35 33.37 2.06
CA PRO OA 10 33.32 33.29 1.03
C PRO OA 10 32.40 34.50 0.99
N GLY OA 11 32.36 35.21 -0.13
CA GLY OA 11 31.39 36.26 -0.34
C GLY OA 11 31.66 37.52 0.44
N PRO OA 12 30.96 38.61 0.08
CA PRO OA 12 31.16 39.88 0.77
C PRO OA 12 30.35 40.03 2.05
N TYR OA 13 30.35 41.26 2.56
CA TYR OA 13 29.70 41.82 3.74
C TYR OA 13 28.19 41.65 3.99
N PRO OA 14 27.28 41.46 3.02
CA PRO OA 14 25.90 41.17 3.42
C PRO OA 14 25.76 39.73 3.91
N LYS OA 15 24.92 39.51 4.92
CA LYS OA 15 24.02 40.49 5.55
C LYS OA 15 24.66 41.27 6.68
N THR OA 16 24.17 42.49 6.87
CA THR OA 16 24.91 43.56 7.53
C THR OA 16 25.23 43.43 9.02
N PRO OA 17 24.37 42.91 9.94
CA PRO OA 17 24.89 42.71 11.30
C PRO OA 17 25.86 41.53 11.43
N GLU OA 18 25.43 40.35 11.00
CA GLU OA 18 26.12 39.14 11.43
C GLU OA 18 27.34 38.84 10.60
N GLU OA 19 27.39 39.26 9.34
CA GLU OA 19 28.59 38.96 8.56
C GLU OA 19 29.74 39.87 8.94
N ARG OA 20 29.45 41.13 9.24
CA ARG OA 20 30.46 42.00 9.84
C ARG OA 20 30.88 41.47 11.21
N ALA OA 21 29.91 40.94 11.97
CA ALA OA 21 30.23 40.34 13.27
C ALA OA 21 31.14 39.12 13.11
N ALA OA 22 30.85 38.26 12.14
CA ALA OA 22 31.63 37.05 11.95
C ALA OA 22 33.01 37.37 11.40
N ALA OA 23 33.12 38.38 10.55
CA ALA OA 23 34.43 38.78 10.04
C ALA OA 23 35.27 39.40 11.14
N ALA OA 24 34.65 40.15 12.05
CA ALA OA 24 35.42 40.71 13.16
C ALA OA 24 35.79 39.64 14.18
N LYS OA 25 34.96 38.60 14.34
CA LYS OA 25 35.33 37.50 15.21
C LYS OA 25 36.50 36.72 14.64
N LYS OA 26 36.44 36.38 13.35
CA LYS OA 26 37.43 35.49 12.79
C LYS OA 26 38.73 36.20 12.45
N TYR OA 27 38.65 37.44 11.95
CA TYR OA 27 39.85 38.18 11.58
C TYR OA 27 40.52 38.87 12.76
N ASN OA 28 40.02 38.64 13.98
CA ASN OA 28 40.54 39.21 15.23
C ASN OA 28 40.54 40.74 15.19
N MET OA 29 39.38 41.30 14.92
CA MET OA 29 39.25 42.74 14.82
C MET OA 29 37.98 43.22 15.51
N ARG OA 30 37.88 44.54 15.62
CA ARG OA 30 36.71 45.21 16.14
C ARG OA 30 35.61 45.17 15.07
N VAL OA 31 34.36 45.34 15.51
CA VAL OA 31 33.23 45.24 14.59
C VAL OA 31 33.24 46.39 13.59
N GLU OA 32 33.35 47.61 14.07
CA GLU OA 32 33.32 48.75 13.17
C GLU OA 32 34.66 49.00 12.50
N ASP OA 33 35.75 48.46 13.04
CA ASP OA 33 37.04 48.58 12.38
C ASP OA 33 37.13 47.70 11.15
N TYR OA 34 36.33 46.65 11.08
CA TYR OA 34 36.23 45.86 9.86
C TYR OA 34 35.50 46.67 8.80
N GLU OA 35 36.22 47.07 7.76
CA GLU OA 35 35.66 47.87 6.69
C GLU OA 35 36.07 47.25 5.36
N PRO OA 36 35.15 46.58 4.67
CA PRO OA 36 35.51 45.97 3.37
C PRO OA 36 35.69 46.98 2.25
N TYR OA 37 35.83 46.48 1.03
CA TYR OA 37 36.42 47.30 -0.03
C TYR OA 37 35.54 48.34 -0.71
N PRO OA 38 34.24 48.11 -1.01
CA PRO OA 38 33.24 47.04 -0.87
C PRO OA 38 33.25 45.99 -1.98
N ASP OA 39 32.08 45.36 -2.16
CA ASP OA 39 31.88 44.36 -3.20
C ASP OA 39 31.89 45.08 -4.54
N ASP OA 40 33.07 45.21 -5.13
CA ASP OA 40 33.24 46.04 -6.32
C ASP OA 40 33.14 45.25 -7.61
N GLY OA 41 33.09 43.93 -7.52
CA GLY OA 41 33.17 43.09 -8.70
C GLY OA 41 34.58 42.69 -9.09
N MET OA 42 35.60 43.23 -8.42
CA MET OA 42 36.98 42.86 -8.66
C MET OA 42 37.41 41.65 -7.84
N GLY OA 43 36.50 40.76 -7.52
CA GLY OA 43 36.82 39.60 -6.72
C GLY OA 43 36.99 39.98 -5.27
N TYR OA 44 38.23 39.88 -4.78
CA TYR OA 44 38.70 40.47 -3.53
C TYR OA 44 38.11 39.89 -2.26
N GLY OA 45 37.13 39.00 -2.37
CA GLY OA 45 36.52 38.38 -1.21
C GLY OA 45 35.85 39.41 -0.32
N ASP OA 46 36.12 39.30 0.98
CA ASP OA 46 35.75 40.32 1.94
C ASP OA 46 36.93 40.58 2.87
N TYR OA 47 38.11 40.66 2.29
CA TYR OA 47 39.34 40.82 3.04
C TYR OA 47 39.40 42.25 3.58
N PRO OA 48 40.05 42.47 4.72
CA PRO OA 48 40.07 43.81 5.32
C PRO OA 48 40.86 44.82 4.51
N LYS OA 49 40.79 46.07 4.98
CA LYS OA 49 41.45 47.22 4.40
C LYS OA 49 42.15 48.00 5.51
N LEU OA 50 43.38 48.45 5.24
CA LEU OA 50 44.25 49.11 6.21
C LEU OA 50 44.69 50.48 5.67
N PRO OA 51 45.36 51.35 6.47
CA PRO OA 51 45.85 52.63 5.91
C PRO OA 51 47.08 52.59 5.00
N ASP OA 52 47.40 51.42 4.43
CA ASP OA 52 48.16 51.29 3.20
C ASP OA 52 49.64 51.65 3.24
N ARG OA 53 50.16 52.20 4.33
CA ARG OA 53 51.55 52.62 4.30
C ARG OA 53 52.42 51.77 5.21
N SER OA 54 52.13 51.76 6.51
CA SER OA 54 52.25 50.61 7.40
C SER OA 54 53.61 49.94 7.55
N GLN OA 55 54.67 50.42 6.90
CA GLN OA 55 55.94 49.71 6.99
C GLN OA 55 57.16 50.58 7.26
N GLN OA 56 57.13 51.87 6.97
CA GLN OA 56 57.99 52.80 7.67
C GLN OA 56 57.23 53.54 8.74
N GLU OA 57 55.99 53.10 9.00
CA GLU OA 57 55.30 53.31 10.26
C GLU OA 57 55.78 52.24 11.23
N ARG OA 58 55.05 52.06 12.33
CA ARG OA 58 55.23 50.94 13.27
C ARG OA 58 56.64 50.95 13.89
N ASP OA 59 56.83 51.91 14.80
CA ASP OA 59 58.05 52.12 15.55
C ASP OA 59 58.55 50.83 16.18
N PRO OA 60 59.76 50.38 15.84
CA PRO OA 60 60.20 49.03 16.22
C PRO OA 60 60.55 48.86 17.69
N TRP OA 61 60.44 49.91 18.50
CA TRP OA 61 60.72 49.79 19.92
C TRP OA 61 59.58 49.14 20.69
N TYR OA 62 58.48 48.83 20.01
CA TYR OA 62 57.47 47.93 20.55
C TYR OA 62 58.03 46.53 20.77
N ASP OA 63 58.94 46.11 19.90
CA ASP OA 63 59.56 44.78 19.87
C ASP OA 63 58.49 43.68 19.78
N TRP OA 64 57.81 43.66 18.64
CA TRP OA 64 56.88 42.57 18.36
C TRP OA 64 57.66 41.36 17.86
N ASP OA 65 56.94 40.36 17.34
CA ASP OA 65 57.56 39.06 17.08
C ASP OA 65 58.45 39.08 15.85
N HIS OA 66 57.88 39.28 14.68
CA HIS OA 66 58.66 39.29 13.44
C HIS OA 66 59.38 40.62 13.30
N PRO OA 67 60.70 40.66 13.46
CA PRO OA 67 61.38 41.95 13.60
C PRO OA 67 61.48 42.72 12.30
N ASP OA 68 61.43 42.04 11.15
CA ASP OA 68 61.52 42.69 9.86
C ASP OA 68 60.33 42.38 8.95
N LEU OA 69 59.46 41.47 9.35
CA LEU OA 69 58.25 41.23 8.59
C LEU OA 69 57.07 42.03 9.10
N ARG OA 70 57.20 42.64 10.28
CA ARG OA 70 56.20 43.54 10.86
C ARG OA 70 54.86 42.85 11.11
N LEU OA 71 54.90 41.54 11.31
CA LEU OA 71 53.72 40.78 11.71
C LEU OA 71 53.48 40.98 13.20
N ASN OA 72 52.33 40.51 13.63
CA ASN OA 72 52.08 40.42 15.07
C ASN OA 72 51.32 39.13 15.36
N TRP OA 73 51.33 38.20 14.41
CA TRP OA 73 50.74 36.86 14.38
C TRP OA 73 49.21 36.91 14.24
N GLY OA 74 48.60 38.09 14.36
CA GLY OA 74 47.16 38.14 14.28
C GLY OA 74 46.60 39.34 13.58
N GLU OA 75 47.46 40.23 13.12
CA GLU OA 75 46.98 41.39 12.40
C GLU OA 75 46.49 40.96 11.02
N PRO OA 76 45.49 41.65 10.46
CA PRO OA 76 44.84 41.12 9.25
C PRO OA 76 45.66 41.22 7.98
N MET OA 77 46.79 41.96 7.99
CA MET OA 77 47.78 41.95 6.92
C MET OA 77 47.21 42.36 5.57
N HIS OA 78 47.03 43.67 5.41
CA HIS OA 78 46.52 44.35 4.21
C HIS OA 78 46.96 43.67 2.92
N TRP OA 79 45.98 43.58 2.00
CA TRP OA 79 46.05 42.77 0.78
C TRP OA 79 47.31 42.98 -0.04
N ASP OA 80 47.91 44.16 0.03
CA ASP OA 80 49.12 44.49 -0.71
C ASP OA 80 50.37 44.37 0.15
N LEU OA 81 50.41 43.38 1.05
CA LEU OA 81 51.54 43.27 1.97
C LEU OA 81 52.83 42.89 1.25
N ASP OA 82 52.72 42.19 0.12
CA ASP OA 82 53.90 41.84 -0.68
C ASP OA 82 54.64 43.07 -1.16
N MET OA 83 53.90 44.10 -1.55
CA MET OA 83 54.52 45.34 -1.96
C MET OA 83 55.02 46.15 -0.77
N TYR OA 84 54.60 45.81 0.44
CA TYR OA 84 54.82 46.73 1.55
C TYR OA 84 56.13 46.56 2.27
N ILE OA 85 56.71 45.34 2.30
CA ILE OA 85 57.78 45.04 3.24
C ILE OA 85 58.99 45.89 2.94
N ARG OA 86 59.68 46.31 3.99
CA ARG OA 86 60.95 47.00 3.83
C ARG OA 86 61.92 46.09 3.10
N ASN OA 87 62.65 46.69 2.17
CA ASN OA 87 63.38 46.25 0.94
C ASN OA 87 62.50 46.17 -0.31
N ARG OA 88 61.22 46.52 -0.25
CA ARG OA 88 60.44 46.62 -1.48
C ARG OA 88 59.96 48.04 -1.74
N VAL OA 89 59.19 48.65 -0.83
CA VAL OA 89 58.65 49.99 -1.01
C VAL OA 89 58.76 50.73 0.31
N ASP OA 90 59.32 51.94 0.28
CA ASP OA 90 59.42 52.80 1.47
C ASP OA 90 58.32 53.86 1.43
N THR OA 91 57.28 53.66 2.22
CA THR OA 91 56.20 54.65 2.35
C THR OA 91 56.42 55.53 3.57
N SER OA 92 57.52 56.25 3.57
CA SER OA 92 57.83 57.12 4.69
C SER OA 92 57.06 58.44 4.55
N PRO OA 93 56.78 59.12 5.66
CA PRO OA 93 56.26 60.49 5.55
C PRO OA 93 57.34 61.45 5.08
N THR OA 94 57.02 62.19 4.02
CA THR OA 94 57.99 63.00 3.31
C THR OA 94 58.41 64.22 4.14
N PRO OA 95 59.61 64.75 3.89
CA PRO OA 95 60.03 65.95 4.64
C PRO OA 95 59.30 67.22 4.23
N VAL OA 96 58.86 67.34 2.98
CA VAL OA 96 58.16 68.57 2.59
C VAL OA 96 56.76 68.30 2.04
N ASN OA 97 56.66 67.66 0.90
CA ASN OA 97 55.40 67.37 0.22
C ASN OA 97 55.64 66.21 -0.73
N TRP OA 98 54.77 66.05 -1.68
CA TRP OA 98 55.11 65.29 -2.86
C TRP OA 98 54.85 66.10 -4.12
N ASN OA 99 53.79 66.92 -4.12
CA ASN OA 99 53.51 67.82 -5.23
C ASN OA 99 54.59 68.87 -5.38
N LEU OA 100 55.07 69.43 -4.27
CA LEU OA 100 56.08 70.48 -4.33
C LEU OA 100 57.40 69.92 -4.85
N MET OA 101 57.73 68.70 -4.43
CA MET OA 101 58.94 68.04 -4.91
C MET OA 101 58.88 67.72 -6.39
N CYS OA 102 57.72 67.22 -6.87
CA CYS OA 102 57.67 66.89 -8.29
C CYS OA 102 57.60 68.14 -9.16
N LYS OA 103 57.00 69.22 -8.64
CA LYS OA 103 57.05 70.52 -9.33
C LYS OA 103 58.47 71.00 -9.51
N HIS OA 104 59.24 71.03 -8.41
CA HIS OA 104 60.60 71.55 -8.52
C HIS OA 104 61.53 70.63 -9.28
N LEU OA 105 61.31 69.31 -9.21
CA LEU OA 105 62.18 68.42 -9.97
C LEU OA 105 61.91 68.52 -11.47
N PHE OA 106 60.63 68.53 -11.86
CA PHE OA 106 60.30 68.66 -13.29
C PHE OA 106 60.75 70.01 -13.84
N GLY OA 107 60.58 71.07 -13.04
CA GLY OA 107 61.05 72.38 -13.47
C GLY OA 107 62.56 72.46 -13.56
N PHE OA 108 63.27 71.79 -12.65
CA PHE OA 108 64.72 71.83 -12.69
C PHE OA 108 65.27 71.04 -13.86
N VAL OA 109 64.68 69.89 -14.16
CA VAL OA 109 65.15 69.06 -15.27
C VAL OA 109 64.86 69.73 -16.60
N ALA OA 110 63.65 70.27 -16.77
CA ALA OA 110 63.33 71.01 -17.98
C ALA OA 110 64.17 72.28 -18.09
N PHE OA 111 64.52 72.88 -16.95
CA PHE OA 111 65.37 74.06 -16.94
C PHE OA 111 66.78 73.74 -17.42
N MET OA 112 67.34 72.63 -16.95
CA MET OA 112 68.67 72.26 -17.38
C MET OA 112 68.70 71.85 -18.85
N LEU OA 113 67.70 71.09 -19.30
CA LEU OA 113 67.67 70.74 -20.72
C LEU OA 113 67.35 71.94 -21.60
N PHE OA 114 66.64 72.93 -21.09
CA PHE OA 114 66.37 74.12 -21.87
C PHE OA 114 67.63 74.96 -22.03
N MET OA 115 68.41 75.10 -20.95
CA MET OA 115 69.70 75.77 -21.08
C MET OA 115 70.65 74.96 -21.94
N PHE OA 116 70.49 73.63 -21.97
CA PHE OA 116 71.24 72.80 -22.89
C PHE OA 116 70.87 73.08 -24.35
N TRP OA 117 69.57 73.26 -24.63
CA TRP OA 117 69.16 73.59 -26.00
C TRP OA 117 69.68 74.97 -26.41
N VAL OA 118 69.64 75.92 -25.46
CA VAL OA 118 70.24 77.22 -25.66
C VAL OA 118 71.72 77.09 -25.98
N GLY OA 119 72.39 76.17 -25.30
CA GLY OA 119 73.77 75.89 -25.64
C GLY OA 119 73.94 75.22 -26.98
N GLU OA 120 73.00 74.34 -27.34
CA GLU OA 120 73.08 73.60 -28.60
C GLU OA 120 72.92 74.52 -29.80
N THR OA 121 72.18 75.61 -29.66
CA THR OA 121 72.12 76.55 -30.77
C THR OA 121 73.14 77.67 -30.67
N TYR OA 122 73.73 77.89 -29.49
CA TYR OA 122 74.71 78.96 -29.29
C TYR OA 122 76.03 78.31 -28.84
N PRO OA 123 76.95 78.04 -29.76
CA PRO OA 123 78.22 77.43 -29.36
C PRO OA 123 79.27 78.46 -29.00
N THR OA 124 80.29 78.00 -28.28
CA THR OA 124 81.56 78.70 -28.15
C THR OA 124 82.68 77.92 -28.81
N TYR OA 125 83.81 78.60 -28.94
CA TYR OA 125 84.98 78.14 -29.68
C TYR OA 125 86.08 79.14 -29.35
N GLN OA 126 87.22 78.98 -30.01
CA GLN OA 126 88.24 80.00 -29.87
C GLN OA 126 88.71 80.45 -31.25
N PRO OA 127 88.84 81.77 -31.47
CA PRO OA 127 88.68 82.32 -32.83
C PRO OA 127 89.90 82.11 -33.72
N VAL OA 128 89.80 81.08 -34.56
CA VAL OA 128 90.91 80.50 -35.29
C VAL OA 128 90.32 79.64 -36.42
N GLY OA 129 90.92 79.73 -37.61
CA GLY OA 129 90.49 78.96 -38.75
C GLY OA 129 90.77 77.47 -38.64
N PRO OA 130 90.50 76.72 -39.71
CA PRO OA 130 90.64 75.27 -39.65
C PRO OA 130 92.10 74.85 -39.64
N LYS OA 131 92.33 73.63 -39.12
CA LYS OA 131 93.65 73.02 -39.19
C LYS OA 131 93.96 72.69 -40.63
N GLN OA 132 94.98 73.32 -41.18
CA GLN OA 132 95.30 73.17 -42.60
C GLN OA 132 96.04 71.86 -42.82
N TYR OA 133 95.31 70.84 -43.25
CA TYR OA 133 95.89 69.54 -43.51
C TYR OA 133 96.73 69.57 -44.79
N PRO OA 134 97.89 68.90 -44.81
CA PRO OA 134 98.88 69.16 -45.87
C PRO OA 134 98.51 68.74 -47.28
N TYR OA 135 98.11 67.49 -47.49
CA TYR OA 135 98.11 66.92 -48.84
C TYR OA 135 96.72 66.47 -49.24
N ASN OA 136 95.99 67.37 -49.90
CA ASN OA 136 94.64 67.13 -50.44
C ASN OA 136 93.68 66.70 -49.33
N ASN OA 137 93.69 67.48 -48.24
CA ASN OA 137 92.99 67.20 -46.99
C ASN OA 137 93.38 65.82 -46.44
N LEU OA 138 94.70 65.58 -46.44
CA LEU OA 138 95.34 64.37 -45.92
C LEU OA 138 94.82 63.13 -46.66
N TYR OA 139 95.09 63.12 -47.96
CA TYR OA 139 94.65 62.11 -48.89
C TYR OA 139 95.40 60.80 -48.64
N LEU OA 140 94.80 59.70 -49.13
CA LEU OA 140 95.22 58.30 -49.04
C LEU OA 140 95.07 57.72 -47.63
N GLU OA 141 94.85 58.58 -46.63
CA GLU OA 141 94.67 58.18 -45.26
C GLU OA 141 93.27 58.50 -44.80
N ARG OA 142 92.49 59.16 -45.66
CA ARG OA 142 91.04 59.18 -45.60
C ARG OA 142 90.51 57.90 -46.23
N GLY OA 143 89.21 57.88 -46.52
CA GLY OA 143 88.46 56.69 -46.90
C GLY OA 143 89.00 55.73 -47.95
N GLY OA 144 89.99 56.16 -48.73
CA GLY OA 144 90.59 55.28 -49.72
C GLY OA 144 91.27 56.01 -50.85
N ASP OA 145 90.85 55.69 -52.08
CA ASP OA 145 91.25 56.33 -53.33
C ASP OA 145 92.75 56.24 -53.60
N PRO OA 146 93.29 55.07 -53.93
CA PRO OA 146 94.75 55.02 -54.20
C PRO OA 146 95.16 55.74 -55.48
N ASN OA 147 94.37 55.62 -56.55
CA ASN OA 147 94.57 56.47 -57.72
C ASN OA 147 93.26 56.96 -58.32
N LYS OA 148 92.12 56.71 -57.66
CA LYS OA 148 90.83 56.93 -58.31
C LYS OA 148 90.54 58.40 -58.51
N GLU OA 149 90.48 59.16 -57.42
CA GLU OA 149 90.08 60.57 -57.49
C GLU OA 149 90.97 61.42 -56.61
N PRO OA 150 92.13 61.84 -57.11
CA PRO OA 150 92.86 62.93 -56.45
C PRO OA 150 92.17 64.26 -56.69
N GLU OA 151 91.66 64.85 -55.61
CA GLU OA 151 90.82 66.03 -55.69
C GLU OA 151 91.65 67.24 -55.26
N PRO OA 152 92.08 68.09 -56.18
CA PRO OA 152 93.22 68.98 -55.90
C PRO OA 152 92.89 70.14 -54.98
N VAL OA 153 93.81 70.41 -54.05
CA VAL OA 153 93.80 71.60 -53.22
C VAL OA 153 95.22 71.76 -52.68
N VAL OA 154 95.65 73.01 -52.47
CA VAL OA 154 96.94 73.33 -51.88
C VAL OA 154 96.74 74.35 -50.75
N HIS OA 155 97.85 74.75 -50.14
CA HIS OA 155 97.85 75.76 -49.08
C HIS OA 155 98.78 76.92 -49.45
N TYR OA 156 98.56 78.05 -48.79
CA TYR OA 156 99.36 79.25 -49.00
C TYR OA 156 100.08 79.62 -47.71
N GLU OA 157 101.35 79.99 -47.82
CA GLU OA 157 102.07 80.57 -46.69
C GLU OA 157 101.46 81.90 -46.33
N ILE OA 158 100.89 81.98 -45.13
CA ILE OA 158 100.21 83.17 -44.70
C ILE OA 158 100.98 83.83 -43.57
N PRO PA 22 29.86 16.96 19.85
CA PRO PA 22 29.22 15.66 20.06
C PRO PA 22 29.23 14.79 18.80
N THR PA 23 29.81 15.31 17.73
CA THR PA 23 29.94 14.60 16.48
C THR PA 23 31.32 14.86 15.89
N LEU PA 24 31.81 13.90 15.11
CA LEU PA 24 33.19 13.96 14.66
C LEU PA 24 33.36 13.94 13.16
N ARG PA 25 32.54 13.15 12.45
CA ARG PA 25 32.61 12.86 11.02
C ARG PA 25 33.89 12.15 10.61
N TRP PA 26 34.65 11.60 11.55
CA TRP PA 26 35.95 11.04 11.20
C TRP PA 26 36.31 9.88 12.11
N GLN PA 27 37.41 9.21 11.74
CA GLN PA 27 37.98 8.17 12.58
C GLN PA 27 39.51 8.23 12.64
N GLU PA 28 40.20 8.94 11.74
CA GLU PA 28 41.61 8.73 11.44
C GLU PA 28 42.53 9.24 12.55
N ASP PA 29 43.84 9.09 12.30
CA ASP PA 29 44.89 9.36 13.26
C ASP PA 29 45.00 10.83 13.61
N PRO PA 30 45.57 11.15 14.78
CA PRO PA 30 46.08 12.51 14.99
C PRO PA 30 47.26 12.75 14.06
N GLU PA 31 47.11 13.75 13.19
CA GLU PA 31 48.06 14.04 12.14
C GLU PA 31 48.45 15.50 12.20
N PRO PA 32 49.71 15.84 11.84
CA PRO PA 32 50.81 15.00 11.37
C PRO PA 32 51.55 14.30 12.50
N GLU PA 33 52.47 13.43 12.13
CA GLU PA 33 53.35 12.74 13.07
C GLU PA 33 54.77 12.94 12.54
N ASP PA 34 55.34 14.10 12.83
CA ASP PA 34 56.56 14.52 12.16
C ASP PA 34 57.79 13.92 12.82
N GLU PA 35 58.62 13.26 12.01
CA GLU PA 35 59.67 12.38 12.52
C GLU PA 35 61.01 12.79 11.91
N ASN PA 36 61.98 13.09 12.78
CA ASN PA 36 63.32 13.40 12.33
C ASN PA 36 64.01 12.16 11.79
N LEU PA 37 64.63 12.30 10.63
CA LEU PA 37 65.48 11.24 10.12
C LEU PA 37 66.77 11.14 10.92
N TYR PA 38 67.17 12.22 11.58
CA TYR PA 38 68.36 12.22 12.41
C TYR PA 38 68.01 11.72 13.81
N GLU PA 39 69.03 11.74 14.68
CA GLU PA 39 69.00 11.51 16.11
C GLU PA 39 68.61 10.09 16.51
N LYS PA 40 68.40 9.20 15.55
CA LYS PA 40 68.65 7.79 15.73
C LYS PA 40 69.96 7.37 15.07
N ASN PA 41 70.49 8.19 14.19
CA ASN PA 41 71.79 8.02 13.57
C ASN PA 41 72.48 9.37 13.44
N PRO PA 42 73.58 9.60 14.15
CA PRO PA 42 74.31 10.87 14.01
C PRO PA 42 75.21 10.91 12.79
N ASP PA 43 75.54 9.76 12.20
CA ASP PA 43 76.32 9.73 10.99
C ASP PA 43 75.45 9.68 9.74
N SER PA 44 74.18 10.04 9.88
CA SER PA 44 73.18 9.67 8.88
C SER PA 44 73.32 10.51 7.63
N HIS PA 45 73.33 9.84 6.48
CA HIS PA 45 73.25 10.50 5.18
C HIS PA 45 71.79 10.77 4.88
N GLY PA 46 71.49 11.11 3.63
CA GLY PA 46 70.21 11.65 3.20
C GLY PA 46 68.94 10.92 3.55
N TYR PA 47 68.80 9.68 3.13
CA TYR PA 47 67.53 8.98 3.25
C TYR PA 47 67.51 8.09 4.50
N ASP PA 48 66.55 7.16 4.54
CA ASP PA 48 66.01 6.53 5.75
C ASP PA 48 67.05 5.78 6.57
N LYS PA 49 66.61 5.35 7.75
CA LYS PA 49 67.29 4.87 8.95
C LYS PA 49 67.97 3.53 8.77
N ASP PA 50 68.03 2.98 7.58
CA ASP PA 50 68.75 1.74 7.37
C ASP PA 50 70.26 2.00 7.42
N PRO PA 51 71.00 1.29 8.24
CA PRO PA 51 72.38 1.69 8.52
C PRO PA 51 73.41 1.30 7.47
N ALA PA 52 73.14 0.29 6.66
CA ALA PA 52 74.14 -0.21 5.71
C ALA PA 52 73.90 0.28 4.28
N VAL PA 53 72.68 0.08 3.78
CA VAL PA 53 72.37 0.44 2.40
C VAL PA 53 72.38 1.93 2.17
N ASP PA 54 72.36 2.73 3.23
CA ASP PA 54 72.64 4.16 3.12
C ASP PA 54 74.04 4.41 2.60
N VAL PA 55 75.03 3.73 3.19
CA VAL PA 55 76.41 3.88 2.76
C VAL PA 55 76.60 3.28 1.38
N TRP PA 56 75.87 2.18 1.10
CA TRP PA 56 75.88 1.62 -0.26
C TRP PA 56 75.34 2.61 -1.28
N ASN PA 57 74.31 3.38 -0.91
CA ASN PA 57 73.72 4.34 -1.83
C ASN PA 57 74.66 5.50 -2.10
N MET PA 58 75.30 6.02 -1.04
CA MET PA 58 76.28 7.08 -1.23
C MET PA 58 77.42 6.62 -2.13
N ARG PA 59 77.89 5.39 -1.91
CA ARG PA 59 79.00 4.85 -2.69
C ARG PA 59 78.61 4.70 -4.16
N VAL PA 60 77.42 4.17 -4.44
CA VAL PA 60 77.03 3.98 -5.83
C VAL PA 60 76.74 5.32 -6.51
N VAL PA 61 76.17 6.29 -5.79
CA VAL PA 61 75.79 7.53 -6.47
C VAL PA 61 77.01 8.45 -6.66
N PHE PA 62 78.08 8.25 -5.90
CA PHE PA 62 79.25 9.07 -6.15
C PHE PA 62 80.32 8.40 -7.00
N PHE PA 63 80.52 7.09 -6.91
CA PHE PA 63 81.38 6.45 -7.89
C PHE PA 63 80.69 6.38 -9.24
N PHE PA 64 79.55 5.72 -9.28
CA PHE PA 64 78.83 5.50 -10.52
C PHE PA 64 77.98 6.68 -10.94
N GLY PA 65 78.17 7.85 -10.34
CA GLY PA 65 77.45 9.05 -10.75
C GLY PA 65 78.38 10.19 -11.09
N PHE PA 66 79.59 10.16 -10.51
CA PHE PA 66 80.64 11.09 -10.84
C PHE PA 66 81.86 10.43 -11.41
N SER PA 67 82.42 9.45 -10.69
CA SER PA 67 83.78 9.00 -10.94
C SER PA 67 83.90 8.10 -12.15
N ILE PA 68 82.79 7.74 -12.79
CA ILE PA 68 82.85 6.92 -13.98
C ILE PA 68 81.93 7.58 -15.01
N VAL PA 69 81.21 8.61 -14.57
CA VAL PA 69 80.25 9.27 -15.44
C VAL PA 69 80.81 10.61 -15.88
N LEU PA 70 81.12 11.46 -14.89
CA LEU PA 70 81.43 12.85 -15.18
C LEU PA 70 82.79 12.96 -15.86
N VAL PA 71 83.79 12.25 -15.36
CA VAL PA 71 85.12 12.39 -15.95
C VAL PA 71 85.20 11.63 -17.29
N LEU PA 72 84.44 10.54 -17.44
CA LEU PA 72 84.43 9.84 -18.71
C LEU PA 72 83.71 10.66 -19.77
N GLY PA 73 82.61 11.32 -19.39
CA GLY PA 73 81.95 12.23 -20.31
C GLY PA 73 82.81 13.44 -20.61
N SER PA 74 83.59 13.89 -19.65
CA SER PA 74 84.53 14.98 -19.88
C SER PA 74 85.59 14.59 -20.89
N THR PA 75 86.08 13.35 -20.82
CA THR PA 75 87.00 12.90 -21.86
C THR PA 75 86.32 12.74 -23.20
N PHE PA 76 85.07 12.28 -23.19
CA PHE PA 76 84.41 11.94 -24.45
C PHE PA 76 83.99 13.18 -25.22
N VAL PA 77 83.64 14.25 -24.52
CA VAL PA 77 83.26 15.49 -25.21
C VAL PA 77 84.38 16.52 -25.20
N ALA PA 78 85.47 16.26 -24.48
CA ALA PA 78 86.61 17.17 -24.57
C ALA PA 78 87.34 17.00 -25.90
N TYR PA 79 87.48 15.77 -26.35
CA TYR PA 79 87.90 15.47 -27.71
C TYR PA 79 87.05 14.32 -28.23
N LEU PA 80 86.67 14.43 -29.49
CA LEU PA 80 85.84 13.49 -30.23
C LEU PA 80 86.15 13.88 -31.67
N PRO PA 81 85.65 13.21 -32.73
CA PRO PA 81 86.01 13.66 -34.08
C PRO PA 81 85.45 15.01 -34.49
N ASP PA 82 85.67 15.40 -35.74
CA ASP PA 82 85.25 16.71 -36.19
C ASP PA 82 83.73 16.78 -36.28
N TYR PA 83 83.11 17.19 -35.19
CA TYR PA 83 81.67 17.20 -35.04
C TYR PA 83 81.08 18.24 -35.97
N ARG PA 84 80.34 17.76 -36.98
CA ARG PA 84 79.89 18.54 -38.13
C ARG PA 84 81.08 19.22 -38.80
N MET PA 85 82.18 18.46 -38.92
CA MET PA 85 83.28 18.70 -39.85
C MET PA 85 83.96 20.05 -39.63
N GLN PA 86 84.68 20.16 -38.50
CA GLN PA 86 85.42 21.39 -38.24
C GLN PA 86 86.80 21.42 -38.91
N GLU PA 87 87.69 20.52 -38.47
CA GLU PA 87 89.08 20.53 -38.94
C GLU PA 87 89.17 20.22 -40.42
N TRP PA 88 88.30 19.32 -40.88
CA TRP PA 88 88.23 19.00 -42.30
C TRP PA 88 87.80 20.21 -43.12
N ALA PA 89 86.86 21.00 -42.60
CA ALA PA 89 86.43 22.19 -43.33
C ALA PA 89 87.52 23.25 -43.36
N ARG PA 90 88.28 23.38 -42.26
CA ARG PA 90 89.44 24.27 -42.24
C ARG PA 90 90.43 23.91 -43.34
N ARG PA 91 90.83 22.64 -43.41
CA ARG PA 91 91.83 22.26 -44.39
C ARG PA 91 91.27 22.26 -45.80
N GLU PA 92 89.96 22.06 -45.96
CA GLU PA 92 89.35 22.12 -47.27
C GLU PA 92 89.33 23.54 -47.81
N ALA PA 93 88.98 24.50 -46.96
CA ALA PA 93 89.01 25.89 -47.39
C ALA PA 93 90.42 26.39 -47.65
N GLU PA 94 91.40 25.90 -46.87
CA GLU PA 94 92.79 26.24 -47.14
C GLU PA 94 93.26 25.73 -48.50
N ARG PA 95 92.91 24.48 -48.84
CA ARG PA 95 93.27 23.94 -50.14
C ARG PA 95 92.60 24.71 -51.28
N LEU PA 96 91.34 25.10 -51.09
CA LEU PA 96 90.64 25.78 -52.17
C LEU PA 96 91.14 27.21 -52.36
N VAL PA 97 91.47 27.91 -51.28
CA VAL PA 97 92.00 29.27 -51.45
C VAL PA 97 93.42 29.22 -52.02
N LYS PA 98 94.20 28.19 -51.68
CA LYS PA 98 95.48 27.97 -52.33
C LYS PA 98 95.32 27.75 -53.82
N TYR PA 99 94.30 26.96 -54.22
CA TYR PA 99 94.03 26.70 -55.63
C TYR PA 99 93.66 27.99 -56.37
N ARG PA 100 92.68 28.73 -55.86
CA ARG PA 100 92.21 29.89 -56.58
C ARG PA 100 93.08 31.13 -56.38
N GLU PA 101 94.13 31.05 -55.56
CA GLU PA 101 95.14 32.10 -55.60
C GLU PA 101 96.37 31.72 -56.40
N ALA PA 102 96.62 30.43 -56.61
CA ALA PA 102 97.68 30.01 -57.51
C ALA PA 102 97.15 29.58 -58.87
N HIS PA 103 95.91 29.93 -59.21
CA HIS PA 103 95.37 29.57 -60.52
C HIS PA 103 94.54 30.69 -61.13
N GLY PA 104 94.88 31.94 -60.86
CA GLY PA 104 94.33 33.07 -61.63
C GLY PA 104 92.92 33.60 -61.40
N LEU PA 105 91.92 32.74 -61.41
CA LEU PA 105 90.53 33.18 -61.28
C LEU PA 105 90.26 33.65 -59.85
N PRO PA 106 89.27 34.54 -59.64
CA PRO PA 106 89.02 35.05 -58.29
C PRO PA 106 88.36 34.02 -57.40
N LEU PA 107 88.74 34.06 -56.13
CA LEU PA 107 88.20 33.14 -55.14
C LEU PA 107 86.73 33.44 -54.89
N MET PA 108 85.94 32.37 -54.76
CA MET PA 108 84.49 32.40 -54.60
C MET PA 108 83.84 33.20 -55.73
N GLU PA 109 83.86 32.57 -56.89
CA GLU PA 109 82.99 33.03 -57.97
C GLU PA 109 81.55 32.98 -57.51
N SER PA 110 80.81 34.08 -57.74
CA SER PA 110 79.38 34.10 -57.49
C SER PA 110 78.66 33.28 -58.56
N ASN PA 111 77.34 33.17 -58.42
CA ASN PA 111 76.47 32.36 -59.28
C ASN PA 111 76.91 30.89 -59.26
N CYS PA 112 76.69 30.26 -58.10
CA CYS PA 112 77.28 28.95 -57.77
C CYS PA 112 76.87 27.82 -58.71
N PHE PA 113 75.81 27.98 -59.49
CA PHE PA 113 75.49 27.01 -60.51
C PHE PA 113 75.93 27.52 -61.88
N ASP PA 114 76.32 26.59 -62.72
CA ASP PA 114 76.83 26.89 -64.05
C ASP PA 114 75.69 27.42 -64.91
N PRO PA 115 75.76 28.65 -65.44
CA PRO PA 115 74.64 29.19 -66.22
C PRO PA 115 74.42 28.53 -67.57
N SER PA 116 75.33 27.66 -68.02
CA SER PA 116 74.99 26.74 -69.10
C SER PA 116 73.99 25.70 -68.64
N LYS PA 117 74.03 25.33 -67.36
CA LYS PA 117 73.16 24.31 -66.80
C LYS PA 117 71.91 24.92 -66.19
N ILE PA 118 71.23 25.79 -66.93
CA ILE PA 118 70.05 26.46 -66.43
C ILE PA 118 69.19 26.87 -67.62
N GLN PA 119 67.88 26.98 -67.40
CA GLN PA 119 66.95 27.47 -68.41
C GLN PA 119 65.94 28.39 -67.74
N LEU PA 120 65.38 29.32 -68.51
CA LEU PA 120 64.45 30.27 -67.96
C LEU PA 120 63.15 30.29 -68.76
N PRO PA 121 62.00 30.45 -68.10
CA PRO PA 121 60.76 30.72 -68.85
C PRO PA 121 60.81 32.10 -69.48
N GLU PA 122 60.65 32.13 -70.80
CA GLU PA 122 60.82 33.37 -71.56
C GLU PA 122 59.67 34.32 -71.31
N ASP PA 123 59.85 35.56 -71.77
CA ASP PA 123 58.80 36.56 -71.73
C ASP PA 123 57.77 36.24 -72.81
N LYS QA 1 46.79 -28.40 9.55
CA LYS QA 1 47.35 -27.33 10.39
C LYS QA 1 46.85 -25.99 9.90
N PHE QA 2 46.54 -25.10 10.86
CA PHE QA 2 46.29 -23.66 10.72
C PHE QA 2 44.93 -23.34 10.10
N TYR QA 3 44.21 -24.34 9.61
CA TYR QA 3 42.96 -24.10 8.91
C TYR QA 3 41.82 -24.86 9.59
N ILE QA 4 40.67 -24.22 9.66
CA ILE QA 4 39.49 -24.83 10.26
C ILE QA 4 38.75 -25.55 9.14
N GLN QA 5 39.17 -26.80 8.91
CA GLN QA 5 38.44 -27.90 8.29
C GLN QA 5 37.95 -27.67 6.86
N GLU QA 6 38.19 -26.51 6.27
CA GLU QA 6 37.66 -26.18 4.95
C GLU QA 6 38.64 -25.38 4.11
N PRO QA 7 39.55 -26.04 3.40
CA PRO QA 7 40.11 -25.46 2.19
C PRO QA 7 39.26 -25.81 0.99
N PRO QA 8 39.01 -24.87 0.07
CA PRO QA 8 38.22 -25.19 -1.13
C PRO QA 8 38.98 -26.12 -2.06
N HIS QA 9 40.26 -25.83 -2.25
CA HIS QA 9 41.22 -26.72 -2.86
C HIS QA 9 42.59 -26.36 -2.26
N GLY QA 10 43.65 -26.76 -2.94
CA GLY QA 10 44.99 -26.58 -2.42
C GLY QA 10 45.76 -27.85 -2.67
N SER QA 11 45.03 -28.96 -2.61
CA SER QA 11 45.49 -30.18 -3.26
C SER QA 11 45.11 -30.09 -4.73
N PRO QA 12 46.05 -30.24 -5.66
CA PRO QA 12 45.76 -30.02 -7.08
C PRO QA 12 44.88 -31.12 -7.66
N ASN QA 13 43.82 -30.71 -8.32
CA ASN QA 13 43.00 -31.62 -9.12
C ASN QA 13 43.78 -32.02 -10.36
N TRP QA 14 44.38 -33.21 -10.31
CA TRP QA 14 45.30 -33.65 -11.35
C TRP QA 14 44.60 -33.95 -12.67
N LEU QA 15 43.27 -34.13 -12.65
CA LEU QA 15 42.52 -34.26 -13.90
C LEU QA 15 42.55 -32.96 -14.69
N LYS QA 16 42.35 -31.83 -14.01
CA LYS QA 16 42.23 -30.55 -14.70
C LYS QA 16 43.59 -30.04 -15.17
N VAL QA 17 44.60 -30.09 -14.28
CA VAL QA 17 45.91 -29.59 -14.66
C VAL QA 17 46.58 -30.54 -15.66
N GLY QA 18 46.28 -31.83 -15.57
CA GLY QA 18 46.70 -32.76 -16.60
C GLY QA 18 46.01 -32.51 -17.92
N LEU QA 19 44.73 -32.11 -17.88
CA LEU QA 19 44.02 -31.72 -19.09
C LEU QA 19 44.68 -30.51 -19.74
N THR QA 20 45.06 -29.51 -18.94
CA THR QA 20 45.66 -28.29 -19.48
C THR QA 20 47.03 -28.57 -20.08
N LEU QA 21 47.85 -29.37 -19.38
CA LEU QA 21 49.15 -29.74 -19.93
C LEU QA 21 49.02 -30.57 -21.18
N GLY QA 22 48.03 -31.47 -21.22
CA GLY QA 22 47.84 -32.29 -22.39
C GLY QA 22 47.38 -31.51 -23.61
N THR QA 23 46.43 -30.58 -23.40
CA THR QA 23 45.97 -29.79 -24.54
C THR QA 23 47.02 -28.78 -24.97
N SER QA 24 47.89 -28.32 -24.06
CA SER QA 24 48.93 -27.41 -24.49
C SER QA 24 50.04 -28.16 -25.23
N ALA QA 25 50.32 -29.40 -24.81
CA ALA QA 25 51.28 -30.23 -25.52
C ALA QA 25 50.78 -30.56 -26.92
N PHE QA 26 49.50 -30.93 -27.04
CA PHE QA 26 48.93 -31.21 -28.35
C PHE QA 26 48.92 -29.97 -29.22
N LEU QA 27 48.66 -28.80 -28.63
CA LEU QA 27 48.58 -27.58 -29.43
C LEU QA 27 49.95 -27.13 -29.92
N TRP QA 28 50.99 -27.29 -29.08
CA TRP QA 28 52.35 -27.03 -29.54
C TRP QA 28 52.78 -27.99 -30.63
N ILE QA 29 52.53 -29.29 -30.44
CA ILE QA 29 52.94 -30.28 -31.44
C ILE QA 29 52.22 -30.05 -32.76
N TYR QA 30 50.95 -29.65 -32.70
CA TYR QA 30 50.20 -29.39 -33.91
C TYR QA 30 50.67 -28.12 -34.61
N LEU QA 31 51.03 -27.07 -33.86
CA LEU QA 31 51.48 -25.87 -34.53
C LEU QA 31 52.86 -26.07 -35.15
N ILE QA 32 53.71 -26.85 -34.50
CA ILE QA 32 55.02 -27.17 -35.04
C ILE QA 32 54.88 -27.97 -36.33
N LYS QA 33 53.98 -28.96 -36.32
CA LYS QA 33 53.76 -29.78 -37.51
C LYS QA 33 53.18 -28.95 -38.65
N GLN QA 34 52.23 -28.06 -38.34
CA GLN QA 34 51.62 -27.22 -39.36
C GLN QA 34 52.63 -26.24 -39.95
N HIS QA 35 53.50 -25.66 -39.10
CA HIS QA 35 54.52 -24.75 -39.59
C HIS QA 35 55.53 -25.44 -40.48
N ASN QA 36 55.96 -26.65 -40.10
CA ASN QA 36 56.93 -27.36 -40.92
C ASN QA 36 56.32 -27.78 -42.26
N GLU QA 37 55.06 -28.19 -42.24
CA GLU QA 37 54.38 -28.55 -43.48
C GLU QA 37 54.15 -27.34 -44.37
N ASP QA 38 53.87 -26.16 -43.79
CA ASP QA 38 53.69 -24.96 -44.58
C ASP QA 38 55.01 -24.47 -45.19
N VAL QA 39 56.09 -24.53 -44.40
CA VAL QA 39 57.41 -24.17 -44.91
C VAL QA 39 57.82 -25.08 -46.05
N LEU QA 40 57.60 -26.39 -45.88
CA LEU QA 40 58.00 -27.34 -46.90
C LEU QA 40 57.14 -27.22 -48.15
N GLU QA 41 55.86 -26.87 -48.00
CA GLU QA 41 55.02 -26.66 -49.19
C GLU QA 41 55.40 -25.38 -49.92
N TYR QA 42 55.75 -24.32 -49.19
CA TYR QA 42 56.18 -23.09 -49.85
C TYR QA 42 57.49 -23.28 -50.59
N LYS QA 43 58.43 -24.03 -50.00
CA LYS QA 43 59.68 -24.31 -50.69
C LYS QA 43 59.48 -25.29 -51.84
N ARG QA 44 58.50 -26.20 -51.73
CA ARG QA 44 58.27 -27.15 -52.80
C ARG QA 44 57.61 -26.45 -53.99
N ARG QA 45 56.77 -25.47 -53.73
CA ARG QA 45 56.20 -24.71 -54.83
C ARG QA 45 57.24 -23.78 -55.44
N ASN QA 46 57.86 -22.96 -54.59
CA ASN QA 46 58.92 -22.06 -55.03
C ASN QA 46 59.98 -21.90 -53.94
N VAL RA 6 78.09 -16.25 -7.17
CA VAL RA 6 78.33 -14.88 -7.58
C VAL RA 6 77.26 -14.47 -8.61
N VAL RA 7 76.72 -15.45 -9.32
CA VAL RA 7 75.64 -15.24 -10.27
C VAL RA 7 74.37 -15.95 -9.83
N ARG RA 8 74.50 -17.16 -9.27
CA ARG RA 8 73.36 -17.85 -8.68
C ARG RA 8 72.85 -17.15 -7.43
N ASP RA 9 73.73 -16.41 -6.74
CA ASP RA 9 73.29 -15.61 -5.61
C ASP RA 9 72.48 -14.41 -6.07
N HIS RA 10 73.07 -13.57 -6.91
CA HIS RA 10 72.36 -12.43 -7.48
C HIS RA 10 72.55 -12.42 -8.98
N TRP RA 11 71.44 -12.31 -9.70
CA TRP RA 11 71.43 -12.07 -11.13
C TRP RA 11 70.69 -10.78 -11.41
N ILE RA 12 70.69 -9.90 -10.42
CA ILE RA 12 69.93 -8.67 -10.44
C ILE RA 12 70.70 -7.55 -11.09
N HIS RA 13 71.97 -7.40 -10.75
CA HIS RA 13 72.83 -6.33 -11.24
C HIS RA 13 73.45 -6.64 -12.58
N VAL RA 14 72.86 -7.50 -13.40
CA VAL RA 14 73.54 -7.95 -14.60
C VAL RA 14 72.61 -7.84 -15.81
N LEU RA 15 71.35 -7.49 -15.54
CA LEU RA 15 70.29 -7.69 -16.54
C LEU RA 15 70.36 -6.66 -17.66
N VAL RA 16 70.52 -5.38 -17.34
CA VAL RA 16 70.61 -4.34 -18.36
C VAL RA 16 71.86 -4.35 -19.23
N PRO RA 17 73.06 -4.80 -18.80
CA PRO RA 17 74.10 -5.00 -19.83
C PRO RA 17 73.79 -6.14 -20.78
N VAL RA 18 73.10 -7.18 -20.31
CA VAL RA 18 72.58 -8.22 -21.20
C VAL RA 18 71.61 -7.62 -22.21
N GLY RA 19 70.74 -6.72 -21.73
CA GLY RA 19 69.82 -6.04 -22.64
C GLY RA 19 70.54 -5.16 -23.65
N PHE RA 20 71.59 -4.45 -23.22
CA PHE RA 20 72.29 -3.57 -24.17
C PHE RA 20 73.09 -4.36 -25.20
N VAL RA 21 73.75 -5.45 -24.78
CA VAL RA 21 74.48 -6.28 -25.73
C VAL RA 21 73.52 -6.95 -26.71
N PHE RA 22 72.34 -7.33 -26.23
CA PHE RA 22 71.32 -7.88 -27.13
C PHE RA 22 70.82 -6.83 -28.11
N GLY RA 23 70.64 -5.59 -27.66
CA GLY RA 23 70.25 -4.53 -28.57
C GLY RA 23 71.30 -4.23 -29.62
N TYR RA 24 72.57 -4.31 -29.23
CA TYR RA 24 73.66 -4.07 -30.17
C TYR RA 24 73.75 -5.19 -31.19
N TYR RA 25 73.56 -6.43 -30.74
CA TYR RA 25 73.56 -7.58 -31.65
C TYR RA 25 72.41 -7.50 -32.63
N LEU RA 26 71.25 -7.06 -32.16
CA LEU RA 26 70.10 -6.92 -33.04
C LEU RA 26 70.29 -5.76 -33.99
N ASP RA 27 71.04 -4.74 -33.58
CA ASP RA 27 71.38 -3.66 -34.50
C ASP RA 27 72.30 -4.13 -35.62
N ARG RA 28 73.28 -4.97 -35.30
CA ARG RA 28 74.15 -5.49 -36.36
C ARG RA 28 73.41 -6.46 -37.27
N LYS RA 29 72.47 -7.24 -36.71
CA LYS RA 29 71.62 -8.08 -37.56
C LYS RA 29 70.71 -7.24 -38.45
N ASN RA 30 70.21 -6.12 -37.93
CA ASN RA 30 69.38 -5.24 -38.75
C ASN RA 30 70.21 -4.52 -39.79
N ASP RA 31 71.51 -4.33 -39.52
CA ASP RA 31 72.40 -3.80 -40.54
C ASP RA 31 72.60 -4.80 -41.66
N GLU RA 32 72.81 -6.07 -41.32
CA GLU RA 32 73.01 -7.07 -42.37
C GLU RA 32 71.73 -7.39 -43.12
N LYS RA 33 70.56 -7.20 -42.50
CA LYS RA 33 69.34 -7.25 -43.28
C LYS RA 33 69.18 -5.97 -44.11
N LEU RA 34 69.69 -4.86 -43.61
CA LEU RA 34 69.59 -3.57 -44.25
C LEU RA 34 70.77 -3.31 -45.19
N ALA RA 35 71.68 -4.28 -45.32
CA ALA RA 35 72.86 -4.15 -46.17
C ALA RA 35 72.48 -4.31 -47.64
N ALA RA 36 71.79 -3.29 -48.15
CA ALA RA 36 71.57 -3.10 -49.56
C ALA RA 36 72.34 -1.87 -50.00
N PHE RA 37 72.55 -1.76 -51.31
CA PHE RA 37 73.32 -0.68 -51.95
C PHE RA 37 74.73 -0.61 -51.38
N ARG RA 38 75.48 -1.67 -51.64
CA ARG RA 38 76.77 -1.86 -51.00
C ARG RA 38 77.88 -1.08 -51.69
N ASN RA 39 77.92 -1.10 -53.01
CA ASN RA 39 78.86 -0.29 -53.77
C ASN RA 39 78.17 0.43 -54.92
N LYS RA 40 76.85 0.49 -54.91
CA LYS RA 40 76.10 1.14 -55.97
C LYS RA 40 75.94 2.63 -55.72
N SER RA 41 76.58 3.18 -54.69
CA SER RA 41 76.54 4.62 -54.48
C SER RA 41 77.41 5.33 -55.51
N LEU RA 42 76.97 6.53 -55.89
CA LEU RA 42 77.72 7.32 -56.86
C LEU RA 42 78.85 8.12 -56.24
N LEU RA 43 79.11 7.93 -54.96
CA LEU RA 43 79.99 8.83 -54.24
C LEU RA 43 81.00 8.04 -53.45
N TYR RA 44 80.61 6.85 -53.02
CA TYR RA 44 81.46 5.94 -52.26
C TYR RA 44 81.52 4.63 -53.03
N LYS RA 45 82.41 4.55 -54.00
CA LYS RA 45 82.42 3.43 -54.94
C LYS RA 45 83.86 3.03 -55.18
N ARG RA 46 84.20 1.81 -54.77
CA ARG RA 46 85.50 1.23 -55.04
C ARG RA 46 85.31 -0.27 -55.25
N GLU RA 47 86.39 -0.94 -55.63
CA GLU RA 47 86.35 -2.39 -55.73
C GLU RA 47 86.35 -2.98 -54.33
N LEU RA 48 85.80 -4.20 -54.20
CA LEU RA 48 86.02 -4.96 -52.99
C LEU RA 48 87.50 -5.33 -52.94
N LYS RA 49 88.19 -4.92 -51.88
CA LYS RA 49 89.64 -4.93 -51.91
C LYS RA 49 90.15 -4.89 -50.48
N PRO RA 50 91.34 -5.46 -50.21
CA PRO RA 50 92.14 -6.27 -51.12
C PRO RA 50 91.72 -7.74 -51.13
N ASN RA 51 91.09 -8.19 -50.04
CA ASN RA 51 91.00 -9.63 -49.76
C ASN RA 51 89.58 -10.15 -49.72
N GLU RA 52 88.70 -9.63 -48.85
CA GLU RA 52 87.45 -10.32 -48.53
C GLU RA 52 86.22 -9.43 -48.67
N GLU RA 53 85.74 -9.27 -49.92
CA GLU RA 53 84.33 -9.15 -50.30
C GLU RA 53 83.41 -8.32 -49.42
N VAL RA 54 83.90 -7.24 -48.83
CA VAL RA 54 83.05 -6.44 -47.95
C VAL RA 54 83.57 -5.01 -47.97
N THR RA 55 82.67 -4.05 -47.81
CA THR RA 55 83.04 -2.66 -47.67
C THR RA 55 82.44 -1.99 -46.44
N TRP RA 56 81.32 -2.49 -45.93
CA TRP RA 56 80.84 -2.27 -44.58
C TRP RA 56 79.86 -3.38 -44.27
N LYS RA 57 79.74 -3.70 -42.99
CA LYS RA 57 78.84 -4.77 -42.58
C LYS RA 57 78.33 -4.52 -41.17
N MET SA 1 -47.00 -42.63 -24.10
CA MET SA 1 -45.78 -43.05 -24.77
C MET SA 1 -45.39 -42.11 -25.90
N TRP SA 2 -44.60 -42.62 -26.84
CA TRP SA 2 -44.20 -41.89 -28.04
C TRP SA 2 -45.32 -41.72 -29.05
N PHE SA 3 -46.52 -42.22 -28.77
CA PHE SA 3 -47.68 -42.04 -29.64
C PHE SA 3 -48.07 -40.58 -29.78
N GLU SA 4 -47.68 -39.73 -28.83
CA GLU SA 4 -47.96 -38.30 -28.91
C GLU SA 4 -46.73 -37.45 -29.22
N VAL SA 5 -45.51 -37.95 -29.06
CA VAL SA 5 -44.38 -37.07 -29.32
C VAL SA 5 -44.04 -37.05 -30.82
N LEU SA 6 -44.34 -38.13 -31.53
CA LEU SA 6 -44.12 -38.14 -32.97
C LEU SA 6 -44.98 -37.19 -33.79
N PRO SA 7 -46.18 -36.74 -33.35
CA PRO SA 7 -46.73 -35.51 -33.95
C PRO SA 7 -45.79 -34.31 -33.90
N GLY SA 8 -45.23 -34.00 -32.75
CA GLY SA 8 -44.36 -32.84 -32.64
C GLY SA 8 -43.07 -33.01 -33.44
N ILE SA 9 -42.43 -34.17 -33.29
CA ILE SA 9 -41.19 -34.44 -34.01
C ILE SA 9 -41.45 -34.52 -35.50
N ALA SA 10 -42.61 -35.03 -35.90
CA ALA SA 10 -42.95 -35.12 -37.31
C ALA SA 10 -43.14 -33.74 -37.93
N VAL SA 11 -43.83 -32.84 -37.24
CA VAL SA 11 -44.02 -31.50 -37.78
C VAL SA 11 -42.70 -30.72 -37.78
N MET SA 12 -41.86 -30.93 -36.76
CA MET SA 12 -40.57 -30.24 -36.74
C MET SA 12 -39.61 -30.79 -37.80
N GLY SA 13 -39.69 -32.09 -38.08
CA GLY SA 13 -38.92 -32.65 -39.18
C GLY SA 13 -39.41 -32.20 -40.54
N VAL SA 14 -40.71 -31.93 -40.67
CA VAL SA 14 -41.21 -31.26 -41.87
C VAL SA 14 -40.63 -29.86 -41.98
N CYS SA 15 -40.56 -29.15 -40.85
CA CYS SA 15 -39.97 -27.81 -40.82
C CYS SA 15 -38.48 -27.83 -41.19
N LEU SA 16 -37.80 -28.95 -40.93
CA LEU SA 16 -36.45 -29.13 -41.43
C LEU SA 16 -36.39 -29.67 -42.84
N PHE SA 17 -37.47 -30.30 -43.31
CA PHE SA 17 -37.47 -30.91 -44.63
C PHE SA 17 -37.60 -29.87 -45.73
N ILE SA 18 -38.28 -28.75 -45.44
CA ILE SA 18 -38.68 -27.83 -46.51
C ILE SA 18 -37.55 -27.14 -47.28
N PRO SA 19 -36.42 -26.69 -46.69
CA PRO SA 19 -35.51 -25.89 -47.53
C PRO SA 19 -34.73 -26.71 -48.54
N GLY SA 20 -34.50 -28.00 -48.27
CA GLY SA 20 -33.82 -28.84 -49.24
C GLY SA 20 -34.66 -29.10 -50.47
N MET SA 21 -35.94 -29.43 -50.26
CA MET SA 21 -36.84 -29.64 -51.39
C MET SA 21 -37.08 -28.35 -52.16
N ALA SA 22 -37.25 -27.23 -51.44
CA ALA SA 22 -37.48 -25.95 -52.10
C ALA SA 22 -36.27 -25.50 -52.89
N THR SA 23 -35.07 -25.68 -52.33
CA THR SA 23 -33.86 -25.29 -53.02
C THR SA 23 -33.58 -26.17 -54.23
N ALA SA 24 -33.84 -27.48 -54.12
CA ALA SA 24 -33.66 -28.37 -55.26
C ALA SA 24 -34.65 -28.04 -56.38
N ARG SA 25 -35.90 -27.72 -56.01
CA ARG SA 25 -36.86 -27.36 -57.06
C ARG SA 25 -36.52 -26.03 -57.71
N ILE SA 26 -35.98 -25.08 -56.93
CA ILE SA 26 -35.61 -23.80 -57.51
C ILE SA 26 -34.35 -23.93 -58.38
N HIS SA 27 -33.41 -24.79 -57.99
CA HIS SA 27 -32.27 -25.08 -58.85
C HIS SA 27 -32.72 -25.67 -60.17
N ARG SA 28 -33.58 -26.67 -60.13
CA ARG SA 28 -33.98 -27.26 -61.39
C ARG SA 28 -35.01 -26.42 -62.14
N PHE SA 29 -35.57 -25.40 -61.51
CA PHE SA 29 -36.56 -24.56 -62.18
C PHE SA 29 -35.94 -23.33 -62.82
N SER SA 30 -34.94 -22.73 -62.19
CA SER SA 30 -34.32 -21.52 -62.71
C SER SA 30 -33.12 -21.81 -63.59
N ASN SA 31 -33.03 -22.99 -64.18
CA ASN SA 31 -31.97 -23.28 -65.13
C ASN SA 31 -32.48 -24.03 -66.35
N GLY SA 32 -33.78 -23.98 -66.62
CA GLY SA 32 -34.33 -24.67 -67.79
C GLY SA 32 -34.31 -26.18 -67.68
N GLY SA 33 -34.42 -26.71 -66.46
CA GLY SA 33 -34.40 -28.14 -66.27
C GLY SA 33 -33.04 -28.74 -65.98
N ARG SA 34 -32.04 -27.91 -65.74
CA ARG SA 34 -30.69 -28.38 -65.51
C ARG SA 34 -30.28 -28.08 -64.07
N GLU SA 35 -29.30 -28.83 -63.60
CA GLU SA 35 -28.66 -28.57 -62.32
C GLU SA 35 -27.65 -27.44 -62.48
N LYS SA 36 -27.54 -26.60 -61.44
CA LYS SA 36 -26.68 -25.42 -61.52
C LYS SA 36 -25.21 -25.82 -61.61
N ARG SA 37 -24.50 -25.19 -62.54
CA ARG SA 37 -23.09 -25.50 -62.78
C ARG SA 37 -22.26 -25.06 -61.60
N VAL SA 38 -21.69 -26.01 -60.88
CA VAL SA 38 -20.84 -25.70 -59.74
C VAL SA 38 -19.43 -25.42 -60.23
N ALA SA 39 -18.86 -24.31 -59.79
CA ALA SA 39 -17.62 -23.81 -60.37
C ALA SA 39 -16.73 -23.26 -59.26
N HIS SA 40 -15.69 -24.01 -58.92
CA HIS SA 40 -14.69 -23.55 -57.98
C HIS SA 40 -13.36 -23.21 -58.62
N TYR SA 41 -13.17 -23.55 -59.90
CA TYR SA 41 -11.88 -23.45 -60.56
C TYR SA 41 -12.00 -22.56 -61.79
N SER SA 42 -10.93 -21.82 -62.07
CA SER SA 42 -10.93 -20.86 -63.17
C SER SA 42 -11.07 -21.54 -64.52
N TYR SA 43 -10.66 -22.80 -64.61
CA TYR SA 43 -10.97 -23.63 -65.76
C TYR SA 43 -12.47 -23.77 -65.97
N GLN SA 44 -13.20 -24.10 -64.90
CA GLN SA 44 -14.64 -24.25 -65.00
C GLN SA 44 -15.33 -22.93 -65.29
N TRP SA 45 -14.80 -21.82 -64.77
CA TRP SA 45 -15.39 -20.53 -65.08
C TRP SA 45 -15.12 -20.12 -66.52
N TYR SA 46 -13.92 -20.43 -67.04
CA TYR SA 46 -13.63 -20.12 -68.43
C TYR SA 46 -14.51 -20.92 -69.36
N LEU SA 47 -14.73 -22.18 -69.03
CA LEU SA 47 -15.59 -23.05 -69.84
C LEU SA 47 -17.05 -22.61 -69.77
N MET SA 48 -17.53 -22.24 -68.58
CA MET SA 48 -18.88 -21.71 -68.44
C MET SA 48 -19.04 -20.37 -69.17
N GLU SA 49 -17.98 -19.56 -69.16
CA GLU SA 49 -18.04 -18.26 -69.82
C GLU SA 49 -18.10 -18.41 -71.33
N ARG SA 50 -17.33 -19.33 -71.91
CA ARG SA 50 -17.45 -19.48 -73.35
C ARG SA 50 -18.75 -20.15 -73.72
N ASP SA 51 -19.29 -20.98 -72.83
CA ASP SA 51 -20.60 -21.58 -73.05
C ASP SA 51 -21.69 -20.51 -73.08
N ARG SA 52 -21.63 -19.54 -72.17
CA ARG SA 52 -22.62 -18.47 -72.22
C ARG SA 52 -22.29 -17.44 -73.30
N ARG SA 53 -21.04 -17.41 -73.78
CA ARG SA 53 -20.69 -16.52 -74.87
C ARG SA 53 -21.32 -17.00 -76.18
N VAL SA 54 -21.23 -18.30 -76.46
CA VAL SA 54 -21.86 -18.81 -77.68
C VAL SA 54 -23.34 -19.07 -77.51
N SER SA 55 -23.95 -18.65 -76.41
CA SER SA 55 -25.37 -18.91 -76.19
C SER SA 55 -26.25 -18.12 -77.14
N GLY SA 56 -26.02 -16.81 -77.24
CA GLY SA 56 -26.88 -15.92 -77.99
C GLY SA 56 -27.98 -15.33 -77.13
N VAL SA 57 -28.50 -16.12 -76.19
CA VAL SA 57 -29.39 -15.60 -75.16
C VAL SA 57 -28.57 -15.01 -74.01
N ASN SA 58 -27.25 -15.22 -74.05
CA ASN SA 58 -26.31 -14.97 -72.96
C ASN SA 58 -26.73 -15.68 -71.68
N ARG SA 59 -27.22 -16.90 -71.82
CA ARG SA 59 -27.50 -17.78 -70.70
C ARG SA 59 -27.01 -19.16 -71.07
N TYR SA 60 -26.21 -19.77 -70.18
CA TYR SA 60 -25.44 -20.96 -70.52
C TYR SA 60 -26.31 -22.19 -70.77
N TYR SA 61 -27.46 -22.28 -70.12
CA TYR SA 61 -28.16 -23.55 -69.98
C TYR SA 61 -28.92 -23.99 -71.23
N VAL SA 62 -28.77 -23.30 -72.37
CA VAL SA 62 -29.50 -23.71 -73.56
C VAL SA 62 -28.85 -24.95 -74.19
N SER SA 63 -27.52 -25.07 -74.05
CA SER SA 63 -26.68 -26.25 -74.27
C SER SA 63 -26.49 -26.65 -75.74
N LYS SA 64 -27.21 -25.99 -76.66
CA LYS SA 64 -26.84 -25.73 -78.06
C LYS SA 64 -26.20 -26.91 -78.79
N GLY SA 65 -26.96 -27.98 -79.02
CA GLY SA 65 -26.39 -29.27 -79.33
C GLY SA 65 -26.36 -29.63 -80.80
N LEU SA 66 -25.15 -29.80 -81.33
CA LEU SA 66 -24.80 -30.56 -82.53
C LEU SA 66 -25.33 -29.93 -83.83
N GLU SA 67 -26.02 -28.81 -83.78
CA GLU SA 67 -26.58 -28.22 -84.99
C GLU SA 67 -25.88 -26.93 -85.38
N ASN SA 68 -24.82 -26.56 -84.68
CA ASN SA 68 -23.91 -25.51 -85.12
C ASN SA 68 -22.66 -26.10 -85.75
N ILE SA 69 -22.71 -27.34 -86.20
CA ILE SA 69 -21.57 -27.96 -86.86
C ILE SA 69 -21.43 -27.40 -88.26
N ASP SA 70 -22.47 -27.59 -89.08
CA ASP SA 70 -22.48 -27.15 -90.46
C ASP SA 70 -23.79 -26.43 -90.77
FE1 SF4 TA . -76.64 -42.90 55.17
FE2 SF4 TA . -76.31 -43.37 57.84
FE3 SF4 TA . -74.91 -41.47 56.55
FE4 SF4 TA . -77.65 -41.24 56.98
S1 SF4 TA . -75.97 -41.23 58.57
S2 SF4 TA . -76.49 -40.62 55.11
S3 SF4 TA . -78.30 -43.42 56.69
S4 SF4 TA . -74.77 -43.72 56.19
N1 FMN UA . -81.42 -49.49 69.09
C2 FMN UA . -82.68 -49.75 69.46
O2 FMN UA . -83.04 -49.65 70.64
N3 FMN UA . -83.62 -50.10 68.52
C4 FMN UA . -83.40 -50.21 67.16
O4 FMN UA . -84.32 -50.52 66.41
C4A FMN UA . -82.05 -49.92 66.77
N5 FMN UA . -81.76 -49.95 65.51
C5A FMN UA . -80.46 -49.62 65.14
C6 FMN UA . -80.12 -49.65 63.79
C7 FMN UA . -78.83 -49.36 63.37
C7M FMN UA . -78.49 -49.44 61.91
C8 FMN UA . -77.86 -49.01 64.33
C8M FMN UA . -76.45 -48.70 63.91
C9 FMN UA . -78.20 -48.97 65.67
C9A FMN UA . -79.48 -49.27 66.08
N10 FMN UA . -79.85 -49.25 67.43
C10 FMN UA . -81.13 -49.57 67.81
C1' FMN UA . -78.88 -48.80 68.43
C2' FMN UA . -78.16 -49.93 69.14
O2' FMN UA . -79.11 -50.76 69.81
C3' FMN UA . -77.19 -49.38 70.20
O3' FMN UA . -76.79 -50.48 71.01
C4' FMN UA . -77.80 -48.32 71.11
O4' FMN UA . -77.38 -47.04 70.66
C5' FMN UA . -77.40 -48.49 72.56
O5' FMN UA . -77.76 -49.80 73.00
P FMN UA . -77.01 -50.48 74.23
O1P FMN UA . -75.60 -50.06 74.21
O2P FMN UA . -77.77 -50.05 75.48
O3P FMN UA . -77.18 -51.99 74.06
FE1 FES VA . -93.60 -56.98 57.83
FE2 FES VA . -91.34 -56.61 59.78
S1 FES VA . -93.49 -56.84 60.00
S2 FES VA . -91.42 -56.92 57.62
FE1 SF4 WA . -69.12 -29.65 37.40
FE2 SF4 WA . -69.69 -30.69 34.99
FE3 SF4 WA . -71.54 -30.68 36.98
FE4 SF4 WA . -70.81 -28.34 35.82
S1 SF4 WA . -71.89 -30.08 34.79
S2 SF4 WA . -71.10 -28.71 38.06
S3 SF4 WA . -68.59 -28.72 35.37
S4 SF4 WA . -69.57 -31.86 36.96
FE1 SF4 XA . -74.55 -27.80 47.74
FE2 SF4 XA . -76.63 -28.33 46.15
FE3 SF4 XA . -76.67 -26.11 47.70
FE4 SF4 XA . -75.05 -26.23 45.56
S1 SF4 XA . -77.35 -26.25 45.51
S2 SF4 XA . -74.47 -25.51 47.65
S3 SF4 XA . -74.42 -28.44 45.55
S4 SF4 XA . -76.68 -28.29 48.44
FE1 FES YA . -66.90 -32.69 54.25
FE2 FES YA . -65.13 -33.18 56.65
S1 FES YA . -66.80 -34.27 55.75
S2 FES YA . -65.09 -31.75 55.01
FE1 SF4 ZA . -45.92 -22.67 6.82
FE2 SF4 ZA . -47.37 -24.90 6.69
FE3 SF4 ZA . -46.33 -23.86 4.42
FE4 SF4 ZA . -44.74 -25.02 6.18
S1 SF4 ZA . -46.37 -26.09 4.99
S2 SF4 ZA . -44.35 -23.00 5.18
S3 SF4 ZA . -45.70 -24.48 8.21
S4 SF4 ZA . -47.94 -22.88 5.74
FE1 SF4 AB . -56.38 -26.58 14.25
FE2 SF4 AB . -57.66 -25.11 12.38
FE3 SF4 AB . -59.13 -26.45 14.20
FE4 SF4 AB . -57.63 -24.32 14.94
S1 SF4 AB . -59.45 -24.28 13.55
S2 SF4 AB . -57.78 -26.34 16.04
S3 SF4 AB . -55.81 -24.48 13.55
S4 SF4 AB . -57.78 -27.40 12.61
FE1 SF4 BB . -67.80 -27.81 19.31
FE2 SF4 BB . -66.44 -25.46 19.45
FE3 SF4 BB . -69.15 -25.49 19.53
FE4 SF4 BB . -67.72 -26.50 21.61
S1 SF4 BB . -67.76 -24.31 20.94
S2 SF4 BB . -69.59 -27.42 20.68
S3 SF4 BB . -65.91 -27.40 20.53
S4 SF4 BB . -67.85 -26.11 17.74
ZN ZN CB . -80.86 -34.61 24.07
PA NDP DB . -53.21 11.92 -13.13
O1A NDP DB . -53.64 11.62 -14.51
O2A NDP DB . -52.00 11.09 -12.77
O5B NDP DB . -54.34 11.64 -12.02
C5B NDP DB . -55.72 11.65 -12.43
C4B NDP DB . -56.30 10.28 -12.23
O4B NDP DB . -57.70 10.29 -12.61
C3B NDP DB . -55.66 9.19 -13.09
O3B NDP DB . -55.96 7.93 -12.51
C2B NDP DB . -56.46 9.37 -14.37
O2B NDP DB . -56.33 8.27 -15.30
C1B NDP DB . -57.86 9.54 -13.80
N9A NDP DB . -58.75 10.27 -14.69
C8A NDP DB . -58.63 11.58 -15.09
N7A NDP DB . -59.56 11.97 -15.93
C5A NDP DB . -60.35 10.84 -16.08
C6A NDP DB . -61.50 10.59 -16.84
N6A NDP DB . -62.10 11.51 -17.62
N1A NDP DB . -62.04 9.37 -16.79
C2A NDP DB . -61.46 8.45 -16.00
N3A NDP DB . -60.39 8.57 -15.24
C4A NDP DB . -59.87 9.79 -15.32
O3 NDP DB . -52.75 13.44 -13.02
PN NDP DB . -51.32 13.93 -12.53
O1N NDP DB . -50.42 12.76 -12.40
O2N NDP DB . -50.76 14.94 -13.52
O5D NDP DB . -51.66 14.62 -11.17
C5D NDP DB . -52.60 14.05 -10.23
C4D NDP DB . -53.64 15.07 -9.90
O4D NDP DB . -53.01 16.30 -9.50
C3D NDP DB . -54.62 15.42 -11.04
O3D NDP DB . -55.95 15.48 -10.53
C2D NDP DB . -54.15 16.80 -11.49
O2D NDP DB . -55.24 17.60 -11.93
C1D NDP DB . -53.62 17.37 -10.19
N1N NDP DB . -52.62 18.42 -10.36
C2N NDP DB . -51.31 18.11 -10.57
C3N NDP DB . -50.35 19.03 -10.72
C7N NDP DB . -48.99 18.57 -11.00
O7N NDP DB . -48.79 17.37 -11.25
N7N NDP DB . -48.01 19.46 -10.98
C4N NDP DB . -50.65 20.46 -10.61
C5N NDP DB . -52.11 20.71 -10.47
C6N NDP DB . -52.98 19.73 -10.34
P2B NDP DB . -57.04 6.80 -15.32
O1X NDP DB . -56.31 5.93 -16.26
O2X NDP DB . -57.01 6.29 -13.90
O3X NDP DB . -58.49 7.00 -15.71
O7 ZMP EB . -15.33 12.38 26.75
P1 ZMP EB . -16.48 13.26 27.47
O6 ZMP EB . -15.98 13.80 28.75
O5 ZMP EB . -17.59 12.15 27.80
C21 ZMP EB . -18.35 11.59 26.74
C18 ZMP EB . -19.56 10.86 27.33
C19 ZMP EB . -20.67 11.88 27.59
C20 ZMP EB . -20.04 9.84 26.30
C17 ZMP EB . -19.11 10.18 28.63
O4 ZMP EB . -17.85 9.53 28.40
C16 ZMP EB . -20.11 9.14 29.18
O3 ZMP EB . -21.11 9.49 29.81
N2 ZMP EB . -19.78 7.87 28.99
C15 ZMP EB . -20.65 6.79 29.47
C14 ZMP EB . -21.14 5.96 28.28
C13 ZMP EB . -22.14 6.80 27.49
O2 ZMP EB . -22.68 7.76 28.02
N1 ZMP EB . -22.38 6.43 26.23
C12 ZMP EB . -21.75 5.27 25.56
C11 ZMP EB . -22.27 5.22 24.12
S1 ZMP EB . -22.24 3.56 23.34
C10 ZMP EB . -23.69 3.69 22.34
O1 ZMP EB . -24.83 3.39 22.71
C9 ZMP EB . -23.46 4.25 20.93
C8 ZMP EB . -23.24 3.10 19.95
C7 ZMP EB . -23.11 3.67 18.53
C6 ZMP EB . -24.29 3.20 17.68
C5 ZMP EB . -24.41 4.06 16.42
C4 ZMP EB . -25.87 4.45 16.23
C3 ZMP EB . -26.05 5.09 14.86
C2 ZMP EB . -25.85 4.03 13.77
C1 ZMP EB . -25.40 4.71 12.48
C22 ZMP EB . -26.39 5.81 12.11
C23 ZMP EB . -26.34 6.23 10.64
P 3PE FB . -14.82 -19.50 -53.02
N 3PE FB . -16.89 -19.23 -55.58
O11 3PE FB . -15.82 -18.27 -53.14
O12 3PE FB . -13.85 -19.16 -51.95
O13 3PE FB . -14.02 -19.52 -54.39
O14 3PE FB . -15.65 -20.70 -52.88
C11 3PE FB . -14.46 -18.85 -55.59
C12 3PE FB . -15.59 -19.67 -56.14
C1 3PE FB . -15.48 -17.01 -52.53
C2 3PE FB . -16.42 -16.71 -51.41
C3 3PE FB . -16.15 -17.57 -50.21
O31 3PE FB . -16.57 -16.85 -49.02
O32 3PE FB . -14.81 -17.64 -47.90
C31 3PE FB . -15.79 -16.96 -47.94
C32 3PE FB . -16.30 -16.12 -46.81
O21 3PE FB . -16.14 -15.31 -51.07
O22 3PE FB . -17.90 -14.60 -52.27
C21 3PE FB . -16.92 -14.36 -51.63
C22 3PE FB . -16.38 -12.99 -51.36
C23 3PE FB . -17.48 -11.96 -51.13
C24 3PE FB . -16.94 -10.56 -51.05
C25 3PE FB . -18.02 -9.50 -50.91
C26 3PE FB . -18.74 -9.48 -49.58
C27 3PE FB . -17.89 -8.98 -48.42
C28 3PE FB . -18.62 -8.92 -47.09
C29 3PE FB . -17.80 -8.34 -45.95
C1 CDL GB . 80.56 28.37 1.59
O1 CDL GB . 79.83 27.23 1.17
CA2 CDL GB . 82.05 28.12 1.50
OA2 CDL GB . 82.32 26.71 1.53
PA1 CDL GB . 83.84 26.21 1.43
OA3 CDL GB . 84.04 25.10 2.37
OA4 CDL GB . 84.67 27.43 1.57
OA5 CDL GB . 84.08 25.67 -0.06
CA3 CDL GB . 82.96 25.38 -0.92
CA4 CDL GB . 83.43 25.10 -2.32
OA6 CDL GB . 82.31 24.52 -3.06
CA5 CDL GB . 81.41 25.36 -3.62
OA7 CDL GB . 81.47 26.56 -3.53
C11 CDL GB . 80.35 24.60 -4.35
C12 CDL GB . 80.60 24.48 -5.85
C13 CDL GB . 80.52 25.81 -6.57
C14 CDL GB . 80.66 25.75 -8.09
C15 CDL GB . 82.08 25.58 -8.61
C16 CDL GB . 82.16 25.66 -10.12
C17 CDL GB . 83.57 25.59 -10.68
C18 CDL GB . 83.66 25.70 -12.20
CA6 CDL GB . 84.53 24.06 -2.34
OA8 CDL GB . 84.96 23.79 -3.70
CA7 CDL GB . 85.06 22.51 -4.06
OA9 CDL GB . 84.77 21.59 -3.34
C31 CDL GB . 85.61 22.37 -5.45
C32 CDL GB . 84.64 21.73 -6.44
C33 CDL GB . 85.33 21.17 -7.68
C34 CDL GB . 86.05 22.19 -8.56
C35 CDL GB . 86.81 21.58 -9.74
C36 CDL GB . 87.58 22.60 -10.59
C37 CDL GB . 88.50 22.01 -11.64
C38 CDL GB . 87.79 21.21 -12.72
CB2 CDL GB . 80.14 29.56 0.76
OB2 CDL GB . 80.12 29.17 -0.63
PB2 CDL GB . 81.15 29.86 -1.65
OB3 CDL GB . 81.20 31.29 -1.29
OB4 CDL GB . 82.39 29.07 -1.66
OB5 CDL GB . 80.49 29.79 -3.11
CB3 CDL GB . 80.20 31.05 -3.77
CB4 CDL GB . 79.96 30.83 -5.24
OB6 CDL GB . 81.04 30.13 -5.98
CB5 CDL GB . 82.26 30.67 -6.20
OB7 CDL GB . 82.71 31.61 -5.60
C51 CDL GB . 82.98 29.95 -7.30
C52 CDL GB . 84.09 30.79 -7.90
C53 CDL GB . 84.74 30.18 -9.13
C54 CDL GB . 83.85 30.09 -10.35
C55 CDL GB . 84.59 30.03 -11.68
C56 CDL GB . 85.61 28.90 -11.78
CB6 CDL GB . 79.57 32.10 -5.95
OB8 CDL GB . 79.58 31.83 -7.36
CB7 CDL GB . 80.30 32.65 -8.13
OB9 CDL GB . 80.86 33.63 -7.70
C71 CDL GB . 80.31 32.20 -9.56
C72 CDL GB . 80.13 33.32 -10.59
C73 CDL GB . 81.41 34.09 -10.89
C74 CDL GB . 81.32 35.04 -12.08
C75 CDL GB . 81.22 34.32 -13.41
C76 CDL GB . 81.23 35.25 -14.61
P 3PE HB . 64.76 53.53 -1.93
N 3PE HB . 65.19 53.43 2.14
O11 3PE HB . 64.74 52.43 -3.08
O12 3PE HB . 63.36 53.73 -1.48
O13 3PE HB . 65.55 52.87 -0.73
O14 3PE HB . 65.53 54.71 -2.41
C11 3PE HB . 66.51 53.60 0.06
C12 3PE HB . 66.43 53.02 1.45
C1 3PE HB . 63.66 51.48 -3.17
C2 3PE HB . 63.95 50.49 -4.26
C3 3PE HB . 63.18 49.21 -4.06
O31 3PE HB . 62.15 49.11 -5.08
O32 3PE HB . 63.11 47.27 -5.87
C31 3PE HB . 62.28 48.12 -5.95
C32 3PE HB . 61.26 48.19 -7.05
C33 3PE HB . 61.03 46.85 -7.71
C34 3PE HB . 60.31 46.96 -9.04
C35 3PE HB . 61.02 47.83 -10.05
C36 3PE HB . 60.75 47.49 -11.50
C37 3PE HB . 61.35 48.52 -12.44
C38 3PE HB . 61.33 48.16 -13.91
C39 3PE HB . 61.94 49.24 -14.78
C3A 3PE HB . 62.11 48.89 -16.24
C3B 3PE HB . 62.84 49.95 -17.03
O21 3PE HB . 63.51 51.06 -5.53
O22 3PE HB . 65.19 50.08 -6.65
C21 3PE HB . 64.21 50.76 -6.64
C22 3PE HB . 63.56 51.34 -7.86
C23 3PE HB . 64.24 50.87 -9.14
C24 3PE HB . 65.15 51.92 -9.71
C25 3PE HB . 64.46 53.04 -10.47
C26 3PE HB . 64.02 52.66 -11.88
C27 3PE HB . 63.13 53.69 -12.54
C28 3PE HB . 63.76 55.05 -12.73
C29 3PE HB . 64.61 55.17 -13.98
C2A 3PE HB . 63.81 54.97 -15.26
C2B 3PE HB . 64.61 55.07 -16.54
C2C 3PE HB . 65.21 56.44 -16.79
P 3PE IB . 33.07 21.53 -10.34
N 3PE IB . 33.36 18.68 -6.88
O11 3PE IB . 34.25 21.39 -11.40
O12 3PE IB . 33.68 21.94 -9.07
O13 3PE IB . 32.51 20.04 -10.15
O14 3PE IB . 31.98 22.35 -10.93
C11 3PE IB . 33.15 19.04 -9.31
C12 3PE IB . 32.45 19.09 -7.98
C1 3PE IB . 34.05 20.64 -12.61
C2 3PE IB . 34.24 21.54 -13.79
C3 3PE IB . 35.61 22.14 -13.84
O31 3PE IB . 35.85 22.61 -15.18
O32 3PE IB . 37.53 21.17 -15.41
C31 3PE IB . 36.83 22.01 -15.87
C32 3PE IB . 36.90 22.52 -17.28
C33 3PE IB . 37.94 21.77 -18.11
C34 3PE IB . 38.00 22.25 -19.53
C35 3PE IB . 38.73 23.56 -19.75
C36 3PE IB . 38.68 24.07 -21.17
C37 3PE IB . 38.79 22.97 -22.22
C38 3PE IB . 39.81 23.22 -23.31
C39 3PE IB . 39.61 24.48 -24.13
C3A 3PE IB . 40.72 24.72 -25.14
C3B 3PE IB . 40.50 25.93 -26.02
C3C 3PE IB . 41.65 26.23 -26.96
C3D 3PE IB . 41.39 27.36 -27.93
O21 3PE IB . 34.11 20.70 -14.98
O22 3PE IB . 32.30 21.83 -15.66
C21 3PE IB . 33.13 20.99 -15.85
C22 3PE IB . 33.23 20.15 -17.09
C23 3PE IB . 32.64 20.83 -18.31
C24 3PE IB . 32.93 20.09 -19.59
C25 3PE IB . 34.35 20.21 -20.08
C26 3PE IB . 34.71 19.22 -21.16
C27 3PE IB . 36.04 19.44 -21.84
C28 3PE IB . 36.04 20.51 -22.91
C29 3PE IB . 35.15 20.21 -24.09
C2A 3PE IB . 35.23 21.23 -25.20
C2B 3PE IB . 34.22 21.01 -26.32
C2C 3PE IB . 34.32 22.03 -27.44
O12 PC1 JB . 41.12 20.31 -46.38
P PC1 JB . 40.16 21.08 -47.19
O14 PC1 JB . 39.05 20.36 -47.87
O13 PC1 JB . 41.01 21.87 -48.28
C11 PC1 JB . 40.70 21.76 -49.68
C12 PC1 JB . 41.53 20.61 -50.16
N PC1 JB . 41.22 20.11 -51.56
C13 PC1 JB . 42.28 19.13 -51.97
C14 PC1 JB . 39.90 19.43 -51.59
C15 PC1 JB . 41.22 21.24 -52.54
O11 PC1 JB . 39.52 22.18 -46.24
C1 PC1 JB . 38.65 21.75 -45.18
C2 PC1 JB . 39.29 21.96 -43.83
O21 PC1 JB . 38.48 22.89 -43.05
C21 PC1 JB . 37.87 22.40 -41.96
O22 PC1 JB . 37.89 21.25 -41.64
C22 PC1 JB . 37.17 23.49 -41.20
C23 PC1 JB . 38.08 24.64 -40.82
C3 PC1 JB . 40.67 22.55 -43.93
O31 PC1 JB . 41.40 22.24 -42.72
C31 PC1 JB . 42.26 21.22 -42.78
O32 PC1 JB . 42.39 20.52 -43.76
C32 PC1 JB . 43.05 21.09 -41.52
C33 PC1 JB . 42.42 20.15 -40.51
C34 PC1 JB . 41.27 20.77 -39.74
C35 PC1 JB . 41.71 21.92 -38.84
C36 PC1 JB . 40.58 22.55 -38.05
C37 PC1 JB . 41.02 23.73 -37.20
O7 ZMP KB . 57.42 65.19 35.88
P1 ZMP KB . 57.89 66.42 34.97
O6 ZMP KB . 58.71 67.36 35.76
O5 ZMP KB . 56.51 67.16 34.58
C21 ZMP KB . 56.31 67.64 33.26
C18 ZMP KB . 55.17 68.65 33.27
C19 ZMP KB . 53.88 67.92 33.66
C20 ZMP KB . 55.54 69.69 34.33
C17 ZMP KB . 55.05 69.27 31.87
O4 ZMP KB . 56.16 70.15 31.65
C16 ZMP KB . 53.73 70.04 31.57
O3 ZMP KB . 53.25 70.87 32.34
N2 ZMP KB . 53.20 69.80 30.37
C15 ZMP KB . 51.98 70.46 29.93
C14 ZMP KB . 52.21 71.20 28.61
C13 ZMP KB . 53.38 72.21 28.73
O2 ZMP KB . 53.75 72.61 29.83
N1 ZMP KB . 53.93 72.63 27.57
C12 ZMP KB . 53.50 72.19 26.23
C11 ZMP KB . 53.57 73.37 25.26
S1 ZMP KB . 54.92 73.22 24.02
C10 ZMP KB . 55.48 74.87 23.95
O1 ZMP KB . 55.86 75.51 24.94
C9 ZMP KB . 55.57 75.48 22.55
C8 ZMP KB . 56.70 76.54 22.53
C7 ZMP KB . 57.07 76.89 21.08
C6 ZMP KB . 57.89 75.76 20.45
C5 ZMP KB . 58.88 76.30 19.42
C4 ZMP KB . 59.31 75.17 18.49
C3 ZMP KB . 60.14 75.73 17.34
C2 ZMP KB . 60.52 74.60 16.39
#